data_6OM8
#
_entry.id   6OM8
#
_cell.length_a   157.710
_cell.length_b   168.170
_cell.length_c   279.560
_cell.angle_alpha   90.00
_cell.angle_beta   90.00
_cell.angle_gamma   90.00
#
_symmetry.space_group_name_H-M   'P 2 21 21'
#
loop_
_entity.id
_entity.type
_entity.pdbx_description
1 polymer 'UDP-glucose 6-dehydrogenase'
2 non-polymer "URIDINE-5'-DIPHOSPHATE-XYLOPYRANOSE"
3 water water
#
_entity_poly.entity_id   1
_entity_poly.type   'polypeptide(L)'
_entity_poly.pdbx_seq_one_letter_code
;MTDQVFGKVSKVVCVGAGYVGGPTCAMIAHKCPHITVTVVDMNTAKIAEWNSDKLPIYEPGLDEIVFAARGRNLFFSSDI
PKAIAEADLIFISVNTPTKMYGRGKGMAPDLKYVESVSRTIAQYAGGPKIVVEKSTVPVKAAESIGCILREAQKNNENLK
FQVLSNPEFLAEGTAMKDLANPDRVLIGGESSPEGLQAVAELVRIYENWVPRNRIITTNTWSSELSKLVANAFLAQRISS
INSISAVCEATGAEISEVAHAVGYDTRIGSKFLQASVGFGGSCFQKDVLSLVYLCESLNLPQVADYWQGVININNWQRRR
FADKIIAELFNTVTDKKIAIFGFAFKKNTGDTRESSAIHVIKHLMEEHAKLSVYDPKVQKSQMLNDLASVTSAQDVERLI
TVESDPYAAARGAHAIVVLTEWDEFVELNYSQIHNDMQHPAAIFDGRLILDQKALREIGFRTFAIGTSPDQAYNLFGTAG
Y
;
_entity_poly.pdbx_strand_id   A,B,C,D,E,F,G,H,I,J,K,L
#
# COMPACT_ATOMS: atom_id res chain seq x y z
N LYS A 8 20.81 25.01 -45.39
CA LYS A 8 22.11 24.39 -45.18
C LYS A 8 22.80 25.10 -44.03
N VAL A 9 23.32 24.33 -43.09
CA VAL A 9 23.96 24.89 -41.91
C VAL A 9 25.37 25.32 -42.25
N SER A 10 25.70 26.56 -41.94
CA SER A 10 27.06 27.05 -42.01
C SER A 10 27.52 27.73 -40.72
N LYS A 11 26.63 27.91 -39.74
CA LYS A 11 26.98 28.53 -38.47
C LYS A 11 26.46 27.64 -37.35
N VAL A 12 27.38 27.00 -36.65
CA VAL A 12 27.08 26.07 -35.56
C VAL A 12 27.54 26.68 -34.25
N VAL A 13 26.69 26.60 -33.24
CA VAL A 13 27.02 27.01 -31.88
C VAL A 13 26.78 25.83 -30.95
N CYS A 14 27.62 25.73 -29.92
CA CYS A 14 27.43 24.73 -28.87
C CYS A 14 27.47 25.40 -27.52
N VAL A 15 26.40 25.23 -26.74
CA VAL A 15 26.35 25.69 -25.36
C VAL A 15 26.88 24.57 -24.49
N GLY A 16 28.05 24.79 -23.87
CA GLY A 16 28.72 23.78 -23.10
C GLY A 16 30.09 23.47 -23.65
N ALA A 17 31.12 23.97 -22.98
CA ALA A 17 32.50 23.80 -23.43
C ALA A 17 33.23 22.79 -22.55
N GLY A 18 32.63 21.62 -22.35
CA GLY A 18 33.18 20.57 -21.50
C GLY A 18 33.84 19.45 -22.28
N TYR A 19 33.89 18.27 -21.65
CA TYR A 19 34.49 17.10 -22.28
C TYR A 19 33.73 16.65 -23.50
N VAL A 20 32.46 17.00 -23.62
CA VAL A 20 31.66 16.66 -24.79
C VAL A 20 31.69 17.81 -25.81
N GLY A 21 31.30 19.01 -25.36
CA GLY A 21 31.12 20.12 -26.30
C GLY A 21 32.40 20.54 -26.99
N GLY A 22 33.49 20.68 -26.23
CA GLY A 22 34.76 21.09 -26.76
C GLY A 22 35.25 20.17 -27.86
N PRO A 23 35.52 18.91 -27.52
CA PRO A 23 35.99 17.97 -28.54
C PRO A 23 35.06 17.84 -29.73
N THR A 24 33.74 17.80 -29.51
CA THR A 24 32.81 17.65 -30.63
C THR A 24 32.93 18.81 -31.61
N CYS A 25 32.94 20.04 -31.10
CA CYS A 25 33.02 21.19 -32.00
C CYS A 25 34.37 21.28 -32.68
N ALA A 26 35.44 20.89 -31.98
CA ALA A 26 36.76 20.90 -32.60
C ALA A 26 36.82 20.01 -33.83
N MET A 27 36.18 18.83 -33.75
CA MET A 27 36.21 17.92 -34.90
C MET A 27 35.36 18.47 -36.04
N ILE A 28 34.22 19.10 -35.72
CA ILE A 28 33.39 19.70 -36.77
C ILE A 28 34.18 20.75 -37.53
N ALA A 29 34.81 21.67 -36.79
CA ALA A 29 35.62 22.69 -37.44
C ALA A 29 36.78 22.07 -38.21
N HIS A 30 37.38 21.02 -37.65
CA HIS A 30 38.52 20.37 -38.30
C HIS A 30 38.11 19.68 -39.61
N LYS A 31 36.88 19.19 -39.69
CA LYS A 31 36.44 18.42 -40.84
C LYS A 31 35.54 19.20 -41.80
N CYS A 32 35.09 20.39 -41.41
CA CYS A 32 34.14 21.18 -42.21
C CYS A 32 34.67 22.60 -42.38
N PRO A 33 35.53 22.81 -43.38
CA PRO A 33 36.12 24.15 -43.56
C PRO A 33 35.09 25.26 -43.75
N HIS A 34 33.93 24.95 -44.33
CA HIS A 34 32.93 25.96 -44.64
C HIS A 34 31.90 26.17 -43.54
N ILE A 35 32.08 25.53 -42.38
CA ILE A 35 31.22 25.73 -41.24
C ILE A 35 32.00 26.52 -40.18
N THR A 36 31.37 27.56 -39.64
CA THR A 36 31.90 28.29 -38.50
C THR A 36 31.32 27.70 -37.21
N VAL A 37 32.20 27.33 -36.28
CA VAL A 37 31.82 26.70 -35.02
C VAL A 37 32.22 27.61 -33.86
N THR A 38 31.23 28.01 -33.07
CA THR A 38 31.43 28.83 -31.88
C THR A 38 30.96 28.06 -30.65
N VAL A 39 31.86 27.93 -29.66
CA VAL A 39 31.56 27.25 -28.40
C VAL A 39 31.40 28.28 -27.31
N VAL A 40 30.30 28.18 -26.54
CA VAL A 40 30.02 29.13 -25.46
C VAL A 40 29.83 28.36 -24.17
N ASP A 41 29.93 29.08 -23.06
CA ASP A 41 29.88 28.47 -21.74
C ASP A 41 29.60 29.57 -20.72
N MET A 42 28.88 29.19 -19.65
CA MET A 42 28.66 30.13 -18.56
C MET A 42 29.96 30.48 -17.84
N ASN A 43 30.94 29.58 -17.90
CA ASN A 43 32.19 29.71 -17.16
C ASN A 43 33.15 30.56 -17.98
N THR A 44 33.28 31.83 -17.61
CA THR A 44 34.11 32.75 -18.41
C THR A 44 35.59 32.41 -18.30
N ALA A 45 36.03 31.94 -17.13
CA ALA A 45 37.42 31.53 -16.99
C ALA A 45 37.73 30.30 -17.83
N LYS A 46 36.76 29.39 -17.95
CA LYS A 46 36.98 28.18 -18.72
C LYS A 46 37.10 28.49 -20.21
N ILE A 47 36.28 29.42 -20.71
CA ILE A 47 36.39 29.86 -22.10
C ILE A 47 37.75 30.49 -22.36
N ALA A 48 38.24 31.29 -21.41
CA ALA A 48 39.56 31.91 -21.57
C ALA A 48 40.66 30.85 -21.68
N GLU A 49 40.51 29.73 -20.96
CA GLU A 49 41.51 28.67 -21.06
C GLU A 49 41.45 28.01 -22.44
N TRP A 50 40.24 27.81 -22.97
CA TRP A 50 40.10 27.29 -24.32
C TRP A 50 40.76 28.19 -25.35
N ASN A 51 40.88 29.47 -25.07
CA ASN A 51 41.50 30.42 -25.97
C ASN A 51 42.99 30.60 -25.70
N SER A 52 43.54 29.90 -24.71
CA SER A 52 44.93 30.00 -24.34
C SER A 52 45.72 28.81 -24.91
N ASP A 53 46.99 28.71 -24.55
CA ASP A 53 47.82 27.59 -24.97
C ASP A 53 47.74 26.40 -24.01
N LYS A 54 46.98 26.51 -22.93
CA LYS A 54 46.74 25.41 -22.00
C LYS A 54 45.23 25.19 -21.93
N LEU A 55 44.75 24.19 -22.67
CA LEU A 55 43.32 23.90 -22.75
C LEU A 55 42.82 23.35 -21.42
N PRO A 56 41.53 23.56 -21.11
CA PRO A 56 41.02 23.18 -19.78
C PRO A 56 40.89 21.68 -19.56
N ILE A 57 41.05 20.86 -20.61
CA ILE A 57 41.04 19.41 -20.49
C ILE A 57 42.20 18.84 -21.29
N TYR A 58 42.60 17.62 -20.94
CA TYR A 58 43.64 16.89 -21.66
C TYR A 58 43.02 15.75 -22.44
N GLU A 59 43.18 15.80 -23.76
CA GLU A 59 42.78 14.79 -24.71
C GLU A 59 43.91 14.63 -25.71
N PRO A 60 44.37 13.41 -25.95
CA PRO A 60 45.40 13.20 -26.98
C PRO A 60 44.92 13.71 -28.33
N GLY A 61 45.75 14.54 -28.97
CA GLY A 61 45.44 15.10 -30.27
C GLY A 61 44.55 16.31 -30.27
N LEU A 62 44.00 16.71 -29.13
CA LEU A 62 43.08 17.84 -29.11
C LEU A 62 43.80 19.16 -29.36
N ASP A 63 45.00 19.34 -28.77
CA ASP A 63 45.73 20.58 -28.95
C ASP A 63 46.00 20.87 -30.43
N GLU A 64 46.49 19.86 -31.16
CA GLU A 64 46.78 20.07 -32.58
C GLU A 64 45.53 20.47 -33.36
N ILE A 65 44.40 19.82 -33.07
CA ILE A 65 43.17 20.12 -33.79
C ILE A 65 42.71 21.53 -33.47
N VAL A 66 42.70 21.90 -32.18
CA VAL A 66 42.17 23.21 -31.78
C VAL A 66 43.06 24.33 -32.28
N PHE A 67 44.36 24.22 -32.07
CA PHE A 67 45.27 25.30 -32.47
C PHE A 67 45.25 25.52 -33.98
N ALA A 68 44.96 24.47 -34.76
CA ALA A 68 44.90 24.61 -36.21
C ALA A 68 43.58 25.23 -36.66
N ALA A 69 42.51 25.15 -35.87
CA ALA A 69 41.24 25.74 -36.31
C ALA A 69 40.84 27.01 -35.58
N ARG A 70 41.33 27.22 -34.36
CA ARG A 70 40.90 28.36 -33.56
C ARG A 70 41.29 29.68 -34.24
N GLY A 71 40.34 30.60 -34.31
CA GLY A 71 40.54 31.87 -34.99
C GLY A 71 40.22 31.82 -36.46
N ARG A 72 40.02 30.64 -37.03
CA ARG A 72 39.66 30.51 -38.44
C ARG A 72 38.18 30.21 -38.55
N ASN A 73 37.81 28.97 -38.19
CA ASN A 73 36.42 28.56 -38.14
C ASN A 73 36.03 27.91 -36.82
N LEU A 74 36.89 27.98 -35.80
CA LEU A 74 36.57 27.50 -34.45
C LEU A 74 36.76 28.65 -33.47
N PHE A 75 35.76 28.91 -32.64
CA PHE A 75 35.79 30.04 -31.72
C PHE A 75 35.24 29.65 -30.35
N PHE A 76 35.79 30.29 -29.32
CA PHE A 76 35.33 30.15 -27.95
C PHE A 76 34.94 31.51 -27.41
N SER A 77 33.68 31.66 -27.03
CA SER A 77 33.14 32.94 -26.61
C SER A 77 32.36 32.74 -25.31
N SER A 78 32.23 33.83 -24.55
CA SER A 78 31.36 33.84 -23.38
C SER A 78 30.10 34.65 -23.62
N ASP A 79 29.91 35.21 -24.82
CA ASP A 79 28.69 35.95 -25.13
C ASP A 79 27.68 34.96 -25.69
N ILE A 80 26.95 34.30 -24.78
CA ILE A 80 25.98 33.30 -25.21
C ILE A 80 24.86 33.89 -26.04
N PRO A 81 24.22 35.01 -25.67
CA PRO A 81 23.13 35.55 -26.52
C PRO A 81 23.57 35.88 -27.93
N LYS A 82 24.76 36.45 -28.11
CA LYS A 82 25.23 36.79 -29.45
C LYS A 82 25.40 35.54 -30.31
N ALA A 83 25.92 34.47 -29.71
CA ALA A 83 26.08 33.23 -30.45
C ALA A 83 24.73 32.62 -30.80
N ILE A 84 23.77 32.68 -29.87
CA ILE A 84 22.46 32.09 -30.10
C ILE A 84 21.78 32.75 -31.29
N ALA A 85 21.82 34.07 -31.30
CA ALA A 85 21.21 34.85 -32.34
C ALA A 85 21.78 34.60 -33.70
N GLU A 86 23.07 34.33 -33.79
CA GLU A 86 23.68 34.10 -35.08
C GLU A 86 23.82 32.67 -35.56
N ALA A 87 23.31 31.72 -34.82
CA ALA A 87 23.47 30.33 -35.17
C ALA A 87 22.41 29.87 -36.16
N ASP A 88 22.79 28.89 -36.98
CA ASP A 88 21.84 28.08 -37.73
C ASP A 88 21.44 26.85 -36.93
N LEU A 89 22.40 26.24 -36.24
CA LEU A 89 22.19 25.03 -35.46
C LEU A 89 22.92 25.19 -34.14
N ILE A 90 22.27 24.75 -33.06
CA ILE A 90 22.75 24.99 -31.71
C ILE A 90 22.79 23.65 -30.98
N PHE A 91 23.99 23.22 -30.60
CA PHE A 91 24.13 22.07 -29.71
C PHE A 91 23.93 22.52 -28.27
N ILE A 92 23.28 21.68 -27.48
CA ILE A 92 23.20 21.84 -26.04
C ILE A 92 23.94 20.67 -25.42
N SER A 93 25.04 20.96 -24.71
CA SER A 93 25.87 19.94 -24.07
C SER A 93 26.27 20.40 -22.67
N VAL A 94 25.29 20.45 -21.77
CA VAL A 94 25.55 20.94 -20.42
C VAL A 94 25.34 19.80 -19.42
N ASN A 95 25.58 20.08 -18.15
CA ASN A 95 25.44 19.08 -17.10
C ASN A 95 23.98 18.77 -16.83
N THR A 96 23.73 17.53 -16.45
CA THR A 96 22.46 17.12 -15.84
C THR A 96 22.79 16.41 -14.54
N PRO A 97 23.26 17.15 -13.57
CA PRO A 97 23.68 16.55 -12.32
C PRO A 97 22.59 15.79 -11.64
N THR A 98 22.97 14.69 -11.03
CA THR A 98 22.04 13.83 -10.35
C THR A 98 21.38 14.53 -9.22
N LYS A 99 20.09 14.25 -9.04
CA LYS A 99 19.30 14.87 -7.98
C LYS A 99 19.74 14.35 -6.61
N MET A 100 20.03 15.27 -5.70
CA MET A 100 20.45 14.92 -4.36
C MET A 100 19.31 15.07 -3.36
N TYR A 101 18.09 15.17 -3.87
CA TYR A 101 16.95 15.32 -3.04
C TYR A 101 15.76 14.96 -3.85
N GLY A 102 14.64 14.83 -3.20
CA GLY A 102 13.40 14.57 -3.86
C GLY A 102 13.20 13.28 -4.57
N ARG A 103 12.32 13.34 -5.56
CA ARG A 103 11.99 12.18 -6.38
C ARG A 103 13.20 11.80 -7.21
N GLY A 104 13.54 10.52 -7.16
CA GLY A 104 14.69 10.01 -7.89
C GLY A 104 16.00 10.52 -7.35
N LYS A 105 16.07 10.66 -6.03
CA LYS A 105 17.29 11.14 -5.37
C LYS A 105 18.41 10.12 -5.49
N GLY A 106 19.54 10.58 -6.02
CA GLY A 106 20.71 9.72 -6.19
C GLY A 106 20.58 8.82 -7.40
N MET A 107 19.57 9.05 -8.21
CA MET A 107 19.39 8.25 -9.38
C MET A 107 19.03 9.00 -10.63
N ALA A 108 18.19 9.99 -10.50
CA ALA A 108 17.74 10.74 -11.63
C ALA A 108 18.40 12.04 -11.91
N PRO A 109 18.59 12.29 -13.26
CA PRO A 109 19.23 13.58 -13.56
C PRO A 109 18.36 14.77 -13.36
N ASP A 110 18.96 15.86 -12.93
CA ASP A 110 18.28 17.11 -12.75
C ASP A 110 18.46 17.92 -14.01
N LEU A 111 17.36 18.21 -14.67
CA LEU A 111 17.36 18.93 -15.91
C LEU A 111 17.39 20.42 -15.84
N LYS A 112 17.67 21.01 -14.70
CA LYS A 112 17.73 22.47 -14.60
C LYS A 112 18.56 23.24 -15.58
N TYR A 113 19.72 22.75 -15.95
CA TYR A 113 20.57 23.45 -16.90
C TYR A 113 20.08 23.36 -18.33
N VAL A 114 19.57 22.22 -18.69
CA VAL A 114 19.02 22.03 -20.03
C VAL A 114 17.84 22.97 -20.26
N GLU A 115 17.02 23.17 -19.22
CA GLU A 115 15.86 24.04 -19.38
C GLU A 115 16.25 25.51 -19.42
N SER A 116 17.19 25.92 -18.57
CA SER A 116 17.59 27.32 -18.56
C SER A 116 18.22 27.72 -19.88
N VAL A 117 19.02 26.83 -20.47
CA VAL A 117 19.60 27.12 -21.78
C VAL A 117 18.51 27.22 -22.83
N SER A 118 17.51 26.35 -22.75
CA SER A 118 16.40 26.39 -23.71
C SER A 118 15.68 27.71 -23.65
N ARG A 119 15.54 28.28 -22.44
CA ARG A 119 14.87 29.57 -22.30
C ARG A 119 15.69 30.70 -22.91
N THR A 120 17.02 30.67 -22.73
CA THR A 120 17.88 31.63 -23.42
C THR A 120 17.80 31.47 -24.94
N ILE A 121 17.71 30.24 -25.43
CA ILE A 121 17.56 30.03 -26.87
C ILE A 121 16.24 30.63 -27.34
N ALA A 122 15.17 30.39 -26.59
CA ALA A 122 13.88 30.98 -26.94
C ALA A 122 13.95 32.51 -26.87
N GLN A 123 14.72 33.03 -25.92
CA GLN A 123 14.77 34.48 -25.73
C GLN A 123 15.58 35.17 -26.81
N TYR A 124 16.64 34.53 -27.32
CA TYR A 124 17.57 35.20 -28.20
C TYR A 124 17.69 34.61 -29.61
N ALA A 125 16.95 33.56 -29.93
CA ALA A 125 17.07 32.96 -31.27
C ALA A 125 16.78 33.99 -32.35
N GLY A 126 15.64 34.66 -32.26
CA GLY A 126 15.28 35.66 -33.24
C GLY A 126 15.01 35.13 -34.64
N GLY A 127 14.81 33.83 -34.77
CA GLY A 127 14.62 33.22 -36.06
C GLY A 127 14.65 31.71 -35.94
N PRO A 128 14.40 31.02 -37.05
CA PRO A 128 14.38 29.55 -37.02
C PRO A 128 15.72 28.99 -36.61
N LYS A 129 15.69 27.94 -35.77
CA LYS A 129 16.90 27.29 -35.31
C LYS A 129 16.69 25.79 -35.24
N ILE A 130 17.74 25.05 -35.53
CA ILE A 130 17.81 23.63 -35.22
C ILE A 130 18.56 23.49 -33.90
N VAL A 131 17.94 22.87 -32.92
CA VAL A 131 18.52 22.69 -31.59
C VAL A 131 18.77 21.20 -31.38
N VAL A 132 19.99 20.86 -30.99
CA VAL A 132 20.46 19.48 -30.93
C VAL A 132 20.96 19.22 -29.53
N GLU A 133 20.33 18.29 -28.83
CA GLU A 133 20.79 17.90 -27.51
C GLU A 133 21.87 16.83 -27.70
N LYS A 134 23.06 17.09 -27.18
CA LYS A 134 24.18 16.17 -27.33
C LYS A 134 24.84 15.93 -25.99
N SER A 135 24.64 14.74 -25.44
CA SER A 135 25.29 14.33 -24.20
C SER A 135 25.51 12.82 -24.24
N THR A 136 26.20 12.30 -23.24
CA THR A 136 26.46 10.87 -23.18
C THR A 136 25.37 10.09 -22.45
N VAL A 137 24.60 10.74 -21.57
CA VAL A 137 23.45 10.11 -20.94
C VAL A 137 22.20 10.98 -21.11
N PRO A 138 21.59 10.98 -22.29
CA PRO A 138 20.31 11.70 -22.46
C PRO A 138 19.16 10.82 -22.01
N VAL A 139 18.35 11.34 -21.10
CA VAL A 139 17.11 10.67 -20.71
C VAL A 139 16.04 11.75 -20.55
N LYS A 140 15.16 11.84 -21.54
CA LYS A 140 14.09 12.82 -21.60
C LYS A 140 14.60 14.26 -21.70
N ALA A 141 15.89 14.45 -21.96
CA ALA A 141 16.41 15.81 -22.06
C ALA A 141 15.89 16.53 -23.30
N ALA A 142 15.86 15.83 -24.44
CA ALA A 142 15.38 16.45 -25.66
C ALA A 142 13.89 16.77 -25.56
N GLU A 143 13.15 15.97 -24.80
CA GLU A 143 11.73 16.25 -24.61
C GLU A 143 11.51 17.53 -23.79
N SER A 144 12.39 17.83 -22.83
CA SER A 144 12.23 19.07 -22.07
C SER A 144 12.64 20.28 -22.91
N ILE A 145 13.65 20.13 -23.76
CA ILE A 145 13.98 21.20 -24.71
C ILE A 145 12.79 21.45 -25.63
N GLY A 146 12.23 20.39 -26.20
CA GLY A 146 11.13 20.54 -27.13
C GLY A 146 9.89 21.15 -26.47
N CYS A 147 9.69 20.84 -25.22
CA CYS A 147 8.56 21.37 -24.55
C CYS A 147 8.65 22.87 -24.48
N ILE A 148 9.82 23.37 -24.15
CA ILE A 148 10.01 24.79 -24.03
C ILE A 148 10.01 25.49 -25.37
N LEU A 149 10.63 24.91 -26.36
CA LEU A 149 10.72 25.54 -27.65
C LEU A 149 9.44 25.55 -28.41
N ARG A 150 8.61 24.53 -28.28
CA ARG A 150 7.36 24.48 -28.96
C ARG A 150 6.48 25.62 -28.52
N GLU A 151 6.55 25.96 -27.25
CA GLU A 151 5.77 27.05 -26.73
C GLU A 151 6.25 28.36 -27.29
N ALA A 152 7.54 28.50 -27.47
CA ALA A 152 8.08 29.72 -28.01
C ALA A 152 7.62 29.91 -29.43
N GLN A 153 7.57 28.85 -30.19
CA GLN A 153 7.10 28.93 -31.53
C GLN A 153 5.62 29.27 -31.49
N LYS A 154 4.91 28.65 -30.59
CA LYS A 154 3.51 28.85 -30.44
C LYS A 154 3.23 30.29 -30.17
N ASN A 155 4.05 30.92 -29.36
CA ASN A 155 3.85 32.30 -28.99
C ASN A 155 4.38 33.30 -29.97
N ASN A 156 5.21 32.88 -30.89
CA ASN A 156 5.75 33.76 -31.89
C ASN A 156 6.14 32.86 -33.03
N GLU A 157 5.28 32.71 -34.00
CA GLU A 157 5.53 31.80 -35.08
C GLU A 157 6.73 32.11 -35.95
N ASN A 158 7.45 33.16 -35.64
CA ASN A 158 8.65 33.47 -36.41
C ASN A 158 9.79 32.58 -35.97
N LEU A 159 9.64 31.99 -34.78
CA LEU A 159 10.68 31.12 -34.24
C LEU A 159 10.42 29.64 -34.51
N LYS A 160 10.70 29.21 -35.73
CA LYS A 160 10.52 27.80 -36.09
C LYS A 160 11.64 27.00 -35.47
N PHE A 161 11.32 26.08 -34.59
CA PHE A 161 12.31 25.29 -33.93
C PHE A 161 12.13 23.82 -34.13
N GLN A 162 13.20 23.12 -34.42
CA GLN A 162 13.17 21.71 -34.53
C GLN A 162 14.21 21.22 -33.57
N VAL A 163 13.85 20.31 -32.69
CA VAL A 163 14.74 19.77 -31.69
C VAL A 163 15.15 18.38 -32.08
N LEU A 164 16.46 18.12 -31.99
CA LEU A 164 16.99 16.82 -32.37
C LEU A 164 17.79 16.19 -31.24
N SER A 165 17.94 14.89 -31.28
CA SER A 165 18.69 14.17 -30.29
C SER A 165 19.85 13.53 -30.98
N ASN A 166 21.04 13.87 -30.56
CA ASN A 166 22.22 13.31 -31.13
C ASN A 166 23.18 13.04 -30.05
N PRO A 167 22.99 11.86 -29.36
CA PRO A 167 23.93 11.62 -28.26
C PRO A 167 25.34 11.35 -28.66
N GLU A 168 26.29 11.68 -27.83
CA GLU A 168 27.68 11.42 -28.22
C GLU A 168 28.14 10.02 -27.84
N PHE A 169 29.08 9.48 -28.62
CA PHE A 169 29.60 8.14 -28.36
C PHE A 169 31.09 8.13 -28.05
N LEU A 170 31.75 9.29 -28.06
CA LEU A 170 33.16 9.33 -27.75
C LEU A 170 33.43 8.78 -26.35
N ALA A 171 34.57 8.14 -26.20
CA ALA A 171 35.10 7.80 -24.90
C ALA A 171 36.28 8.72 -24.62
N GLU A 172 36.33 9.25 -23.41
CA GLU A 172 37.43 10.13 -23.05
C GLU A 172 38.73 9.35 -23.08
N GLY A 173 39.82 10.05 -23.39
CA GLY A 173 41.10 9.44 -23.67
C GLY A 173 41.30 9.07 -25.13
N THR A 174 40.22 8.77 -25.85
CA THR A 174 40.27 8.47 -27.29
C THR A 174 39.29 9.33 -28.07
N ALA A 175 39.00 10.53 -27.57
CA ALA A 175 37.91 11.32 -28.14
C ALA A 175 38.17 11.71 -29.59
N MET A 176 39.39 12.11 -29.92
CA MET A 176 39.66 12.55 -31.29
C MET A 176 39.60 11.37 -32.26
N LYS A 177 40.11 10.21 -31.85
CA LYS A 177 39.96 9.02 -32.69
C LYS A 177 38.50 8.65 -32.84
N ASP A 178 37.73 8.71 -31.75
CA ASP A 178 36.32 8.34 -31.82
C ASP A 178 35.52 9.34 -32.64
N LEU A 179 35.79 10.63 -32.47
CA LEU A 179 35.03 11.64 -33.21
C LEU A 179 35.32 11.62 -34.69
N ALA A 180 36.55 11.26 -35.08
CA ALA A 180 36.91 11.25 -36.49
C ALA A 180 36.44 10.00 -37.22
N ASN A 181 36.34 8.87 -36.52
CA ASN A 181 35.94 7.60 -37.13
C ASN A 181 34.97 6.87 -36.21
N PRO A 182 33.75 7.40 -36.05
CA PRO A 182 32.79 6.75 -35.15
C PRO A 182 32.25 5.45 -35.74
N ASP A 183 31.95 4.51 -34.85
CA ASP A 183 31.23 3.31 -35.28
C ASP A 183 29.83 3.67 -35.77
N ARG A 184 29.25 4.67 -35.16
CA ARG A 184 27.98 5.12 -35.61
C ARG A 184 27.60 6.50 -35.11
N VAL A 185 26.69 7.14 -35.81
CA VAL A 185 26.14 8.43 -35.44
C VAL A 185 24.63 8.27 -35.34
N LEU A 186 24.08 8.63 -34.19
CA LEU A 186 22.67 8.42 -33.89
C LEU A 186 21.97 9.76 -33.81
N ILE A 187 20.95 9.97 -34.65
CA ILE A 187 20.21 11.22 -34.72
C ILE A 187 18.73 10.92 -34.63
N GLY A 188 18.06 11.57 -33.70
CA GLY A 188 16.61 11.42 -33.53
C GLY A 188 15.91 12.74 -33.67
N GLY A 189 14.73 12.72 -34.31
CA GLY A 189 13.92 13.90 -34.47
C GLY A 189 12.49 13.49 -34.73
N GLU A 190 11.59 14.48 -34.69
CA GLU A 190 10.19 14.19 -34.90
C GLU A 190 9.94 13.83 -36.37
N SER A 191 8.96 12.96 -36.58
CA SER A 191 8.64 12.47 -37.91
C SER A 191 7.60 13.40 -38.53
N SER A 192 8.09 14.45 -39.17
CA SER A 192 7.25 15.46 -39.80
C SER A 192 8.08 16.12 -40.89
N PRO A 193 7.45 16.85 -41.81
CA PRO A 193 8.24 17.54 -42.85
C PRO A 193 9.39 18.36 -42.27
N GLU A 194 9.09 19.25 -41.32
CA GLU A 194 10.13 20.09 -40.75
C GLU A 194 11.15 19.25 -39.98
N GLY A 195 10.68 18.20 -39.31
CA GLY A 195 11.60 17.32 -38.58
C GLY A 195 12.56 16.58 -39.49
N LEU A 196 12.06 16.07 -40.61
CA LEU A 196 12.92 15.34 -41.53
C LEU A 196 13.95 16.26 -42.18
N GLN A 197 13.56 17.51 -42.47
CA GLN A 197 14.49 18.46 -43.03
C GLN A 197 15.61 18.78 -42.05
N ALA A 198 15.26 18.96 -40.78
CA ALA A 198 16.27 19.25 -39.77
C ALA A 198 17.25 18.09 -39.61
N VAL A 199 16.73 16.86 -39.60
CA VAL A 199 17.62 15.69 -39.51
C VAL A 199 18.55 15.65 -40.71
N ALA A 200 18.02 15.90 -41.91
CA ALA A 200 18.83 15.87 -43.12
C ALA A 200 19.96 16.89 -43.08
N GLU A 201 19.72 18.05 -42.48
CA GLU A 201 20.78 19.05 -42.41
C GLU A 201 21.86 18.65 -41.41
N LEU A 202 21.50 17.95 -40.33
CA LEU A 202 22.51 17.46 -39.41
C LEU A 202 23.27 16.27 -40.01
N VAL A 203 22.56 15.40 -40.72
CA VAL A 203 23.22 14.32 -41.44
C VAL A 203 24.21 14.89 -42.45
N ARG A 204 23.81 15.97 -43.13
CA ARG A 204 24.68 16.56 -44.15
C ARG A 204 25.98 17.06 -43.53
N ILE A 205 25.91 17.61 -42.31
CA ILE A 205 27.13 18.04 -41.63
C ILE A 205 28.07 16.86 -41.42
N TYR A 206 27.56 15.78 -40.83
CA TYR A 206 28.40 14.61 -40.53
C TYR A 206 28.90 13.94 -41.81
N GLU A 207 28.13 14.01 -42.89
CA GLU A 207 28.55 13.37 -44.13
C GLU A 207 29.80 13.99 -44.73
N ASN A 208 30.26 15.12 -44.17
CA ASN A 208 31.55 15.65 -44.58
C ASN A 208 32.70 14.71 -44.24
N TRP A 209 32.51 13.79 -43.27
CA TRP A 209 33.57 12.85 -42.94
C TRP A 209 33.08 11.51 -42.43
N VAL A 210 31.78 11.30 -42.26
CA VAL A 210 31.23 10.03 -41.78
C VAL A 210 30.44 9.41 -42.92
N PRO A 211 30.70 8.14 -43.26
CA PRO A 211 29.90 7.48 -44.31
C PRO A 211 28.44 7.38 -43.92
N ARG A 212 27.57 7.44 -44.93
CA ARG A 212 26.13 7.41 -44.68
C ARG A 212 25.72 6.10 -44.01
N ASN A 213 26.35 4.99 -44.39
CA ASN A 213 25.97 3.70 -43.84
C ASN A 213 26.26 3.55 -42.34
N ARG A 214 26.92 4.52 -41.73
CA ARG A 214 27.17 4.52 -40.29
C ARG A 214 26.31 5.53 -39.56
N ILE A 215 25.41 6.22 -40.24
CA ILE A 215 24.56 7.22 -39.64
C ILE A 215 23.16 6.63 -39.50
N ILE A 216 22.66 6.61 -38.26
CA ILE A 216 21.35 6.06 -37.95
C ILE A 216 20.42 7.21 -37.60
N THR A 217 19.30 7.30 -38.31
CA THR A 217 18.27 8.29 -38.03
C THR A 217 17.00 7.59 -37.57
N THR A 218 16.37 8.14 -36.54
CA THR A 218 15.16 7.57 -35.93
C THR A 218 14.41 8.69 -35.23
N ASN A 219 13.41 8.32 -34.43
CA ASN A 219 12.70 9.32 -33.65
C ASN A 219 13.49 9.70 -32.39
N THR A 220 13.02 10.75 -31.72
CA THR A 220 13.75 11.35 -30.61
C THR A 220 13.96 10.36 -29.48
N TRP A 221 12.88 9.71 -29.04
CA TRP A 221 12.96 8.82 -27.88
C TRP A 221 13.80 7.58 -28.17
N SER A 222 13.67 7.00 -29.37
CA SER A 222 14.48 5.84 -29.71
C SER A 222 15.96 6.17 -29.63
N SER A 223 16.33 7.36 -30.08
CA SER A 223 17.72 7.79 -30.04
C SER A 223 18.24 7.84 -28.61
N GLU A 224 17.44 8.40 -27.70
CA GLU A 224 17.86 8.52 -26.31
C GLU A 224 17.88 7.16 -25.64
N LEU A 225 16.85 6.34 -25.87
CA LEU A 225 16.81 5.01 -25.26
C LEU A 225 17.95 4.12 -25.76
N SER A 226 18.29 4.21 -27.05
CA SER A 226 19.39 3.39 -27.57
C SER A 226 20.71 3.76 -26.91
N LYS A 227 20.98 5.06 -26.73
CA LYS A 227 22.19 5.47 -26.03
C LYS A 227 22.18 4.96 -24.59
N LEU A 228 21.05 5.13 -23.90
CA LEU A 228 20.92 4.69 -22.52
C LEU A 228 21.20 3.19 -22.40
N VAL A 229 20.71 2.40 -23.34
CA VAL A 229 20.88 0.95 -23.29
C VAL A 229 22.30 0.56 -23.70
N ALA A 230 22.86 1.26 -24.70
CA ALA A 230 24.21 0.95 -25.15
C ALA A 230 25.23 1.16 -24.03
N ASN A 231 25.12 2.28 -23.32
CA ASN A 231 26.00 2.51 -22.18
C ASN A 231 25.84 1.42 -21.13
N ALA A 232 24.61 1.00 -20.86
CA ALA A 232 24.41 -0.03 -19.84
C ALA A 232 25.03 -1.35 -20.27
N PHE A 233 24.92 -1.71 -21.55
CA PHE A 233 25.56 -2.93 -22.03
C PHE A 233 27.07 -2.92 -21.78
N LEU A 234 27.72 -1.78 -22.08
CA LEU A 234 29.16 -1.67 -21.87
C LEU A 234 29.52 -1.85 -20.40
N ALA A 235 28.80 -1.16 -19.51
CA ALA A 235 29.06 -1.32 -18.09
C ALA A 235 28.86 -2.76 -17.65
N GLN A 236 27.90 -3.45 -18.26
CA GLN A 236 27.60 -4.82 -17.89
C GLN A 236 28.74 -5.78 -18.25
N ARG A 237 29.41 -5.55 -19.38
CA ARG A 237 30.57 -6.37 -19.73
C ARG A 237 31.65 -6.25 -18.65
N ILE A 238 31.89 -5.03 -18.18
CA ILE A 238 32.93 -4.82 -17.18
C ILE A 238 32.55 -5.50 -15.87
N SER A 239 31.31 -5.29 -15.42
CA SER A 239 30.88 -5.90 -14.17
C SER A 239 30.85 -7.43 -14.28
N SER A 240 30.51 -7.96 -15.45
CA SER A 240 30.51 -9.41 -15.63
C SER A 240 31.91 -10.00 -15.50
N ILE A 241 32.88 -9.40 -16.20
CA ILE A 241 34.23 -9.94 -16.10
C ILE A 241 34.80 -9.67 -14.71
N ASN A 242 34.39 -8.57 -14.08
CA ASN A 242 34.85 -8.28 -12.72
C ASN A 242 34.29 -9.28 -11.71
N SER A 243 33.04 -9.71 -11.90
CA SER A 243 32.47 -10.70 -11.00
C SER A 243 33.20 -12.03 -11.13
N ILE A 244 33.63 -12.38 -12.35
CA ILE A 244 34.33 -13.63 -12.58
C ILE A 244 35.76 -13.53 -12.07
N SER A 245 36.32 -12.31 -12.00
CA SER A 245 37.67 -12.16 -11.46
C SER A 245 37.75 -12.67 -10.04
N ALA A 246 36.65 -12.57 -9.27
CA ALA A 246 36.64 -13.12 -7.92
C ALA A 246 36.64 -14.65 -7.96
N VAL A 247 35.96 -15.24 -8.93
CA VAL A 247 35.97 -16.70 -9.05
C VAL A 247 37.38 -17.19 -9.36
N CYS A 248 38.11 -16.46 -10.22
CA CYS A 248 39.48 -16.86 -10.55
C CYS A 248 40.39 -16.81 -9.33
N GLU A 249 40.30 -15.74 -8.53
CA GLU A 249 41.12 -15.66 -7.33
C GLU A 249 40.84 -16.82 -6.39
N ALA A 250 39.57 -17.24 -6.30
CA ALA A 250 39.18 -18.28 -5.36
C ALA A 250 39.50 -19.68 -5.86
N THR A 251 39.76 -19.87 -7.15
CA THR A 251 39.92 -21.20 -7.71
C THR A 251 41.24 -21.40 -8.43
N GLY A 252 42.14 -20.43 -8.41
CA GLY A 252 43.43 -20.61 -9.05
C GLY A 252 43.44 -20.40 -10.55
N ALA A 253 42.42 -19.79 -11.12
CA ALA A 253 42.44 -19.41 -12.52
C ALA A 253 42.88 -17.96 -12.68
N GLU A 254 43.16 -17.57 -13.92
CA GLU A 254 43.59 -16.22 -14.25
C GLU A 254 42.48 -15.56 -15.06
N ILE A 255 42.01 -14.40 -14.59
CA ILE A 255 40.92 -13.72 -15.29
C ILE A 255 41.36 -13.29 -16.68
N SER A 256 42.65 -12.99 -16.83
CA SER A 256 43.16 -12.62 -18.15
C SER A 256 43.03 -13.76 -19.14
N GLU A 257 43.29 -14.99 -18.68
CA GLU A 257 43.11 -16.14 -19.56
C GLU A 257 41.63 -16.42 -19.81
N VAL A 258 40.80 -16.29 -18.78
CA VAL A 258 39.36 -16.49 -18.95
C VAL A 258 38.81 -15.47 -19.95
N ALA A 259 39.16 -14.20 -19.78
CA ALA A 259 38.69 -13.18 -20.71
C ALA A 259 39.19 -13.46 -22.12
N HIS A 260 40.45 -13.88 -22.24
CA HIS A 260 41.00 -14.21 -23.55
C HIS A 260 40.19 -15.31 -24.24
N ALA A 261 39.88 -16.38 -23.51
CA ALA A 261 39.15 -17.49 -24.14
C ALA A 261 37.72 -17.10 -24.47
N VAL A 262 37.07 -16.35 -23.58
CA VAL A 262 35.70 -15.91 -23.81
C VAL A 262 35.61 -15.06 -25.07
N GLY A 263 36.57 -14.16 -25.26
CA GLY A 263 36.53 -13.22 -26.37
C GLY A 263 36.68 -13.84 -27.74
N TYR A 264 37.09 -15.11 -27.83
CA TYR A 264 37.23 -15.77 -29.11
C TYR A 264 35.89 -16.02 -29.79
N ASP A 265 34.79 -16.01 -29.04
CA ASP A 265 33.46 -16.13 -29.60
C ASP A 265 33.08 -14.79 -30.21
N THR A 266 32.97 -14.74 -31.54
CA THR A 266 32.60 -13.49 -32.19
C THR A 266 31.20 -13.02 -31.79
N ARG A 267 30.36 -13.92 -31.27
CA ARG A 267 29.06 -13.52 -30.75
C ARG A 267 29.18 -12.74 -29.45
N ILE A 268 30.27 -12.90 -28.72
CA ILE A 268 30.52 -12.14 -27.50
C ILE A 268 31.39 -10.92 -27.77
N GLY A 269 32.36 -11.05 -28.66
CA GLY A 269 33.31 -9.99 -28.90
C GLY A 269 34.42 -10.00 -27.86
N SER A 270 35.60 -9.54 -28.24
CA SER A 270 36.76 -9.60 -27.36
C SER A 270 37.05 -8.30 -26.64
N LYS A 271 36.34 -7.22 -26.95
CA LYS A 271 36.62 -5.94 -26.34
C LYS A 271 35.84 -5.76 -25.05
N PHE A 272 36.32 -4.83 -24.23
CA PHE A 272 35.67 -4.47 -22.97
C PHE A 272 35.51 -5.69 -22.07
N LEU A 273 36.55 -6.51 -22.02
CA LEU A 273 36.61 -7.67 -21.13
C LEU A 273 37.84 -7.57 -20.24
N GLN A 274 38.23 -6.35 -19.90
CA GLN A 274 39.41 -6.09 -19.08
C GLN A 274 38.98 -5.80 -17.64
N ALA A 275 39.29 -6.72 -16.73
CA ALA A 275 38.98 -6.56 -15.32
C ALA A 275 39.71 -5.35 -14.73
N SER A 276 39.15 -4.82 -13.65
CA SER A 276 39.67 -3.59 -13.05
C SER A 276 39.13 -3.44 -11.65
N VAL A 277 39.68 -2.47 -10.92
CA VAL A 277 39.18 -2.11 -9.60
C VAL A 277 37.74 -1.62 -9.67
N GLY A 278 37.29 -1.19 -10.84
CA GLY A 278 35.90 -0.81 -11.04
C GLY A 278 35.84 0.31 -12.05
N PHE A 279 34.75 0.32 -12.83
CA PHE A 279 34.63 1.37 -13.84
C PHE A 279 34.31 2.70 -13.18
N GLY A 280 34.79 3.77 -13.82
CA GLY A 280 34.49 5.11 -13.40
C GLY A 280 33.97 5.94 -14.57
N GLY A 281 34.01 7.25 -14.43
CA GLY A 281 33.53 8.13 -15.48
C GLY A 281 32.16 8.69 -15.18
N SER A 282 31.88 9.83 -15.81
CA SER A 282 30.61 10.52 -15.62
C SER A 282 29.45 9.86 -16.35
N CYS A 283 29.71 8.78 -17.11
CA CYS A 283 28.68 8.16 -17.94
C CYS A 283 28.06 6.92 -17.30
N PHE A 284 28.87 5.90 -16.97
CA PHE A 284 28.34 4.55 -16.77
C PHE A 284 27.45 4.46 -15.52
N GLN A 285 27.96 4.90 -14.37
CA GLN A 285 27.17 4.80 -13.15
C GLN A 285 25.89 5.64 -13.26
N LYS A 286 26.03 6.89 -13.72
CA LYS A 286 24.86 7.73 -13.94
C LYS A 286 23.89 7.06 -14.90
N ASP A 287 24.42 6.38 -15.92
CA ASP A 287 23.57 5.80 -16.95
C ASP A 287 22.77 4.61 -16.41
N VAL A 288 23.45 3.69 -15.73
CA VAL A 288 22.74 2.51 -15.23
C VAL A 288 21.71 2.92 -14.18
N LEU A 289 22.09 3.83 -13.29
CA LEU A 289 21.13 4.31 -12.30
C LEU A 289 19.95 5.02 -12.96
N SER A 290 20.21 5.75 -14.05
CA SER A 290 19.10 6.36 -14.79
C SER A 290 18.20 5.31 -15.40
N LEU A 291 18.79 4.23 -15.93
CA LEU A 291 17.98 3.13 -16.45
C LEU A 291 17.19 2.45 -15.33
N VAL A 292 17.83 2.21 -14.18
CA VAL A 292 17.12 1.64 -13.03
C VAL A 292 15.96 2.53 -12.63
N TYR A 293 16.20 3.85 -12.56
CA TYR A 293 15.13 4.75 -12.13
C TYR A 293 14.01 4.79 -13.17
N LEU A 294 14.36 4.79 -14.45
CA LEU A 294 13.34 4.77 -15.50
C LEU A 294 12.46 3.53 -15.39
N CYS A 295 13.06 2.38 -15.12
CA CYS A 295 12.30 1.13 -15.03
C CYS A 295 11.36 1.12 -13.84
N GLU A 296 11.81 1.65 -12.69
CA GLU A 296 10.95 1.74 -11.52
C GLU A 296 9.73 2.61 -11.80
N SER A 297 9.93 3.74 -12.48
CA SER A 297 8.83 4.64 -12.77
C SER A 297 7.87 4.06 -13.80
N LEU A 298 8.29 3.05 -14.56
CA LEU A 298 7.41 2.35 -15.49
C LEU A 298 6.77 1.11 -14.87
N ASN A 299 6.93 0.90 -13.57
CA ASN A 299 6.46 -0.32 -12.90
C ASN A 299 7.07 -1.57 -13.55
N LEU A 300 8.39 -1.54 -13.73
CA LEU A 300 9.16 -2.69 -14.20
C LEU A 300 10.26 -3.02 -13.19
N PRO A 301 9.84 -3.41 -11.99
CA PRO A 301 10.79 -3.77 -10.92
C PRO A 301 11.80 -4.82 -11.38
N GLN A 302 11.31 -5.89 -11.98
CA GLN A 302 12.17 -6.96 -12.47
C GLN A 302 13.35 -6.41 -13.24
N VAL A 303 13.08 -5.47 -14.16
CA VAL A 303 14.11 -4.87 -14.97
C VAL A 303 15.10 -4.07 -14.10
N ALA A 304 14.56 -3.23 -13.23
CA ALA A 304 15.38 -2.41 -12.36
C ALA A 304 16.38 -3.27 -11.57
N ASP A 305 15.89 -4.38 -10.99
CA ASP A 305 16.77 -5.26 -10.22
C ASP A 305 17.87 -5.84 -11.08
N TYR A 306 17.56 -6.21 -12.31
CA TYR A 306 18.54 -6.83 -13.21
C TYR A 306 19.71 -5.89 -13.45
N TRP A 307 19.43 -4.64 -13.81
CA TRP A 307 20.48 -3.69 -14.14
C TRP A 307 21.16 -3.12 -12.90
N GLN A 308 20.45 -3.09 -11.76
CA GLN A 308 21.08 -2.66 -10.52
C GLN A 308 22.28 -3.54 -10.17
N GLY A 309 22.26 -4.81 -10.59
CA GLY A 309 23.37 -5.70 -10.29
C GLY A 309 24.70 -5.22 -10.86
N VAL A 310 24.66 -4.51 -11.99
CA VAL A 310 25.87 -3.96 -12.56
C VAL A 310 26.51 -2.95 -11.60
N ILE A 311 25.68 -2.14 -10.94
CA ILE A 311 26.20 -1.18 -9.97
C ILE A 311 26.66 -1.89 -8.70
N ASN A 312 25.86 -2.83 -8.22
CA ASN A 312 26.21 -3.58 -7.01
C ASN A 312 27.56 -4.27 -7.16
N ILE A 313 27.82 -4.90 -8.31
CA ILE A 313 29.10 -5.56 -8.52
C ILE A 313 30.22 -4.54 -8.55
N ASN A 314 29.99 -3.39 -9.18
CA ASN A 314 31.03 -2.38 -9.27
C ASN A 314 31.44 -1.89 -7.88
N ASN A 315 30.45 -1.59 -7.03
CA ASN A 315 30.74 -1.16 -5.66
C ASN A 315 31.43 -2.27 -4.88
N TRP A 316 31.00 -3.52 -5.08
CA TRP A 316 31.60 -4.65 -4.39
C TRP A 316 33.05 -4.86 -4.84
N GLN A 317 33.32 -4.64 -6.13
CA GLN A 317 34.68 -4.80 -6.64
C GLN A 317 35.63 -3.78 -6.03
N ARG A 318 35.20 -2.52 -5.93
CA ARG A 318 36.02 -1.50 -5.30
C ARG A 318 36.25 -1.83 -3.83
N ARG A 319 35.21 -2.14 -3.10
CA ARG A 319 35.33 -2.44 -1.70
C ARG A 319 36.18 -3.62 -1.36
N ARG A 320 36.01 -4.69 -2.10
CA ARG A 320 36.78 -5.88 -1.77
C ARG A 320 38.26 -5.73 -2.14
N PHE A 321 38.56 -4.89 -3.15
CA PHE A 321 39.95 -4.63 -3.51
C PHE A 321 40.66 -3.86 -2.39
N ALA A 322 40.02 -2.81 -1.87
CA ALA A 322 40.62 -2.06 -0.77
C ALA A 322 40.73 -2.91 0.48
N ASP A 323 39.75 -3.78 0.73
CA ASP A 323 39.80 -4.65 1.91
C ASP A 323 40.94 -5.65 1.81
N LYS A 324 41.21 -6.14 0.59
CA LYS A 324 42.30 -7.10 0.42
C LYS A 324 43.65 -6.44 0.66
N ILE A 325 43.81 -5.17 0.26
CA ILE A 325 45.02 -4.43 0.57
C ILE A 325 45.26 -4.40 2.08
N ILE A 326 44.22 -4.06 2.83
CA ILE A 326 44.36 -3.94 4.27
C ILE A 326 44.60 -5.31 4.91
N ALA A 327 43.87 -6.33 4.47
CA ALA A 327 44.04 -7.66 5.05
C ALA A 327 45.42 -8.22 4.78
N GLU A 328 45.96 -8.00 3.58
CA GLU A 328 47.28 -8.52 3.25
C GLU A 328 48.39 -7.79 3.97
N LEU A 329 48.14 -6.60 4.48
CA LEU A 329 49.09 -5.91 5.35
C LEU A 329 48.77 -6.11 6.81
N PHE A 330 48.36 -7.32 7.18
CA PHE A 330 48.13 -7.71 8.58
C PHE A 330 47.11 -6.80 9.26
N ASN A 331 46.14 -6.31 8.48
CA ASN A 331 45.01 -5.54 8.96
C ASN A 331 45.42 -4.21 9.59
N THR A 332 46.60 -3.71 9.28
CA THR A 332 47.02 -2.41 9.79
C THR A 332 47.84 -1.67 8.74
N VAL A 333 47.44 -0.44 8.47
CA VAL A 333 48.20 0.47 7.61
C VAL A 333 48.35 1.80 8.33
N THR A 334 47.95 1.83 9.61
CA THR A 334 48.11 3.01 10.46
C THR A 334 49.53 3.56 10.34
N ASP A 335 49.62 4.79 9.84
CA ASP A 335 50.87 5.55 9.74
C ASP A 335 51.83 4.96 8.71
N LYS A 336 51.38 4.01 7.89
CA LYS A 336 52.19 3.46 6.81
C LYS A 336 52.04 4.32 5.56
N LYS A 337 53.17 4.63 4.92
CA LYS A 337 53.16 5.33 3.65
C LYS A 337 52.81 4.38 2.52
N ILE A 338 51.78 4.72 1.75
CA ILE A 338 51.35 3.93 0.60
C ILE A 338 51.35 4.82 -0.62
N ALA A 339 52.01 4.39 -1.69
CA ALA A 339 52.03 5.10 -2.95
C ALA A 339 50.83 4.68 -3.81
N ILE A 340 50.16 5.67 -4.40
CA ILE A 340 49.04 5.43 -5.29
C ILE A 340 49.47 5.79 -6.70
N PHE A 341 49.41 4.80 -7.59
CA PHE A 341 49.70 5.02 -9.01
C PHE A 341 48.37 5.15 -9.76
N GLY A 342 47.99 6.39 -10.06
CA GLY A 342 46.82 6.63 -10.87
C GLY A 342 45.67 7.21 -10.08
N PHE A 343 45.04 8.25 -10.64
CA PHE A 343 43.90 8.87 -9.99
C PHE A 343 42.75 9.09 -10.96
N ALA A 344 43.06 9.32 -12.22
CA ALA A 344 42.02 9.47 -13.22
C ALA A 344 41.25 8.17 -13.37
N PHE A 345 40.03 8.26 -13.88
CA PHE A 345 39.18 7.08 -14.00
C PHE A 345 39.62 6.15 -15.13
N LYS A 346 40.49 6.61 -16.01
CA LYS A 346 41.10 5.78 -17.04
C LYS A 346 42.34 6.52 -17.54
N LYS A 347 43.07 5.87 -18.44
CA LYS A 347 44.32 6.47 -18.89
C LYS A 347 44.05 7.53 -19.96
N ASN A 348 45.05 8.39 -20.16
CA ASN A 348 45.04 9.41 -21.22
C ASN A 348 43.92 10.43 -21.01
N THR A 349 43.63 10.76 -19.75
CA THR A 349 42.71 11.83 -19.42
C THR A 349 43.06 12.37 -18.03
N GLY A 350 42.75 13.65 -17.81
CA GLY A 350 42.81 14.24 -16.49
C GLY A 350 41.51 14.19 -15.72
N ASP A 351 40.46 13.63 -16.33
CA ASP A 351 39.14 13.57 -15.72
C ASP A 351 39.12 12.59 -14.56
N THR A 352 38.55 13.02 -13.43
CA THR A 352 38.47 12.19 -12.23
C THR A 352 37.05 11.86 -11.83
N ARG A 353 36.05 12.21 -12.62
CA ARG A 353 34.66 12.01 -12.20
C ARG A 353 34.37 10.54 -12.01
N GLU A 354 33.93 10.19 -10.80
CA GLU A 354 33.58 8.83 -10.39
C GLU A 354 34.75 7.86 -10.51
N SER A 355 35.98 8.36 -10.45
CA SER A 355 37.13 7.49 -10.51
C SER A 355 37.13 6.53 -9.32
N SER A 356 37.45 5.27 -9.59
CA SER A 356 37.56 4.29 -8.52
C SER A 356 38.64 4.67 -7.52
N ALA A 357 39.64 5.44 -7.95
CA ALA A 357 40.71 5.85 -7.06
C ALA A 357 40.20 6.68 -5.90
N ILE A 358 39.10 7.43 -6.10
CA ILE A 358 38.53 8.22 -5.01
C ILE A 358 38.04 7.33 -3.87
N HIS A 359 37.33 6.25 -4.22
CA HIS A 359 36.76 5.38 -3.19
C HIS A 359 37.84 4.53 -2.53
N VAL A 360 38.82 4.04 -3.31
CA VAL A 360 39.87 3.23 -2.73
C VAL A 360 40.73 4.07 -1.78
N ILE A 361 41.11 5.28 -2.20
CA ILE A 361 41.91 6.13 -1.33
C ILE A 361 41.13 6.51 -0.08
N LYS A 362 39.83 6.78 -0.21
CA LYS A 362 39.03 7.09 0.97
C LYS A 362 39.06 5.96 1.98
N HIS A 363 38.93 4.72 1.51
CA HIS A 363 38.99 3.57 2.42
C HIS A 363 40.34 3.52 3.12
N LEU A 364 41.42 3.78 2.40
CA LEU A 364 42.74 3.78 3.05
C LEU A 364 42.89 4.95 4.01
N MET A 365 42.28 6.10 3.71
CA MET A 365 42.31 7.23 4.64
C MET A 365 41.63 6.86 5.95
N GLU A 366 40.51 6.16 5.87
CA GLU A 366 39.80 5.74 7.07
C GLU A 366 40.62 4.79 7.91
N GLU A 367 41.66 4.18 7.33
CA GLU A 367 42.60 3.37 8.07
C GLU A 367 43.82 4.15 8.52
N HIS A 368 43.80 5.48 8.34
CA HIS A 368 44.86 6.38 8.81
C HIS A 368 46.19 6.11 8.11
N ALA A 369 46.14 5.66 6.86
CA ALA A 369 47.35 5.56 6.07
C ALA A 369 47.74 6.93 5.54
N LYS A 370 49.04 7.12 5.35
CA LYS A 370 49.55 8.32 4.69
C LYS A 370 49.81 7.97 3.23
N LEU A 371 49.10 8.65 2.34
CA LEU A 371 49.06 8.28 0.94
C LEU A 371 49.79 9.33 0.10
N SER A 372 50.72 8.86 -0.74
CA SER A 372 51.40 9.67 -1.73
C SER A 372 50.83 9.27 -3.09
N VAL A 373 50.14 10.20 -3.74
CA VAL A 373 49.41 9.94 -4.97
C VAL A 373 50.16 10.59 -6.12
N TYR A 374 50.33 9.82 -7.20
CA TYR A 374 50.87 10.35 -8.44
C TYR A 374 49.93 10.00 -9.59
N ASP A 375 49.67 10.98 -10.45
CA ASP A 375 48.97 10.74 -11.69
C ASP A 375 49.56 11.65 -12.76
N PRO A 376 49.81 11.14 -13.96
CA PRO A 376 50.53 11.94 -14.97
C PRO A 376 49.78 13.18 -15.45
N LYS A 377 48.46 13.22 -15.33
CA LYS A 377 47.69 14.30 -15.95
C LYS A 377 46.70 15.00 -15.03
N VAL A 378 46.26 14.36 -13.94
CA VAL A 378 45.24 14.95 -13.07
C VAL A 378 45.82 16.16 -12.34
N GLN A 379 45.08 17.26 -12.34
CA GLN A 379 45.50 18.47 -11.63
C GLN A 379 45.52 18.23 -10.13
N LYS A 380 46.52 18.80 -9.46
CA LYS A 380 46.65 18.61 -8.02
C LYS A 380 45.44 19.12 -7.26
N SER A 381 45.01 20.34 -7.56
CA SER A 381 43.85 20.91 -6.87
C SER A 381 42.61 20.07 -7.11
N GLN A 382 42.53 19.44 -8.28
CA GLN A 382 41.39 18.56 -8.56
C GLN A 382 41.39 17.35 -7.65
N MET A 383 42.56 16.73 -7.42
CA MET A 383 42.62 15.57 -6.53
C MET A 383 42.19 15.95 -5.12
N LEU A 384 42.73 17.05 -4.59
CA LEU A 384 42.43 17.43 -3.21
C LEU A 384 40.96 17.76 -3.01
N ASN A 385 40.35 18.45 -3.98
CA ASN A 385 38.93 18.77 -3.87
C ASN A 385 38.08 17.51 -3.92
N ASP A 386 38.46 16.56 -4.77
CA ASP A 386 37.73 15.29 -4.85
C ASP A 386 37.81 14.56 -3.53
N LEU A 387 39.01 14.44 -2.97
CA LEU A 387 39.18 13.71 -1.72
C LEU A 387 38.55 14.44 -0.54
N ALA A 388 38.63 15.78 -0.52
CA ALA A 388 38.03 16.53 0.58
C ALA A 388 36.51 16.43 0.57
N SER A 389 35.90 16.36 -0.61
CA SER A 389 34.44 16.34 -0.67
C SER A 389 33.88 15.01 -0.19
N VAL A 390 34.68 13.94 -0.18
CA VAL A 390 34.23 12.66 0.35
C VAL A 390 34.70 12.45 1.78
N THR A 391 35.81 13.07 2.20
CA THR A 391 36.19 13.12 3.60
C THR A 391 36.09 14.46 4.31
N SER A 392 37.18 15.24 4.30
CA SER A 392 37.16 16.59 4.84
C SER A 392 38.48 17.26 4.43
N ALA A 393 38.47 18.60 4.50
CA ALA A 393 39.69 19.34 4.18
C ALA A 393 40.83 18.97 5.13
N GLN A 394 40.52 18.77 6.42
CA GLN A 394 41.57 18.43 7.38
C GLN A 394 42.12 17.03 7.14
N ASP A 395 41.24 16.06 6.88
CA ASP A 395 41.70 14.70 6.65
C ASP A 395 42.66 14.65 5.46
N VAL A 396 42.38 15.43 4.41
CA VAL A 396 43.28 15.46 3.27
C VAL A 396 44.61 16.10 3.67
N GLU A 397 44.58 17.12 4.53
CA GLU A 397 45.81 17.80 4.91
C GLU A 397 46.75 16.88 5.70
N ARG A 398 46.20 16.04 6.59
CA ARG A 398 47.08 15.19 7.40
C ARG A 398 47.52 13.94 6.66
N LEU A 399 46.73 13.42 5.72
CA LEU A 399 46.98 12.10 5.18
C LEU A 399 47.40 12.06 3.71
N ILE A 400 47.14 13.12 2.94
CA ILE A 400 47.33 13.09 1.50
C ILE A 400 48.54 13.94 1.13
N THR A 401 49.44 13.36 0.33
CA THR A 401 50.53 14.07 -0.29
C THR A 401 50.44 13.83 -1.79
N VAL A 402 50.55 14.89 -2.58
CA VAL A 402 50.47 14.78 -4.04
C VAL A 402 51.88 14.91 -4.59
N GLU A 403 52.30 13.92 -5.37
CA GLU A 403 53.63 13.92 -5.94
C GLU A 403 53.54 14.11 -7.45
N SER A 404 54.56 14.76 -8.00
CA SER A 404 54.69 14.96 -9.44
C SER A 404 55.65 13.95 -10.06
N ASP A 405 56.12 13.00 -9.27
CA ASP A 405 57.11 12.02 -9.68
C ASP A 405 56.75 10.72 -8.97
N PRO A 406 56.56 9.62 -9.72
CA PRO A 406 56.16 8.37 -9.08
C PRO A 406 57.22 7.77 -8.18
N TYR A 407 58.50 7.98 -8.50
CA TYR A 407 59.56 7.44 -7.65
C TYR A 407 59.58 8.12 -6.29
N ALA A 408 59.27 9.42 -6.25
CA ALA A 408 59.17 10.09 -4.95
C ALA A 408 58.00 9.57 -4.14
N ALA A 409 56.88 9.27 -4.81
CA ALA A 409 55.74 8.69 -4.10
C ALA A 409 56.07 7.31 -3.54
N ALA A 410 56.82 6.51 -4.29
CA ALA A 410 57.15 5.17 -3.84
C ALA A 410 58.32 5.15 -2.85
N ARG A 411 59.12 6.20 -2.81
CA ARG A 411 60.28 6.22 -1.93
C ARG A 411 59.84 6.10 -0.47
N GLY A 412 60.35 5.07 0.21
CA GLY A 412 60.00 4.86 1.59
C GLY A 412 58.63 4.27 1.81
N ALA A 413 57.92 3.87 0.77
CA ALA A 413 56.55 3.38 0.91
C ALA A 413 56.53 1.91 1.33
N HIS A 414 55.45 1.54 2.02
CA HIS A 414 55.24 0.14 2.36
C HIS A 414 54.55 -0.61 1.23
N ALA A 415 53.74 0.07 0.43
CA ALA A 415 52.97 -0.60 -0.60
C ALA A 415 52.75 0.33 -1.78
N ILE A 416 52.54 -0.29 -2.94
CA ILE A 416 52.13 0.40 -4.16
C ILE A 416 50.73 -0.08 -4.52
N VAL A 417 49.87 0.85 -4.93
CA VAL A 417 48.53 0.51 -5.39
C VAL A 417 48.32 1.12 -6.77
N VAL A 418 48.12 0.28 -7.78
CA VAL A 418 47.89 0.72 -9.15
C VAL A 418 46.38 0.80 -9.40
N LEU A 419 45.89 2.00 -9.73
CA LEU A 419 44.46 2.22 -9.92
C LEU A 419 44.09 2.70 -11.31
N THR A 420 45.04 3.20 -12.10
CA THR A 420 44.75 3.65 -13.46
C THR A 420 45.83 3.08 -14.39
N GLU A 421 45.40 2.59 -15.55
CA GLU A 421 46.26 1.81 -16.44
C GLU A 421 47.18 2.65 -17.33
N TRP A 422 47.76 3.73 -16.79
CA TRP A 422 48.69 4.54 -17.56
C TRP A 422 49.85 3.70 -18.07
N ASP A 423 50.17 3.85 -19.36
CA ASP A 423 51.27 3.09 -19.94
C ASP A 423 52.59 3.39 -19.24
N GLU A 424 52.73 4.61 -18.71
CA GLU A 424 53.96 4.97 -18.02
C GLU A 424 54.24 4.05 -16.84
N PHE A 425 53.18 3.54 -16.19
CA PHE A 425 53.36 2.69 -15.03
C PHE A 425 53.97 1.33 -15.38
N VAL A 426 53.82 0.88 -16.62
CA VAL A 426 54.46 -0.36 -17.05
C VAL A 426 55.98 -0.18 -17.10
N GLU A 427 56.43 0.84 -17.80
CA GLU A 427 57.84 1.11 -18.06
C GLU A 427 58.60 1.64 -16.84
N LEU A 428 58.11 1.64 -15.61
CA LEU A 428 58.91 2.13 -14.50
C LEU A 428 59.98 1.09 -14.11
N ASN A 429 61.01 1.58 -13.42
CA ASN A 429 62.10 0.74 -12.92
C ASN A 429 61.67 0.16 -11.57
N TYR A 430 61.02 -1.01 -11.60
CA TYR A 430 60.51 -1.59 -10.38
C TYR A 430 61.60 -2.28 -9.56
N SER A 431 62.76 -2.55 -10.18
CA SER A 431 63.89 -3.03 -9.41
C SER A 431 64.43 -1.93 -8.49
N GLN A 432 64.66 -0.74 -9.06
CA GLN A 432 65.09 0.40 -8.25
C GLN A 432 64.02 0.81 -7.25
N ILE A 433 62.75 0.75 -7.66
CA ILE A 433 61.66 1.09 -6.74
C ILE A 433 61.69 0.17 -5.53
N HIS A 434 61.92 -1.13 -5.76
CA HIS A 434 61.96 -2.07 -4.65
C HIS A 434 63.10 -1.76 -3.67
N ASN A 435 64.24 -1.27 -4.17
CA ASN A 435 65.33 -0.94 -3.25
C ASN A 435 64.96 0.21 -2.32
N ASP A 436 64.16 1.15 -2.79
CA ASP A 436 63.90 2.37 -2.05
C ASP A 436 62.60 2.31 -1.23
N MET A 437 61.90 1.19 -1.25
CA MET A 437 60.72 1.01 -0.42
C MET A 437 61.07 0.40 0.93
N GLN A 438 60.11 0.43 1.84
CA GLN A 438 60.23 -0.33 3.08
C GLN A 438 60.16 -1.82 2.77
N HIS A 439 60.77 -2.62 3.63
CA HIS A 439 60.80 -4.04 3.40
C HIS A 439 60.13 -4.78 4.56
N PRO A 440 59.24 -5.75 4.28
CA PRO A 440 58.87 -6.19 2.93
C PRO A 440 57.97 -5.20 2.18
N ALA A 441 58.13 -5.14 0.87
CA ALA A 441 57.38 -4.21 0.01
C ALA A 441 56.27 -4.95 -0.71
N ALA A 442 55.07 -4.37 -0.70
CA ALA A 442 53.91 -4.95 -1.35
C ALA A 442 53.46 -4.07 -2.50
N ILE A 443 52.81 -4.68 -3.49
CA ILE A 443 52.27 -3.97 -4.64
C ILE A 443 50.95 -4.62 -5.04
N PHE A 444 49.95 -3.79 -5.30
CA PHE A 444 48.59 -4.25 -5.59
C PHE A 444 48.18 -3.68 -6.94
N ASP A 445 47.98 -4.56 -7.92
CA ASP A 445 47.69 -4.17 -9.30
C ASP A 445 46.17 -4.24 -9.50
N GLY A 446 45.52 -3.09 -9.49
CA GLY A 446 44.10 -3.02 -9.76
C GLY A 446 43.74 -2.86 -11.22
N ARG A 447 44.72 -2.92 -12.11
CA ARG A 447 44.48 -2.74 -13.53
C ARG A 447 45.12 -3.83 -14.39
N LEU A 448 45.87 -4.76 -13.79
CA LEU A 448 46.39 -5.93 -14.49
C LEU A 448 47.31 -5.53 -15.65
N ILE A 449 48.17 -4.54 -15.42
CA ILE A 449 49.12 -4.11 -16.45
C ILE A 449 50.55 -4.55 -16.16
N LEU A 450 50.84 -5.03 -14.95
CA LEU A 450 52.20 -5.38 -14.56
C LEU A 450 52.45 -6.88 -14.67
N ASP A 451 53.73 -7.22 -14.81
CA ASP A 451 54.17 -8.61 -14.91
C ASP A 451 54.30 -9.16 -13.48
N GLN A 452 53.35 -10.02 -13.08
CA GLN A 452 53.38 -10.56 -11.73
C GLN A 452 54.62 -11.40 -11.47
N LYS A 453 55.00 -12.25 -12.43
CA LYS A 453 56.16 -13.10 -12.23
C LYS A 453 57.44 -12.28 -12.06
N ALA A 454 57.58 -11.21 -12.84
CA ALA A 454 58.77 -10.37 -12.73
C ALA A 454 58.82 -9.64 -11.39
N LEU A 455 57.67 -9.13 -10.92
CA LEU A 455 57.66 -8.47 -9.62
C LEU A 455 58.03 -9.41 -8.50
N ARG A 456 57.59 -10.66 -8.60
CA ARG A 456 57.92 -11.65 -7.60
C ARG A 456 59.40 -11.91 -7.56
N GLU A 457 60.00 -12.02 -8.73
CA GLU A 457 61.44 -12.27 -8.78
C GLU A 457 62.23 -11.07 -8.27
N ILE A 458 61.66 -9.87 -8.38
CA ILE A 458 62.29 -8.70 -7.78
C ILE A 458 62.21 -8.74 -6.27
N GLY A 459 61.18 -9.38 -5.71
CA GLY A 459 61.09 -9.51 -4.27
C GLY A 459 59.85 -8.89 -3.66
N PHE A 460 58.92 -8.47 -4.51
CA PHE A 460 57.65 -7.92 -4.03
C PHE A 460 56.75 -9.00 -3.47
N ARG A 461 55.97 -8.63 -2.46
CA ARG A 461 54.71 -9.33 -2.19
C ARG A 461 53.70 -8.72 -3.15
N THR A 462 53.40 -9.41 -4.24
CA THR A 462 52.65 -8.82 -5.34
C THR A 462 51.27 -9.45 -5.45
N PHE A 463 50.28 -8.61 -5.75
CA PHE A 463 48.89 -9.02 -5.86
C PHE A 463 48.25 -8.35 -7.06
N ALA A 464 47.24 -9.02 -7.63
CA ALA A 464 46.55 -8.48 -8.79
C ALA A 464 45.13 -9.00 -8.81
N ILE A 465 44.18 -8.14 -9.23
CA ILE A 465 42.79 -8.57 -9.38
C ILE A 465 42.73 -9.71 -10.38
N GLY A 466 42.01 -10.77 -10.02
CA GLY A 466 41.86 -11.90 -10.90
C GLY A 466 42.99 -12.91 -10.85
N THR A 467 43.97 -12.71 -9.97
CA THR A 467 45.04 -13.67 -9.73
C THR A 467 44.95 -14.16 -8.28
N SER A 468 45.01 -15.47 -8.09
CA SER A 468 44.98 -16.03 -6.74
C SER A 468 46.15 -15.49 -5.92
N PRO A 469 45.87 -15.02 -4.73
CA PRO A 469 46.89 -14.44 -3.89
C PRO A 469 47.85 -15.42 -3.33
N ASP A 470 48.14 -16.48 -4.06
CA ASP A 470 49.09 -17.47 -3.59
C ASP A 470 49.10 -18.70 -4.48
N LYS B 8 50.46 -40.88 -31.99
CA LYS B 8 49.38 -40.50 -32.90
C LYS B 8 48.10 -41.30 -32.72
N VAL B 9 46.98 -40.61 -32.61
CA VAL B 9 45.69 -41.26 -32.45
C VAL B 9 45.19 -41.71 -33.81
N SER B 10 44.79 -42.98 -33.91
CA SER B 10 44.12 -43.47 -35.11
C SER B 10 42.80 -44.14 -34.82
N LYS B 11 42.46 -44.38 -33.57
CA LYS B 11 41.21 -45.03 -33.20
C LYS B 11 40.54 -44.19 -32.11
N VAL B 12 39.42 -43.59 -32.45
CA VAL B 12 38.68 -42.70 -31.54
C VAL B 12 37.37 -43.37 -31.16
N VAL B 13 37.04 -43.31 -29.88
CA VAL B 13 35.75 -43.75 -29.38
C VAL B 13 35.12 -42.60 -28.62
N CYS B 14 33.79 -42.50 -28.72
CA CYS B 14 33.03 -41.55 -27.94
C CYS B 14 31.90 -42.31 -27.26
N VAL B 15 31.86 -42.22 -25.93
CA VAL B 15 30.77 -42.79 -25.15
C VAL B 15 29.72 -41.69 -25.03
N GLY B 16 28.58 -41.90 -25.66
CA GLY B 16 27.53 -40.89 -25.71
C GLY B 16 27.21 -40.50 -27.14
N ALA B 17 26.08 -40.99 -27.65
CA ALA B 17 25.70 -40.73 -29.03
C ALA B 17 24.55 -39.73 -29.09
N GLY B 18 24.69 -38.61 -28.40
CA GLY B 18 23.67 -37.58 -28.36
C GLY B 18 23.99 -36.41 -29.26
N TYR B 19 23.42 -35.25 -28.91
CA TYR B 19 23.61 -34.04 -29.69
C TYR B 19 25.06 -33.57 -29.71
N VAL B 20 25.86 -33.96 -28.71
CA VAL B 20 27.27 -33.59 -28.67
C VAL B 20 28.10 -34.69 -29.33
N GLY B 21 27.98 -35.91 -28.83
CA GLY B 21 28.88 -36.97 -29.26
C GLY B 21 28.72 -37.33 -30.72
N GLY B 22 27.48 -37.47 -31.17
CA GLY B 22 27.19 -37.84 -32.54
C GLY B 22 27.78 -36.89 -33.57
N PRO B 23 27.32 -35.64 -33.58
CA PRO B 23 27.85 -34.68 -34.57
C PRO B 23 29.36 -34.51 -34.50
N THR B 24 29.92 -34.45 -33.29
CA THR B 24 31.36 -34.25 -33.14
C THR B 24 32.14 -35.37 -33.82
N CYS B 25 31.71 -36.61 -33.60
CA CYS B 25 32.38 -37.75 -34.20
C CYS B 25 32.20 -37.77 -35.71
N ALA B 26 31.02 -37.35 -36.19
CA ALA B 26 30.80 -37.26 -37.63
C ALA B 26 31.80 -36.32 -38.28
N MET B 27 32.05 -35.18 -37.66
CA MET B 27 32.97 -34.20 -38.23
C MET B 27 34.41 -34.71 -38.19
N ILE B 28 34.78 -35.41 -37.11
CA ILE B 28 36.12 -35.98 -37.02
C ILE B 28 36.36 -36.96 -38.17
N ALA B 29 35.42 -37.89 -38.37
CA ALA B 29 35.56 -38.84 -39.47
C ALA B 29 35.56 -38.13 -40.82
N HIS B 30 34.73 -37.10 -40.96
CA HIS B 30 34.60 -36.41 -42.23
C HIS B 30 35.90 -35.70 -42.62
N LYS B 31 36.68 -35.28 -41.62
CA LYS B 31 37.89 -34.50 -41.87
C LYS B 31 39.18 -35.29 -41.66
N CYS B 32 39.11 -36.50 -41.11
CA CYS B 32 40.30 -37.30 -40.78
C CYS B 32 40.17 -38.68 -41.41
N PRO B 33 40.54 -38.82 -42.69
CA PRO B 33 40.35 -40.11 -43.37
C PRO B 33 41.08 -41.27 -42.71
N HIS B 34 42.19 -41.02 -42.04
CA HIS B 34 43.01 -42.08 -41.48
C HIS B 34 42.65 -42.45 -40.03
N ILE B 35 41.59 -41.86 -39.47
CA ILE B 35 41.15 -42.13 -38.10
C ILE B 35 39.86 -42.94 -38.14
N THR B 36 39.81 -44.00 -37.35
CA THR B 36 38.59 -44.76 -37.14
C THR B 36 37.87 -44.23 -35.90
N VAL B 37 36.61 -43.83 -36.06
CA VAL B 37 35.82 -43.25 -34.98
C VAL B 37 34.62 -44.17 -34.72
N THR B 38 34.51 -44.63 -33.48
CA THR B 38 33.39 -45.48 -33.08
C THR B 38 32.58 -44.77 -31.99
N VAL B 39 31.29 -44.61 -32.22
CA VAL B 39 30.39 -43.97 -31.26
C VAL B 39 29.60 -45.04 -30.55
N VAL B 40 29.60 -45.01 -29.23
CA VAL B 40 28.91 -46.00 -28.43
C VAL B 40 27.94 -45.28 -27.51
N ASP B 41 26.98 -46.04 -26.98
CA ASP B 41 25.93 -45.50 -26.16
C ASP B 41 25.29 -46.64 -25.38
N MET B 42 24.84 -46.35 -24.16
CA MET B 42 24.14 -47.37 -23.38
C MET B 42 22.82 -47.77 -24.04
N ASN B 43 22.23 -46.87 -24.82
CA ASN B 43 20.92 -47.10 -25.44
C ASN B 43 21.16 -47.83 -26.75
N THR B 44 20.90 -49.14 -26.76
CA THR B 44 21.08 -49.92 -27.98
C THR B 44 20.05 -49.53 -29.02
N ALA B 45 18.85 -49.13 -28.58
CA ALA B 45 17.84 -48.65 -29.52
C ALA B 45 18.28 -47.36 -30.20
N LYS B 46 18.96 -46.48 -29.47
CA LYS B 46 19.46 -45.25 -30.08
C LYS B 46 20.56 -45.55 -31.10
N ILE B 47 21.42 -46.53 -30.79
CA ILE B 47 22.47 -46.94 -31.72
C ILE B 47 21.87 -47.49 -33.01
N ALA B 48 20.77 -48.25 -32.90
CA ALA B 48 20.12 -48.77 -34.10
C ALA B 48 19.63 -47.65 -35.00
N GLU B 49 19.15 -46.55 -34.42
CA GLU B 49 18.69 -45.43 -35.23
C GLU B 49 19.86 -44.77 -35.95
N TRP B 50 21.02 -44.65 -35.28
CA TRP B 50 22.20 -44.13 -35.95
C TRP B 50 22.61 -45.01 -37.13
N ASN B 51 22.30 -46.31 -37.06
CA ASN B 51 22.62 -47.26 -38.12
C ASN B 51 21.48 -47.42 -39.12
N SER B 52 20.38 -46.68 -38.95
CA SER B 52 19.25 -46.74 -39.86
C SER B 52 19.21 -45.45 -40.67
N ASP B 53 18.32 -45.40 -41.67
CA ASP B 53 18.22 -44.23 -42.52
C ASP B 53 17.54 -43.01 -41.91
N LYS B 54 17.08 -43.10 -40.66
CA LYS B 54 16.50 -41.98 -39.93
C LYS B 54 17.34 -41.78 -38.67
N LEU B 55 18.25 -40.81 -38.73
CA LEU B 55 19.14 -40.56 -37.60
C LEU B 55 18.34 -40.07 -36.40
N PRO B 56 18.79 -40.36 -35.18
CA PRO B 56 17.97 -40.05 -33.99
C PRO B 56 17.86 -38.56 -33.69
N ILE B 57 18.61 -37.69 -34.34
CA ILE B 57 18.47 -36.25 -34.18
C ILE B 57 18.46 -35.62 -35.57
N TYR B 58 17.88 -34.42 -35.64
CA TYR B 58 17.89 -33.63 -36.86
C TYR B 58 18.86 -32.47 -36.70
N GLU B 59 19.88 -32.42 -37.54
CA GLU B 59 20.80 -31.33 -37.58
C GLU B 59 21.02 -31.12 -39.07
N PRO B 60 20.88 -29.90 -39.56
CA PRO B 60 21.12 -29.65 -41.00
C PRO B 60 22.51 -30.10 -41.42
N GLY B 61 22.56 -30.89 -42.50
CA GLY B 61 23.80 -31.39 -43.04
C GLY B 61 24.34 -32.64 -42.37
N LEU B 62 23.78 -33.02 -41.23
CA LEU B 62 24.24 -34.19 -40.52
C LEU B 62 23.99 -35.48 -41.27
N ASP B 63 22.84 -35.56 -41.91
CA ASP B 63 22.49 -36.73 -42.64
C ASP B 63 23.46 -37.03 -43.76
N GLU B 64 23.91 -36.01 -44.48
CA GLU B 64 24.83 -36.27 -45.54
C GLU B 64 26.13 -36.83 -45.06
N ILE B 65 26.67 -36.23 -44.02
CA ILE B 65 27.94 -36.67 -43.49
C ILE B 65 27.98 -38.03 -42.84
N VAL B 66 27.01 -38.39 -42.03
CA VAL B 66 27.02 -39.71 -41.41
C VAL B 66 26.86 -40.75 -42.49
N PHE B 67 25.94 -40.47 -43.38
CA PHE B 67 25.62 -41.36 -44.44
C PHE B 67 26.84 -41.50 -45.30
N ALA B 68 27.55 -40.41 -45.47
CA ALA B 68 28.72 -40.45 -46.27
C ALA B 68 29.71 -41.44 -45.68
N ALA B 69 29.82 -41.51 -44.35
CA ALA B 69 30.75 -42.44 -43.74
C ALA B 69 30.21 -43.58 -42.91
N ARG B 70 28.93 -43.59 -42.57
CA ARG B 70 28.40 -44.69 -41.76
C ARG B 70 28.75 -46.03 -42.41
N GLY B 71 29.76 -46.67 -41.84
CA GLY B 71 30.20 -47.95 -42.32
C GLY B 71 31.62 -47.99 -42.84
N ARG B 72 32.20 -46.83 -43.07
CA ARG B 72 33.53 -46.77 -43.61
C ARG B 72 34.60 -46.55 -42.58
N ASN B 73 34.48 -45.50 -41.80
CA ASN B 73 35.43 -45.21 -40.74
C ASN B 73 34.74 -44.64 -39.53
N LEU B 74 33.42 -44.65 -39.57
CA LEU B 74 32.64 -44.15 -38.50
C LEU B 74 31.67 -45.23 -38.27
N PHE B 75 31.49 -45.65 -37.03
CA PHE B 75 30.55 -46.71 -36.76
C PHE B 75 29.80 -46.45 -35.49
N PHE B 76 28.66 -47.09 -35.37
CA PHE B 76 27.85 -46.95 -34.23
C PHE B 76 27.68 -48.34 -33.76
N SER B 77 28.19 -48.60 -32.58
CA SER B 77 28.20 -49.94 -31.99
C SER B 77 27.52 -49.90 -30.62
N SER B 78 27.05 -51.06 -30.19
CA SER B 78 26.55 -51.26 -28.84
C SER B 78 27.48 -52.10 -27.98
N ASP B 79 28.61 -52.54 -28.53
CA ASP B 79 29.61 -53.34 -27.80
C ASP B 79 30.58 -52.36 -27.15
N ILE B 80 30.23 -51.87 -25.96
CA ILE B 80 31.04 -50.87 -25.29
C ILE B 80 32.43 -51.41 -24.90
N PRO B 81 32.54 -52.59 -24.28
CA PRO B 81 33.89 -53.05 -23.88
C PRO B 81 34.87 -53.22 -25.02
N LYS B 82 34.45 -53.82 -26.13
CA LYS B 82 35.37 -54.01 -27.25
C LYS B 82 35.79 -52.67 -27.85
N ALA B 83 34.87 -51.70 -27.91
CA ALA B 83 35.23 -50.40 -28.44
C ALA B 83 36.24 -49.70 -27.54
N ILE B 84 36.06 -49.80 -26.21
CA ILE B 84 36.97 -49.15 -25.27
C ILE B 84 38.35 -49.78 -25.33
N ALA B 85 38.43 -51.12 -25.39
CA ALA B 85 39.73 -51.79 -25.34
C ALA B 85 40.57 -51.47 -26.56
N GLU B 86 39.93 -51.25 -27.70
CA GLU B 86 40.64 -51.02 -28.95
C GLU B 86 40.92 -49.55 -29.21
N ALA B 87 40.43 -48.65 -28.36
CA ALA B 87 40.53 -47.22 -28.61
C ALA B 87 41.91 -46.68 -28.26
N ASP B 88 42.32 -45.63 -28.98
CA ASP B 88 43.45 -44.80 -28.59
C ASP B 88 43.02 -43.62 -27.74
N LEU B 89 41.89 -42.99 -28.10
CA LEU B 89 41.37 -41.81 -27.43
C LEU B 89 39.87 -42.00 -27.25
N ILE B 90 39.36 -41.63 -26.08
CA ILE B 90 37.98 -41.89 -25.72
C ILE B 90 37.33 -40.58 -25.29
N PHE B 91 36.34 -40.12 -26.05
CA PHE B 91 35.52 -39.01 -25.60
C PHE B 91 34.45 -39.51 -24.65
N ILE B 92 34.18 -38.71 -23.62
CA ILE B 92 33.01 -38.92 -22.75
C ILE B 92 32.07 -37.76 -22.98
N SER B 93 30.89 -38.04 -23.54
CA SER B 93 29.88 -37.02 -23.81
C SER B 93 28.52 -37.59 -23.42
N VAL B 94 28.32 -37.77 -22.11
CA VAL B 94 27.09 -38.35 -21.59
C VAL B 94 26.37 -37.29 -20.75
N ASN B 95 25.20 -37.64 -20.23
CA ASN B 95 24.42 -36.68 -19.46
C ASN B 95 25.03 -36.43 -18.09
N THR B 96 24.81 -35.23 -17.58
CA THR B 96 25.15 -34.84 -16.22
C THR B 96 23.91 -34.15 -15.77
N PRO B 97 22.84 -34.99 -15.55
CA PRO B 97 21.59 -34.32 -15.19
C PRO B 97 21.56 -33.59 -13.89
N THR B 98 20.79 -32.53 -13.86
CA THR B 98 20.66 -31.72 -12.71
C THR B 98 20.08 -32.50 -11.57
N LYS B 99 20.66 -32.30 -10.38
CA LYS B 99 20.18 -32.99 -9.18
C LYS B 99 18.82 -32.48 -8.75
N MET B 100 17.90 -33.41 -8.50
CA MET B 100 16.55 -33.06 -8.08
C MET B 100 16.38 -33.25 -6.58
N TYR B 101 17.49 -33.35 -5.87
CA TYR B 101 17.47 -33.53 -4.42
C TYR B 101 18.86 -33.41 -3.82
N GLY B 102 18.93 -33.32 -2.50
CA GLY B 102 20.19 -33.20 -1.80
C GLY B 102 20.88 -31.89 -2.09
N ARG B 103 22.18 -31.82 -1.81
CA ARG B 103 22.96 -30.61 -2.04
C ARG B 103 22.78 -30.10 -3.46
N GLY B 104 22.82 -28.78 -3.62
CA GLY B 104 22.66 -28.16 -4.92
C GLY B 104 21.52 -28.78 -5.72
N LYS B 105 20.38 -28.95 -5.07
CA LYS B 105 19.21 -29.53 -5.72
C LYS B 105 18.60 -28.56 -6.73
N GLY B 106 18.68 -28.92 -8.01
CA GLY B 106 18.13 -28.10 -9.06
C GLY B 106 19.12 -27.06 -9.56
N MET B 107 20.38 -27.20 -9.14
CA MET B 107 21.43 -26.28 -9.53
C MET B 107 22.70 -26.95 -10.01
N ALA B 108 23.17 -28.03 -9.31
CA ALA B 108 24.42 -28.73 -9.60
C ALA B 108 24.18 -29.96 -10.46
N PRO B 109 25.13 -30.32 -11.33
CA PRO B 109 24.97 -31.51 -12.15
C PRO B 109 25.26 -32.77 -11.35
N ASP B 110 24.59 -33.85 -11.73
CA ASP B 110 24.83 -35.15 -11.14
C ASP B 110 25.82 -35.88 -12.02
N LEU B 111 27.00 -36.17 -11.47
CA LEU B 111 28.08 -36.78 -12.23
C LEU B 111 28.04 -38.29 -12.19
N LYS B 112 26.89 -38.87 -11.83
CA LYS B 112 26.80 -40.31 -11.65
C LYS B 112 27.13 -41.06 -12.94
N TYR B 113 26.66 -40.56 -14.09
CA TYR B 113 26.92 -41.25 -15.34
C TYR B 113 28.38 -41.06 -15.77
N VAL B 114 28.92 -39.86 -15.57
CA VAL B 114 30.30 -39.61 -15.96
C VAL B 114 31.24 -40.53 -15.18
N GLU B 115 30.94 -40.71 -13.91
CA GLU B 115 31.73 -41.56 -13.06
C GLU B 115 31.68 -43.01 -13.43
N SER B 116 30.49 -43.49 -13.76
CA SER B 116 30.31 -44.88 -14.15
C SER B 116 31.06 -45.18 -15.43
N VAL B 117 31.03 -44.23 -16.37
CA VAL B 117 31.72 -44.37 -17.65
C VAL B 117 33.22 -44.49 -17.42
N SER B 118 33.74 -43.69 -16.50
CA SER B 118 35.17 -43.70 -16.18
C SER B 118 35.56 -45.07 -15.64
N ARG B 119 34.71 -45.63 -14.79
CA ARG B 119 34.96 -46.94 -14.20
C ARG B 119 35.01 -47.99 -15.29
N THR B 120 34.10 -47.89 -16.26
CA THR B 120 34.05 -48.84 -17.37
C THR B 120 35.33 -48.78 -18.19
N ILE B 121 35.83 -47.56 -18.40
CA ILE B 121 37.06 -47.35 -19.15
C ILE B 121 38.23 -48.00 -18.42
N ALA B 122 38.24 -47.86 -17.10
CA ALA B 122 39.26 -48.43 -16.29
C ALA B 122 39.23 -49.93 -16.36
N GLN B 123 38.05 -50.48 -16.44
CA GLN B 123 37.88 -51.93 -16.46
C GLN B 123 38.35 -52.53 -17.79
N TYR B 124 38.12 -51.82 -18.90
CA TYR B 124 38.33 -52.38 -20.22
C TYR B 124 39.40 -51.69 -21.05
N ALA B 125 40.10 -50.69 -20.50
CA ALA B 125 41.14 -50.03 -21.29
C ALA B 125 42.21 -51.02 -21.73
N GLY B 126 42.76 -51.78 -20.77
CA GLY B 126 43.79 -52.76 -21.07
C GLY B 126 45.08 -52.19 -21.60
N GLY B 127 45.30 -50.89 -21.43
CA GLY B 127 46.47 -50.21 -21.95
C GLY B 127 46.33 -48.71 -21.84
N PRO B 128 47.39 -47.98 -22.15
CA PRO B 128 47.34 -46.52 -22.03
C PRO B 128 46.29 -45.92 -22.97
N LYS B 129 45.58 -44.92 -22.45
CA LYS B 129 44.52 -44.24 -23.19
C LYS B 129 44.54 -42.76 -22.88
N ILE B 130 44.16 -41.95 -23.86
CA ILE B 130 43.81 -40.54 -23.63
C ILE B 130 42.30 -40.44 -23.48
N VAL B 131 41.85 -39.88 -22.35
CA VAL B 131 40.44 -39.74 -22.07
C VAL B 131 40.11 -38.25 -22.05
N VAL B 132 39.12 -37.85 -22.84
CA VAL B 132 38.79 -36.45 -23.07
C VAL B 132 37.32 -36.25 -22.73
N GLU B 133 37.05 -35.41 -21.76
CA GLU B 133 35.68 -35.09 -21.36
C GLU B 133 35.18 -33.94 -22.25
N LYS B 134 34.09 -34.17 -22.95
CA LYS B 134 33.58 -33.21 -23.93
C LYS B 134 32.09 -32.98 -23.70
N SER B 135 31.75 -31.79 -23.21
CA SER B 135 30.36 -31.38 -23.01
C SER B 135 30.26 -29.89 -23.22
N THR B 136 29.02 -29.39 -23.19
CA THR B 136 28.78 -27.96 -23.33
C THR B 136 28.74 -27.21 -21.99
N VAL B 137 28.46 -27.91 -20.90
CA VAL B 137 28.52 -27.36 -19.54
C VAL B 137 29.43 -28.21 -18.66
N PRO B 138 30.74 -28.12 -18.81
CA PRO B 138 31.63 -28.89 -17.93
C PRO B 138 31.88 -28.14 -16.63
N VAL B 139 31.57 -28.79 -15.51
CA VAL B 139 31.92 -28.24 -14.21
C VAL B 139 32.35 -29.40 -13.32
N LYS B 140 33.65 -29.53 -13.10
CA LYS B 140 34.28 -30.57 -12.28
C LYS B 140 34.07 -31.98 -12.83
N ALA B 141 33.57 -32.13 -14.06
CA ALA B 141 33.41 -33.47 -14.64
C ALA B 141 34.76 -34.11 -14.93
N ALA B 142 35.70 -33.32 -15.47
CA ALA B 142 37.02 -33.87 -15.79
C ALA B 142 37.80 -34.24 -14.53
N GLU B 143 37.59 -33.51 -13.44
CA GLU B 143 38.29 -33.88 -12.20
C GLU B 143 37.79 -35.21 -11.65
N SER B 144 36.49 -35.52 -11.79
CA SER B 144 35.99 -36.79 -11.29
C SER B 144 36.50 -37.94 -12.16
N ILE B 145 36.62 -37.72 -13.48
CA ILE B 145 37.22 -38.72 -14.35
C ILE B 145 38.66 -38.99 -13.92
N GLY B 146 39.44 -37.93 -13.73
CA GLY B 146 40.83 -38.09 -13.33
C GLY B 146 40.97 -38.72 -11.96
N CYS B 147 40.07 -38.39 -11.03
CA CYS B 147 40.15 -38.99 -9.70
C CYS B 147 40.04 -40.50 -9.78
N ILE B 148 39.11 -41.01 -10.60
CA ILE B 148 38.93 -42.45 -10.74
C ILE B 148 40.09 -43.06 -11.54
N LEU B 149 40.47 -42.42 -12.66
CA LEU B 149 41.46 -43.02 -13.53
C LEU B 149 42.87 -42.92 -12.98
N ARG B 150 43.16 -41.87 -12.20
CA ARG B 150 44.45 -41.79 -11.55
C ARG B 150 44.61 -42.90 -10.52
N GLU B 151 43.52 -43.26 -9.88
CA GLU B 151 43.52 -44.36 -8.96
C GLU B 151 43.75 -45.67 -9.70
N ALA B 152 43.13 -45.79 -10.84
CA ALA B 152 43.25 -46.99 -11.63
C ALA B 152 44.67 -47.24 -12.05
N GLN B 153 45.35 -46.19 -12.46
CA GLN B 153 46.70 -46.28 -12.89
C GLN B 153 47.57 -46.73 -11.74
N LYS B 154 47.28 -46.23 -10.56
CA LYS B 154 48.05 -46.57 -9.40
C LYS B 154 47.96 -48.03 -9.11
N ASN B 155 46.76 -48.56 -9.19
CA ASN B 155 46.57 -49.96 -8.93
C ASN B 155 47.14 -50.90 -9.96
N ASN B 156 46.98 -50.59 -11.22
CA ASN B 156 47.54 -51.36 -12.28
C ASN B 156 48.29 -50.33 -13.06
N GLU B 157 49.59 -50.30 -12.86
CA GLU B 157 50.41 -49.29 -13.49
C GLU B 157 50.49 -49.40 -14.98
N ASN B 158 50.04 -50.51 -15.53
CA ASN B 158 50.05 -50.66 -16.96
C ASN B 158 49.20 -49.57 -17.56
N LEU B 159 48.09 -49.26 -16.89
CA LEU B 159 47.17 -48.26 -17.41
C LEU B 159 47.64 -46.88 -17.15
N LYS B 160 48.14 -46.26 -18.20
CA LYS B 160 48.63 -44.90 -18.11
C LYS B 160 47.55 -43.99 -18.70
N PHE B 161 46.88 -43.23 -17.83
CA PHE B 161 45.78 -42.38 -18.26
C PHE B 161 46.16 -40.90 -18.21
N GLN B 162 45.66 -40.15 -19.19
CA GLN B 162 45.72 -38.69 -19.19
C GLN B 162 44.34 -38.16 -19.53
N VAL B 163 43.76 -37.36 -18.61
CA VAL B 163 42.42 -36.83 -18.76
C VAL B 163 42.52 -35.40 -19.25
N LEU B 164 41.76 -35.07 -20.30
CA LEU B 164 41.71 -33.73 -20.86
C LEU B 164 40.30 -33.17 -20.80
N SER B 165 40.19 -31.84 -20.75
CA SER B 165 38.92 -31.15 -20.87
C SER B 165 38.87 -30.49 -22.25
N ASN B 166 37.85 -30.84 -23.02
CA ASN B 166 37.67 -30.31 -24.37
C ASN B 166 36.20 -29.95 -24.56
N PRO B 167 35.78 -28.81 -24.04
CA PRO B 167 34.37 -28.42 -24.17
C PRO B 167 33.97 -28.32 -25.64
N GLU B 168 32.70 -28.57 -25.90
CA GLU B 168 32.18 -28.46 -27.26
C GLU B 168 31.52 -27.09 -27.42
N PHE B 169 31.83 -26.42 -28.52
CA PHE B 169 31.39 -25.05 -28.77
C PHE B 169 30.25 -24.96 -29.78
N LEU B 170 29.84 -26.07 -30.40
CA LEU B 170 28.78 -26.03 -31.39
C LEU B 170 27.47 -25.53 -30.79
N ALA B 171 26.70 -24.84 -31.61
CA ALA B 171 25.32 -24.52 -31.30
C ALA B 171 24.41 -25.37 -32.19
N GLU B 172 23.37 -25.93 -31.59
CA GLU B 172 22.47 -26.78 -32.35
C GLU B 172 21.73 -25.99 -33.42
N GLY B 173 21.36 -26.67 -34.50
CA GLY B 173 20.79 -26.05 -35.68
C GLY B 173 21.82 -25.57 -36.67
N THR B 174 23.00 -25.22 -36.19
CA THR B 174 24.14 -24.81 -37.00
C THR B 174 25.36 -25.66 -36.66
N ALA B 175 25.13 -26.90 -36.20
CA ALA B 175 26.19 -27.72 -35.64
C ALA B 175 27.25 -28.09 -36.66
N MET B 176 26.84 -28.46 -37.88
CA MET B 176 27.81 -28.91 -38.88
C MET B 176 28.70 -27.75 -39.34
N LYS B 177 28.13 -26.57 -39.49
CA LYS B 177 28.94 -25.40 -39.82
C LYS B 177 29.86 -25.01 -38.66
N ASP B 178 29.37 -25.09 -37.42
CA ASP B 178 30.20 -24.74 -36.27
C ASP B 178 31.34 -25.73 -36.07
N LEU B 179 31.06 -27.02 -36.24
CA LEU B 179 32.12 -28.01 -36.07
C LEU B 179 33.18 -27.92 -37.15
N ALA B 180 32.79 -27.47 -38.36
CA ALA B 180 33.74 -27.36 -39.45
C ALA B 180 34.60 -26.11 -39.35
N ASN B 181 34.05 -25.02 -38.81
CA ASN B 181 34.77 -23.74 -38.70
C ASN B 181 34.51 -23.10 -37.34
N PRO B 182 35.02 -23.68 -36.27
CA PRO B 182 34.77 -23.12 -34.94
C PRO B 182 35.50 -21.82 -34.68
N ASP B 183 34.88 -20.93 -33.89
CA ASP B 183 35.55 -19.72 -33.42
C ASP B 183 36.71 -20.05 -32.50
N ARG B 184 36.60 -21.14 -31.73
CA ARG B 184 37.64 -21.55 -30.81
C ARG B 184 37.48 -23.03 -30.47
N VAL B 185 38.61 -23.67 -30.24
CA VAL B 185 38.69 -25.02 -29.70
C VAL B 185 39.45 -24.90 -28.38
N LEU B 186 38.82 -25.34 -27.30
CA LEU B 186 39.34 -25.13 -25.95
C LEU B 186 39.79 -26.47 -25.40
N ILE B 187 41.06 -26.57 -25.03
CA ILE B 187 41.63 -27.81 -24.52
C ILE B 187 42.39 -27.52 -23.23
N GLY B 188 42.07 -28.27 -22.18
CA GLY B 188 42.74 -28.14 -20.91
C GLY B 188 43.42 -29.45 -20.53
N GLY B 189 44.58 -29.34 -19.91
CA GLY B 189 45.27 -30.55 -19.50
C GLY B 189 46.26 -30.29 -18.39
N GLU B 190 46.75 -31.39 -17.84
CA GLU B 190 47.71 -31.34 -16.74
C GLU B 190 49.03 -30.77 -17.23
N SER B 191 49.69 -30.01 -16.36
CA SER B 191 50.95 -29.36 -16.72
C SER B 191 52.10 -30.30 -16.33
N SER B 192 52.38 -31.22 -17.23
CA SER B 192 53.42 -32.22 -17.04
C SER B 192 53.83 -32.72 -18.41
N PRO B 193 54.98 -33.41 -18.51
CA PRO B 193 55.36 -33.98 -19.81
C PRO B 193 54.24 -34.80 -20.44
N GLU B 194 53.70 -35.77 -19.70
CA GLU B 194 52.64 -36.60 -20.25
C GLU B 194 51.38 -35.79 -20.52
N GLY B 195 51.09 -34.81 -19.66
CA GLY B 195 49.92 -33.96 -19.88
C GLY B 195 50.03 -33.12 -21.14
N LEU B 196 51.19 -32.50 -21.36
CA LEU B 196 51.36 -31.67 -22.56
C LEU B 196 51.36 -32.51 -23.83
N GLN B 197 51.94 -33.71 -23.77
CA GLN B 197 51.92 -34.59 -24.94
C GLN B 197 50.50 -35.02 -25.28
N ALA B 198 49.70 -35.32 -24.25
CA ALA B 198 48.31 -35.73 -24.51
C ALA B 198 47.54 -34.59 -25.17
N VAL B 199 47.76 -33.35 -24.72
CA VAL B 199 47.16 -32.22 -25.40
C VAL B 199 47.69 -32.10 -26.83
N ALA B 200 49.00 -32.34 -27.02
CA ALA B 200 49.60 -32.20 -28.34
C ALA B 200 48.96 -33.15 -29.35
N GLU B 201 48.61 -34.35 -28.92
CA GLU B 201 47.95 -35.28 -29.84
C GLU B 201 46.50 -34.93 -30.11
N LEU B 202 45.79 -34.33 -29.15
CA LEU B 202 44.43 -33.87 -29.43
C LEU B 202 44.46 -32.61 -30.30
N VAL B 203 45.41 -31.71 -30.03
CA VAL B 203 45.60 -30.57 -30.92
C VAL B 203 45.90 -31.05 -32.32
N ARG B 204 46.68 -32.13 -32.43
CA ARG B 204 47.04 -32.69 -33.72
C ARG B 204 45.81 -33.14 -34.51
N ILE B 205 44.82 -33.72 -33.83
CA ILE B 205 43.60 -34.15 -34.50
C ILE B 205 42.87 -32.97 -35.10
N TYR B 206 42.63 -31.93 -34.30
CA TYR B 206 41.85 -30.79 -34.77
C TYR B 206 42.57 -30.03 -35.88
N GLU B 207 43.90 -30.06 -35.89
CA GLU B 207 44.64 -29.31 -36.89
C GLU B 207 44.45 -29.85 -38.31
N ASN B 208 43.83 -31.01 -38.49
CA ASN B 208 43.50 -31.47 -39.83
C ASN B 208 42.51 -30.55 -40.52
N TRP B 209 41.75 -29.75 -39.76
CA TRP B 209 40.82 -28.83 -40.39
C TRP B 209 40.59 -27.54 -39.62
N VAL B 210 41.16 -27.36 -38.43
CA VAL B 210 41.00 -26.15 -37.63
C VAL B 210 42.34 -25.42 -37.59
N PRO B 211 42.38 -24.13 -37.90
CA PRO B 211 43.65 -23.39 -37.81
C PRO B 211 44.18 -23.34 -36.39
N ARG B 212 45.52 -23.27 -36.29
CA ARG B 212 46.17 -23.28 -34.98
C ARG B 212 45.74 -22.11 -34.11
N ASN B 213 45.57 -20.93 -34.71
CA ASN B 213 45.25 -19.70 -33.97
C ASN B 213 43.89 -19.70 -33.30
N ARG B 214 43.10 -20.74 -33.49
CA ARG B 214 41.80 -20.84 -32.84
C ARG B 214 41.76 -21.92 -31.79
N ILE B 215 42.90 -22.52 -31.53
CA ILE B 215 43.03 -23.58 -30.54
C ILE B 215 43.67 -22.97 -29.31
N ILE B 216 42.99 -23.07 -28.18
CA ILE B 216 43.48 -22.54 -26.92
C ILE B 216 43.86 -23.71 -26.04
N THR B 217 45.10 -23.72 -25.57
CA THR B 217 45.57 -24.74 -24.64
C THR B 217 45.82 -24.10 -23.29
N THR B 218 45.36 -24.75 -22.23
CA THR B 218 45.50 -24.23 -20.88
C THR B 218 45.40 -25.42 -19.92
N ASN B 219 45.30 -25.15 -18.63
CA ASN B 219 45.12 -26.25 -17.69
C ASN B 219 43.66 -26.68 -17.66
N THR B 220 43.41 -27.79 -16.95
CA THR B 220 42.09 -28.42 -16.99
C THR B 220 41.02 -27.49 -16.44
N TRP B 221 41.23 -26.93 -15.25
CA TRP B 221 40.18 -26.13 -14.64
C TRP B 221 39.92 -24.85 -15.43
N SER B 222 40.97 -24.22 -15.95
CA SER B 222 40.80 -23.02 -16.75
C SER B 222 39.93 -23.29 -17.98
N SER B 223 40.08 -24.47 -18.57
CA SER B 223 39.26 -24.83 -19.71
C SER B 223 37.78 -24.91 -19.34
N GLU B 224 37.46 -25.52 -18.19
CA GLU B 224 36.08 -25.68 -17.80
C GLU B 224 35.45 -24.36 -17.37
N LEU B 225 36.20 -23.55 -16.60
CA LEU B 225 35.66 -22.26 -16.16
C LEU B 225 35.43 -21.34 -17.34
N SER B 226 36.33 -21.36 -18.33
CA SER B 226 36.18 -20.51 -19.50
C SER B 226 34.90 -20.84 -20.25
N LYS B 227 34.60 -22.13 -20.42
CA LYS B 227 33.36 -22.53 -21.09
C LYS B 227 32.15 -22.11 -20.25
N LEU B 228 32.20 -22.36 -18.94
CA LEU B 228 31.12 -21.98 -18.05
C LEU B 228 30.84 -20.48 -18.11
N VAL B 229 31.89 -19.67 -18.18
CA VAL B 229 31.70 -18.22 -18.22
C VAL B 229 31.24 -17.76 -19.60
N ALA B 230 31.79 -18.36 -20.67
CA ALA B 230 31.40 -17.95 -22.02
C ALA B 230 29.91 -18.16 -22.27
N ASN B 231 29.38 -19.32 -21.88
CA ASN B 231 27.95 -19.57 -21.99
C ASN B 231 27.15 -18.52 -21.22
N ALA B 232 27.61 -18.17 -20.02
CA ALA B 232 26.88 -17.19 -19.22
C ALA B 232 26.88 -15.82 -19.89
N PHE B 233 27.99 -15.43 -20.50
CA PHE B 233 28.02 -14.17 -21.24
C PHE B 233 26.99 -14.17 -22.36
N LEU B 234 26.88 -15.28 -23.08
CA LEU B 234 25.89 -15.39 -24.15
C LEU B 234 24.47 -15.26 -23.59
N ALA B 235 24.16 -16.00 -22.52
CA ALA B 235 22.82 -15.94 -21.94
C ALA B 235 22.49 -14.54 -21.44
N GLN B 236 23.49 -13.84 -20.91
CA GLN B 236 23.26 -12.50 -20.37
C GLN B 236 22.88 -11.52 -21.46
N ARG B 237 23.47 -11.65 -22.64
CA ARG B 237 23.08 -10.78 -23.76
C ARG B 237 21.60 -10.91 -24.06
N ILE B 238 21.10 -12.14 -24.13
CA ILE B 238 19.69 -12.36 -24.42
C ILE B 238 18.83 -11.78 -23.32
N SER B 239 19.19 -12.05 -22.07
CA SER B 239 18.42 -11.49 -20.97
C SER B 239 18.50 -9.98 -20.93
N SER B 240 19.64 -9.41 -21.31
CA SER B 240 19.75 -7.95 -21.33
C SER B 240 18.80 -7.35 -22.37
N ILE B 241 18.78 -7.91 -23.58
CA ILE B 241 17.90 -7.38 -24.63
C ILE B 241 16.45 -7.68 -24.30
N ASN B 242 16.17 -8.81 -23.65
CA ASN B 242 14.78 -9.12 -23.32
C ASN B 242 14.25 -8.16 -22.27
N SER B 243 15.09 -7.77 -21.31
CA SER B 243 14.64 -6.80 -20.30
C SER B 243 14.33 -5.45 -20.94
N ILE B 244 15.12 -5.06 -21.94
CA ILE B 244 14.88 -3.78 -22.60
C ILE B 244 13.65 -3.85 -23.49
N SER B 245 13.31 -5.05 -23.99
CA SER B 245 12.11 -5.16 -24.81
C SER B 245 10.87 -4.76 -24.03
N ALA B 246 10.85 -4.99 -22.72
CA ALA B 246 9.71 -4.54 -21.92
C ALA B 246 9.70 -3.02 -21.83
N VAL B 247 10.88 -2.40 -21.77
CA VAL B 247 10.96 -0.95 -21.76
C VAL B 247 10.43 -0.37 -23.06
N CYS B 248 10.72 -1.04 -24.17
CA CYS B 248 10.21 -0.59 -25.47
C CYS B 248 8.69 -0.64 -25.50
N GLU B 249 8.11 -1.74 -25.02
CA GLU B 249 6.67 -1.88 -24.99
C GLU B 249 6.02 -0.78 -24.14
N ALA B 250 6.69 -0.38 -23.05
CA ALA B 250 6.12 0.59 -22.13
C ALA B 250 6.31 2.04 -22.59
N THR B 251 7.23 2.30 -23.52
CA THR B 251 7.54 3.67 -23.90
C THR B 251 7.42 3.93 -25.40
N GLY B 252 6.93 2.95 -26.17
CA GLY B 252 6.67 3.17 -27.58
C GLY B 252 7.85 3.08 -28.52
N ALA B 253 8.94 2.47 -28.08
CA ALA B 253 10.08 2.19 -28.95
C ALA B 253 9.98 0.76 -29.48
N GLU B 254 10.87 0.45 -30.42
CA GLU B 254 10.93 -0.86 -31.04
C GLU B 254 12.25 -1.50 -30.62
N ILE B 255 12.17 -2.71 -30.04
CA ILE B 255 13.40 -3.34 -29.60
C ILE B 255 14.30 -3.67 -30.78
N SER B 256 13.73 -3.91 -31.97
CA SER B 256 14.56 -4.16 -33.14
CA SER B 256 14.56 -4.16 -33.14
C SER B 256 15.42 -2.96 -33.49
N GLU B 257 14.88 -1.75 -33.35
CA GLU B 257 15.68 -0.56 -33.62
C GLU B 257 16.76 -0.36 -32.56
N VAL B 258 16.41 -0.55 -31.29
CA VAL B 258 17.39 -0.39 -30.21
C VAL B 258 18.54 -1.37 -30.39
N ALA B 259 18.23 -2.65 -30.64
CA ALA B 259 19.27 -3.65 -30.80
C ALA B 259 20.17 -3.31 -31.99
N HIS B 260 19.57 -2.84 -33.09
CA HIS B 260 20.34 -2.46 -34.27
C HIS B 260 21.33 -1.35 -33.94
N ALA B 261 20.88 -0.33 -33.21
CA ALA B 261 21.76 0.79 -32.85
C ALA B 261 22.84 0.35 -31.87
N VAL B 262 22.48 -0.50 -30.91
CA VAL B 262 23.45 -0.98 -29.94
C VAL B 262 24.54 -1.78 -30.63
N GLY B 263 24.17 -2.66 -31.56
CA GLY B 263 25.11 -3.58 -32.17
C GLY B 263 26.14 -2.93 -33.07
N TYR B 264 25.97 -1.67 -33.45
CA TYR B 264 26.97 -1.00 -34.27
C TYR B 264 28.24 -0.74 -33.49
N ASP B 265 28.20 -0.77 -32.16
CA ASP B 265 29.42 -0.62 -31.36
C ASP B 265 30.20 -1.93 -31.41
N THR B 266 31.38 -1.89 -32.04
CA THR B 266 32.20 -3.09 -32.14
C THR B 266 32.66 -3.58 -30.77
N ARG B 267 32.63 -2.71 -29.75
CA ARG B 267 32.92 -3.16 -28.39
C ARG B 267 31.81 -4.03 -27.83
N ILE B 268 30.60 -3.92 -28.36
CA ILE B 268 29.47 -4.74 -27.95
C ILE B 268 29.25 -5.93 -28.89
N GLY B 269 29.42 -5.71 -30.19
CA GLY B 269 29.08 -6.72 -31.17
C GLY B 269 27.60 -6.72 -31.48
N SER B 270 27.24 -7.12 -32.70
CA SER B 270 25.86 -7.05 -33.17
C SER B 270 25.14 -8.39 -33.10
N LYS B 271 25.83 -9.47 -32.73
CA LYS B 271 25.21 -10.78 -32.69
C LYS B 271 24.60 -11.05 -31.33
N PHE B 272 23.69 -12.03 -31.29
CA PHE B 272 23.05 -12.48 -30.05
C PHE B 272 22.33 -11.32 -29.35
N LEU B 273 21.64 -10.51 -30.15
CA LEU B 273 20.82 -9.42 -29.64
C LEU B 273 19.37 -9.55 -30.12
N GLN B 274 18.97 -10.75 -30.52
CA GLN B 274 17.61 -11.00 -30.99
C GLN B 274 16.74 -11.33 -29.78
N ALA B 275 15.80 -10.45 -29.49
CA ALA B 275 14.86 -10.68 -28.40
C ALA B 275 13.99 -11.90 -28.71
N SER B 276 13.42 -12.47 -27.66
CA SER B 276 12.66 -13.71 -27.79
C SER B 276 11.77 -13.89 -26.56
N VAL B 277 10.86 -14.87 -26.66
CA VAL B 277 10.04 -15.25 -25.52
C VAL B 277 10.90 -15.76 -24.38
N GLY B 278 12.12 -16.19 -24.66
CA GLY B 278 13.09 -16.60 -23.66
C GLY B 278 13.97 -17.71 -24.22
N PHE B 279 15.22 -17.74 -23.77
CA PHE B 279 16.16 -18.72 -24.29
C PHE B 279 15.88 -20.11 -23.74
N GLY B 280 16.16 -21.11 -24.57
CA GLY B 280 16.05 -22.50 -24.18
C GLY B 280 17.32 -23.28 -24.46
N GLY B 281 17.20 -24.60 -24.50
CA GLY B 281 18.36 -25.44 -24.71
C GLY B 281 18.86 -26.05 -23.40
N SER B 282 19.57 -27.16 -23.52
CA SER B 282 20.09 -27.85 -22.36
C SER B 282 21.30 -27.15 -21.75
N CYS B 283 21.74 -26.03 -22.32
CA CYS B 283 22.99 -25.39 -21.91
C CYS B 283 22.78 -24.18 -21.01
N PHE B 284 22.14 -23.12 -21.52
CA PHE B 284 22.24 -21.82 -20.87
C PHE B 284 21.73 -21.86 -19.43
N GLN B 285 20.49 -22.32 -19.22
CA GLN B 285 19.95 -22.36 -17.88
C GLN B 285 20.79 -23.26 -16.97
N LYS B 286 21.12 -24.46 -17.46
CA LYS B 286 21.99 -25.36 -16.70
C LYS B 286 23.32 -24.69 -16.38
N ASP B 287 23.86 -23.91 -17.32
CA ASP B 287 25.15 -23.29 -17.13
C ASP B 287 25.09 -22.14 -16.13
N VAL B 288 24.13 -21.24 -16.29
CA VAL B 288 24.05 -20.10 -15.39
C VAL B 288 23.75 -20.56 -13.96
N LEU B 289 22.82 -21.50 -13.81
CA LEU B 289 22.53 -22.02 -12.48
C LEU B 289 23.74 -22.73 -11.89
N SER B 290 24.51 -23.41 -12.74
CA SER B 290 25.73 -24.06 -12.29
C SER B 290 26.76 -23.03 -11.83
N LEU B 291 26.85 -21.90 -12.53
CA LEU B 291 27.73 -20.82 -12.09
C LEU B 291 27.24 -20.22 -10.77
N VAL B 292 25.93 -20.01 -10.65
CA VAL B 292 25.38 -19.50 -9.39
C VAL B 292 25.74 -20.43 -8.25
N TYR B 293 25.61 -21.73 -8.45
CA TYR B 293 25.90 -22.68 -7.40
C TYR B 293 27.39 -22.68 -7.05
N LEU B 294 28.25 -22.58 -8.08
CA LEU B 294 29.68 -22.50 -7.84
C LEU B 294 30.02 -21.30 -6.96
N CYS B 295 29.42 -20.17 -7.24
CA CYS B 295 29.70 -18.97 -6.51
C CYS B 295 29.29 -19.03 -5.07
N GLU B 296 28.10 -19.52 -4.83
CA GLU B 296 27.59 -19.66 -3.51
C GLU B 296 28.49 -20.54 -2.70
N SER B 297 29.09 -21.52 -3.36
CA SER B 297 30.00 -22.45 -2.69
C SER B 297 31.32 -21.77 -2.35
N LEU B 298 31.65 -20.72 -3.08
CA LEU B 298 32.88 -19.98 -2.87
C LEU B 298 32.66 -18.77 -1.95
N ASN B 299 31.50 -18.73 -1.32
CA ASN B 299 31.16 -17.63 -0.42
C ASN B 299 31.05 -16.30 -1.16
N LEU B 300 30.65 -16.36 -2.42
CA LEU B 300 30.51 -15.16 -3.25
C LEU B 300 29.04 -14.90 -3.58
N PRO B 301 28.20 -14.70 -2.51
CA PRO B 301 26.79 -14.45 -2.88
C PRO B 301 26.66 -13.30 -3.88
N GLN B 302 27.38 -12.22 -3.64
CA GLN B 302 27.34 -11.06 -4.53
C GLN B 302 27.42 -11.48 -5.98
N VAL B 303 28.37 -12.36 -6.29
CA VAL B 303 28.55 -12.84 -7.66
C VAL B 303 27.39 -13.74 -8.07
N ALA B 304 26.96 -14.61 -7.16
CA ALA B 304 25.86 -15.52 -7.42
C ALA B 304 24.58 -14.76 -7.76
N ASP B 305 24.30 -13.72 -6.97
CA ASP B 305 23.13 -12.91 -7.18
C ASP B 305 23.18 -12.22 -8.50
N TYR B 306 24.33 -11.70 -8.87
CA TYR B 306 24.47 -11.01 -10.14
C TYR B 306 24.07 -11.94 -11.29
N TRP B 307 24.64 -13.15 -11.32
CA TRP B 307 24.37 -14.03 -12.44
C TRP B 307 22.96 -14.64 -12.37
N GLN B 308 22.41 -14.77 -11.16
CA GLN B 308 21.03 -15.23 -11.01
C GLN B 308 20.05 -14.34 -11.77
N GLY B 309 20.36 -13.05 -11.90
CA GLY B 309 19.46 -12.15 -12.61
C GLY B 309 19.20 -12.58 -14.04
N VAL B 310 20.16 -13.24 -14.68
CA VAL B 310 19.95 -13.72 -16.04
C VAL B 310 18.80 -14.73 -16.07
N ILE B 311 18.74 -15.60 -15.07
CA ILE B 311 17.66 -16.58 -15.01
C ILE B 311 16.35 -15.90 -14.64
N ASN B 312 16.39 -14.99 -13.66
CA ASN B 312 15.18 -14.29 -13.24
C ASN B 312 14.51 -13.60 -14.42
N ILE B 313 15.28 -12.93 -15.27
CA ILE B 313 14.69 -12.24 -16.41
C ILE B 313 14.11 -13.25 -17.41
N ASN B 314 14.81 -14.36 -17.62
CA ASN B 314 14.33 -15.36 -18.57
C ASN B 314 12.98 -15.90 -18.15
N ASN B 315 12.83 -16.24 -16.86
CA ASN B 315 11.55 -16.69 -16.36
C ASN B 315 10.49 -15.60 -16.46
N TRP B 316 10.88 -14.36 -16.17
CA TRP B 316 9.97 -13.22 -16.21
C TRP B 316 9.52 -12.94 -17.64
N GLN B 317 10.41 -13.10 -18.61
CA GLN B 317 10.05 -12.88 -20.00
C GLN B 317 9.01 -13.89 -20.47
N ARG B 318 9.19 -15.17 -20.12
CA ARG B 318 8.21 -16.19 -20.50
C ARG B 318 6.87 -15.93 -19.83
N ARG B 319 6.88 -15.64 -18.56
CA ARG B 319 5.69 -15.40 -17.80
C ARG B 319 4.91 -14.22 -18.26
N ARG B 320 5.55 -13.11 -18.50
CA ARG B 320 4.84 -11.90 -18.89
C ARG B 320 4.31 -12.01 -20.31
N PHE B 321 4.99 -12.78 -21.18
CA PHE B 321 4.49 -12.99 -22.52
C PHE B 321 3.19 -13.79 -22.51
N ALA B 322 3.16 -14.88 -21.74
CA ALA B 322 1.94 -15.68 -21.62
C ALA B 322 0.84 -14.89 -20.94
N ASP B 323 1.19 -14.06 -19.95
CA ASP B 323 0.18 -13.24 -19.28
C ASP B 323 -0.42 -12.23 -20.24
N LYS B 324 0.40 -11.65 -21.12
CA LYS B 324 -0.13 -10.65 -22.04
C LYS B 324 -1.07 -11.28 -23.06
N ILE B 325 -0.77 -12.52 -23.49
CA ILE B 325 -1.69 -13.22 -24.40
C ILE B 325 -3.07 -13.31 -23.77
N ILE B 326 -3.12 -13.74 -22.51
CA ILE B 326 -4.40 -13.94 -21.83
C ILE B 326 -5.09 -12.60 -21.61
N ALA B 327 -4.33 -11.57 -21.21
CA ALA B 327 -4.93 -10.26 -20.96
C ALA B 327 -5.51 -9.66 -22.24
N GLU B 328 -4.82 -9.83 -23.37
CA GLU B 328 -5.31 -9.27 -24.62
C GLU B 328 -6.52 -10.02 -25.15
N LEU B 329 -6.76 -11.24 -24.69
CA LEU B 329 -7.99 -11.96 -25.02
C LEU B 329 -9.03 -11.79 -23.92
N PHE B 330 -9.09 -10.60 -23.33
CA PHE B 330 -10.12 -10.22 -22.37
C PHE B 330 -10.14 -11.17 -21.17
N ASN B 331 -8.95 -11.65 -20.80
CA ASN B 331 -8.72 -12.46 -19.61
C ASN B 331 -9.40 -13.82 -19.67
N THR B 332 -9.77 -14.31 -20.86
CA THR B 332 -10.38 -15.63 -20.97
C THR B 332 -9.95 -16.31 -22.26
N VAL B 333 -9.46 -17.54 -22.13
CA VAL B 333 -9.15 -18.40 -23.28
C VAL B 333 -9.79 -19.76 -23.05
N THR B 334 -10.63 -19.86 -22.03
CA THR B 334 -11.42 -21.08 -21.80
C THR B 334 -12.08 -21.56 -23.08
N ASP B 335 -11.72 -22.76 -23.51
CA ASP B 335 -12.32 -23.46 -24.64
C ASP B 335 -12.06 -22.77 -25.97
N LYS B 336 -11.18 -21.78 -26.00
CA LYS B 336 -10.76 -21.15 -27.24
C LYS B 336 -9.62 -21.95 -27.87
N LYS B 337 -9.71 -22.22 -29.17
CA LYS B 337 -8.64 -22.88 -29.88
C LYS B 337 -7.51 -21.90 -30.18
N ILE B 338 -6.30 -22.25 -29.79
CA ILE B 338 -5.12 -21.43 -30.03
C ILE B 338 -4.10 -22.27 -30.78
N ALA B 339 -3.63 -21.76 -31.91
CA ALA B 339 -2.58 -22.43 -32.68
C ALA B 339 -1.24 -21.99 -32.16
N ILE B 340 -0.33 -22.95 -32.00
CA ILE B 340 1.03 -22.70 -31.56
C ILE B 340 1.96 -23.01 -32.73
N PHE B 341 2.72 -22.01 -33.16
CA PHE B 341 3.70 -22.16 -34.22
C PHE B 341 5.07 -22.28 -33.57
N GLY B 342 5.58 -23.51 -33.48
CA GLY B 342 6.93 -23.74 -33.00
C GLY B 342 6.94 -24.38 -31.62
N PHE B 343 7.80 -25.39 -31.45
CA PHE B 343 7.94 -26.06 -30.17
C PHE B 343 9.40 -26.27 -29.79
N ALA B 344 10.27 -26.44 -30.78
CA ALA B 344 11.70 -26.59 -30.51
C ALA B 344 12.23 -25.33 -29.84
N PHE B 345 13.37 -25.47 -29.14
CA PHE B 345 13.93 -24.34 -28.42
C PHE B 345 14.58 -23.32 -29.34
N LYS B 346 14.83 -23.68 -30.60
CA LYS B 346 15.31 -22.78 -31.63
C LYS B 346 15.03 -23.44 -32.97
N LYS B 347 15.34 -22.72 -34.05
CA LYS B 347 15.01 -23.25 -35.36
C LYS B 347 16.06 -24.27 -35.81
N ASN B 348 15.66 -25.08 -36.80
CA ASN B 348 16.55 -26.04 -37.46
C ASN B 348 17.05 -27.11 -36.48
N THR B 349 16.20 -27.50 -35.54
CA THR B 349 16.50 -28.60 -34.64
C THR B 349 15.19 -29.23 -34.20
N GLY B 350 15.25 -30.51 -33.84
CA GLY B 350 14.13 -31.17 -33.19
C GLY B 350 14.25 -31.18 -31.68
N ASP B 351 15.31 -30.59 -31.14
CA ASP B 351 15.56 -30.62 -29.71
C ASP B 351 14.58 -29.71 -28.98
N THR B 352 13.97 -30.22 -27.92
CA THR B 352 12.99 -29.46 -27.15
C THR B 352 13.44 -29.19 -25.72
N ARG B 353 14.70 -29.48 -25.39
CA ARG B 353 15.14 -29.38 -24.01
C ARG B 353 15.05 -27.93 -23.52
N GLU B 354 14.27 -27.73 -22.45
CA GLU B 354 14.05 -26.41 -21.84
C GLU B 354 13.49 -25.38 -22.82
N SER B 355 12.78 -25.85 -23.85
CA SER B 355 12.15 -24.94 -24.79
C SER B 355 11.15 -24.03 -24.09
N SER B 356 11.15 -22.75 -24.48
CA SER B 356 10.19 -21.80 -23.92
C SER B 356 8.76 -22.18 -24.24
N ALA B 357 8.53 -22.91 -25.34
CA ALA B 357 7.18 -23.32 -25.72
C ALA B 357 6.55 -24.19 -24.64
N ILE B 358 7.37 -24.96 -23.93
CA ILE B 358 6.85 -25.84 -22.89
C ILE B 358 6.16 -25.02 -21.80
N HIS B 359 6.84 -23.98 -21.32
CA HIS B 359 6.28 -23.20 -20.22
C HIS B 359 5.11 -22.34 -20.70
N VAL B 360 5.18 -21.82 -21.92
CA VAL B 360 4.09 -20.99 -22.43
C VAL B 360 2.84 -21.83 -22.64
N ILE B 361 2.99 -23.00 -23.25
CA ILE B 361 1.84 -23.88 -23.47
C ILE B 361 1.23 -24.30 -22.14
N LYS B 362 2.08 -24.59 -21.15
CA LYS B 362 1.58 -24.95 -19.82
C LYS B 362 0.72 -23.83 -19.24
N HIS B 363 1.17 -22.58 -19.37
CA HIS B 363 0.36 -21.46 -18.88
C HIS B 363 -0.99 -21.39 -19.58
N LEU B 364 -1.01 -21.58 -20.91
CA LEU B 364 -2.29 -21.54 -21.60
C LEU B 364 -3.17 -22.73 -21.25
N MET B 365 -2.57 -23.90 -20.99
CA MET B 365 -3.35 -25.06 -20.55
C MET B 365 -4.02 -24.77 -19.21
N GLU B 366 -3.31 -24.13 -18.30
CA GLU B 366 -3.89 -23.80 -17.00
C GLU B 366 -5.06 -22.83 -17.11
N GLU B 367 -5.17 -22.15 -18.25
CA GLU B 367 -6.33 -21.32 -18.54
C GLU B 367 -7.39 -22.07 -19.33
N HIS B 368 -7.22 -23.39 -19.48
CA HIS B 368 -8.19 -24.26 -20.15
C HIS B 368 -8.34 -23.91 -21.62
N ALA B 369 -7.26 -23.46 -22.25
CA ALA B 369 -7.25 -23.28 -23.69
C ALA B 369 -7.05 -24.63 -24.37
N LYS B 370 -7.58 -24.73 -25.59
CA LYS B 370 -7.35 -25.86 -26.47
C LYS B 370 -6.25 -25.46 -27.44
N LEU B 371 -5.12 -26.18 -27.41
CA LEU B 371 -3.93 -25.78 -28.14
C LEU B 371 -3.63 -26.77 -29.27
N SER B 372 -3.45 -26.24 -30.47
CA SER B 372 -3.00 -26.99 -31.63
C SER B 372 -1.58 -26.58 -31.95
N VAL B 373 -0.65 -27.52 -31.84
CA VAL B 373 0.78 -27.25 -31.94
C VAL B 373 1.29 -27.77 -33.28
N TYR B 374 2.09 -26.95 -33.96
CA TYR B 374 2.80 -27.38 -35.14
C TYR B 374 4.27 -27.01 -35.00
N ASP B 375 5.15 -27.95 -35.31
CA ASP B 375 6.59 -27.71 -35.40
C ASP B 375 7.10 -28.59 -36.53
N PRO B 376 7.94 -28.05 -37.41
CA PRO B 376 8.36 -28.81 -38.60
C PRO B 376 9.16 -30.06 -38.28
N LYS B 377 9.81 -30.14 -37.13
CA LYS B 377 10.76 -31.23 -36.90
C LYS B 377 10.57 -31.97 -35.57
N VAL B 378 9.93 -31.37 -34.57
CA VAL B 378 9.80 -32.03 -33.28
C VAL B 378 8.87 -33.24 -33.39
N GLN B 379 9.31 -34.38 -32.86
CA GLN B 379 8.48 -35.57 -32.86
C GLN B 379 7.24 -35.35 -32.02
N LYS B 380 6.10 -35.87 -32.50
CA LYS B 380 4.86 -35.73 -31.76
C LYS B 380 4.97 -36.34 -30.37
N SER B 381 5.53 -37.55 -30.28
CA SER B 381 5.68 -38.20 -29.00
C SER B 381 6.57 -37.38 -28.06
N GLN B 382 7.53 -36.64 -28.63
CA GLN B 382 8.38 -35.80 -27.79
C GLN B 382 7.58 -34.66 -27.15
N MET B 383 6.72 -33.99 -27.94
CA MET B 383 5.92 -32.92 -27.38
C MET B 383 5.01 -33.41 -26.27
N LEU B 384 4.32 -34.53 -26.51
CA LEU B 384 3.36 -35.01 -25.54
C LEU B 384 4.03 -35.40 -24.23
N ASN B 385 5.20 -36.03 -24.32
CA ASN B 385 5.93 -36.37 -23.10
C ASN B 385 6.42 -35.12 -22.38
N ASP B 386 6.89 -34.12 -23.13
CA ASP B 386 7.34 -32.88 -22.50
C ASP B 386 6.20 -32.20 -21.76
N LEU B 387 5.04 -32.09 -22.41
CA LEU B 387 3.89 -31.42 -21.81
C LEU B 387 3.32 -32.23 -20.66
N ALA B 388 3.31 -33.56 -20.77
CA ALA B 388 2.78 -34.38 -19.68
C ALA B 388 3.64 -34.28 -18.43
N SER B 389 4.96 -34.15 -18.58
CA SER B 389 5.82 -34.14 -17.41
C SER B 389 5.70 -32.87 -16.59
N VAL B 390 5.23 -31.77 -17.18
CA VAL B 390 5.03 -30.54 -16.45
C VAL B 390 3.57 -30.37 -16.02
N THR B 391 2.63 -30.96 -16.76
CA THR B 391 1.26 -31.04 -16.31
C THR B 391 0.71 -32.41 -15.92
N SER B 392 0.20 -33.16 -16.89
CA SER B 392 -0.19 -34.54 -16.64
C SER B 392 -0.60 -35.14 -17.96
N ALA B 393 -0.54 -36.47 -18.04
CA ALA B 393 -1.00 -37.15 -19.25
C ALA B 393 -2.48 -36.87 -19.49
N GLN B 394 -3.27 -36.80 -18.42
CA GLN B 394 -4.69 -36.53 -18.57
C GLN B 394 -4.95 -35.12 -19.07
N ASP B 395 -4.21 -34.14 -18.55
CA ASP B 395 -4.35 -32.76 -19.00
C ASP B 395 -4.00 -32.63 -20.48
N VAL B 396 -2.95 -33.34 -20.91
CA VAL B 396 -2.55 -33.27 -22.31
C VAL B 396 -3.62 -33.87 -23.21
N GLU B 397 -4.26 -34.94 -22.75
CA GLU B 397 -5.29 -35.60 -23.55
C GLU B 397 -6.46 -34.67 -23.84
N ARG B 398 -6.85 -33.86 -22.86
CA ARG B 398 -8.02 -33.01 -23.02
C ARG B 398 -7.73 -31.74 -23.82
N LEU B 399 -6.50 -31.21 -23.73
CA LEU B 399 -6.22 -29.87 -24.23
C LEU B 399 -5.27 -29.80 -25.41
N ILE B 400 -4.48 -30.83 -25.70
CA ILE B 400 -3.40 -30.75 -26.67
C ILE B 400 -3.78 -31.51 -27.93
N THR B 401 -3.58 -30.87 -29.09
CA THR B 401 -3.65 -31.49 -30.40
C THR B 401 -2.37 -31.19 -31.15
N VAL B 402 -1.77 -32.21 -31.77
CA VAL B 402 -0.53 -32.06 -32.53
C VAL B 402 -0.87 -32.16 -34.01
N GLU B 403 -0.49 -31.14 -34.78
CA GLU B 403 -0.73 -31.12 -36.22
C GLU B 403 0.58 -31.21 -37.00
N SER B 404 0.48 -31.80 -38.19
CA SER B 404 1.60 -31.91 -39.11
C SER B 404 1.57 -30.83 -40.17
N ASP B 405 0.65 -29.87 -40.06
CA ASP B 405 0.41 -28.85 -41.05
C ASP B 405 0.06 -27.58 -40.28
N PRO B 406 0.76 -26.46 -40.54
CA PRO B 406 0.42 -25.23 -39.79
C PRO B 406 -0.95 -24.68 -40.12
N TYR B 407 -1.45 -24.87 -41.34
CA TYR B 407 -2.79 -24.40 -41.67
C TYR B 407 -3.86 -25.18 -40.92
N ALA B 408 -3.65 -26.48 -40.69
CA ALA B 408 -4.59 -27.23 -39.87
C ALA B 408 -4.55 -26.74 -38.42
N ALA B 409 -3.37 -26.37 -37.93
CA ALA B 409 -3.28 -25.84 -36.58
C ALA B 409 -4.03 -24.51 -36.44
N ALA B 410 -3.94 -23.65 -37.46
CA ALA B 410 -4.57 -22.33 -37.39
C ALA B 410 -6.05 -22.34 -37.74
N ARG B 411 -6.54 -23.37 -38.43
CA ARG B 411 -7.94 -23.40 -38.86
C ARG B 411 -8.86 -23.39 -37.65
N GLY B 412 -9.76 -22.40 -37.62
CA GLY B 412 -10.71 -22.25 -36.54
C GLY B 412 -10.16 -21.64 -35.26
N ALA B 413 -8.92 -21.18 -35.26
CA ALA B 413 -8.28 -20.69 -34.05
C ALA B 413 -8.69 -19.26 -33.74
N HIS B 414 -8.67 -18.93 -32.45
CA HIS B 414 -8.87 -17.55 -32.01
C HIS B 414 -7.56 -16.75 -32.05
N ALA B 415 -6.42 -17.43 -31.90
CA ALA B 415 -5.14 -16.74 -31.85
C ALA B 415 -4.03 -17.63 -32.38
N ILE B 416 -2.97 -16.99 -32.88
CA ILE B 416 -1.72 -17.64 -33.25
C ILE B 416 -0.66 -17.16 -32.27
N VAL B 417 0.18 -18.08 -31.81
CA VAL B 417 1.31 -17.73 -30.95
C VAL B 417 2.57 -18.32 -31.57
N VAL B 418 3.50 -17.45 -31.97
CA VAL B 418 4.74 -17.86 -32.61
C VAL B 418 5.83 -17.97 -31.54
N LEU B 419 6.41 -19.16 -31.39
CA LEU B 419 7.38 -19.42 -30.33
C LEU B 419 8.74 -19.87 -30.82
N THR B 420 8.88 -20.30 -32.07
CA THR B 420 10.16 -20.73 -32.61
C THR B 420 10.35 -20.09 -33.97
N GLU B 421 11.56 -19.60 -34.23
CA GLU B 421 11.82 -18.76 -35.42
C GLU B 421 12.03 -19.57 -36.71
N TRP B 422 11.27 -20.65 -36.91
CA TRP B 422 11.38 -21.42 -38.16
C TRP B 422 11.10 -20.52 -39.36
N ASP B 423 11.95 -20.62 -40.37
CA ASP B 423 11.79 -19.80 -41.58
C ASP B 423 10.45 -20.05 -42.24
N GLU B 424 9.91 -21.24 -42.09
CA GLU B 424 8.64 -21.60 -42.73
C GLU B 424 7.50 -20.68 -42.30
N PHE B 425 7.55 -20.17 -41.06
CA PHE B 425 6.46 -19.35 -40.54
C PHE B 425 6.35 -18.00 -41.23
N VAL B 426 7.44 -17.48 -41.80
CA VAL B 426 7.38 -16.24 -42.55
C VAL B 426 6.60 -16.43 -43.84
N GLU B 427 7.01 -17.40 -44.65
CA GLU B 427 6.42 -17.63 -45.98
C GLU B 427 4.99 -18.20 -45.95
N LEU B 428 4.25 -18.22 -44.84
CA LEU B 428 2.89 -18.73 -44.86
C LEU B 428 1.94 -17.75 -45.52
N ASN B 429 0.79 -18.28 -45.98
CA ASN B 429 -0.26 -17.46 -46.58
C ASN B 429 -1.15 -16.96 -45.45
N TYR B 430 -0.82 -15.79 -44.92
CA TYR B 430 -1.57 -15.27 -43.77
C TYR B 430 -2.92 -14.70 -44.15
N SER B 431 -3.17 -14.46 -45.44
CA SER B 431 -4.52 -14.15 -45.87
C SER B 431 -5.44 -15.35 -45.70
N GLN B 432 -4.99 -16.52 -46.17
CA GLN B 432 -5.76 -17.73 -46.00
C GLN B 432 -5.93 -18.07 -44.52
N ILE B 433 -4.88 -17.89 -43.73
CA ILE B 433 -4.97 -18.17 -42.30
C ILE B 433 -6.00 -17.25 -41.66
N HIS B 434 -5.94 -15.96 -42.00
CA HIS B 434 -6.87 -15.00 -41.42
C HIS B 434 -8.31 -15.33 -41.78
N ASN B 435 -8.53 -15.77 -43.02
CA ASN B 435 -9.90 -16.08 -43.45
C ASN B 435 -10.47 -17.27 -42.70
N ASP B 436 -9.64 -18.24 -42.33
CA ASP B 436 -10.11 -19.47 -41.70
C ASP B 436 -10.01 -19.45 -40.19
N MET B 437 -9.59 -18.35 -39.59
CA MET B 437 -9.60 -18.21 -38.14
C MET B 437 -10.93 -17.63 -37.67
N GLN B 438 -11.14 -17.68 -36.35
CA GLN B 438 -12.24 -16.94 -35.76
C GLN B 438 -11.99 -15.45 -35.94
N HIS B 439 -13.07 -14.67 -35.95
CA HIS B 439 -12.92 -13.25 -36.13
C HIS B 439 -13.46 -12.51 -34.92
N PRO B 440 -12.70 -11.57 -34.34
CA PRO B 440 -11.36 -11.14 -34.76
C PRO B 440 -10.27 -12.16 -34.46
N ALA B 441 -9.23 -12.16 -35.28
CA ALA B 441 -8.09 -13.06 -35.12
C ALA B 441 -6.94 -12.31 -34.48
N ALA B 442 -6.30 -12.92 -33.49
CA ALA B 442 -5.15 -12.33 -32.83
C ALA B 442 -3.90 -13.15 -33.14
N ILE B 443 -2.74 -12.49 -33.13
CA ILE B 443 -1.49 -13.20 -33.36
C ILE B 443 -0.39 -12.56 -32.50
N PHE B 444 0.42 -13.40 -31.85
CA PHE B 444 1.43 -12.97 -30.90
C PHE B 444 2.79 -13.50 -31.35
N ASP B 445 3.70 -12.60 -31.74
CA ASP B 445 5.00 -13.00 -32.27
C ASP B 445 6.04 -12.92 -31.14
N GLY B 446 6.40 -14.07 -30.60
CA GLY B 446 7.42 -14.19 -29.59
C GLY B 446 8.82 -14.35 -30.15
N ARG B 447 8.99 -14.24 -31.45
CA ARG B 447 10.30 -14.39 -32.06
C ARG B 447 10.66 -13.26 -33.01
N LEU B 448 9.75 -12.31 -33.25
CA LEU B 448 10.02 -11.10 -34.05
C LEU B 448 10.44 -11.46 -35.47
N ILE B 449 9.76 -12.45 -36.05
CA ILE B 449 10.04 -12.86 -37.43
C ILE B 449 8.97 -12.40 -38.40
N LEU B 450 7.82 -11.94 -37.92
CA LEU B 450 6.71 -11.56 -38.78
C LEU B 450 6.63 -10.04 -38.97
N ASP B 451 6.01 -9.66 -40.08
CA ASP B 451 5.81 -8.26 -40.44
C ASP B 451 4.53 -7.74 -39.78
N GLN B 452 4.69 -6.91 -38.74
CA GLN B 452 3.53 -6.43 -38.00
C GLN B 452 2.61 -5.58 -38.86
N LYS B 453 3.18 -4.67 -39.66
CA LYS B 453 2.35 -3.81 -40.49
C LYS B 453 1.55 -4.64 -41.49
N ALA B 454 2.17 -5.69 -42.05
CA ALA B 454 1.48 -6.55 -43.00
C ALA B 454 0.36 -7.33 -42.31
N LEU B 455 0.61 -7.86 -41.11
CA LEU B 455 -0.43 -8.55 -40.38
C LEU B 455 -1.56 -7.60 -40.00
N ARG B 456 -1.22 -6.35 -39.67
CA ARG B 456 -2.25 -5.36 -39.37
C ARG B 456 -3.11 -5.09 -40.59
N GLU B 457 -2.49 -5.06 -41.78
CA GLU B 457 -3.22 -4.78 -43.01
C GLU B 457 -4.18 -5.91 -43.37
N ILE B 458 -3.82 -7.15 -43.03
CA ILE B 458 -4.70 -8.29 -43.27
C ILE B 458 -5.91 -8.25 -42.34
N GLY B 459 -5.77 -7.68 -41.14
CA GLY B 459 -6.91 -7.57 -40.25
C GLY B 459 -6.71 -8.25 -38.91
N PHE B 460 -5.49 -8.67 -38.65
CA PHE B 460 -5.17 -9.30 -37.37
C PHE B 460 -5.14 -8.26 -36.26
N ARG B 461 -5.51 -8.69 -35.05
CA ARG B 461 -5.06 -8.03 -33.83
C ARG B 461 -3.66 -8.58 -33.57
N THR B 462 -2.63 -7.81 -33.90
CA THR B 462 -1.28 -8.35 -33.95
C THR B 462 -0.41 -7.76 -32.84
N PHE B 463 0.42 -8.61 -32.24
CA PHE B 463 1.29 -8.23 -31.14
C PHE B 463 2.65 -8.90 -31.31
N ALA B 464 3.68 -8.28 -30.77
CA ALA B 464 5.03 -8.82 -30.82
C ALA B 464 5.81 -8.30 -29.64
N ILE B 465 6.66 -9.15 -29.06
CA ILE B 465 7.54 -8.72 -27.98
C ILE B 465 8.40 -7.56 -28.43
N GLY B 466 8.49 -6.53 -27.59
CA GLY B 466 9.30 -5.38 -27.90
C GLY B 466 8.62 -4.34 -28.75
N THR B 467 7.35 -4.54 -29.10
CA THR B 467 6.57 -3.55 -29.79
C THR B 467 5.42 -3.14 -28.87
N SER B 468 5.23 -1.84 -28.69
CA SER B 468 4.14 -1.37 -27.85
C SER B 468 2.80 -1.86 -28.43
N PRO B 469 1.91 -2.42 -27.60
CA PRO B 469 0.64 -2.96 -28.12
C PRO B 469 -0.41 -1.91 -28.46
N ASP B 470 0.01 -0.69 -28.82
CA ASP B 470 -0.88 0.32 -29.41
C ASP B 470 -0.07 1.52 -29.88
N LYS C 8 73.16 -21.70 23.45
CA LYS C 8 72.60 -21.61 24.79
C LYS C 8 72.34 -20.15 25.14
N VAL C 9 71.15 -19.85 25.64
CA VAL C 9 70.78 -18.49 25.98
C VAL C 9 71.43 -18.11 27.30
N SER C 10 72.14 -16.99 27.31
CA SER C 10 72.62 -16.39 28.54
C SER C 10 72.28 -14.92 28.67
N LYS C 11 71.75 -14.29 27.63
CA LYS C 11 71.37 -12.88 27.66
C LYS C 11 69.98 -12.73 27.07
N VAL C 12 69.01 -12.36 27.92
CA VAL C 12 67.62 -12.21 27.54
C VAL C 12 67.24 -10.73 27.62
N VAL C 13 66.53 -10.26 26.59
CA VAL C 13 65.94 -8.92 26.58
C VAL C 13 64.45 -9.05 26.30
N CYS C 14 63.67 -8.16 26.90
CA CYS C 14 62.23 -8.09 26.63
C CYS C 14 61.85 -6.65 26.31
N VAL C 15 61.25 -6.46 25.14
CA VAL C 15 60.72 -5.16 24.74
C VAL C 15 59.29 -5.06 25.24
N GLY C 16 59.04 -4.17 26.20
CA GLY C 16 57.73 -4.04 26.81
C GLY C 16 57.79 -4.29 28.30
N ALA C 17 57.70 -3.23 29.10
CA ALA C 17 57.81 -3.37 30.54
C ALA C 17 56.46 -3.19 31.23
N GLY C 18 55.44 -3.89 30.75
CA GLY C 18 54.09 -3.78 31.26
C GLY C 18 53.72 -4.92 32.18
N TYR C 19 52.42 -5.17 32.28
CA TYR C 19 51.91 -6.21 33.16
C TYR C 19 52.38 -7.60 32.75
N VAL C 20 52.77 -7.78 31.48
CA VAL C 20 53.31 -9.06 31.03
C VAL C 20 54.83 -9.04 31.12
N GLY C 21 55.46 -8.06 30.46
CA GLY C 21 56.91 -8.08 30.33
C GLY C 21 57.64 -7.96 31.66
N GLY C 22 57.20 -7.03 32.50
CA GLY C 22 57.83 -6.82 33.78
C GLY C 22 57.85 -8.08 34.62
N PRO C 23 56.67 -8.56 35.02
CA PRO C 23 56.63 -9.76 35.86
C PRO C 23 57.30 -10.98 35.25
N THR C 24 57.14 -11.21 33.95
CA THR C 24 57.73 -12.37 33.30
C THR C 24 59.25 -12.37 33.42
N CYS C 25 59.88 -11.23 33.13
CA CYS C 25 61.33 -11.16 33.22
C CYS C 25 61.82 -11.28 34.65
N ALA C 26 61.08 -10.70 35.61
CA ALA C 26 61.46 -10.81 37.01
C ALA C 26 61.53 -12.27 37.43
N MET C 27 60.58 -13.10 36.97
CA MET C 27 60.60 -14.51 37.34
C MET C 27 61.77 -15.24 36.69
N ILE C 28 62.08 -14.89 35.43
CA ILE C 28 63.23 -15.50 34.77
C ILE C 28 64.51 -15.19 35.54
N ALA C 29 64.70 -13.92 35.88
CA ALA C 29 65.86 -13.53 36.67
C ALA C 29 65.85 -14.22 38.02
N HIS C 30 64.67 -14.34 38.63
CA HIS C 30 64.56 -14.95 39.95
C HIS C 30 64.88 -16.45 39.91
N LYS C 31 64.63 -17.11 38.79
CA LYS C 31 64.81 -18.55 38.68
C LYS C 31 66.03 -18.99 37.90
N CYS C 32 66.71 -18.07 37.20
CA CYS C 32 67.85 -18.41 36.35
C CYS C 32 69.04 -17.52 36.71
N PRO C 33 69.82 -17.92 37.71
CA PRO C 33 70.94 -17.06 38.16
C PRO C 33 71.95 -16.76 37.06
N HIS C 34 72.14 -17.67 36.10
CA HIS C 34 73.18 -17.52 35.10
C HIS C 34 72.71 -16.79 33.84
N ILE C 35 71.46 -16.34 33.80
CA ILE C 35 70.91 -15.61 32.67
C ILE C 35 70.73 -14.15 33.04
N THR C 36 71.18 -13.25 32.18
CA THR C 36 70.96 -11.82 32.35
C THR C 36 69.68 -11.41 31.61
N VAL C 37 68.76 -10.76 32.34
CA VAL C 37 67.48 -10.33 31.77
C VAL C 37 67.42 -8.80 31.82
N THR C 38 67.26 -8.18 30.65
CA THR C 38 67.16 -6.74 30.52
C THR C 38 65.79 -6.38 29.92
N VAL C 39 65.07 -5.51 30.62
CA VAL C 39 63.75 -5.06 30.19
C VAL C 39 63.87 -3.64 29.65
N VAL C 40 63.31 -3.42 28.45
CA VAL C 40 63.35 -2.12 27.80
C VAL C 40 61.93 -1.69 27.46
N ASP C 41 61.76 -0.39 27.24
CA ASP C 41 60.43 0.17 27.01
C ASP C 41 60.57 1.56 26.42
N MET C 42 59.61 1.93 25.56
CA MET C 42 59.59 3.27 24.99
C MET C 42 59.33 4.33 26.06
N ASN C 43 58.65 3.96 27.14
CA ASN C 43 58.30 4.92 28.19
C ASN C 43 59.47 5.01 29.15
N THR C 44 60.26 6.08 29.01
CA THR C 44 61.46 6.21 29.83
C THR C 44 61.12 6.52 31.29
N ALA C 45 60.04 7.26 31.53
CA ALA C 45 59.62 7.50 32.92
C ALA C 45 59.19 6.21 33.59
N LYS C 46 58.58 5.30 32.83
CA LYS C 46 58.17 4.01 33.38
C LYS C 46 59.39 3.15 33.69
N ILE C 47 60.41 3.19 32.84
CA ILE C 47 61.66 2.49 33.14
C ILE C 47 62.28 3.05 34.40
N ALA C 48 62.19 4.36 34.60
CA ALA C 48 62.69 4.98 35.82
C ALA C 48 61.94 4.44 37.03
N GLU C 49 60.64 4.17 36.88
CA GLU C 49 59.87 3.61 37.99
C GLU C 49 60.31 2.18 38.30
N TRP C 50 60.58 1.39 37.26
CA TRP C 50 61.08 0.02 37.48
C TRP C 50 62.41 0.01 38.22
N ASN C 51 63.21 1.07 38.07
CA ASN C 51 64.49 1.20 38.74
C ASN C 51 64.39 1.93 40.08
N SER C 52 63.20 2.35 40.47
CA SER C 52 62.98 3.05 41.73
C SER C 52 62.42 2.10 42.77
N ASP C 53 62.07 2.64 43.93
CA ASP C 53 61.47 1.86 45.01
C ASP C 53 59.94 1.82 44.94
N LYS C 54 59.34 2.46 43.94
CA LYS C 54 57.90 2.40 43.70
C LYS C 54 57.68 1.84 42.30
N LEU C 55 57.38 0.56 42.22
CA LEU C 55 57.17 -0.09 40.93
C LEU C 55 55.90 0.44 40.27
N PRO C 56 55.85 0.47 38.92
CA PRO C 56 54.70 1.11 38.24
C PRO C 56 53.41 0.30 38.29
N ILE C 57 53.45 -0.94 38.76
CA ILE C 57 52.25 -1.75 38.90
C ILE C 57 52.28 -2.42 40.27
N TYR C 58 51.11 -2.81 40.75
CA TYR C 58 51.00 -3.55 42.01
C TYR C 58 50.68 -5.00 41.69
N GLU C 59 51.58 -5.90 42.10
CA GLU C 59 51.42 -7.33 41.99
C GLU C 59 51.93 -7.87 43.32
N PRO C 60 51.16 -8.71 44.01
CA PRO C 60 51.65 -9.32 45.25
C PRO C 60 52.95 -10.09 45.02
N GLY C 61 53.95 -9.82 45.85
CA GLY C 61 55.23 -10.50 45.78
C GLY C 61 56.18 -9.97 44.73
N LEU C 62 55.75 -9.05 43.87
CA LEU C 62 56.62 -8.56 42.81
C LEU C 62 57.73 -7.67 43.35
N ASP C 63 57.41 -6.80 44.32
CA ASP C 63 58.44 -5.93 44.90
C ASP C 63 59.58 -6.76 45.46
N GLU C 64 59.25 -7.80 46.23
CA GLU C 64 60.28 -8.63 46.84
C GLU C 64 61.18 -9.27 45.79
N ILE C 65 60.59 -9.78 44.71
CA ILE C 65 61.37 -10.46 43.68
C ILE C 65 62.25 -9.46 42.94
N VAL C 66 61.69 -8.30 42.57
CA VAL C 66 62.42 -7.33 41.78
C VAL C 66 63.58 -6.74 42.59
N PHE C 67 63.29 -6.32 43.83
CA PHE C 67 64.35 -5.74 44.65
C PHE C 67 65.47 -6.74 44.91
N ALA C 68 65.13 -8.04 44.93
CA ALA C 68 66.11 -9.09 45.17
C ALA C 68 66.99 -9.41 43.97
N ALA C 69 66.50 -9.15 42.76
CA ALA C 69 67.20 -9.45 41.53
C ALA C 69 67.82 -8.24 40.84
N ARG C 70 67.16 -7.07 40.93
CA ARG C 70 67.58 -5.90 40.17
C ARG C 70 68.98 -5.47 40.58
N GLY C 71 69.85 -5.41 39.60
CA GLY C 71 71.24 -5.09 39.77
C GLY C 71 72.14 -6.30 39.71
N ARG C 72 71.60 -7.50 39.81
CA ARG C 72 72.43 -8.68 39.74
C ARG C 72 72.26 -9.31 38.38
N ASN C 73 71.09 -9.81 38.06
CA ASN C 73 70.83 -10.32 36.74
C ASN C 73 69.61 -9.74 36.07
N LEU C 74 68.94 -8.81 36.72
CA LEU C 74 67.75 -8.16 36.19
C LEU C 74 68.00 -6.68 36.05
N PHE C 75 67.77 -6.13 34.84
CA PHE C 75 68.07 -4.74 34.55
C PHE C 75 66.93 -4.13 33.74
N PHE C 76 66.70 -2.82 33.97
CA PHE C 76 65.72 -2.03 33.25
C PHE C 76 66.41 -0.86 32.57
N SER C 77 66.50 -0.91 31.27
CA SER C 77 67.22 0.09 30.55
C SER C 77 66.41 0.84 29.54
N SER C 78 67.04 1.89 29.08
CA SER C 78 66.48 2.74 28.07
C SER C 78 67.39 2.75 26.84
N ASP C 79 68.46 1.99 26.90
CA ASP C 79 69.36 1.90 25.78
C ASP C 79 68.92 0.74 24.91
N ILE C 80 67.80 0.93 24.23
CA ILE C 80 67.26 -0.10 23.36
C ILE C 80 68.23 -0.72 22.35
N PRO C 81 68.99 0.09 21.61
CA PRO C 81 69.87 -0.53 20.65
C PRO C 81 70.91 -1.44 21.23
N LYS C 82 71.39 -1.16 22.42
CA LYS C 82 72.40 -2.00 23.01
C LYS C 82 71.85 -3.30 23.51
N ALA C 83 70.68 -3.22 24.11
CA ALA C 83 70.07 -4.41 24.65
C ALA C 83 69.82 -5.41 23.57
N ILE C 84 69.39 -4.93 22.44
CA ILE C 84 69.09 -5.78 21.34
C ILE C 84 70.32 -6.42 20.76
N ALA C 85 71.36 -5.65 20.61
CA ALA C 85 72.58 -6.16 20.03
C ALA C 85 73.26 -7.18 20.87
N GLU C 86 73.12 -7.07 22.15
CA GLU C 86 73.78 -8.02 23.03
C GLU C 86 72.93 -9.22 23.40
N ALA C 87 71.67 -9.25 23.01
CA ALA C 87 70.79 -10.32 23.47
C ALA C 87 71.01 -11.58 22.66
N ASP C 88 70.78 -12.72 23.31
CA ASP C 88 70.62 -14.01 22.64
C ASP C 88 69.17 -14.25 22.25
N LEU C 89 68.24 -13.84 23.12
CA LEU C 89 66.82 -14.06 22.90
C LEU C 89 66.07 -12.80 23.28
N ILE C 90 65.07 -12.43 22.46
CA ILE C 90 64.34 -11.18 22.62
C ILE C 90 62.85 -11.48 22.70
N PHE C 91 62.24 -11.18 23.83
CA PHE C 91 60.79 -11.21 23.95
C PHE C 91 60.21 -9.91 23.41
N ILE C 92 59.06 -10.00 22.73
CA ILE C 92 58.26 -8.84 22.38
C ILE C 92 56.95 -8.93 23.14
N SER C 93 56.72 -7.96 24.04
CA SER C 93 55.52 -7.92 24.88
C SER C 93 54.99 -6.48 24.90
N VAL C 94 54.46 -6.03 23.78
CA VAL C 94 53.98 -4.65 23.66
C VAL C 94 52.48 -4.65 23.45
N ASN C 95 51.89 -3.46 23.36
CA ASN C 95 50.46 -3.34 23.17
C ASN C 95 50.06 -3.74 21.76
N THR C 96 48.87 -4.30 21.63
CA THR C 96 48.22 -4.49 20.34
C THR C 96 46.80 -3.93 20.48
N PRO C 97 46.69 -2.65 20.62
CA PRO C 97 45.38 -2.05 20.84
C PRO C 97 44.43 -2.29 19.72
N THR C 98 43.19 -2.50 20.08
CA THR C 98 42.17 -2.76 19.10
C THR C 98 41.89 -1.58 18.21
N LYS C 99 41.71 -1.85 16.95
CA LYS C 99 41.45 -0.81 15.99
C LYS C 99 40.24 -0.03 16.34
N MET C 100 40.33 1.26 16.15
CA MET C 100 39.23 2.10 16.42
C MET C 100 38.62 2.67 15.17
N TYR C 101 38.92 2.09 14.02
CA TYR C 101 38.39 2.57 12.77
C TYR C 101 38.67 1.57 11.69
N GLY C 102 38.36 1.93 10.47
CA GLY C 102 38.62 1.07 9.32
C GLY C 102 38.16 -0.36 9.55
N ARG C 103 38.84 -1.31 8.90
CA ARG C 103 38.50 -2.71 9.04
C ARG C 103 38.69 -3.20 10.47
N GLY C 104 37.98 -4.25 10.84
CA GLY C 104 38.07 -4.81 12.18
C GLY C 104 37.97 -3.75 13.25
N LYS C 105 37.04 -2.82 13.08
CA LYS C 105 36.85 -1.76 14.03
C LYS C 105 36.20 -2.26 15.29
N GLY C 106 36.84 -2.01 16.42
CA GLY C 106 36.31 -2.47 17.70
C GLY C 106 36.48 -3.94 17.97
N MET C 107 37.17 -4.68 17.09
CA MET C 107 37.22 -6.12 17.25
C MET C 107 38.62 -6.69 17.06
N ALA C 108 39.36 -6.16 16.12
CA ALA C 108 40.66 -6.70 15.76
C ALA C 108 41.79 -5.84 16.33
N PRO C 109 42.90 -6.47 16.69
CA PRO C 109 44.03 -5.71 17.23
C PRO C 109 44.84 -5.05 16.13
N ASP C 110 45.46 -3.93 16.50
CA ASP C 110 46.38 -3.22 15.64
C ASP C 110 47.79 -3.65 15.97
N LEU C 111 48.48 -4.23 14.99
CA LEU C 111 49.83 -4.74 15.18
C LEU C 111 50.91 -3.69 14.92
N LYS C 112 50.53 -2.40 14.94
CA LYS C 112 51.48 -1.35 14.57
C LYS C 112 52.71 -1.35 15.47
N TYR C 113 52.52 -1.59 16.78
CA TYR C 113 53.67 -1.59 17.68
C TYR C 113 54.48 -2.87 17.51
N VAL C 114 53.81 -4.00 17.31
CA VAL C 114 54.53 -5.25 17.15
C VAL C 114 55.42 -5.19 15.90
N GLU C 115 54.90 -4.57 14.83
CA GLU C 115 55.70 -4.42 13.62
C GLU C 115 56.82 -3.42 13.83
N SER C 116 56.52 -2.34 14.55
CA SER C 116 57.50 -1.30 14.83
C SER C 116 58.68 -1.85 15.64
N VAL C 117 58.41 -2.69 16.63
CA VAL C 117 59.49 -3.30 17.40
C VAL C 117 60.31 -4.23 16.53
N SER C 118 59.65 -4.98 15.65
CA SER C 118 60.36 -5.91 14.76
C SER C 118 61.38 -5.18 13.89
N ARG C 119 61.04 -3.95 13.45
CA ARG C 119 61.98 -3.21 12.62
C ARG C 119 63.17 -2.71 13.42
N THR C 120 62.96 -2.37 14.70
CA THR C 120 64.10 -2.03 15.55
C THR C 120 65.00 -3.23 15.77
N ILE C 121 64.42 -4.42 15.91
CA ILE C 121 65.23 -5.63 16.05
C ILE C 121 66.05 -5.86 14.79
N ALA C 122 65.42 -5.72 13.62
CA ALA C 122 66.14 -5.88 12.37
C ALA C 122 67.27 -4.87 12.24
N GLN C 123 67.06 -3.66 12.77
CA GLN C 123 68.05 -2.60 12.63
C GLN C 123 69.25 -2.80 13.55
N TYR C 124 69.03 -3.33 14.77
CA TYR C 124 70.10 -3.34 15.76
C TYR C 124 70.54 -4.73 16.20
N ALA C 125 69.94 -5.80 15.69
CA ALA C 125 70.35 -7.15 16.10
C ALA C 125 71.82 -7.41 15.77
N GLY C 126 72.22 -7.18 14.52
CA GLY C 126 73.60 -7.37 14.12
C GLY C 126 74.10 -8.80 14.18
N GLY C 127 73.20 -9.77 14.24
CA GLY C 127 73.57 -11.16 14.39
C GLY C 127 72.35 -12.02 14.65
N PRO C 128 72.55 -13.33 14.72
CA PRO C 128 71.41 -14.24 14.94
C PRO C 128 70.73 -13.97 16.27
N LYS C 129 69.40 -13.99 16.26
CA LYS C 129 68.60 -13.78 17.46
C LYS C 129 67.38 -14.68 17.41
N ILE C 130 66.95 -15.13 18.59
CA ILE C 130 65.65 -15.75 18.76
C ILE C 130 64.69 -14.68 19.25
N VAL C 131 63.57 -14.50 18.54
CA VAL C 131 62.58 -13.49 18.87
C VAL C 131 61.29 -14.20 19.25
N VAL C 132 60.74 -13.84 20.41
CA VAL C 132 59.60 -14.53 21.00
C VAL C 132 58.47 -13.54 21.25
N GLU C 133 57.32 -13.82 20.64
CA GLU C 133 56.13 -13.00 20.83
C GLU C 133 55.46 -13.54 22.09
N LYS C 134 55.27 -12.67 23.09
CA LYS C 134 54.68 -13.05 24.36
C LYS C 134 53.59 -12.05 24.71
N SER C 135 52.34 -12.47 24.60
CA SER C 135 51.23 -11.65 25.00
C SER C 135 50.12 -12.55 25.49
N THR C 136 49.05 -11.95 26.01
CA THR C 136 47.92 -12.73 26.48
C THR C 136 46.88 -12.98 25.41
N VAL C 137 46.85 -12.16 24.35
CA VAL C 137 45.93 -12.39 23.24
C VAL C 137 46.70 -12.37 21.92
N PRO C 138 47.46 -13.41 21.60
CA PRO C 138 48.17 -13.43 20.31
C PRO C 138 47.26 -13.92 19.18
N VAL C 139 47.15 -13.11 18.14
CA VAL C 139 46.45 -13.57 16.95
C VAL C 139 47.24 -13.05 15.74
N LYS C 140 48.04 -13.94 15.15
CA LYS C 140 48.88 -13.66 13.99
C LYS C 140 49.92 -12.58 14.24
N ALA C 141 50.17 -12.24 15.52
CA ALA C 141 51.23 -11.29 15.83
C ALA C 141 52.60 -11.87 15.51
N ALA C 142 52.80 -13.16 15.80
CA ALA C 142 54.07 -13.81 15.49
C ALA C 142 54.30 -13.93 13.99
N GLU C 143 53.23 -14.06 13.21
CA GLU C 143 53.36 -14.12 11.76
C GLU C 143 53.81 -12.78 11.18
N SER C 144 53.38 -11.66 11.77
CA SER C 144 53.81 -10.36 11.27
C SER C 144 55.27 -10.10 11.63
N ILE C 145 55.68 -10.55 12.83
CA ILE C 145 57.09 -10.47 13.20
C ILE C 145 57.93 -11.28 12.20
N GLY C 146 57.50 -12.50 11.91
CA GLY C 146 58.26 -13.34 11.00
C GLY C 146 58.34 -12.76 9.59
N CYS C 147 57.26 -12.12 9.14
CA CYS C 147 57.28 -11.52 7.80
C CYS C 147 58.36 -10.45 7.69
N ILE C 148 58.50 -9.60 8.72
CA ILE C 148 59.50 -8.55 8.67
C ILE C 148 60.89 -9.13 8.81
N LEU C 149 61.08 -10.07 9.74
CA LEU C 149 62.42 -10.57 10.02
C LEU C 149 62.92 -11.53 8.94
N ARG C 150 62.02 -12.21 8.22
CA ARG C 150 62.48 -13.02 7.09
C ARG C 150 63.08 -12.14 6.01
N GLU C 151 62.45 -10.99 5.75
CA GLU C 151 62.99 -10.05 4.79
C GLU C 151 64.29 -9.42 5.27
N ALA C 152 64.37 -9.12 6.57
CA ALA C 152 65.62 -8.59 7.11
C ALA C 152 66.74 -9.60 6.94
N GLN C 153 66.45 -10.88 7.18
CA GLN C 153 67.43 -11.94 6.96
C GLN C 153 67.74 -12.13 5.48
N LYS C 154 66.75 -11.92 4.61
CA LYS C 154 66.99 -12.19 3.20
C LYS C 154 67.85 -11.10 2.57
N ASN C 155 67.82 -9.88 3.11
CA ASN C 155 68.66 -8.80 2.62
C ASN C 155 69.93 -8.63 3.45
N ASN C 156 70.22 -9.62 4.29
CA ASN C 156 71.39 -9.60 5.16
C ASN C 156 71.57 -10.96 5.82
N GLU C 157 72.32 -11.84 5.18
CA GLU C 157 72.58 -13.19 5.68
C GLU C 157 73.05 -13.24 7.13
N ASN C 158 73.75 -12.19 7.57
CA ASN C 158 74.26 -12.15 8.94
C ASN C 158 73.15 -12.22 10.00
N LEU C 159 71.91 -11.88 9.63
CA LEU C 159 70.82 -11.82 10.60
C LEU C 159 69.92 -13.04 10.43
N LYS C 160 70.25 -14.12 11.11
CA LYS C 160 69.43 -15.33 11.05
C LYS C 160 68.49 -15.33 12.25
N PHE C 161 67.20 -15.16 11.97
CA PHE C 161 66.16 -15.05 12.98
C PHE C 161 65.32 -16.30 13.04
N GLN C 162 64.89 -16.66 14.24
CA GLN C 162 63.87 -17.68 14.44
C GLN C 162 62.81 -17.06 15.34
N VAL C 163 61.58 -16.97 14.84
CA VAL C 163 60.49 -16.34 15.57
C VAL C 163 59.66 -17.42 16.24
N LEU C 164 59.45 -17.26 17.55
CA LEU C 164 58.67 -18.19 18.35
C LEU C 164 57.45 -17.47 18.94
N SER C 165 56.40 -18.24 19.17
CA SER C 165 55.19 -17.77 19.86
C SER C 165 55.17 -18.40 21.24
N ASN C 166 55.11 -17.56 22.27
CA ASN C 166 55.13 -18.03 23.67
C ASN C 166 54.11 -17.26 24.49
N PRO C 167 52.81 -17.60 24.35
CA PRO C 167 51.77 -16.86 25.06
C PRO C 167 51.96 -16.88 26.57
N GLU C 168 51.51 -15.81 27.22
CA GLU C 168 51.60 -15.68 28.67
C GLU C 168 50.25 -16.07 29.29
N PHE C 169 50.31 -16.93 30.31
CA PHE C 169 49.10 -17.44 30.95
C PHE C 169 48.83 -16.85 32.31
N LEU C 170 49.71 -15.97 32.82
CA LEU C 170 49.51 -15.38 34.13
C LEU C 170 48.20 -14.60 34.18
N ALA C 171 47.57 -14.61 35.35
CA ALA C 171 46.46 -13.73 35.67
C ALA C 171 46.94 -12.68 36.66
N GLU C 172 46.53 -11.43 36.44
CA GLU C 172 46.96 -10.35 37.32
C GLU C 172 46.38 -10.53 38.72
N GLY C 173 47.12 -10.02 39.71
CA GLY C 173 46.82 -10.25 41.10
C GLY C 173 47.45 -11.52 41.66
N THR C 174 47.67 -12.53 40.82
CA THR C 174 48.32 -13.77 41.21
C THR C 174 49.49 -14.09 40.28
N ALA C 175 50.10 -13.06 39.68
CA ALA C 175 51.06 -13.27 38.61
C ALA C 175 52.30 -14.04 39.10
N MET C 176 52.80 -13.71 40.29
CA MET C 176 54.05 -14.34 40.74
C MET C 176 53.85 -15.82 41.05
N LYS C 177 52.74 -16.19 41.67
CA LYS C 177 52.43 -17.59 41.91
C LYS C 177 52.19 -18.32 40.58
N ASP C 178 51.52 -17.66 39.63
CA ASP C 178 51.26 -18.30 38.34
C ASP C 178 52.56 -18.53 37.57
N LEU C 179 53.45 -17.55 37.58
CA LEU C 179 54.72 -17.67 36.91
C LEU C 179 55.63 -18.71 37.50
N ALA C 180 55.66 -18.78 38.81
CA ALA C 180 56.44 -19.77 39.51
C ALA C 180 55.94 -21.20 39.36
N ASN C 181 54.64 -21.38 39.32
CA ASN C 181 54.05 -22.70 39.15
C ASN C 181 52.96 -22.74 38.10
N PRO C 182 53.38 -22.55 36.79
CA PRO C 182 52.30 -22.58 35.79
C PRO C 182 51.71 -23.93 35.45
N ASP C 183 50.44 -23.94 35.10
CA ASP C 183 49.79 -25.16 34.69
C ASP C 183 50.40 -25.59 33.39
N ARG C 184 50.67 -24.64 32.52
CA ARG C 184 51.28 -24.95 31.25
C ARG C 184 52.10 -23.83 30.65
N VAL C 185 53.07 -24.19 29.84
CA VAL C 185 53.90 -23.26 29.15
C VAL C 185 53.70 -23.69 27.72
N LEU C 186 53.32 -22.78 26.86
CA LEU C 186 53.00 -23.07 25.47
C LEU C 186 54.01 -22.36 24.57
N ILE C 187 54.70 -23.13 23.73
CA ILE C 187 55.72 -22.60 22.83
C ILE C 187 55.44 -23.12 21.42
N GLY C 188 55.34 -22.20 20.48
CA GLY C 188 55.13 -22.53 19.08
C GLY C 188 56.26 -21.99 18.23
N GLY C 189 56.67 -22.78 17.24
CA GLY C 189 57.72 -22.36 16.32
C GLY C 189 57.61 -23.13 15.02
N GLU C 190 58.39 -22.68 14.03
CA GLU C 190 58.35 -23.32 12.73
C GLU C 190 58.94 -24.72 12.77
N SER C 191 58.42 -25.59 11.91
CA SER C 191 58.80 -27.00 11.86
C SER C 191 59.97 -27.14 10.89
N SER C 192 61.18 -26.94 11.42
CA SER C 192 62.41 -27.01 10.63
C SER C 192 63.55 -27.27 11.58
N PRO C 193 64.73 -27.65 11.07
CA PRO C 193 65.88 -27.86 11.97
C PRO C 193 66.18 -26.68 12.88
N GLU C 194 66.36 -25.48 12.33
CA GLU C 194 66.64 -24.35 13.19
C GLU C 194 65.44 -23.96 14.05
N GLY C 195 64.23 -24.14 13.54
CA GLY C 195 63.05 -23.84 14.32
C GLY C 195 62.94 -24.72 15.55
N LEU C 196 63.19 -26.02 15.38
CA LEU C 196 63.15 -26.92 16.53
C LEU C 196 64.28 -26.62 17.49
N GLN C 197 65.45 -26.22 16.95
CA GLN C 197 66.56 -25.86 17.82
C GLN C 197 66.25 -24.60 18.64
N ALA C 198 65.61 -23.62 18.01
CA ALA C 198 65.25 -22.39 18.72
C ALA C 198 64.24 -22.66 19.83
N VAL C 199 63.24 -23.50 19.57
CA VAL C 199 62.29 -23.86 20.61
C VAL C 199 62.99 -24.57 21.76
N ALA C 200 63.92 -25.48 21.43
CA ALA C 200 64.63 -26.23 22.46
C ALA C 200 65.39 -25.30 23.40
N GLU C 201 65.93 -24.21 22.87
CA GLU C 201 66.67 -23.27 23.72
C GLU C 201 65.74 -22.50 24.65
N LEU C 202 64.50 -22.21 24.21
CA LEU C 202 63.55 -21.60 25.14
C LEU C 202 63.02 -22.62 26.16
N VAL C 203 62.81 -23.87 25.72
CA VAL C 203 62.42 -24.92 26.66
C VAL C 203 63.48 -25.08 27.75
N ARG C 204 64.75 -25.00 27.37
CA ARG C 204 65.83 -25.14 28.35
C ARG C 204 65.80 -24.03 29.39
N ILE C 205 65.41 -22.81 28.99
CA ILE C 205 65.26 -21.72 29.96
C ILE C 205 64.20 -22.07 31.00
N TYR C 206 63.01 -22.47 30.53
CA TYR C 206 61.91 -22.77 31.45
C TYR C 206 62.20 -24.01 32.29
N GLU C 207 63.00 -24.94 31.80
CA GLU C 207 63.28 -26.16 32.55
C GLU C 207 64.05 -25.90 33.83
N ASN C 208 64.54 -24.68 34.06
CA ASN C 208 65.13 -24.35 35.34
C ASN C 208 64.12 -24.39 36.48
N TRP C 209 62.83 -24.24 36.19
CA TRP C 209 61.84 -24.30 37.27
C TRP C 209 60.50 -24.87 36.84
N VAL C 210 60.30 -25.20 35.57
CA VAL C 210 59.04 -25.78 35.08
C VAL C 210 59.33 -27.22 34.66
N PRO C 211 58.57 -28.20 35.14
CA PRO C 211 58.79 -29.59 34.70
C PRO C 211 58.53 -29.74 33.21
N ARG C 212 59.26 -30.67 32.58
CA ARG C 212 59.12 -30.85 31.14
C ARG C 212 57.68 -31.23 30.77
N ASN C 213 57.03 -32.03 31.61
CA ASN C 213 55.68 -32.50 31.31
C ASN C 213 54.64 -31.39 31.29
N ARG C 214 55.01 -30.17 31.67
CA ARG C 214 54.08 -29.04 31.62
C ARG C 214 54.39 -28.07 30.49
N ILE C 215 55.39 -28.37 29.67
CA ILE C 215 55.78 -27.51 28.56
C ILE C 215 55.29 -28.15 27.28
N ILE C 216 54.48 -27.41 26.52
CA ILE C 216 53.90 -27.88 25.27
C ILE C 216 54.57 -27.16 24.12
N THR C 217 55.09 -27.92 23.16
CA THR C 217 55.69 -27.39 21.96
C THR C 217 54.84 -27.77 20.75
N THR C 218 54.64 -26.83 19.84
CA THR C 218 53.82 -27.04 18.66
C THR C 218 54.28 -26.02 17.61
N ASN C 219 53.49 -25.89 16.53
CA ASN C 219 53.81 -24.86 15.56
C ASN C 219 53.26 -23.51 16.01
N THR C 220 53.64 -22.47 15.26
CA THR C 220 53.32 -21.10 15.66
C THR C 220 51.81 -20.87 15.72
N TRP C 221 51.10 -21.23 14.65
CA TRP C 221 49.68 -20.91 14.61
C TRP C 221 48.91 -21.69 15.64
N SER C 222 49.22 -22.98 15.83
CA SER C 222 48.53 -23.78 16.83
C SER C 222 48.71 -23.17 18.21
N SER C 223 49.90 -22.64 18.48
CA SER C 223 50.19 -22.00 19.76
C SER C 223 49.29 -20.78 19.98
N GLU C 224 49.13 -19.93 18.95
CA GLU C 224 48.31 -18.73 19.11
C GLU C 224 46.82 -19.07 19.17
N LEU C 225 46.36 -19.99 18.33
CA LEU C 225 44.94 -20.36 18.35
C LEU C 225 44.56 -21.01 19.67
N SER C 226 45.46 -21.83 20.22
CA SER C 226 45.19 -22.47 21.50
C SER C 226 45.01 -21.46 22.60
N LYS C 227 45.87 -20.43 22.63
CA LYS C 227 45.72 -19.37 23.62
C LYS C 227 44.41 -18.62 23.42
N LEU C 228 44.10 -18.27 22.16
CA LEU C 228 42.86 -17.56 21.87
C LEU C 228 41.64 -18.37 22.33
N VAL C 229 41.69 -19.68 22.13
CA VAL C 229 40.55 -20.53 22.50
C VAL C 229 40.48 -20.69 24.00
N ALA C 230 41.63 -20.85 24.66
CA ALA C 230 41.66 -21.04 26.11
C ALA C 230 41.06 -19.83 26.82
N ASN C 231 41.44 -18.62 26.41
CA ASN C 231 40.86 -17.42 27.00
C ASN C 231 39.33 -17.40 26.82
N ALA C 232 38.86 -17.76 25.62
CA ALA C 232 37.43 -17.72 25.36
C ALA C 232 36.68 -18.72 26.23
N PHE C 233 37.29 -19.89 26.47
CA PHE C 233 36.68 -20.86 27.37
C PHE C 233 36.51 -20.30 28.78
N LEU C 234 37.54 -19.60 29.28
CA LEU C 234 37.45 -19.01 30.61
C LEU C 234 36.34 -17.96 30.67
N ALA C 235 36.30 -17.06 29.68
CA ALA C 235 35.25 -16.05 29.67
C ALA C 235 33.87 -16.69 29.59
N GLN C 236 33.75 -17.81 28.87
CA GLN C 236 32.45 -18.45 28.69
C GLN C 236 31.95 -19.03 30.01
N ARG C 237 32.85 -19.55 30.84
CA ARG C 237 32.44 -20.02 32.16
C ARG C 237 31.82 -18.88 32.96
N ILE C 238 32.43 -17.71 32.91
CA ILE C 238 31.90 -16.57 33.64
C ILE C 238 30.54 -16.14 33.09
N SER C 239 30.43 -16.02 31.76
CA SER C 239 29.16 -15.59 31.18
C SER C 239 28.06 -16.63 31.39
N SER C 240 28.41 -17.92 31.37
CA SER C 240 27.41 -18.95 31.65
C SER C 240 26.90 -18.86 33.08
N ILE C 241 27.81 -18.75 34.05
CA ILE C 241 27.36 -18.68 35.43
C ILE C 241 26.65 -17.36 35.69
N ASN C 242 27.04 -16.29 34.99
CA ASN C 242 26.35 -15.00 35.12
C ASN C 242 24.96 -15.04 34.51
N SER C 243 24.78 -15.75 33.40
CA SER C 243 23.44 -15.87 32.84
C SER C 243 22.52 -16.64 33.78
N ILE C 244 23.06 -17.62 34.51
CA ILE C 244 22.25 -18.39 35.44
C ILE C 244 21.91 -17.58 36.68
N SER C 245 22.76 -16.61 37.04
CA SER C 245 22.48 -15.77 38.20
C SER C 245 21.15 -15.03 38.06
N ALA C 246 20.77 -14.65 36.83
CA ALA C 246 19.47 -14.04 36.64
C ALA C 246 18.34 -15.04 36.86
N VAL C 247 18.56 -16.30 36.47
CA VAL C 247 17.56 -17.35 36.70
C VAL C 247 17.39 -17.61 38.20
N CYS C 248 18.49 -17.57 38.95
CA CYS C 248 18.39 -17.73 40.39
C CYS C 248 17.58 -16.59 41.01
N GLU C 249 17.88 -15.36 40.62
CA GLU C 249 17.14 -14.20 41.12
C GLU C 249 15.67 -14.31 40.80
N ALA C 250 15.33 -14.88 39.64
CA ALA C 250 13.95 -14.94 39.18
C ALA C 250 13.16 -16.09 39.79
N THR C 251 13.83 -17.09 40.37
CA THR C 251 13.14 -18.30 40.84
C THR C 251 13.41 -18.59 42.32
N GLY C 252 14.12 -17.71 43.01
CA GLY C 252 14.35 -17.89 44.44
C GLY C 252 15.48 -18.83 44.82
N ALA C 253 16.35 -19.18 43.88
CA ALA C 253 17.55 -19.96 44.16
C ALA C 253 18.76 -19.04 44.35
N GLU C 254 19.86 -19.63 44.79
CA GLU C 254 21.12 -18.93 45.05
C GLU C 254 22.18 -19.37 44.06
N ILE C 255 22.78 -18.41 43.36
CA ILE C 255 23.77 -18.78 42.34
C ILE C 255 24.99 -19.46 42.96
N SER C 256 25.34 -19.10 44.21
CA SER C 256 26.48 -19.74 44.85
CA SER C 256 26.48 -19.74 44.85
C SER C 256 26.22 -21.21 45.12
N GLU C 257 25.02 -21.54 45.54
CA GLU C 257 24.60 -22.91 45.72
C GLU C 257 24.55 -23.70 44.39
N VAL C 258 24.06 -23.10 43.34
CA VAL C 258 24.05 -23.75 42.03
C VAL C 258 25.47 -24.00 41.55
N ALA C 259 26.33 -22.97 41.62
CA ALA C 259 27.70 -23.12 41.16
C ALA C 259 28.44 -24.18 41.98
N HIS C 260 28.22 -24.20 43.30
CA HIS C 260 28.86 -25.20 44.15
C HIS C 260 28.48 -26.60 43.70
N ALA C 261 27.19 -26.83 43.44
CA ALA C 261 26.74 -28.14 42.97
C ALA C 261 27.25 -28.45 41.58
N VAL C 262 27.24 -27.45 40.69
CA VAL C 262 27.72 -27.67 39.33
C VAL C 262 29.20 -28.07 39.33
N GLY C 263 30.01 -27.38 40.14
CA GLY C 263 31.45 -27.57 40.13
C GLY C 263 31.94 -28.89 40.69
N TYR C 264 31.09 -29.65 41.39
CA TYR C 264 31.51 -30.95 41.90
C TYR C 264 31.75 -31.96 40.80
N ASP C 265 31.22 -31.72 39.61
CA ASP C 265 31.52 -32.57 38.47
C ASP C 265 32.92 -32.26 37.98
N THR C 266 33.83 -33.22 38.13
CA THR C 266 35.20 -32.99 37.70
C THR C 266 35.29 -32.79 36.20
N ARG C 267 34.28 -33.22 35.43
CA ARG C 267 34.29 -32.95 34.00
C ARG C 267 34.06 -31.47 33.71
N ILE C 268 33.45 -30.74 34.65
CA ILE C 268 33.25 -29.31 34.53
C ILE C 268 34.33 -28.52 35.27
N GLY C 269 34.74 -29.01 36.43
CA GLY C 269 35.66 -28.27 37.27
C GLY C 269 34.97 -27.24 38.14
N SER C 270 35.56 -26.93 39.29
CA SER C 270 34.95 -26.05 40.28
C SER C 270 35.46 -24.62 40.24
N LYS C 271 36.47 -24.32 39.44
CA LYS C 271 37.04 -22.98 39.41
C LYS C 271 36.32 -22.12 38.36
N PHE C 272 36.50 -20.81 38.49
CA PHE C 272 35.97 -19.85 37.53
C PHE C 272 34.45 -20.00 37.36
N LEU C 273 33.76 -20.20 38.48
CA LEU C 273 32.30 -20.25 38.50
C LEU C 273 31.74 -19.22 39.47
N GLN C 274 32.48 -18.13 39.68
CA GLN C 274 32.08 -17.09 40.61
C GLN C 274 31.32 -16.01 39.85
N ALA C 275 30.00 -15.93 40.11
CA ALA C 275 29.20 -14.89 39.50
C ALA C 275 29.73 -13.51 39.88
N SER C 276 29.46 -12.54 39.01
CA SER C 276 30.02 -11.19 39.18
C SER C 276 29.22 -10.22 38.33
N VAL C 277 29.47 -8.94 38.57
CA VAL C 277 28.89 -7.88 37.76
C VAL C 277 29.33 -7.96 36.30
N GLY C 278 30.42 -8.65 36.04
CA GLY C 278 30.91 -8.88 34.69
C GLY C 278 32.42 -8.90 34.73
N PHE C 279 33.00 -9.71 33.85
CA PHE C 279 34.44 -9.80 33.80
C PHE C 279 35.05 -8.54 33.19
N GLY C 280 36.24 -8.20 33.64
CA GLY C 280 37.00 -7.11 33.07
C GLY C 280 38.39 -7.61 32.71
N GLY C 281 39.33 -6.69 32.53
CA GLY C 281 40.66 -7.06 32.16
C GLY C 281 40.92 -6.85 30.68
N SER C 282 42.19 -6.67 30.35
CA SER C 282 42.61 -6.43 28.98
C SER C 282 42.62 -7.68 28.11
N CYS C 283 42.21 -8.84 28.62
CA CYS C 283 42.33 -10.09 27.88
C CYS C 283 40.99 -10.62 27.37
N PHE C 284 40.02 -10.83 28.25
CA PHE C 284 38.87 -11.67 27.89
C PHE C 284 38.03 -11.03 26.79
N GLN C 285 37.61 -9.78 26.97
CA GLN C 285 36.76 -9.15 25.96
C GLN C 285 37.49 -9.00 24.62
N LYS C 286 38.73 -8.50 24.68
CA LYS C 286 39.55 -8.39 23.47
C LYS C 286 39.74 -9.74 22.81
N ASP C 287 39.88 -10.80 23.61
CA ASP C 287 40.11 -12.12 23.06
C ASP C 287 38.87 -12.66 22.35
N VAL C 288 37.71 -12.58 23.02
CA VAL C 288 36.49 -13.10 22.43
C VAL C 288 36.11 -12.34 21.17
N LEU C 289 36.22 -11.01 21.20
CA LEU C 289 35.91 -10.23 19.99
C LEU C 289 36.87 -10.56 18.87
N SER C 290 38.14 -10.80 19.21
CA SER C 290 39.14 -11.21 18.24
C SER C 290 38.80 -12.58 17.64
N LEU C 291 38.30 -13.49 18.48
CA LEU C 291 37.86 -14.80 17.98
C LEU C 291 36.64 -14.63 17.08
N VAL C 292 35.70 -13.78 17.48
CA VAL C 292 34.52 -13.51 16.65
C VAL C 292 34.95 -12.98 15.29
N TYR C 293 35.91 -12.04 15.28
CA TYR C 293 36.34 -11.44 14.02
C TYR C 293 37.07 -12.46 13.16
N LEU C 294 37.86 -13.31 13.80
CA LEU C 294 38.59 -14.36 13.08
C LEU C 294 37.61 -15.32 12.42
N CYS C 295 36.48 -15.53 13.09
CA CYS C 295 35.44 -16.42 12.59
C CYS C 295 34.74 -15.81 11.37
N GLU C 296 34.35 -14.55 11.50
CA GLU C 296 33.67 -13.85 10.41
C GLU C 296 34.54 -13.81 9.16
N SER C 297 35.85 -13.67 9.36
CA SER C 297 36.80 -13.61 8.25
C SER C 297 36.98 -14.98 7.61
N LEU C 298 36.65 -16.03 8.36
CA LEU C 298 36.78 -17.39 7.85
C LEU C 298 35.43 -17.92 7.36
N ASN C 299 34.48 -17.02 7.13
CA ASN C 299 33.18 -17.41 6.67
C ASN C 299 32.47 -18.45 7.53
N LEU C 300 32.44 -18.16 8.81
CA LEU C 300 31.77 -18.98 9.75
C LEU C 300 30.80 -18.15 10.59
N PRO C 301 29.68 -17.66 10.08
CA PRO C 301 28.83 -16.83 10.96
C PRO C 301 28.34 -17.55 12.21
N GLN C 302 28.02 -18.84 12.09
CA GLN C 302 27.50 -19.61 13.22
C GLN C 302 28.47 -19.67 14.39
N VAL C 303 29.76 -19.83 14.11
CA VAL C 303 30.74 -19.90 15.19
C VAL C 303 30.95 -18.50 15.77
N ALA C 304 30.97 -17.49 14.90
CA ALA C 304 31.06 -16.12 15.37
C ALA C 304 29.88 -15.76 16.27
N ASP C 305 28.67 -16.14 15.85
CA ASP C 305 27.49 -15.86 16.66
C ASP C 305 27.56 -16.57 18.01
N TYR C 306 28.04 -17.82 18.01
CA TYR C 306 28.12 -18.58 19.25
C TYR C 306 29.00 -17.87 20.27
N TRP C 307 30.19 -17.46 19.86
CA TRP C 307 31.12 -16.83 20.79
C TRP C 307 30.76 -15.39 21.11
N GLN C 308 30.06 -14.70 20.20
CA GLN C 308 29.55 -13.37 20.52
C GLN C 308 28.65 -13.40 21.74
N GLY C 309 27.95 -14.51 21.97
CA GLY C 309 27.07 -14.61 23.11
C GLY C 309 27.76 -14.39 24.44
N VAL C 310 29.05 -14.72 24.53
CA VAL C 310 29.77 -14.48 25.77
C VAL C 310 29.86 -12.99 26.06
N ILE C 311 30.07 -12.18 25.02
CA ILE C 311 30.13 -10.73 25.21
C ILE C 311 28.75 -10.16 25.48
N ASN C 312 27.73 -10.64 24.75
CA ASN C 312 26.37 -10.12 24.94
C ASN C 312 25.92 -10.30 26.38
N ILE C 313 26.18 -11.48 26.96
CA ILE C 313 25.79 -11.71 28.34
C ILE C 313 26.59 -10.80 29.27
N ASN C 314 27.89 -10.64 29.01
CA ASN C 314 28.70 -9.79 29.88
C ASN C 314 28.18 -8.36 29.87
N ASN C 315 27.91 -7.81 28.69
CA ASN C 315 27.35 -6.47 28.62
C ASN C 315 25.98 -6.41 29.28
N TRP C 316 25.17 -7.45 29.08
CA TRP C 316 23.83 -7.49 29.66
C TRP C 316 23.87 -7.57 31.19
N GLN C 317 24.83 -8.31 31.73
CA GLN C 317 24.94 -8.42 33.19
C GLN C 317 25.30 -7.08 33.81
N ARG C 318 26.24 -6.34 33.21
CA ARG C 318 26.59 -5.02 33.72
C ARG C 318 25.41 -4.06 33.66
N ARG C 319 24.74 -4.02 32.52
CA ARG C 319 23.65 -3.07 32.33
C ARG C 319 22.49 -3.37 33.28
N ARG C 320 22.13 -4.64 33.44
CA ARG C 320 21.00 -4.96 34.30
C ARG C 320 21.31 -4.73 35.77
N PHE C 321 22.58 -4.85 36.15
CA PHE C 321 22.99 -4.56 37.53
C PHE C 321 22.84 -3.07 37.83
N ALA C 322 23.35 -2.22 36.93
CA ALA C 322 23.19 -0.78 37.12
C ALA C 322 21.71 -0.39 37.09
N ASP C 323 20.92 -1.07 36.24
CA ASP C 323 19.50 -0.78 36.17
C ASP C 323 18.81 -1.18 37.45
N LYS C 324 19.22 -2.31 38.05
CA LYS C 324 18.60 -2.76 39.30
C LYS C 324 18.94 -1.83 40.45
N ILE C 325 20.17 -1.29 40.46
CA ILE C 325 20.55 -0.31 41.48
C ILE C 325 19.61 0.89 41.43
N ILE C 326 19.37 1.43 40.23
CA ILE C 326 18.53 2.62 40.12
C ILE C 326 17.09 2.28 40.50
N ALA C 327 16.57 1.15 40.03
CA ALA C 327 15.19 0.77 40.34
C ALA C 327 15.02 0.50 41.83
N GLU C 328 16.01 -0.15 42.45
CA GLU C 328 15.90 -0.42 43.88
C GLU C 328 16.07 0.83 44.73
N LEU C 329 16.65 1.90 44.17
CA LEU C 329 16.72 3.19 44.86
C LEU C 329 15.59 4.12 44.45
N PHE C 330 14.37 3.58 44.37
CA PHE C 330 13.15 4.36 44.14
C PHE C 330 13.17 5.07 42.78
N ASN C 331 13.77 4.45 41.76
CA ASN C 331 13.80 4.98 40.39
C ASN C 331 14.57 6.29 40.29
N THR C 332 15.33 6.66 41.31
CA THR C 332 16.05 7.92 41.18
C THR C 332 17.38 7.85 41.91
N VAL C 333 18.43 8.28 41.23
CA VAL C 333 19.72 8.44 41.89
C VAL C 333 20.21 9.86 41.61
N THR C 334 19.36 10.67 40.99
CA THR C 334 19.62 12.09 40.81
C THR C 334 19.98 12.73 42.14
N ASP C 335 21.22 13.22 42.24
CA ASP C 335 21.77 13.93 43.40
C ASP C 335 21.89 13.07 44.64
N LYS C 336 21.73 11.75 44.52
CA LYS C 336 21.92 10.85 45.65
C LYS C 336 23.39 10.48 45.78
N LYS C 337 23.92 10.54 47.00
CA LYS C 337 25.28 10.09 47.24
C LYS C 337 25.30 8.56 47.29
N ILE C 338 26.13 7.96 46.45
CA ILE C 338 26.30 6.51 46.39
C ILE C 338 27.78 6.21 46.55
N ALA C 339 28.12 5.36 47.52
CA ALA C 339 29.50 4.93 47.70
C ALA C 339 29.79 3.74 46.81
N ILE C 340 30.95 3.77 46.14
CA ILE C 340 31.41 2.68 45.29
C ILE C 340 32.59 2.02 45.97
N PHE C 341 32.47 0.72 46.26
CA PHE C 341 33.56 -0.07 46.82
C PHE C 341 34.21 -0.89 45.72
N GLY C 342 35.34 -0.41 45.22
CA GLY C 342 36.12 -1.15 44.24
C GLY C 342 36.11 -0.51 42.87
N PHE C 343 37.28 -0.46 42.24
CA PHE C 343 37.37 0.10 40.89
C PHE C 343 38.20 -0.79 39.98
N ALA C 344 39.18 -1.50 40.53
CA ALA C 344 40.01 -2.39 39.71
C ALA C 344 39.18 -3.52 39.10
N PHE C 345 39.68 -4.12 38.02
CA PHE C 345 38.89 -5.14 37.36
C PHE C 345 38.88 -6.46 38.13
N LYS C 346 39.77 -6.62 39.11
CA LYS C 346 39.75 -7.75 40.04
C LYS C 346 40.58 -7.34 41.25
N LYS C 347 40.62 -8.21 42.26
CA LYS C 347 41.32 -7.81 43.46
C LYS C 347 42.83 -7.98 43.30
N ASN C 348 43.57 -7.30 44.17
CA ASN C 348 45.03 -7.41 44.27
C ASN C 348 45.73 -6.93 43.00
N THR C 349 45.17 -5.89 42.38
CA THR C 349 45.83 -5.20 41.28
C THR C 349 45.32 -3.77 41.23
N GLY C 350 46.14 -2.87 40.70
CA GLY C 350 45.73 -1.53 40.39
C GLY C 350 45.24 -1.34 38.97
N ASP C 351 45.24 -2.42 38.20
CA ASP C 351 44.84 -2.36 36.80
C ASP C 351 43.34 -2.14 36.69
N THR C 352 42.94 -1.19 35.84
CA THR C 352 41.53 -0.87 35.64
C THR C 352 41.04 -1.18 34.23
N ARG C 353 41.87 -1.82 33.40
CA ARG C 353 41.52 -1.97 31.99
C ARG C 353 40.24 -2.80 31.82
N GLU C 354 39.24 -2.18 31.18
CA GLU C 354 37.93 -2.79 30.94
C GLU C 354 37.23 -3.19 32.23
N SER C 355 37.56 -2.54 33.34
CA SER C 355 36.92 -2.86 34.60
C SER C 355 35.42 -2.59 34.50
N SER C 356 34.62 -3.52 35.04
CA SER C 356 33.18 -3.32 35.05
C SER C 356 32.78 -2.08 35.82
N ALA C 357 33.62 -1.61 36.75
CA ALA C 357 33.29 -0.41 37.51
C ALA C 357 33.12 0.80 36.61
N ILE C 358 33.87 0.86 35.50
CA ILE C 358 33.77 2.00 34.59
C ILE C 358 32.36 2.08 34.00
N HIS C 359 31.82 0.95 33.55
CA HIS C 359 30.49 0.99 32.92
C HIS C 359 29.39 1.20 33.94
N VAL C 360 29.53 0.67 35.15
CA VAL C 360 28.49 0.88 36.15
C VAL C 360 28.49 2.32 36.65
N ILE C 361 29.68 2.87 36.93
CA ILE C 361 29.77 4.24 37.38
C ILE C 361 29.29 5.20 36.29
N LYS C 362 29.64 4.92 35.04
CA LYS C 362 29.18 5.74 33.93
C LYS C 362 27.65 5.76 33.85
N HIS C 363 27.03 4.60 33.99
CA HIS C 363 25.57 4.53 33.97
C HIS C 363 24.96 5.37 35.10
N LEU C 364 25.54 5.28 36.29
CA LEU C 364 25.02 6.06 37.41
C LEU C 364 25.30 7.55 37.22
N MET C 365 26.43 7.90 36.59
CA MET C 365 26.71 9.31 36.31
C MET C 365 25.67 9.90 35.36
N GLU C 366 25.30 9.15 34.33
CA GLU C 366 24.30 9.65 33.38
C GLU C 366 22.94 9.84 34.02
N GLU C 367 22.70 9.20 35.16
CA GLU C 367 21.48 9.43 35.92
C GLU C 367 21.70 10.44 37.04
N HIS C 368 22.83 11.15 37.02
CA HIS C 368 23.11 12.29 37.89
C HIS C 368 23.34 11.88 39.34
N ALA C 369 23.90 10.70 39.58
CA ALA C 369 24.30 10.31 40.93
C ALA C 369 25.62 10.95 41.32
N LYS C 370 25.79 11.19 42.62
CA LYS C 370 27.05 11.66 43.17
C LYS C 370 27.78 10.44 43.73
N LEU C 371 28.95 10.12 43.16
CA LEU C 371 29.65 8.89 43.46
C LEU C 371 30.93 9.16 44.22
N SER C 372 31.09 8.48 45.35
CA SER C 372 32.30 8.49 46.14
C SER C 372 32.95 7.12 46.00
N VAL C 373 34.11 7.08 45.36
CA VAL C 373 34.75 5.83 44.97
C VAL C 373 35.97 5.59 45.86
N TYR C 374 36.09 4.36 46.36
CA TYR C 374 37.29 3.93 47.06
C TYR C 374 37.79 2.62 46.47
N ASP C 375 39.10 2.55 46.26
CA ASP C 375 39.79 1.34 45.86
C ASP C 375 41.15 1.31 46.54
N PRO C 376 41.56 0.16 47.07
CA PRO C 376 42.81 0.10 47.85
C PRO C 376 44.07 0.36 47.05
N LYS C 377 44.06 0.16 45.73
CA LYS C 377 45.31 0.20 44.97
C LYS C 377 45.28 1.06 43.72
N VAL C 378 44.12 1.35 43.15
CA VAL C 378 44.07 2.11 41.91
C VAL C 378 44.47 3.56 42.16
N GLN C 379 45.34 4.09 41.29
CA GLN C 379 45.75 5.49 41.38
C GLN C 379 44.55 6.41 41.13
N LYS C 380 44.50 7.51 41.87
CA LYS C 380 43.40 8.46 41.71
C LYS C 380 43.34 9.01 40.29
N SER C 381 44.49 9.46 39.77
CA SER C 381 44.52 10.00 38.41
C SER C 381 44.09 8.95 37.40
N GLN C 382 44.34 7.67 37.70
CA GLN C 382 43.91 6.61 36.80
C GLN C 382 42.39 6.51 36.77
N MET C 383 41.74 6.57 37.93
CA MET C 383 40.26 6.54 37.95
C MET C 383 39.69 7.72 37.20
N LEU C 384 40.21 8.93 37.46
CA LEU C 384 39.63 10.13 36.89
C LEU C 384 39.73 10.13 35.37
N ASN C 385 40.88 9.69 34.84
CA ASN C 385 41.05 9.64 33.40
C ASN C 385 40.12 8.61 32.76
N ASP C 386 39.94 7.46 33.42
CA ASP C 386 39.03 6.44 32.89
C ASP C 386 37.60 6.95 32.83
N LEU C 387 37.12 7.57 33.91
CA LEU C 387 35.74 8.04 33.93
C LEU C 387 35.53 9.20 32.97
N ALA C 388 36.51 10.11 32.88
CA ALA C 388 36.40 11.22 31.95
C ALA C 388 36.42 10.75 30.50
N SER C 389 37.14 9.66 30.23
CA SER C 389 37.29 9.18 28.86
C SER C 389 35.99 8.61 28.31
N VAL C 390 35.07 8.17 29.17
CA VAL C 390 33.77 7.69 28.73
C VAL C 390 32.68 8.75 28.93
N THR C 391 32.88 9.68 29.86
CA THR C 391 31.99 10.82 29.98
C THR C 391 32.47 12.22 29.60
N SER C 392 33.17 12.88 30.51
CA SER C 392 33.82 14.15 30.23
C SER C 392 34.52 14.58 31.52
N ALA C 393 35.53 15.43 31.35
CA ALA C 393 36.24 15.94 32.52
C ALA C 393 35.31 16.75 33.42
N GLN C 394 34.39 17.50 32.83
CA GLN C 394 33.46 18.30 33.63
C GLN C 394 32.47 17.42 34.38
N ASP C 395 31.94 16.38 33.72
CA ASP C 395 31.04 15.47 34.43
C ASP C 395 31.74 14.81 35.61
N VAL C 396 33.01 14.43 35.41
CA VAL C 396 33.76 13.82 36.49
C VAL C 396 33.98 14.81 37.63
N GLU C 397 34.21 16.08 37.28
CA GLU C 397 34.48 17.09 38.29
C GLU C 397 33.29 17.30 39.23
N ARG C 398 32.08 17.33 38.68
CA ARG C 398 30.91 17.61 39.50
C ARG C 398 30.35 16.37 40.20
N LEU C 399 30.57 15.16 39.68
CA LEU C 399 29.86 14.00 40.21
C LEU C 399 30.73 13.01 40.98
N ILE C 400 32.05 13.01 40.79
CA ILE C 400 32.92 11.97 41.33
C ILE C 400 33.77 12.54 42.46
N THR C 401 33.82 11.81 43.58
CA THR C 401 34.75 12.10 44.67
C THR C 401 35.54 10.83 44.97
N VAL C 402 36.85 10.97 45.11
CA VAL C 402 37.73 9.83 45.40
C VAL C 402 38.13 9.88 46.86
N GLU C 403 37.90 8.79 47.58
CA GLU C 403 38.25 8.71 48.99
C GLU C 403 39.40 7.72 49.18
N SER C 404 40.18 7.96 50.21
CA SER C 404 41.27 7.06 50.58
C SER C 404 40.87 6.10 51.68
N ASP C 405 39.60 6.12 52.07
CA ASP C 405 39.04 5.40 53.19
C ASP C 405 37.62 4.98 52.82
N PRO C 406 37.26 3.70 52.94
CA PRO C 406 35.88 3.30 52.57
C PRO C 406 34.84 3.89 53.50
N TYR C 407 35.18 4.11 54.78
CA TYR C 407 34.23 4.71 55.71
C TYR C 407 33.93 6.15 55.34
N ALA C 408 34.92 6.88 54.80
CA ALA C 408 34.66 8.23 54.34
C ALA C 408 33.73 8.23 53.13
N ALA C 409 33.91 7.26 52.23
CA ALA C 409 33.03 7.14 51.07
C ALA C 409 31.61 6.79 51.47
N ALA C 410 31.45 5.93 52.48
CA ALA C 410 30.12 5.47 52.86
C ALA C 410 29.38 6.45 53.77
N ARG C 411 30.09 7.38 54.37
CA ARG C 411 29.45 8.31 55.27
C ARG C 411 28.44 9.16 54.52
N GLY C 412 27.24 9.23 55.03
CA GLY C 412 26.24 10.04 54.39
C GLY C 412 25.71 9.51 53.09
N ALA C 413 26.07 8.28 52.72
CA ALA C 413 25.65 7.71 51.45
C ALA C 413 24.25 7.11 51.58
N HIS C 414 23.54 7.08 50.45
CA HIS C 414 22.26 6.36 50.43
C HIS C 414 22.47 4.88 50.17
N ALA C 415 23.53 4.54 49.44
CA ALA C 415 23.76 3.16 49.02
C ALA C 415 25.25 2.91 48.87
N ILE C 416 25.62 1.64 49.05
CA ILE C 416 26.96 1.15 48.77
C ILE C 416 26.87 0.15 47.63
N VAL C 417 27.80 0.24 46.69
CA VAL C 417 27.86 -0.69 45.57
C VAL C 417 29.23 -1.33 45.57
N VAL C 418 29.26 -2.65 45.74
CA VAL C 418 30.50 -3.40 45.78
C VAL C 418 30.78 -3.92 44.37
N LEU C 419 31.92 -3.53 43.81
CA LEU C 419 32.24 -3.89 42.43
C LEU C 419 33.52 -4.68 42.27
N THR C 420 34.39 -4.71 43.27
CA THR C 420 35.62 -5.51 43.21
C THR C 420 35.81 -6.25 44.53
N GLU C 421 36.21 -7.52 44.43
CA GLU C 421 36.21 -8.42 45.58
C GLU C 421 37.42 -8.24 46.52
N TRP C 422 37.84 -7.00 46.77
CA TRP C 422 38.95 -6.76 47.70
C TRP C 422 38.63 -7.34 49.07
N ASP C 423 39.60 -8.06 49.65
CA ASP C 423 39.40 -8.68 50.96
C ASP C 423 39.04 -7.65 52.03
N GLU C 424 39.51 -6.41 51.87
CA GLU C 424 39.25 -5.37 52.87
C GLU C 424 37.75 -5.12 53.05
N PHE C 425 36.96 -5.27 51.98
CA PHE C 425 35.52 -4.99 52.08
C PHE C 425 34.79 -6.05 52.90
N VAL C 426 35.33 -7.26 52.97
CA VAL C 426 34.68 -8.32 53.74
C VAL C 426 34.75 -8.05 55.23
N GLU C 427 35.77 -7.34 55.70
CA GLU C 427 36.01 -7.18 57.13
C GLU C 427 35.66 -5.79 57.66
N LEU C 428 34.91 -4.99 56.90
CA LEU C 428 34.54 -3.67 57.39
C LEU C 428 33.48 -3.77 58.48
N ASN C 429 33.36 -2.71 59.27
CA ASN C 429 32.35 -2.63 60.32
C ASN C 429 31.08 -2.05 59.71
N TYR C 430 30.21 -2.93 59.22
CA TYR C 430 29.00 -2.47 58.54
C TYR C 430 27.95 -1.96 59.52
N SER C 431 28.08 -2.25 60.81
CA SER C 431 27.23 -1.61 61.79
C SER C 431 27.55 -0.12 61.87
N GLN C 432 28.82 0.21 61.99
CA GLN C 432 29.23 1.62 61.99
C GLN C 432 28.86 2.30 60.68
N ILE C 433 29.04 1.60 59.56
CA ILE C 433 28.68 2.16 58.26
C ILE C 433 27.19 2.45 58.20
N HIS C 434 26.37 1.50 58.66
CA HIS C 434 24.92 1.65 58.59
C HIS C 434 24.45 2.82 59.43
N ASN C 435 25.05 3.02 60.61
CA ASN C 435 24.63 4.12 61.47
C ASN C 435 24.92 5.47 60.83
N ASP C 436 25.97 5.55 60.04
CA ASP C 436 26.44 6.80 59.47
C ASP C 436 25.95 7.04 58.05
N MET C 437 25.14 6.14 57.50
CA MET C 437 24.52 6.37 56.20
C MET C 437 23.17 7.06 56.36
N GLN C 438 22.60 7.52 55.29
CA GLN C 438 21.29 8.10 55.32
C GLN C 438 20.40 6.93 55.36
N HIS C 439 19.11 7.12 55.64
CA HIS C 439 18.18 5.99 55.68
C HIS C 439 16.94 6.18 54.81
N PRO C 440 16.40 5.08 54.29
CA PRO C 440 16.97 3.75 54.53
C PRO C 440 18.19 3.45 53.70
N ALA C 441 19.15 2.75 54.25
CA ALA C 441 20.36 2.43 53.54
C ALA C 441 20.34 1.15 52.76
N ALA C 442 20.91 1.21 51.58
CA ALA C 442 20.96 0.07 50.68
C ALA C 442 22.41 -0.33 50.40
N ILE C 443 22.60 -1.60 50.07
CA ILE C 443 23.90 -2.09 49.67
C ILE C 443 23.71 -3.13 48.58
N PHE C 444 24.52 -3.04 47.53
CA PHE C 444 24.40 -3.88 46.34
C PHE C 444 25.73 -4.60 46.18
N ASP C 445 25.70 -5.92 46.33
CA ASP C 445 26.92 -6.72 46.26
C ASP C 445 27.00 -7.29 44.85
N GLY C 446 27.86 -6.69 44.03
CA GLY C 446 28.14 -7.17 42.70
C GLY C 446 29.22 -8.22 42.64
N ARG C 447 29.72 -8.67 43.80
CA ARG C 447 30.79 -9.66 43.84
C ARG C 447 30.53 -10.82 44.77
N LEU C 448 29.41 -10.82 45.49
CA LEU C 448 29.00 -11.95 46.32
C LEU C 448 30.04 -12.28 47.39
N ILE C 449 30.62 -11.25 48.00
CA ILE C 449 31.61 -11.43 49.05
C ILE C 449 31.06 -11.14 50.45
N LEU C 450 29.88 -10.53 50.55
CA LEU C 450 29.31 -10.11 51.81
C LEU C 450 28.24 -11.09 52.29
N ASP C 451 28.03 -11.08 53.60
CA ASP C 451 27.04 -11.92 54.26
C ASP C 451 25.67 -11.24 54.18
N GLN C 452 24.80 -11.78 53.33
CA GLN C 452 23.48 -11.18 53.16
C GLN C 452 22.67 -11.21 54.46
N LYS C 453 22.71 -12.33 55.18
CA LYS C 453 21.92 -12.42 56.41
C LYS C 453 22.39 -11.41 57.45
N ALA C 454 23.71 -11.24 57.58
CA ALA C 454 24.24 -10.29 58.54
C ALA C 454 23.86 -8.86 58.16
N LEU C 455 23.96 -8.52 56.87
CA LEU C 455 23.60 -7.17 56.44
C LEU C 455 22.13 -6.90 56.69
N ARG C 456 21.29 -7.91 56.47
CA ARG C 456 19.86 -7.78 56.72
C ARG C 456 19.59 -7.61 58.22
N GLU C 457 20.33 -8.33 59.07
CA GLU C 457 20.14 -8.17 60.51
C GLU C 457 20.62 -6.81 60.99
N ILE C 458 21.62 -6.24 60.32
CA ILE C 458 22.07 -4.90 60.67
C ILE C 458 21.03 -3.85 60.32
N GLY C 459 20.22 -4.09 59.29
CA GLY C 459 19.16 -3.17 58.94
C GLY C 459 19.26 -2.63 57.52
N PHE C 460 20.17 -3.19 56.73
CA PHE C 460 20.31 -2.79 55.34
C PHE C 460 19.15 -3.29 54.50
N ARG C 461 18.80 -2.53 53.48
CA ARG C 461 18.15 -3.07 52.28
C ARG C 461 19.27 -3.66 51.44
N THR C 462 19.45 -4.98 51.48
CA THR C 462 20.63 -5.60 50.91
C THR C 462 20.28 -6.44 49.68
N PHE C 463 21.13 -6.34 48.66
CA PHE C 463 20.91 -7.00 47.39
C PHE C 463 22.22 -7.61 46.92
N ALA C 464 22.12 -8.68 46.14
CA ALA C 464 23.32 -9.33 45.62
C ALA C 464 22.97 -10.03 44.32
N ILE C 465 23.92 -10.00 43.38
CA ILE C 465 23.75 -10.74 42.14
C ILE C 465 23.60 -12.22 42.45
N GLY C 466 22.60 -12.86 41.83
CA GLY C 466 22.35 -14.26 42.03
C GLY C 466 21.48 -14.59 43.24
N THR C 467 21.03 -13.58 43.97
CA THR C 467 20.08 -13.73 45.06
C THR C 467 18.81 -12.97 44.70
N SER C 468 17.65 -13.62 44.89
CA SER C 468 16.39 -12.95 44.60
C SER C 468 16.30 -11.67 45.43
N PRO C 469 15.93 -10.57 44.79
CA PRO C 469 15.80 -9.28 45.47
C PRO C 469 14.51 -9.20 46.29
N ASP C 470 14.16 -10.29 46.96
CA ASP C 470 12.96 -10.33 47.77
C ASP C 470 13.26 -10.04 49.24
N THR D 2 5.91 -35.29 65.57
CA THR D 2 6.43 -36.66 65.57
C THR D 2 7.81 -36.67 64.91
N ASP D 3 8.80 -37.20 65.58
CA ASP D 3 10.15 -37.29 65.05
C ASP D 3 10.36 -38.67 64.55
N GLN D 4 11.35 -38.84 63.70
CA GLN D 4 11.73 -40.12 63.17
C GLN D 4 10.60 -40.86 62.52
N VAL D 5 9.75 -40.09 61.87
CA VAL D 5 8.57 -40.55 61.17
C VAL D 5 8.80 -41.62 60.14
N PHE D 6 9.85 -41.50 59.36
CA PHE D 6 10.12 -42.47 58.33
C PHE D 6 10.96 -43.63 58.83
N GLY D 7 11.92 -43.36 59.66
CA GLY D 7 12.72 -44.41 60.20
C GLY D 7 13.73 -44.88 59.22
N LYS D 8 14.53 -45.85 59.60
CA LYS D 8 15.55 -46.38 58.75
C LYS D 8 14.93 -47.12 57.59
N VAL D 9 15.45 -46.88 56.39
CA VAL D 9 14.90 -47.51 55.19
C VAL D 9 15.49 -48.88 54.88
N SER D 10 14.62 -49.89 54.84
CA SER D 10 15.06 -51.22 54.54
C SER D 10 14.42 -51.79 53.28
N LYS D 11 13.39 -51.13 52.77
CA LYS D 11 12.66 -51.61 51.61
C LYS D 11 12.52 -50.47 50.62
N VAL D 12 13.21 -50.58 49.49
CA VAL D 12 13.22 -49.55 48.44
C VAL D 12 12.51 -50.09 47.21
N VAL D 13 11.66 -49.25 46.63
CA VAL D 13 11.00 -49.54 45.37
C VAL D 13 11.33 -48.42 44.41
N CYS D 14 11.47 -48.77 43.13
CA CYS D 14 11.65 -47.79 42.08
C CYS D 14 10.63 -48.07 40.98
N VAL D 15 9.84 -47.05 40.67
CA VAL D 15 8.89 -47.12 39.57
C VAL D 15 9.62 -46.64 38.32
N GLY D 16 9.85 -47.55 37.37
CA GLY D 16 10.61 -47.24 36.18
C GLY D 16 11.86 -48.09 36.09
N ALA D 17 11.87 -49.07 35.18
CA ALA D 17 13.01 -49.97 35.03
C ALA D 17 13.82 -49.70 33.77
N GLY D 18 14.20 -48.44 33.53
CA GLY D 18 14.91 -48.05 32.35
C GLY D 18 16.41 -47.87 32.60
N TYR D 19 17.02 -47.05 31.74
CA TYR D 19 18.47 -46.82 31.85
C TYR D 19 18.85 -46.14 33.15
N VAL D 20 17.93 -45.44 33.80
CA VAL D 20 18.23 -44.82 35.09
C VAL D 20 17.82 -45.76 36.21
N GLY D 21 16.54 -46.17 36.22
CA GLY D 21 16.00 -46.88 37.36
C GLY D 21 16.67 -48.22 37.61
N GLY D 22 16.87 -49.00 36.55
CA GLY D 22 17.50 -50.30 36.67
C GLY D 22 18.88 -50.24 37.28
N PRO D 23 19.82 -49.60 36.60
CA PRO D 23 21.19 -49.49 37.14
C PRO D 23 21.27 -48.86 38.53
N THR D 24 20.49 -47.81 38.79
CA THR D 24 20.51 -47.19 40.11
C THR D 24 20.11 -48.19 41.19
N CYS D 25 19.04 -48.94 40.95
CA CYS D 25 18.62 -49.93 41.94
C CYS D 25 19.62 -51.08 42.05
N ALA D 26 20.25 -51.47 40.93
CA ALA D 26 21.25 -52.53 41.00
C ALA D 26 22.39 -52.14 41.94
N MET D 27 22.84 -50.88 41.88
CA MET D 27 23.95 -50.46 42.73
C MET D 27 23.54 -50.38 44.19
N ILE D 28 22.29 -49.94 44.46
CA ILE D 28 21.80 -49.90 45.82
C ILE D 28 21.82 -51.29 46.44
N ALA D 29 21.29 -52.28 45.71
CA ALA D 29 21.32 -53.66 46.20
C ALA D 29 22.76 -54.15 46.35
N HIS D 30 23.61 -53.80 45.39
CA HIS D 30 25.00 -54.28 45.43
C HIS D 30 25.75 -53.74 46.63
N LYS D 31 25.42 -52.52 47.09
CA LYS D 31 26.15 -51.86 48.15
C LYS D 31 25.43 -51.88 49.49
N CYS D 32 24.16 -52.27 49.52
CA CYS D 32 23.36 -52.23 50.74
C CYS D 32 22.73 -53.60 50.95
N PRO D 33 23.47 -54.53 51.54
CA PRO D 33 22.96 -55.90 51.69
C PRO D 33 21.67 -56.00 52.49
N HIS D 34 21.46 -55.10 53.44
CA HIS D 34 20.31 -55.19 54.32
C HIS D 34 19.09 -54.46 53.77
N ILE D 35 19.17 -53.92 52.56
CA ILE D 35 18.06 -53.24 51.93
C ILE D 35 17.54 -54.14 50.81
N THR D 36 16.23 -54.34 50.78
CA THR D 36 15.56 -55.00 49.67
C THR D 36 15.13 -53.95 48.66
N VAL D 37 15.57 -54.13 47.42
CA VAL D 37 15.31 -53.20 46.32
C VAL D 37 14.42 -53.90 45.32
N THR D 38 13.24 -53.33 45.07
CA THR D 38 12.28 -53.87 44.11
C THR D 38 12.06 -52.85 43.00
N VAL D 39 12.28 -53.29 41.75
CA VAL D 39 12.09 -52.44 40.58
C VAL D 39 10.80 -52.86 39.88
N VAL D 40 9.92 -51.89 39.62
CA VAL D 40 8.66 -52.18 38.95
C VAL D 40 8.53 -51.31 37.72
N ASP D 41 7.65 -51.71 36.82
CA ASP D 41 7.45 -51.02 35.55
C ASP D 41 6.11 -51.45 34.97
N MET D 42 5.48 -50.54 34.24
CA MET D 42 4.25 -50.90 33.53
C MET D 42 4.51 -51.91 32.43
N ASN D 43 5.74 -51.97 31.91
CA ASN D 43 6.13 -52.83 30.80
C ASN D 43 6.48 -54.20 31.37
N THR D 44 5.55 -55.16 31.24
CA THR D 44 5.79 -56.50 31.78
C THR D 44 6.83 -57.26 30.99
N ALA D 45 6.92 -57.02 29.67
CA ALA D 45 7.95 -57.69 28.90
C ALA D 45 9.34 -57.25 29.33
N LYS D 46 9.51 -55.96 29.64
CA LYS D 46 10.82 -55.50 30.09
C LYS D 46 11.14 -56.02 31.49
N ILE D 47 10.14 -56.14 32.35
CA ILE D 47 10.38 -56.75 33.66
C ILE D 47 10.84 -58.20 33.49
N ALA D 48 10.24 -58.93 32.54
CA ALA D 48 10.67 -60.29 32.28
C ALA D 48 12.11 -60.36 31.78
N GLU D 49 12.52 -59.38 30.98
CA GLU D 49 13.89 -59.37 30.49
C GLU D 49 14.88 -59.12 31.63
N TRP D 50 14.53 -58.21 32.56
CA TRP D 50 15.38 -57.99 33.73
C TRP D 50 15.53 -59.26 34.55
N ASN D 51 14.55 -60.15 34.53
CA ASN D 51 14.61 -61.41 35.26
C ASN D 51 15.20 -62.54 34.43
N SER D 52 15.58 -62.28 33.18
CA SER D 52 16.13 -63.30 32.31
C SER D 52 17.66 -63.16 32.28
N ASP D 53 18.29 -63.95 31.41
CA ASP D 53 19.74 -63.89 31.23
C ASP D 53 20.16 -62.87 30.18
N LYS D 54 19.21 -62.19 29.54
CA LYS D 54 19.50 -61.09 28.60
C LYS D 54 18.81 -59.84 29.14
N LEU D 55 19.60 -58.98 29.80
CA LEU D 55 19.05 -57.76 30.36
C LEU D 55 18.59 -56.84 29.22
N PRO D 56 17.59 -56.00 29.47
CA PRO D 56 17.01 -55.18 28.38
C PRO D 56 17.91 -54.05 27.89
N ILE D 57 19.03 -53.76 28.57
CA ILE D 57 19.97 -52.75 28.12
C ILE D 57 21.38 -53.32 28.23
N TYR D 58 22.31 -52.73 27.49
CA TYR D 58 23.71 -53.09 27.58
C TYR D 58 24.47 -52.01 28.32
N GLU D 59 25.04 -52.37 29.47
CA GLU D 59 25.86 -51.50 30.29
C GLU D 59 27.03 -52.36 30.74
N PRO D 60 28.26 -51.92 30.54
CA PRO D 60 29.41 -52.71 31.02
C PRO D 60 29.33 -52.90 32.53
N GLY D 61 29.45 -54.16 32.96
CA GLY D 61 29.41 -54.50 34.36
C GLY D 61 28.03 -54.67 34.96
N LEU D 62 26.97 -54.39 34.21
CA LEU D 62 25.62 -54.49 34.78
C LEU D 62 25.21 -55.94 35.00
N ASP D 63 25.55 -56.81 34.08
CA ASP D 63 25.17 -58.17 34.24
C ASP D 63 25.74 -58.80 35.47
N GLU D 64 27.00 -58.58 35.74
CA GLU D 64 27.61 -59.19 36.87
C GLU D 64 26.94 -58.76 38.13
N ILE D 65 26.70 -57.48 38.27
CA ILE D 65 26.07 -56.94 39.44
C ILE D 65 24.65 -57.39 39.68
N VAL D 66 23.86 -57.42 38.65
CA VAL D 66 22.46 -57.81 38.76
C VAL D 66 22.34 -59.30 39.08
N PHE D 67 23.09 -60.14 38.35
CA PHE D 67 23.01 -61.58 38.56
C PHE D 67 23.43 -61.98 39.96
N ALA D 68 24.34 -61.21 40.58
CA ALA D 68 24.77 -61.51 41.94
C ALA D 68 23.76 -61.05 42.98
N ALA D 69 22.93 -60.06 42.67
CA ALA D 69 21.98 -59.55 43.64
C ALA D 69 20.55 -60.01 43.39
N ARG D 70 20.22 -60.38 42.14
CA ARG D 70 18.85 -60.75 41.80
C ARG D 70 18.43 -62.00 42.57
N GLY D 71 17.26 -61.93 43.18
CA GLY D 71 16.78 -63.02 44.01
C GLY D 71 17.28 -63.01 45.43
N ARG D 72 18.26 -62.16 45.75
CA ARG D 72 18.74 -62.06 47.12
C ARG D 72 18.13 -60.82 47.75
N ASN D 73 18.58 -59.63 47.34
CA ASN D 73 17.98 -58.39 47.80
C ASN D 73 17.60 -57.46 46.64
N LEU D 74 17.68 -57.93 45.40
CA LEU D 74 17.27 -57.18 44.21
C LEU D 74 16.19 -57.95 43.49
N PHE D 75 15.05 -57.29 43.24
CA PHE D 75 13.91 -57.95 42.62
C PHE D 75 13.31 -57.04 41.55
N PHE D 76 12.78 -57.66 40.50
CA PHE D 76 12.07 -56.98 39.43
C PHE D 76 10.66 -57.56 39.36
N SER D 77 9.65 -56.71 39.58
CA SER D 77 8.29 -57.19 39.69
C SER D 77 7.35 -56.38 38.80
N SER D 78 6.21 -56.98 38.48
CA SER D 78 5.14 -56.28 37.80
C SER D 78 3.97 -55.97 38.71
N ASP D 79 4.05 -56.36 39.99
CA ASP D 79 3.00 -56.08 40.96
C ASP D 79 3.31 -54.74 41.61
N ILE D 80 2.91 -53.68 40.92
CA ILE D 80 3.18 -52.31 41.36
C ILE D 80 2.45 -52.00 42.67
N PRO D 81 1.15 -52.32 42.82
CA PRO D 81 0.50 -52.00 44.11
C PRO D 81 1.15 -52.65 45.32
N LYS D 82 1.54 -53.92 45.20
CA LYS D 82 2.17 -54.59 46.33
C LYS D 82 3.51 -53.94 46.68
N ALA D 83 4.30 -53.58 45.68
CA ALA D 83 5.60 -52.96 45.94
C ALA D 83 5.44 -51.58 46.56
N ILE D 84 4.46 -50.79 46.10
CA ILE D 84 4.25 -49.47 46.66
C ILE D 84 3.85 -49.58 48.12
N ALA D 85 2.94 -50.50 48.43
CA ALA D 85 2.40 -50.59 49.80
C ALA D 85 3.48 -50.99 50.81
N GLU D 86 4.42 -51.84 50.41
CA GLU D 86 5.39 -52.38 51.35
C GLU D 86 6.66 -51.54 51.42
N ALA D 87 6.79 -50.52 50.59
CA ALA D 87 8.02 -49.75 50.51
C ALA D 87 8.13 -48.75 51.65
N ASP D 88 9.37 -48.46 52.03
CA ASP D 88 9.68 -47.31 52.87
C ASP D 88 9.94 -46.07 52.02
N LEU D 89 10.64 -46.25 50.90
CA LEU D 89 11.06 -45.18 50.02
C LEU D 89 10.81 -45.62 48.58
N ILE D 90 10.31 -44.68 47.76
CA ILE D 90 9.90 -44.98 46.39
C ILE D 90 10.60 -44.01 45.46
N PHE D 91 11.45 -44.56 44.58
CA PHE D 91 11.99 -43.76 43.49
C PHE D 91 10.98 -43.72 42.33
N ILE D 92 10.89 -42.55 41.69
CA ILE D 92 10.16 -42.40 40.44
C ILE D 92 11.19 -42.02 39.36
N SER D 93 11.35 -42.91 38.36
CA SER D 93 12.30 -42.71 37.26
C SER D 93 11.62 -43.14 35.96
N VAL D 94 10.65 -42.34 35.51
CA VAL D 94 9.90 -42.68 34.30
C VAL D 94 10.14 -41.60 33.24
N ASN D 95 9.55 -41.79 32.06
CA ASN D 95 9.74 -40.87 30.95
C ASN D 95 9.04 -39.55 31.18
N THR D 96 9.64 -38.49 30.66
CA THR D 96 8.97 -37.18 30.53
C THR D 96 9.15 -36.70 29.09
N PRO D 97 8.50 -37.32 28.16
CA PRO D 97 8.64 -36.94 26.77
C PRO D 97 8.16 -35.54 26.50
N THR D 98 8.77 -34.89 25.52
CA THR D 98 8.43 -33.53 25.18
C THR D 98 7.00 -33.41 24.73
N LYS D 99 6.33 -32.36 25.19
CA LYS D 99 4.95 -32.15 24.83
C LYS D 99 4.86 -32.00 23.36
N MET D 100 3.85 -32.64 22.79
CA MET D 100 3.64 -32.60 21.35
C MET D 100 2.54 -31.68 20.89
N TYR D 101 2.02 -30.92 21.83
CA TYR D 101 0.90 -30.07 21.61
C TYR D 101 0.88 -29.03 22.69
N GLY D 102 0.02 -28.04 22.55
CA GLY D 102 -0.13 -27.03 23.55
C GLY D 102 1.01 -26.09 23.66
N ARG D 103 1.08 -25.41 24.79
CA ARG D 103 2.14 -24.50 25.08
C ARG D 103 3.37 -25.33 25.37
N GLY D 104 4.53 -24.90 24.91
CA GLY D 104 5.73 -25.67 25.17
C GLY D 104 6.04 -26.82 24.24
N LYS D 105 5.36 -26.85 23.11
CA LYS D 105 5.59 -27.89 22.14
C LYS D 105 7.04 -27.86 21.79
N GLY D 106 7.63 -29.03 21.69
CA GLY D 106 9.04 -29.18 21.38
C GLY D 106 10.00 -28.61 22.38
N MET D 107 9.51 -28.06 23.49
CA MET D 107 10.36 -27.47 24.52
C MET D 107 10.14 -28.13 25.88
N ALA D 108 8.92 -28.06 26.42
CA ALA D 108 8.61 -28.49 27.77
C ALA D 108 8.36 -29.99 27.82
N PRO D 109 8.75 -30.64 28.92
CA PRO D 109 8.47 -32.06 29.09
C PRO D 109 7.03 -32.29 29.52
N ASP D 110 6.50 -33.46 29.16
CA ASP D 110 5.16 -33.85 29.56
C ASP D 110 5.27 -34.69 30.83
N LEU D 111 4.66 -34.20 31.92
CA LEU D 111 4.72 -34.84 33.23
C LEU D 111 3.58 -35.83 33.44
N LYS D 112 2.90 -36.24 32.35
CA LYS D 112 1.71 -37.07 32.47
C LYS D 112 2.01 -38.39 33.16
N TYR D 113 3.17 -39.00 32.87
CA TYR D 113 3.50 -40.27 33.48
C TYR D 113 3.91 -40.10 34.93
N VAL D 114 4.67 -39.04 35.22
CA VAL D 114 5.08 -38.77 36.59
C VAL D 114 3.86 -38.51 37.47
N GLU D 115 2.85 -37.82 36.92
CA GLU D 115 1.64 -37.56 37.69
C GLU D 115 0.82 -38.83 37.86
N SER D 116 0.78 -39.66 36.82
CA SER D 116 0.04 -40.91 36.90
C SER D 116 0.64 -41.84 37.96
N VAL D 117 1.97 -41.91 38.02
CA VAL D 117 2.62 -42.73 39.04
C VAL D 117 2.33 -42.20 40.43
N SER D 118 2.31 -40.87 40.57
CA SER D 118 2.01 -40.26 41.86
C SER D 118 0.62 -40.64 42.36
N ARG D 119 -0.36 -40.72 41.45
CA ARG D 119 -1.70 -41.14 41.85
C ARG D 119 -1.71 -42.59 42.33
N THR D 120 -1.03 -43.48 41.61
CA THR D 120 -0.89 -44.86 42.08
C THR D 120 -0.29 -44.92 43.48
N ILE D 121 0.69 -44.05 43.76
CA ILE D 121 1.32 -44.03 45.08
C ILE D 121 0.31 -43.61 46.15
N ALA D 122 -0.48 -42.58 45.86
CA ALA D 122 -1.50 -42.14 46.81
C ALA D 122 -2.53 -43.23 47.07
N GLN D 123 -2.84 -44.03 46.05
CA GLN D 123 -3.88 -45.05 46.19
C GLN D 123 -3.41 -46.23 47.05
N TYR D 124 -2.13 -46.60 46.94
CA TYR D 124 -1.66 -47.83 47.56
C TYR D 124 -0.62 -47.65 48.66
N ALA D 125 -0.22 -46.42 48.98
CA ALA D 125 0.82 -46.22 50.00
C ALA D 125 0.40 -46.80 51.34
N GLY D 126 -0.78 -46.44 51.82
CA GLY D 126 -1.28 -46.94 53.09
C GLY D 126 -0.48 -46.57 54.32
N GLY D 127 0.40 -45.57 54.22
CA GLY D 127 1.25 -45.19 55.33
C GLY D 127 2.32 -44.21 54.89
N PRO D 128 3.08 -43.68 55.84
CA PRO D 128 4.10 -42.68 55.50
C PRO D 128 5.16 -43.26 54.56
N LYS D 129 5.51 -42.47 53.54
CA LYS D 129 6.50 -42.88 52.55
C LYS D 129 7.33 -41.68 52.11
N ILE D 130 8.59 -41.96 51.78
CA ILE D 130 9.47 -41.00 51.11
C ILE D 130 9.39 -41.28 49.62
N VAL D 131 9.06 -40.25 48.83
CA VAL D 131 8.93 -40.36 47.39
C VAL D 131 10.02 -39.50 46.75
N VAL D 132 10.81 -40.10 45.87
CA VAL D 132 12.01 -39.48 45.31
C VAL D 132 11.92 -39.47 43.80
N GLU D 133 11.98 -38.27 43.21
CA GLU D 133 11.98 -38.11 41.76
C GLU D 133 13.46 -38.21 41.36
N LYS D 134 13.77 -39.15 40.48
CA LYS D 134 15.15 -39.37 40.06
C LYS D 134 15.21 -39.45 38.53
N SER D 135 15.75 -38.42 37.90
CA SER D 135 15.90 -38.42 36.45
C SER D 135 17.13 -37.61 36.08
N THR D 136 17.46 -37.65 34.78
CA THR D 136 18.59 -36.87 34.29
C THR D 136 18.20 -35.46 33.88
N VAL D 137 16.94 -35.25 33.53
CA VAL D 137 16.41 -33.92 33.25
C VAL D 137 15.19 -33.70 34.15
N PRO D 138 15.38 -33.40 35.43
CA PRO D 138 14.24 -33.11 36.30
C PRO D 138 13.83 -31.66 36.08
N VAL D 139 12.55 -31.46 35.80
CA VAL D 139 12.05 -30.11 35.61
C VAL D 139 10.69 -29.95 36.26
N LYS D 140 10.68 -29.44 37.49
CA LYS D 140 9.47 -29.24 38.28
C LYS D 140 8.65 -30.52 38.43
N ALA D 141 9.24 -31.68 38.13
CA ALA D 141 8.53 -32.94 38.30
C ALA D 141 8.25 -33.20 39.76
N ALA D 142 9.20 -32.89 40.64
CA ALA D 142 8.98 -33.09 42.06
C ALA D 142 7.90 -32.16 42.61
N GLU D 143 7.75 -30.96 42.04
CA GLU D 143 6.68 -30.07 42.51
C GLU D 143 5.31 -30.63 42.16
N SER D 144 5.17 -31.27 41.00
CA SER D 144 3.88 -31.85 40.63
C SER D 144 3.59 -33.12 41.44
N ILE D 145 4.62 -33.90 41.75
CA ILE D 145 4.43 -35.05 42.65
C ILE D 145 3.94 -34.59 44.01
N GLY D 146 4.59 -33.58 44.57
CA GLY D 146 4.20 -33.11 45.89
C GLY D 146 2.79 -32.54 45.90
N CYS D 147 2.40 -31.87 44.82
CA CYS D 147 1.05 -31.33 44.73
C CYS D 147 0.01 -32.44 44.82
N ILE D 148 0.25 -33.54 44.12
CA ILE D 148 -0.70 -34.65 44.11
C ILE D 148 -0.73 -35.33 45.48
N LEU D 149 0.43 -35.56 46.04
CA LEU D 149 0.51 -36.20 47.31
C LEU D 149 -0.06 -35.37 48.44
N ARG D 150 0.11 -34.07 48.40
CA ARG D 150 -0.39 -33.22 49.46
C ARG D 150 -1.89 -33.33 49.51
N GLU D 151 -2.51 -33.39 48.36
CA GLU D 151 -3.93 -33.54 48.30
C GLU D 151 -4.35 -34.85 48.92
N ALA D 152 -3.61 -35.91 48.65
CA ALA D 152 -3.95 -37.20 49.19
C ALA D 152 -3.85 -37.19 50.67
N GLN D 153 -2.83 -36.55 51.16
CA GLN D 153 -2.60 -36.46 52.57
C GLN D 153 -3.72 -35.69 53.21
N LYS D 154 -4.20 -34.68 52.52
CA LYS D 154 -5.26 -33.89 53.05
C LYS D 154 -6.47 -34.77 53.25
N ASN D 155 -6.72 -35.67 52.32
CA ASN D 155 -7.83 -36.56 52.43
C ASN D 155 -7.65 -37.75 53.33
N ASN D 156 -6.43 -37.99 53.76
CA ASN D 156 -6.16 -39.09 54.62
C ASN D 156 -4.91 -38.76 55.40
N GLU D 157 -5.08 -38.15 56.55
CA GLU D 157 -3.92 -37.75 57.35
C GLU D 157 -3.16 -38.97 57.79
N ASN D 158 -3.75 -40.12 57.59
CA ASN D 158 -3.07 -41.35 57.91
C ASN D 158 -1.82 -41.51 57.04
N LEU D 159 -1.75 -40.82 55.92
CA LEU D 159 -0.60 -40.93 55.03
C LEU D 159 0.33 -39.74 55.08
N LYS D 160 1.58 -39.93 55.47
CA LYS D 160 2.50 -38.81 55.52
C LYS D 160 3.51 -38.94 54.42
N PHE D 161 3.56 -37.97 53.55
CA PHE D 161 4.47 -37.99 52.42
C PHE D 161 5.47 -36.87 52.43
N GLN D 162 6.68 -37.16 51.99
CA GLN D 162 7.71 -36.16 51.83
C GLN D 162 8.31 -36.47 50.47
N VAL D 163 8.41 -35.49 49.60
CA VAL D 163 8.95 -35.65 48.27
C VAL D 163 10.34 -35.08 48.16
N LEU D 164 11.22 -35.82 47.55
CA LEU D 164 12.59 -35.42 47.39
C LEU D 164 12.94 -35.33 45.94
N SER D 165 14.07 -34.72 45.66
CA SER D 165 14.61 -34.59 44.34
C SER D 165 15.99 -35.08 44.44
N ASN D 166 16.32 -36.10 43.70
CA ASN D 166 17.62 -36.72 43.71
C ASN D 166 18.05 -37.00 42.29
N PRO D 167 18.46 -35.99 41.56
CA PRO D 167 18.86 -36.18 40.16
C PRO D 167 19.96 -37.23 40.05
N GLU D 168 19.97 -37.92 38.92
CA GLU D 168 20.96 -38.94 38.63
C GLU D 168 22.05 -38.36 37.74
N PHE D 169 23.31 -38.62 38.09
CA PHE D 169 24.44 -38.07 37.37
C PHE D 169 25.17 -39.08 36.51
N LEU D 170 24.74 -40.34 36.51
CA LEU D 170 25.40 -41.37 35.70
C LEU D 170 25.36 -41.03 34.23
N ALA D 171 26.42 -41.42 33.52
CA ALA D 171 26.47 -41.42 32.06
C ALA D 171 26.38 -42.84 31.55
N GLU D 172 25.60 -43.04 30.48
CA GLU D 172 25.47 -44.37 29.91
C GLU D 172 26.79 -44.83 29.29
N GLY D 173 27.00 -46.14 29.32
CA GLY D 173 28.27 -46.73 28.94
C GLY D 173 29.27 -46.84 30.08
N THR D 174 29.19 -45.94 31.06
CA THR D 174 30.05 -45.98 32.24
C THR D 174 29.21 -45.92 33.51
N ALA D 175 27.96 -46.40 33.43
CA ALA D 175 27.00 -46.19 34.50
C ALA D 175 27.44 -46.85 35.80
N MET D 176 27.93 -48.09 35.75
CA MET D 176 28.24 -48.79 36.99
C MET D 176 29.42 -48.15 37.71
N LYS D 177 30.44 -47.73 36.96
CA LYS D 177 31.54 -46.99 37.58
C LYS D 177 31.06 -45.65 38.13
N ASP D 178 30.18 -44.97 37.40
CA ASP D 178 29.67 -43.69 37.87
C ASP D 178 28.84 -43.85 39.14
N LEU D 179 27.98 -44.89 39.17
CA LEU D 179 27.14 -45.09 40.34
C LEU D 179 27.95 -45.52 41.56
N ALA D 180 29.06 -46.23 41.35
CA ALA D 180 29.85 -46.71 42.48
C ALA D 180 30.73 -45.63 43.08
N ASN D 181 31.19 -44.67 42.27
CA ASN D 181 32.04 -43.57 42.74
C ASN D 181 31.60 -42.28 42.08
N PRO D 182 30.42 -41.78 42.45
CA PRO D 182 29.93 -40.54 41.85
C PRO D 182 30.74 -39.34 42.32
N ASP D 183 30.91 -38.37 41.42
CA ASP D 183 31.53 -37.12 41.83
C ASP D 183 30.71 -36.42 42.89
N ARG D 184 29.39 -36.56 42.82
CA ARG D 184 28.50 -35.86 43.74
C ARG D 184 27.17 -36.59 43.77
N VAL D 185 26.51 -36.52 44.92
CA VAL D 185 25.13 -36.95 45.06
C VAL D 185 24.33 -35.73 45.49
N LEU D 186 23.29 -35.41 44.72
CA LEU D 186 22.49 -34.21 44.91
C LEU D 186 21.10 -34.58 45.39
N ILE D 187 20.71 -34.08 46.56
CA ILE D 187 19.42 -34.39 47.17
C ILE D 187 18.76 -33.08 47.58
N GLY D 188 17.53 -32.88 47.13
CA GLY D 188 16.75 -31.70 47.47
C GLY D 188 15.47 -32.10 48.18
N GLY D 189 15.06 -31.29 49.16
CA GLY D 189 13.83 -31.57 49.86
C GLY D 189 13.25 -30.33 50.49
N GLU D 190 12.03 -30.49 51.01
CA GLU D 190 11.33 -29.37 51.60
C GLU D 190 12.02 -28.95 52.89
N SER D 191 11.96 -27.65 53.17
CA SER D 191 12.62 -27.08 54.35
C SER D 191 11.60 -27.09 55.49
N SER D 192 11.54 -28.22 56.17
CA SER D 192 10.63 -28.45 57.27
C SER D 192 11.19 -29.58 58.11
N PRO D 193 10.69 -29.79 59.33
CA PRO D 193 11.16 -30.94 60.11
C PRO D 193 11.08 -32.26 59.35
N GLU D 194 9.92 -32.63 58.82
CA GLU D 194 9.82 -33.90 58.10
C GLU D 194 10.65 -33.88 56.82
N GLY D 195 10.77 -32.72 56.17
CA GLY D 195 11.61 -32.65 54.99
C GLY D 195 13.07 -32.96 55.31
N LEU D 196 13.57 -32.42 56.41
CA LEU D 196 14.94 -32.72 56.79
C LEU D 196 15.09 -34.20 57.18
N GLN D 197 14.06 -34.77 57.81
CA GLN D 197 14.12 -36.19 58.17
C GLN D 197 14.19 -37.06 56.91
N ALA D 198 13.37 -36.74 55.91
CA ALA D 198 13.35 -37.52 54.68
C ALA D 198 14.67 -37.43 53.94
N VAL D 199 15.25 -36.23 53.87
CA VAL D 199 16.57 -36.09 53.24
C VAL D 199 17.59 -36.91 54.00
N ALA D 200 17.55 -36.87 55.34
CA ALA D 200 18.52 -37.62 56.13
C ALA D 200 18.43 -39.11 55.89
N GLU D 201 17.21 -39.65 55.70
CA GLU D 201 17.09 -41.08 55.47
C GLU D 201 17.59 -41.47 54.08
N LEU D 202 17.45 -40.59 53.09
CA LEU D 202 18.02 -40.90 51.78
C LEU D 202 19.54 -40.76 51.83
N VAL D 203 20.03 -39.75 52.57
CA VAL D 203 21.47 -39.60 52.78
C VAL D 203 22.04 -40.85 53.43
N ARG D 204 21.32 -41.41 54.41
CA ARG D 204 21.82 -42.60 55.10
C ARG D 204 21.99 -43.77 54.13
N ILE D 205 21.09 -43.88 53.15
CA ILE D 205 21.24 -44.94 52.15
C ILE D 205 22.55 -44.80 51.39
N TYR D 206 22.81 -43.60 50.86
CA TYR D 206 24.01 -43.40 50.06
C TYR D 206 25.28 -43.51 50.88
N GLU D 207 25.23 -43.19 52.17
CA GLU D 207 26.43 -43.25 52.98
C GLU D 207 26.95 -44.67 53.19
N ASN D 208 26.20 -45.69 52.75
CA ASN D 208 26.75 -47.04 52.75
C ASN D 208 27.94 -47.19 51.80
N TRP D 209 28.08 -46.29 50.82
CA TRP D 209 29.23 -46.39 49.93
C TRP D 209 29.72 -45.06 49.37
N VAL D 210 29.06 -43.94 49.64
CA VAL D 210 29.46 -42.63 49.15
C VAL D 210 29.93 -41.80 50.33
N PRO D 211 31.10 -41.17 50.26
CA PRO D 211 31.56 -40.33 51.37
C PRO D 211 30.63 -39.15 51.59
N ARG D 212 30.53 -38.72 52.86
CA ARG D 212 29.62 -37.63 53.20
C ARG D 212 30.01 -36.34 52.48
N ASN D 213 31.31 -36.08 52.36
CA ASN D 213 31.75 -34.85 51.73
C ASN D 213 31.39 -34.76 50.25
N ARG D 214 30.83 -35.82 49.66
CA ARG D 214 30.38 -35.80 48.29
C ARG D 214 28.87 -35.73 48.15
N ILE D 215 28.14 -35.65 49.25
CA ILE D 215 26.68 -35.61 49.24
C ILE D 215 26.24 -34.18 49.52
N ILE D 216 25.48 -33.60 48.59
CA ILE D 216 25.02 -32.22 48.67
C ILE D 216 23.52 -32.24 48.94
N THR D 217 23.11 -31.55 50.01
CA THR D 217 21.70 -31.42 50.37
C THR D 217 21.27 -29.96 50.25
N THR D 218 20.08 -29.74 49.72
CA THR D 218 19.54 -28.39 49.51
C THR D 218 18.02 -28.50 49.44
N ASN D 219 17.35 -27.42 48.99
CA ASN D 219 15.92 -27.47 48.75
C ASN D 219 15.60 -28.09 47.38
N THR D 220 14.31 -28.34 47.14
CA THR D 220 13.89 -29.07 45.95
C THR D 220 14.26 -28.35 44.67
N TRP D 221 13.90 -27.08 44.57
CA TRP D 221 14.10 -26.33 43.33
C TRP D 221 15.57 -26.15 43.03
N SER D 222 16.39 -25.84 44.04
CA SER D 222 17.81 -25.64 43.81
C SER D 222 18.49 -26.90 43.25
N SER D 223 18.12 -28.08 43.74
CA SER D 223 18.70 -29.30 43.19
C SER D 223 18.30 -29.50 41.73
N GLU D 224 17.04 -29.25 41.39
CA GLU D 224 16.59 -29.44 40.02
C GLU D 224 17.26 -28.42 39.10
N LEU D 225 17.34 -27.17 39.54
CA LEU D 225 18.01 -26.15 38.74
C LEU D 225 19.49 -26.47 38.59
N SER D 226 20.11 -26.99 39.64
CA SER D 226 21.53 -27.34 39.57
C SER D 226 21.78 -28.42 38.52
N LYS D 227 20.93 -29.45 38.50
CA LYS D 227 21.05 -30.51 37.50
C LYS D 227 20.82 -29.95 36.10
N LEU D 228 19.78 -29.12 35.95
CA LEU D 228 19.49 -28.51 34.66
C LEU D 228 20.66 -27.69 34.17
N VAL D 229 21.30 -26.93 35.07
CA VAL D 229 22.42 -26.09 34.67
C VAL D 229 23.66 -26.93 34.43
N ALA D 230 23.90 -27.95 35.27
CA ALA D 230 25.08 -28.78 35.11
C ALA D 230 25.10 -29.48 33.75
N ASN D 231 23.98 -30.08 33.36
CA ASN D 231 23.91 -30.71 32.04
C ASN D 231 24.22 -29.72 30.94
N ALA D 232 23.70 -28.51 31.06
CA ALA D 232 23.92 -27.50 30.03
C ALA D 232 25.38 -27.11 29.93
N PHE D 233 26.08 -27.00 31.07
CA PHE D 233 27.51 -26.73 31.04
C PHE D 233 28.27 -27.81 30.29
N LEU D 234 27.94 -29.08 30.55
CA LEU D 234 28.59 -30.18 29.86
C LEU D 234 28.33 -30.10 28.36
N ALA D 235 27.08 -29.88 27.97
CA ALA D 235 26.76 -29.75 26.55
C ALA D 235 27.48 -28.56 25.93
N GLN D 236 27.70 -27.49 26.70
CA GLN D 236 28.34 -26.30 26.17
C GLN D 236 29.81 -26.56 25.84
N ARG D 237 30.49 -27.36 26.67
CA ARG D 237 31.88 -27.71 26.38
C ARG D 237 32.00 -28.40 25.04
N ILE D 238 31.07 -29.31 24.74
CA ILE D 238 31.12 -30.05 23.49
C ILE D 238 30.83 -29.14 22.31
N SER D 239 29.83 -28.26 22.44
CA SER D 239 29.57 -27.32 21.35
C SER D 239 30.73 -26.34 21.19
N SER D 240 31.36 -25.96 22.29
CA SER D 240 32.49 -25.03 22.20
C SER D 240 33.66 -25.65 21.45
N ILE D 241 34.01 -26.89 21.79
CA ILE D 241 35.12 -27.54 21.11
C ILE D 241 34.74 -27.89 19.67
N ASN D 242 33.48 -28.22 19.42
CA ASN D 242 33.05 -28.52 18.05
C ASN D 242 33.09 -27.27 17.18
N SER D 243 32.76 -26.12 17.75
CA SER D 243 32.82 -24.89 16.97
C SER D 243 34.26 -24.56 16.60
N ILE D 244 35.21 -24.84 17.49
CA ILE D 244 36.61 -24.56 17.22
C ILE D 244 37.18 -25.56 16.23
N SER D 245 36.60 -26.77 16.16
CA SER D 245 37.06 -27.75 15.19
C SER D 245 36.92 -27.21 13.77
N ALA D 246 35.90 -26.39 13.52
CA ALA D 246 35.77 -25.76 12.21
C ALA D 246 36.88 -24.73 11.98
N VAL D 247 37.25 -23.99 13.02
CA VAL D 247 38.34 -23.03 12.89
C VAL D 247 39.64 -23.75 12.61
N CYS D 248 39.85 -24.90 13.24
CA CYS D 248 41.04 -25.71 12.97
C CYS D 248 41.09 -26.17 11.52
N GLU D 249 39.96 -26.66 11.01
CA GLU D 249 39.91 -27.11 9.62
C GLU D 249 40.25 -25.97 8.66
N ALA D 250 39.83 -24.76 8.98
CA ALA D 250 40.01 -23.65 8.06
C ALA D 250 41.41 -23.05 8.10
N THR D 251 42.20 -23.35 9.13
CA THR D 251 43.50 -22.70 9.28
C THR D 251 44.65 -23.68 9.40
N GLY D 252 44.40 -24.98 9.25
CA GLY D 252 45.47 -25.96 9.27
C GLY D 252 45.96 -26.38 10.63
N ALA D 253 45.20 -26.10 11.70
CA ALA D 253 45.50 -26.63 13.02
C ALA D 253 44.68 -27.90 13.27
N GLU D 254 45.02 -28.60 14.36
CA GLU D 254 44.38 -29.84 14.75
C GLU D 254 43.60 -29.63 16.04
N ILE D 255 42.31 -29.98 16.03
CA ILE D 255 41.49 -29.76 17.22
C ILE D 255 41.99 -30.58 18.40
N SER D 256 42.61 -31.74 18.14
CA SER D 256 43.15 -32.53 19.25
CA SER D 256 43.15 -32.53 19.25
C SER D 256 44.33 -31.82 19.92
N GLU D 257 45.16 -31.14 19.12
CA GLU D 257 46.25 -30.38 19.71
C GLU D 257 45.72 -29.15 20.45
N VAL D 258 44.74 -28.45 19.87
CA VAL D 258 44.15 -27.31 20.55
C VAL D 258 43.51 -27.73 21.87
N ALA D 259 42.68 -28.78 21.82
CA ALA D 259 42.00 -29.25 23.02
C ALA D 259 42.99 -29.71 24.08
N HIS D 260 44.06 -30.38 23.68
CA HIS D 260 45.07 -30.83 24.63
C HIS D 260 45.70 -29.64 25.35
N ALA D 261 46.06 -28.59 24.62
CA ALA D 261 46.68 -27.43 25.25
C ALA D 261 45.69 -26.68 26.12
N VAL D 262 44.43 -26.56 25.67
CA VAL D 262 43.41 -25.87 26.44
C VAL D 262 43.18 -26.58 27.77
N GLY D 263 43.11 -27.91 27.73
CA GLY D 263 42.77 -28.68 28.92
C GLY D 263 43.80 -28.65 30.02
N TYR D 264 45.03 -28.17 29.74
CA TYR D 264 46.05 -28.09 30.78
C TYR D 264 45.73 -27.05 31.84
N ASP D 265 44.84 -26.12 31.55
CA ASP D 265 44.38 -25.14 32.53
C ASP D 265 43.43 -25.86 33.48
N THR D 266 43.83 -25.99 34.75
CA THR D 266 42.95 -26.64 35.71
C THR D 266 41.66 -25.84 35.95
N ARG D 267 41.66 -24.54 35.61
CA ARG D 267 40.44 -23.76 35.70
C ARG D 267 39.43 -24.15 34.63
N ILE D 268 39.88 -24.76 33.53
CA ILE D 268 39.00 -25.25 32.48
C ILE D 268 38.72 -26.74 32.62
N GLY D 269 39.73 -27.51 33.02
CA GLY D 269 39.62 -28.96 33.08
C GLY D 269 39.88 -29.62 31.74
N SER D 270 40.41 -30.85 31.76
CA SER D 270 40.83 -31.50 30.53
C SER D 270 39.79 -32.47 29.99
N LYS D 271 38.72 -32.74 30.74
CA LYS D 271 37.71 -33.69 30.30
C LYS D 271 36.65 -33.01 29.47
N PHE D 272 35.91 -33.82 28.71
CA PHE D 272 34.80 -33.34 27.89
C PHE D 272 35.25 -32.27 26.90
N LEU D 273 36.41 -32.49 26.28
CA LEU D 273 36.90 -31.60 25.22
C LEU D 273 37.17 -32.37 23.93
N GLN D 274 36.43 -33.45 23.73
CA GLN D 274 36.63 -34.32 22.56
C GLN D 274 35.60 -33.95 21.50
N ALA D 275 36.08 -33.43 20.37
CA ALA D 275 35.19 -33.05 19.28
C ALA D 275 34.52 -34.28 18.70
N SER D 276 33.39 -34.05 18.05
CA SER D 276 32.57 -35.14 17.53
C SER D 276 31.60 -34.57 16.51
N VAL D 277 30.94 -35.49 15.80
CA VAL D 277 29.89 -35.10 14.88
C VAL D 277 28.73 -34.41 15.60
N GLY D 278 28.61 -34.60 16.90
CA GLY D 278 27.61 -33.91 17.69
C GLY D 278 27.13 -34.76 18.85
N PHE D 279 26.76 -34.10 19.94
CA PHE D 279 26.31 -34.86 21.10
C PHE D 279 24.92 -35.41 20.86
N GLY D 280 24.67 -36.58 21.44
CA GLY D 280 23.34 -37.17 21.42
C GLY D 280 22.92 -37.58 22.82
N GLY D 281 21.93 -38.44 22.92
CA GLY D 281 21.45 -38.85 24.22
C GLY D 281 20.14 -38.19 24.59
N SER D 282 19.42 -38.84 25.51
CA SER D 282 18.13 -38.36 25.97
C SER D 282 18.24 -37.18 26.92
N CYS D 283 19.45 -36.74 27.26
CA CYS D 283 19.63 -35.69 28.27
C CYS D 283 19.91 -34.32 27.66
N PHE D 284 21.00 -34.19 26.90
CA PHE D 284 21.59 -32.88 26.65
C PHE D 284 20.65 -31.94 25.88
N GLN D 285 20.17 -32.37 24.71
CA GLN D 285 19.32 -31.51 23.91
C GLN D 285 18.02 -31.18 24.64
N LYS D 286 17.37 -32.20 25.21
CA LYS D 286 16.18 -31.97 26.02
C LYS D 286 16.46 -30.98 27.15
N ASP D 287 17.65 -31.07 27.76
CA ASP D 287 17.98 -30.22 28.90
C ASP D 287 18.18 -28.77 28.47
N VAL D 288 18.97 -28.53 27.43
CA VAL D 288 19.20 -27.16 26.97
C VAL D 288 17.89 -26.55 26.46
N LEU D 289 17.11 -27.31 25.71
CA LEU D 289 15.83 -26.79 25.25
C LEU D 289 14.92 -26.49 26.42
N SER D 290 14.96 -27.32 27.46
CA SER D 290 14.19 -27.06 28.65
C SER D 290 14.71 -25.80 29.37
N LEU D 291 16.02 -25.63 29.43
CA LEU D 291 16.59 -24.43 30.02
C LEU D 291 16.20 -23.19 29.22
N VAL D 292 16.28 -23.27 27.88
CA VAL D 292 15.87 -22.16 27.03
C VAL D 292 14.41 -21.81 27.29
N TYR D 293 13.55 -22.82 27.39
CA TYR D 293 12.13 -22.56 27.58
C TYR D 293 11.85 -21.93 28.94
N LEU D 294 12.54 -22.40 29.99
CA LEU D 294 12.40 -21.79 31.31
C LEU D 294 12.77 -20.31 31.29
N CYS D 295 13.88 -19.99 30.60
CA CYS D 295 14.33 -18.61 30.49
C CYS D 295 13.30 -17.75 29.79
N GLU D 296 12.72 -18.28 28.71
CA GLU D 296 11.72 -17.56 27.94
C GLU D 296 10.48 -17.27 28.79
N SER D 297 10.20 -18.15 29.75
CA SER D 297 9.05 -17.99 30.63
C SER D 297 9.37 -17.07 31.80
N LEU D 298 10.64 -16.67 31.90
CA LEU D 298 11.08 -15.79 32.98
C LEU D 298 11.32 -14.37 32.47
N ASN D 299 11.00 -14.15 31.19
CA ASN D 299 11.19 -12.85 30.57
C ASN D 299 12.66 -12.56 30.26
N LEU D 300 13.48 -13.59 30.35
CA LEU D 300 14.91 -13.45 30.08
C LEU D 300 15.27 -14.07 28.74
N PRO D 301 14.98 -13.35 27.66
CA PRO D 301 15.28 -13.84 26.30
C PRO D 301 16.75 -13.84 25.99
N GLN D 302 17.51 -12.92 26.57
CA GLN D 302 18.95 -12.88 26.33
C GLN D 302 19.64 -14.12 26.89
N VAL D 303 19.16 -14.63 28.04
CA VAL D 303 19.70 -15.88 28.55
C VAL D 303 19.23 -17.05 27.69
N ALA D 304 17.98 -17.00 27.22
CA ALA D 304 17.49 -18.02 26.31
C ALA D 304 18.33 -18.07 25.04
N ASP D 305 18.60 -16.91 24.43
CA ASP D 305 19.40 -16.87 23.22
C ASP D 305 20.80 -17.44 23.45
N TYR D 306 21.39 -17.13 24.61
CA TYR D 306 22.73 -17.60 24.91
C TYR D 306 22.80 -19.12 24.91
N TRP D 307 21.91 -19.77 25.65
CA TRP D 307 21.96 -21.21 25.77
C TRP D 307 21.46 -21.90 24.51
N GLN D 308 20.57 -21.23 23.77
CA GLN D 308 20.14 -21.77 22.48
C GLN D 308 21.34 -22.00 21.57
N GLY D 309 22.40 -21.19 21.73
CA GLY D 309 23.59 -21.36 20.91
C GLY D 309 24.23 -22.73 21.03
N VAL D 310 24.08 -23.38 22.20
CA VAL D 310 24.61 -24.72 22.36
C VAL D 310 23.95 -25.68 21.40
N ILE D 311 22.63 -25.53 21.20
CA ILE D 311 21.90 -26.39 20.27
C ILE D 311 22.21 -26.01 18.82
N ASN D 312 22.25 -24.71 18.53
CA ASN D 312 22.50 -24.28 17.17
C ASN D 312 23.82 -24.85 16.64
N ILE D 313 24.87 -24.82 17.46
CA ILE D 313 26.16 -25.36 17.03
C ILE D 313 26.06 -26.88 16.82
N ASN D 314 25.36 -27.58 17.70
CA ASN D 314 25.25 -29.03 17.56
C ASN D 314 24.54 -29.42 16.26
N ASN D 315 23.42 -28.76 15.96
CA ASN D 315 22.74 -29.04 14.70
C ASN D 315 23.64 -28.65 13.52
N TRP D 316 24.33 -27.52 13.65
CA TRP D 316 25.21 -27.07 12.58
C TRP D 316 26.37 -28.04 12.37
N GLN D 317 26.90 -28.61 13.45
CA GLN D 317 28.02 -29.54 13.34
C GLN D 317 27.61 -30.81 12.60
N ARG D 318 26.44 -31.35 12.91
CA ARG D 318 25.96 -32.55 12.22
C ARG D 318 25.77 -32.29 10.73
N ARG D 319 25.15 -31.15 10.40
CA ARG D 319 24.83 -30.85 9.01
C ARG D 319 26.10 -30.72 8.17
N ARG D 320 27.06 -29.90 8.63
CA ARG D 320 28.23 -29.62 7.81
C ARG D 320 29.11 -30.85 7.62
N PHE D 321 29.11 -31.77 8.59
CA PHE D 321 29.84 -33.01 8.42
C PHE D 321 29.23 -33.84 7.29
N ALA D 322 27.90 -34.02 7.30
CA ALA D 322 27.25 -34.75 6.22
C ALA D 322 27.40 -34.01 4.89
N ASP D 323 27.35 -32.68 4.92
CA ASP D 323 27.55 -31.91 3.69
C ASP D 323 28.97 -32.08 3.17
N LYS D 324 29.95 -32.17 4.06
CA LYS D 324 31.33 -32.33 3.63
C LYS D 324 31.57 -33.70 2.99
N ILE D 325 30.90 -34.74 3.50
CA ILE D 325 30.95 -36.06 2.87
C ILE D 325 30.46 -35.97 1.42
N ILE D 326 29.33 -35.30 1.22
CA ILE D 326 28.74 -35.22 -0.12
C ILE D 326 29.65 -34.41 -1.03
N ALA D 327 30.15 -33.27 -0.54
CA ALA D 327 31.00 -32.42 -1.36
C ALA D 327 32.29 -33.14 -1.74
N GLU D 328 32.86 -33.91 -0.82
CA GLU D 328 34.12 -34.59 -1.12
C GLU D 328 33.92 -35.75 -2.10
N LEU D 329 32.72 -36.26 -2.24
CA LEU D 329 32.42 -37.27 -3.27
C LEU D 329 31.79 -36.64 -4.51
N PHE D 330 32.27 -35.45 -4.89
CA PHE D 330 31.85 -34.78 -6.13
C PHE D 330 30.34 -34.53 -6.18
N ASN D 331 29.75 -34.30 -5.02
CA ASN D 331 28.35 -33.90 -4.88
C ASN D 331 27.37 -34.96 -5.39
N THR D 332 27.80 -36.21 -5.50
CA THR D 332 26.88 -37.29 -5.90
C THR D 332 27.22 -38.57 -5.13
N VAL D 333 26.21 -39.13 -4.48
CA VAL D 333 26.34 -40.42 -3.81
C VAL D 333 25.17 -41.33 -4.22
N THR D 334 24.39 -40.88 -5.20
CA THR D 334 23.33 -41.70 -5.78
C THR D 334 23.78 -43.10 -6.10
N ASP D 335 23.17 -44.08 -5.43
CA ASP D 335 23.37 -45.52 -5.61
C ASP D 335 24.77 -45.96 -5.22
N LYS D 336 25.55 -45.10 -4.56
CA LYS D 336 26.85 -45.48 -4.04
C LYS D 336 26.67 -46.16 -2.69
N LYS D 337 27.34 -47.28 -2.49
CA LYS D 337 27.32 -47.95 -1.20
C LYS D 337 28.26 -47.23 -0.25
N ILE D 338 27.72 -46.82 0.90
CA ILE D 338 28.48 -46.13 1.93
C ILE D 338 28.33 -46.90 3.23
N ALA D 339 29.46 -47.26 3.84
CA ALA D 339 29.44 -47.96 5.12
C ALA D 339 29.37 -46.96 6.26
N ILE D 340 28.52 -47.26 7.23
CA ILE D 340 28.36 -46.47 8.45
C ILE D 340 28.90 -47.31 9.60
N PHE D 341 29.93 -46.80 10.28
CA PHE D 341 30.49 -47.46 11.46
C PHE D 341 29.96 -46.72 12.70
N GLY D 342 28.97 -47.32 13.35
CA GLY D 342 28.47 -46.76 14.59
C GLY D 342 27.08 -46.19 14.44
N PHE D 343 26.20 -46.48 15.40
CA PHE D 343 24.85 -45.93 15.39
C PHE D 343 24.47 -45.42 16.78
N ALA D 344 25.01 -46.03 17.84
CA ALA D 344 24.69 -45.58 19.18
C ALA D 344 25.15 -44.13 19.40
N PHE D 345 24.53 -43.46 20.38
CA PHE D 345 24.87 -42.06 20.59
C PHE D 345 26.23 -41.90 21.25
N LYS D 346 26.80 -42.98 21.78
CA LYS D 346 28.16 -43.02 22.29
C LYS D 346 28.56 -44.48 22.37
N LYS D 347 29.80 -44.74 22.76
CA LYS D 347 30.26 -46.12 22.76
C LYS D 347 29.76 -46.85 24.01
N ASN D 348 29.78 -48.19 23.93
CA ASN D 348 29.48 -49.06 25.06
C ASN D 348 28.04 -48.88 25.56
N THR D 349 27.11 -48.67 24.62
CA THR D 349 25.69 -48.64 24.92
C THR D 349 24.92 -49.02 23.67
N GLY D 350 23.72 -49.57 23.87
CA GLY D 350 22.81 -49.81 22.78
C GLY D 350 21.79 -48.71 22.58
N ASP D 351 21.88 -47.67 23.39
CA ASP D 351 20.93 -46.56 23.33
C ASP D 351 21.17 -45.73 22.09
N THR D 352 20.09 -45.40 21.36
CA THR D 352 20.19 -44.59 20.15
C THR D 352 19.46 -43.25 20.27
N ARG D 353 18.95 -42.92 21.45
CA ARG D 353 18.10 -41.73 21.58
C ARG D 353 18.88 -40.47 21.22
N GLU D 354 18.36 -39.73 20.23
CA GLU D 354 18.97 -38.49 19.74
C GLU D 354 20.39 -38.70 19.21
N SER D 355 20.71 -39.92 18.76
CA SER D 355 22.03 -40.18 18.20
C SER D 355 22.27 -39.32 16.95
N SER D 356 23.49 -38.78 16.84
CA SER D 356 23.86 -38.04 15.64
C SER D 356 23.80 -38.92 14.40
N ALA D 357 23.96 -40.24 14.56
CA ALA D 357 23.94 -41.14 13.41
C ALA D 357 22.60 -41.09 12.69
N ILE D 358 21.50 -40.87 13.42
CA ILE D 358 20.19 -40.81 12.80
C ILE D 358 20.12 -39.65 11.80
N HIS D 359 20.62 -38.49 12.21
CA HIS D 359 20.52 -37.31 11.36
C HIS D 359 21.46 -37.40 10.17
N VAL D 360 22.70 -37.83 10.41
CA VAL D 360 23.68 -37.97 9.33
C VAL D 360 23.20 -38.98 8.30
N ILE D 361 22.72 -40.13 8.77
CA ILE D 361 22.22 -41.15 7.85
C ILE D 361 21.01 -40.64 7.08
N LYS D 362 20.12 -39.93 7.76
CA LYS D 362 18.96 -39.36 7.07
C LYS D 362 19.41 -38.42 5.95
N HIS D 363 20.41 -37.58 6.25
CA HIS D 363 20.92 -36.66 5.24
C HIS D 363 21.48 -37.42 4.03
N LEU D 364 22.18 -38.53 4.27
CA LEU D 364 22.68 -39.34 3.17
C LEU D 364 21.55 -40.06 2.43
N MET D 365 20.49 -40.46 3.14
CA MET D 365 19.34 -41.10 2.47
C MET D 365 18.68 -40.13 1.51
N GLU D 366 18.54 -38.87 1.89
CA GLU D 366 17.95 -37.87 1.01
C GLU D 366 18.78 -37.63 -0.24
N GLU D 367 20.04 -38.05 -0.23
CA GLU D 367 20.90 -38.04 -1.41
C GLU D 367 20.87 -39.36 -2.15
N HIS D 368 19.96 -40.26 -1.77
CA HIS D 368 19.73 -41.54 -2.46
C HIS D 368 20.96 -42.44 -2.41
N ALA D 369 21.73 -42.35 -1.33
CA ALA D 369 22.81 -43.29 -1.10
C ALA D 369 22.26 -44.59 -0.52
N LYS D 370 22.97 -45.68 -0.79
CA LYS D 370 22.68 -46.96 -0.16
C LYS D 370 23.66 -47.15 0.99
N LEU D 371 23.12 -47.29 2.20
CA LEU D 371 23.92 -47.27 3.41
C LEU D 371 23.91 -48.65 4.06
N SER D 372 25.10 -49.12 4.43
CA SER D 372 25.26 -50.34 5.21
C SER D 372 25.74 -49.96 6.60
N VAL D 373 24.92 -50.24 7.61
CA VAL D 373 25.17 -49.80 8.97
C VAL D 373 25.61 -51.01 9.79
N TYR D 374 26.67 -50.83 10.58
CA TYR D 374 27.07 -51.79 11.58
C TYR D 374 27.29 -51.08 12.91
N ASP D 375 26.76 -51.66 13.98
CA ASP D 375 26.99 -51.21 15.34
C ASP D 375 27.06 -52.43 16.24
N PRO D 376 28.03 -52.50 17.15
CA PRO D 376 28.23 -53.74 17.92
C PRO D 376 27.06 -54.10 18.82
N LYS D 377 26.25 -53.13 19.26
CA LYS D 377 25.23 -53.40 20.26
C LYS D 377 23.83 -52.92 19.91
N VAL D 378 23.67 -51.97 18.99
CA VAL D 378 22.33 -51.48 18.68
C VAL D 378 21.54 -52.58 17.99
N GLN D 379 20.32 -52.77 18.40
CA GLN D 379 19.41 -53.73 17.86
C GLN D 379 18.97 -53.37 16.44
N LYS D 380 18.99 -54.31 15.51
CA LYS D 380 18.63 -54.02 14.13
C LYS D 380 17.25 -53.36 14.04
N SER D 381 16.26 -53.93 14.74
CA SER D 381 14.90 -53.38 14.71
C SER D 381 14.85 -51.95 15.25
N GLN D 382 15.69 -51.63 16.23
CA GLN D 382 15.75 -50.27 16.76
C GLN D 382 16.30 -49.32 15.71
N MET D 383 17.35 -49.75 15.02
CA MET D 383 17.95 -48.94 13.97
C MET D 383 16.94 -48.61 12.87
N LEU D 384 16.24 -49.63 12.37
CA LEU D 384 15.29 -49.42 11.28
C LEU D 384 14.12 -48.54 11.73
N ASN D 385 13.65 -48.74 12.96
CA ASN D 385 12.55 -47.95 13.49
C ASN D 385 12.94 -46.48 13.63
N ASP D 386 14.16 -46.21 14.09
CA ASP D 386 14.64 -44.84 14.22
C ASP D 386 14.71 -44.16 12.86
N LEU D 387 15.27 -44.84 11.86
CA LEU D 387 15.39 -44.21 10.55
C LEU D 387 14.03 -44.06 9.88
N ALA D 388 13.14 -45.04 10.05
CA ALA D 388 11.83 -44.91 9.44
C ALA D 388 11.03 -43.76 10.04
N SER D 389 11.22 -43.50 11.34
CA SER D 389 10.42 -42.47 12.01
C SER D 389 10.80 -41.06 11.56
N VAL D 390 12.00 -40.86 11.02
CA VAL D 390 12.40 -39.58 10.47
C VAL D 390 12.18 -39.54 8.96
N THR D 391 12.37 -40.65 8.25
CA THR D 391 12.03 -40.73 6.87
C THR D 391 10.71 -41.42 6.40
N SER D 392 10.77 -42.74 6.19
CA SER D 392 9.63 -43.55 5.93
C SER D 392 10.03 -44.99 5.83
N ALA D 393 9.06 -45.89 6.04
CA ALA D 393 9.35 -47.31 5.96
C ALA D 393 9.85 -47.71 4.56
N GLN D 394 9.28 -47.11 3.51
CA GLN D 394 9.73 -47.47 2.17
C GLN D 394 11.16 -46.98 1.91
N ASP D 395 11.48 -45.75 2.33
CA ASP D 395 12.84 -45.27 2.13
C ASP D 395 13.85 -46.16 2.86
N VAL D 396 13.51 -46.61 4.08
CA VAL D 396 14.42 -47.49 4.80
C VAL D 396 14.56 -48.81 4.08
N GLU D 397 13.46 -49.33 3.53
CA GLU D 397 13.52 -50.60 2.83
C GLU D 397 14.41 -50.50 1.60
N ARG D 398 14.36 -49.36 0.89
CA ARG D 398 15.13 -49.25 -0.34
C ARG D 398 16.60 -48.93 -0.11
N LEU D 399 16.93 -48.22 0.97
CA LEU D 399 18.26 -47.63 1.10
C LEU D 399 19.10 -48.20 2.23
N ILE D 400 18.52 -48.84 3.24
CA ILE D 400 19.25 -49.23 4.44
C ILE D 400 19.39 -50.74 4.50
N THR D 401 20.63 -51.20 4.73
CA THR D 401 20.89 -52.60 5.08
C THR D 401 21.72 -52.62 6.36
N VAL D 402 21.35 -53.51 7.28
CA VAL D 402 22.01 -53.65 8.57
C VAL D 402 22.90 -54.89 8.53
N GLU D 403 24.18 -54.70 8.85
CA GLU D 403 25.16 -55.78 8.85
C GLU D 403 25.59 -56.12 10.28
N SER D 404 25.94 -57.38 10.50
CA SER D 404 26.43 -57.85 11.78
C SER D 404 27.96 -57.93 11.82
N ASP D 405 28.63 -57.45 10.78
CA ASP D 405 30.06 -57.56 10.62
C ASP D 405 30.49 -56.27 9.94
N PRO D 406 31.47 -55.55 10.49
CA PRO D 406 31.89 -54.29 9.85
C PRO D 406 32.53 -54.49 8.49
N TYR D 407 33.22 -55.61 8.28
CA TYR D 407 33.84 -55.89 6.99
C TYR D 407 32.79 -56.11 5.92
N ALA D 408 31.65 -56.68 6.29
CA ALA D 408 30.57 -56.85 5.32
C ALA D 408 29.98 -55.50 4.92
N ALA D 409 29.86 -54.56 5.86
CA ALA D 409 29.37 -53.23 5.53
C ALA D 409 30.33 -52.48 4.62
N ALA D 410 31.64 -52.64 4.84
CA ALA D 410 32.64 -51.94 4.05
C ALA D 410 32.88 -52.60 2.71
N ARG D 411 32.49 -53.86 2.56
CA ARG D 411 32.70 -54.59 1.32
C ARG D 411 31.95 -53.90 0.18
N GLY D 412 32.70 -53.49 -0.85
CA GLY D 412 32.09 -52.84 -1.99
C GLY D 412 31.72 -51.39 -1.76
N ALA D 413 32.07 -50.81 -0.63
CA ALA D 413 31.66 -49.45 -0.31
C ALA D 413 32.56 -48.43 -1.00
N HIS D 414 31.98 -47.27 -1.30
CA HIS D 414 32.76 -46.15 -1.80
C HIS D 414 33.37 -45.35 -0.65
N ALA D 415 32.71 -45.33 0.50
CA ALA D 415 33.18 -44.54 1.63
C ALA D 415 32.78 -45.23 2.92
N ILE D 416 33.57 -44.96 3.95
CA ILE D 416 33.24 -45.36 5.32
C ILE D 416 33.04 -44.09 6.13
N VAL D 417 32.02 -44.09 6.98
CA VAL D 417 31.72 -42.97 7.85
C VAL D 417 31.69 -43.48 9.28
N VAL D 418 32.59 -42.99 10.11
CA VAL D 418 32.64 -43.38 11.52
C VAL D 418 31.82 -42.37 12.30
N LEU D 419 30.78 -42.86 13.00
CA LEU D 419 29.87 -42.01 13.73
C LEU D 419 29.83 -42.27 15.23
N THR D 420 30.33 -43.42 15.69
CA THR D 420 30.33 -43.74 17.10
C THR D 420 31.71 -44.28 17.48
N GLU D 421 32.22 -43.86 18.64
CA GLU D 421 33.60 -44.11 19.01
C GLU D 421 33.85 -45.52 19.57
N TRP D 422 33.22 -46.55 19.02
CA TRP D 422 33.46 -47.91 19.50
C TRP D 422 34.94 -48.27 19.36
N ASP D 423 35.51 -48.83 20.44
CA ASP D 423 36.93 -49.21 20.43
C ASP D 423 37.23 -50.21 19.33
N GLU D 424 36.25 -51.03 18.98
CA GLU D 424 36.42 -52.05 17.94
C GLU D 424 36.82 -51.44 16.60
N PHE D 425 36.37 -50.21 16.33
CA PHE D 425 36.67 -49.57 15.04
C PHE D 425 38.14 -49.21 14.90
N VAL D 426 38.85 -49.02 16.01
CA VAL D 426 40.28 -48.76 15.95
C VAL D 426 41.03 -49.99 15.45
N GLU D 427 40.83 -51.12 16.14
CA GLU D 427 41.56 -52.36 15.90
C GLU D 427 41.20 -53.05 14.57
N LEU D 428 40.49 -52.48 13.62
CA LEU D 428 40.18 -53.19 12.39
C LEU D 428 41.38 -53.24 11.44
N ASN D 429 41.30 -54.18 10.51
CA ASN D 429 42.30 -54.32 9.45
C ASN D 429 41.90 -53.41 8.30
N TYR D 430 42.42 -52.18 8.31
CA TYR D 430 42.02 -51.23 7.29
C TYR D 430 42.72 -51.44 5.95
N SER D 431 43.79 -52.23 5.90
CA SER D 431 44.34 -52.62 4.60
C SER D 431 43.39 -53.57 3.89
N GLN D 432 42.94 -54.60 4.58
CA GLN D 432 41.98 -55.54 4.01
C GLN D 432 40.68 -54.82 3.64
N ILE D 433 40.24 -53.89 4.48
CA ILE D 433 39.05 -53.11 4.16
C ILE D 433 39.27 -52.28 2.90
N HIS D 434 40.43 -51.64 2.79
CA HIS D 434 40.73 -50.82 1.62
C HIS D 434 40.77 -51.65 0.34
N ASN D 435 41.30 -52.86 0.43
CA ASN D 435 41.41 -53.71 -0.77
C ASN D 435 40.04 -54.11 -1.29
N ASP D 436 39.07 -54.27 -0.40
CA ASP D 436 37.75 -54.76 -0.76
C ASP D 436 36.74 -53.64 -0.97
N MET D 437 37.15 -52.38 -0.87
CA MET D 437 36.29 -51.26 -1.18
C MET D 437 36.39 -50.88 -2.65
N GLN D 438 35.47 -50.03 -3.09
CA GLN D 438 35.60 -49.39 -4.39
C GLN D 438 36.78 -48.42 -4.34
N HIS D 439 37.35 -48.15 -5.51
CA HIS D 439 38.50 -47.28 -5.59
C HIS D 439 38.16 -46.07 -6.46
N PRO D 440 38.50 -44.84 -6.03
CA PRO D 440 39.21 -44.53 -4.79
C PRO D 440 38.33 -44.67 -3.54
N ALA D 441 38.95 -45.04 -2.43
CA ALA D 441 38.23 -45.28 -1.19
C ALA D 441 38.32 -44.06 -0.29
N ALA D 442 37.18 -43.64 0.26
CA ALA D 442 37.13 -42.50 1.16
C ALA D 442 36.71 -42.97 2.55
N ILE D 443 37.20 -42.27 3.57
CA ILE D 443 36.79 -42.58 4.94
C ILE D 443 36.73 -41.27 5.72
N PHE D 444 35.65 -41.11 6.48
CA PHE D 444 35.36 -39.88 7.20
C PHE D 444 35.19 -40.22 8.68
N ASP D 445 36.08 -39.69 9.50
CA ASP D 445 36.10 -39.97 10.93
C ASP D 445 35.38 -38.84 11.66
N GLY D 446 34.17 -39.10 12.09
CA GLY D 446 33.41 -38.15 12.89
C GLY D 446 33.64 -38.25 14.38
N ARG D 447 34.59 -39.10 14.82
CA ARG D 447 34.87 -39.29 16.23
C ARG D 447 36.36 -39.19 16.58
N LEU D 448 37.24 -39.00 15.58
CA LEU D 448 38.66 -38.75 15.81
C LEU D 448 39.34 -39.88 16.57
N ILE D 449 39.02 -41.12 16.20
CA ILE D 449 39.63 -42.30 16.83
C ILE D 449 40.64 -43.00 15.92
N LEU D 450 40.70 -42.64 14.64
CA LEU D 450 41.53 -43.33 13.68
C LEU D 450 42.83 -42.56 13.42
N ASP D 451 43.85 -43.31 12.99
CA ASP D 451 45.14 -42.74 12.66
C ASP D 451 45.10 -42.22 11.23
N GLN D 452 45.02 -40.89 11.07
CA GLN D 452 44.91 -40.29 9.75
C GLN D 452 46.13 -40.59 8.89
N LYS D 453 47.34 -40.48 9.46
CA LYS D 453 48.54 -40.77 8.69
C LYS D 453 48.56 -42.23 8.23
N ALA D 454 48.12 -43.16 9.09
CA ALA D 454 48.10 -44.56 8.71
C ALA D 454 47.09 -44.82 7.60
N LEU D 455 45.90 -44.24 7.69
CA LEU D 455 44.90 -44.43 6.63
C LEU D 455 45.39 -43.84 5.31
N ARG D 456 46.07 -42.70 5.37
CA ARG D 456 46.56 -42.06 4.15
C ARG D 456 47.63 -42.89 3.46
N GLU D 457 48.51 -43.51 4.24
CA GLU D 457 49.56 -44.34 3.65
C GLU D 457 48.97 -45.61 3.04
N ILE D 458 47.84 -46.07 3.57
CA ILE D 458 47.17 -47.23 2.99
C ILE D 458 46.61 -46.88 1.61
N GLY D 459 46.21 -45.63 1.42
CA GLY D 459 45.68 -45.20 0.13
C GLY D 459 44.29 -44.61 0.21
N PHE D 460 43.80 -44.39 1.42
CA PHE D 460 42.50 -43.78 1.64
C PHE D 460 42.55 -42.29 1.33
N ARG D 461 41.45 -41.77 0.80
CA ARG D 461 41.11 -40.35 0.92
C ARG D 461 40.47 -40.18 2.29
N THR D 462 41.24 -39.69 3.25
CA THR D 462 40.81 -39.72 4.64
C THR D 462 40.51 -38.31 5.13
N PHE D 463 39.45 -38.21 5.92
CA PHE D 463 38.98 -36.94 6.46
C PHE D 463 38.56 -37.16 7.91
N ALA D 464 38.68 -36.10 8.69
CA ALA D 464 38.31 -36.17 10.11
C ALA D 464 37.92 -34.78 10.57
N ILE D 465 36.90 -34.74 11.44
CA ILE D 465 36.50 -33.47 12.05
C ILE D 465 37.68 -32.88 12.80
N GLY D 466 37.93 -31.59 12.57
CA GLY D 466 39.02 -30.89 13.22
C GLY D 466 40.37 -30.99 12.53
N THR D 467 40.45 -31.68 11.39
CA THR D 467 41.66 -31.71 10.58
C THR D 467 41.36 -31.06 9.25
N SER D 468 42.24 -30.14 8.84
CA SER D 468 42.09 -29.48 7.56
C SER D 468 42.10 -30.52 6.44
N PRO D 469 41.18 -30.43 5.46
CA PRO D 469 41.11 -31.40 4.36
C PRO D 469 42.21 -31.16 3.33
N LYS E 8 -35.21 25.63 35.05
CA LYS E 8 -35.07 26.28 33.75
C LYS E 8 -33.78 27.08 33.68
N VAL E 9 -33.01 26.86 32.62
CA VAL E 9 -31.72 27.52 32.44
C VAL E 9 -31.93 28.94 31.94
N SER E 10 -31.32 29.91 32.64
CA SER E 10 -31.32 31.29 32.16
C SER E 10 -29.93 31.92 32.09
N LYS E 11 -28.88 31.24 32.56
CA LYS E 11 -27.53 31.76 32.54
C LYS E 11 -26.58 30.68 32.02
N VAL E 12 -26.01 30.91 30.85
CA VAL E 12 -25.13 29.94 30.17
C VAL E 12 -23.71 30.49 30.13
N VAL E 13 -22.75 29.62 30.44
CA VAL E 13 -21.32 29.90 30.31
C VAL E 13 -20.68 28.80 29.46
N CYS E 14 -19.67 29.18 28.68
CA CYS E 14 -18.88 28.20 27.94
C CYS E 14 -17.39 28.46 28.18
N VAL E 15 -16.68 27.46 28.67
CA VAL E 15 -15.23 27.52 28.85
C VAL E 15 -14.60 27.07 27.54
N GLY E 16 -13.95 28.01 26.85
CA GLY E 16 -13.39 27.73 25.54
C GLY E 16 -13.98 28.63 24.46
N ALA E 17 -13.20 29.61 24.03
CA ALA E 17 -13.66 30.58 23.04
C ALA E 17 -13.01 30.31 21.69
N GLY E 18 -13.09 29.07 21.22
CA GLY E 18 -12.51 28.68 19.95
C GLY E 18 -13.53 28.56 18.84
N TYR E 19 -13.18 27.74 17.84
CA TYR E 19 -14.05 27.54 16.68
C TYR E 19 -15.36 26.85 17.05
N VAL E 20 -15.41 26.12 18.16
CA VAL E 20 -16.63 25.48 18.62
C VAL E 20 -17.35 26.40 19.60
N GLY E 21 -16.66 26.81 20.67
CA GLY E 21 -17.32 27.51 21.75
C GLY E 21 -17.87 28.87 21.34
N GLY E 22 -17.06 29.65 20.63
CA GLY E 22 -17.47 30.97 20.20
C GLY E 22 -18.75 30.96 19.39
N PRO E 23 -18.70 30.34 18.20
CA PRO E 23 -19.90 30.29 17.35
C PRO E 23 -21.14 29.70 18.01
N THR E 24 -20.99 28.61 18.76
CA THR E 24 -22.15 27.97 19.38
C THR E 24 -22.86 28.93 20.34
N CYS E 25 -22.10 29.60 21.20
CA CYS E 25 -22.72 30.53 22.14
C CYS E 25 -23.33 31.72 21.43
N ALA E 26 -22.72 32.17 20.33
CA ALA E 26 -23.33 33.26 19.57
C ALA E 26 -24.71 32.86 19.07
N MET E 27 -24.86 31.62 18.61
CA MET E 27 -26.17 31.19 18.12
C MET E 27 -27.17 31.06 19.28
N ILE E 28 -26.72 30.55 20.42
CA ILE E 28 -27.58 30.45 21.59
C ILE E 28 -28.08 31.83 22.00
N ALA E 29 -27.16 32.80 22.06
CA ALA E 29 -27.55 34.17 22.38
C ALA E 29 -28.50 34.74 21.34
N HIS E 30 -28.26 34.47 20.05
CA HIS E 30 -29.12 35.02 19.00
C HIS E 30 -30.53 34.46 19.05
N LYS E 31 -30.70 33.21 19.48
CA LYS E 31 -32.00 32.55 19.42
C LYS E 31 -32.71 32.51 20.77
N CYS E 32 -32.01 32.84 21.85
CA CYS E 32 -32.57 32.77 23.19
C CYS E 32 -32.34 34.12 23.83
N PRO E 33 -33.23 35.09 23.58
CA PRO E 33 -33.01 36.45 24.11
C PRO E 33 -32.95 36.49 25.61
N HIS E 34 -33.65 35.59 26.30
CA HIS E 34 -33.75 35.62 27.76
C HIS E 34 -32.63 34.86 28.45
N ILE E 35 -31.67 34.33 27.71
CA ILE E 35 -30.54 33.62 28.27
C ILE E 35 -29.31 34.51 28.12
N THR E 36 -28.57 34.68 29.20
CA THR E 36 -27.29 35.37 29.15
C THR E 36 -26.20 34.35 28.90
N VAL E 37 -25.42 34.57 27.84
CA VAL E 37 -24.35 33.66 27.44
C VAL E 37 -23.03 34.38 27.64
N THR E 38 -22.18 33.79 28.47
CA THR E 38 -20.85 34.33 28.76
C THR E 38 -19.81 33.32 28.29
N VAL E 39 -18.92 33.76 27.42
CA VAL E 39 -17.84 32.93 26.92
C VAL E 39 -16.56 33.36 27.63
N VAL E 40 -15.85 32.40 28.20
CA VAL E 40 -14.61 32.68 28.91
C VAL E 40 -13.51 31.82 28.32
N ASP E 41 -12.28 32.22 28.60
CA ASP E 41 -11.14 31.55 28.01
C ASP E 41 -9.92 31.92 28.83
N MET E 42 -8.98 30.97 28.93
CA MET E 42 -7.73 31.25 29.63
C MET E 42 -6.92 32.32 28.92
N ASN E 43 -7.11 32.46 27.60
CA ASN E 43 -6.35 33.37 26.76
C ASN E 43 -7.02 34.74 26.84
N THR E 44 -6.41 35.65 27.60
CA THR E 44 -7.00 36.97 27.80
C THR E 44 -6.95 37.80 26.53
N ALA E 45 -5.88 37.66 25.74
CA ALA E 45 -5.78 38.41 24.50
C ALA E 45 -6.84 37.97 23.49
N LYS E 46 -7.18 36.68 23.47
CA LYS E 46 -8.22 36.23 22.54
C LYS E 46 -9.60 36.73 22.99
N ILE E 47 -9.83 36.78 24.30
CA ILE E 47 -11.08 37.38 24.79
C ILE E 47 -11.18 38.82 24.32
N ALA E 48 -10.06 39.55 24.32
CA ALA E 48 -10.08 40.92 23.83
C ALA E 48 -10.47 40.98 22.35
N GLU E 49 -10.02 40.01 21.54
CA GLU E 49 -10.41 40.02 20.14
C GLU E 49 -11.90 39.74 19.97
N TRP E 50 -12.44 38.82 20.77
CA TRP E 50 -13.88 38.59 20.73
C TRP E 50 -14.65 39.87 21.08
N ASN E 51 -14.04 40.76 21.87
CA ASN E 51 -14.64 42.02 22.26
C ASN E 51 -14.29 43.17 21.31
N SER E 52 -13.49 42.91 20.28
CA SER E 52 -13.10 43.94 19.34
C SER E 52 -13.95 43.83 18.08
N ASP E 53 -13.63 44.66 17.09
CA ASP E 53 -14.29 44.62 15.79
C ASP E 53 -13.59 43.69 14.81
N LYS E 54 -12.53 43.01 15.25
CA LYS E 54 -11.85 41.99 14.45
C LYS E 54 -11.89 40.69 15.26
N LEU E 55 -12.83 39.81 14.93
CA LEU E 55 -12.99 38.55 15.65
C LEU E 55 -11.81 37.60 15.42
N PRO E 56 -11.48 36.75 16.39
CA PRO E 56 -10.27 35.91 16.26
C PRO E 56 -10.40 34.80 15.24
N ILE E 57 -11.58 34.56 14.67
CA ILE E 57 -11.77 33.58 13.61
C ILE E 57 -12.64 34.20 12.52
N TYR E 58 -12.55 33.62 11.32
CA TYR E 58 -13.42 34.01 10.22
C TYR E 58 -14.45 32.92 9.98
N GLU E 59 -15.73 33.27 10.13
CA GLU E 59 -16.86 32.41 9.84
C GLU E 59 -17.86 33.33 9.15
N PRO E 60 -18.37 32.95 7.99
CA PRO E 60 -19.40 33.76 7.33
C PRO E 60 -20.60 33.94 8.25
N GLY E 61 -21.04 35.19 8.42
CA GLY E 61 -22.15 35.50 9.27
C GLY E 61 -21.84 35.62 10.74
N LEU E 62 -20.63 35.28 11.17
CA LEU E 62 -20.33 35.33 12.60
C LEU E 62 -20.25 36.75 13.11
N ASP E 63 -19.65 37.66 12.32
CA ASP E 63 -19.55 39.06 12.74
C ASP E 63 -20.92 39.65 13.02
N GLU E 64 -21.86 39.44 12.09
CA GLU E 64 -23.21 39.99 12.23
C GLU E 64 -23.88 39.46 13.50
N ILE E 65 -23.75 38.16 13.76
CA ILE E 65 -24.40 37.58 14.93
C ILE E 65 -23.77 38.12 16.21
N VAL E 66 -22.44 38.15 16.27
CA VAL E 66 -21.75 38.57 17.49
C VAL E 66 -21.97 40.05 17.75
N PHE E 67 -21.79 40.89 16.73
CA PHE E 67 -21.93 42.32 16.93
C PHE E 67 -23.34 42.70 17.37
N ALA E 68 -24.34 41.92 16.96
CA ALA E 68 -25.72 42.24 17.31
C ALA E 68 -26.06 41.84 18.74
N ALA E 69 -25.39 40.83 19.28
CA ALA E 69 -25.72 40.36 20.63
C ALA E 69 -24.72 40.78 21.68
N ARG E 70 -23.47 41.03 21.30
CA ARG E 70 -22.44 41.34 22.28
C ARG E 70 -22.86 42.54 23.12
N GLY E 71 -22.62 42.45 24.43
CA GLY E 71 -23.05 43.48 25.36
C GLY E 71 -24.51 43.44 25.71
N ARG E 72 -25.33 42.65 25.01
CA ARG E 72 -26.75 42.56 25.31
C ARG E 72 -26.99 41.31 26.14
N ASN E 73 -26.93 40.13 25.49
CA ASN E 73 -27.00 38.87 26.22
C ASN E 73 -25.83 37.96 25.89
N LEU E 74 -24.84 38.46 25.15
CA LEU E 74 -23.63 37.71 24.83
C LEU E 74 -22.42 38.47 25.35
N PHE E 75 -21.59 37.78 26.14
CA PHE E 75 -20.45 38.44 26.76
C PHE E 75 -19.23 37.54 26.64
N PHE E 76 -18.07 38.18 26.46
CA PHE E 76 -16.79 37.51 26.42
C PHE E 76 -15.97 38.07 27.57
N SER E 77 -15.61 37.21 28.52
CA SER E 77 -14.94 37.61 29.74
C SER E 77 -13.71 36.75 29.99
N SER E 78 -12.80 37.28 30.79
CA SER E 78 -11.66 36.53 31.29
C SER E 78 -11.80 36.16 32.76
N ASP E 79 -12.92 36.55 33.39
CA ASP E 79 -13.20 36.25 34.79
C ASP E 79 -13.91 34.91 34.87
N ILE E 80 -13.10 33.84 34.87
CA ILE E 80 -13.66 32.49 34.88
C ILE E 80 -14.41 32.17 36.17
N PRO E 81 -13.89 32.48 37.37
CA PRO E 81 -14.66 32.18 38.59
C PRO E 81 -16.01 32.86 38.66
N LYS E 82 -16.11 34.12 38.27
CA LYS E 82 -17.41 34.81 38.35
C LYS E 82 -18.43 34.17 37.42
N ALA E 83 -18.01 33.81 36.20
CA ALA E 83 -18.95 33.19 35.26
C ALA E 83 -19.40 31.83 35.76
N ILE E 84 -18.47 31.04 36.32
CA ILE E 84 -18.82 29.71 36.80
C ILE E 84 -19.81 29.79 37.94
N ALA E 85 -19.58 30.71 38.89
CA ALA E 85 -20.44 30.78 40.08
C ALA E 85 -21.88 31.17 39.73
N GLU E 86 -22.06 32.00 38.70
CA GLU E 86 -23.36 32.55 38.38
C GLU E 86 -24.15 31.72 37.37
N ALA E 87 -23.54 30.70 36.77
CA ALA E 87 -24.16 29.97 35.67
C ALA E 87 -25.16 28.93 36.15
N ASP E 88 -26.16 28.66 35.31
CA ASP E 88 -27.01 27.50 35.45
C ASP E 88 -26.45 26.29 34.72
N LEU E 89 -25.89 26.53 33.53
CA LEU E 89 -25.37 25.48 32.66
C LEU E 89 -24.04 25.93 32.09
N ILE E 90 -23.07 25.01 32.04
CA ILE E 90 -21.70 25.34 31.67
C ILE E 90 -21.26 24.40 30.56
N PHE E 91 -20.98 24.95 29.38
CA PHE E 91 -20.34 24.19 28.33
C PHE E 91 -18.83 24.14 28.56
N ILE E 92 -18.23 23.00 28.28
CA ILE E 92 -16.78 22.85 28.21
C ILE E 92 -16.43 22.55 26.76
N SER E 93 -15.66 23.45 26.12
CA SER E 93 -15.27 23.32 24.72
C SER E 93 -13.80 23.69 24.54
N VAL E 94 -12.90 22.84 25.04
CA VAL E 94 -11.48 23.11 25.00
C VAL E 94 -10.72 22.08 24.16
N ASN E 95 -9.41 22.26 24.02
CA ASN E 95 -8.57 21.36 23.23
C ASN E 95 -8.34 20.04 23.94
N THR E 96 -8.21 18.98 23.15
CA THR E 96 -7.71 17.69 23.64
C THR E 96 -6.58 17.24 22.73
N PRO E 97 -5.41 17.90 22.80
CA PRO E 97 -4.31 17.54 21.90
C PRO E 97 -3.87 16.10 22.14
N THR E 98 -3.43 15.45 21.06
CA THR E 98 -3.00 14.05 21.18
C THR E 98 -1.83 13.91 22.15
N LYS E 99 -1.86 12.86 22.93
CA LYS E 99 -0.82 12.57 23.89
C LYS E 99 0.53 12.25 23.30
N MET E 100 1.51 12.16 24.18
CA MET E 100 2.89 11.78 23.87
C MET E 100 3.63 11.31 25.10
N ARG E 103 2.33 6.12 25.83
CA ARG E 103 1.36 5.06 25.56
C ARG E 103 0.16 5.69 24.92
N GLY E 104 -0.25 5.13 23.80
CA GLY E 104 -1.36 5.70 23.08
C GLY E 104 -0.91 7.06 22.58
N LYS E 105 0.39 7.29 22.57
CA LYS E 105 0.90 8.54 22.13
C LYS E 105 0.59 8.61 20.67
N GLY E 106 0.29 9.78 20.19
CA GLY E 106 0.01 9.99 18.80
C GLY E 106 -1.32 9.48 18.34
N MET E 107 -2.05 8.84 19.23
CA MET E 107 -3.34 8.30 18.85
C MET E 107 -4.49 8.78 19.69
N ALA E 108 -4.28 8.72 20.99
CA ALA E 108 -5.28 9.08 21.95
C ALA E 108 -5.20 10.52 22.36
N PRO E 109 -6.33 11.11 22.67
CA PRO E 109 -6.30 12.52 23.10
C PRO E 109 -5.95 12.65 24.57
N ASP E 110 -5.35 13.81 24.89
CA ASP E 110 -4.97 14.17 26.25
C ASP E 110 -6.06 15.03 26.88
N LEU E 111 -6.65 14.53 27.97
CA LEU E 111 -7.75 15.18 28.67
C LEU E 111 -7.29 16.17 29.73
N LYS E 112 -6.03 16.60 29.69
CA LYS E 112 -5.48 17.44 30.76
C LYS E 112 -6.24 18.76 30.92
N TYR E 113 -6.66 19.37 29.81
CA TYR E 113 -7.37 20.65 29.90
C TYR E 113 -8.81 20.45 30.34
N VAL E 114 -9.47 19.39 29.87
CA VAL E 114 -10.85 19.12 30.27
C VAL E 114 -10.90 18.84 31.77
N GLU E 115 -9.88 18.15 32.29
CA GLU E 115 -9.80 17.85 33.71
C GLU E 115 -9.47 19.09 34.52
N SER E 116 -8.58 19.94 34.00
CA SER E 116 -8.23 21.18 34.69
C SER E 116 -9.44 22.11 34.79
N VAL E 117 -10.21 22.24 33.72
CA VAL E 117 -11.41 23.06 33.75
C VAL E 117 -12.44 22.45 34.70
N SER E 118 -12.55 21.12 34.71
CA SER E 118 -13.50 20.46 35.59
C SER E 118 -13.23 20.78 37.06
N ARG E 119 -11.96 20.77 37.45
CA ARG E 119 -11.63 21.14 38.83
C ARG E 119 -12.01 22.58 39.11
N THR E 120 -11.73 23.49 38.17
CA THR E 120 -12.12 24.89 38.36
C THR E 120 -13.61 25.04 38.55
N ILE E 121 -14.41 24.26 37.83
CA ILE E 121 -15.87 24.32 38.00
C ILE E 121 -16.25 23.89 39.41
N ALA E 122 -15.65 22.81 39.89
CA ALA E 122 -15.92 22.36 41.26
C ALA E 122 -15.52 23.41 42.29
N GLN E 123 -14.48 24.20 42.01
CA GLN E 123 -13.99 25.17 42.99
C GLN E 123 -14.97 26.34 43.13
N TYR E 124 -15.57 26.77 42.03
CA TYR E 124 -16.33 28.01 42.01
C TYR E 124 -17.81 27.84 41.71
N ALA E 125 -18.30 26.61 41.50
CA ALA E 125 -19.71 26.42 41.19
C ALA E 125 -20.61 26.99 42.28
N GLY E 126 -20.35 26.60 43.53
CA GLY E 126 -21.12 27.09 44.66
C GLY E 126 -22.57 26.70 44.68
N GLY E 127 -22.96 25.69 43.89
CA GLY E 127 -24.34 25.30 43.76
C GLY E 127 -24.54 24.32 42.62
N PRO E 128 -25.76 23.81 42.47
CA PRO E 128 -26.03 22.83 41.40
C PRO E 128 -25.75 23.43 40.02
N LYS E 129 -25.15 22.61 39.16
CA LYS E 129 -24.82 23.03 37.80
C LYS E 129 -25.06 21.88 36.83
N ILE E 130 -25.48 22.24 35.62
CA ILE E 130 -25.47 21.32 34.49
C ILE E 130 -24.20 21.62 33.73
N VAL E 131 -23.36 20.60 33.56
CA VAL E 131 -22.07 20.73 32.89
C VAL E 131 -22.15 19.92 31.61
N VAL E 132 -21.81 20.55 30.49
CA VAL E 132 -22.02 19.96 29.17
C VAL E 132 -20.69 19.95 28.44
N GLU E 133 -20.25 18.77 28.01
CA GLU E 133 -19.04 18.62 27.24
C GLU E 133 -19.47 18.78 25.83
N LYS E 134 -18.85 19.68 25.11
CA LYS E 134 -19.23 19.95 23.73
C LYS E 134 -17.97 20.07 22.89
N SER E 135 -17.71 19.06 22.05
CA SER E 135 -16.59 19.07 21.14
C SER E 135 -16.98 18.30 19.90
N THR E 136 -16.08 18.30 18.92
CA THR E 136 -16.31 17.54 17.70
C THR E 136 -15.71 16.15 17.74
N VAL E 137 -14.70 15.92 18.57
CA VAL E 137 -14.13 14.58 18.76
C VAL E 137 -14.16 14.29 20.26
N PRO E 138 -15.33 13.95 20.81
CA PRO E 138 -15.39 13.61 22.23
C PRO E 138 -15.00 12.15 22.43
N VAL E 139 -14.09 11.91 23.36
CA VAL E 139 -13.73 10.55 23.71
C VAL E 139 -13.62 10.41 25.21
N LYS E 140 -14.69 9.91 25.84
CA LYS E 140 -14.75 9.70 27.28
C LYS E 140 -14.48 10.97 28.08
N ALA E 141 -14.53 12.14 27.43
CA ALA E 141 -14.32 13.39 28.14
C ALA E 141 -15.42 13.61 29.18
N ALA E 142 -16.67 13.27 28.82
CA ALA E 142 -17.75 13.42 29.78
C ALA E 142 -17.59 12.47 30.96
N GLU E 143 -16.99 11.30 30.73
CA GLU E 143 -16.73 10.38 31.83
C GLU E 143 -15.66 10.95 32.77
N SER E 144 -14.68 11.66 32.19
CA SER E 144 -13.62 12.26 33.00
C SER E 144 -14.12 13.47 33.77
N ILE E 145 -15.00 14.27 33.15
CA ILE E 145 -15.63 15.39 33.85
C ILE E 145 -16.48 14.89 35.00
N GLY E 146 -17.33 13.88 34.74
CA GLY E 146 -18.22 13.38 35.77
C GLY E 146 -17.46 12.79 36.94
N CYS E 147 -16.33 12.13 36.68
CA CYS E 147 -15.52 11.58 37.76
C CYS E 147 -15.03 12.67 38.70
N ILE E 148 -14.52 13.76 38.12
CA ILE E 148 -14.01 14.88 38.91
C ILE E 148 -15.12 15.61 39.65
N LEU E 149 -16.29 15.67 39.04
CA LEU E 149 -17.44 16.35 39.64
C LEU E 149 -18.06 15.53 40.77
N ARG E 150 -18.05 14.21 40.61
CA ARG E 150 -18.61 13.33 41.60
C ARG E 150 -17.84 13.44 42.87
N GLU E 151 -16.54 13.52 42.76
CA GLU E 151 -15.75 13.61 43.99
C GLU E 151 -16.06 14.91 44.73
N ALA E 152 -16.26 16.00 44.00
CA ALA E 152 -16.61 17.27 44.63
C ALA E 152 -17.97 17.18 45.33
N GLN E 153 -18.91 16.54 44.70
CA GLN E 153 -20.22 16.39 45.27
C GLN E 153 -20.23 15.55 46.53
N LYS E 154 -19.37 14.56 46.60
CA LYS E 154 -19.31 13.71 47.76
C LYS E 154 -18.95 14.48 49.02
N ASN E 155 -17.94 15.32 48.97
CA ASN E 155 -17.61 16.13 50.12
C ASN E 155 -18.54 17.27 50.41
N ASN E 156 -19.12 17.87 49.40
CA ASN E 156 -20.04 18.96 49.60
C ASN E 156 -21.29 18.58 48.90
N GLU E 157 -22.39 18.45 49.61
CA GLU E 157 -23.63 18.04 48.97
C GLU E 157 -24.45 19.19 48.51
N ASN E 158 -23.88 20.37 48.67
CA ASN E 158 -24.50 21.56 48.20
C ASN E 158 -24.49 21.48 46.69
N LEU E 159 -23.46 20.88 46.15
CA LEU E 159 -23.26 20.78 44.72
C LEU E 159 -23.86 19.58 44.04
N LYS E 160 -24.88 19.77 43.23
CA LYS E 160 -25.47 18.68 42.52
C LYS E 160 -25.08 18.94 41.11
N PHE E 161 -24.40 18.00 40.50
CA PHE E 161 -23.92 18.17 39.17
C PHE E 161 -24.43 17.11 38.24
N GLN E 162 -24.85 17.48 37.06
CA GLN E 162 -25.24 16.52 36.06
C GLN E 162 -24.37 16.82 34.87
N VAL E 163 -23.70 15.83 34.34
CA VAL E 163 -22.82 16.02 33.24
C VAL E 163 -23.44 15.48 32.00
N LEU E 164 -23.42 16.27 30.95
CA LEU E 164 -24.00 15.85 29.68
C LEU E 164 -22.95 15.83 28.59
N SER E 165 -23.14 14.95 27.61
CA SER E 165 -22.37 14.96 26.38
CA SER E 165 -22.37 14.96 26.38
C SER E 165 -23.23 15.54 25.27
N ASN E 166 -22.71 16.54 24.58
CA ASN E 166 -23.45 17.26 23.54
C ASN E 166 -22.47 17.58 22.42
N PRO E 167 -22.15 16.60 21.58
CA PRO E 167 -21.21 16.83 20.48
C PRO E 167 -21.68 17.90 19.51
N GLU E 168 -20.71 18.59 18.91
CA GLU E 168 -20.97 19.65 17.96
C GLU E 168 -20.88 19.10 16.55
N PHE E 169 -21.88 19.41 15.72
CA PHE E 169 -21.93 18.92 14.36
C PHE E 169 -21.62 19.99 13.32
N LEU E 170 -21.38 21.23 13.73
CA LEU E 170 -21.04 22.26 12.77
C LEU E 170 -19.76 21.89 12.03
N ALA E 171 -19.71 22.27 10.76
CA ALA E 171 -18.48 22.25 9.98
C ALA E 171 -18.00 23.67 9.82
N GLU E 172 -16.71 23.90 9.97
CA GLU E 172 -16.21 25.25 9.83
C GLU E 172 -16.43 25.75 8.41
N GLY E 173 -16.60 27.06 8.27
CA GLY E 173 -17.01 27.68 7.03
C GLY E 173 -18.51 27.74 6.83
N THR E 174 -19.26 26.82 7.42
CA THR E 174 -20.71 26.83 7.34
C THR E 174 -21.33 26.79 8.73
N ALA E 175 -20.61 27.28 9.74
CA ALA E 175 -21.02 27.07 11.13
C ALA E 175 -22.34 27.77 11.47
N MET E 176 -22.51 29.02 11.05
CA MET E 176 -23.73 29.73 11.43
C MET E 176 -24.95 29.12 10.74
N LYS E 177 -24.80 28.72 9.49
CA LYS E 177 -25.88 28.02 8.80
C LYS E 177 -26.15 26.67 9.44
N ASP E 178 -25.09 25.94 9.83
CA ASP E 178 -25.27 24.64 10.46
C ASP E 178 -25.91 24.78 11.84
N LEU E 179 -25.46 25.77 12.62
CA LEU E 179 -25.99 25.95 13.97
C LEU E 179 -27.45 26.39 13.96
N ALA E 180 -27.86 27.11 12.91
CA ALA E 180 -29.24 27.58 12.84
C ALA E 180 -30.19 26.49 12.40
N ASN E 181 -29.74 25.55 11.58
CA ASN E 181 -30.58 24.46 11.07
C ASN E 181 -29.79 23.16 11.09
N PRO E 182 -29.50 22.62 12.27
CA PRO E 182 -28.74 21.38 12.33
C PRO E 182 -29.57 20.21 11.84
N ASP E 183 -28.90 19.28 11.15
CA ASP E 183 -29.57 18.03 10.79
C ASP E 183 -29.91 17.23 12.03
N ARG E 184 -29.11 17.35 13.09
CA ARG E 184 -29.33 16.57 14.29
C ARG E 184 -28.65 17.28 15.47
N VAL E 185 -29.27 17.15 16.64
CA VAL E 185 -28.68 17.57 17.91
C VAL E 185 -28.61 16.34 18.80
N LEU E 186 -27.41 16.01 19.26
CA LEU E 186 -27.15 14.78 20.00
C LEU E 186 -26.81 15.12 21.44
N ILE E 187 -27.56 14.56 22.39
CA ILE E 187 -27.37 14.80 23.81
C ILE E 187 -27.33 13.48 24.55
N GLY E 188 -26.31 13.30 25.37
CA GLY E 188 -26.17 12.11 26.21
C GLY E 188 -26.10 12.47 27.68
N GLY E 189 -26.74 11.65 28.51
CA GLY E 189 -26.68 11.85 29.95
C GLY E 189 -27.00 10.54 30.66
N GLU E 190 -26.74 10.52 31.96
CA GLU E 190 -26.99 9.32 32.73
C GLU E 190 -28.50 9.10 32.88
N SER E 191 -28.89 7.83 32.97
CA SER E 191 -30.30 7.44 33.02
C SER E 191 -30.76 7.42 34.47
N SER E 192 -31.21 8.57 34.96
CA SER E 192 -31.67 8.72 36.33
C SER E 192 -32.63 9.89 36.36
N PRO E 193 -33.43 10.01 37.43
CA PRO E 193 -34.31 11.20 37.52
C PRO E 193 -33.56 12.50 37.29
N GLU E 194 -32.50 12.77 38.05
CA GLU E 194 -31.76 14.02 37.85
C GLU E 194 -31.10 14.07 36.47
N GLY E 195 -30.64 12.92 35.96
CA GLY E 195 -30.06 12.93 34.63
C GLY E 195 -31.06 13.31 33.55
N LEU E 196 -32.27 12.74 33.63
CA LEU E 196 -33.30 13.08 32.65
C LEU E 196 -33.72 14.54 32.79
N GLN E 197 -33.73 15.04 34.03
CA GLN E 197 -34.08 16.45 34.27
C GLN E 197 -33.07 17.38 33.61
N ALA E 198 -31.77 17.07 33.73
CA ALA E 198 -30.75 17.91 33.12
C ALA E 198 -30.84 17.88 31.60
N VAL E 199 -31.07 16.71 31.02
CA VAL E 199 -31.22 16.62 29.58
C VAL E 199 -32.42 17.43 29.11
N ALA E 200 -33.53 17.33 29.83
CA ALA E 200 -34.74 18.07 29.47
C ALA E 200 -34.50 19.57 29.46
N GLU E 201 -33.65 20.07 30.36
CA GLU E 201 -33.38 21.50 30.39
C GLU E 201 -32.47 21.94 29.24
N LEU E 202 -31.56 21.08 28.79
CA LEU E 202 -30.77 21.42 27.61
C LEU E 202 -31.60 21.31 26.34
N VAL E 203 -32.46 20.29 26.27
CA VAL E 203 -33.38 20.20 25.13
C VAL E 203 -34.25 21.43 25.05
N ARG E 204 -34.70 21.94 26.20
CA ARG E 204 -35.55 23.12 26.22
C ARG E 204 -34.82 24.34 25.65
N ILE E 205 -33.52 24.44 25.89
CA ILE E 205 -32.73 25.52 25.29
C ILE E 205 -32.76 25.40 23.76
N TYR E 206 -32.43 24.21 23.23
CA TYR E 206 -32.38 24.03 21.79
C TYR E 206 -33.76 24.12 21.15
N GLU E 207 -34.82 23.76 21.89
CA GLU E 207 -36.15 23.82 21.32
C GLU E 207 -36.60 25.24 21.01
N ASN E 208 -35.83 26.25 21.43
CA ASN E 208 -36.12 27.61 20.99
C ASN E 208 -35.96 27.80 19.48
N TRP E 209 -35.20 26.93 18.81
CA TRP E 209 -35.05 27.07 17.37
C TRP E 209 -34.83 25.76 16.61
N VAL E 210 -34.75 24.62 17.30
CA VAL E 210 -34.52 23.33 16.66
C VAL E 210 -35.77 22.47 16.83
N PRO E 211 -36.31 21.88 15.77
CA PRO E 211 -37.45 20.98 15.92
C PRO E 211 -37.08 19.76 16.76
N ARG E 212 -38.06 19.27 17.53
CA ARG E 212 -37.79 18.15 18.44
C ARG E 212 -37.36 16.91 17.66
N ASN E 213 -37.95 16.70 16.49
CA ASN E 213 -37.64 15.52 15.68
C ASN E 213 -36.20 15.52 15.17
N ARG E 214 -35.44 16.58 15.41
CA ARG E 214 -34.03 16.66 15.04
C ARG E 214 -33.12 16.51 16.25
N ILE E 215 -33.68 16.27 17.43
CA ILE E 215 -32.93 16.14 18.68
C ILE E 215 -32.92 14.68 19.10
N ILE E 216 -31.72 14.12 19.30
CA ILE E 216 -31.54 12.73 19.71
C ILE E 216 -30.99 12.72 21.13
N THR E 217 -31.68 12.03 22.03
CA THR E 217 -31.24 11.86 23.41
C THR E 217 -30.92 10.41 23.69
N THR E 218 -29.83 10.17 24.41
CA THR E 218 -29.36 8.83 24.78
C THR E 218 -28.50 8.95 26.04
N ASN E 219 -27.82 7.86 26.36
CA ASN E 219 -26.85 7.87 27.44
C ASN E 219 -25.54 8.51 26.97
N THR E 220 -24.64 8.74 27.92
CA THR E 220 -23.43 9.51 27.65
C THR E 220 -22.55 8.81 26.61
N TRP E 221 -22.24 7.53 26.83
CA TRP E 221 -21.31 6.84 25.94
C TRP E 221 -21.91 6.68 24.55
N SER E 222 -23.21 6.37 24.46
CA SER E 222 -23.82 6.22 23.15
C SER E 222 -23.71 7.51 22.34
N SER E 223 -23.86 8.65 23.00
CA SER E 223 -23.71 9.93 22.32
C SER E 223 -22.29 10.13 21.80
N GLU E 224 -21.30 9.79 22.63
CA GLU E 224 -19.91 9.99 22.22
C GLU E 224 -19.49 9.03 21.13
N LEU E 225 -19.90 7.76 21.24
CA LEU E 225 -19.56 6.80 20.19
C LEU E 225 -20.25 7.16 18.88
N SER E 226 -21.48 7.64 18.94
CA SER E 226 -22.18 8.02 17.71
C SER E 226 -21.44 9.13 16.98
N LYS E 227 -20.98 10.13 17.73
CA LYS E 227 -20.21 11.21 17.11
C LYS E 227 -18.91 10.68 16.52
N LEU E 228 -18.19 9.85 17.29
CA LEU E 228 -16.94 9.28 16.78
C LEU E 228 -17.15 8.52 15.48
N VAL E 229 -18.24 7.78 15.39
CA VAL E 229 -18.49 6.98 14.19
C VAL E 229 -18.98 7.85 13.03
N ALA E 230 -19.84 8.83 13.30
CA ALA E 230 -20.36 9.68 12.24
C ALA E 230 -19.21 10.40 11.52
N ASN E 231 -18.29 10.96 12.28
CA ASN E 231 -17.10 11.59 11.68
C ASN E 231 -16.33 10.59 10.84
N ALA E 232 -16.16 9.36 11.32
CA ALA E 232 -15.39 8.38 10.55
C ALA E 232 -16.10 8.04 9.24
N PHE E 233 -17.43 7.94 9.26
CA PHE E 233 -18.17 7.72 8.02
C PHE E 233 -17.93 8.85 7.04
N LEU E 234 -17.95 10.09 7.53
CA LEU E 234 -17.71 11.24 6.65
C LEU E 234 -16.31 11.17 6.04
N ALA E 235 -15.28 10.93 6.87
CA ALA E 235 -13.92 10.84 6.35
C ALA E 235 -13.80 9.70 5.34
N GLN E 236 -14.53 8.61 5.57
CA GLN E 236 -14.46 7.45 4.69
C GLN E 236 -15.03 7.75 3.31
N ARG E 237 -16.11 8.53 3.24
CA ARG E 237 -16.64 8.90 1.93
C ARG E 237 -15.58 9.59 1.09
N ILE E 238 -14.83 10.51 1.72
CA ILE E 238 -13.83 11.28 1.00
C ILE E 238 -12.69 10.36 0.54
N SER E 239 -12.20 9.50 1.44
CA SER E 239 -11.13 8.58 1.03
C SER E 239 -11.59 7.65 -0.08
N SER E 240 -12.85 7.21 -0.02
CA SER E 240 -13.38 6.29 -1.02
C SER E 240 -13.41 6.95 -2.40
N ILE E 241 -13.93 8.18 -2.47
CA ILE E 241 -14.00 8.83 -3.76
C ILE E 241 -12.60 9.24 -4.21
N ASN E 242 -11.69 9.52 -3.27
CA ASN E 242 -10.32 9.86 -3.64
C ASN E 242 -9.57 8.66 -4.21
N SER E 243 -9.78 7.47 -3.63
CA SER E 243 -9.12 6.28 -4.16
C SER E 243 -9.60 6.01 -5.57
N ILE E 244 -10.87 6.29 -5.85
CA ILE E 244 -11.40 6.06 -7.18
C ILE E 244 -10.86 7.09 -8.16
N SER E 245 -10.50 8.28 -7.67
CA SER E 245 -9.95 9.30 -8.55
C SER E 245 -8.67 8.82 -9.24
N ALA E 246 -7.87 8.00 -8.55
CA ALA E 246 -6.69 7.43 -9.19
C ALA E 246 -7.07 6.43 -10.26
N VAL E 247 -8.14 5.66 -10.03
CA VAL E 247 -8.60 4.70 -11.03
C VAL E 247 -9.08 5.44 -12.28
N CYS E 248 -9.73 6.59 -12.11
CA CYS E 248 -10.16 7.38 -13.25
C CYS E 248 -8.95 7.89 -14.03
N GLU E 249 -7.94 8.39 -13.32
CA GLU E 249 -6.75 8.90 -13.98
C GLU E 249 -6.07 7.83 -14.82
N ALA E 250 -6.10 6.59 -14.34
CA ALA E 250 -5.40 5.51 -15.02
C ALA E 250 -6.17 4.94 -16.19
N THR E 251 -7.50 5.19 -16.28
CA THR E 251 -8.34 4.55 -17.27
C THR E 251 -9.13 5.53 -18.13
N GLY E 252 -8.88 6.84 -18.00
CA GLY E 252 -9.53 7.79 -18.88
C GLY E 252 -10.95 8.16 -18.54
N ALA E 253 -11.41 7.87 -17.32
CA ALA E 253 -12.71 8.34 -16.86
C ALA E 253 -12.53 9.61 -16.03
N GLU E 254 -13.66 10.25 -15.71
CA GLU E 254 -13.68 11.48 -14.94
C GLU E 254 -14.32 11.25 -13.58
N ILE E 255 -13.60 11.60 -12.51
CA ILE E 255 -14.12 11.37 -11.17
C ILE E 255 -15.39 12.17 -10.93
N SER E 256 -15.49 13.37 -11.51
CA SER E 256 -16.71 14.14 -11.36
CA SER E 256 -16.71 14.14 -11.36
C SER E 256 -17.91 13.40 -11.93
N GLU E 257 -17.74 12.79 -13.09
CA GLU E 257 -18.84 12.04 -13.70
C GLU E 257 -19.17 10.79 -12.89
N VAL E 258 -18.15 10.06 -12.42
CA VAL E 258 -18.41 8.89 -11.58
C VAL E 258 -19.13 9.31 -10.30
N ALA E 259 -18.63 10.36 -9.63
CA ALA E 259 -19.28 10.81 -8.40
C ALA E 259 -20.72 11.24 -8.67
N HIS E 260 -20.97 11.94 -9.77
CA HIS E 260 -22.32 12.34 -10.12
C HIS E 260 -23.23 11.12 -10.29
N ALA E 261 -22.73 10.10 -11.00
CA ALA E 261 -23.52 8.90 -11.22
C ALA E 261 -23.73 8.11 -9.93
N VAL E 262 -22.68 7.99 -9.12
CA VAL E 262 -22.78 7.28 -7.85
C VAL E 262 -23.79 7.97 -6.93
N GLY E 263 -23.73 9.29 -6.85
CA GLY E 263 -24.55 10.03 -5.92
C GLY E 263 -26.03 10.01 -6.22
N TYR E 264 -26.43 9.59 -7.43
CA TYR E 264 -27.84 9.50 -7.76
C TYR E 264 -28.56 8.41 -6.97
N ASP E 265 -27.83 7.47 -6.38
CA ASP E 265 -28.43 6.44 -5.53
C ASP E 265 -28.71 7.06 -4.16
N THR E 266 -30.00 7.19 -3.81
CA THR E 266 -30.36 7.78 -2.53
C THR E 266 -29.85 6.96 -1.36
N ARG E 267 -29.55 5.68 -1.59
CA ARG E 267 -28.95 4.87 -0.54
C ARG E 267 -27.50 5.26 -0.27
N ILE E 268 -26.84 5.91 -1.22
CA ILE E 268 -25.50 6.43 -1.01
C ILE E 268 -25.53 7.91 -0.65
N GLY E 269 -26.44 8.67 -1.25
CA GLY E 269 -26.47 10.10 -1.08
C GLY E 269 -25.46 10.78 -1.97
N SER E 270 -25.75 12.02 -2.38
CA SER E 270 -24.90 12.73 -3.33
C SER E 270 -23.91 13.69 -2.68
N LYS E 271 -23.99 13.90 -1.38
CA LYS E 271 -23.10 14.85 -0.73
C LYS E 271 -21.80 14.17 -0.29
N PHE E 272 -20.79 14.97 -0.08
CA PHE E 272 -19.51 14.49 0.37
C PHE E 272 -18.83 13.51 -0.53
N LEU E 273 -18.91 13.73 -1.82
CA LEU E 273 -18.28 12.88 -2.77
C LEU E 273 -17.40 13.70 -3.64
N GLN E 274 -16.81 14.74 -3.10
CA GLN E 274 -15.96 15.60 -3.87
C GLN E 274 -14.51 15.32 -3.65
N ALA E 275 -13.85 14.88 -4.69
CA ALA E 275 -12.45 14.55 -4.62
C ALA E 275 -11.60 15.73 -4.25
N SER E 276 -10.44 15.46 -3.70
CA SER E 276 -9.59 16.54 -3.21
C SER E 276 -8.18 16.01 -3.04
N VAL E 277 -7.25 16.94 -2.81
CA VAL E 277 -5.89 16.57 -2.48
C VAL E 277 -5.83 15.79 -1.15
N GLY E 278 -6.85 15.92 -0.33
CA GLY E 278 -6.96 15.16 0.90
C GLY E 278 -7.68 16.00 1.94
N PHE E 279 -8.42 15.33 2.81
CA PHE E 279 -9.16 16.06 3.83
C PHE E 279 -8.22 16.58 4.91
N GLY E 280 -8.60 17.73 5.49
CA GLY E 280 -7.89 18.32 6.60
C GLY E 280 -8.84 18.63 7.74
N GLY E 281 -8.43 19.51 8.64
CA GLY E 281 -9.27 19.87 9.76
C GLY E 281 -8.84 19.18 11.05
N SER E 282 -9.22 19.79 12.16
CA SER E 282 -8.86 19.26 13.47
C SER E 282 -9.67 18.05 13.85
N CYS E 283 -10.60 17.61 13.01
CA CYS E 283 -11.59 16.59 13.39
C CYS E 283 -11.29 15.23 12.78
N PHE E 284 -11.30 15.12 11.44
CA PHE E 284 -11.38 13.80 10.80
C PHE E 284 -10.18 12.91 11.16
N GLN E 285 -8.97 13.39 10.90
CA GLN E 285 -7.80 12.54 11.16
C GLN E 285 -7.71 12.17 12.63
N LYS E 286 -7.86 13.15 13.51
CA LYS E 286 -7.89 12.88 14.94
C LYS E 286 -8.97 11.86 15.29
N ASP E 287 -10.12 11.96 14.63
CA ASP E 287 -11.25 11.10 14.95
C ASP E 287 -10.98 9.65 14.52
N VAL E 288 -10.56 9.46 13.27
CA VAL E 288 -10.28 8.10 12.79
C VAL E 288 -9.15 7.46 13.58
N LEU E 289 -8.09 8.23 13.86
CA LEU E 289 -7.01 7.69 14.68
C LEU E 289 -7.51 7.34 16.08
N SER E 290 -8.42 8.16 16.61
CA SER E 290 -9.00 7.85 17.91
C SER E 290 -9.88 6.59 17.84
N LEU E 291 -10.62 6.43 16.76
CA LEU E 291 -11.39 5.20 16.57
C LEU E 291 -10.48 3.99 16.41
N VAL E 292 -9.41 4.12 15.61
CA VAL E 292 -8.44 3.04 15.44
C VAL E 292 -7.84 2.62 16.78
N TYR E 293 -7.46 3.60 17.61
CA TYR E 293 -6.87 3.29 18.90
C TYR E 293 -7.88 2.62 19.82
N LEU E 294 -9.13 3.10 19.81
CA LEU E 294 -10.17 2.45 20.60
C LEU E 294 -10.33 0.99 20.22
N CYS E 295 -10.32 0.70 18.91
CA CYS E 295 -10.48 -0.68 18.47
C CYS E 295 -9.30 -1.54 18.89
N GLU E 296 -8.07 -1.00 18.81
CA GLU E 296 -6.91 -1.76 19.26
C GLU E 296 -7.02 -2.11 20.74
N SER E 297 -7.45 -1.16 21.57
CA SER E 297 -7.59 -1.43 22.99
C SER E 297 -8.76 -2.37 23.30
N LEU E 298 -9.70 -2.52 22.37
CA LEU E 298 -10.78 -3.49 22.56
C LEU E 298 -10.45 -4.85 21.97
N ASN E 299 -9.21 -5.06 21.54
CA ASN E 299 -8.80 -6.30 20.87
C ASN E 299 -9.67 -6.55 19.65
N LEU E 300 -9.81 -5.51 18.84
CA LEU E 300 -10.57 -5.56 17.60
C LEU E 300 -9.62 -5.06 16.51
N PRO E 301 -8.50 -5.84 16.30
CA PRO E 301 -7.59 -5.32 15.27
C PRO E 301 -8.16 -5.27 13.86
N GLN E 302 -9.00 -6.23 13.49
CA GLN E 302 -9.54 -6.24 12.16
C GLN E 302 -10.29 -4.95 11.95
N VAL E 303 -10.99 -4.51 12.96
CA VAL E 303 -11.71 -3.26 12.89
C VAL E 303 -10.80 -2.06 12.84
N ALA E 304 -9.73 -2.14 13.58
CA ALA E 304 -8.75 -1.10 13.58
C ALA E 304 -8.09 -0.99 12.22
N ASP E 305 -7.74 -2.11 11.61
CA ASP E 305 -7.14 -2.10 10.27
C ASP E 305 -8.10 -1.53 9.24
N TYR E 306 -9.38 -1.86 9.37
CA TYR E 306 -10.39 -1.37 8.43
C TYR E 306 -10.42 0.16 8.41
N TRP E 307 -10.52 0.78 9.58
CA TRP E 307 -10.63 2.24 9.60
C TRP E 307 -9.31 2.94 9.33
N GLN E 308 -8.19 2.31 9.67
CA GLN E 308 -6.88 2.86 9.34
C GLN E 308 -6.73 3.12 7.84
N GLY E 309 -7.42 2.33 7.01
CA GLY E 309 -7.36 2.53 5.58
C GLY E 309 -7.82 3.92 5.16
N VAL E 310 -8.75 4.51 5.91
CA VAL E 310 -9.19 5.87 5.60
C VAL E 310 -8.03 6.86 5.74
N ILE E 311 -7.18 6.67 6.75
CA ILE E 311 -6.01 7.53 6.91
C ILE E 311 -4.96 7.20 5.85
N ASN E 312 -4.73 5.92 5.58
CA ASN E 312 -3.72 5.54 4.60
C ASN E 312 -4.00 6.16 3.24
N ILE E 313 -5.25 6.11 2.80
CA ILE E 313 -5.57 6.66 1.49
C ILE E 313 -5.36 8.17 1.47
N ASN E 314 -5.75 8.83 2.57
CA ASN E 314 -5.61 10.28 2.62
C ASN E 314 -4.15 10.70 2.51
N ASN E 315 -3.27 10.02 3.25
CA ASN E 315 -1.84 10.30 3.12
C ASN E 315 -1.33 9.98 1.73
N TRP E 316 -1.81 8.86 1.15
CA TRP E 316 -1.41 8.46 -0.19
C TRP E 316 -1.90 9.45 -1.23
N GLN E 317 -3.10 10.00 -1.04
CA GLN E 317 -3.62 11.00 -1.98
C GLN E 317 -2.76 12.26 -1.98
N ARG E 318 -2.36 12.74 -0.80
CA ARG E 318 -1.49 13.91 -0.72
C ARG E 318 -0.14 13.64 -1.37
N ARG E 319 0.47 12.50 -1.04
CA ARG E 319 1.81 12.20 -1.53
C ARG E 319 1.82 12.09 -3.06
N ARG E 320 0.86 11.36 -3.63
CA ARG E 320 0.87 11.14 -5.07
C ARG E 320 0.54 12.41 -5.85
N PHE E 321 -0.22 13.33 -5.25
CA PHE E 321 -0.47 14.60 -5.91
C PHE E 321 0.81 15.42 -6.02
N ALA E 322 1.56 15.53 -4.91
CA ALA E 322 2.82 16.26 -4.96
C ALA E 322 3.82 15.58 -5.88
N ASP E 323 3.83 14.25 -5.90
CA ASP E 323 4.72 13.53 -6.81
C ASP E 323 4.33 13.79 -8.27
N LYS E 324 3.04 13.91 -8.55
CA LYS E 324 2.61 14.14 -9.92
C LYS E 324 3.03 15.53 -10.40
N ILE E 325 3.00 16.51 -9.50
CA ILE E 325 3.49 17.84 -9.85
C ILE E 325 4.94 17.77 -10.29
N ILE E 326 5.76 17.08 -9.50
CA ILE E 326 7.19 17.01 -9.79
C ILE E 326 7.44 16.19 -11.06
N ALA E 327 6.76 15.06 -11.20
CA ALA E 327 6.98 14.22 -12.38
C ALA E 327 6.54 14.94 -13.66
N GLU E 328 5.44 15.70 -13.60
CA GLU E 328 4.97 16.40 -14.78
C GLU E 328 5.86 17.58 -15.16
N LEU E 329 6.67 18.08 -14.24
CA LEU E 329 7.65 19.12 -14.57
C LEU E 329 9.03 18.52 -14.80
N PHE E 330 9.09 17.35 -15.48
CA PHE E 330 10.36 16.74 -15.87
C PHE E 330 11.24 16.45 -14.66
N ASN E 331 10.60 16.14 -13.53
CA ASN E 331 11.27 15.70 -12.30
C ASN E 331 12.19 16.77 -11.71
N THR E 332 12.02 18.04 -12.08
CA THR E 332 12.86 19.07 -11.48
C THR E 332 12.04 20.34 -11.26
N VAL E 333 12.06 20.84 -10.03
CA VAL E 333 11.46 22.11 -9.66
C VAL E 333 12.51 22.89 -8.88
N THR E 334 13.74 22.40 -8.90
CA THR E 334 14.86 23.12 -8.31
C THR E 334 14.83 24.60 -8.68
N ASP E 335 14.58 25.42 -7.67
CA ASP E 335 14.61 26.87 -7.74
C ASP E 335 13.52 27.43 -8.65
N LYS E 336 12.51 26.64 -9.02
CA LYS E 336 11.38 27.12 -9.81
C LYS E 336 10.33 27.78 -8.92
N LYS E 337 9.84 28.94 -9.34
CA LYS E 337 8.77 29.60 -8.62
C LYS E 337 7.44 28.92 -8.90
N ILE E 338 6.78 28.46 -7.85
CA ILE E 338 5.49 27.79 -7.95
C ILE E 338 4.50 28.54 -7.07
N ALA E 339 3.38 28.93 -7.66
CA ALA E 339 2.34 29.63 -6.93
C ALA E 339 1.39 28.63 -6.28
N ILE E 340 1.04 28.89 -5.02
CA ILE E 340 0.09 28.08 -4.27
C ILE E 340 -1.16 28.89 -4.05
N PHE E 341 -2.29 28.39 -4.56
CA PHE E 341 -3.60 29.01 -4.37
C PHE E 341 -4.33 28.22 -3.28
N GLY E 342 -4.33 28.77 -2.06
CA GLY E 342 -5.07 28.17 -0.96
C GLY E 342 -4.19 27.54 0.09
N PHE E 343 -4.49 27.81 1.36
CA PHE E 343 -3.71 27.23 2.46
C PHE E 343 -4.62 26.66 3.54
N ALA E 344 -5.81 27.24 3.70
CA ALA E 344 -6.74 26.74 4.70
C ALA E 344 -7.17 25.31 4.35
N PHE E 345 -7.62 24.58 5.37
CA PHE E 345 -7.97 23.19 5.12
C PHE E 345 -9.27 23.04 4.34
N LYS E 346 -10.05 24.12 4.23
CA LYS E 346 -11.23 24.20 3.38
C LYS E 346 -11.55 25.69 3.18
N LYS E 347 -12.56 25.97 2.36
CA LYS E 347 -12.86 27.37 2.06
C LYS E 347 -13.67 28.01 3.18
N ASN E 348 -13.67 29.36 3.18
CA ASN E 348 -14.48 30.17 4.10
C ASN E 348 -14.07 29.97 5.55
N THR E 349 -12.78 29.77 5.79
CA THR E 349 -12.22 29.74 7.13
C THR E 349 -10.75 30.13 7.06
N GLY E 350 -10.23 30.64 8.16
CA GLY E 350 -8.80 30.84 8.31
C GLY E 350 -8.10 29.69 8.97
N ASP E 351 -8.83 28.63 9.30
CA ASP E 351 -8.25 27.50 10.02
C ASP E 351 -7.32 26.71 9.12
N THR E 352 -6.12 26.41 9.63
CA THR E 352 -5.11 25.66 8.89
C THR E 352 -4.81 24.31 9.50
N ARG E 353 -5.55 23.89 10.53
CA ARG E 353 -5.21 22.68 11.26
C ARG E 353 -5.31 21.46 10.36
N GLU E 354 -4.18 20.73 10.24
CA GLU E 354 -4.08 19.53 9.41
C GLU E 354 -4.39 19.80 7.96
N SER E 355 -4.20 21.04 7.51
CA SER E 355 -4.45 21.36 6.10
C SER E 355 -3.53 20.54 5.20
N SER E 356 -4.11 20.01 4.12
CA SER E 356 -3.30 19.30 3.14
C SER E 356 -2.28 20.22 2.48
N ALA E 357 -2.53 21.54 2.47
CA ALA E 357 -1.59 22.47 1.87
C ALA E 357 -0.24 22.40 2.57
N ILE E 358 -0.24 22.15 3.89
CA ILE E 358 1.01 22.09 4.64
C ILE E 358 1.88 20.96 4.10
N HIS E 359 1.28 19.79 3.89
CA HIS E 359 2.07 18.62 3.49
C HIS E 359 2.54 18.73 2.05
N VAL E 360 1.71 19.30 1.18
CA VAL E 360 2.09 19.45 -0.22
C VAL E 360 3.21 20.48 -0.36
N ILE E 361 3.10 21.60 0.36
CA ILE E 361 4.14 22.63 0.27
C ILE E 361 5.46 22.09 0.80
N LYS E 362 5.43 21.31 1.88
CA LYS E 362 6.66 20.73 2.40
C LYS E 362 7.36 19.86 1.36
N HIS E 363 6.60 19.02 0.65
CA HIS E 363 7.19 18.18 -0.39
C HIS E 363 7.85 19.02 -1.48
N LEU E 364 7.22 20.11 -1.88
CA LEU E 364 7.82 20.99 -2.88
C LEU E 364 9.04 21.71 -2.31
N MET E 365 9.03 22.03 -1.01
CA MET E 365 10.19 22.65 -0.39
C MET E 365 11.38 21.70 -0.41
N GLU E 366 11.14 20.41 -0.12
CA GLU E 366 12.20 19.41 -0.14
C GLU E 366 12.80 19.21 -1.53
N GLU E 367 12.11 19.67 -2.57
CA GLU E 367 12.63 19.70 -3.92
C GLU E 367 13.26 21.05 -4.27
N HIS E 368 13.45 21.91 -3.27
CA HIS E 368 14.11 23.21 -3.44
C HIS E 368 13.31 24.14 -4.36
N ALA E 369 11.98 24.00 -4.36
CA ALA E 369 11.17 24.98 -5.06
C ALA E 369 10.95 26.20 -4.20
N LYS E 370 10.80 27.36 -4.85
CA LYS E 370 10.44 28.60 -4.18
C LYS E 370 8.95 28.80 -4.35
N LEU E 371 8.22 28.86 -3.24
CA LEU E 371 6.77 28.84 -3.24
C LEU E 371 6.21 30.19 -2.85
N SER E 372 5.29 30.70 -3.65
CA SER E 372 4.56 31.92 -3.38
C SER E 372 3.11 31.53 -3.04
N VAL E 373 2.70 31.80 -1.80
CA VAL E 373 1.42 31.32 -1.29
C VAL E 373 0.43 32.48 -1.18
N TYR E 374 -0.79 32.25 -1.65
CA TYR E 374 -1.89 33.18 -1.42
C TYR E 374 -3.09 32.43 -0.87
N ASP E 375 -3.70 32.98 0.18
CA ASP E 375 -4.95 32.49 0.73
C ASP E 375 -5.76 33.69 1.18
N PRO E 376 -7.07 33.72 0.89
CA PRO E 376 -7.85 34.93 1.19
C PRO E 376 -7.99 35.26 2.68
N LYS E 377 -7.85 34.29 3.59
CA LYS E 377 -8.17 34.54 4.99
C LYS E 377 -7.11 34.11 5.99
N VAL E 378 -6.21 33.19 5.63
CA VAL E 378 -5.22 32.70 6.59
C VAL E 378 -4.23 33.79 6.92
N GLN E 379 -3.93 33.95 8.22
CA GLN E 379 -2.91 34.90 8.65
C GLN E 379 -1.53 34.51 8.10
N LYS E 380 -0.76 35.52 7.70
CA LYS E 380 0.59 35.27 7.21
C LYS E 380 1.43 34.57 8.26
N SER E 381 1.41 35.07 9.49
CA SER E 381 2.17 34.46 10.57
C SER E 381 1.72 33.03 10.83
N GLN E 382 0.43 32.73 10.60
CA GLN E 382 -0.05 31.37 10.80
C GLN E 382 0.58 30.40 9.79
N MET E 383 0.64 30.79 8.51
CA MET E 383 1.27 29.94 7.49
C MET E 383 2.73 29.69 7.82
N LEU E 384 3.47 30.75 8.15
CA LEU E 384 4.89 30.61 8.36
C LEU E 384 5.18 29.72 9.57
N ASN E 385 4.40 29.87 10.63
CA ASN E 385 4.57 29.00 11.79
C ASN E 385 4.21 27.56 11.46
N ASP E 386 3.15 27.37 10.67
CA ASP E 386 2.75 26.01 10.28
C ASP E 386 3.84 25.35 9.44
N LEU E 387 4.35 26.06 8.44
CA LEU E 387 5.34 25.48 7.55
C LEU E 387 6.65 25.25 8.28
N ALA E 388 7.03 26.17 9.17
CA ALA E 388 8.28 26.01 9.92
C ALA E 388 8.22 24.83 10.88
N SER E 389 7.04 24.54 11.43
CA SER E 389 6.94 23.46 12.42
C SER E 389 7.11 22.08 11.80
N VAL E 390 6.90 21.95 10.49
CA VAL E 390 7.14 20.70 9.78
C VAL E 390 8.47 20.69 9.05
N THR E 391 9.06 21.86 8.78
CA THR E 391 10.42 21.95 8.27
C THR E 391 11.50 22.62 9.12
N SER E 392 11.56 23.95 9.05
CA SER E 392 12.44 24.72 9.91
C SER E 392 12.22 26.18 9.55
N ALA E 393 12.50 27.07 10.50
CA ALA E 393 12.34 28.49 10.26
C ALA E 393 13.22 28.97 9.11
N GLN E 394 14.44 28.43 9.03
CA GLN E 394 15.37 28.85 7.99
C GLN E 394 14.90 28.40 6.62
N ASP E 395 14.37 27.18 6.51
CA ASP E 395 13.85 26.72 5.23
C ASP E 395 12.72 27.63 4.75
N VAL E 396 11.86 28.07 5.68
CA VAL E 396 10.75 28.94 5.32
C VAL E 396 11.28 30.29 4.86
N GLU E 397 12.35 30.77 5.49
CA GLU E 397 12.91 32.08 5.12
C GLU E 397 13.39 32.09 3.67
N ARG E 398 14.05 31.02 3.24
CA ARG E 398 14.61 31.04 1.89
C ARG E 398 13.61 30.61 0.82
N LEU E 399 12.59 29.80 1.16
CA LEU E 399 11.75 29.20 0.13
C LEU E 399 10.32 29.71 0.09
N ILE E 400 9.82 30.33 1.17
CA ILE E 400 8.43 30.71 1.28
C ILE E 400 8.30 32.24 1.22
N THR E 401 7.42 32.73 0.36
CA THR E 401 6.97 34.12 0.37
C THR E 401 5.44 34.12 0.35
N VAL E 402 4.83 34.97 1.17
CA VAL E 402 3.38 35.04 1.29
C VAL E 402 2.87 36.30 0.60
N GLU E 403 1.90 36.14 -0.30
CA GLU E 403 1.32 37.23 -1.06
C GLU E 403 -0.11 37.51 -0.61
N SER E 404 -0.52 38.77 -0.72
CA SER E 404 -1.87 39.21 -0.40
C SER E 404 -2.74 39.32 -1.63
N ASP E 405 -2.23 38.92 -2.80
CA ASP E 405 -2.88 39.07 -4.06
C ASP E 405 -2.53 37.86 -4.89
N PRO E 406 -3.52 37.17 -5.48
CA PRO E 406 -3.19 35.95 -6.24
C PRO E 406 -2.38 36.24 -7.50
N TYR E 407 -2.59 37.39 -8.14
CA TYR E 407 -1.83 37.70 -9.35
C TYR E 407 -0.36 37.93 -9.05
N ALA E 408 -0.05 38.49 -7.87
CA ALA E 408 1.35 38.65 -7.48
C ALA E 408 2.02 37.31 -7.22
N ALA E 409 1.29 36.37 -6.62
CA ALA E 409 1.86 35.04 -6.40
C ALA E 409 2.15 34.33 -7.71
N ALA E 410 1.26 34.49 -8.70
CA ALA E 410 1.39 33.81 -9.98
C ALA E 410 2.36 34.48 -10.93
N ARG E 411 2.66 35.76 -10.71
CA ARG E 411 3.54 36.49 -11.62
C ARG E 411 4.94 35.87 -11.63
N GLY E 412 5.37 35.45 -12.83
CA GLY E 412 6.67 34.83 -13.01
C GLY E 412 6.76 33.37 -12.62
N ALA E 413 5.65 32.74 -12.23
CA ALA E 413 5.68 31.37 -11.72
C ALA E 413 5.71 30.35 -12.85
N HIS E 414 6.30 29.19 -12.55
CA HIS E 414 6.29 28.05 -13.47
C HIS E 414 5.02 27.23 -13.38
N ALA E 415 4.38 27.19 -12.22
CA ALA E 415 3.20 26.35 -12.04
C ALA E 415 2.28 26.97 -11.02
N ILE E 416 1.00 26.64 -11.13
CA ILE E 416 -0.01 26.99 -10.14
C ILE E 416 -0.47 25.69 -9.49
N VAL E 417 -0.62 25.70 -8.17
CA VAL E 417 -1.15 24.54 -7.47
C VAL E 417 -2.33 25.01 -6.64
N VAL E 418 -3.53 24.51 -6.96
CA VAL E 418 -4.74 24.87 -6.24
C VAL E 418 -4.99 23.83 -5.15
N LEU E 419 -5.01 24.28 -3.89
CA LEU E 419 -5.14 23.38 -2.75
C LEU E 419 -6.39 23.61 -1.92
N THR E 420 -7.05 24.76 -2.05
CA THR E 420 -8.27 25.07 -1.31
C THR E 420 -9.30 25.67 -2.25
N GLU E 421 -10.56 25.25 -2.10
CA GLU E 421 -11.62 25.55 -3.07
C GLU E 421 -12.28 26.93 -2.90
N TRP E 422 -11.51 27.96 -2.58
CA TRP E 422 -12.07 29.30 -2.46
C TRP E 422 -12.76 29.73 -3.76
N ASP E 423 -13.98 30.27 -3.63
CA ASP E 423 -14.74 30.71 -4.80
C ASP E 423 -13.97 31.76 -5.59
N GLU E 424 -13.14 32.56 -4.92
CA GLU E 424 -12.38 33.60 -5.60
C GLU E 424 -11.48 33.03 -6.69
N PHE E 425 -10.99 31.80 -6.49
CA PHE E 425 -10.09 31.19 -7.48
C PHE E 425 -10.78 30.85 -8.79
N VAL E 426 -12.11 30.68 -8.78
CA VAL E 426 -12.82 30.36 -10.01
C VAL E 426 -12.77 31.53 -10.98
N GLU E 427 -13.25 32.70 -10.54
CA GLU E 427 -13.39 33.88 -11.39
C GLU E 427 -12.08 34.64 -11.67
N LEU E 428 -10.89 34.09 -11.41
CA LEU E 428 -9.69 34.85 -11.73
C LEU E 428 -9.47 34.94 -13.25
N ASN E 429 -8.66 35.91 -13.65
CA ASN E 429 -8.33 36.09 -15.07
C ASN E 429 -7.14 35.20 -15.38
N TYR E 430 -7.41 33.97 -15.83
CA TYR E 430 -6.33 33.04 -16.08
C TYR E 430 -5.58 33.30 -17.38
N SER E 431 -6.15 34.09 -18.31
CA SER E 431 -5.37 34.52 -19.47
C SER E 431 -4.28 35.50 -19.08
N GLN E 432 -4.62 36.51 -18.27
CA GLN E 432 -3.59 37.44 -17.81
C GLN E 432 -2.56 36.71 -16.95
N ILE E 433 -3.01 35.77 -16.12
CA ILE E 433 -2.07 34.98 -15.33
C ILE E 433 -1.14 34.19 -16.25
N HIS E 434 -1.71 33.60 -17.31
CA HIS E 434 -0.89 32.81 -18.25
C HIS E 434 0.15 33.68 -18.95
N ASN E 435 -0.21 34.92 -19.29
CA ASN E 435 0.74 35.79 -19.98
C ASN E 435 1.91 36.18 -19.09
N ASP E 436 1.69 36.30 -17.78
CA ASP E 436 2.72 36.75 -16.87
C ASP E 436 3.46 35.60 -16.19
N MET E 437 3.14 34.36 -16.54
CA MET E 437 3.89 33.20 -16.06
C MET E 437 5.03 32.87 -17.01
N GLN E 438 5.90 31.98 -16.55
CA GLN E 438 6.88 31.37 -17.44
C GLN E 438 6.17 30.48 -18.45
N HIS E 439 6.78 30.30 -19.62
CA HIS E 439 6.14 29.47 -20.64
C HIS E 439 7.03 28.28 -20.93
N PRO E 440 6.45 27.08 -21.00
CA PRO E 440 5.02 26.79 -20.84
C PRO E 440 4.58 26.87 -19.38
N ALA E 441 3.32 27.24 -19.15
CA ALA E 441 2.77 27.37 -17.80
C ALA E 441 1.96 26.13 -17.46
N ALA E 442 2.18 25.60 -16.27
CA ALA E 442 1.45 24.44 -15.80
C ALA E 442 0.54 24.83 -14.65
N ILE E 443 -0.56 24.11 -14.50
CA ILE E 443 -1.50 24.35 -13.40
C ILE E 443 -2.06 23.01 -12.95
N PHE E 444 -2.09 22.81 -11.64
CA PHE E 444 -2.49 21.54 -11.04
C PHE E 444 -3.64 21.82 -10.10
N ASP E 445 -4.81 21.28 -10.42
CA ASP E 445 -6.04 21.54 -9.67
C ASP E 445 -6.27 20.39 -8.67
N GLY E 446 -5.97 20.64 -7.41
CA GLY E 446 -6.22 19.70 -6.33
C GLY E 446 -7.60 19.78 -5.71
N ARG E 447 -8.49 20.61 -6.27
CA ARG E 447 -9.82 20.80 -5.73
C ARG E 447 -10.94 20.69 -6.76
N LEU E 448 -10.60 20.53 -8.04
CA LEU E 448 -11.58 20.30 -9.11
C LEU E 448 -12.59 21.44 -9.21
N ILE E 449 -12.11 22.67 -9.11
CA ILE E 449 -12.98 23.84 -9.24
C ILE E 449 -12.80 24.57 -10.55
N LEU E 450 -11.75 24.29 -11.31
CA LEU E 450 -11.44 25.03 -12.53
C LEU E 450 -11.88 24.26 -13.77
N ASP E 451 -12.13 25.01 -14.84
CA ASP E 451 -12.54 24.46 -16.14
C ASP E 451 -11.29 24.01 -16.90
N GLN E 452 -11.09 22.70 -17.00
CA GLN E 452 -9.90 22.18 -17.68
C GLN E 452 -9.88 22.57 -19.14
N LYS E 453 -11.01 22.47 -19.84
CA LYS E 453 -11.03 22.78 -21.26
C LYS E 453 -10.69 24.24 -21.51
N ALA E 454 -11.16 25.15 -20.65
CA ALA E 454 -10.82 26.56 -20.80
C ALA E 454 -9.33 26.79 -20.55
N LEU E 455 -8.77 26.15 -19.52
CA LEU E 455 -7.34 26.31 -19.23
C LEU E 455 -6.49 25.76 -20.38
N ARG E 456 -6.91 24.65 -20.99
CA ARG E 456 -6.15 24.08 -22.09
C ARG E 456 -6.13 25.02 -23.29
N GLU E 457 -7.27 25.66 -23.58
CA GLU E 457 -7.36 26.58 -24.71
C GLU E 457 -6.54 27.84 -24.47
N ILE E 458 -6.37 28.23 -23.21
CA ILE E 458 -5.51 29.37 -22.93
C ILE E 458 -4.07 29.03 -23.25
N GLY E 459 -3.69 27.77 -23.10
CA GLY E 459 -2.34 27.32 -23.41
C GLY E 459 -1.63 26.68 -22.25
N PHE E 460 -2.36 26.44 -21.16
CA PHE E 460 -1.81 25.79 -19.98
C PHE E 460 -1.55 24.31 -20.25
N ARG E 461 -0.50 23.80 -19.61
CA ARG E 461 -0.43 22.38 -19.30
C ARG E 461 -1.25 22.19 -18.03
N THR E 462 -2.47 21.68 -18.17
CA THR E 462 -3.40 21.66 -17.05
C THR E 462 -3.64 20.23 -16.60
N PHE E 463 -3.70 20.06 -15.27
CA PHE E 463 -3.88 18.76 -14.66
C PHE E 463 -4.87 18.92 -13.52
N ALA E 464 -5.57 17.83 -13.22
CA ALA E 464 -6.55 17.85 -12.15
C ALA E 464 -6.67 16.45 -11.57
N ILE E 465 -6.86 16.38 -10.26
CA ILE E 465 -7.10 15.09 -9.63
C ILE E 465 -8.33 14.46 -10.24
N GLY E 466 -8.22 13.19 -10.62
CA GLY E 466 -9.34 12.47 -11.18
C GLY E 466 -9.52 12.62 -12.68
N THR E 467 -8.63 13.33 -13.36
CA THR E 467 -8.64 13.40 -14.81
C THR E 467 -7.34 12.81 -15.34
N SER E 468 -7.45 11.91 -16.31
CA SER E 468 -6.27 11.36 -16.95
C SER E 468 -5.47 12.50 -17.58
N PRO E 469 -4.15 12.54 -17.41
CA PRO E 469 -3.37 13.63 -18.00
C PRO E 469 -3.18 13.50 -19.50
N ASP E 470 -4.16 12.91 -20.19
CA ASP E 470 -4.14 12.77 -21.65
C ASP E 470 -5.52 13.05 -22.24
N GLY F 7 -34.05 2.85 -36.28
CA GLY F 7 -35.14 3.79 -36.07
C GLY F 7 -35.77 3.65 -34.70
N LYS F 8 -37.05 3.97 -34.58
CA LYS F 8 -37.72 3.73 -33.31
C LYS F 8 -37.78 2.23 -33.04
N VAL F 9 -37.38 1.84 -31.83
CA VAL F 9 -37.34 0.42 -31.47
C VAL F 9 -38.75 -0.07 -31.16
N SER F 10 -39.14 -1.16 -31.83
CA SER F 10 -40.39 -1.81 -31.51
C SER F 10 -40.25 -3.31 -31.24
N LYS F 11 -39.08 -3.89 -31.45
CA LYS F 11 -38.84 -5.31 -31.22
C LYS F 11 -37.58 -5.45 -30.37
N VAL F 12 -37.76 -5.86 -29.13
CA VAL F 12 -36.68 -6.00 -28.15
C VAL F 12 -36.50 -7.47 -27.82
N VAL F 13 -35.25 -7.92 -27.79
CA VAL F 13 -34.92 -9.26 -27.35
C VAL F 13 -33.89 -9.17 -26.24
N CYS F 14 -33.96 -10.10 -25.28
CA CYS F 14 -32.96 -10.22 -24.24
C CYS F 14 -32.48 -11.66 -24.16
N VAL F 15 -31.17 -11.84 -24.32
CA VAL F 15 -30.54 -13.14 -24.13
C VAL F 15 -30.15 -13.25 -22.66
N GLY F 16 -30.81 -14.16 -21.94
CA GLY F 16 -30.61 -14.30 -20.52
C GLY F 16 -31.91 -14.07 -19.76
N ALA F 17 -32.53 -15.15 -19.29
CA ALA F 17 -33.79 -15.06 -18.58
C ALA F 17 -33.61 -15.32 -17.09
N GLY F 18 -32.64 -14.63 -16.47
CA GLY F 18 -32.34 -14.78 -15.06
C GLY F 18 -32.93 -13.68 -14.22
N TYR F 19 -32.30 -13.44 -13.07
CA TYR F 19 -32.80 -12.41 -12.16
C TYR F 19 -32.71 -11.02 -12.75
N VAL F 20 -31.84 -10.79 -13.73
CA VAL F 20 -31.73 -9.49 -14.38
C VAL F 20 -32.62 -9.44 -15.60
N GLY F 21 -32.43 -10.40 -16.51
CA GLY F 21 -33.09 -10.34 -17.81
C GLY F 21 -34.60 -10.48 -17.73
N GLY F 22 -35.08 -11.44 -16.96
CA GLY F 22 -36.50 -11.66 -16.83
C GLY F 22 -37.24 -10.43 -16.35
N PRO F 23 -36.96 -10.01 -15.12
CA PRO F 23 -37.64 -8.82 -14.57
C PRO F 23 -37.50 -7.58 -15.44
N THR F 24 -36.31 -7.34 -16.01
CA THR F 24 -36.11 -6.15 -16.83
C THR F 24 -37.04 -6.14 -18.04
N CYS F 25 -37.16 -7.27 -18.73
CA CYS F 25 -38.02 -7.34 -19.90
C CYS F 25 -39.50 -7.26 -19.53
N ALA F 26 -39.89 -7.83 -18.38
CA ALA F 26 -41.28 -7.70 -17.97
C ALA F 26 -41.68 -6.25 -17.81
N MET F 27 -40.78 -5.43 -17.23
CA MET F 27 -41.12 -4.03 -17.01
C MET F 27 -41.19 -3.27 -18.32
N ILE F 28 -40.29 -3.57 -19.26
CA ILE F 28 -40.36 -2.90 -20.56
C ILE F 28 -41.70 -3.18 -21.23
N ALA F 29 -42.08 -4.46 -21.30
CA ALA F 29 -43.38 -4.81 -21.88
C ALA F 29 -44.52 -4.19 -21.10
N HIS F 30 -44.41 -4.16 -19.76
CA HIS F 30 -45.48 -3.62 -18.93
C HIS F 30 -45.67 -2.13 -19.16
N LYS F 31 -44.60 -1.41 -19.49
CA LYS F 31 -44.62 0.03 -19.64
C LYS F 31 -44.64 0.50 -21.09
N CYS F 32 -44.42 -0.40 -22.04
CA CYS F 32 -44.35 -0.05 -23.46
C CYS F 32 -45.26 -0.96 -24.25
N PRO F 33 -46.55 -0.62 -24.37
CA PRO F 33 -47.49 -1.52 -25.05
C PRO F 33 -47.13 -1.81 -26.50
N HIS F 34 -46.48 -0.89 -27.19
CA HIS F 34 -46.20 -1.04 -28.62
C HIS F 34 -44.86 -1.71 -28.90
N ILE F 35 -44.14 -2.16 -27.88
CA ILE F 35 -42.88 -2.88 -28.05
C ILE F 35 -43.12 -4.35 -27.73
N THR F 36 -42.66 -5.23 -28.62
CA THR F 36 -42.66 -6.65 -28.34
C THR F 36 -41.32 -7.06 -27.73
N VAL F 37 -41.38 -7.73 -26.58
CA VAL F 37 -40.20 -8.17 -25.85
C VAL F 37 -40.18 -9.69 -25.83
N THR F 38 -39.09 -10.27 -26.33
CA THR F 38 -38.87 -11.70 -26.30
C THR F 38 -37.65 -12.01 -25.46
N VAL F 39 -37.81 -12.88 -24.47
CA VAL F 39 -36.73 -13.30 -23.61
C VAL F 39 -36.31 -14.70 -24.02
N VAL F 40 -35.01 -14.90 -24.26
CA VAL F 40 -34.51 -16.20 -24.68
C VAL F 40 -33.42 -16.64 -23.72
N ASP F 41 -33.12 -17.94 -23.75
CA ASP F 41 -32.18 -18.51 -22.81
C ASP F 41 -31.72 -19.88 -23.33
N MET F 42 -30.47 -20.23 -23.00
CA MET F 42 -29.95 -21.54 -23.36
C MET F 42 -30.68 -22.67 -22.65
N ASN F 43 -31.24 -22.38 -21.46
CA ASN F 43 -31.90 -23.38 -20.63
C ASN F 43 -33.36 -23.45 -21.04
N THR F 44 -33.71 -24.47 -21.84
CA THR F 44 -35.09 -24.56 -22.32
C THR F 44 -36.05 -24.92 -21.18
N ALA F 45 -35.58 -25.68 -20.19
CA ALA F 45 -36.41 -25.99 -19.04
C ALA F 45 -36.75 -24.72 -18.25
N LYS F 46 -35.81 -23.77 -18.18
CA LYS F 46 -36.10 -22.50 -17.51
C LYS F 46 -37.14 -21.70 -18.31
N ILE F 47 -37.03 -21.71 -19.64
CA ILE F 47 -38.02 -21.02 -20.46
C ILE F 47 -39.40 -21.63 -20.26
N ALA F 48 -39.46 -22.96 -20.14
CA ALA F 48 -40.75 -23.61 -19.87
C ALA F 48 -41.34 -23.12 -18.55
N GLU F 49 -40.50 -22.86 -17.55
CA GLU F 49 -41.00 -22.35 -16.28
C GLU F 49 -41.53 -20.92 -16.43
N TRP F 50 -40.82 -20.09 -17.21
CA TRP F 50 -41.30 -18.74 -17.47
C TRP F 50 -42.64 -18.74 -18.18
N ASN F 51 -42.94 -19.81 -18.93
CA ASN F 51 -44.21 -19.93 -19.64
C ASN F 51 -45.27 -20.67 -18.83
N SER F 52 -44.97 -21.07 -17.59
CA SER F 52 -45.91 -21.78 -16.75
C SER F 52 -46.53 -20.80 -15.74
N ASP F 53 -47.33 -21.33 -14.82
CA ASP F 53 -47.91 -20.52 -13.75
C ASP F 53 -47.02 -20.47 -12.51
N LYS F 54 -45.85 -21.13 -12.55
CA LYS F 54 -44.85 -21.07 -11.48
C LYS F 54 -43.55 -20.54 -12.07
N LEU F 55 -43.29 -19.25 -11.91
CA LEU F 55 -42.10 -18.64 -12.49
C LEU F 55 -40.83 -19.14 -11.79
N PRO F 56 -39.70 -19.17 -12.51
CA PRO F 56 -38.47 -19.76 -11.95
C PRO F 56 -37.81 -18.94 -10.85
N ILE F 57 -38.26 -17.71 -10.60
CA ILE F 57 -37.75 -16.91 -9.49
C ILE F 57 -38.95 -16.32 -8.79
N TYR F 58 -38.76 -15.92 -7.53
CA TYR F 58 -39.78 -15.21 -6.77
C TYR F 58 -39.39 -13.75 -6.62
N GLU F 59 -40.24 -12.86 -7.12
CA GLU F 59 -40.11 -11.42 -6.94
C GLU F 59 -41.51 -10.90 -6.63
N PRO F 60 -41.67 -10.10 -5.58
CA PRO F 60 -42.99 -9.52 -5.29
C PRO F 60 -43.47 -8.72 -6.49
N GLY F 61 -44.71 -8.98 -6.90
CA GLY F 61 -45.31 -8.26 -8.00
C GLY F 61 -44.91 -8.74 -9.37
N LEU F 62 -43.93 -9.64 -9.50
CA LEU F 62 -43.49 -10.09 -10.81
C LEU F 62 -44.54 -10.96 -11.49
N ASP F 63 -45.19 -11.85 -10.73
CA ASP F 63 -46.23 -12.71 -11.31
C ASP F 63 -47.34 -11.89 -11.95
N GLU F 64 -47.80 -10.85 -11.24
CA GLU F 64 -48.89 -10.02 -11.77
C GLU F 64 -48.51 -9.38 -13.09
N ILE F 65 -47.29 -8.83 -13.18
CA ILE F 65 -46.85 -8.17 -14.40
C ILE F 65 -46.66 -9.18 -15.53
N VAL F 66 -46.03 -10.32 -15.23
CA VAL F 66 -45.71 -11.31 -16.26
C VAL F 66 -46.98 -11.92 -16.83
N PHE F 67 -47.90 -12.33 -15.96
CA PHE F 67 -49.12 -12.98 -16.44
C PHE F 67 -49.96 -12.05 -17.32
N ALA F 68 -49.91 -10.74 -17.05
CA ALA F 68 -50.71 -9.79 -17.81
C ALA F 68 -50.12 -9.46 -19.18
N ALA F 69 -48.82 -9.64 -19.36
CA ALA F 69 -48.16 -9.30 -20.61
C ALA F 69 -47.79 -10.51 -21.48
N ARG F 70 -47.78 -11.72 -20.92
CA ARG F 70 -47.08 -12.86 -21.56
C ARG F 70 -47.70 -13.29 -22.88
N GLY F 71 -48.94 -12.93 -23.17
CA GLY F 71 -49.50 -13.35 -24.44
C GLY F 71 -49.60 -12.21 -25.43
N ARG F 72 -49.39 -10.98 -24.96
CA ARG F 72 -49.54 -9.80 -25.80
C ARG F 72 -48.23 -9.28 -26.36
N ASN F 73 -47.37 -8.69 -25.54
CA ASN F 73 -46.10 -8.16 -26.01
C ASN F 73 -44.88 -8.67 -25.26
N LEU F 74 -45.04 -9.68 -24.40
CA LEU F 74 -43.93 -10.30 -23.70
C LEU F 74 -43.91 -11.78 -24.02
N PHE F 75 -42.76 -12.29 -24.46
CA PHE F 75 -42.65 -13.68 -24.89
C PHE F 75 -41.37 -14.29 -24.33
N PHE F 76 -41.43 -15.58 -24.02
CA PHE F 76 -40.28 -16.36 -23.57
C PHE F 76 -40.07 -17.52 -24.54
N SER F 77 -38.92 -17.55 -25.19
CA SER F 77 -38.63 -18.54 -26.22
C SER F 77 -37.26 -19.16 -25.98
N SER F 78 -37.07 -20.36 -26.54
CA SER F 78 -35.76 -21.01 -26.57
C SER F 78 -35.14 -21.01 -27.97
N ASP F 79 -35.81 -20.41 -28.95
CA ASP F 79 -35.29 -20.30 -30.32
C ASP F 79 -34.49 -19.00 -30.44
N ILE F 80 -33.22 -19.08 -30.02
CA ILE F 80 -32.37 -17.89 -29.98
C ILE F 80 -32.09 -17.32 -31.37
N PRO F 81 -31.73 -18.12 -32.39
CA PRO F 81 -31.48 -17.50 -33.71
C PRO F 81 -32.67 -16.74 -34.26
N LYS F 82 -33.88 -17.27 -34.10
CA LYS F 82 -35.07 -16.58 -34.61
C LYS F 82 -35.26 -15.24 -33.92
N ALA F 83 -35.05 -15.20 -32.61
CA ALA F 83 -35.20 -13.96 -31.86
C ALA F 83 -34.14 -12.93 -32.25
N ILE F 84 -32.90 -13.38 -32.44
CA ILE F 84 -31.83 -12.45 -32.79
C ILE F 84 -32.11 -11.81 -34.13
N ALA F 85 -32.55 -12.62 -35.11
CA ALA F 85 -32.74 -12.11 -36.48
C ALA F 85 -33.84 -11.06 -36.57
N GLU F 86 -34.86 -11.18 -35.73
CA GLU F 86 -36.03 -10.32 -35.82
C GLU F 86 -35.93 -9.05 -34.96
N ALA F 87 -34.92 -8.94 -34.10
CA ALA F 87 -34.87 -7.86 -33.12
C ALA F 87 -34.32 -6.56 -33.70
N ASP F 88 -34.77 -5.45 -33.12
CA ASP F 88 -34.14 -4.15 -33.31
C ASP F 88 -33.04 -3.90 -32.29
N LEU F 89 -33.27 -4.30 -31.04
CA LEU F 89 -32.32 -4.06 -29.97
C LEU F 89 -32.22 -5.35 -29.16
N ILE F 90 -31.01 -5.70 -28.75
CA ILE F 90 -30.73 -6.97 -28.12
C ILE F 90 -29.99 -6.71 -26.81
N PHE F 91 -30.61 -7.07 -25.70
CA PHE F 91 -29.93 -7.08 -24.41
C PHE F 91 -29.15 -8.36 -24.23
N ILE F 92 -27.97 -8.26 -23.63
CA ILE F 92 -27.21 -9.43 -23.17
C ILE F 92 -27.16 -9.37 -21.66
N SER F 93 -27.78 -10.37 -21.01
CA SER F 93 -27.85 -10.44 -19.55
C SER F 93 -27.57 -11.88 -19.13
N VAL F 94 -26.31 -12.29 -19.31
CA VAL F 94 -25.91 -13.66 -19.05
C VAL F 94 -24.90 -13.70 -17.91
N ASN F 95 -24.48 -14.90 -17.53
CA ASN F 95 -23.53 -15.05 -16.44
C ASN F 95 -22.13 -14.62 -16.86
N THR F 96 -21.39 -14.09 -15.89
CA THR F 96 -19.96 -13.86 -16.00
C THR F 96 -19.29 -14.50 -14.79
N PRO F 97 -19.28 -15.83 -14.72
CA PRO F 97 -18.82 -16.48 -13.48
C PRO F 97 -17.36 -16.16 -13.19
N THR F 98 -17.05 -16.03 -11.91
CA THR F 98 -15.69 -15.75 -11.50
C THR F 98 -14.76 -16.87 -11.95
N LYS F 99 -13.62 -16.50 -12.51
CA LYS F 99 -12.64 -17.49 -12.95
C LYS F 99 -12.17 -18.34 -11.78
N MET F 100 -12.10 -19.64 -11.99
CA MET F 100 -11.67 -20.57 -10.96
C MET F 100 -10.28 -21.12 -11.25
N TYR F 101 -9.47 -20.33 -11.93
CA TYR F 101 -8.12 -20.73 -12.30
C TYR F 101 -7.45 -19.72 -13.19
N GLY F 102 -6.17 -19.89 -13.48
CA GLY F 102 -5.42 -18.98 -14.32
C GLY F 102 -5.38 -17.57 -13.76
N ARG F 103 -5.20 -16.60 -14.65
CA ARG F 103 -5.14 -15.19 -14.24
C ARG F 103 -6.48 -14.72 -13.69
N GLY F 104 -6.44 -13.94 -12.61
CA GLY F 104 -7.65 -13.43 -12.00
C GLY F 104 -8.44 -14.51 -11.29
N LYS F 105 -7.76 -15.57 -10.87
CA LYS F 105 -8.40 -16.66 -10.17
C LYS F 105 -9.17 -16.19 -8.94
N GLY F 106 -10.46 -16.48 -8.92
CA GLY F 106 -11.27 -16.13 -7.75
C GLY F 106 -11.60 -14.67 -7.61
N MET F 107 -11.24 -13.84 -8.59
CA MET F 107 -11.50 -12.41 -8.49
C MET F 107 -12.01 -11.77 -9.78
N ALA F 108 -11.67 -12.29 -10.95
CA ALA F 108 -12.05 -11.65 -12.21
C ALA F 108 -13.17 -12.43 -12.91
N PRO F 109 -14.04 -11.75 -13.62
CA PRO F 109 -15.12 -12.46 -14.32
C PRO F 109 -14.62 -13.14 -15.58
N ASP F 110 -15.27 -14.25 -15.91
CA ASP F 110 -15.01 -14.99 -17.14
C ASP F 110 -16.06 -14.57 -18.18
N LEU F 111 -15.59 -13.99 -19.28
CA LEU F 111 -16.45 -13.45 -20.31
C LEU F 111 -16.82 -14.49 -21.38
N LYS F 112 -16.66 -15.78 -21.09
CA LYS F 112 -16.88 -16.81 -22.11
C LYS F 112 -18.31 -16.77 -22.63
N TYR F 113 -19.29 -16.58 -21.74
CA TYR F 113 -20.69 -16.56 -22.18
C TYR F 113 -21.04 -15.27 -22.89
N VAL F 114 -20.51 -14.14 -22.42
CA VAL F 114 -20.79 -12.86 -23.07
C VAL F 114 -20.25 -12.86 -24.50
N GLU F 115 -19.06 -13.43 -24.70
CA GLU F 115 -18.49 -13.50 -26.03
C GLU F 115 -19.21 -14.51 -26.90
N SER F 116 -19.64 -15.62 -26.32
CA SER F 116 -20.36 -16.63 -27.09
C SER F 116 -21.68 -16.09 -27.62
N VAL F 117 -22.42 -15.34 -26.79
CA VAL F 117 -23.67 -14.74 -27.22
C VAL F 117 -23.44 -13.68 -28.30
N SER F 118 -22.34 -12.94 -28.17
CA SER F 118 -21.99 -11.96 -29.20
C SER F 118 -21.79 -12.63 -30.55
N ARG F 119 -21.05 -13.74 -30.57
CA ARG F 119 -20.82 -14.46 -31.82
C ARG F 119 -22.12 -15.00 -32.40
N THR F 120 -23.08 -15.38 -31.54
CA THR F 120 -24.38 -15.80 -32.06
C THR F 120 -25.14 -14.63 -32.65
N ILE F 121 -25.02 -13.45 -32.05
CA ILE F 121 -25.67 -12.26 -32.60
C ILE F 121 -25.09 -11.94 -33.97
N ALA F 122 -23.76 -11.99 -34.11
CA ALA F 122 -23.17 -11.76 -35.42
C ALA F 122 -23.61 -12.81 -36.43
N GLN F 123 -23.84 -14.04 -35.97
CA GLN F 123 -24.16 -15.12 -36.90
C GLN F 123 -25.58 -15.00 -37.44
N TYR F 124 -26.52 -14.51 -36.62
CA TYR F 124 -27.93 -14.52 -36.99
C TYR F 124 -28.57 -13.14 -37.07
N ALA F 125 -27.82 -12.06 -36.87
CA ALA F 125 -28.41 -10.73 -36.92
C ALA F 125 -29.10 -10.47 -38.26
N GLY F 126 -28.38 -10.69 -39.35
CA GLY F 126 -28.94 -10.48 -40.68
C GLY F 126 -29.31 -9.04 -40.99
N GLY F 127 -28.80 -8.09 -40.20
CA GLY F 127 -29.15 -6.70 -40.37
C GLY F 127 -28.64 -5.90 -39.20
N PRO F 128 -28.79 -4.58 -39.27
CA PRO F 128 -28.31 -3.70 -38.19
C PRO F 128 -29.00 -3.98 -36.87
N LYS F 129 -28.23 -3.93 -35.78
CA LYS F 129 -28.76 -4.16 -34.44
C LYS F 129 -28.12 -3.21 -33.45
N ILE F 130 -28.91 -2.83 -32.43
CA ILE F 130 -28.39 -2.19 -31.23
C ILE F 130 -28.23 -3.28 -30.18
N VAL F 131 -27.02 -3.43 -29.63
CA VAL F 131 -26.75 -4.47 -28.65
C VAL F 131 -26.39 -3.81 -27.32
N VAL F 132 -27.08 -4.19 -26.26
CA VAL F 132 -26.98 -3.55 -24.94
C VAL F 132 -26.58 -4.58 -23.91
N GLU F 133 -25.42 -4.38 -23.29
CA GLU F 133 -24.95 -5.25 -22.22
C GLU F 133 -25.55 -4.73 -20.91
N LYS F 134 -26.29 -5.60 -20.22
CA LYS F 134 -26.99 -5.24 -19.00
C LYS F 134 -26.68 -6.28 -17.93
N SER F 135 -25.91 -5.89 -16.93
CA SER F 135 -25.62 -6.74 -15.79
C SER F 135 -25.45 -5.85 -14.56
N THR F 136 -25.30 -6.50 -13.41
CA THR F 136 -25.09 -5.77 -12.16
C THR F 136 -23.62 -5.53 -11.86
N VAL F 137 -22.73 -6.29 -12.46
CA VAL F 137 -21.32 -6.10 -12.26
C VAL F 137 -20.56 -6.11 -13.57
N PRO F 138 -20.76 -5.02 -14.38
CA PRO F 138 -20.01 -5.06 -15.64
C PRO F 138 -18.62 -4.53 -15.57
N VAL F 139 -17.67 -5.29 -16.06
CA VAL F 139 -16.33 -4.85 -16.09
C VAL F 139 -15.75 -5.25 -17.42
N LYS F 140 -15.59 -4.29 -18.29
CA LYS F 140 -15.05 -4.59 -19.61
C LYS F 140 -15.91 -5.59 -20.39
N ALA F 141 -17.14 -5.88 -19.93
CA ALA F 141 -17.99 -6.79 -20.68
C ALA F 141 -18.43 -6.20 -22.00
N ALA F 142 -18.83 -4.92 -22.01
CA ALA F 142 -19.27 -4.27 -23.24
C ALA F 142 -18.13 -4.12 -24.23
N GLU F 143 -16.90 -3.99 -23.73
CA GLU F 143 -15.75 -3.87 -24.62
C GLU F 143 -15.51 -5.16 -25.39
N SER F 144 -15.73 -6.32 -24.76
CA SER F 144 -15.51 -7.58 -25.45
C SER F 144 -16.59 -7.81 -26.51
N ILE F 145 -17.83 -7.41 -26.22
CA ILE F 145 -18.90 -7.47 -27.21
C ILE F 145 -18.54 -6.59 -28.41
N GLY F 146 -18.11 -5.35 -28.13
CA GLY F 146 -17.81 -4.43 -29.21
C GLY F 146 -16.66 -4.91 -30.08
N CYS F 147 -15.67 -5.56 -29.46
CA CYS F 147 -14.57 -6.12 -30.22
C CYS F 147 -15.07 -7.15 -31.22
N ILE F 148 -16.02 -8.00 -30.82
CA ILE F 148 -16.53 -9.03 -31.71
C ILE F 148 -17.40 -8.41 -32.80
N LEU F 149 -18.28 -7.48 -32.43
CA LEU F 149 -19.24 -6.96 -33.38
C LEU F 149 -18.65 -5.95 -34.36
N ARG F 150 -17.55 -5.33 -34.01
CA ARG F 150 -16.92 -4.41 -34.91
C ARG F 150 -16.29 -5.20 -36.02
N GLU F 151 -15.73 -6.34 -35.69
CA GLU F 151 -15.14 -7.17 -36.67
C GLU F 151 -16.21 -7.66 -37.59
N ALA F 152 -17.38 -7.95 -37.05
CA ALA F 152 -18.46 -8.41 -37.86
C ALA F 152 -18.90 -7.38 -38.84
N GLN F 153 -19.01 -6.16 -38.40
CA GLN F 153 -19.43 -5.08 -39.24
C GLN F 153 -18.45 -4.82 -40.36
N LYS F 154 -17.19 -4.93 -40.04
CA LYS F 154 -16.12 -4.73 -40.97
C LYS F 154 -16.18 -5.79 -42.03
N ASN F 155 -16.47 -7.00 -41.60
CA ASN F 155 -16.61 -8.10 -42.50
C ASN F 155 -17.87 -8.09 -43.35
N ASN F 156 -18.91 -7.44 -42.90
CA ASN F 156 -20.14 -7.35 -43.64
C ASN F 156 -20.80 -6.04 -43.29
N GLU F 157 -20.61 -5.01 -44.07
CA GLU F 157 -21.13 -3.71 -43.73
C GLU F 157 -22.62 -3.69 -43.69
N ASN F 158 -23.24 -4.75 -44.16
CA ASN F 158 -24.67 -4.87 -44.07
C ASN F 158 -25.05 -4.88 -42.61
N LEU F 159 -24.21 -5.43 -41.75
CA LEU F 159 -24.54 -5.47 -40.34
C LEU F 159 -23.95 -4.33 -39.59
N LYS F 160 -24.76 -3.36 -39.24
CA LYS F 160 -24.29 -2.22 -38.52
C LYS F 160 -24.63 -2.44 -37.08
N PHE F 161 -23.61 -2.49 -36.25
CA PHE F 161 -23.75 -2.75 -34.87
C PHE F 161 -23.30 -1.64 -34.00
N GLN F 162 -24.07 -1.34 -32.98
CA GLN F 162 -23.69 -0.37 -31.96
C GLN F 162 -23.89 -0.99 -30.58
N VAL F 163 -22.81 -1.06 -29.81
CA VAL F 163 -22.83 -1.70 -28.49
C VAL F 163 -22.97 -0.64 -27.41
N LEU F 164 -23.93 -0.84 -26.52
CA LEU F 164 -24.16 0.06 -25.39
C LEU F 164 -24.00 -0.68 -24.07
N SER F 165 -23.64 0.08 -23.03
CA SER F 165 -23.58 -0.43 -21.67
CA SER F 165 -23.57 -0.42 -21.66
C SER F 165 -24.71 0.21 -20.87
N ASN F 166 -25.53 -0.63 -20.26
CA ASN F 166 -26.71 -0.18 -19.53
C ASN F 166 -26.84 -1.00 -18.25
N PRO F 167 -26.03 -0.68 -17.24
CA PRO F 167 -26.03 -1.46 -16.00
C PRO F 167 -27.41 -1.48 -15.34
N GLU F 168 -27.70 -2.58 -14.65
CA GLU F 168 -28.97 -2.72 -13.94
C GLU F 168 -28.77 -2.39 -12.48
N PHE F 169 -29.65 -1.55 -11.94
CA PHE F 169 -29.53 -1.10 -10.56
C PHE F 169 -30.56 -1.72 -9.63
N LEU F 170 -31.45 -2.56 -10.12
CA LEU F 170 -32.44 -3.18 -9.25
C LEU F 170 -31.75 -4.01 -8.16
N ALA F 171 -32.38 -4.05 -7.00
CA ALA F 171 -32.02 -4.99 -5.94
C ALA F 171 -33.11 -6.05 -5.86
N GLU F 172 -32.69 -7.31 -5.73
CA GLU F 172 -33.67 -8.37 -5.67
C GLU F 172 -34.52 -8.23 -4.42
N GLY F 173 -35.76 -8.68 -4.51
CA GLY F 173 -36.77 -8.42 -3.50
C GLY F 173 -37.56 -7.15 -3.74
N THR F 174 -36.95 -6.16 -4.41
CA THR F 174 -37.62 -4.92 -4.77
C THR F 174 -37.46 -4.64 -6.26
N ALA F 175 -37.32 -5.68 -7.07
CA ALA F 175 -36.96 -5.49 -8.47
C ALA F 175 -38.06 -4.74 -9.24
N MET F 176 -39.31 -5.10 -9.03
CA MET F 176 -40.39 -4.46 -9.77
C MET F 176 -40.56 -3.01 -9.34
N LYS F 177 -40.38 -2.74 -8.04
CA LYS F 177 -40.42 -1.36 -7.58
C LYS F 177 -39.24 -0.55 -8.11
N ASP F 178 -38.04 -1.14 -8.12
CA ASP F 178 -36.85 -0.44 -8.62
C ASP F 178 -36.91 -0.22 -10.13
N LEU F 179 -37.38 -1.23 -10.88
CA LEU F 179 -37.45 -1.10 -12.33
C LEU F 179 -38.50 -0.06 -12.75
N ALA F 180 -39.56 0.11 -11.95
CA ALA F 180 -40.61 1.05 -12.31
C ALA F 180 -40.24 2.49 -11.97
N ASN F 181 -39.47 2.70 -10.90
CA ASN F 181 -39.09 4.05 -10.46
C ASN F 181 -37.62 4.05 -10.05
N PRO F 182 -36.71 3.92 -11.01
CA PRO F 182 -35.29 3.92 -10.68
C PRO F 182 -34.82 5.30 -10.25
N ASP F 183 -33.89 5.31 -9.30
CA ASP F 183 -33.22 6.56 -8.95
C ASP F 183 -32.43 7.10 -10.14
N ARG F 184 -31.94 6.22 -10.99
CA ARG F 184 -31.10 6.62 -12.12
C ARG F 184 -31.14 5.52 -13.18
N VAL F 185 -31.01 5.93 -14.43
CA VAL F 185 -30.78 5.03 -15.56
C VAL F 185 -29.45 5.44 -16.17
N LEU F 186 -28.52 4.49 -16.26
CA LEU F 186 -27.16 4.76 -16.69
C LEU F 186 -26.93 4.09 -18.04
N ILE F 187 -26.59 4.88 -19.06
CA ILE F 187 -26.37 4.39 -20.41
C ILE F 187 -25.05 4.93 -20.94
N GLY F 188 -24.18 4.05 -21.39
CA GLY F 188 -22.90 4.43 -21.96
C GLY F 188 -22.77 3.92 -23.38
N GLY F 189 -22.17 4.74 -24.25
CA GLY F 189 -22.00 4.34 -25.63
C GLY F 189 -20.89 5.10 -26.30
N GLU F 190 -20.59 4.67 -27.52
CA GLU F 190 -19.52 5.26 -28.31
C GLU F 190 -19.89 6.69 -28.70
N SER F 191 -18.87 7.54 -28.77
CA SER F 191 -19.08 8.97 -29.06
C SER F 191 -18.93 9.16 -30.58
N SER F 192 -20.03 8.92 -31.28
CA SER F 192 -20.05 9.02 -32.74
C SER F 192 -21.49 9.21 -33.18
N PRO F 193 -21.74 9.58 -34.40
CA PRO F 193 -23.11 9.77 -34.77
C PRO F 193 -23.91 8.51 -34.64
N GLU F 194 -23.34 7.41 -35.05
CA GLU F 194 -24.01 6.15 -34.97
C GLU F 194 -24.23 5.79 -33.54
N GLY F 195 -23.22 6.05 -32.75
CA GLY F 195 -23.22 5.76 -31.32
C GLY F 195 -24.23 6.60 -30.55
N LEU F 196 -24.27 7.90 -30.85
CA LEU F 196 -25.22 8.78 -30.16
C LEU F 196 -26.66 8.45 -30.54
N GLN F 197 -26.90 8.06 -31.80
CA GLN F 197 -28.25 7.67 -32.20
C GLN F 197 -28.70 6.41 -31.47
N ALA F 198 -27.81 5.44 -31.31
CA ALA F 198 -28.18 4.22 -30.58
C ALA F 198 -28.52 4.54 -29.13
N VAL F 199 -27.73 5.41 -28.50
CA VAL F 199 -28.04 5.85 -27.13
C VAL F 199 -29.38 6.56 -27.10
N ALA F 200 -29.64 7.43 -28.07
CA ALA F 200 -30.90 8.17 -28.10
C ALA F 200 -32.09 7.23 -28.23
N GLU F 201 -31.93 6.12 -28.96
CA GLU F 201 -33.01 5.17 -29.14
C GLU F 201 -33.28 4.35 -27.89
N LEU F 202 -32.26 4.06 -27.09
CA LEU F 202 -32.51 3.39 -25.81
C LEU F 202 -33.13 4.35 -24.81
N VAL F 203 -32.68 5.62 -24.82
CA VAL F 203 -33.31 6.64 -23.99
C VAL F 203 -34.78 6.76 -24.30
N ARG F 204 -35.15 6.66 -25.58
CA ARG F 204 -36.55 6.77 -25.97
C ARG F 204 -37.38 5.66 -25.35
N ILE F 205 -36.82 4.45 -25.27
CA ILE F 205 -37.53 3.35 -24.63
C ILE F 205 -37.83 3.66 -23.18
N TYR F 206 -36.79 4.05 -22.41
CA TYR F 206 -36.98 4.28 -20.98
C TYR F 206 -37.87 5.48 -20.71
N GLU F 207 -37.87 6.48 -21.61
CA GLU F 207 -38.67 7.68 -21.41
C GLU F 207 -40.17 7.39 -21.47
N ASN F 208 -40.58 6.17 -21.83
CA ASN F 208 -41.99 5.81 -21.70
C ASN F 208 -42.43 5.80 -20.25
N TRP F 209 -41.50 5.67 -19.28
CA TRP F 209 -41.87 5.70 -17.88
C TRP F 209 -40.81 6.26 -16.95
N VAL F 210 -39.64 6.65 -17.44
CA VAL F 210 -38.57 7.18 -16.61
C VAL F 210 -38.39 8.65 -16.95
N PRO F 211 -38.38 9.55 -15.97
CA PRO F 211 -38.14 10.97 -16.27
C PRO F 211 -36.77 11.17 -16.89
N ARG F 212 -36.68 12.18 -17.78
CA ARG F 212 -35.44 12.45 -18.48
C ARG F 212 -34.32 12.83 -17.52
N ASN F 213 -34.65 13.60 -16.47
CA ASN F 213 -33.63 14.06 -15.52
C ASN F 213 -33.04 12.93 -14.68
N ARG F 214 -33.55 11.72 -14.85
CA ARG F 214 -33.05 10.57 -14.10
C ARG F 214 -32.21 9.65 -14.98
N ILE F 215 -32.04 10.04 -16.25
CA ILE F 215 -31.27 9.26 -17.19
C ILE F 215 -29.91 9.89 -17.46
N ILE F 216 -28.85 9.15 -17.18
CA ILE F 216 -27.49 9.64 -17.40
C ILE F 216 -26.84 8.97 -18.59
N THR F 217 -26.34 9.78 -19.52
CA THR F 217 -25.69 9.26 -20.72
C THR F 217 -24.21 9.66 -20.77
N THR F 218 -23.35 8.69 -20.99
CA THR F 218 -21.92 8.93 -21.05
C THR F 218 -21.19 7.83 -21.81
N ASN F 219 -19.88 7.84 -21.87
CA ASN F 219 -19.18 6.81 -22.58
C ASN F 219 -19.32 5.47 -21.93
N THR F 220 -18.90 4.43 -22.62
CA THR F 220 -18.95 3.06 -22.19
C THR F 220 -18.28 2.73 -20.88
N TRP F 221 -16.98 2.81 -20.84
CA TRP F 221 -16.27 2.55 -19.58
C TRP F 221 -16.90 3.32 -18.42
N SER F 222 -17.02 4.62 -18.58
CA SER F 222 -17.60 5.48 -17.55
C SER F 222 -18.86 4.85 -16.97
N SER F 223 -19.70 4.29 -17.84
CA SER F 223 -20.94 3.66 -17.42
C SER F 223 -20.68 2.43 -16.58
N GLU F 224 -19.65 1.67 -16.95
CA GLU F 224 -19.29 0.45 -16.23
C GLU F 224 -18.52 0.75 -14.95
N LEU F 225 -17.59 1.70 -15.01
CA LEU F 225 -16.84 2.06 -13.80
C LEU F 225 -17.75 2.64 -12.74
N SER F 226 -18.73 3.46 -13.16
CA SER F 226 -19.65 4.04 -12.20
C SER F 226 -20.45 2.96 -11.49
N LYS F 227 -20.92 1.96 -12.23
CA LYS F 227 -21.66 0.87 -11.60
C LYS F 227 -20.76 0.10 -10.64
N LEU F 228 -19.55 -0.21 -11.07
CA LEU F 228 -18.60 -0.92 -10.22
C LEU F 228 -18.33 -0.16 -8.93
N VAL F 229 -18.21 1.16 -9.01
CA VAL F 229 -17.91 1.95 -7.82
C VAL F 229 -19.18 2.13 -6.96
N ALA F 230 -20.34 2.32 -7.62
CA ALA F 230 -21.58 2.50 -6.87
C ALA F 230 -21.88 1.28 -5.99
N ASN F 231 -21.75 0.07 -6.56
CA ASN F 231 -21.92 -1.14 -5.77
C ASN F 231 -20.93 -1.19 -4.61
N ALA F 232 -19.67 -0.80 -4.86
CA ALA F 232 -18.67 -0.87 -3.80
C ALA F 232 -18.99 0.07 -2.64
N PHE F 233 -19.51 1.27 -2.92
CA PHE F 233 -19.92 2.18 -1.86
C PHE F 233 -21.02 1.55 -1.00
N LEU F 234 -22.01 0.93 -1.64
CA LEU F 234 -23.09 0.28 -0.90
C LEU F 234 -22.55 -0.83 0.00
N ALA F 235 -21.71 -1.70 -0.55
CA ALA F 235 -21.12 -2.75 0.29
C ALA F 235 -20.30 -2.17 1.42
N GLN F 236 -19.65 -1.02 1.18
CA GLN F 236 -18.80 -0.42 2.20
C GLN F 236 -19.63 0.12 3.37
N ARG F 237 -20.80 0.66 3.09
CA ARG F 237 -21.66 1.12 4.18
C ARG F 237 -22.02 -0.03 5.11
N ILE F 238 -22.22 -1.23 4.55
CA ILE F 238 -22.62 -2.37 5.35
CA ILE F 238 -22.62 -2.37 5.35
C ILE F 238 -21.44 -2.89 6.15
N SER F 239 -20.24 -2.87 5.57
CA SER F 239 -19.08 -3.33 6.32
C SER F 239 -18.66 -2.32 7.38
N SER F 240 -18.82 -1.03 7.09
CA SER F 240 -18.51 -0.01 8.09
C SER F 240 -19.42 -0.15 9.30
N ILE F 241 -20.73 -0.28 9.07
CA ILE F 241 -21.65 -0.39 10.21
C ILE F 241 -21.48 -1.73 10.90
N ASN F 242 -21.14 -2.80 10.15
CA ASN F 242 -20.91 -4.09 10.78
C ASN F 242 -19.66 -4.08 11.63
N SER F 243 -18.62 -3.37 11.17
CA SER F 243 -17.40 -3.26 11.96
C SER F 243 -17.66 -2.54 13.28
N ILE F 244 -18.56 -1.56 13.27
CA ILE F 244 -18.92 -0.84 14.48
C ILE F 244 -19.81 -1.69 15.39
N SER F 245 -20.52 -2.67 14.82
CA SER F 245 -21.33 -3.54 15.66
C SER F 245 -20.49 -4.28 16.69
N ALA F 246 -19.24 -4.62 16.35
CA ALA F 246 -18.37 -5.25 17.33
C ALA F 246 -17.95 -4.28 18.42
N VAL F 247 -17.74 -3.00 18.06
CA VAL F 247 -17.37 -2.00 19.05
C VAL F 247 -18.52 -1.78 20.04
N CYS F 248 -19.76 -1.79 19.55
CA CYS F 248 -20.91 -1.66 20.43
C CYS F 248 -21.00 -2.82 21.42
N GLU F 249 -20.82 -4.04 20.92
CA GLU F 249 -20.89 -5.22 21.79
C GLU F 249 -19.87 -5.13 22.91
N ALA F 250 -18.69 -4.58 22.62
CA ALA F 250 -17.61 -4.54 23.59
C ALA F 250 -17.76 -3.39 24.60
N THR F 251 -18.58 -2.39 24.31
CA THR F 251 -18.65 -1.20 25.15
C THR F 251 -20.05 -0.88 25.66
N GLY F 252 -21.04 -1.74 25.40
CA GLY F 252 -22.37 -1.52 25.94
C GLY F 252 -23.24 -0.55 25.19
N ALA F 253 -22.92 -0.22 23.94
CA ALA F 253 -23.81 0.58 23.11
C ALA F 253 -24.63 -0.33 22.19
N GLU F 254 -25.61 0.26 21.53
CA GLU F 254 -26.51 -0.44 20.60
C GLU F 254 -26.24 0.07 19.19
N ILE F 255 -25.91 -0.84 18.28
CA ILE F 255 -25.56 -0.44 16.91
C ILE F 255 -26.74 0.23 16.22
N SER F 256 -27.97 -0.18 16.54
CA SER F 256 -29.14 0.45 15.95
CA SER F 256 -29.15 0.45 15.97
C SER F 256 -29.25 1.91 16.39
N GLU F 257 -28.92 2.19 17.64
CA GLU F 257 -28.96 3.58 18.08
C GLU F 257 -27.82 4.38 17.46
N VAL F 258 -26.63 3.78 17.36
CA VAL F 258 -25.50 4.44 16.71
C VAL F 258 -25.83 4.71 15.25
N ALA F 259 -26.35 3.70 14.54
CA ALA F 259 -26.72 3.90 13.14
C ALA F 259 -27.81 4.95 13.00
N HIS F 260 -28.79 4.94 13.90
CA HIS F 260 -29.86 5.93 13.88
C HIS F 260 -29.31 7.34 13.97
N ALA F 261 -28.37 7.56 14.90
CA ALA F 261 -27.81 8.90 15.06
C ALA F 261 -26.96 9.29 13.87
N VAL F 262 -26.17 8.35 13.36
CA VAL F 262 -25.32 8.61 12.20
C VAL F 262 -26.17 9.02 11.01
N GLY F 263 -27.28 8.32 10.80
CA GLY F 263 -28.12 8.49 9.62
C GLY F 263 -28.84 9.83 9.53
N TYR F 264 -28.89 10.60 10.63
CA TYR F 264 -29.53 11.90 10.60
C TYR F 264 -28.74 12.93 9.80
N ASP F 265 -27.45 12.70 9.60
CA ASP F 265 -26.62 13.58 8.77
C ASP F 265 -26.96 13.30 7.31
N THR F 266 -27.57 14.27 6.63
CA THR F 266 -27.90 14.07 5.22
C THR F 266 -26.65 13.90 4.37
N ARG F 267 -25.49 14.33 4.86
CA ARG F 267 -24.25 14.07 4.15
C ARG F 267 -23.88 12.59 4.16
N ILE F 268 -24.39 11.82 5.13
CA ILE F 268 -24.20 10.38 5.17
C ILE F 268 -25.41 9.63 4.63
N GLY F 269 -26.62 10.13 4.90
CA GLY F 269 -27.82 9.41 4.52
C GLY F 269 -28.18 8.35 5.55
N SER F 270 -29.46 8.02 5.67
CA SER F 270 -29.91 7.10 6.70
C SER F 270 -30.11 5.68 6.22
N LYS F 271 -30.01 5.43 4.92
CA LYS F 271 -30.28 4.09 4.41
C LYS F 271 -29.00 3.26 4.37
N PHE F 272 -29.19 1.94 4.28
CA PHE F 272 -28.09 0.98 4.15
C PHE F 272 -27.11 1.07 5.31
N LEU F 273 -27.66 1.19 6.51
CA LEU F 273 -26.88 1.19 7.75
C LEU F 273 -27.36 0.10 8.70
N GLN F 274 -27.95 -0.95 8.15
CA GLN F 274 -28.53 -2.02 8.95
C GLN F 274 -27.47 -3.11 9.13
N ALA F 275 -26.97 -3.24 10.35
CA ALA F 275 -25.99 -4.27 10.66
C ALA F 275 -26.57 -5.66 10.38
N SER F 276 -25.68 -6.60 10.13
CA SER F 276 -26.12 -7.94 9.73
C SER F 276 -24.97 -8.92 9.91
N VAL F 277 -25.31 -10.20 9.79
CA VAL F 277 -24.32 -11.27 9.81
C VAL F 277 -23.36 -11.15 8.62
N GLY F 278 -23.74 -10.43 7.58
CA GLY F 278 -22.85 -10.13 6.46
C GLY F 278 -23.67 -10.05 5.18
N PHE F 279 -23.22 -9.20 4.27
CA PHE F 279 -23.97 -9.06 3.01
C PHE F 279 -23.74 -10.27 2.12
N GLY F 280 -24.79 -10.61 1.37
CA GLY F 280 -24.74 -11.67 0.38
C GLY F 280 -25.19 -11.16 -0.98
N GLY F 281 -25.56 -12.06 -1.88
CA GLY F 281 -25.97 -11.66 -3.20
C GLY F 281 -24.87 -11.87 -4.23
N SER F 282 -25.28 -12.01 -5.48
CA SER F 282 -24.34 -12.25 -6.57
C SER F 282 -23.56 -11.00 -6.99
N CYS F 283 -23.80 -9.87 -6.34
CA CYS F 283 -23.26 -8.59 -6.78
C CYS F 283 -22.08 -8.12 -5.93
N PHE F 284 -22.29 -7.87 -4.64
CA PHE F 284 -21.35 -7.07 -3.87
C PHE F 284 -19.96 -7.72 -3.80
N GLN F 285 -19.88 -8.96 -3.32
CA GLN F 285 -18.58 -9.60 -3.20
C GLN F 285 -17.89 -9.70 -4.55
N LYS F 286 -18.63 -10.16 -5.56
CA LYS F 286 -18.08 -10.21 -6.91
C LYS F 286 -17.63 -8.82 -7.35
N ASP F 287 -18.39 -7.79 -6.97
CA ASP F 287 -18.08 -6.44 -7.43
C ASP F 287 -16.80 -5.93 -6.78
N VAL F 288 -16.71 -6.05 -5.45
CA VAL F 288 -15.54 -5.53 -4.73
C VAL F 288 -14.27 -6.28 -5.15
N LEU F 289 -14.35 -7.61 -5.27
CA LEU F 289 -13.18 -8.35 -5.72
C LEU F 289 -12.78 -7.93 -7.13
N SER F 290 -13.76 -7.62 -7.99
CA SER F 290 -13.45 -7.12 -9.33
C SER F 290 -12.74 -5.77 -9.25
N LEU F 291 -13.21 -4.90 -8.36
CA LEU F 291 -12.55 -3.62 -8.20
C LEU F 291 -11.12 -3.80 -7.69
N VAL F 292 -10.93 -4.69 -6.71
CA VAL F 292 -9.59 -4.98 -6.20
C VAL F 292 -8.69 -5.48 -7.33
N TYR F 293 -9.19 -6.41 -8.14
CA TYR F 293 -8.37 -6.93 -9.22
C TYR F 293 -8.06 -5.86 -10.27
N LEU F 294 -9.06 -5.03 -10.59
CA LEU F 294 -8.82 -3.93 -11.51
C LEU F 294 -7.73 -3.00 -11.00
N CYS F 295 -7.75 -2.69 -9.70
CA CYS F 295 -6.74 -1.80 -9.15
C CYS F 295 -5.36 -2.45 -9.16
N GLU F 296 -5.28 -3.74 -8.86
CA GLU F 296 -4.01 -4.44 -8.91
C GLU F 296 -3.43 -4.41 -10.32
N SER F 297 -4.26 -4.62 -11.33
CA SER F 297 -3.78 -4.60 -12.71
C SER F 297 -3.42 -3.18 -13.17
N LEU F 298 -3.92 -2.15 -12.50
CA LEU F 298 -3.54 -0.77 -12.80
C LEU F 298 -2.36 -0.29 -11.97
N ASN F 299 -1.70 -1.20 -11.23
CA ASN F 299 -0.62 -0.85 -10.34
C ASN F 299 -1.07 0.20 -9.31
N LEU F 300 -2.22 -0.08 -8.68
CA LEU F 300 -2.73 0.74 -7.59
C LEU F 300 -2.92 -0.13 -6.35
N PRO F 301 -1.83 -0.66 -5.80
CA PRO F 301 -1.98 -1.60 -4.66
C PRO F 301 -2.57 -0.97 -3.42
N GLN F 302 -2.36 0.33 -3.17
CA GLN F 302 -2.99 0.97 -2.02
C GLN F 302 -4.50 1.06 -2.17
N VAL F 303 -5.00 1.30 -3.39
CA VAL F 303 -6.45 1.33 -3.56
C VAL F 303 -7.01 -0.08 -3.45
N ALA F 304 -6.28 -1.08 -3.98
CA ALA F 304 -6.70 -2.46 -3.83
C ALA F 304 -6.80 -2.84 -2.35
N ASP F 305 -5.76 -2.49 -1.56
CA ASP F 305 -5.79 -2.80 -0.13
C ASP F 305 -6.96 -2.11 0.56
N TYR F 306 -7.26 -0.87 0.16
CA TYR F 306 -8.35 -0.13 0.79
C TYR F 306 -9.68 -0.85 0.61
N TRP F 307 -10.00 -1.24 -0.63
CA TRP F 307 -11.30 -1.84 -0.89
C TRP F 307 -11.37 -3.29 -0.42
N GLN F 308 -10.23 -3.98 -0.36
CA GLN F 308 -10.22 -5.35 0.17
C GLN F 308 -10.76 -5.39 1.60
N GLY F 309 -10.60 -4.28 2.35
CA GLY F 309 -11.11 -4.23 3.71
C GLY F 309 -12.60 -4.44 3.83
N VAL F 310 -13.37 -4.03 2.80
CA VAL F 310 -14.81 -4.27 2.83
C VAL F 310 -15.11 -5.76 2.86
N ILE F 311 -14.35 -6.53 2.08
CA ILE F 311 -14.53 -7.98 2.06
C ILE F 311 -14.01 -8.60 3.35
N ASN F 312 -12.84 -8.16 3.82
CA ASN F 312 -12.28 -8.71 5.05
C ASN F 312 -13.26 -8.57 6.22
N ILE F 313 -13.91 -7.41 6.33
CA ILE F 313 -14.88 -7.22 7.41
C ILE F 313 -16.05 -8.16 7.22
N ASN F 314 -16.50 -8.35 5.97
CA ASN F 314 -17.64 -9.23 5.72
C ASN F 314 -17.34 -10.66 6.13
N ASN F 315 -16.17 -11.17 5.74
CA ASN F 315 -15.80 -12.52 6.16
C ASN F 315 -15.64 -12.59 7.68
N TRP F 316 -15.06 -11.56 8.27
CA TRP F 316 -14.83 -11.52 9.71
C TRP F 316 -16.15 -11.47 10.49
N GLN F 317 -17.15 -10.75 9.95
CA GLN F 317 -18.44 -10.67 10.63
C GLN F 317 -19.14 -12.01 10.65
N ARG F 318 -19.11 -12.74 9.52
CA ARG F 318 -19.71 -14.07 9.46
C ARG F 318 -18.99 -15.04 10.40
N ARG F 319 -17.68 -15.06 10.32
CA ARG F 319 -16.95 -15.96 11.12
C ARG F 319 -17.11 -15.72 12.59
N ARG F 320 -17.09 -14.47 13.00
CA ARG F 320 -17.21 -14.20 14.42
C ARG F 320 -18.63 -14.47 14.92
N PHE F 321 -19.64 -14.30 14.06
CA PHE F 321 -21.01 -14.63 14.46
C PHE F 321 -21.18 -16.14 14.65
N ALA F 322 -20.67 -16.92 13.72
CA ALA F 322 -20.73 -18.37 13.85
C ALA F 322 -19.90 -18.84 15.04
N ASP F 323 -18.76 -18.19 15.30
CA ASP F 323 -17.96 -18.57 16.45
C ASP F 323 -18.67 -18.27 17.75
N LYS F 324 -19.38 -17.14 17.81
CA LYS F 324 -20.07 -16.74 19.03
C LYS F 324 -21.22 -17.68 19.36
N ILE F 325 -21.92 -18.20 18.33
CA ILE F 325 -22.99 -19.16 18.58
C ILE F 325 -22.47 -20.36 19.37
N ILE F 326 -21.35 -20.94 18.92
CA ILE F 326 -20.83 -22.12 19.59
C ILE F 326 -20.34 -21.79 20.99
N ALA F 327 -19.67 -20.65 21.14
CA ALA F 327 -19.19 -20.26 22.47
C ALA F 327 -20.36 -20.02 23.43
N GLU F 328 -21.42 -19.37 22.95
CA GLU F 328 -22.54 -19.07 23.83
C GLU F 328 -23.37 -20.31 24.17
N LEU F 329 -23.26 -21.36 23.35
CA LEU F 329 -23.88 -22.65 23.64
C LEU F 329 -22.93 -23.57 24.38
N PHE F 330 -22.21 -23.00 25.35
CA PHE F 330 -21.37 -23.77 26.26
C PHE F 330 -20.27 -24.50 25.51
N ASN F 331 -19.79 -23.88 24.42
CA ASN F 331 -18.63 -24.33 23.65
C ASN F 331 -18.86 -25.68 22.98
N THR F 332 -20.08 -26.07 22.79
CA THR F 332 -20.32 -27.30 22.10
C THR F 332 -21.63 -27.25 21.41
N VAL F 333 -21.68 -27.80 20.23
CA VAL F 333 -22.91 -27.90 19.48
C VAL F 333 -23.06 -29.32 18.96
N THR F 334 -22.11 -30.17 19.29
CA THR F 334 -22.14 -31.54 18.87
C THR F 334 -23.47 -32.14 19.18
N ASP F 335 -24.24 -32.43 18.16
CA ASP F 335 -25.54 -33.05 18.35
C ASP F 335 -26.71 -32.20 18.85
N LYS F 336 -26.56 -30.89 18.91
CA LYS F 336 -27.64 -30.04 19.38
C LYS F 336 -28.50 -29.61 18.25
N LYS F 337 -29.80 -29.74 18.37
CA LYS F 337 -30.69 -29.31 17.33
C LYS F 337 -30.74 -27.81 17.35
N ILE F 338 -30.53 -27.19 16.22
CA ILE F 338 -30.55 -25.78 16.13
C ILE F 338 -31.42 -25.37 14.97
N ALA F 339 -32.42 -24.56 15.22
CA ALA F 339 -33.29 -24.08 14.20
C ALA F 339 -32.69 -22.88 13.50
N ILE F 340 -32.81 -22.83 12.20
CA ILE F 340 -32.33 -21.71 11.38
C ILE F 340 -33.53 -21.01 10.80
N PHE F 341 -33.67 -19.73 11.10
CA PHE F 341 -34.73 -18.89 10.53
C PHE F 341 -34.14 -18.07 9.40
N GLY F 342 -34.33 -18.52 8.18
CA GLY F 342 -33.90 -17.75 7.01
C GLY F 342 -32.72 -18.37 6.30
N PHE F 343 -32.80 -18.41 4.97
CA PHE F 343 -31.69 -18.95 4.18
C PHE F 343 -31.33 -18.05 3.00
N ALA F 344 -32.31 -17.34 2.46
CA ALA F 344 -32.03 -16.44 1.35
C ALA F 344 -31.06 -15.36 1.78
N PHE F 345 -30.37 -14.77 0.81
CA PHE F 345 -29.37 -13.76 1.16
C PHE F 345 -30.00 -12.45 1.63
N LYS F 346 -31.31 -12.28 1.42
CA LYS F 346 -32.08 -11.17 1.93
C LYS F 346 -33.55 -11.57 1.87
N LYS F 347 -34.43 -10.72 2.37
CA LYS F 347 -35.84 -11.09 2.40
C LYS F 347 -36.53 -10.86 1.05
N ASN F 348 -37.67 -11.53 0.88
CA ASN F 348 -38.54 -11.36 -0.29
C ASN F 348 -37.87 -11.81 -1.58
N THR F 349 -37.06 -12.86 -1.48
CA THR F 349 -36.46 -13.47 -2.65
C THR F 349 -36.16 -14.94 -2.31
N GLY F 350 -36.13 -15.76 -3.35
CA GLY F 350 -35.66 -17.12 -3.18
C GLY F 350 -34.20 -17.29 -3.48
N ASP F 351 -33.50 -16.21 -3.86
CA ASP F 351 -32.10 -16.30 -4.27
C ASP F 351 -31.21 -16.57 -3.06
N THR F 352 -30.29 -17.52 -3.22
CA THR F 352 -29.38 -17.89 -2.14
C THR F 352 -27.92 -17.57 -2.47
N ARG F 353 -27.66 -16.90 -3.60
CA ARG F 353 -26.28 -16.73 -4.04
C ARG F 353 -25.47 -15.92 -3.03
N GLU F 354 -24.38 -16.53 -2.56
CA GLU F 354 -23.48 -15.93 -1.57
C GLU F 354 -24.18 -15.56 -0.26
N SER F 355 -25.28 -16.24 0.06
CA SER F 355 -25.98 -15.96 1.31
C SER F 355 -25.08 -16.24 2.51
N SER F 356 -25.08 -15.31 3.47
CA SER F 356 -24.32 -15.51 4.69
C SER F 356 -24.79 -16.75 5.44
N ALA F 357 -26.03 -17.18 5.21
CA ALA F 357 -26.54 -18.37 5.88
C ALA F 357 -25.73 -19.60 5.54
N ILE F 358 -25.13 -19.64 4.35
CA ILE F 358 -24.34 -20.79 3.93
C ILE F 358 -23.11 -20.96 4.83
N HIS F 359 -22.34 -19.89 5.02
CA HIS F 359 -21.14 -20.00 5.84
C HIS F 359 -21.49 -20.35 7.29
N VAL F 360 -22.53 -19.71 7.83
CA VAL F 360 -22.88 -19.94 9.22
C VAL F 360 -23.36 -21.36 9.43
N ILE F 361 -24.21 -21.86 8.53
CA ILE F 361 -24.66 -23.24 8.63
C ILE F 361 -23.50 -24.20 8.45
N LYS F 362 -22.59 -23.90 7.51
CA LYS F 362 -21.43 -24.76 7.31
C LYS F 362 -20.58 -24.86 8.57
N HIS F 363 -20.32 -23.74 9.24
CA HIS F 363 -19.52 -23.81 10.46
C HIS F 363 -20.18 -24.69 11.50
N LEU F 364 -21.50 -24.56 11.67
CA LEU F 364 -22.19 -25.38 12.64
C LEU F 364 -22.20 -26.84 12.23
N MET F 365 -22.26 -27.10 10.91
CA MET F 365 -22.16 -28.47 10.42
C MET F 365 -20.81 -29.09 10.74
N GLU F 366 -19.73 -28.34 10.54
CA GLU F 366 -18.41 -28.86 10.84
C GLU F 366 -18.22 -29.13 12.33
N GLU F 367 -19.02 -28.50 13.19
CA GLU F 367 -18.99 -28.77 14.61
C GLU F 367 -20.08 -29.73 15.03
N HIS F 368 -20.73 -30.38 14.05
CA HIS F 368 -21.65 -31.50 14.26
C HIS F 368 -22.98 -31.09 14.90
N ALA F 369 -23.48 -29.91 14.57
CA ALA F 369 -24.83 -29.53 14.98
C ALA F 369 -25.85 -30.18 14.06
N LYS F 370 -27.05 -30.41 14.60
CA LYS F 370 -28.20 -30.85 13.81
C LYS F 370 -29.04 -29.62 13.51
N LEU F 371 -29.17 -29.28 12.23
CA LEU F 371 -29.78 -28.03 11.84
C LEU F 371 -31.11 -28.24 11.15
N SER F 372 -32.13 -27.53 11.63
CA SER F 372 -33.44 -27.49 11.00
C SER F 372 -33.60 -26.11 10.39
N VAL F 373 -33.69 -26.05 9.07
CA VAL F 373 -33.73 -24.78 8.35
C VAL F 373 -35.13 -24.53 7.84
N TYR F 374 -35.63 -23.31 8.03
CA TYR F 374 -36.87 -22.89 7.41
C TYR F 374 -36.62 -21.58 6.68
N ASP F 375 -37.13 -21.48 5.45
CA ASP F 375 -37.09 -20.24 4.71
C ASP F 375 -38.39 -20.16 3.90
N PRO F 376 -39.07 -19.02 3.93
CA PRO F 376 -40.40 -18.93 3.30
C PRO F 376 -40.40 -19.13 1.81
N LYS F 377 -39.27 -18.91 1.12
CA LYS F 377 -39.29 -18.90 -0.34
C LYS F 377 -38.21 -19.75 -0.99
N VAL F 378 -37.11 -20.05 -0.30
CA VAL F 378 -36.03 -20.80 -0.94
C VAL F 378 -36.45 -22.24 -1.19
N GLN F 379 -36.20 -22.72 -2.40
CA GLN F 379 -36.49 -24.12 -2.74
C GLN F 379 -35.62 -25.05 -1.91
N LYS F 380 -36.21 -26.16 -1.48
CA LYS F 380 -35.47 -27.15 -0.69
C LYS F 380 -34.27 -27.69 -1.46
N SER F 381 -34.46 -28.06 -2.74
CA SER F 381 -33.36 -28.58 -3.53
C SER F 381 -32.23 -27.57 -3.67
N GLN F 382 -32.56 -26.27 -3.69
CA GLN F 382 -31.53 -25.25 -3.78
C GLN F 382 -30.67 -25.23 -2.53
N MET F 383 -31.29 -25.29 -1.35
CA MET F 383 -30.53 -25.31 -0.10
C MET F 383 -29.60 -26.51 -0.05
N LEU F 384 -30.13 -27.70 -0.38
CA LEU F 384 -29.33 -28.92 -0.25
C LEU F 384 -28.12 -28.88 -1.18
N ASN F 385 -28.29 -28.36 -2.39
CA ASN F 385 -27.14 -28.22 -3.28
C ASN F 385 -26.14 -27.22 -2.76
N ASP F 386 -26.62 -26.09 -2.21
CA ASP F 386 -25.71 -25.07 -1.70
C ASP F 386 -24.86 -25.61 -0.56
N LEU F 387 -25.49 -26.27 0.41
CA LEU F 387 -24.76 -26.76 1.58
C LEU F 387 -23.84 -27.92 1.21
N ALA F 388 -24.29 -28.79 0.30
CA ALA F 388 -23.45 -29.91 -0.11
C ALA F 388 -22.21 -29.46 -0.86
N SER F 389 -22.33 -28.36 -1.62
CA SER F 389 -21.19 -27.91 -2.42
C SER F 389 -20.08 -27.33 -1.57
N VAL F 390 -20.37 -26.90 -0.34
CA VAL F 390 -19.34 -26.42 0.58
C VAL F 390 -18.90 -27.56 1.49
N THR F 391 -19.78 -28.50 1.82
CA THR F 391 -19.44 -29.58 2.74
C THR F 391 -19.36 -30.96 2.08
N SER F 392 -20.49 -31.67 2.03
CA SER F 392 -20.66 -32.84 1.19
C SER F 392 -22.12 -33.24 1.24
N ALA F 393 -22.55 -34.01 0.23
CA ALA F 393 -23.93 -34.49 0.22
C ALA F 393 -24.20 -35.36 1.43
N GLN F 394 -23.20 -36.13 1.86
CA GLN F 394 -23.35 -37.01 3.01
C GLN F 394 -23.54 -36.21 4.29
N ASP F 395 -22.75 -35.15 4.48
CA ASP F 395 -22.90 -34.30 5.65
C ASP F 395 -24.28 -33.65 5.69
N VAL F 396 -24.78 -33.24 4.53
CA VAL F 396 -26.09 -32.58 4.48
C VAL F 396 -27.19 -33.54 4.89
N GLU F 397 -27.09 -34.80 4.45
CA GLU F 397 -28.16 -35.76 4.73
C GLU F 397 -28.31 -36.06 6.23
N ARG F 398 -27.21 -36.25 6.91
CA ARG F 398 -27.27 -36.51 8.30
C ARG F 398 -27.49 -35.35 9.24
N LEU F 399 -27.16 -34.15 8.82
CA LEU F 399 -27.20 -33.01 9.73
C LEU F 399 -28.27 -31.98 9.40
N ILE F 400 -28.80 -31.96 8.18
CA ILE F 400 -29.70 -30.91 7.72
C ILE F 400 -31.11 -31.47 7.63
N THR F 401 -32.06 -30.73 8.19
CA THR F 401 -33.47 -31.00 8.00
C THR F 401 -34.11 -29.72 7.46
N VAL F 402 -34.90 -29.86 6.41
CA VAL F 402 -35.56 -28.73 5.79
C VAL F 402 -37.02 -28.77 6.24
N GLU F 403 -37.48 -27.69 6.87
CA GLU F 403 -38.82 -27.60 7.39
C GLU F 403 -39.62 -26.59 6.57
N SER F 404 -40.92 -26.80 6.50
CA SER F 404 -41.82 -25.86 5.85
C SER F 404 -42.52 -24.97 6.85
N ASP F 405 -42.16 -25.07 8.13
CA ASP F 405 -42.84 -24.38 9.17
C ASP F 405 -41.84 -23.97 10.25
N PRO F 406 -41.83 -22.70 10.66
CA PRO F 406 -40.85 -22.28 11.67
C PRO F 406 -41.06 -22.93 13.02
N TYR F 407 -42.30 -23.23 13.40
CA TYR F 407 -42.50 -23.86 14.71
C TYR F 407 -41.96 -25.29 14.72
N ALA F 408 -42.09 -26.00 13.60
CA ALA F 408 -41.56 -27.36 13.53
C ALA F 408 -40.04 -27.37 13.59
N ALA F 409 -39.40 -26.38 12.96
CA ALA F 409 -37.95 -26.26 13.07
C ALA F 409 -37.54 -25.94 14.50
N ALA F 410 -38.31 -25.09 15.18
CA ALA F 410 -37.96 -24.65 16.52
C ALA F 410 -38.35 -25.65 17.60
N ARG F 411 -39.30 -26.51 17.34
CA ARG F 411 -39.69 -27.46 18.33
C ARG F 411 -38.53 -28.36 18.68
N GLY F 412 -38.25 -28.48 19.97
CA GLY F 412 -37.18 -29.33 20.45
C GLY F 412 -35.78 -28.82 20.22
N ALA F 413 -35.64 -27.59 19.75
CA ALA F 413 -34.33 -27.03 19.45
C ALA F 413 -33.68 -26.46 20.70
N HIS F 414 -32.35 -26.47 20.72
CA HIS F 414 -31.62 -25.80 21.80
C HIS F 414 -31.50 -24.31 21.54
N ALA F 415 -31.45 -23.91 20.28
CA ALA F 415 -31.21 -22.52 19.92
C ALA F 415 -31.93 -22.19 18.62
N ILE F 416 -32.24 -20.90 18.46
CA ILE F 416 -32.76 -20.33 17.21
C ILE F 416 -31.70 -19.38 16.65
N VAL F 417 -31.49 -19.44 15.34
CA VAL F 417 -30.57 -18.52 14.67
C VAL F 417 -31.33 -17.84 13.52
N VAL F 418 -31.46 -16.52 13.60
CA VAL F 418 -32.14 -15.74 12.58
C VAL F 418 -31.10 -15.18 11.62
N LEU F 419 -31.21 -15.55 10.35
CA LEU F 419 -30.21 -15.17 9.35
C LEU F 419 -30.76 -14.33 8.21
N THR F 420 -32.08 -14.29 8.02
CA THR F 420 -32.69 -13.49 6.96
C THR F 420 -33.87 -12.72 7.53
N GLU F 421 -33.97 -11.46 7.15
CA GLU F 421 -34.89 -10.52 7.80
C GLU F 421 -36.35 -10.66 7.36
N TRP F 422 -36.82 -11.89 7.14
CA TRP F 422 -38.21 -12.11 6.74
C TRP F 422 -39.19 -11.54 7.76
N ASP F 423 -40.20 -10.82 7.27
CA ASP F 423 -41.21 -10.22 8.14
C ASP F 423 -41.94 -11.27 8.98
N GLU F 424 -42.06 -12.49 8.45
CA GLU F 424 -42.79 -13.55 9.16
C GLU F 424 -42.15 -13.86 10.51
N PHE F 425 -40.84 -13.67 10.63
CA PHE F 425 -40.15 -14.00 11.89
C PHE F 425 -40.47 -13.04 13.02
N VAL F 426 -40.87 -11.81 12.71
CA VAL F 426 -41.25 -10.85 13.75
C VAL F 426 -42.53 -11.29 14.45
N GLU F 427 -43.59 -11.48 13.67
CA GLU F 427 -44.90 -11.82 14.23
C GLU F 427 -45.02 -13.29 14.75
N LEU F 428 -43.98 -14.11 14.92
CA LEU F 428 -44.16 -15.44 15.46
C LEU F 428 -44.43 -15.39 16.96
N ASN F 429 -45.03 -16.46 17.48
CA ASN F 429 -45.34 -16.58 18.91
C ASN F 429 -44.12 -17.16 19.63
N TYR F 430 -43.27 -16.28 20.14
CA TYR F 430 -42.04 -16.73 20.78
C TYR F 430 -42.27 -17.29 22.17
N SER F 431 -43.43 -17.04 22.78
CA SER F 431 -43.77 -17.74 24.02
C SER F 431 -44.02 -19.21 23.74
N GLN F 432 -44.81 -19.51 22.71
CA GLN F 432 -45.03 -20.90 22.33
C GLN F 432 -43.74 -21.57 21.90
N ILE F 433 -42.89 -20.84 21.16
CA ILE F 433 -41.61 -21.39 20.72
C ILE F 433 -40.74 -21.72 21.93
N HIS F 434 -40.67 -20.79 22.89
CA HIS F 434 -39.81 -21.01 24.04
C HIS F 434 -40.27 -22.22 24.86
N ASN F 435 -41.59 -22.43 24.96
CA ASN F 435 -42.10 -23.56 25.72
C ASN F 435 -41.71 -24.89 25.10
N ASP F 436 -41.60 -24.93 23.78
CA ASP F 436 -41.36 -26.18 23.07
C ASP F 436 -39.89 -26.42 22.76
N MET F 437 -39.00 -25.54 23.22
CA MET F 437 -37.57 -25.76 23.06
C MET F 437 -37.02 -26.52 24.27
N GLN F 438 -35.82 -27.08 24.09
CA GLN F 438 -35.09 -27.60 25.24
C GLN F 438 -34.57 -26.44 26.09
N HIS F 439 -34.32 -26.74 27.36
CA HIS F 439 -33.91 -25.69 28.28
C HIS F 439 -32.50 -25.95 28.77
N PRO F 440 -31.65 -24.91 28.82
CA PRO F 440 -31.98 -23.52 28.48
C PRO F 440 -32.10 -23.24 26.98
N ALA F 441 -32.99 -22.32 26.63
CA ALA F 441 -33.23 -21.97 25.24
C ALA F 441 -32.48 -20.69 24.88
N ALA F 442 -31.75 -20.74 23.76
CA ALA F 442 -30.98 -19.60 23.28
C ALA F 442 -31.53 -19.13 21.93
N ILE F 443 -31.35 -17.84 21.65
CA ILE F 443 -31.76 -17.29 20.36
C ILE F 443 -30.76 -16.23 19.94
N PHE F 444 -30.35 -16.27 18.68
CA PHE F 444 -29.32 -15.39 18.13
C PHE F 444 -29.87 -14.64 16.94
N ASP F 445 -29.97 -13.32 17.06
CA ASP F 445 -30.56 -12.47 16.01
C ASP F 445 -29.42 -11.89 15.17
N GLY F 446 -29.22 -12.45 13.98
CA GLY F 446 -28.26 -11.94 13.04
C GLY F 446 -28.80 -10.86 12.11
N ARG F 447 -30.03 -10.40 12.33
CA ARG F 447 -30.64 -9.38 11.47
C ARG F 447 -31.28 -8.24 12.23
N LEU F 448 -31.27 -8.26 13.57
CA LEU F 448 -31.75 -7.14 14.38
C LEU F 448 -33.21 -6.83 14.11
N ILE F 449 -34.04 -7.86 13.97
CA ILE F 449 -35.46 -7.68 13.71
C ILE F 449 -36.35 -8.01 14.90
N LEU F 450 -35.83 -8.65 15.94
CA LEU F 450 -36.63 -9.08 17.07
C LEU F 450 -36.49 -8.13 18.25
N ASP F 451 -37.48 -8.18 19.14
CA ASP F 451 -37.49 -7.35 20.35
C ASP F 451 -36.66 -8.05 21.43
N GLN F 452 -35.47 -7.51 21.71
CA GLN F 452 -34.61 -8.14 22.71
C GLN F 452 -35.26 -8.13 24.08
N LYS F 453 -35.87 -7.00 24.46
CA LYS F 453 -36.48 -6.94 25.79
C LYS F 453 -37.57 -7.99 25.95
N ALA F 454 -38.39 -8.18 24.91
CA ALA F 454 -39.46 -9.17 25.00
C ALA F 454 -38.89 -10.59 25.12
N LEU F 455 -37.85 -10.89 24.35
CA LEU F 455 -37.22 -12.20 24.45
C LEU F 455 -36.58 -12.38 25.83
N ARG F 456 -36.01 -11.31 26.38
CA ARG F 456 -35.42 -11.39 27.71
C ARG F 456 -36.49 -11.73 28.74
N GLU F 457 -37.66 -11.10 28.64
CA GLU F 457 -38.74 -11.32 29.59
C GLU F 457 -39.39 -12.69 29.41
N ILE F 458 -39.40 -13.25 28.19
CA ILE F 458 -39.92 -14.60 28.01
C ILE F 458 -39.00 -15.61 28.67
N GLY F 459 -37.70 -15.34 28.72
CA GLY F 459 -36.78 -16.23 29.40
C GLY F 459 -35.68 -16.80 28.52
N PHE F 460 -35.55 -16.29 27.30
CA PHE F 460 -34.50 -16.75 26.40
C PHE F 460 -33.14 -16.32 26.90
N ARG F 461 -32.12 -17.14 26.62
CA ARG F 461 -30.75 -16.66 26.56
C ARG F 461 -30.63 -16.00 25.20
N THR F 462 -30.72 -14.67 25.16
CA THR F 462 -30.90 -13.97 23.90
C THR F 462 -29.67 -13.14 23.55
N PHE F 463 -29.33 -13.15 22.27
CA PHE F 463 -28.16 -12.45 21.75
C PHE F 463 -28.51 -11.80 20.42
N ALA F 464 -27.82 -10.73 20.08
CA ALA F 464 -28.02 -10.05 18.82
C ALA F 464 -26.74 -9.32 18.44
N ILE F 465 -26.45 -9.29 17.13
CA ILE F 465 -25.33 -8.50 16.64
C ILE F 465 -25.55 -7.04 17.01
N GLY F 466 -24.52 -6.40 17.55
CA GLY F 466 -24.58 -5.00 17.92
C GLY F 466 -25.13 -4.75 19.31
N THR F 467 -25.47 -5.81 20.05
CA THR F 467 -25.89 -5.72 21.43
C THR F 467 -24.87 -6.46 22.29
N SER F 468 -24.52 -5.92 23.42
CA SER F 468 -23.60 -6.60 24.29
C SER F 468 -24.15 -7.93 24.81
N PRO F 469 -23.25 -8.97 24.86
CA PRO F 469 -23.77 -10.25 25.33
C PRO F 469 -24.26 -10.30 26.77
N ASP F 470 -23.61 -9.63 27.67
CA ASP F 470 -24.04 -9.62 29.04
C ASP F 470 -24.53 -8.26 29.34
N GLN F 471 -25.39 -8.15 30.34
CA GLN F 471 -25.93 -6.87 30.69
C GLN F 471 -25.55 -6.50 32.13
N LYS G 8 -54.04 1.37 14.17
CA LYS G 8 -53.54 1.02 12.85
C LYS G 8 -54.66 0.56 11.93
N VAL G 9 -54.69 1.13 10.73
CA VAL G 9 -55.73 0.83 9.74
C VAL G 9 -55.39 -0.47 9.02
N SER G 10 -56.37 -1.39 8.97
CA SER G 10 -56.28 -2.56 8.12
C SER G 10 -57.50 -2.76 7.22
N LYS G 11 -58.55 -1.98 7.41
CA LYS G 11 -59.79 -2.10 6.65
C LYS G 11 -60.20 -0.71 6.17
N VAL G 12 -60.11 -0.48 4.86
CA VAL G 12 -60.42 0.82 4.27
C VAL G 12 -61.70 0.70 3.45
N VAL G 13 -62.57 1.69 3.60
CA VAL G 13 -63.77 1.81 2.79
C VAL G 13 -63.75 3.18 2.11
N CYS G 14 -64.25 3.24 0.89
CA CYS G 14 -64.41 4.49 0.17
C CYS G 14 -65.82 4.59 -0.38
N VAL G 15 -66.52 5.65 -0.02
CA VAL G 15 -67.84 5.93 -0.59
C VAL G 15 -67.61 6.76 -1.84
N GLY G 16 -67.95 6.19 -2.99
CA GLY G 16 -67.69 6.85 -4.26
C GLY G 16 -66.79 6.03 -5.17
N ALA G 17 -67.39 5.40 -6.18
CA ALA G 17 -66.63 4.57 -7.11
C ALA G 17 -66.49 5.27 -8.45
N GLY G 18 -66.05 6.53 -8.44
CA GLY G 18 -65.90 7.32 -9.65
C GLY G 18 -64.47 7.38 -10.12
N TYR G 19 -64.16 8.45 -10.88
CA TYR G 19 -62.81 8.61 -11.40
C TYR G 19 -61.78 8.82 -10.31
N VAL G 20 -62.20 9.29 -9.13
CA VAL G 20 -61.31 9.48 -7.98
C VAL G 20 -61.34 8.24 -7.11
N GLY G 21 -62.54 7.84 -6.65
CA GLY G 21 -62.63 6.79 -5.65
C GLY G 21 -62.14 5.45 -6.14
N GLY G 22 -62.55 5.05 -7.34
CA GLY G 22 -62.16 3.79 -7.92
C GLY G 22 -60.66 3.62 -8.05
N PRO G 23 -60.04 4.44 -8.90
CA PRO G 23 -58.58 4.34 -9.09
C PRO G 23 -57.76 4.46 -7.81
N THR G 24 -58.13 5.38 -6.92
CA THR G 24 -57.38 5.56 -5.68
C THR G 24 -57.35 4.28 -4.85
N CYS G 25 -58.52 3.64 -4.70
CA CYS G 25 -58.60 2.42 -3.91
C CYS G 25 -57.89 1.25 -4.59
N ALA G 26 -57.97 1.18 -5.92
CA ALA G 26 -57.26 0.13 -6.64
C ALA G 26 -55.77 0.21 -6.34
N MET G 27 -55.24 1.44 -6.28
CA MET G 27 -53.82 1.60 -5.99
C MET G 27 -53.51 1.23 -4.55
N ILE G 28 -54.40 1.56 -3.61
CA ILE G 28 -54.18 1.19 -2.22
C ILE G 28 -54.10 -0.32 -2.07
N ALA G 29 -55.07 -1.04 -2.62
CA ALA G 29 -55.03 -2.50 -2.58
C ALA G 29 -53.80 -3.04 -3.31
N HIS G 30 -53.43 -2.42 -4.43
CA HIS G 30 -52.29 -2.88 -5.21
C HIS G 30 -50.98 -2.75 -4.45
N LYS G 31 -50.86 -1.76 -3.56
CA LYS G 31 -49.62 -1.50 -2.85
C LYS G 31 -49.66 -1.97 -1.40
N CYS G 32 -50.82 -2.36 -0.88
CA CYS G 32 -50.98 -2.77 0.52
C CYS G 32 -51.66 -4.13 0.61
N PRO G 33 -50.89 -5.21 0.51
CA PRO G 33 -51.50 -6.56 0.56
C PRO G 33 -52.24 -6.85 1.86
N HIS G 34 -51.84 -6.23 2.97
CA HIS G 34 -52.45 -6.52 4.26
C HIS G 34 -53.66 -5.64 4.57
N ILE G 35 -54.07 -4.77 3.64
CA ILE G 35 -55.22 -3.90 3.82
C ILE G 35 -56.34 -4.40 2.93
N THR G 36 -57.54 -4.49 3.49
CA THR G 36 -58.75 -4.75 2.70
C THR G 36 -59.38 -3.41 2.30
N VAL G 37 -59.62 -3.24 1.01
CA VAL G 37 -60.22 -2.03 0.47
C VAL G 37 -61.58 -2.38 -0.14
N THR G 38 -62.63 -1.73 0.37
CA THR G 38 -63.99 -1.92 -0.12
C THR G 38 -64.50 -0.61 -0.67
N VAL G 39 -64.94 -0.62 -1.93
CA VAL G 39 -65.50 0.56 -2.59
C VAL G 39 -67.00 0.38 -2.69
N VAL G 40 -67.75 1.40 -2.27
CA VAL G 40 -69.20 1.38 -2.29
C VAL G 40 -69.70 2.61 -3.03
N ASP G 41 -70.96 2.55 -3.46
CA ASP G 41 -71.53 3.61 -4.29
C ASP G 41 -73.05 3.48 -4.27
N MET G 42 -73.74 4.61 -4.40
CA MET G 42 -75.20 4.57 -4.50
C MET G 42 -75.66 3.90 -5.79
N ASN G 43 -74.83 3.94 -6.83
CA ASN G 43 -75.17 3.39 -8.14
C ASN G 43 -74.77 1.92 -8.15
N THR G 44 -75.77 1.03 -8.00
CA THR G 44 -75.48 -0.40 -7.98
C THR G 44 -75.07 -0.90 -9.35
N ALA G 45 -75.62 -0.31 -10.42
CA ALA G 45 -75.20 -0.71 -11.76
C ALA G 45 -73.74 -0.36 -12.01
N LYS G 46 -73.25 0.73 -11.43
CA LYS G 46 -71.84 1.07 -11.58
C LYS G 46 -70.95 0.07 -10.85
N ILE G 47 -71.37 -0.36 -9.65
CA ILE G 47 -70.62 -1.38 -8.91
C ILE G 47 -70.60 -2.69 -9.68
N ALA G 48 -71.72 -3.04 -10.31
CA ALA G 48 -71.74 -4.26 -11.12
C ALA G 48 -70.74 -4.18 -12.26
N GLU G 49 -70.56 -2.99 -12.84
CA GLU G 49 -69.57 -2.81 -13.89
C GLU G 49 -68.16 -2.93 -13.34
N TRP G 50 -67.92 -2.40 -12.13
CA TRP G 50 -66.62 -2.55 -11.49
C TRP G 50 -66.28 -4.01 -11.23
N ASN G 51 -67.29 -4.86 -11.05
CA ASN G 51 -67.09 -6.29 -10.81
C ASN G 51 -67.10 -7.11 -12.09
N SER G 52 -67.28 -6.48 -13.24
CA SER G 52 -67.33 -7.17 -14.51
C SER G 52 -65.98 -7.04 -15.22
N ASP G 53 -65.92 -7.53 -16.46
CA ASP G 53 -64.72 -7.43 -17.27
C ASP G 53 -64.63 -6.13 -18.07
N LYS G 54 -65.63 -5.27 -17.97
CA LYS G 54 -65.62 -3.95 -18.57
C LYS G 54 -65.81 -2.92 -17.47
N LEU G 55 -64.71 -2.31 -17.02
CA LEU G 55 -64.76 -1.34 -15.95
C LEU G 55 -65.50 -0.08 -16.43
N PRO G 56 -66.17 0.63 -15.52
CA PRO G 56 -67.02 1.76 -15.94
C PRO G 56 -66.25 2.96 -16.45
N ILE G 57 -64.93 2.96 -16.34
CA ILE G 57 -64.10 4.03 -16.88
C ILE G 57 -62.93 3.37 -17.59
N TYR G 58 -62.32 4.12 -18.51
CA TYR G 58 -61.09 3.70 -19.15
C TYR G 58 -59.95 4.53 -18.62
N GLU G 59 -58.99 3.86 -17.98
CA GLU G 59 -57.80 4.48 -17.48
C GLU G 59 -56.68 3.50 -17.84
N PRO G 60 -55.60 3.98 -18.48
CA PRO G 60 -54.49 3.08 -18.82
C PRO G 60 -53.94 2.38 -17.59
N GLY G 61 -53.82 1.05 -17.70
CA GLY G 61 -53.28 0.24 -16.63
C GLY G 61 -54.25 -0.09 -15.52
N LEU G 62 -55.46 0.49 -15.53
CA LEU G 62 -56.39 0.28 -14.43
C LEU G 62 -56.96 -1.14 -14.45
N ASP G 63 -57.28 -1.65 -15.64
CA ASP G 63 -57.84 -3.00 -15.74
C ASP G 63 -56.89 -4.01 -15.13
N GLU G 64 -55.60 -3.93 -15.48
CA GLU G 64 -54.62 -4.87 -14.95
C GLU G 64 -54.54 -4.81 -13.44
N ILE G 65 -54.53 -3.61 -12.87
CA ILE G 65 -54.44 -3.48 -11.41
C ILE G 65 -55.68 -4.04 -10.75
N VAL G 66 -56.86 -3.67 -11.27
CA VAL G 66 -58.12 -4.06 -10.63
C VAL G 66 -58.33 -5.56 -10.73
N PHE G 67 -58.13 -6.14 -11.91
CA PHE G 67 -58.36 -7.56 -12.08
C PHE G 67 -57.45 -8.40 -11.19
N ALA G 68 -56.25 -7.90 -10.91
CA ALA G 68 -55.31 -8.65 -10.08
C ALA G 68 -55.62 -8.56 -8.59
N ALA G 69 -56.31 -7.50 -8.16
CA ALA G 69 -56.56 -7.33 -6.74
C ALA G 69 -57.99 -7.67 -6.34
N ARG G 70 -58.97 -7.46 -7.22
CA ARG G 70 -60.35 -7.64 -6.81
C ARG G 70 -60.64 -9.11 -6.54
N GLY G 71 -61.28 -9.35 -5.40
CA GLY G 71 -61.51 -10.68 -4.89
C GLY G 71 -60.49 -11.13 -3.87
N ARG G 72 -59.36 -10.43 -3.77
CA ARG G 72 -58.35 -10.75 -2.76
C ARG G 72 -58.44 -9.74 -1.62
N ASN G 73 -58.02 -8.50 -1.89
CA ASN G 73 -58.14 -7.43 -0.89
C ASN G 73 -58.83 -6.18 -1.43
N LEU G 74 -59.38 -6.22 -2.64
CA LEU G 74 -60.14 -5.11 -3.21
C LEU G 74 -61.54 -5.60 -3.55
N PHE G 75 -62.56 -4.90 -3.07
CA PHE G 75 -63.94 -5.34 -3.25
C PHE G 75 -64.83 -4.16 -3.62
N PHE G 76 -65.84 -4.44 -4.44
CA PHE G 76 -66.86 -3.47 -4.81
C PHE G 76 -68.20 -3.98 -4.34
N SER G 77 -68.85 -3.23 -3.45
CA SER G 77 -70.09 -3.66 -2.84
C SER G 77 -71.15 -2.57 -2.95
N SER G 78 -72.41 -2.99 -2.87
CA SER G 78 -73.53 -2.09 -2.74
C SER G 78 -74.15 -2.12 -1.35
N ASP G 79 -73.59 -2.93 -0.44
CA ASP G 79 -74.04 -2.99 0.95
C ASP G 79 -73.24 -1.96 1.74
N ILE G 80 -73.68 -0.72 1.66
CA ILE G 80 -73.00 0.42 2.27
C ILE G 80 -72.97 0.34 3.79
N PRO G 81 -74.08 0.03 4.48
CA PRO G 81 -74.00 -0.05 5.95
C PRO G 81 -72.99 -1.07 6.46
N LYS G 82 -72.93 -2.24 5.84
CA LYS G 82 -71.99 -3.27 6.28
C LYS G 82 -70.54 -2.82 6.11
N ALA G 83 -70.23 -2.17 4.98
CA ALA G 83 -68.87 -1.70 4.76
C ALA G 83 -68.48 -0.61 5.75
N ILE G 84 -69.39 0.32 6.04
CA ILE G 84 -69.10 1.42 6.95
C ILE G 84 -68.81 0.89 8.35
N ALA G 85 -69.63 -0.05 8.82
CA ALA G 85 -69.50 -0.54 10.18
C ALA G 85 -68.19 -1.30 10.38
N GLU G 86 -67.69 -1.98 9.36
CA GLU G 86 -66.50 -2.80 9.55
C GLU G 86 -65.20 -2.05 9.28
N ALA G 87 -65.27 -0.81 8.82
CA ALA G 87 -64.07 -0.10 8.37
C ALA G 87 -63.30 0.49 9.55
N ASP G 88 -61.98 0.63 9.36
CA ASP G 88 -61.14 1.45 10.21
C ASP G 88 -61.08 2.89 9.70
N LEU G 89 -61.00 3.06 8.39
CA LEU G 89 -60.87 4.37 7.77
C LEU G 89 -61.80 4.44 6.56
N ILE G 90 -62.47 5.59 6.40
CA ILE G 90 -63.51 5.75 5.39
C ILE G 90 -63.20 6.99 4.57
N PHE G 91 -62.94 6.79 3.27
CA PHE G 91 -62.85 7.90 2.33
C PHE G 91 -64.23 8.33 1.87
N ILE G 92 -64.42 9.63 1.70
CA ILE G 92 -65.59 10.19 1.02
C ILE G 92 -65.12 10.85 -0.25
N SER G 93 -65.57 10.33 -1.39
CA SER G 93 -65.18 10.84 -2.70
C SER G 93 -66.42 10.86 -3.61
N VAL G 94 -67.36 11.76 -3.29
CA VAL G 94 -68.60 11.82 -4.04
C VAL G 94 -68.69 13.14 -4.77
N ASN G 95 -69.77 13.34 -5.53
CA ASN G 95 -69.94 14.56 -6.31
C ASN G 95 -70.25 15.75 -5.40
N THR G 96 -69.78 16.92 -5.82
CA THR G 96 -70.20 18.21 -5.27
C THR G 96 -70.62 19.08 -6.44
N PRO G 97 -71.75 18.76 -7.07
CA PRO G 97 -72.15 19.46 -8.29
C PRO G 97 -72.38 20.94 -8.03
N THR G 98 -72.10 21.75 -9.05
CA THR G 98 -72.28 23.20 -8.95
C THR G 98 -73.75 23.57 -8.73
N LYS G 99 -73.98 24.45 -7.79
CA LYS G 99 -75.30 24.88 -7.44
C LYS G 99 -75.88 25.51 -8.64
N MET G 100 -77.03 25.00 -9.08
CA MET G 100 -77.70 25.52 -10.26
C MET G 100 -78.70 26.60 -9.90
N TYR G 101 -78.99 26.70 -8.60
CA TYR G 101 -79.93 27.67 -8.09
C TYR G 101 -79.45 28.18 -6.74
N GLY G 102 -79.92 29.37 -6.37
CA GLY G 102 -79.52 29.95 -5.10
C GLY G 102 -78.21 30.69 -5.11
N ARG G 103 -77.75 31.01 -3.90
CA ARG G 103 -76.53 31.73 -3.68
C ARG G 103 -75.43 30.98 -4.35
N GLY G 104 -74.56 31.67 -5.05
CA GLY G 104 -73.46 31.06 -5.76
C GLY G 104 -73.86 30.26 -6.98
N LYS G 105 -74.98 30.61 -7.61
CA LYS G 105 -75.43 29.93 -8.82
C LYS G 105 -74.31 29.85 -9.85
N GLY G 106 -74.07 28.64 -10.36
CA GLY G 106 -73.03 28.43 -11.35
C GLY G 106 -71.61 28.62 -10.86
N MET G 107 -71.39 28.70 -9.56
CA MET G 107 -70.04 28.95 -9.05
C MET G 107 -69.69 28.12 -7.83
N ALA G 108 -70.61 27.93 -6.94
CA ALA G 108 -70.31 27.27 -5.67
C ALA G 108 -70.70 25.80 -5.72
N PRO G 109 -69.96 24.94 -5.03
CA PRO G 109 -70.34 23.52 -5.00
C PRO G 109 -71.48 23.28 -4.02
N ASP G 110 -72.30 22.29 -4.34
CA ASP G 110 -73.38 21.84 -3.48
C ASP G 110 -72.89 20.64 -2.67
N LEU G 111 -72.84 20.79 -1.36
CA LEU G 111 -72.31 19.77 -0.47
C LEU G 111 -73.38 18.80 0.03
N LYS G 112 -74.52 18.72 -0.67
CA LYS G 112 -75.63 17.88 -0.18
C LYS G 112 -75.22 16.41 -0.07
N TYR G 113 -74.44 15.92 -1.04
CA TYR G 113 -74.05 14.51 -1.02
C TYR G 113 -72.97 14.27 0.03
N VAL G 114 -72.04 15.22 0.19
CA VAL G 114 -70.99 15.06 1.20
C VAL G 114 -71.61 15.01 2.59
N GLU G 115 -72.64 15.83 2.83
CA GLU G 115 -73.32 15.81 4.11
C GLU G 115 -74.17 14.56 4.26
N SER G 116 -74.83 14.14 3.18
CA SER G 116 -75.68 12.95 3.25
C SER G 116 -74.86 11.71 3.59
N VAL G 117 -73.68 11.58 2.97
CA VAL G 117 -72.80 10.46 3.29
C VAL G 117 -72.31 10.54 4.72
N SER G 118 -72.04 11.74 5.23
CA SER G 118 -71.59 11.90 6.60
C SER G 118 -72.63 11.39 7.59
N ARG G 119 -73.92 11.60 7.29
CA ARG G 119 -74.96 11.15 8.21
C ARG G 119 -75.08 9.64 8.23
N THR G 120 -75.01 9.00 7.06
CA THR G 120 -75.05 7.54 7.01
C THR G 120 -73.85 6.95 7.75
N ILE G 121 -72.69 7.61 7.67
CA ILE G 121 -71.52 7.16 8.41
C ILE G 121 -71.79 7.24 9.91
N ALA G 122 -72.38 8.35 10.36
CA ALA G 122 -72.72 8.50 11.77
C ALA G 122 -73.73 7.45 12.21
N GLN G 123 -74.62 7.04 11.31
CA GLN G 123 -75.67 6.09 11.67
C GLN G 123 -75.13 4.68 11.82
N TYR G 124 -74.12 4.29 11.02
CA TYR G 124 -73.68 2.91 10.97
C TYR G 124 -72.24 2.70 11.44
N ALA G 125 -71.56 3.75 11.90
CA ALA G 125 -70.17 3.59 12.32
C ALA G 125 -70.02 2.55 13.42
N GLY G 126 -70.79 2.68 14.50
CA GLY G 126 -70.74 1.74 15.60
C GLY G 126 -69.42 1.69 16.33
N GLY G 127 -68.57 2.69 16.15
CA GLY G 127 -67.26 2.71 16.77
C GLY G 127 -66.40 3.81 16.18
N PRO G 128 -65.21 4.01 16.74
CA PRO G 128 -64.33 5.07 16.23
C PRO G 128 -63.93 4.82 14.77
N LYS G 129 -63.92 5.90 13.98
CA LYS G 129 -63.56 5.86 12.58
C LYS G 129 -62.74 7.10 12.23
N ILE G 130 -61.82 6.92 11.29
CA ILE G 130 -61.13 8.03 10.62
C ILE G 130 -61.83 8.29 9.30
N VAL G 131 -62.25 9.53 9.07
CA VAL G 131 -62.97 9.92 7.87
C VAL G 131 -62.12 10.89 7.07
N VAL G 132 -61.92 10.60 5.79
CA VAL G 132 -61.03 11.34 4.91
C VAL G 132 -61.83 11.85 3.73
N GLU G 133 -61.89 13.17 3.57
CA GLU G 133 -62.50 13.77 2.40
C GLU G 133 -61.42 13.85 1.32
N LYS G 134 -61.68 13.19 0.18
CA LYS G 134 -60.71 13.09 -0.89
C LYS G 134 -61.42 13.43 -2.20
N SER G 135 -61.06 14.56 -2.79
CA SER G 135 -61.61 14.99 -4.06
C SER G 135 -60.68 15.92 -4.79
N THR G 136 -60.96 16.20 -6.04
CA THR G 136 -60.17 17.11 -6.85
C THR G 136 -60.32 18.58 -6.48
N VAL G 137 -61.54 18.94 -6.09
CA VAL G 137 -61.84 20.31 -5.74
C VAL G 137 -62.59 20.47 -4.43
N PRO G 138 -61.81 20.32 -3.29
CA PRO G 138 -62.54 20.51 -2.04
C PRO G 138 -62.56 21.93 -1.55
N VAL G 139 -63.71 22.38 -1.12
CA VAL G 139 -63.82 23.70 -0.59
C VAL G 139 -64.72 23.63 0.59
N LYS G 140 -64.16 23.52 1.76
CA LYS G 140 -64.96 23.47 2.95
C LYS G 140 -65.71 22.18 3.03
N ALA G 141 -65.39 21.21 2.20
CA ALA G 141 -66.09 19.93 2.28
C ALA G 141 -65.77 19.18 3.57
N ALA G 142 -64.51 19.22 4.00
CA ALA G 142 -64.14 18.54 5.24
C ALA G 142 -64.75 19.22 6.46
N GLU G 143 -64.93 20.54 6.42
CA GLU G 143 -65.55 21.23 7.56
C GLU G 143 -67.01 20.81 7.73
N SER G 144 -67.72 20.58 6.63
CA SER G 144 -69.11 20.14 6.73
C SER G 144 -69.18 18.70 7.22
N ILE G 145 -68.23 17.86 6.79
CA ILE G 145 -68.15 16.50 7.35
C ILE G 145 -67.90 16.58 8.86
N GLY G 146 -66.93 17.40 9.27
CA GLY G 146 -66.62 17.51 10.68
C GLY G 146 -67.76 18.07 11.50
N CYS G 147 -68.53 18.99 10.92
CA CYS G 147 -69.67 19.53 11.65
C CYS G 147 -70.66 18.43 12.03
N ILE G 148 -70.95 17.51 11.09
CA ILE G 148 -71.90 16.44 11.36
C ILE G 148 -71.30 15.43 12.33
N LEU G 149 -70.03 15.06 12.13
CA LEU G 149 -69.42 14.02 12.93
C LEU G 149 -69.04 14.49 14.32
N ARG G 150 -68.76 15.78 14.51
CA ARG G 150 -68.50 16.29 15.85
C ARG G 150 -69.74 16.16 16.72
N GLU G 151 -70.91 16.45 16.16
CA GLU G 151 -72.17 16.28 16.90
C GLU G 151 -72.47 14.81 17.15
N ALA G 152 -72.11 13.93 16.20
CA ALA G 152 -72.28 12.50 16.42
C ALA G 152 -71.48 12.06 17.64
N GLN G 153 -70.28 12.61 17.81
CA GLN G 153 -69.49 12.32 19.00
C GLN G 153 -70.15 12.87 20.25
N LYS G 154 -70.76 14.04 20.14
CA LYS G 154 -71.39 14.63 21.31
C LYS G 154 -72.54 13.78 21.76
N ASN G 155 -73.37 13.39 20.82
CA ASN G 155 -74.50 12.57 21.14
C ASN G 155 -74.16 11.18 21.65
N ASN G 156 -73.17 10.54 21.07
CA ASN G 156 -72.73 9.25 21.53
C ASN G 156 -71.22 9.24 21.64
N GLU G 157 -70.67 9.27 22.83
CA GLU G 157 -69.23 9.31 22.99
C GLU G 157 -68.55 8.07 22.51
N ASN G 158 -69.31 7.00 22.34
CA ASN G 158 -68.71 5.77 21.87
C ASN G 158 -68.15 5.87 20.45
N LEU G 159 -68.64 6.81 19.67
CA LEU G 159 -68.13 6.98 18.32
C LEU G 159 -67.15 8.10 18.29
N LYS G 160 -65.87 7.77 18.17
CA LYS G 160 -64.79 8.75 18.11
C LYS G 160 -64.38 8.99 16.65
N PHE G 161 -64.69 10.18 16.13
CA PHE G 161 -64.40 10.51 14.74
C PHE G 161 -63.24 11.49 14.63
N GLN G 162 -62.41 11.31 13.61
CA GLN G 162 -61.42 12.28 13.19
C GLN G 162 -61.52 12.49 11.68
N VAL G 163 -61.77 13.71 11.27
CA VAL G 163 -61.97 14.05 9.86
C VAL G 163 -60.67 14.59 9.29
N LEU G 164 -60.25 14.04 8.15
CA LEU G 164 -59.05 14.49 7.45
C LEU G 164 -59.40 14.98 6.05
N SER G 165 -58.53 15.84 5.53
CA SER G 165 -58.59 16.29 4.15
CA SER G 165 -58.59 16.29 4.15
C SER G 165 -57.39 15.72 3.41
N ASN G 166 -57.65 14.98 2.35
CA ASN G 166 -56.59 14.33 1.56
C ASN G 166 -56.92 14.52 0.09
N PRO G 167 -56.68 15.72 -0.45
CA PRO G 167 -57.00 15.97 -1.87
C PRO G 167 -56.25 15.03 -2.80
N GLU G 168 -56.88 14.73 -3.93
CA GLU G 168 -56.33 13.83 -4.94
C GLU G 168 -55.67 14.63 -6.05
N PHE G 169 -54.45 14.24 -6.42
CA PHE G 169 -53.67 14.96 -7.42
C PHE G 169 -53.53 14.23 -8.74
N LEU G 170 -54.10 13.03 -8.88
CA LEU G 170 -54.01 12.31 -10.15
C LEU G 170 -54.63 13.13 -11.27
N ALA G 171 -54.06 12.98 -12.47
CA ALA G 171 -54.68 13.47 -13.68
C ALA G 171 -55.20 12.28 -14.46
N GLU G 172 -56.41 12.41 -14.99
CA GLU G 172 -56.98 11.31 -15.76
C GLU G 172 -56.17 11.06 -17.02
N GLY G 173 -56.18 9.80 -17.48
CA GLY G 173 -55.31 9.35 -18.52
C GLY G 173 -53.96 8.88 -18.01
N THR G 174 -53.52 9.43 -16.87
CA THR G 174 -52.28 9.06 -16.20
C THR G 174 -52.53 8.71 -14.73
N ALA G 175 -53.73 8.22 -14.41
CA ALA G 175 -54.08 8.06 -13.00
C ALA G 175 -53.20 7.04 -12.30
N MET G 176 -52.95 5.90 -12.94
CA MET G 176 -52.16 4.87 -12.26
C MET G 176 -50.72 5.31 -12.09
N LYS G 177 -50.16 6.01 -13.08
CA LYS G 177 -48.81 6.54 -12.94
C LYS G 177 -48.75 7.60 -11.85
N ASP G 178 -49.75 8.50 -11.79
CA ASP G 178 -49.75 9.55 -10.79
C ASP G 178 -49.98 8.98 -9.39
N LEU G 179 -50.88 8.00 -9.25
CA LEU G 179 -51.15 7.41 -7.95
C LEU G 179 -49.96 6.59 -7.46
N ALA G 180 -49.20 5.98 -8.37
CA ALA G 180 -48.09 5.14 -7.95
C ALA G 180 -46.86 5.94 -7.54
N ASN G 181 -46.61 7.08 -8.17
CA ASN G 181 -45.45 7.92 -7.84
C ASN G 181 -45.88 9.38 -7.85
N PRO G 182 -46.67 9.80 -6.86
CA PRO G 182 -47.11 11.20 -6.83
C PRO G 182 -45.97 12.14 -6.48
N ASP G 183 -46.03 13.34 -7.07
CA ASP G 183 -45.09 14.39 -6.69
C ASP G 183 -45.28 14.77 -5.22
N ARG G 184 -46.51 14.70 -4.72
CA ARG G 184 -46.83 15.11 -3.38
C ARG G 184 -48.12 14.45 -2.94
N VAL G 185 -48.20 14.16 -1.64
CA VAL G 185 -49.42 13.71 -0.98
C VAL G 185 -49.73 14.73 0.10
N LEU G 186 -50.93 15.30 0.06
CA LEU G 186 -51.33 16.40 0.94
C LEU G 186 -52.38 15.90 1.92
N ILE G 187 -52.11 16.02 3.22
CA ILE G 187 -53.00 15.56 4.26
C ILE G 187 -53.21 16.68 5.27
N GLY G 188 -54.46 17.00 5.54
CA GLY G 188 -54.81 18.01 6.53
C GLY G 188 -55.69 17.41 7.61
N GLY G 189 -55.45 17.82 8.85
CA GLY G 189 -56.26 17.38 9.97
C GLY G 189 -56.14 18.38 11.10
N GLU G 190 -57.03 18.23 12.07
CA GLU G 190 -57.02 19.14 13.21
C GLU G 190 -55.82 18.87 14.11
N SER G 191 -55.32 19.93 14.74
CA SER G 191 -54.11 19.86 15.56
C SER G 191 -54.51 19.54 17.00
N SER G 192 -54.62 18.25 17.29
CA SER G 192 -54.99 17.74 18.60
C SER G 192 -54.44 16.32 18.71
N PRO G 193 -54.37 15.76 19.92
CA PRO G 193 -53.84 14.39 20.04
C PRO G 193 -54.50 13.40 19.09
N GLU G 194 -55.83 13.33 19.08
CA GLU G 194 -56.49 12.42 18.16
C GLU G 194 -56.30 12.81 16.71
N GLY G 195 -56.26 14.11 16.42
CA GLY G 195 -56.03 14.56 15.05
C GLY G 195 -54.67 14.14 14.53
N LEU G 196 -53.63 14.32 15.34
CA LEU G 196 -52.30 13.88 14.95
C LEU G 196 -52.22 12.36 14.86
N GLN G 197 -52.94 11.64 15.73
CA GLN G 197 -52.96 10.18 15.62
C GLN G 197 -53.62 9.73 14.32
N ALA G 198 -54.74 10.36 13.96
CA ALA G 198 -55.42 10.00 12.72
C ALA G 198 -54.57 10.32 11.49
N VAL G 199 -53.91 11.47 11.48
CA VAL G 199 -53.04 11.83 10.36
C VAL G 199 -51.90 10.81 10.23
N ALA G 200 -51.31 10.42 11.37
CA ALA G 200 -50.21 9.47 11.33
C ALA G 200 -50.65 8.13 10.76
N GLU G 201 -51.89 7.71 11.05
CA GLU G 201 -52.36 6.43 10.53
C GLU G 201 -52.66 6.51 9.03
N LEU G 202 -53.06 7.67 8.51
CA LEU G 202 -53.20 7.79 7.06
C LEU G 202 -51.83 7.89 6.39
N VAL G 203 -50.88 8.59 7.02
CA VAL G 203 -49.52 8.62 6.50
C VAL G 203 -48.94 7.22 6.44
N ARG G 204 -49.27 6.39 7.44
CA ARG G 204 -48.74 5.03 7.52
C ARG G 204 -49.19 4.22 6.31
N ILE G 205 -50.42 4.41 5.84
CA ILE G 205 -50.88 3.72 4.63
C ILE G 205 -50.05 4.13 3.43
N TYR G 206 -49.92 5.45 3.21
CA TYR G 206 -49.23 5.93 2.01
C TYR G 206 -47.74 5.58 2.03
N GLU G 207 -47.14 5.46 3.22
CA GLU G 207 -45.72 5.12 3.30
C GLU G 207 -45.41 3.71 2.80
N ASN G 208 -46.42 2.90 2.50
CA ASN G 208 -46.16 1.61 1.86
C ASN G 208 -45.55 1.76 0.48
N TRP G 209 -45.73 2.91 -0.19
CA TRP G 209 -45.18 3.11 -1.52
C TRP G 209 -44.78 4.54 -1.83
N VAL G 210 -45.02 5.50 -0.95
CA VAL G 210 -44.66 6.90 -1.17
C VAL G 210 -43.55 7.26 -0.20
N PRO G 211 -42.43 7.82 -0.66
CA PRO G 211 -41.38 8.25 0.28
C PRO G 211 -41.89 9.34 1.22
N ARG G 212 -41.34 9.35 2.43
CA ARG G 212 -41.83 10.26 3.47
C ARG G 212 -41.66 11.73 3.08
N ASN G 213 -40.54 12.08 2.44
CA ASN G 213 -40.30 13.49 2.12
C ASN G 213 -41.27 14.04 1.08
N ARG G 214 -42.17 13.22 0.53
CA ARG G 214 -43.16 13.70 -0.43
C ARG G 214 -44.54 13.83 0.20
N ILE G 215 -44.68 13.60 1.49
CA ILE G 215 -45.95 13.68 2.20
C ILE G 215 -45.96 14.96 3.00
N ILE G 216 -46.95 15.83 2.73
CA ILE G 216 -47.08 17.12 3.39
C ILE G 216 -48.30 17.06 4.30
N THR G 217 -48.08 17.37 5.58
CA THR G 217 -49.15 17.42 6.56
C THR G 217 -49.33 18.84 7.04
N THR G 218 -50.59 19.25 7.18
CA THR G 218 -50.93 20.61 7.62
C THR G 218 -52.31 20.54 8.25
N ASN G 219 -52.92 21.70 8.51
CA ASN G 219 -54.28 21.69 9.03
C ASN G 219 -55.28 21.50 7.89
N THR G 220 -56.54 21.33 8.27
CA THR G 220 -57.57 20.95 7.31
C THR G 220 -57.74 21.99 6.21
N TRP G 221 -57.91 23.25 6.60
CA TRP G 221 -58.20 24.28 5.60
C TRP G 221 -57.01 24.52 4.67
N SER G 222 -55.79 24.51 5.22
CA SER G 222 -54.61 24.72 4.39
C SER G 222 -54.51 23.65 3.31
N SER G 223 -54.86 22.42 3.66
CA SER G 223 -54.85 21.34 2.67
C SER G 223 -55.84 21.63 1.55
N GLU G 224 -57.04 22.09 1.90
CA GLU G 224 -58.05 22.35 0.88
C GLU G 224 -57.69 23.57 0.04
N LEU G 225 -57.21 24.65 0.69
CA LEU G 225 -56.85 25.84 -0.06
C LEU G 225 -55.67 25.59 -0.99
N SER G 226 -54.69 24.80 -0.54
CA SER G 226 -53.54 24.50 -1.39
C SER G 226 -53.98 23.78 -2.65
N LYS G 227 -54.89 22.81 -2.51
CA LYS G 227 -55.42 22.13 -3.68
C LYS G 227 -56.17 23.09 -4.59
N LEU G 228 -57.03 23.93 -4.00
CA LEU G 228 -57.79 24.91 -4.79
C LEU G 228 -56.86 25.81 -5.57
N VAL G 229 -55.77 26.27 -4.95
CA VAL G 229 -54.83 27.16 -5.61
C VAL G 229 -53.97 26.41 -6.63
N ALA G 230 -53.56 25.19 -6.30
CA ALA G 230 -52.71 24.42 -7.21
C ALA G 230 -53.42 24.17 -8.54
N ASN G 231 -54.69 23.74 -8.50
CA ASN G 231 -55.44 23.52 -9.73
C ASN G 231 -55.52 24.80 -10.56
N ALA G 232 -55.76 25.93 -9.90
CA ALA G 232 -55.93 27.21 -10.60
C ALA G 232 -54.64 27.65 -11.29
N PHE G 233 -53.50 27.40 -10.65
CA PHE G 233 -52.22 27.69 -11.29
C PHE G 233 -52.07 26.88 -12.58
N LEU G 234 -52.42 25.59 -12.53
CA LEU G 234 -52.31 24.76 -13.73
C LEU G 234 -53.20 25.31 -14.85
N ALA G 235 -54.45 25.63 -14.52
CA ALA G 235 -55.35 26.20 -15.53
C ALA G 235 -54.82 27.52 -16.07
N GLN G 236 -54.13 28.31 -15.23
CA GLN G 236 -53.62 29.59 -15.68
C GLN G 236 -52.51 29.42 -16.69
N ARG G 237 -51.64 28.42 -16.50
CA ARG G 237 -50.59 28.17 -17.49
C ARG G 237 -51.18 27.91 -18.87
N ILE G 238 -52.27 27.15 -18.94
CA ILE G 238 -52.87 26.83 -20.23
C ILE G 238 -53.53 28.07 -20.83
N SER G 239 -54.30 28.80 -20.02
CA SER G 239 -54.93 30.03 -20.50
C SER G 239 -53.88 31.07 -20.90
N SER G 240 -52.76 31.11 -20.18
CA SER G 240 -51.70 32.03 -20.57
C SER G 240 -51.12 31.68 -21.92
N ILE G 241 -50.77 30.41 -22.15
CA ILE G 241 -50.20 30.02 -23.43
C ILE G 241 -51.25 30.10 -24.54
N ASN G 242 -52.53 29.85 -24.20
CA ASN G 242 -53.58 29.97 -25.19
C ASN G 242 -53.82 31.42 -25.59
N SER G 243 -53.72 32.35 -24.65
CA SER G 243 -53.87 33.76 -25.01
C SER G 243 -52.73 34.19 -25.94
N ILE G 244 -51.53 33.64 -25.73
CA ILE G 244 -50.40 33.98 -26.59
C ILE G 244 -50.56 33.32 -27.96
N SER G 245 -51.31 32.23 -28.06
CA SER G 245 -51.53 31.60 -29.36
C SER G 245 -52.20 32.54 -30.34
N ALA G 246 -53.08 33.43 -29.86
CA ALA G 246 -53.70 34.40 -30.77
C ALA G 246 -52.69 35.44 -31.22
N VAL G 247 -51.77 35.83 -30.33
CA VAL G 247 -50.74 36.79 -30.71
C VAL G 247 -49.84 36.20 -31.78
N CYS G 248 -49.53 34.92 -31.68
CA CYS G 248 -48.72 34.25 -32.69
C CYS G 248 -49.42 34.24 -34.04
N GLU G 249 -50.72 33.90 -34.06
CA GLU G 249 -51.46 33.92 -35.31
C GLU G 249 -51.47 35.31 -35.92
N ALA G 250 -51.54 36.34 -35.09
CA ALA G 250 -51.67 37.70 -35.62
C ALA G 250 -50.35 38.28 -36.12
N THR G 251 -49.21 37.69 -35.74
CA THR G 251 -47.92 38.28 -36.09
C THR G 251 -46.97 37.30 -36.79
N GLY G 252 -47.42 36.10 -37.12
CA GLY G 252 -46.58 35.18 -37.85
C GLY G 252 -45.56 34.42 -37.04
N ALA G 253 -45.72 34.35 -35.73
CA ALA G 253 -44.88 33.50 -34.89
C ALA G 253 -45.55 32.14 -34.68
N GLU G 254 -44.79 31.22 -34.10
CA GLU G 254 -45.27 29.85 -33.83
C GLU G 254 -45.34 29.68 -32.33
N ILE G 255 -46.52 29.31 -31.82
CA ILE G 255 -46.70 29.14 -30.38
C ILE G 255 -45.81 28.01 -29.85
N SER G 256 -45.54 27.00 -30.68
CA SER G 256 -44.66 25.92 -30.26
CA SER G 256 -44.66 25.92 -30.27
C SER G 256 -43.23 26.42 -30.06
N GLU G 257 -42.79 27.37 -30.90
CA GLU G 257 -41.47 27.95 -30.71
C GLU G 257 -41.46 28.90 -29.50
N VAL G 258 -42.51 29.69 -29.33
CA VAL G 258 -42.59 30.57 -28.16
C VAL G 258 -42.62 29.75 -26.87
N ALA G 259 -43.49 28.74 -26.82
CA ALA G 259 -43.58 27.91 -25.63
C ALA G 259 -42.27 27.19 -25.35
N HIS G 260 -41.62 26.69 -26.40
CA HIS G 260 -40.34 26.01 -26.24
C HIS G 260 -39.32 26.95 -25.60
N ALA G 261 -39.23 28.19 -26.10
CA ALA G 261 -38.26 29.13 -25.58
C ALA G 261 -38.61 29.55 -24.15
N VAL G 262 -39.89 29.77 -23.88
CA VAL G 262 -40.32 30.16 -22.54
C VAL G 262 -39.97 29.06 -21.53
N GLY G 263 -40.20 27.79 -21.89
CA GLY G 263 -40.02 26.70 -20.96
C GLY G 263 -38.58 26.42 -20.55
N TYR G 264 -37.60 26.95 -21.29
CA TYR G 264 -36.20 26.75 -20.93
C TYR G 264 -35.83 27.43 -19.62
N ASP G 265 -36.62 28.40 -19.17
CA ASP G 265 -36.41 29.06 -17.88
C ASP G 265 -36.91 28.13 -16.78
N THR G 266 -35.99 27.63 -15.96
CA THR G 266 -36.38 26.70 -14.90
C THR G 266 -37.29 27.36 -13.86
N ARG G 267 -37.28 28.69 -13.76
CA ARG G 267 -38.22 29.38 -12.87
C ARG G 267 -39.66 29.33 -13.38
N ILE G 268 -39.85 29.09 -14.68
CA ILE G 268 -41.18 28.94 -15.26
C ILE G 268 -41.57 27.47 -15.38
N GLY G 269 -40.62 26.60 -15.72
CA GLY G 269 -40.90 25.21 -15.99
C GLY G 269 -41.40 25.00 -17.41
N SER G 270 -41.13 23.83 -17.99
CA SER G 270 -41.45 23.57 -19.39
C SER G 270 -42.74 22.80 -19.59
N LYS G 271 -43.38 22.33 -18.53
CA LYS G 271 -44.61 21.54 -18.66
C LYS G 271 -45.84 22.42 -18.66
N PHE G 272 -46.94 21.84 -19.14
CA PHE G 272 -48.25 22.52 -19.16
C PHE G 272 -48.18 23.84 -19.93
N LEU G 273 -47.46 23.81 -21.06
CA LEU G 273 -47.39 24.93 -21.98
C LEU G 273 -47.82 24.51 -23.38
N GLN G 274 -48.73 23.54 -23.46
CA GLN G 274 -49.27 23.10 -24.74
C GLN G 274 -50.56 23.87 -25.02
N ALA G 275 -50.54 24.68 -26.07
CA ALA G 275 -51.75 25.37 -26.48
C ALA G 275 -52.79 24.36 -26.96
N SER G 276 -54.06 24.74 -26.87
CA SER G 276 -55.15 23.84 -27.19
C SER G 276 -56.42 24.65 -27.42
N VAL G 277 -57.44 23.95 -27.92
CA VAL G 277 -58.76 24.54 -28.10
C VAL G 277 -59.33 24.98 -26.75
N GLY G 278 -58.84 24.44 -25.66
CA GLY G 278 -59.24 24.84 -24.32
C GLY G 278 -59.22 23.65 -23.38
N PHE G 279 -58.91 23.93 -22.13
CA PHE G 279 -58.87 22.84 -21.16
C PHE G 279 -60.28 22.40 -20.81
N GLY G 280 -60.42 21.10 -20.56
CA GLY G 280 -61.68 20.55 -20.11
C GLY G 280 -61.45 19.74 -18.85
N GLY G 281 -62.41 18.90 -18.49
CA GLY G 281 -62.31 18.13 -17.27
C GLY G 281 -63.19 18.70 -16.17
N SER G 282 -63.53 17.83 -15.23
CA SER G 282 -64.39 18.17 -14.11
C SER G 282 -63.68 18.99 -13.03
N CYS G 283 -62.39 19.28 -13.20
CA CYS G 283 -61.61 19.96 -12.17
C CYS G 283 -61.42 21.45 -12.43
N PHE G 284 -60.76 21.81 -13.55
CA PHE G 284 -60.19 23.15 -13.68
C PHE G 284 -61.26 24.24 -13.66
N GLN G 285 -62.27 24.13 -14.53
CA GLN G 285 -63.28 25.17 -14.58
C GLN G 285 -64.05 25.25 -13.27
N LYS G 286 -64.45 24.10 -12.73
CA LYS G 286 -65.10 24.09 -11.43
C LYS G 286 -64.21 24.73 -10.37
N ASP G 287 -62.90 24.47 -10.46
CA ASP G 287 -61.97 24.97 -9.44
C ASP G 287 -61.83 26.48 -9.52
N VAL G 288 -61.59 27.01 -10.71
CA VAL G 288 -61.42 28.47 -10.85
C VAL G 288 -62.70 29.20 -10.48
N LEU G 289 -63.85 28.70 -10.95
CA LEU G 289 -65.12 29.31 -10.56
C LEU G 289 -65.34 29.19 -9.07
N SER G 290 -64.94 28.07 -8.47
CA SER G 290 -65.05 27.93 -7.03
C SER G 290 -64.12 28.91 -6.31
N LEU G 291 -62.90 29.09 -6.83
CA LEU G 291 -61.99 30.08 -6.26
C LEU G 291 -62.53 31.49 -6.42
N VAL G 292 -63.09 31.82 -7.59
CA VAL G 292 -63.66 33.14 -7.80
C VAL G 292 -64.77 33.42 -6.79
N TYR G 293 -65.65 32.45 -6.57
CA TYR G 293 -66.74 32.66 -5.62
C TYR G 293 -66.24 32.80 -4.19
N LEU G 294 -65.23 32.01 -3.82
CA LEU G 294 -64.64 32.16 -2.49
C LEU G 294 -64.13 33.58 -2.28
N CYS G 295 -63.46 34.14 -3.29
CA CYS G 295 -62.93 35.50 -3.15
C CYS G 295 -64.05 36.53 -3.07
N GLU G 296 -65.11 36.36 -3.86
CA GLU G 296 -66.24 37.29 -3.79
C GLU G 296 -66.89 37.26 -2.41
N SER G 297 -67.04 36.07 -1.83
CA SER G 297 -67.64 35.97 -0.50
C SER G 297 -66.71 36.48 0.59
N LEU G 298 -65.42 36.60 0.32
CA LEU G 298 -64.45 37.17 1.26
C LEU G 298 -64.23 38.66 1.03
N ASN G 299 -65.05 39.29 0.18
CA ASN G 299 -64.90 40.70 -0.19
C ASN G 299 -63.50 40.99 -0.74
N LEU G 300 -63.06 40.14 -1.67
CA LEU G 300 -61.83 40.34 -2.42
C LEU G 300 -62.15 40.38 -3.91
N PRO G 301 -62.90 41.39 -4.37
CA PRO G 301 -63.35 41.38 -5.78
C PRO G 301 -62.22 41.46 -6.78
N GLN G 302 -61.12 42.14 -6.42
CA GLN G 302 -59.96 42.22 -7.30
C GLN G 302 -59.30 40.87 -7.48
N VAL G 303 -59.29 40.03 -6.45
CA VAL G 303 -58.72 38.71 -6.64
C VAL G 303 -59.66 37.86 -7.50
N ALA G 304 -60.97 38.01 -7.31
CA ALA G 304 -61.93 37.27 -8.14
C ALA G 304 -61.76 37.62 -9.62
N ASP G 305 -61.67 38.92 -9.93
CA ASP G 305 -61.52 39.34 -11.33
C ASP G 305 -60.24 38.78 -11.93
N TYR G 306 -59.16 38.75 -11.15
CA TYR G 306 -57.91 38.21 -11.65
C TYR G 306 -58.07 36.77 -12.11
N TRP G 307 -58.67 35.93 -11.26
CA TRP G 307 -58.81 34.52 -11.60
C TRP G 307 -59.92 34.26 -12.62
N GLN G 308 -60.93 35.12 -12.68
CA GLN G 308 -61.96 34.98 -13.71
C GLN G 308 -61.35 35.05 -15.10
N GLY G 309 -60.27 35.81 -15.26
CA GLY G 309 -59.63 35.92 -16.56
C GLY G 309 -59.20 34.58 -17.12
N VAL G 310 -58.87 33.63 -16.23
CA VAL G 310 -58.52 32.28 -16.67
C VAL G 310 -59.70 31.63 -17.37
N ILE G 311 -60.91 31.84 -16.85
CA ILE G 311 -62.10 31.28 -17.48
C ILE G 311 -62.42 32.03 -18.76
N ASN G 312 -62.35 33.37 -18.72
CA ASN G 312 -62.67 34.19 -19.89
C ASN G 312 -61.82 33.78 -21.08
N ILE G 313 -60.53 33.55 -20.86
CA ILE G 313 -59.63 33.17 -21.96
C ILE G 313 -60.00 31.79 -22.49
N ASN G 314 -60.33 30.85 -21.58
CA ASN G 314 -60.69 29.50 -22.01
C ASN G 314 -61.96 29.52 -22.86
N ASN G 315 -62.98 30.25 -22.41
CA ASN G 315 -64.20 30.38 -23.20
C ASN G 315 -63.92 31.08 -24.53
N TRP G 316 -63.09 32.13 -24.50
CA TRP G 316 -62.75 32.86 -25.71
C TRP G 316 -61.95 32.00 -26.68
N GLN G 317 -61.09 31.12 -26.16
CA GLN G 317 -60.31 30.23 -27.02
C GLN G 317 -61.23 29.27 -27.76
N ARG G 318 -62.23 28.72 -27.08
CA ARG G 318 -63.19 27.83 -27.73
C ARG G 318 -63.97 28.56 -28.81
N ARG G 319 -64.52 29.72 -28.48
CA ARG G 319 -65.35 30.45 -29.44
C ARG G 319 -64.57 30.83 -30.68
N ARG G 320 -63.33 31.34 -30.51
CA ARG G 320 -62.61 31.83 -31.67
C ARG G 320 -62.14 30.70 -32.57
N PHE G 321 -61.89 29.52 -32.00
CA PHE G 321 -61.53 28.36 -32.82
C PHE G 321 -62.69 27.93 -33.69
N ALA G 322 -63.90 27.82 -33.10
CA ALA G 322 -65.06 27.43 -33.89
C ALA G 322 -65.40 28.46 -34.95
N ASP G 323 -65.25 29.75 -34.63
CA ASP G 323 -65.54 30.80 -35.61
C ASP G 323 -64.54 30.76 -36.76
N LYS G 324 -63.28 30.47 -36.46
CA LYS G 324 -62.27 30.43 -37.51
C LYS G 324 -62.53 29.27 -38.46
N ILE G 325 -63.05 28.16 -37.95
CA ILE G 325 -63.45 27.06 -38.82
C ILE G 325 -64.47 27.51 -39.85
N ILE G 326 -65.52 28.19 -39.39
CA ILE G 326 -66.61 28.61 -40.26
C ILE G 326 -66.15 29.70 -41.21
N ALA G 327 -65.39 30.67 -40.70
CA ALA G 327 -64.92 31.77 -41.55
C ALA G 327 -64.00 31.26 -42.66
N GLU G 328 -63.14 30.29 -42.34
CA GLU G 328 -62.22 29.74 -43.34
C GLU G 328 -62.93 28.90 -44.39
N LEU G 329 -64.15 28.43 -44.10
CA LEU G 329 -64.99 27.75 -45.08
C LEU G 329 -66.04 28.69 -45.69
N PHE G 330 -65.66 29.93 -46.00
CA PHE G 330 -66.52 30.88 -46.70
C PHE G 330 -67.81 31.17 -45.93
N ASN G 331 -67.71 31.01 -44.64
CA ASN G 331 -68.75 31.33 -43.73
C ASN G 331 -69.95 30.50 -43.85
N THR G 332 -69.85 29.41 -44.58
CA THR G 332 -70.99 28.53 -44.71
C THR G 332 -70.57 27.14 -44.51
N VAL G 333 -71.27 26.45 -43.65
CA VAL G 333 -70.97 25.07 -43.40
C VAL G 333 -72.24 24.25 -43.52
N THR G 334 -73.28 24.88 -44.03
CA THR G 334 -74.57 24.25 -44.14
C THR G 334 -74.52 23.03 -44.99
N ASP G 335 -75.00 21.97 -44.40
CA ASP G 335 -75.09 20.69 -45.00
C ASP G 335 -73.78 20.12 -45.47
N LYS G 336 -72.70 20.46 -44.79
CA LYS G 336 -71.41 19.98 -45.17
C LYS G 336 -70.98 18.95 -44.19
N LYS G 337 -70.41 17.87 -44.65
CA LYS G 337 -69.94 16.83 -43.77
C LYS G 337 -68.62 17.23 -43.16
N ILE G 338 -68.56 17.15 -41.86
CA ILE G 338 -67.36 17.49 -41.10
C ILE G 338 -66.98 16.29 -40.23
N ALA G 339 -65.73 15.85 -40.35
CA ALA G 339 -65.20 14.80 -39.49
C ALA G 339 -64.64 15.43 -38.22
N ILE G 340 -64.97 14.84 -37.07
CA ILE G 340 -64.45 15.29 -35.78
C ILE G 340 -63.55 14.20 -35.24
N PHE G 341 -62.29 14.53 -35.00
CA PHE G 341 -61.33 13.59 -34.43
C PHE G 341 -61.18 13.92 -32.94
N GLY G 342 -61.86 13.16 -32.10
CA GLY G 342 -61.69 13.31 -30.66
C GLY G 342 -62.91 13.92 -29.99
N PHE G 343 -63.29 13.35 -28.84
CA PHE G 343 -64.41 13.87 -28.08
C PHE G 343 -64.06 14.00 -26.60
N ALA G 344 -63.20 13.14 -26.10
CA ALA G 344 -62.80 13.22 -24.70
C ALA G 344 -62.07 14.54 -24.44
N PHE G 345 -62.08 14.96 -23.17
CA PHE G 345 -61.47 16.24 -22.82
C PHE G 345 -59.95 16.20 -22.87
N LYS G 346 -59.37 15.01 -22.95
CA LYS G 346 -57.96 14.81 -23.16
C LYS G 346 -57.79 13.37 -23.63
N LYS G 347 -56.56 12.99 -23.95
CA LYS G 347 -56.35 11.66 -24.49
C LYS G 347 -56.31 10.63 -23.36
N ASN G 348 -56.47 9.36 -23.75
CA ASN G 348 -56.32 8.21 -22.85
C ASN G 348 -57.36 8.22 -21.73
N THR G 349 -58.57 8.66 -22.05
CA THR G 349 -59.68 8.57 -21.13
C THR G 349 -60.98 8.55 -21.93
N GLY G 350 -62.01 7.96 -21.36
CA GLY G 350 -63.32 8.10 -21.97
C GLY G 350 -64.14 9.24 -21.41
N ASP G 351 -63.57 9.99 -20.46
CA ASP G 351 -64.30 11.05 -19.77
C ASP G 351 -64.53 12.24 -20.69
N THR G 352 -65.77 12.73 -20.71
CA THR G 352 -66.15 13.86 -21.55
C THR G 352 -66.56 15.09 -20.74
N ARG G 353 -66.38 15.07 -19.41
CA ARG G 353 -66.88 16.15 -18.58
C ARG G 353 -66.19 17.45 -18.95
N GLU G 354 -67.01 18.45 -19.32
CA GLU G 354 -66.54 19.78 -19.71
C GLU G 354 -65.57 19.73 -20.89
N SER G 355 -65.67 18.69 -21.72
CA SER G 355 -64.79 18.58 -22.88
C SER G 355 -65.01 19.75 -23.82
N SER G 356 -63.90 20.31 -24.32
CA SER G 356 -64.00 21.38 -25.30
C SER G 356 -64.70 20.91 -26.57
N ALA G 357 -64.66 19.60 -26.85
CA ALA G 357 -65.33 19.08 -28.03
C ALA G 357 -66.82 19.33 -28.01
N ILE G 358 -67.43 19.34 -26.82
CA ILE G 358 -68.88 19.56 -26.73
C ILE G 358 -69.23 20.96 -27.22
N HIS G 359 -68.52 21.98 -26.74
CA HIS G 359 -68.82 23.36 -27.14
C HIS G 359 -68.54 23.58 -28.62
N VAL G 360 -67.45 23.01 -29.14
CA VAL G 360 -67.10 23.19 -30.54
C VAL G 360 -68.13 22.50 -31.44
N ILE G 361 -68.54 21.27 -31.10
CA ILE G 361 -69.53 20.57 -31.90
C ILE G 361 -70.87 21.30 -31.89
N LYS G 362 -71.27 21.83 -30.73
CA LYS G 362 -72.52 22.56 -30.65
C LYS G 362 -72.51 23.77 -31.59
N HIS G 363 -71.39 24.51 -31.62
CA HIS G 363 -71.28 25.64 -32.52
C HIS G 363 -71.45 25.21 -33.97
N LEU G 364 -70.83 24.09 -34.35
CA LEU G 364 -71.00 23.58 -35.71
C LEU G 364 -72.41 23.05 -35.94
N MET G 365 -73.05 22.47 -34.91
CA MET G 365 -74.43 22.05 -35.05
C MET G 365 -75.34 23.24 -35.34
N GLU G 366 -75.10 24.36 -34.64
CA GLU G 366 -75.89 25.56 -34.84
C GLU G 366 -75.73 26.13 -36.24
N GLU G 367 -74.67 25.74 -36.93
CA GLU G 367 -74.44 26.12 -38.33
C GLU G 367 -74.97 25.09 -39.30
N HIS G 368 -75.73 24.10 -38.81
CA HIS G 368 -76.39 23.11 -39.65
C HIS G 368 -75.38 22.24 -40.39
N ALA G 369 -74.23 22.00 -39.76
CA ALA G 369 -73.26 21.05 -40.29
C ALA G 369 -73.65 19.62 -39.94
N LYS G 370 -73.25 18.69 -40.80
CA LYS G 370 -73.39 17.26 -40.54
C LYS G 370 -72.06 16.75 -39.99
N LEU G 371 -72.07 16.27 -38.75
CA LEU G 371 -70.83 15.93 -38.05
C LEU G 371 -70.71 14.43 -37.85
N SER G 372 -69.56 13.88 -38.27
CA SER G 372 -69.19 12.49 -38.02
C SER G 372 -68.06 12.51 -37.00
N VAL G 373 -68.32 11.99 -35.81
CA VAL G 373 -67.39 12.07 -34.68
C VAL G 373 -66.81 10.69 -34.44
N TYR G 374 -65.49 10.65 -34.25
CA TYR G 374 -64.79 9.44 -33.82
C TYR G 374 -63.93 9.75 -32.61
N ASP G 375 -63.98 8.88 -31.61
CA ASP G 375 -63.08 8.95 -30.48
C ASP G 375 -62.74 7.51 -30.08
N PRO G 376 -61.47 7.21 -29.80
CA PRO G 376 -61.09 5.81 -29.57
C PRO G 376 -61.71 5.20 -28.31
N LYS G 377 -62.13 6.00 -27.33
CA LYS G 377 -62.52 5.45 -26.04
C LYS G 377 -63.87 5.93 -25.53
N VAL G 378 -64.38 7.07 -25.99
CA VAL G 378 -65.64 7.59 -25.48
C VAL G 378 -66.80 6.73 -25.96
N GLN G 379 -67.69 6.35 -25.03
CA GLN G 379 -68.86 5.56 -25.38
C GLN G 379 -69.79 6.36 -26.29
N LYS G 380 -70.41 5.67 -27.25
CA LYS G 380 -71.32 6.32 -28.19
C LYS G 380 -72.50 6.95 -27.46
N SER G 381 -73.13 6.21 -26.54
CA SER G 381 -74.27 6.76 -25.82
C SER G 381 -73.89 8.00 -25.03
N GLN G 382 -72.64 8.06 -24.55
CA GLN G 382 -72.19 9.21 -23.78
C GLN G 382 -72.13 10.47 -24.65
N MET G 383 -71.59 10.35 -25.88
CA MET G 383 -71.52 11.51 -26.77
C MET G 383 -72.92 12.03 -27.08
N LEU G 384 -73.84 11.13 -27.43
CA LEU G 384 -75.17 11.56 -27.84
C LEU G 384 -75.89 12.24 -26.68
N ASN G 385 -75.74 11.72 -25.47
CA ASN G 385 -76.38 12.35 -24.32
C ASN G 385 -75.77 13.71 -24.03
N ASP G 386 -74.44 13.83 -24.16
CA ASP G 386 -73.78 15.11 -23.92
C ASP G 386 -74.25 16.17 -24.92
N LEU G 387 -74.28 15.83 -26.20
CA LEU G 387 -74.66 16.81 -27.22
C LEU G 387 -76.15 17.15 -27.11
N ALA G 388 -76.99 16.17 -26.78
CA ALA G 388 -78.41 16.44 -26.61
C ALA G 388 -78.66 17.37 -25.42
N SER G 389 -77.82 17.26 -24.39
CA SER G 389 -78.02 18.06 -23.18
C SER G 389 -77.74 19.54 -23.41
N VAL G 390 -76.94 19.89 -24.40
CA VAL G 390 -76.68 21.29 -24.73
C VAL G 390 -77.52 21.76 -25.91
N THR G 391 -77.95 20.86 -26.79
CA THR G 391 -78.90 21.17 -27.85
C THR G 391 -80.30 20.57 -27.75
N SER G 392 -80.48 19.35 -28.24
CA SER G 392 -81.73 18.62 -28.06
C SER G 392 -81.50 17.23 -28.64
N ALA G 393 -82.29 16.26 -28.15
CA ALA G 393 -82.15 14.90 -28.65
C ALA G 393 -82.46 14.83 -30.15
N GLN G 394 -83.46 15.59 -30.59
CA GLN G 394 -83.82 15.58 -32.00
C GLN G 394 -82.74 16.23 -32.86
N ASP G 395 -82.14 17.33 -32.38
CA ASP G 395 -81.07 17.99 -33.12
C ASP G 395 -79.89 17.06 -33.33
N VAL G 396 -79.56 16.25 -32.33
CA VAL G 396 -78.46 15.30 -32.45
C VAL G 396 -78.74 14.23 -33.49
N GLU G 397 -79.97 13.74 -33.55
CA GLU G 397 -80.23 12.63 -34.47
C GLU G 397 -80.08 13.03 -35.93
N ARG G 398 -80.49 14.22 -36.30
CA ARG G 398 -80.38 14.59 -37.69
C ARG G 398 -79.03 15.11 -38.14
N LEU G 399 -78.18 15.48 -37.21
CA LEU G 399 -76.88 16.07 -37.55
C LEU G 399 -75.66 15.28 -37.08
N ILE G 400 -75.80 14.37 -36.11
CA ILE G 400 -74.65 13.73 -35.50
C ILE G 400 -74.58 12.28 -35.96
N THR G 401 -73.40 11.86 -36.40
CA THR G 401 -73.08 10.48 -36.71
C THR G 401 -71.85 10.08 -35.93
N VAL G 402 -71.92 8.91 -35.28
CA VAL G 402 -70.82 8.40 -34.48
C VAL G 402 -70.17 7.25 -35.26
N GLU G 403 -68.87 7.35 -35.49
CA GLU G 403 -68.11 6.36 -36.23
C GLU G 403 -67.16 5.63 -35.30
N SER G 404 -66.89 4.36 -35.63
CA SER G 404 -65.94 3.53 -34.89
C SER G 404 -64.58 3.48 -35.56
N ASP G 405 -64.39 4.26 -36.63
CA ASP G 405 -63.23 4.24 -37.50
C ASP G 405 -62.93 5.67 -37.99
N PRO G 406 -61.69 6.15 -37.86
CA PRO G 406 -61.41 7.53 -38.30
C PRO G 406 -61.56 7.73 -39.80
N TYR G 407 -61.27 6.70 -40.60
CA TYR G 407 -61.38 6.83 -42.05
C TYR G 407 -62.84 6.95 -42.50
N ALA G 408 -63.77 6.28 -41.81
CA ALA G 408 -65.17 6.40 -42.16
C ALA G 408 -65.71 7.79 -41.85
N ALA G 409 -65.27 8.39 -40.75
CA ALA G 409 -65.70 9.75 -40.42
C ALA G 409 -65.20 10.74 -41.46
N ALA G 410 -63.97 10.54 -41.95
CA ALA G 410 -63.39 11.47 -42.91
C ALA G 410 -63.85 11.22 -44.34
N ARG G 411 -64.37 10.02 -44.64
CA ARG G 411 -64.79 9.70 -45.99
C ARG G 411 -65.91 10.64 -46.43
N GLY G 412 -65.67 11.36 -47.52
CA GLY G 412 -66.65 12.30 -48.03
C GLY G 412 -66.76 13.61 -47.30
N ALA G 413 -65.89 13.88 -46.32
CA ALA G 413 -65.99 15.09 -45.52
C ALA G 413 -65.37 16.29 -46.23
N HIS G 414 -65.91 17.48 -45.93
CA HIS G 414 -65.32 18.73 -46.40
C HIS G 414 -64.19 19.21 -45.49
N ALA G 415 -64.23 18.86 -44.21
CA ALA G 415 -63.22 19.32 -43.27
C ALA G 415 -63.03 18.31 -42.16
N ILE G 416 -61.82 18.30 -41.60
CA ILE G 416 -61.50 17.56 -40.38
C ILE G 416 -61.18 18.54 -39.29
N VAL G 417 -61.67 18.28 -38.08
CA VAL G 417 -61.37 19.09 -36.91
C VAL G 417 -60.81 18.17 -35.83
N VAL G 418 -59.57 18.42 -35.44
CA VAL G 418 -58.90 17.64 -34.40
C VAL G 418 -59.10 18.35 -33.07
N LEU G 419 -59.74 17.66 -32.12
CA LEU G 419 -60.09 18.24 -30.84
C LEU G 419 -59.45 17.53 -29.64
N THR G 420 -58.95 16.31 -29.81
CA THR G 420 -58.30 15.58 -28.73
C THR G 420 -57.01 14.94 -29.25
N GLU G 421 -55.96 15.02 -28.44
CA GLU G 421 -54.60 14.67 -28.87
C GLU G 421 -54.31 13.17 -28.85
N TRP G 422 -55.28 12.34 -29.25
CA TRP G 422 -55.07 10.91 -29.30
C TRP G 422 -53.88 10.57 -30.19
N ASP G 423 -53.00 9.69 -29.70
CA ASP G 423 -51.80 9.32 -30.46
C ASP G 423 -52.14 8.71 -31.81
N GLU G 424 -53.29 8.03 -31.90
CA GLU G 424 -53.71 7.41 -33.15
C GLU G 424 -53.89 8.42 -34.28
N PHE G 425 -54.28 9.65 -33.96
CA PHE G 425 -54.53 10.66 -34.98
C PHE G 425 -53.24 11.11 -35.67
N VAL G 426 -52.10 10.97 -35.01
CA VAL G 426 -50.83 11.29 -35.66
C VAL G 426 -50.53 10.24 -36.73
N GLU G 427 -50.49 8.97 -36.37
CA GLU G 427 -50.13 7.89 -37.31
C GLU G 427 -51.20 7.57 -38.40
N LEU G 428 -52.23 8.34 -38.70
CA LEU G 428 -53.15 7.98 -39.78
C LEU G 428 -52.53 8.24 -41.14
N ASN G 429 -53.08 7.58 -42.17
CA ASN G 429 -52.68 7.78 -43.56
C ASN G 429 -53.47 8.94 -44.13
N TYR G 430 -52.91 10.14 -44.05
CA TYR G 430 -53.59 11.35 -44.48
C TYR G 430 -53.61 11.52 -45.99
N SER G 431 -52.78 10.78 -46.74
CA SER G 431 -52.92 10.75 -48.19
C SER G 431 -54.20 10.04 -48.60
N GLN G 432 -54.45 8.85 -48.03
CA GLN G 432 -55.70 8.15 -48.29
C GLN G 432 -56.88 8.97 -47.82
N ILE G 433 -56.74 9.65 -46.68
CA ILE G 433 -57.81 10.48 -46.15
C ILE G 433 -58.12 11.61 -47.12
N HIS G 434 -57.07 12.28 -47.61
CA HIS G 434 -57.26 13.43 -48.49
C HIS G 434 -57.92 13.02 -49.81
N ASN G 435 -57.59 11.83 -50.32
CA ASN G 435 -58.16 11.40 -51.59
C ASN G 435 -59.66 11.13 -51.48
N ASP G 436 -60.13 10.67 -50.34
CA ASP G 436 -61.53 10.29 -50.17
C ASP G 436 -62.39 11.40 -49.57
N MET G 437 -61.82 12.58 -49.36
CA MET G 437 -62.57 13.75 -48.92
C MET G 437 -63.10 14.53 -50.13
N GLN G 438 -64.02 15.44 -49.86
CA GLN G 438 -64.40 16.40 -50.88
C GLN G 438 -63.24 17.35 -51.13
N HIS G 439 -63.20 17.92 -52.34
CA HIS G 439 -62.08 18.79 -52.65
C HIS G 439 -62.59 20.20 -52.95
N PRO G 440 -61.95 21.24 -52.41
CA PRO G 440 -60.75 21.16 -51.56
C PRO G 440 -61.03 20.67 -50.15
N ALA G 441 -60.05 19.99 -49.56
CA ALA G 441 -60.18 19.43 -48.22
C ALA G 441 -59.47 20.33 -47.21
N ALA G 442 -60.14 20.61 -46.10
CA ALA G 442 -59.61 21.43 -45.03
C ALA G 442 -59.42 20.58 -43.79
N ILE G 443 -58.47 20.98 -42.94
CA ILE G 443 -58.24 20.31 -41.68
C ILE G 443 -57.81 21.34 -40.64
N PHE G 444 -58.38 21.23 -39.45
CA PHE G 444 -58.17 22.21 -38.38
C PHE G 444 -57.66 21.49 -37.15
N ASP G 445 -56.42 21.79 -36.75
CA ASP G 445 -55.76 21.12 -35.64
C ASP G 445 -55.89 21.98 -34.39
N GLY G 446 -56.79 21.58 -33.50
CA GLY G 446 -56.95 22.25 -32.22
C GLY G 446 -56.05 21.72 -31.11
N ARG G 447 -55.14 20.81 -31.43
CA ARG G 447 -54.26 20.21 -30.45
C ARG G 447 -52.79 20.23 -30.83
N LEU G 448 -52.45 20.71 -32.04
CA LEU G 448 -51.06 20.89 -32.47
C LEU G 448 -50.28 19.58 -32.47
N ILE G 449 -50.92 18.50 -32.95
CA ILE G 449 -50.28 17.19 -32.99
C ILE G 449 -49.88 16.78 -34.41
N LEU G 450 -50.33 17.48 -35.43
CA LEU G 450 -50.12 17.12 -36.82
C LEU G 450 -48.99 17.93 -37.45
N ASP G 451 -48.41 17.37 -38.52
CA ASP G 451 -47.35 18.02 -39.28
C ASP G 451 -47.99 18.95 -40.30
N GLN G 452 -47.93 20.26 -40.05
CA GLN G 452 -48.53 21.22 -40.99
C GLN G 452 -47.85 21.16 -42.35
N LYS G 453 -46.51 21.11 -42.37
CA LYS G 453 -45.78 21.09 -43.63
C LYS G 453 -46.17 19.88 -44.47
N ALA G 454 -46.36 18.72 -43.82
CA ALA G 454 -46.75 17.52 -44.55
C ALA G 454 -48.18 17.63 -45.09
N LEU G 455 -49.11 18.12 -44.28
CA LEU G 455 -50.51 18.24 -44.72
C LEU G 455 -50.64 19.22 -45.88
N ARG G 456 -49.90 20.32 -45.85
CA ARG G 456 -49.98 21.30 -46.93
C ARG G 456 -49.47 20.69 -48.23
N GLU G 457 -48.39 19.91 -48.15
CA GLU G 457 -47.83 19.27 -49.34
C GLU G 457 -48.72 18.14 -49.86
N ILE G 458 -49.51 17.51 -48.98
CA ILE G 458 -50.47 16.52 -49.47
C ILE G 458 -51.59 17.20 -50.25
N GLY G 459 -51.90 18.45 -49.92
CA GLY G 459 -52.91 19.22 -50.64
C GLY G 459 -54.05 19.75 -49.79
N PHE G 460 -53.90 19.65 -48.47
CA PHE G 460 -54.90 20.20 -47.56
C PHE G 460 -54.82 21.73 -47.50
N ARG G 461 -55.98 22.34 -47.31
CA ARG G 461 -56.06 23.67 -46.70
C ARG G 461 -56.00 23.43 -45.19
N THR G 462 -54.83 23.65 -44.61
CA THR G 462 -54.55 23.20 -43.25
C THR G 462 -54.39 24.38 -42.29
N PHE G 463 -54.92 24.21 -41.08
CA PHE G 463 -54.89 25.25 -40.05
C PHE G 463 -54.58 24.62 -38.71
N ALA G 464 -54.00 25.42 -37.82
CA ALA G 464 -53.66 24.97 -36.48
C ALA G 464 -53.65 26.16 -35.52
N ILE G 465 -54.10 25.92 -34.29
CA ILE G 465 -54.02 26.94 -33.26
C ILE G 465 -52.56 27.32 -33.04
N GLY G 466 -52.30 28.63 -32.99
CA GLY G 466 -50.98 29.15 -32.77
C GLY G 466 -50.12 29.29 -34.00
N THR G 467 -50.63 28.98 -35.19
CA THR G 467 -49.95 29.22 -36.45
C THR G 467 -50.77 30.20 -37.28
N SER G 468 -50.10 31.23 -37.81
CA SER G 468 -50.80 32.19 -38.66
C SER G 468 -51.34 31.47 -39.89
N PRO G 469 -52.60 31.72 -40.29
CA PRO G 469 -53.19 31.04 -41.46
C PRO G 469 -52.70 31.60 -42.79
N LYS H 8 -14.83 35.47 -38.22
CA LYS H 8 -14.76 35.33 -36.77
C LYS H 8 -14.70 36.69 -36.08
N VAL H 9 -15.56 36.87 -35.09
CA VAL H 9 -15.60 38.13 -34.35
C VAL H 9 -14.47 38.16 -33.33
N SER H 10 -13.66 39.21 -33.38
CA SER H 10 -12.65 39.45 -32.36
C SER H 10 -12.72 40.85 -31.76
N LYS H 11 -13.55 41.74 -32.30
CA LYS H 11 -13.67 43.09 -31.78
C LYS H 11 -15.15 43.38 -31.57
N VAL H 12 -15.56 43.47 -30.31
CA VAL H 12 -16.95 43.65 -29.91
C VAL H 12 -17.10 45.03 -29.30
N VAL H 13 -18.15 45.73 -29.70
CA VAL H 13 -18.52 47.00 -29.08
C VAL H 13 -19.96 46.89 -28.61
N CYS H 14 -20.26 47.55 -27.50
CA CYS H 14 -21.62 47.65 -26.99
C CYS H 14 -21.94 49.11 -26.70
N VAL H 15 -23.00 49.62 -27.30
CA VAL H 15 -23.50 50.96 -27.01
C VAL H 15 -24.49 50.85 -25.85
N GLY H 16 -24.11 51.40 -24.70
CA GLY H 16 -24.90 51.28 -23.51
C GLY H 16 -24.13 50.60 -22.39
N ALA H 17 -23.68 51.39 -21.41
CA ALA H 17 -22.91 50.86 -20.30
C ALA H 17 -23.75 50.85 -19.02
N GLY H 18 -24.94 50.28 -19.11
CA GLY H 18 -25.85 50.21 -17.98
C GLY H 18 -25.88 48.84 -17.34
N TYR H 19 -27.01 48.54 -16.69
CA TYR H 19 -27.17 47.26 -16.01
C TYR H 19 -27.13 46.06 -16.96
N VAL H 20 -27.45 46.27 -18.25
CA VAL H 20 -27.39 45.20 -19.23
C VAL H 20 -26.02 45.18 -19.90
N GLY H 21 -25.65 46.30 -20.51
CA GLY H 21 -24.45 46.33 -21.33
C GLY H 21 -23.18 46.06 -20.55
N GLY H 22 -23.04 46.70 -19.39
CA GLY H 22 -21.87 46.54 -18.57
C GLY H 22 -21.61 45.10 -18.19
N PRO H 23 -22.52 44.49 -17.43
CA PRO H 23 -22.33 43.08 -17.06
C PRO H 23 -22.16 42.15 -18.26
N THR H 24 -22.94 42.34 -19.33
CA THR H 24 -22.83 41.45 -20.48
C THR H 24 -21.43 41.49 -21.09
N CYS H 25 -20.89 42.70 -21.28
CA CYS H 25 -19.56 42.82 -21.86
C CYS H 25 -18.50 42.27 -20.92
N ALA H 26 -18.68 42.49 -19.62
CA ALA H 26 -17.73 41.95 -18.65
C ALA H 26 -17.63 40.44 -18.77
N MET H 27 -18.78 39.75 -18.91
CA MET H 27 -18.76 38.31 -19.02
C MET H 27 -18.16 37.85 -20.34
N ILE H 28 -18.45 38.57 -21.43
CA ILE H 28 -17.84 38.22 -22.72
C ILE H 28 -16.33 38.32 -22.63
N ALA H 29 -15.82 39.44 -22.13
CA ALA H 29 -14.39 39.61 -21.98
C ALA H 29 -13.80 38.55 -21.07
N HIS H 30 -14.50 38.22 -19.98
CA HIS H 30 -14.00 37.23 -19.03
C HIS H 30 -13.96 35.83 -19.62
N LYS H 31 -14.87 35.51 -20.54
CA LYS H 31 -14.95 34.17 -21.10
C LYS H 31 -14.36 34.07 -22.50
N CYS H 32 -14.03 35.19 -23.13
CA CYS H 32 -13.47 35.21 -24.49
C CYS H 32 -12.19 36.04 -24.45
N PRO H 33 -11.08 35.42 -24.05
CA PRO H 33 -9.82 36.18 -23.91
C PRO H 33 -9.32 36.79 -25.19
N HIS H 34 -9.63 36.21 -26.35
CA HIS H 34 -9.12 36.70 -27.62
C HIS H 34 -10.02 37.75 -28.25
N ILE H 35 -11.07 38.17 -27.56
CA ILE H 35 -12.00 39.18 -28.05
C ILE H 35 -11.75 40.46 -27.29
N THR H 36 -11.67 41.58 -28.02
CA THR H 36 -11.63 42.90 -27.43
C THR H 36 -13.05 43.41 -27.29
N VAL H 37 -13.44 43.76 -26.05
CA VAL H 37 -14.77 44.27 -25.76
C VAL H 37 -14.62 45.71 -25.28
N THR H 38 -15.24 46.63 -26.02
CA THR H 38 -15.23 48.05 -25.71
C THR H 38 -16.67 48.49 -25.46
N VAL H 39 -16.92 49.07 -24.29
CA VAL H 39 -18.23 49.57 -23.91
C VAL H 39 -18.19 51.09 -24.00
N VAL H 40 -19.19 51.68 -24.66
CA VAL H 40 -19.27 53.12 -24.84
C VAL H 40 -20.62 53.59 -24.31
N ASP H 41 -20.72 54.89 -24.09
CA ASP H 41 -21.92 55.46 -23.51
C ASP H 41 -21.92 56.96 -23.76
N MET H 42 -23.11 57.52 -23.95
CA MET H 42 -23.25 58.97 -24.08
C MET H 42 -22.88 59.69 -22.79
N ASN H 43 -22.99 59.00 -21.65
CA ASN H 43 -22.75 59.59 -20.33
C ASN H 43 -21.25 59.49 -20.06
N THR H 44 -20.55 60.62 -20.22
CA THR H 44 -19.09 60.61 -20.05
C THR H 44 -18.70 60.41 -18.59
N ALA H 45 -19.48 60.97 -17.66
CA ALA H 45 -19.19 60.75 -16.25
C ALA H 45 -19.39 59.30 -15.85
N LYS H 46 -20.37 58.62 -16.45
CA LYS H 46 -20.61 57.23 -16.14
C LYS H 46 -19.47 56.34 -16.65
N ILE H 47 -18.92 56.68 -17.81
CA ILE H 47 -17.75 55.96 -18.32
C ILE H 47 -16.58 56.13 -17.36
N ALA H 48 -16.43 57.34 -16.79
CA ALA H 48 -15.37 57.58 -15.82
C ALA H 48 -15.55 56.70 -14.58
N GLU H 49 -16.79 56.47 -14.18
CA GLU H 49 -17.02 55.59 -13.03
C GLU H 49 -16.66 54.14 -13.36
N TRP H 50 -16.96 53.68 -14.57
CA TRP H 50 -16.55 52.34 -14.98
C TRP H 50 -15.04 52.18 -14.97
N ASN H 51 -14.30 53.26 -15.18
CA ASN H 51 -12.85 53.22 -15.19
C ASN H 51 -12.24 53.53 -13.82
N SER H 52 -13.06 53.76 -12.81
CA SER H 52 -12.57 54.03 -11.47
C SER H 52 -12.70 52.76 -10.62
N ASP H 53 -12.38 52.89 -9.33
CA ASP H 53 -12.48 51.79 -8.39
C ASP H 53 -13.87 51.68 -7.76
N LYS H 54 -14.79 52.57 -8.13
CA LYS H 54 -16.18 52.51 -7.69
C LYS H 54 -17.04 52.40 -8.94
N LEU H 55 -17.47 51.19 -9.26
CA LEU H 55 -18.29 50.98 -10.44
C LEU H 55 -19.66 51.63 -10.25
N PRO H 56 -20.28 52.08 -11.34
CA PRO H 56 -21.54 52.84 -11.21
C PRO H 56 -22.74 52.01 -10.79
N ILE H 57 -22.62 50.68 -10.73
CA ILE H 57 -23.68 49.79 -10.26
C ILE H 57 -23.07 48.77 -9.31
N TYR H 58 -23.94 48.20 -8.46
CA TYR H 58 -23.55 47.13 -7.55
C TYR H 58 -24.13 45.80 -8.03
N GLU H 59 -23.25 44.86 -8.35
CA GLU H 59 -23.61 43.50 -8.74
C GLU H 59 -22.63 42.58 -8.03
N PRO H 60 -23.11 41.55 -7.35
CA PRO H 60 -22.19 40.60 -6.72
C PRO H 60 -21.29 39.97 -7.77
N GLY H 61 -19.98 40.01 -7.51
CA GLY H 61 -19.01 39.43 -8.40
C GLY H 61 -18.60 40.28 -9.59
N LEU H 62 -19.27 41.42 -9.82
CA LEU H 62 -18.93 42.24 -10.98
C LEU H 62 -17.59 42.94 -10.78
N ASP H 63 -17.34 43.45 -9.57
CA ASP H 63 -16.10 44.17 -9.31
C ASP H 63 -14.88 43.31 -9.63
N GLU H 64 -14.89 42.05 -9.18
CA GLU H 64 -13.75 41.18 -9.41
C GLU H 64 -13.48 40.98 -10.89
N ILE H 65 -14.52 40.69 -11.67
CA ILE H 65 -14.35 40.41 -13.10
C ILE H 65 -13.88 41.66 -13.85
N VAL H 66 -14.47 42.82 -13.57
CA VAL H 66 -14.14 44.03 -14.31
C VAL H 66 -12.70 44.45 -14.04
N PHE H 67 -12.31 44.51 -12.76
CA PHE H 67 -10.97 44.99 -12.42
C PHE H 67 -9.88 44.11 -13.00
N ALA H 68 -10.12 42.80 -13.13
CA ALA H 68 -9.11 41.91 -13.68
C ALA H 68 -9.04 41.96 -15.20
N ALA H 69 -10.12 42.36 -15.86
CA ALA H 69 -10.15 42.39 -17.32
C ALA H 69 -10.02 43.79 -17.90
N ARG H 70 -10.37 44.82 -17.13
CA ARG H 70 -10.28 46.19 -17.62
C ARG H 70 -8.84 46.53 -17.99
N GLY H 71 -8.65 47.14 -19.15
CA GLY H 71 -7.32 47.41 -19.65
C GLY H 71 -6.64 46.24 -20.32
N ARG H 72 -7.21 45.03 -20.24
CA ARG H 72 -6.61 43.87 -20.86
C ARG H 72 -7.32 43.65 -22.19
N ASN H 73 -8.56 43.15 -22.13
CA ASN H 73 -9.41 43.01 -23.31
C ASN H 73 -10.78 43.63 -23.09
N LEU H 74 -10.98 44.32 -21.97
CA LEU H 74 -12.22 45.01 -21.65
C LEU H 74 -11.91 46.50 -21.51
N PHE H 75 -12.65 47.34 -22.24
CA PHE H 75 -12.38 48.76 -22.27
C PHE H 75 -13.69 49.53 -22.18
N PHE H 76 -13.64 50.67 -21.49
CA PHE H 76 -14.77 51.59 -21.38
C PHE H 76 -14.31 52.93 -21.95
N SER H 77 -14.96 53.37 -23.03
CA SER H 77 -14.54 54.57 -23.72
C SER H 77 -15.74 55.48 -23.94
N SER H 78 -15.46 56.76 -24.14
CA SER H 78 -16.48 57.71 -24.54
C SER H 78 -16.34 58.12 -26.00
N ASP H 79 -15.37 57.55 -26.71
CA ASP H 79 -15.16 57.81 -28.15
C ASP H 79 -15.99 56.80 -28.93
N ILE H 80 -17.27 57.10 -29.10
CA ILE H 80 -18.21 56.22 -29.78
C ILE H 80 -17.86 56.05 -31.25
N PRO H 81 -17.59 57.12 -32.02
CA PRO H 81 -17.25 56.91 -33.45
C PRO H 81 -16.06 56.00 -33.67
N LYS H 82 -15.00 56.14 -32.86
CA LYS H 82 -13.82 55.30 -33.04
C LYS H 82 -14.14 53.84 -32.76
N ALA H 83 -14.93 53.57 -31.73
CA ALA H 83 -15.26 52.19 -31.38
C ALA H 83 -16.12 51.54 -32.46
N ILE H 84 -17.08 52.28 -33.00
CA ILE H 84 -17.95 51.73 -34.03
C ILE H 84 -17.15 51.33 -35.27
N ALA H 85 -16.21 52.20 -35.68
CA ALA H 85 -15.47 51.95 -36.92
C ALA H 85 -14.61 50.70 -36.80
N GLU H 86 -14.09 50.40 -35.62
CA GLU H 86 -13.16 49.30 -35.43
C GLU H 86 -13.82 47.98 -35.07
N ALA H 87 -15.13 47.96 -34.84
CA ALA H 87 -15.80 46.77 -34.33
C ALA H 87 -16.11 45.77 -35.42
N ASP H 88 -16.14 44.49 -35.05
CA ASP H 88 -16.74 43.47 -35.91
C ASP H 88 -18.22 43.32 -35.62
N LEU H 89 -18.59 43.41 -34.34
CA LEU H 89 -19.95 43.19 -33.88
C LEU H 89 -20.28 44.28 -32.87
N ILE H 90 -21.49 44.83 -32.97
CA ILE H 90 -21.89 45.98 -32.16
C ILE H 90 -23.21 45.63 -31.46
N PHE H 91 -23.17 45.56 -30.13
CA PHE H 91 -24.38 45.46 -29.31
C PHE H 91 -25.00 46.84 -29.12
N ILE H 92 -26.33 46.88 -29.13
CA ILE H 92 -27.09 48.06 -28.73
C ILE H 92 -27.88 47.71 -27.47
N SER H 93 -27.57 48.39 -26.36
CA SER H 93 -28.26 48.18 -25.08
C SER H 93 -28.54 49.54 -24.45
N VAL H 94 -29.46 50.29 -25.04
CA VAL H 94 -29.78 51.62 -24.56
C VAL H 94 -31.20 51.63 -24.04
N ASN H 95 -31.63 52.78 -23.53
CA ASN H 95 -32.97 52.89 -22.98
C ASN H 95 -34.03 52.93 -24.09
N THR H 96 -35.19 52.36 -23.77
CA THR H 96 -36.39 52.54 -24.58
C THR H 96 -37.48 53.02 -23.64
N PRO H 97 -37.37 54.25 -23.13
CA PRO H 97 -38.30 54.71 -22.09
C PRO H 97 -39.73 54.76 -22.60
N THR H 98 -40.67 54.51 -21.70
CA THR H 98 -42.08 54.53 -22.04
C THR H 98 -42.52 55.91 -22.54
N LYS H 99 -43.37 55.92 -23.56
CA LYS H 99 -43.84 57.17 -24.13
C LYS H 99 -44.62 57.78 -22.95
N MET H 100 -44.40 59.07 -22.74
CA MET H 100 -45.22 59.86 -21.82
C MET H 100 -46.21 60.76 -22.57
N TYR H 101 -46.65 60.31 -23.73
CA TYR H 101 -47.58 61.08 -24.56
C TYR H 101 -47.85 60.38 -25.88
N GLY H 102 -48.78 60.93 -26.66
CA GLY H 102 -49.13 60.36 -27.95
C GLY H 102 -49.55 58.91 -27.84
N ARG H 103 -49.62 58.23 -28.99
CA ARG H 103 -50.00 56.83 -29.03
C ARG H 103 -49.26 56.03 -27.98
N GLY H 104 -49.91 54.98 -27.47
CA GLY H 104 -49.32 54.14 -26.46
C GLY H 104 -48.61 54.92 -25.37
N LYS H 105 -49.28 55.95 -24.88
CA LYS H 105 -48.72 56.81 -23.83
C LYS H 105 -48.83 56.13 -22.46
N GLY H 106 -47.69 55.74 -21.90
CA GLY H 106 -47.66 55.10 -20.60
C GLY H 106 -47.66 53.59 -20.70
N MET H 107 -47.49 53.08 -21.92
CA MET H 107 -47.47 51.64 -22.15
C MET H 107 -46.42 51.25 -23.18
N ALA H 108 -46.38 51.98 -24.29
CA ALA H 108 -45.51 51.64 -25.41
C ALA H 108 -44.12 52.25 -25.23
N PRO H 109 -43.08 51.53 -25.66
CA PRO H 109 -41.72 52.07 -25.55
C PRO H 109 -41.42 53.08 -26.64
N ASP H 110 -40.54 54.03 -26.31
CA ASP H 110 -40.05 55.02 -27.26
C ASP H 110 -38.70 54.55 -27.79
N LEU H 111 -38.63 54.31 -29.10
CA LEU H 111 -37.44 53.75 -29.73
C LEU H 111 -36.45 54.82 -30.22
N LYS H 112 -36.58 56.06 -29.73
CA LYS H 112 -35.76 57.16 -30.27
C LYS H 112 -34.27 56.92 -30.08
N TYR H 113 -33.87 56.40 -28.92
CA TYR H 113 -32.44 56.20 -28.67
C TYR H 113 -31.92 55.03 -29.48
N VAL H 114 -32.73 53.98 -29.63
CA VAL H 114 -32.32 52.82 -30.41
C VAL H 114 -32.09 53.24 -31.86
N GLU H 115 -32.96 54.10 -32.40
CA GLU H 115 -32.82 54.60 -33.76
C GLU H 115 -31.65 55.56 -33.89
N SER H 116 -31.46 56.42 -32.88
CA SER H 116 -30.35 57.36 -32.91
C SER H 116 -29.00 56.64 -32.93
N VAL H 117 -28.87 55.56 -32.16
CA VAL H 117 -27.63 54.79 -32.18
C VAL H 117 -27.44 54.10 -33.53
N SER H 118 -28.54 53.65 -34.12
CA SER H 118 -28.49 52.98 -35.41
C SER H 118 -27.96 53.93 -36.49
N ARG H 119 -28.40 55.18 -36.42
CA ARG H 119 -27.96 56.20 -37.37
C ARG H 119 -26.45 56.40 -37.23
N THR H 120 -25.99 56.42 -35.97
CA THR H 120 -24.58 56.59 -35.68
C THR H 120 -23.76 55.44 -36.26
N ILE H 121 -24.30 54.23 -36.15
CA ILE H 121 -23.63 53.04 -36.67
C ILE H 121 -23.45 53.14 -38.18
N ALA H 122 -24.47 53.64 -38.86
CA ALA H 122 -24.42 53.79 -40.31
C ALA H 122 -23.41 54.85 -40.73
N GLN H 123 -23.24 55.90 -39.92
CA GLN H 123 -22.34 56.99 -40.28
C GLN H 123 -20.89 56.58 -40.15
N TYR H 124 -20.56 55.76 -39.16
CA TYR H 124 -19.18 55.47 -38.83
C TYR H 124 -18.75 54.01 -39.01
N ALA H 125 -19.64 53.13 -39.48
CA ALA H 125 -19.26 51.73 -39.65
C ALA H 125 -18.06 51.60 -40.61
N GLY H 126 -18.19 52.19 -41.79
CA GLY H 126 -17.11 52.12 -42.77
C GLY H 126 -16.82 50.73 -43.28
N GLY H 127 -17.72 49.78 -43.07
CA GLY H 127 -17.52 48.42 -43.45
C GLY H 127 -18.59 47.51 -42.88
N PRO H 128 -18.53 46.22 -43.22
CA PRO H 128 -19.53 45.27 -42.73
C PRO H 128 -19.50 45.15 -41.21
N LYS H 129 -20.69 45.09 -40.60
CA LYS H 129 -20.84 44.97 -39.17
C LYS H 129 -22.02 44.04 -38.87
N ILE H 130 -21.92 43.30 -37.77
CA ILE H 130 -23.05 42.60 -37.18
C ILE H 130 -23.58 43.44 -36.03
N VAL H 131 -24.87 43.79 -36.08
CA VAL H 131 -25.48 44.63 -35.05
C VAL H 131 -26.51 43.80 -34.30
N VAL H 132 -26.37 43.77 -32.97
CA VAL H 132 -27.18 42.91 -32.10
C VAL H 132 -27.89 43.79 -31.09
N GLU H 133 -29.19 43.71 -31.06
CA GLU H 133 -29.97 44.43 -30.11
C GLU H 133 -30.09 43.56 -28.91
N LYS H 134 -29.64 44.06 -27.78
CA LYS H 134 -29.67 43.31 -26.56
C LYS H 134 -30.45 44.08 -25.54
N SER H 135 -31.56 43.51 -25.10
CA SER H 135 -32.40 44.18 -24.15
C SER H 135 -33.25 43.23 -23.36
N THR H 136 -33.74 43.66 -22.22
CA THR H 136 -34.59 42.84 -21.40
C THR H 136 -36.02 42.91 -21.85
N VAL H 137 -36.41 43.98 -22.50
CA VAL H 137 -37.77 44.13 -22.95
C VAL H 137 -37.85 44.61 -24.39
N PRO H 138 -37.45 43.71 -25.36
CA PRO H 138 -37.51 44.23 -26.72
C PRO H 138 -38.82 44.05 -27.44
N VAL H 139 -39.31 45.11 -28.04
CA VAL H 139 -40.51 45.00 -28.84
C VAL H 139 -40.31 45.76 -30.14
N LYS H 140 -39.90 45.07 -31.17
CA LYS H 140 -39.72 45.72 -32.44
C LYS H 140 -38.51 46.61 -32.46
N ALA H 141 -37.69 46.54 -31.43
CA ALA H 141 -36.49 47.33 -31.41
C ALA H 141 -35.53 46.89 -32.49
N ALA H 142 -35.38 45.60 -32.66
CA ALA H 142 -34.48 45.10 -33.68
C ALA H 142 -34.97 45.44 -35.08
N GLU H 143 -36.30 45.51 -35.27
CA GLU H 143 -36.84 45.89 -36.57
C GLU H 143 -36.54 47.34 -36.92
N SER H 144 -36.53 48.24 -35.93
CA SER H 144 -36.23 49.64 -36.23
C SER H 144 -34.77 49.83 -36.56
N ILE H 145 -33.87 49.11 -35.88
CA ILE H 145 -32.46 49.12 -36.24
C ILE H 145 -32.29 48.63 -37.68
N GLY H 146 -32.94 47.50 -37.99
CA GLY H 146 -32.82 46.93 -39.32
C GLY H 146 -33.38 47.83 -40.39
N CYS H 147 -34.48 48.53 -40.09
CA CYS H 147 -35.04 49.46 -41.06
C CYS H 147 -34.02 50.51 -41.46
N ILE H 148 -33.29 51.04 -40.48
CA ILE H 148 -32.32 52.10 -40.78
C ILE H 148 -31.09 51.55 -41.48
N LEU H 149 -30.55 50.47 -41.00
CA LEU H 149 -29.34 49.93 -41.59
C LEU H 149 -29.52 49.21 -42.90
N ARG H 150 -30.71 48.71 -43.15
CA ARG H 150 -30.99 48.04 -44.39
C ARG H 150 -30.90 49.07 -45.49
N GLU H 151 -31.33 50.27 -45.17
CA GLU H 151 -31.32 51.34 -46.12
C GLU H 151 -29.91 51.84 -46.35
N ALA H 152 -29.11 51.86 -45.31
CA ALA H 152 -27.75 52.33 -45.42
C ALA H 152 -26.91 51.42 -46.29
N GLN H 153 -27.23 50.14 -46.26
CA GLN H 153 -26.52 49.18 -47.05
C GLN H 153 -26.90 49.32 -48.51
N LYS H 154 -28.13 49.73 -48.75
CA LYS H 154 -28.60 49.88 -50.08
C LYS H 154 -28.03 51.10 -50.73
N ASN H 155 -27.66 52.09 -49.94
CA ASN H 155 -27.12 53.28 -50.50
C ASN H 155 -25.61 53.24 -50.57
N ASN H 156 -25.03 52.19 -50.04
CA ASN H 156 -23.60 51.99 -50.04
C ASN H 156 -23.42 50.56 -49.71
N GLU H 157 -23.38 49.70 -50.72
CA GLU H 157 -23.27 48.29 -50.48
C GLU H 157 -21.97 47.84 -49.90
N ASN H 158 -21.03 48.75 -49.83
CA ASN H 158 -19.76 48.43 -49.25
C ASN H 158 -19.97 48.00 -47.84
N LEU H 159 -20.91 48.64 -47.17
CA LEU H 159 -21.17 48.32 -45.81
C LEU H 159 -22.39 47.46 -45.69
N LYS H 160 -22.16 46.23 -45.30
CA LYS H 160 -23.22 45.27 -45.16
C LYS H 160 -23.49 45.03 -43.69
N PHE H 161 -24.73 45.14 -43.31
CA PHE H 161 -25.13 44.97 -41.96
C PHE H 161 -26.13 43.88 -41.81
N GLN H 162 -26.00 43.16 -40.72
CA GLN H 162 -26.96 42.14 -40.32
C GLN H 162 -27.38 42.41 -38.89
N VAL H 163 -28.70 42.55 -38.69
CA VAL H 163 -29.27 42.88 -37.39
C VAL H 163 -29.74 41.60 -36.71
N LEU H 164 -29.33 41.40 -35.46
CA LEU H 164 -29.74 40.26 -34.67
C LEU H 164 -30.50 40.71 -33.42
N SER H 165 -31.39 39.84 -32.94
CA SER H 165 -32.07 40.02 -31.67
C SER H 165 -31.49 39.03 -30.67
N ASN H 166 -31.00 39.54 -29.55
CA ASN H 166 -30.35 38.71 -28.54
C ASN H 166 -30.78 39.21 -27.16
N PRO H 167 -32.00 38.87 -26.75
CA PRO H 167 -32.51 39.36 -25.46
C PRO H 167 -31.62 38.92 -24.31
N GLU H 168 -31.58 39.75 -23.26
CA GLU H 168 -30.80 39.42 -22.08
C GLU H 168 -31.72 38.84 -21.03
N PHE H 169 -31.32 37.72 -20.45
CA PHE H 169 -32.12 36.99 -19.47
C PHE H 169 -31.61 37.13 -18.04
N LEU H 170 -30.49 37.83 -17.83
CA LEU H 170 -29.97 37.99 -16.48
C LEU H 170 -31.00 38.71 -15.61
N ALA H 171 -31.02 38.35 -14.33
CA ALA H 171 -31.73 39.11 -13.32
C ALA H 171 -30.71 39.84 -12.47
N GLU H 172 -31.00 41.09 -12.16
CA GLU H 172 -30.09 41.88 -11.35
C GLU H 172 -29.96 41.27 -9.96
N GLY H 173 -28.79 41.47 -9.34
CA GLY H 173 -28.45 40.83 -8.10
C GLY H 173 -27.81 39.47 -8.27
N THR H 174 -28.15 38.77 -9.35
CA THR H 174 -27.57 37.48 -9.68
C THR H 174 -27.03 37.51 -11.10
N ALA H 175 -26.63 38.69 -11.58
CA ALA H 175 -26.32 38.87 -12.99
C ALA H 175 -25.09 38.05 -13.41
N MET H 176 -24.03 38.08 -12.61
CA MET H 176 -22.80 37.40 -13.02
C MET H 176 -22.99 35.89 -13.02
N LYS H 177 -23.73 35.37 -12.04
CA LYS H 177 -24.05 33.95 -12.03
C LYS H 177 -24.98 33.58 -13.18
N ASP H 178 -25.96 34.45 -13.49
CA ASP H 178 -26.86 34.18 -14.61
C ASP H 178 -26.14 34.27 -15.95
N LEU H 179 -25.22 35.22 -16.10
CA LEU H 179 -24.47 35.35 -17.36
C LEU H 179 -23.50 34.19 -17.57
N ALA H 180 -22.98 33.60 -16.49
CA ALA H 180 -22.03 32.52 -16.65
C ALA H 180 -22.69 31.19 -16.96
N ASN H 181 -23.91 30.96 -16.46
CA ASN H 181 -24.65 29.71 -16.68
C ASN H 181 -26.10 30.02 -16.96
N PRO H 182 -26.39 30.59 -18.13
CA PRO H 182 -27.79 30.91 -18.46
C PRO H 182 -28.58 29.65 -18.75
N ASP H 183 -29.86 29.68 -18.36
CA ASP H 183 -30.79 28.61 -18.71
C ASP H 183 -30.97 28.52 -20.23
N ARG H 184 -30.88 29.66 -20.91
CA ARG H 184 -31.09 29.72 -22.34
C ARG H 184 -30.40 30.98 -22.87
N VAL H 185 -29.91 30.88 -24.10
CA VAL H 185 -29.44 32.03 -24.86
C VAL H 185 -30.29 32.08 -26.12
N LEU H 186 -30.92 33.23 -26.34
CA LEU H 186 -31.90 33.38 -27.41
C LEU H 186 -31.33 34.33 -28.46
N ILE H 187 -31.21 33.85 -29.69
CA ILE H 187 -30.66 34.63 -30.80
C ILE H 187 -31.63 34.56 -31.96
N GLY H 188 -32.04 35.72 -32.47
CA GLY H 188 -32.94 35.81 -33.60
C GLY H 188 -32.28 36.55 -34.75
N GLY H 189 -32.54 36.09 -35.97
CA GLY H 189 -31.95 36.73 -37.13
C GLY H 189 -32.75 36.47 -38.39
N GLU H 190 -32.34 37.17 -39.45
CA GLU H 190 -32.99 37.04 -40.75
C GLU H 190 -32.73 35.65 -41.33
N SER H 191 -33.73 35.14 -42.05
CA SER H 191 -33.64 33.80 -42.64
C SER H 191 -33.08 33.93 -44.05
N SER H 192 -31.76 34.00 -44.13
CA SER H 192 -31.07 34.20 -45.39
C SER H 192 -29.63 33.74 -45.22
N PRO H 193 -28.90 33.55 -46.34
CA PRO H 193 -27.47 33.21 -46.20
C PRO H 193 -26.69 34.14 -45.29
N GLU H 194 -26.78 35.44 -45.53
CA GLU H 194 -26.04 36.43 -44.74
C GLU H 194 -26.53 36.44 -43.30
N GLY H 195 -27.85 36.29 -43.11
CA GLY H 195 -28.39 36.23 -41.76
C GLY H 195 -27.90 35.03 -41.00
N LEU H 196 -27.85 33.87 -41.65
CA LEU H 196 -27.42 32.64 -40.97
C LEU H 196 -25.95 32.69 -40.57
N GLN H 197 -25.09 33.28 -41.39
CA GLN H 197 -23.69 33.45 -40.98
C GLN H 197 -23.56 34.41 -39.81
N ALA H 198 -24.35 35.50 -39.81
CA ALA H 198 -24.26 36.43 -38.69
C ALA H 198 -24.70 35.77 -37.38
N VAL H 199 -25.78 34.98 -37.41
CA VAL H 199 -26.19 34.26 -36.22
C VAL H 199 -25.09 33.29 -35.79
N ALA H 200 -24.46 32.61 -36.76
CA ALA H 200 -23.41 31.64 -36.47
C ALA H 200 -22.22 32.28 -35.77
N GLU H 201 -21.85 33.51 -36.14
CA GLU H 201 -20.71 34.15 -35.49
C GLU H 201 -21.05 34.59 -34.06
N LEU H 202 -22.31 34.95 -33.80
CA LEU H 202 -22.71 35.25 -32.43
C LEU H 202 -22.81 33.97 -31.61
N VAL H 203 -23.33 32.89 -32.21
CA VAL H 203 -23.36 31.60 -31.53
C VAL H 203 -21.95 31.16 -31.16
N ARG H 204 -20.99 31.37 -32.07
CA ARG H 204 -19.61 30.97 -31.79
C ARG H 204 -19.04 31.73 -30.59
N ILE H 205 -19.40 33.01 -30.46
CA ILE H 205 -18.97 33.77 -29.29
C ILE H 205 -19.48 33.11 -28.01
N TYR H 206 -20.79 32.83 -27.96
CA TYR H 206 -21.38 32.26 -26.76
C TYR H 206 -20.87 30.85 -26.49
N GLU H 207 -20.50 30.11 -27.54
CA GLU H 207 -20.05 28.73 -27.33
C GLU H 207 -18.73 28.65 -26.57
N ASN H 208 -18.05 29.78 -26.35
CA ASN H 208 -16.87 29.75 -25.48
C ASN H 208 -17.23 29.40 -24.04
N TRP H 209 -18.50 29.57 -23.63
CA TRP H 209 -18.87 29.21 -22.26
C TRP H 209 -20.30 28.72 -22.12
N VAL H 210 -21.12 28.70 -23.16
CA VAL H 210 -22.49 28.21 -23.11
C VAL H 210 -22.59 26.94 -23.94
N PRO H 211 -23.12 25.85 -23.41
CA PRO H 211 -23.28 24.63 -24.22
C PRO H 211 -24.23 24.87 -25.38
N ARG H 212 -23.98 24.16 -26.49
CA ARG H 212 -24.78 24.38 -27.69
C ARG H 212 -26.25 24.06 -27.43
N ASN H 213 -26.52 23.03 -26.63
CA ASN H 213 -27.91 22.62 -26.37
C ASN H 213 -28.70 23.66 -25.59
N ARG H 214 -28.07 24.74 -25.13
CA ARG H 214 -28.77 25.83 -24.45
C ARG H 214 -28.94 27.08 -25.30
N ILE H 215 -28.52 27.06 -26.56
CA ILE H 215 -28.63 28.21 -27.44
C ILE H 215 -29.77 27.95 -28.42
N ILE H 216 -30.75 28.85 -28.43
CA ILE H 216 -31.90 28.75 -29.32
C ILE H 216 -31.77 29.83 -30.38
N THR H 217 -31.80 29.44 -31.65
CA THR H 217 -31.76 30.35 -32.77
C THR H 217 -33.09 30.28 -33.53
N THR H 218 -33.60 31.45 -33.92
CA THR H 218 -34.89 31.58 -34.57
C THR H 218 -34.89 32.87 -35.39
N ASN H 219 -36.06 33.28 -35.87
CA ASN H 219 -36.14 34.55 -36.57
C ASN H 219 -36.22 35.69 -35.55
N THR H 220 -36.12 36.92 -36.08
CA THR H 220 -35.99 38.10 -35.22
C THR H 220 -37.23 38.29 -34.34
N TRP H 221 -38.42 38.27 -34.95
CA TRP H 221 -39.62 38.56 -34.18
C TRP H 221 -39.89 37.49 -33.13
N SER H 222 -39.68 36.22 -33.47
CA SER H 222 -39.89 35.14 -32.50
C SER H 222 -39.00 35.31 -31.28
N SER H 223 -37.76 35.76 -31.50
CA SER H 223 -36.85 35.99 -30.39
C SER H 223 -37.37 37.09 -29.48
N GLU H 224 -37.90 38.17 -30.06
CA GLU H 224 -38.42 39.26 -29.25
C GLU H 224 -39.71 38.88 -28.57
N LEU H 225 -40.62 38.19 -29.28
CA LEU H 225 -41.88 37.80 -28.67
C LEU H 225 -41.67 36.79 -27.55
N SER H 226 -40.74 35.84 -27.73
CA SER H 226 -40.48 34.87 -26.68
C SER H 226 -39.99 35.55 -25.42
N LYS H 227 -39.13 36.56 -25.56
CA LYS H 227 -38.68 37.31 -24.39
C LYS H 227 -39.85 38.06 -23.75
N LEU H 228 -40.67 38.73 -24.58
CA LEU H 228 -41.81 39.47 -24.04
C LEU H 228 -42.74 38.57 -23.24
N VAL H 229 -43.00 37.37 -23.74
CA VAL H 229 -43.91 36.47 -23.05
C VAL H 229 -43.24 35.83 -21.83
N ALA H 230 -41.95 35.49 -21.93
CA ALA H 230 -41.28 34.88 -20.79
C ALA H 230 -41.30 35.79 -19.58
N ASN H 231 -40.99 37.07 -19.78
CA ASN H 231 -41.07 38.03 -18.67
C ASN H 231 -42.47 38.06 -18.08
N ALA H 232 -43.50 38.02 -18.93
CA ALA H 232 -44.88 38.09 -18.46
C ALA H 232 -45.24 36.86 -17.63
N PHE H 233 -44.78 35.67 -18.04
CA PHE H 233 -45.02 34.47 -17.23
C PHE H 233 -44.40 34.62 -15.84
N LEU H 234 -43.17 35.11 -15.78
CA LEU H 234 -42.52 35.33 -14.49
C LEU H 234 -43.31 36.31 -13.65
N ALA H 235 -43.69 37.44 -14.24
CA ALA H 235 -44.47 38.44 -13.53
C ALA H 235 -45.83 37.89 -13.08
N GLN H 236 -46.43 37.02 -13.89
CA GLN H 236 -47.75 36.47 -13.54
C GLN H 236 -47.68 35.54 -12.34
N ARG H 237 -46.61 34.77 -12.20
CA ARG H 237 -46.47 33.90 -11.03
C ARG H 237 -46.49 34.71 -9.75
N ILE H 238 -45.81 35.86 -9.75
CA ILE H 238 -45.74 36.69 -8.56
CA ILE H 238 -45.74 36.69 -8.56
C ILE H 238 -47.10 37.27 -8.20
N SER H 239 -47.86 37.69 -9.21
CA SER H 239 -49.19 38.23 -8.96
C SER H 239 -50.17 37.14 -8.56
N SER H 240 -50.02 35.93 -9.10
CA SER H 240 -50.89 34.84 -8.70
C SER H 240 -50.71 34.51 -7.23
N ILE H 241 -49.45 34.40 -6.78
CA ILE H 241 -49.21 34.10 -5.37
C ILE H 241 -49.58 35.28 -4.48
N ASN H 242 -49.42 36.51 -4.98
CA ASN H 242 -49.79 37.68 -4.18
C ASN H 242 -51.30 37.79 -4.01
N SER H 243 -52.06 37.44 -5.05
CA SER H 243 -53.51 37.46 -4.92
C SER H 243 -53.99 36.44 -3.89
N ILE H 244 -53.31 35.29 -3.82
CA ILE H 244 -53.70 34.26 -2.85
C ILE H 244 -53.27 34.63 -1.43
N SER H 245 -52.24 35.46 -1.29
CA SER H 245 -51.84 35.88 0.06
C SER H 245 -52.97 36.62 0.77
N ALA H 246 -53.80 37.35 0.02
CA ALA H 246 -54.96 38.00 0.63
C ALA H 246 -55.99 36.97 1.09
N VAL H 247 -56.15 35.89 0.32
CA VAL H 247 -57.08 34.82 0.71
C VAL H 247 -56.63 34.17 2.01
N CYS H 248 -55.31 34.00 2.18
CA CYS H 248 -54.77 33.43 3.41
C CYS H 248 -55.05 34.35 4.61
N GLU H 249 -54.82 35.65 4.43
CA GLU H 249 -55.07 36.60 5.52
C GLU H 249 -56.52 36.57 5.96
N ALA H 250 -57.44 36.41 5.01
CA ALA H 250 -58.86 36.44 5.33
C ALA H 250 -59.37 35.11 5.90
N THR H 251 -58.62 34.02 5.73
CA THR H 251 -59.11 32.70 6.11
C THR H 251 -58.21 31.94 7.08
N GLY H 252 -57.13 32.55 7.56
CA GLY H 252 -56.29 31.90 8.55
C GLY H 252 -55.26 30.90 8.03
N ALA H 253 -54.96 30.92 6.74
CA ALA H 253 -53.88 30.10 6.20
C ALA H 253 -52.59 30.90 6.08
N GLU H 254 -51.51 30.19 5.77
CA GLU H 254 -50.19 30.79 5.61
C GLU H 254 -49.78 30.67 4.15
N ILE H 255 -49.46 31.80 3.53
CA ILE H 255 -49.11 31.78 2.10
C ILE H 255 -47.84 30.98 1.86
N SER H 256 -46.93 30.93 2.84
CA SER H 256 -45.70 30.17 2.68
CA SER H 256 -45.70 30.17 2.67
C SER H 256 -46.00 28.67 2.61
N GLU H 257 -46.95 28.21 3.39
CA GLU H 257 -47.38 26.82 3.37
C GLU H 257 -48.08 26.47 2.07
N VAL H 258 -48.96 27.37 1.63
CA VAL H 258 -49.66 27.16 0.36
C VAL H 258 -48.67 27.08 -0.79
N ALA H 259 -47.74 28.05 -0.86
CA ALA H 259 -46.75 28.05 -1.94
C ALA H 259 -45.89 26.79 -1.91
N HIS H 260 -45.51 26.35 -0.70
CA HIS H 260 -44.73 25.13 -0.58
C HIS H 260 -45.47 23.94 -1.17
N ALA H 261 -46.77 23.82 -0.86
CA ALA H 261 -47.55 22.69 -1.36
C ALA H 261 -47.74 22.77 -2.88
N VAL H 262 -48.02 23.97 -3.40
CA VAL H 262 -48.22 24.15 -4.83
C VAL H 262 -46.95 23.78 -5.61
N GLY H 263 -45.79 24.22 -5.11
CA GLY H 263 -44.54 24.06 -5.82
C GLY H 263 -44.02 22.63 -5.94
N TYR H 264 -44.58 21.69 -5.18
CA TYR H 264 -44.15 20.29 -5.32
C TYR H 264 -44.61 19.69 -6.64
N ASP H 265 -45.60 20.29 -7.29
CA ASP H 265 -46.06 19.86 -8.60
C ASP H 265 -45.02 20.31 -9.62
N THR H 266 -44.29 19.36 -10.20
CA THR H 266 -43.24 19.72 -11.14
C THR H 266 -43.80 20.40 -12.39
N ARG H 267 -45.09 20.23 -12.67
CA ARG H 267 -45.73 20.93 -13.78
C ARG H 267 -45.90 22.42 -13.50
N ILE H 268 -45.88 22.82 -12.23
CA ILE H 268 -45.93 24.23 -11.86
C ILE H 268 -44.53 24.78 -11.56
N GLY H 269 -43.69 23.97 -10.92
CA GLY H 269 -42.39 24.43 -10.48
C GLY H 269 -42.46 25.16 -9.15
N SER H 270 -41.39 25.12 -8.37
CA SER H 270 -41.38 25.69 -7.03
C SER H 270 -40.75 27.07 -6.98
N LYS H 271 -40.18 27.56 -8.07
CA LYS H 271 -39.51 28.86 -8.03
C LYS H 271 -40.49 29.99 -8.31
N PHE H 272 -40.09 31.20 -7.92
CA PHE H 272 -40.86 32.42 -8.19
C PHE H 272 -42.27 32.31 -7.63
N LEU H 273 -42.38 31.79 -6.41
CA LEU H 273 -43.64 31.70 -5.68
C LEU H 273 -43.55 32.38 -4.32
N GLN H 274 -42.66 33.36 -4.18
CA GLN H 274 -42.46 34.07 -2.93
CA GLN H 274 -42.46 34.08 -2.92
C GLN H 274 -43.29 35.36 -2.95
N ALA H 275 -44.32 35.41 -2.12
CA ALA H 275 -45.19 36.57 -2.04
C ALA H 275 -44.41 37.80 -1.55
N SER H 276 -44.93 38.97 -1.88
CA SER H 276 -44.24 40.22 -1.57
C SER H 276 -45.20 41.38 -1.64
N VAL H 277 -44.71 42.54 -1.18
CA VAL H 277 -45.45 43.79 -1.27
C VAL H 277 -45.70 44.17 -2.73
N GLY H 278 -44.95 43.59 -3.66
CA GLY H 278 -45.17 43.75 -5.08
C GLY H 278 -43.86 43.73 -5.83
N PHE H 279 -43.89 43.20 -7.05
CA PHE H 279 -42.66 43.14 -7.83
C PHE H 279 -42.29 44.53 -8.33
N GLY H 280 -40.98 44.74 -8.47
CA GLY H 280 -40.46 45.95 -9.06
C GLY H 280 -39.47 45.65 -10.15
N GLY H 281 -38.66 46.64 -10.52
CA GLY H 281 -37.68 46.49 -11.58
C GLY H 281 -38.13 47.11 -12.89
N SER H 282 -37.15 47.44 -13.72
CA SER H 282 -37.40 48.06 -15.02
C SER H 282 -37.94 47.08 -16.05
N CYS H 283 -38.10 45.80 -15.71
CA CYS H 283 -38.54 44.80 -16.68
C CYS H 283 -40.05 44.53 -16.60
N PHE H 284 -40.53 43.99 -15.48
CA PHE H 284 -41.83 43.31 -15.48
C PHE H 284 -42.97 44.26 -15.83
N GLN H 285 -43.10 45.37 -15.10
CA GLN H 285 -44.21 46.30 -15.38
C GLN H 285 -44.12 46.85 -16.79
N LYS H 286 -42.92 47.26 -17.21
CA LYS H 286 -42.70 47.69 -18.58
C LYS H 286 -43.11 46.58 -19.56
N ASP H 287 -42.80 45.33 -19.22
CA ASP H 287 -43.06 44.21 -20.12
C ASP H 287 -44.54 43.89 -20.23
N VAL H 288 -45.23 43.78 -19.10
CA VAL H 288 -46.65 43.44 -19.13
C VAL H 288 -47.44 44.54 -19.83
N LEU H 289 -47.15 45.80 -19.53
CA LEU H 289 -47.83 46.89 -20.20
C LEU H 289 -47.51 46.90 -21.69
N SER H 290 -46.28 46.54 -22.05
CA SER H 290 -45.91 46.47 -23.46
C SER H 290 -46.69 45.35 -24.16
N LEU H 291 -46.85 44.21 -23.50
CA LEU H 291 -47.66 43.14 -24.06
C LEU H 291 -49.12 43.55 -24.17
N VAL H 292 -49.66 44.21 -23.15
CA VAL H 292 -51.05 44.69 -23.21
C VAL H 292 -51.24 45.62 -24.41
N TYR H 293 -50.32 46.55 -24.60
CA TYR H 293 -50.45 47.51 -25.70
C TYR H 293 -50.35 46.81 -27.05
N LEU H 294 -49.42 45.86 -27.17
CA LEU H 294 -49.30 45.10 -28.41
C LEU H 294 -50.60 44.37 -28.74
N CYS H 295 -51.23 43.76 -27.73
CA CYS H 295 -52.47 43.03 -27.98
C CYS H 295 -53.59 43.97 -28.40
N GLU H 296 -53.63 45.15 -27.84
CA GLU H 296 -54.62 46.11 -28.23
C GLU H 296 -54.44 46.53 -29.66
N SER H 297 -53.22 46.76 -30.06
CA SER H 297 -52.96 47.16 -31.42
C SER H 297 -53.23 46.03 -32.41
N LEU H 298 -53.28 44.79 -31.94
CA LEU H 298 -53.63 43.63 -32.75
C LEU H 298 -55.12 43.27 -32.67
N ASN H 299 -55.94 44.13 -32.07
CA ASN H 299 -57.38 43.86 -31.86
C ASN H 299 -57.59 42.55 -31.09
N LEU H 300 -56.87 42.40 -30.00
CA LEU H 300 -57.03 41.28 -29.08
C LEU H 300 -57.34 41.81 -27.68
N PRO H 301 -58.48 42.49 -27.50
CA PRO H 301 -58.75 43.11 -26.20
C PRO H 301 -58.97 42.09 -25.10
N GLN H 302 -59.48 40.90 -25.42
CA GLN H 302 -59.63 39.87 -24.40
C GLN H 302 -58.28 39.42 -23.88
N VAL H 303 -57.27 39.37 -24.76
CA VAL H 303 -55.92 39.03 -24.31
C VAL H 303 -55.31 40.19 -23.55
N ALA H 304 -55.55 41.42 -24.01
CA ALA H 304 -55.05 42.60 -23.29
C ALA H 304 -55.60 42.63 -21.87
N ASP H 305 -56.90 42.40 -21.70
CA ASP H 305 -57.50 42.42 -20.37
C ASP H 305 -56.91 41.35 -19.47
N TYR H 306 -56.66 40.16 -20.02
CA TYR H 306 -56.11 39.07 -19.23
C TYR H 306 -54.77 39.45 -18.63
N TRP H 307 -53.86 39.98 -19.44
CA TRP H 307 -52.54 40.31 -18.93
C TRP H 307 -52.55 41.59 -18.09
N GLN H 308 -53.48 42.50 -18.37
CA GLN H 308 -53.61 43.67 -17.52
C GLN H 308 -53.86 43.28 -16.07
N GLY H 309 -54.51 42.13 -15.84
CA GLY H 309 -54.77 41.69 -14.48
C GLY H 309 -53.52 41.50 -13.66
N VAL H 310 -52.40 41.13 -14.29
CA VAL H 310 -51.14 40.97 -13.58
C VAL H 310 -50.68 42.29 -12.97
N ILE H 311 -50.86 43.39 -13.71
CA ILE H 311 -50.50 44.71 -13.19
C ILE H 311 -51.51 45.16 -12.14
N ASN H 312 -52.80 44.94 -12.39
CA ASN H 312 -53.83 45.33 -11.43
C ASN H 312 -53.56 44.73 -10.05
N ILE H 313 -53.20 43.45 -10.01
CA ILE H 313 -52.92 42.81 -8.73
C ILE H 313 -51.69 43.42 -8.07
N ASN H 314 -50.66 43.71 -8.86
CA ASN H 314 -49.44 44.28 -8.29
C ASN H 314 -49.72 45.63 -7.64
N ASN H 315 -50.46 46.51 -8.34
CA ASN H 315 -50.81 47.79 -7.76
C ASN H 315 -51.68 47.62 -6.53
N TRP H 316 -52.64 46.67 -6.59
CA TRP H 316 -53.51 46.42 -5.45
C TRP H 316 -52.73 45.85 -4.27
N GLN H 317 -51.73 45.01 -4.53
CA GLN H 317 -50.93 44.45 -3.43
C GLN H 317 -50.15 45.55 -2.72
N ARG H 318 -49.55 46.48 -3.47
CA ARG H 318 -48.85 47.61 -2.86
C ARG H 318 -49.79 48.47 -2.03
N ARG H 319 -50.93 48.87 -2.63
CA ARG H 319 -51.87 49.76 -1.95
C ARG H 319 -52.38 49.13 -0.65
N ARG H 320 -52.87 47.90 -0.74
CA ARG H 320 -53.50 47.29 0.43
C ARG H 320 -52.51 47.06 1.56
N PHE H 321 -51.23 46.88 1.23
CA PHE H 321 -50.20 46.74 2.24
C PHE H 321 -50.06 48.04 3.03
N ALA H 322 -49.98 49.17 2.33
CA ALA H 322 -49.87 50.46 3.01
C ALA H 322 -51.13 50.78 3.82
N ASP H 323 -52.31 50.41 3.30
CA ASP H 323 -53.54 50.67 4.05
C ASP H 323 -53.60 49.86 5.34
N LYS H 324 -53.10 48.62 5.31
CA LYS H 324 -53.15 47.81 6.52
C LYS H 324 -52.20 48.34 7.59
N ILE H 325 -51.05 48.89 7.17
CA ILE H 325 -50.15 49.53 8.13
C ILE H 325 -50.89 50.61 8.90
N ILE H 326 -51.60 51.46 8.16
CA ILE H 326 -52.32 52.58 8.77
C ILE H 326 -53.50 52.10 9.60
N ALA H 327 -54.24 51.12 9.08
CA ALA H 327 -55.40 50.62 9.82
C ALA H 327 -54.97 49.97 11.13
N GLU H 328 -53.86 49.23 11.12
CA GLU H 328 -53.38 48.58 12.34
C GLU H 328 -52.80 49.58 13.33
N LEU H 329 -52.42 50.77 12.89
CA LEU H 329 -52.01 51.84 13.79
C LEU H 329 -53.15 52.82 14.07
N PHE H 330 -54.37 52.32 14.23
CA PHE H 330 -55.52 53.14 14.64
C PHE H 330 -55.79 54.29 13.68
N ASN H 331 -55.49 54.09 12.42
CA ASN H 331 -55.76 55.02 11.39
C ASN H 331 -55.01 56.31 11.43
N THR H 332 -53.98 56.38 12.24
CA THR H 332 -53.16 57.55 12.31
C THR H 332 -51.70 57.24 12.45
N VAL H 333 -50.92 57.84 11.60
CA VAL H 333 -49.50 57.75 11.63
C VAL H 333 -48.93 59.13 11.53
N THR H 334 -49.73 60.12 11.84
CA THR H 334 -49.33 61.49 11.73
C THR H 334 -48.29 61.76 12.76
N ASP H 335 -47.16 62.23 12.30
CA ASP H 335 -46.09 62.57 13.18
C ASP H 335 -45.43 61.39 13.85
N LYS H 336 -45.71 60.19 13.40
CA LYS H 336 -45.10 59.02 13.98
C LYS H 336 -43.90 58.62 13.19
N LYS H 337 -42.82 58.29 13.86
CA LYS H 337 -41.63 57.87 13.18
C LYS H 337 -41.81 56.42 12.80
N ILE H 338 -41.57 56.13 11.54
CA ILE H 338 -41.69 54.78 11.01
C ILE H 338 -40.40 54.44 10.30
N ALA H 339 -39.78 53.33 10.69
CA ALA H 339 -38.55 52.87 10.08
C ALA H 339 -38.86 52.01 8.86
N ILE H 340 -38.15 52.27 7.77
CA ILE H 340 -38.28 51.50 6.53
C ILE H 340 -37.00 50.72 6.33
N PHE H 341 -37.10 49.40 6.31
CA PHE H 341 -35.98 48.51 6.06
C PHE H 341 -36.07 48.08 4.59
N GLY H 342 -35.24 48.69 3.74
CA GLY H 342 -35.16 48.30 2.35
C GLY H 342 -35.75 49.32 1.42
N PHE H 343 -35.04 49.62 0.32
CA PHE H 343 -35.56 50.57 -0.65
C PHE H 343 -35.42 50.05 -2.07
N ALA H 344 -34.40 49.25 -2.34
CA ALA H 344 -34.22 48.67 -3.66
C ALA H 344 -35.37 47.72 -3.99
N PHE H 345 -35.58 47.50 -5.29
CA PHE H 345 -36.70 46.65 -5.71
C PHE H 345 -36.47 45.18 -5.43
N LYS H 346 -35.23 44.78 -5.13
CA LYS H 346 -34.91 43.43 -4.69
C LYS H 346 -33.55 43.48 -4.00
N LYS H 347 -33.13 42.36 -3.44
CA LYS H 347 -31.90 42.35 -2.69
C LYS H 347 -30.69 42.25 -3.63
N ASN H 348 -29.53 42.61 -3.08
CA ASN H 348 -28.24 42.51 -3.76
C ASN H 348 -28.18 43.40 -5.00
N THR H 349 -28.84 44.55 -4.94
CA THR H 349 -28.73 45.54 -5.99
C THR H 349 -29.02 46.92 -5.39
N GLY H 350 -28.45 47.95 -6.00
CA GLY H 350 -28.78 49.31 -5.66
C GLY H 350 -29.84 49.91 -6.54
N ASP H 351 -30.37 49.15 -7.49
CA ASP H 351 -31.34 49.67 -8.43
C ASP H 351 -32.68 49.89 -7.75
N THR H 352 -33.29 51.05 -8.00
CA THR H 352 -34.56 51.39 -7.40
C THR H 352 -35.67 51.52 -8.42
N ARG H 353 -35.42 51.17 -9.68
CA ARG H 353 -36.40 51.41 -10.74
C ARG H 353 -37.68 50.62 -10.47
N GLU H 354 -38.80 51.34 -10.38
CA GLU H 354 -40.13 50.78 -10.12
C GLU H 354 -40.18 50.02 -8.80
N SER H 355 -39.31 50.36 -7.86
CA SER H 355 -39.32 49.69 -6.56
C SER H 355 -40.63 49.94 -5.82
N SER H 356 -41.16 48.88 -5.22
CA SER H 356 -42.36 49.01 -4.40
C SER H 356 -42.15 49.92 -3.21
N ALA H 357 -40.91 50.08 -2.76
CA ALA H 357 -40.66 50.97 -1.63
C ALA H 357 -41.07 52.40 -1.94
N ILE H 358 -40.95 52.82 -3.20
CA ILE H 358 -41.32 54.19 -3.58
C ILE H 358 -42.80 54.44 -3.33
N HIS H 359 -43.64 53.47 -3.67
CA HIS H 359 -45.08 53.65 -3.56
C HIS H 359 -45.57 53.50 -2.13
N VAL H 360 -44.97 52.58 -1.36
CA VAL H 360 -45.36 52.43 0.04
C VAL H 360 -44.96 53.66 0.84
N ILE H 361 -43.74 54.17 0.62
CA ILE H 361 -43.30 55.35 1.35
C ILE H 361 -44.16 56.56 1.01
N LYS H 362 -44.52 56.71 -0.27
CA LYS H 362 -45.38 57.83 -0.66
C LYS H 362 -46.71 57.79 0.08
N HIS H 363 -47.31 56.59 0.18
CA HIS H 363 -48.56 56.47 0.93
C HIS H 363 -48.38 56.91 2.37
N LEU H 364 -47.28 56.50 3.00
CA LEU H 364 -47.03 56.88 4.39
C LEU H 364 -46.70 58.37 4.50
N MET H 365 -46.03 58.95 3.50
CA MET H 365 -45.79 60.39 3.50
C MET H 365 -47.11 61.18 3.45
N GLU H 366 -48.04 60.75 2.60
CA GLU H 366 -49.32 61.44 2.49
C GLU H 366 -50.13 61.33 3.77
N GLU H 367 -49.80 60.39 4.64
CA GLU H 367 -50.41 60.28 5.95
C GLU H 367 -49.60 61.01 7.02
N HIS H 368 -48.58 61.77 6.60
CA HIS H 368 -47.77 62.61 7.49
C HIS H 368 -46.94 61.78 8.48
N ALA H 369 -46.48 60.61 8.07
CA ALA H 369 -45.52 59.89 8.86
C ALA H 369 -44.13 60.47 8.66
N LYS H 370 -43.29 60.33 9.67
CA LYS H 370 -41.87 60.69 9.59
C LYS H 370 -41.12 59.38 9.33
N LEU H 371 -40.45 59.27 8.19
CA LEU H 371 -39.89 58.00 7.75
C LEU H 371 -38.37 58.04 7.77
N SER H 372 -37.76 57.05 8.43
CA SER H 372 -36.32 56.82 8.44
C SER H 372 -36.04 55.57 7.61
N VAL H 373 -35.34 55.73 6.50
CA VAL H 373 -35.12 54.66 5.53
C VAL H 373 -33.68 54.20 5.61
N TYR H 374 -33.47 52.88 5.64
CA TYR H 374 -32.16 52.27 5.51
C TYR H 374 -32.20 51.21 4.42
N ASP H 375 -31.19 51.23 3.54
CA ASP H 375 -30.97 50.21 2.54
C ASP H 375 -29.47 50.03 2.41
N PRO H 376 -28.99 48.79 2.36
CA PRO H 376 -27.52 48.55 2.36
C PRO H 376 -26.80 49.09 1.14
N LYS H 377 -27.46 49.18 0.01
CA LYS H 377 -26.79 49.61 -1.20
C LYS H 377 -27.29 50.79 -1.99
N VAL H 378 -28.53 51.21 -1.79
CA VAL H 378 -29.07 52.32 -2.56
C VAL H 378 -28.37 53.61 -2.16
N GLN H 379 -27.94 54.38 -3.16
CA GLN H 379 -27.31 55.66 -2.89
C GLN H 379 -28.34 56.60 -2.26
N LYS H 380 -27.90 57.40 -1.30
CA LYS H 380 -28.82 58.34 -0.65
C LYS H 380 -29.44 59.28 -1.66
N SER H 381 -28.62 59.83 -2.58
CA SER H 381 -29.14 60.77 -3.56
C SER H 381 -30.20 60.14 -4.45
N GLN H 382 -30.06 58.85 -4.75
CA GLN H 382 -31.06 58.17 -5.57
C GLN H 382 -32.38 58.06 -4.83
N MET H 383 -32.31 57.72 -3.54
CA MET H 383 -33.51 57.57 -2.72
C MET H 383 -34.31 58.87 -2.67
N LEU H 384 -33.64 60.00 -2.39
CA LEU H 384 -34.33 61.28 -2.27
C LEU H 384 -34.91 61.75 -3.61
N ASN H 385 -34.17 61.54 -4.71
CA ASN H 385 -34.68 61.92 -6.02
C ASN H 385 -35.89 61.09 -6.41
N ASP H 386 -35.88 59.80 -6.11
CA ASP H 386 -37.03 58.94 -6.42
C ASP H 386 -38.27 59.41 -5.66
N LEU H 387 -38.13 59.69 -4.36
CA LEU H 387 -39.26 60.12 -3.56
C LEU H 387 -39.72 61.52 -3.94
N ALA H 388 -38.78 62.41 -4.28
CA ALA H 388 -39.16 63.76 -4.65
C ALA H 388 -39.97 63.79 -5.95
N SER H 389 -39.68 62.89 -6.88
CA SER H 389 -40.37 62.90 -8.17
C SER H 389 -41.83 62.44 -8.07
N VAL H 390 -42.21 61.69 -7.04
CA VAL H 390 -43.60 61.27 -6.88
C VAL H 390 -44.31 62.15 -5.87
N THR H 391 -43.62 62.84 -5.00
CA THR H 391 -44.23 63.84 -4.15
C THR H 391 -43.82 65.30 -4.32
N SER H 392 -42.73 65.70 -3.70
CA SER H 392 -42.22 67.06 -3.81
C SER H 392 -40.92 67.12 -3.06
N ALA H 393 -40.05 68.02 -3.46
CA ALA H 393 -38.81 68.19 -2.78
C ALA H 393 -39.04 68.67 -1.36
N GLN H 394 -40.02 69.53 -1.17
CA GLN H 394 -40.36 70.03 0.15
C GLN H 394 -40.87 68.94 1.02
N ASP H 395 -41.66 68.07 0.45
CA ASP H 395 -42.22 66.96 1.16
C ASP H 395 -41.15 66.03 1.65
N VAL H 396 -40.14 65.78 0.84
CA VAL H 396 -39.05 64.89 1.21
C VAL H 396 -38.22 65.50 2.34
N GLU H 397 -37.94 66.80 2.28
CA GLU H 397 -37.16 67.44 3.33
C GLU H 397 -37.90 67.39 4.65
N ARG H 398 -39.23 67.48 4.63
CA ARG H 398 -39.99 67.53 5.86
C ARG H 398 -40.19 66.14 6.48
N LEU H 399 -40.27 65.08 5.68
CA LEU H 399 -40.69 63.78 6.18
C LEU H 399 -39.67 62.65 6.10
N ILE H 400 -38.63 62.76 5.27
CA ILE H 400 -37.76 61.63 4.97
C ILE H 400 -36.42 61.80 5.65
N THR H 401 -35.95 60.74 6.32
CA THR H 401 -34.61 60.65 6.88
C THR H 401 -33.92 59.41 6.32
N VAL H 402 -32.68 59.56 5.87
CA VAL H 402 -31.89 58.45 5.34
C VAL H 402 -30.83 58.09 6.37
N GLU H 403 -30.85 56.84 6.82
CA GLU H 403 -29.91 56.34 7.81
C GLU H 403 -28.97 55.33 7.16
N SER H 404 -27.75 55.27 7.67
CA SER H 404 -26.77 54.28 7.23
C SER H 404 -26.72 53.08 8.15
N ASP H 405 -27.63 53.01 9.13
CA ASP H 405 -27.64 52.00 10.15
C ASP H 405 -29.10 51.65 10.43
N PRO H 406 -29.48 50.38 10.37
CA PRO H 406 -30.88 50.03 10.63
C PRO H 406 -31.31 50.29 12.07
N TYR H 407 -30.39 50.12 13.04
CA TYR H 407 -30.73 50.36 14.43
C TYR H 407 -31.00 51.83 14.69
N ALA H 408 -30.31 52.72 13.99
CA ALA H 408 -30.58 54.15 14.13
C ALA H 408 -31.95 54.50 13.56
N ALA H 409 -32.34 53.89 12.44
CA ALA H 409 -33.66 54.14 11.86
C ALA H 409 -34.76 53.63 12.79
N ALA H 410 -34.55 52.51 13.45
CA ALA H 410 -35.57 51.94 14.30
C ALA H 410 -35.65 52.60 15.68
N ARG H 411 -34.58 53.28 16.08
CA ARG H 411 -34.55 53.90 17.40
C ARG H 411 -35.64 54.98 17.50
N GLY H 412 -36.53 54.83 18.47
CA GLY H 412 -37.63 55.76 18.67
C GLY H 412 -38.79 55.62 17.72
N ALA H 413 -38.79 54.61 16.85
CA ALA H 413 -39.84 54.45 15.86
C ALA H 413 -41.07 53.77 16.44
N HIS H 414 -42.23 54.08 15.86
CA HIS H 414 -43.47 53.39 16.21
C HIS H 414 -43.62 52.08 15.44
N ALA H 415 -43.04 51.98 14.25
CA ALA H 415 -43.25 50.79 13.44
C ALA H 415 -42.02 50.50 12.61
N ILE H 416 -41.87 49.22 12.26
CA ILE H 416 -40.87 48.77 11.31
C ILE H 416 -41.61 48.26 10.09
N VAL H 417 -41.15 48.63 8.90
CA VAL H 417 -41.71 48.14 7.65
C VAL H 417 -40.58 47.56 6.81
N VAL H 418 -40.65 46.26 6.54
CA VAL H 418 -39.66 45.56 5.73
C VAL H 418 -40.18 45.48 4.29
N LEU H 419 -39.41 46.06 3.36
CA LEU H 419 -39.82 46.13 1.97
C LEU H 419 -38.85 45.47 1.00
N THR H 420 -37.62 45.19 1.42
CA THR H 420 -36.65 44.52 0.56
C THR H 420 -36.00 43.41 1.36
N GLU H 421 -35.83 42.25 0.73
CA GLU H 421 -35.43 41.02 1.39
C GLU H 421 -33.92 40.91 1.65
N TRP H 422 -33.26 41.99 2.04
CA TRP H 422 -31.82 41.93 2.33
C TRP H 422 -31.55 40.92 3.43
N ASP H 423 -30.58 40.04 3.21
CA ASP H 423 -30.25 39.01 4.18
C ASP H 423 -29.85 39.61 5.52
N GLU H 424 -29.29 40.82 5.49
CA GLU H 424 -28.84 41.47 6.72
C GLU H 424 -29.98 41.66 7.72
N PHE H 425 -31.20 41.86 7.22
CA PHE H 425 -32.35 42.13 8.08
C PHE H 425 -32.78 40.91 8.90
N VAL H 426 -32.44 39.70 8.45
CA VAL H 426 -32.82 38.48 9.18
C VAL H 426 -32.02 38.33 10.47
N GLU H 427 -30.79 38.81 10.54
CA GLU H 427 -29.93 38.60 11.69
C GLU H 427 -29.83 39.81 12.63
N LEU H 428 -30.70 40.80 12.48
CA LEU H 428 -30.64 41.94 13.38
C LEU H 428 -31.13 41.54 14.78
N ASN H 429 -30.75 42.34 15.77
CA ASN H 429 -31.16 42.10 17.15
C ASN H 429 -32.52 42.77 17.34
N TYR H 430 -33.58 42.01 17.10
CA TYR H 430 -34.93 42.57 17.19
C TYR H 430 -35.41 42.70 18.63
N SER H 431 -34.75 42.04 19.58
CA SER H 431 -35.02 42.32 20.99
C SER H 431 -34.50 43.71 21.37
N GLN H 432 -33.27 44.02 20.98
CA GLN H 432 -32.73 45.35 21.22
C GLN H 432 -33.51 46.41 20.45
N ILE H 433 -33.91 46.09 19.21
CA ILE H 433 -34.71 47.03 18.43
C ILE H 433 -36.02 47.32 19.14
N HIS H 434 -36.69 46.27 19.63
CA HIS H 434 -37.96 46.45 20.33
C HIS H 434 -37.79 47.29 21.57
N ASN H 435 -36.66 47.12 22.26
CA ASN H 435 -36.43 47.87 23.49
C ASN H 435 -36.31 49.37 23.23
N ASP H 436 -35.77 49.77 22.08
CA ASP H 436 -35.51 51.17 21.79
C ASP H 436 -36.59 51.82 20.95
N MET H 437 -37.66 51.10 20.63
CA MET H 437 -38.81 51.66 19.91
C MET H 437 -39.83 52.22 20.89
N GLN H 438 -40.80 52.95 20.36
CA GLN H 438 -41.97 53.32 21.13
C GLN H 438 -42.77 52.06 21.47
N HIS H 439 -43.52 52.13 22.56
CA HIS H 439 -44.31 51.00 22.99
C HIS H 439 -45.79 51.37 22.97
N PRO H 440 -46.66 50.53 22.38
CA PRO H 440 -46.34 49.24 21.76
C PRO H 440 -45.64 49.41 20.41
N ALA H 441 -44.78 48.46 20.08
CA ALA H 441 -44.00 48.48 18.84
C ALA H 441 -44.64 47.54 17.83
N ALA H 442 -44.77 48.02 16.59
CA ALA H 442 -45.33 47.23 15.51
C ALA H 442 -44.27 46.99 14.44
N ILE H 443 -44.42 45.88 13.72
CA ILE H 443 -43.52 45.54 12.61
C ILE H 443 -44.32 44.86 11.50
N PHE H 444 -44.07 45.28 10.27
CA PHE H 444 -44.81 44.83 9.09
C PHE H 444 -43.82 44.28 8.07
N ASP H 445 -43.91 42.98 7.80
CA ASP H 445 -42.99 42.28 6.91
C ASP H 445 -43.61 42.15 5.52
N GLY H 446 -43.14 42.97 4.59
CA GLY H 446 -43.57 42.85 3.22
C GLY H 446 -42.78 41.88 2.37
N ARG H 447 -41.86 41.12 2.99
CA ARG H 447 -41.03 40.18 2.26
C ARG H 447 -40.99 38.79 2.88
N LEU H 448 -41.64 38.59 4.03
CA LEU H 448 -41.79 37.27 4.65
C LEU H 448 -40.43 36.63 4.96
N ILE H 449 -39.50 37.43 5.48
CA ILE H 449 -38.17 36.93 5.82
C ILE H 449 -37.95 36.78 7.33
N LEU H 450 -38.84 37.32 8.16
CA LEU H 450 -38.67 37.32 9.60
C LEU H 450 -39.51 36.23 10.26
N ASP H 451 -39.08 35.84 11.45
CA ASP H 451 -39.75 34.81 12.24
C ASP H 451 -40.89 35.44 13.02
N GLN H 452 -42.12 35.18 12.59
CA GLN H 452 -43.28 35.79 13.25
C GLN H 452 -43.41 35.35 14.70
N LYS H 453 -43.22 34.06 14.97
CA LYS H 453 -43.33 33.57 16.33
C LYS H 453 -42.30 34.24 17.24
N ALA H 454 -41.09 34.45 16.74
CA ALA H 454 -40.06 35.10 17.54
C ALA H 454 -40.40 36.57 17.80
N LEU H 455 -40.86 37.29 16.78
CA LEU H 455 -41.19 38.70 16.97
C LEU H 455 -42.33 38.89 17.96
N ARG H 456 -43.33 38.01 17.90
CA ARG H 456 -44.44 38.10 18.84
C ARG H 456 -43.98 37.82 20.27
N GLU H 457 -43.05 36.87 20.45
CA GLU H 457 -42.54 36.61 21.79
C GLU H 457 -41.68 37.76 22.30
N ILE H 458 -41.05 38.51 21.39
CA ILE H 458 -40.28 39.68 21.82
C ILE H 458 -41.22 40.76 22.35
N GLY H 459 -42.45 40.82 21.84
CA GLY H 459 -43.43 41.77 22.32
C GLY H 459 -43.95 42.67 21.22
N PHE H 460 -43.60 42.36 19.97
CA PHE H 460 -44.07 43.11 18.82
C PHE H 460 -45.54 42.85 18.54
N ARG H 461 -46.23 43.87 18.06
CA ARG H 461 -47.44 43.69 17.26
C ARG H 461 -46.94 43.42 15.84
N THR H 462 -46.93 42.15 15.43
CA THR H 462 -46.24 41.74 14.21
C THR H 462 -47.22 41.31 13.14
N PHE H 463 -46.93 41.70 11.89
CA PHE H 463 -47.79 41.42 10.76
C PHE H 463 -46.94 41.04 9.56
N ALA H 464 -47.50 40.25 8.66
CA ALA H 464 -46.79 39.83 7.47
C ALA H 464 -47.81 39.52 6.39
N ILE H 465 -47.44 39.85 5.15
CA ILE H 465 -48.29 39.53 4.00
C ILE H 465 -48.52 38.02 3.95
N GLY H 466 -49.77 37.62 3.77
CA GLY H 466 -50.10 36.21 3.70
C GLY H 466 -50.31 35.55 5.04
N THR H 467 -50.23 36.30 6.13
CA THR H 467 -50.54 35.80 7.47
C THR H 467 -51.72 36.58 8.03
N SER H 468 -52.70 35.86 8.54
CA SER H 468 -53.86 36.49 9.15
C SER H 468 -53.42 37.34 10.34
N PRO H 469 -53.96 38.55 10.51
CA PRO H 469 -53.56 39.35 11.67
C PRO H 469 -54.17 38.79 12.94
N LYS I 8 -45.23 39.20 77.09
CA LYS I 8 -44.51 39.11 75.82
C LYS I 8 -43.17 39.76 75.86
N VAL I 9 -42.18 39.02 75.41
CA VAL I 9 -40.83 39.48 75.40
C VAL I 9 -40.54 40.34 74.20
N SER I 10 -39.87 41.46 74.40
CA SER I 10 -39.52 42.32 73.30
C SER I 10 -38.08 42.77 73.33
N LYS I 11 -37.39 42.52 74.43
CA LYS I 11 -36.01 42.94 74.60
C LYS I 11 -35.20 41.75 75.10
N VAL I 12 -34.30 41.26 74.26
CA VAL I 12 -33.50 40.07 74.54
C VAL I 12 -32.04 40.48 74.71
N VAL I 13 -31.41 39.95 75.75
CA VAL I 13 -29.98 40.11 75.99
C VAL I 13 -29.36 38.72 76.11
N CYS I 14 -28.13 38.58 75.61
CA CYS I 14 -27.36 37.36 75.76
C CYS I 14 -26.00 37.71 76.31
N VAL I 15 -25.64 37.12 77.44
CA VAL I 15 -24.31 37.27 78.01
C VAL I 15 -23.45 36.16 77.41
N GLY I 16 -22.48 36.55 76.58
CA GLY I 16 -21.65 35.60 75.87
C GLY I 16 -21.75 35.77 74.36
N ALA I 17 -20.72 36.36 73.75
CA ALA I 17 -20.73 36.61 72.32
C ALA I 17 -19.77 35.69 71.57
N GLY I 18 -19.86 34.39 71.83
CA GLY I 18 -19.00 33.40 71.23
C GLY I 18 -19.68 32.64 70.11
N TYR I 19 -19.21 31.42 69.86
CA TYR I 19 -19.77 30.60 68.78
C TYR I 19 -21.23 30.25 69.00
N VAL I 20 -21.72 30.29 70.23
CA VAL I 20 -23.12 30.00 70.52
C VAL I 20 -23.93 31.29 70.57
N GLY I 21 -23.52 32.22 71.43
CA GLY I 21 -24.35 33.39 71.70
C GLY I 21 -24.52 34.30 70.49
N GLY I 22 -23.43 34.59 69.79
CA GLY I 22 -23.46 35.46 68.64
C GLY I 22 -24.42 34.98 67.56
N PRO I 23 -24.12 33.81 66.98
CA PRO I 23 -25.00 33.28 65.93
C PRO I 23 -26.45 33.12 66.36
N THR I 24 -26.71 32.63 67.58
CA THR I 24 -28.08 32.46 68.04
C THR I 24 -28.83 33.77 68.09
N CYS I 25 -28.19 34.83 68.60
CA CYS I 25 -28.85 36.13 68.66
C CYS I 25 -29.06 36.71 67.27
N ALA I 26 -28.12 36.48 66.36
CA ALA I 26 -28.29 36.95 64.98
C ALA I 26 -29.54 36.35 64.36
N MET I 27 -29.79 35.06 64.59
CA MET I 27 -30.97 34.42 64.02
C MET I 27 -32.25 34.95 64.66
N ILE I 28 -32.23 35.21 65.98
CA ILE I 28 -33.40 35.79 66.63
C ILE I 28 -33.72 37.16 66.02
N ALA I 29 -32.71 38.03 65.94
CA ALA I 29 -32.93 39.35 65.35
C ALA I 29 -33.37 39.24 63.89
N HIS I 30 -32.78 38.30 63.15
CA HIS I 30 -33.12 38.14 61.74
C HIS I 30 -34.56 37.70 61.54
N LYS I 31 -35.10 36.93 62.48
CA LYS I 31 -36.43 36.34 62.34
C LYS I 31 -37.51 37.04 63.15
N CYS I 32 -37.13 37.96 64.05
CA CYS I 32 -38.08 38.64 64.93
C CYS I 32 -37.85 40.13 64.83
N PRO I 33 -38.47 40.79 63.85
CA PRO I 33 -38.21 42.23 63.64
C PRO I 33 -38.54 43.10 64.84
N HIS I 34 -39.51 42.69 65.65
CA HIS I 34 -39.98 43.48 66.78
C HIS I 34 -39.26 43.15 68.08
N ILE I 35 -38.21 42.34 68.02
CA ILE I 35 -37.40 41.99 69.17
C ILE I 35 -36.09 42.76 69.06
N THR I 36 -35.67 43.39 70.14
CA THR I 36 -34.34 43.98 70.22
C THR I 36 -33.40 42.95 70.86
N VAL I 37 -32.30 42.66 70.18
CA VAL I 37 -31.31 41.69 70.66
C VAL I 37 -30.00 42.43 70.91
N THR I 38 -29.53 42.37 72.15
CA THR I 38 -28.26 42.97 72.55
C THR I 38 -27.35 41.85 73.05
N VAL I 39 -26.18 41.72 72.43
CA VAL I 39 -25.19 40.70 72.82
C VAL I 39 -24.08 41.41 73.58
N VAL I 40 -23.75 40.88 74.76
CA VAL I 40 -22.73 41.47 75.61
C VAL I 40 -21.69 40.41 75.94
N ASP I 41 -20.53 40.88 76.38
CA ASP I 41 -19.40 39.99 76.63
C ASP I 41 -18.39 40.72 77.49
N MET I 42 -17.70 39.97 78.35
CA MET I 42 -16.62 40.54 79.15
C MET I 42 -15.45 40.99 78.29
N ASN I 43 -15.29 40.38 77.11
CA ASN I 43 -14.20 40.68 76.18
C ASN I 43 -14.62 41.85 75.29
N THR I 44 -14.08 43.04 75.58
CA THR I 44 -14.44 44.21 74.79
C THR I 44 -13.83 44.15 73.39
N ALA I 45 -12.65 43.56 73.25
CA ALA I 45 -12.05 43.41 71.94
C ALA I 45 -12.89 42.50 71.04
N LYS I 46 -13.49 41.46 71.62
CA LYS I 46 -14.37 40.60 70.83
C LYS I 46 -15.64 41.34 70.43
N ILE I 47 -16.17 42.19 71.32
CA ILE I 47 -17.34 42.99 70.97
C ILE I 47 -17.01 43.94 69.82
N ALA I 48 -15.81 44.54 69.84
CA ALA I 48 -15.41 45.45 68.77
C ALA I 48 -15.34 44.75 67.43
N GLU I 49 -14.92 43.48 67.44
CA GLU I 49 -14.88 42.70 66.21
C GLU I 49 -16.29 42.40 65.70
N TRP I 50 -17.23 42.15 66.62
CA TRP I 50 -18.62 41.98 66.22
C TRP I 50 -19.20 43.24 65.57
N ASN I 51 -18.67 44.41 65.91
CA ASN I 51 -19.14 45.66 65.34
C ASN I 51 -18.35 46.11 64.12
N SER I 52 -17.33 45.36 63.70
CA SER I 52 -16.49 45.72 62.57
C SER I 52 -16.94 44.93 61.34
N ASP I 53 -16.17 45.06 60.26
CA ASP I 53 -16.44 44.33 59.03
C ASP I 53 -15.76 42.95 59.00
N LYS I 54 -15.02 42.60 60.05
CA LYS I 54 -14.45 41.27 60.21
C LYS I 54 -14.98 40.68 61.52
N LEU I 55 -15.98 39.81 61.40
CA LEU I 55 -16.57 39.20 62.57
C LEU I 55 -15.56 38.25 63.24
N PRO I 56 -15.66 38.07 64.56
CA PRO I 56 -14.62 37.31 65.28
C PRO I 56 -14.61 35.82 64.99
N ILE I 57 -15.59 35.28 64.27
CA ILE I 57 -15.63 33.88 63.91
C ILE I 57 -16.00 33.79 62.43
N TYR I 58 -15.68 32.65 61.82
CA TYR I 58 -16.08 32.40 60.44
C TYR I 58 -17.23 31.40 60.46
N GLU I 59 -18.39 31.83 59.96
CA GLU I 59 -19.55 30.96 59.80
C GLU I 59 -20.18 31.29 58.46
N PRO I 60 -20.41 30.30 57.61
CA PRO I 60 -21.09 30.57 56.34
C PRO I 60 -22.45 31.21 56.57
N GLY I 61 -22.69 32.33 55.89
CA GLY I 61 -23.93 33.05 55.99
C GLY I 61 -24.07 33.98 57.17
N LEU I 62 -23.11 33.98 58.11
CA LEU I 62 -23.27 34.82 59.30
C LEU I 62 -23.06 36.30 58.97
N ASP I 63 -22.07 36.62 58.12
CA ASP I 63 -21.80 38.02 57.77
C ASP I 63 -23.03 38.71 57.20
N GLU I 64 -23.69 38.05 56.25
CA GLU I 64 -24.86 38.60 55.58
C GLU I 64 -25.98 38.89 56.58
N ILE I 65 -26.23 37.93 57.48
CA ILE I 65 -27.30 38.10 58.47
C ILE I 65 -26.97 39.22 59.43
N VAL I 66 -25.72 39.26 59.92
CA VAL I 66 -25.35 40.24 60.94
C VAL I 66 -25.38 41.65 60.37
N PHE I 67 -24.78 41.85 59.19
CA PHE I 67 -24.71 43.20 58.62
C PHE I 67 -26.10 43.75 58.31
N ALA I 68 -27.05 42.88 57.99
CA ALA I 68 -28.41 43.34 57.69
C ALA I 68 -29.19 43.69 58.94
N ALA I 69 -28.84 43.12 60.10
CA ALA I 69 -29.58 43.34 61.33
C ALA I 69 -28.89 44.28 62.31
N ARG I 70 -27.57 44.38 62.25
CA ARG I 70 -26.84 45.18 63.23
C ARG I 70 -27.14 46.66 63.07
N GLY I 71 -27.25 47.36 64.19
CA GLY I 71 -27.66 48.74 64.23
C GLY I 71 -29.15 48.96 64.09
N ARG I 72 -29.92 47.93 63.71
CA ARG I 72 -31.36 48.03 63.59
C ARG I 72 -32.05 47.42 64.80
N ASN I 73 -32.03 46.09 64.92
CA ASN I 73 -32.55 45.44 66.12
C ASN I 73 -31.55 44.47 66.71
N LEU I 74 -30.32 44.44 66.21
CA LEU I 74 -29.25 43.60 66.75
C LEU I 74 -28.10 44.50 67.19
N PHE I 75 -27.67 44.35 68.44
CA PHE I 75 -26.65 45.22 69.00
C PHE I 75 -25.63 44.41 69.77
N PHE I 76 -24.38 44.87 69.71
CA PHE I 76 -23.27 44.28 70.45
C PHE I 76 -22.69 45.36 71.35
N SER I 77 -22.78 45.15 72.67
CA SER I 77 -22.40 46.17 73.63
C SER I 77 -21.48 45.58 74.69
N SER I 78 -20.72 46.46 75.33
CA SER I 78 -19.90 46.12 76.49
C SER I 78 -20.48 46.63 77.79
N ASP I 79 -21.63 47.31 77.75
CA ASP I 79 -22.30 47.81 78.96
C ASP I 79 -23.28 46.73 79.44
N ILE I 80 -22.75 45.77 80.18
CA ILE I 80 -23.52 44.63 80.68
C ILE I 80 -24.58 45.11 81.69
N PRO I 81 -24.26 45.98 82.65
CA PRO I 81 -25.32 46.42 83.58
C PRO I 81 -26.51 47.06 82.89
N LYS I 82 -26.29 47.90 81.87
CA LYS I 82 -27.42 48.51 81.19
C LYS I 82 -28.26 47.48 80.47
N ALA I 83 -27.61 46.52 79.79
CA ALA I 83 -28.36 45.51 79.05
C ALA I 83 -29.18 44.62 79.98
N ILE I 84 -28.62 44.26 81.14
CA ILE I 84 -29.33 43.41 82.09
C ILE I 84 -30.57 44.13 82.62
N ALA I 85 -30.43 45.41 82.98
CA ALA I 85 -31.54 46.13 83.59
C ALA I 85 -32.70 46.32 82.63
N GLU I 86 -32.42 46.50 81.32
CA GLU I 86 -33.46 46.81 80.36
C GLU I 86 -34.06 45.57 79.71
N ALA I 87 -33.51 44.39 79.96
CA ALA I 87 -33.92 43.18 79.25
C ALA I 87 -35.21 42.61 79.83
N ASP I 88 -35.96 41.93 78.95
CA ASP I 88 -37.05 41.07 79.39
C ASP I 88 -36.56 39.65 79.64
N LEU I 89 -35.67 39.18 78.79
CA LEU I 89 -35.16 37.81 78.85
C LEU I 89 -33.65 37.87 78.64
N ILE I 90 -32.92 37.07 79.41
CA ILE I 90 -31.46 37.11 79.42
C ILE I 90 -30.94 35.69 79.15
N PHE I 91 -30.26 35.53 78.02
CA PHE I 91 -29.54 34.28 77.77
C PHE I 91 -28.19 34.30 78.47
N ILE I 92 -27.78 33.16 79.01
CA ILE I 92 -26.43 32.95 79.49
C ILE I 92 -25.76 31.91 78.59
N SER I 93 -24.72 32.34 77.87
CA SER I 93 -23.98 31.47 76.95
C SER I 93 -22.48 31.74 77.12
N VAL I 94 -21.94 31.36 78.27
CA VAL I 94 -20.54 31.61 78.58
C VAL I 94 -19.79 30.28 78.72
N ASN I 95 -18.48 30.33 78.94
CA ASN I 95 -17.68 29.13 79.01
C ASN I 95 -17.92 28.37 80.32
N THR I 96 -17.79 27.06 80.25
CA THR I 96 -17.73 26.18 81.40
C THR I 96 -16.50 25.30 81.25
N PRO I 97 -15.30 25.88 81.36
CA PRO I 97 -14.08 25.11 81.06
C PRO I 97 -13.89 23.92 82.00
N THR I 98 -13.34 22.85 81.45
CA THR I 98 -13.06 21.67 82.26
C THR I 98 -12.05 21.99 83.36
N LYS I 99 -12.36 21.51 84.58
CA LYS I 99 -11.45 21.69 85.70
C LYS I 99 -10.11 21.01 85.42
N MET I 100 -9.02 21.73 85.68
CA MET I 100 -7.68 21.20 85.49
C MET I 100 -7.00 20.85 86.82
N TYR I 101 -7.80 20.37 87.77
CA TYR I 101 -7.41 20.21 89.17
C TYR I 101 -8.61 19.82 90.02
N GLY I 102 -8.37 19.17 91.16
CA GLY I 102 -9.44 18.94 92.09
C GLY I 102 -10.44 17.88 91.65
N ARG I 103 -11.57 17.85 92.35
CA ARG I 103 -12.60 16.84 92.13
C ARG I 103 -13.15 16.93 90.70
N GLY I 104 -13.11 15.80 89.99
CA GLY I 104 -13.53 15.78 88.60
C GLY I 104 -12.49 16.31 87.64
N LYS I 105 -11.23 16.34 88.05
CA LYS I 105 -10.15 16.91 87.23
C LYS I 105 -10.16 16.33 85.82
N GLY I 106 -10.13 17.22 84.84
CA GLY I 106 -10.08 16.81 83.44
C GLY I 106 -11.36 16.22 82.89
N MET I 107 -12.46 16.26 83.65
CA MET I 107 -13.71 15.67 83.18
C MET I 107 -14.90 16.58 83.45
N ALA I 108 -14.89 17.27 84.52
CA ALA I 108 -16.06 18.01 84.96
C ALA I 108 -15.94 19.49 84.58
N PRO I 109 -17.07 20.13 84.30
CA PRO I 109 -17.05 21.55 83.97
C PRO I 109 -16.92 22.42 85.21
N ASP I 110 -16.29 23.58 85.03
CA ASP I 110 -16.18 24.59 86.07
C ASP I 110 -17.27 25.63 85.83
N LEU I 111 -18.22 25.73 86.76
CA LEU I 111 -19.36 26.62 86.61
C LEU I 111 -19.11 28.03 87.14
N LYS I 112 -17.85 28.41 87.34
CA LYS I 112 -17.53 29.70 87.96
C LYS I 112 -18.07 30.87 87.14
N TYR I 113 -17.97 30.80 85.81
CA TYR I 113 -18.42 31.91 84.97
C TYR I 113 -19.93 31.99 84.92
N VAL I 114 -20.60 30.84 84.87
CA VAL I 114 -22.06 30.82 84.86
C VAL I 114 -22.60 31.44 86.15
N GLU I 115 -21.92 31.17 87.27
CA GLU I 115 -22.34 31.70 88.56
C GLU I 115 -22.07 33.20 88.66
N SER I 116 -20.92 33.67 88.16
CA SER I 116 -20.62 35.09 88.22
C SER I 116 -21.60 35.90 87.39
N VAL I 117 -21.99 35.38 86.22
CA VAL I 117 -23.00 36.08 85.41
C VAL I 117 -24.32 36.11 86.16
N SER I 118 -24.65 35.03 86.88
CA SER I 118 -25.88 35.01 87.67
C SER I 118 -25.88 36.11 88.71
N ARG I 119 -24.76 36.31 89.39
CA ARG I 119 -24.68 37.38 90.41
C ARG I 119 -24.80 38.75 89.76
N THR I 120 -24.17 38.96 88.60
CA THR I 120 -24.35 40.22 87.89
C THR I 120 -25.79 40.42 87.47
N ILE I 121 -26.48 39.36 87.04
CA ILE I 121 -27.89 39.48 86.72
C ILE I 121 -28.70 39.85 87.96
N ALA I 122 -28.42 39.18 89.08
CA ALA I 122 -29.10 39.51 90.33
C ALA I 122 -28.79 40.93 90.77
N GLN I 123 -27.60 41.44 90.46
CA GLN I 123 -27.19 42.75 90.94
C GLN I 123 -27.89 43.88 90.17
N TYR I 124 -28.12 43.69 88.87
CA TYR I 124 -28.58 44.79 88.02
C TYR I 124 -29.95 44.56 87.39
N ALA I 125 -30.60 43.42 87.67
CA ALA I 125 -31.90 43.16 87.06
C ALA I 125 -32.90 44.27 87.39
N GLY I 126 -33.04 44.59 88.67
CA GLY I 126 -33.97 45.62 89.08
C GLY I 126 -35.41 45.32 88.80
N GLY I 127 -35.75 44.06 88.53
CA GLY I 127 -37.09 43.67 88.19
C GLY I 127 -37.15 42.24 87.69
N PRO I 128 -38.37 41.73 87.46
CA PRO I 128 -38.51 40.34 87.02
C PRO I 128 -37.83 40.10 85.67
N LYS I 129 -37.15 38.96 85.56
CA LYS I 129 -36.44 38.57 84.35
C LYS I 129 -36.61 37.08 84.12
N ILE I 130 -36.65 36.68 82.84
CA ILE I 130 -36.52 35.29 82.44
C ILE I 130 -35.06 35.07 82.06
N VAL I 131 -34.41 34.11 82.72
CA VAL I 131 -33.00 33.81 82.47
C VAL I 131 -32.90 32.41 81.88
N VAL I 132 -32.22 32.31 80.73
CA VAL I 132 -32.16 31.08 79.95
C VAL I 132 -30.71 30.68 79.76
N GLU I 133 -30.35 29.52 80.28
CA GLU I 133 -29.00 28.98 80.13
C GLU I 133 -28.95 28.24 78.79
N LYS I 134 -28.04 28.66 77.92
CA LYS I 134 -27.96 28.11 76.57
C LYS I 134 -26.51 27.75 76.27
N SER I 135 -26.22 26.44 76.22
CA SER I 135 -24.90 25.97 75.87
C SER I 135 -25.03 24.62 75.16
N THR I 136 -23.90 24.13 74.66
CA THR I 136 -23.91 22.83 74.01
C THR I 136 -23.66 21.68 74.98
N VAL I 137 -23.03 21.93 76.13
CA VAL I 137 -22.86 20.89 77.14
C VAL I 137 -23.36 21.39 78.50
N PRO I 138 -24.65 21.37 78.74
CA PRO I 138 -25.10 21.82 80.06
C PRO I 138 -25.27 20.72 81.09
N VAL I 139 -24.67 20.90 82.25
CA VAL I 139 -24.84 19.95 83.30
C VAL I 139 -24.98 20.69 84.57
N LYS I 140 -26.19 20.75 85.07
CA LYS I 140 -26.42 21.44 86.30
C LYS I 140 -26.16 22.93 86.16
N ALA I 141 -25.91 23.41 84.96
CA ALA I 141 -25.69 24.85 84.81
C ALA I 141 -26.96 25.63 85.17
N ALA I 142 -28.12 25.16 84.73
CA ALA I 142 -29.38 25.83 85.05
C ALA I 142 -29.71 25.71 86.54
N GLU I 143 -29.31 24.60 87.17
CA GLU I 143 -29.53 24.45 88.59
C GLU I 143 -28.68 25.43 89.39
N SER I 144 -27.46 25.72 88.94
CA SER I 144 -26.63 26.66 89.68
C SER I 144 -27.10 28.08 89.51
N ILE I 145 -27.60 28.41 88.32
CA ILE I 145 -28.23 29.71 88.11
C ILE I 145 -29.41 29.88 89.05
N GLY I 146 -30.27 28.87 89.12
CA GLY I 146 -31.45 28.95 89.96
C GLY I 146 -31.12 29.07 91.43
N CYS I 147 -30.05 28.40 91.88
CA CYS I 147 -29.64 28.50 93.27
C CYS I 147 -29.29 29.94 93.63
N ILE I 148 -28.57 30.64 92.77
CA ILE I 148 -28.19 32.02 93.06
C ILE I 148 -29.40 32.94 92.97
N LEU I 149 -30.22 32.76 91.94
CA LEU I 149 -31.30 33.71 91.71
C LEU I 149 -32.49 33.53 92.66
N ARG I 150 -32.73 32.30 93.16
CA ARG I 150 -33.76 32.15 94.17
C ARG I 150 -33.38 32.87 95.46
N GLU I 151 -32.11 32.89 95.77
CA GLU I 151 -31.64 33.60 96.92
C GLU I 151 -31.91 35.06 96.75
N ALA I 152 -31.68 35.57 95.55
CA ALA I 152 -31.90 36.97 95.31
C ALA I 152 -33.35 37.32 95.49
N GLN I 153 -34.21 36.49 94.96
CA GLN I 153 -35.61 36.72 95.06
C GLN I 153 -36.05 36.65 96.50
N LYS I 154 -35.49 35.72 97.25
CA LYS I 154 -35.85 35.57 98.64
C LYS I 154 -35.47 36.80 99.43
N ASN I 155 -34.30 37.31 99.15
CA ASN I 155 -33.85 38.50 99.80
C ASN I 155 -34.58 39.72 99.38
N ASN I 156 -34.87 39.84 98.10
CA ASN I 156 -35.60 40.96 97.55
C ASN I 156 -36.62 40.39 96.60
N GLU I 157 -37.86 40.26 97.03
CA GLU I 157 -38.88 39.66 96.21
C GLU I 157 -39.18 40.44 94.97
N ASN I 158 -38.70 41.67 94.91
CA ASN I 158 -39.00 42.49 93.76
C ASN I 158 -38.46 41.91 92.49
N LEU I 159 -37.49 41.03 92.62
CA LEU I 159 -36.92 40.38 91.48
C LEU I 159 -37.46 38.99 91.38
N LYS I 160 -38.31 38.72 90.41
CA LYS I 160 -38.84 37.39 90.26
C LYS I 160 -38.25 36.73 89.05
N PHE I 161 -37.36 35.81 89.29
CA PHE I 161 -36.69 35.10 88.25
C PHE I 161 -37.23 33.72 87.97
N GLN I 162 -37.22 33.35 86.71
CA GLN I 162 -37.64 32.06 86.28
C GLN I 162 -36.48 31.64 85.42
N VAL I 163 -35.79 30.57 85.79
CA VAL I 163 -34.62 30.08 85.09
C VAL I 163 -35.05 28.97 84.15
N LEU I 164 -34.66 29.09 82.89
CA LEU I 164 -34.95 28.10 81.87
C LEU I 164 -33.66 27.51 81.34
N SER I 165 -33.77 26.27 80.87
CA SER I 165 -32.70 25.60 80.15
CA SER I 165 -32.69 25.60 80.15
C SER I 165 -33.11 25.49 78.69
N ASN I 166 -32.27 26.00 77.80
CA ASN I 166 -32.53 25.99 76.36
C ASN I 166 -31.24 25.64 75.64
N PRO I 167 -30.87 24.36 75.64
CA PRO I 167 -29.62 23.96 74.98
C PRO I 167 -29.61 24.29 73.50
N GLU I 168 -28.42 24.55 72.98
CA GLU I 168 -28.21 24.88 71.58
C GLU I 168 -27.75 23.64 70.80
N PHE I 169 -28.39 23.40 69.66
CA PHE I 169 -28.10 22.21 68.86
C PHE I 169 -27.31 22.50 67.60
N LEU I 170 -26.98 23.77 67.32
CA LEU I 170 -26.25 24.09 66.10
C LEU I 170 -24.91 23.37 66.06
N ALA I 171 -24.49 23.02 64.85
CA ALA I 171 -23.12 22.57 64.60
C ALA I 171 -22.37 23.68 63.88
N GLU I 172 -21.15 23.94 64.29
CA GLU I 172 -20.36 24.99 63.66
C GLU I 172 -20.08 24.63 62.21
N GLY I 173 -19.94 25.64 61.37
CA GLY I 173 -19.85 25.48 59.94
C GLY I 173 -21.19 25.46 59.23
N THR I 174 -22.25 25.01 59.92
CA THR I 174 -23.60 25.01 59.37
C THR I 174 -24.57 25.70 60.33
N ALA I 175 -24.05 26.65 61.13
CA ALA I 175 -24.83 27.22 62.22
C ALA I 175 -26.06 27.97 61.72
N MET I 176 -25.90 28.78 60.66
CA MET I 176 -27.02 29.57 60.17
C MET I 176 -28.10 28.68 59.57
N LYS I 177 -27.70 27.62 58.86
CA LYS I 177 -28.68 26.68 58.34
C LYS I 177 -29.40 25.95 59.48
N ASP I 178 -28.67 25.58 60.52
CA ASP I 178 -29.28 24.87 61.64
C ASP I 178 -30.22 25.79 62.43
N LEU I 179 -29.82 27.04 62.64
CA LEU I 179 -30.62 27.96 63.44
C LEU I 179 -31.93 28.31 62.74
N ALA I 180 -31.94 28.33 61.40
CA ALA I 180 -33.14 28.71 60.66
C ALA I 180 -34.15 27.56 60.58
N ASN I 181 -33.68 26.31 60.53
CA ASN I 181 -34.55 25.13 60.47
C ASN I 181 -33.99 24.02 61.35
N PRO I 182 -34.08 24.18 62.67
CA PRO I 182 -33.58 23.15 63.58
C PRO I 182 -34.47 21.92 63.58
N ASP I 183 -33.84 20.76 63.80
CA ASP I 183 -34.62 19.54 63.99
C ASP I 183 -35.48 19.61 65.25
N ARG I 184 -35.00 20.31 66.28
CA ARG I 184 -35.71 20.38 67.55
C ARG I 184 -35.27 21.62 68.31
N VAL I 185 -36.19 22.17 69.09
CA VAL I 185 -35.88 23.21 70.06
C VAL I 185 -36.29 22.66 71.43
N LEU I 186 -35.34 22.62 72.36
CA LEU I 186 -35.52 21.98 73.65
C LEU I 186 -35.54 23.07 74.73
N ILE I 187 -36.63 23.13 75.49
CA ILE I 187 -36.81 24.12 76.54
C ILE I 187 -37.23 23.42 77.82
N GLY I 188 -36.48 23.65 78.89
CA GLY I 188 -36.81 23.09 80.19
C GLY I 188 -37.02 24.18 81.22
N GLY I 189 -38.00 23.98 82.10
CA GLY I 189 -38.28 24.91 83.18
C GLY I 189 -39.05 24.20 84.27
N GLU I 190 -39.16 24.88 85.42
CA GLU I 190 -39.84 24.31 86.56
C GLU I 190 -41.35 24.24 86.34
N SER I 191 -41.97 23.23 86.94
CA SER I 191 -43.39 22.94 86.76
C SER I 191 -44.21 23.69 87.79
N SER I 192 -44.56 24.93 87.45
CA SER I 192 -45.33 25.81 88.32
C SER I 192 -46.00 26.85 87.43
N PRO I 193 -46.99 27.58 87.95
CA PRO I 193 -47.60 28.65 87.14
C PRO I 193 -46.58 29.58 86.51
N GLU I 194 -45.68 30.13 87.33
CA GLU I 194 -44.66 31.04 86.82
C GLU I 194 -43.67 30.32 85.90
N GLY I 195 -43.33 29.07 86.22
CA GLY I 195 -42.43 28.33 85.35
C GLY I 195 -43.01 28.06 83.98
N LEU I 196 -44.28 27.65 83.94
CA LEU I 196 -44.93 27.36 82.66
C LEU I 196 -45.12 28.62 81.84
N GLN I 197 -45.39 29.75 82.50
CA GLN I 197 -45.50 31.00 81.76
C GLN I 197 -44.16 31.40 81.16
N ALA I 198 -43.07 31.23 81.91
CA ALA I 198 -41.75 31.57 81.38
C ALA I 198 -41.40 30.70 80.18
N VAL I 199 -41.70 29.40 80.24
CA VAL I 199 -41.46 28.53 79.10
C VAL I 199 -42.30 28.99 77.90
N ALA I 200 -43.57 29.33 78.14
CA ALA I 200 -44.45 29.79 77.08
C ALA I 200 -43.90 31.05 76.41
N GLU I 201 -43.23 31.89 77.20
CA GLU I 201 -42.66 33.14 76.70
C GLU I 201 -41.48 32.90 75.79
N LEU I 202 -40.66 31.88 76.08
CA LEU I 202 -39.57 31.54 75.17
C LEU I 202 -40.11 30.81 73.94
N VAL I 203 -41.10 29.93 74.12
CA VAL I 203 -41.70 29.24 72.98
C VAL I 203 -42.28 30.25 71.99
N ARG I 204 -42.88 31.33 72.50
CA ARG I 204 -43.48 32.32 71.60
C ARG I 204 -42.43 32.97 70.71
N ILE I 205 -41.22 33.20 71.23
CA ILE I 205 -40.15 33.75 70.39
C ILE I 205 -39.83 32.80 69.25
N TYR I 206 -39.55 31.54 69.58
CA TYR I 206 -39.13 30.57 68.56
C TYR I 206 -40.23 30.30 67.54
N GLU I 207 -41.50 30.43 67.94
CA GLU I 207 -42.59 30.19 67.01
C GLU I 207 -42.65 31.23 65.89
N ASN I 208 -41.83 32.28 65.95
CA ASN I 208 -41.74 33.21 64.83
C ASN I 208 -41.21 32.55 63.57
N TRP I 209 -40.47 31.45 63.70
CA TRP I 209 -39.97 30.75 62.52
C TRP I 209 -39.80 29.25 62.72
N VAL I 210 -40.05 28.71 63.91
CA VAL I 210 -39.92 27.29 64.19
C VAL I 210 -41.31 26.73 64.39
N PRO I 211 -41.69 25.66 63.67
CA PRO I 211 -43.02 25.08 63.89
C PRO I 211 -43.16 24.54 65.30
N ARG I 212 -44.40 24.57 65.80
CA ARG I 212 -44.64 24.15 67.18
C ARG I 212 -44.26 22.68 67.38
N ASN I 213 -44.54 21.83 66.38
CA ASN I 213 -44.26 20.40 66.53
C ASN I 213 -42.77 20.08 66.62
N ARG I 214 -41.88 21.07 66.48
CA ARG I 214 -40.45 20.84 66.62
C ARG I 214 -39.91 21.39 67.93
N ILE I 215 -40.77 21.93 68.79
CA ILE I 215 -40.38 22.52 70.07
C ILE I 215 -40.79 21.55 71.17
N ILE I 216 -39.82 21.13 71.99
CA ILE I 216 -40.05 20.21 73.09
C ILE I 216 -39.89 20.96 74.40
N THR I 217 -40.91 20.90 75.26
CA THR I 217 -40.86 21.48 76.58
C THR I 217 -40.93 20.37 77.63
N THR I 218 -40.13 20.51 78.68
CA THR I 218 -40.05 19.54 79.76
C THR I 218 -39.50 20.28 80.99
N ASN I 219 -39.12 19.53 82.02
CA ASN I 219 -38.51 20.20 83.16
C ASN I 219 -37.03 20.48 82.90
N THR I 220 -36.43 21.23 83.82
CA THR I 220 -35.07 21.73 83.64
C THR I 220 -34.05 20.61 83.48
N TRP I 221 -34.06 19.64 84.41
CA TRP I 221 -33.03 18.60 84.38
C TRP I 221 -33.14 17.69 83.17
N SER I 222 -34.36 17.31 82.79
CA SER I 222 -34.54 16.44 81.62
C SER I 222 -34.00 17.11 80.36
N SER I 223 -34.13 18.43 80.26
CA SER I 223 -33.60 19.14 79.11
C SER I 223 -32.08 19.03 79.06
N GLU I 224 -31.41 19.18 80.21
CA GLU I 224 -29.96 19.09 80.22
C GLU I 224 -29.48 17.66 79.99
N LEU I 225 -30.15 16.69 80.63
CA LEU I 225 -29.76 15.30 80.45
C LEU I 225 -29.97 14.84 79.02
N SER I 226 -31.07 15.29 78.39
CA SER I 226 -31.32 14.93 77.00
C SER I 226 -30.24 15.46 76.08
N LYS I 227 -29.81 16.71 76.31
CA LYS I 227 -28.73 17.28 75.51
C LYS I 227 -27.43 16.53 75.74
N LEU I 228 -27.11 16.25 77.00
CA LEU I 228 -25.88 15.52 77.32
C LEU I 228 -25.86 14.17 76.63
N VAL I 229 -27.01 13.48 76.62
CA VAL I 229 -27.08 12.15 76.02
C VAL I 229 -27.07 12.23 74.50
N ALA I 230 -27.77 13.20 73.91
CA ALA I 230 -27.81 13.33 72.47
C ALA I 230 -26.41 13.57 71.89
N ASN I 231 -25.64 14.48 72.49
CA ASN I 231 -24.27 14.69 72.04
C ASN I 231 -23.45 13.41 72.13
N ALA I 232 -23.64 12.64 73.20
CA ALA I 232 -22.88 11.40 73.37
C ALA I 232 -23.23 10.38 72.29
N PHE I 233 -24.50 10.31 71.90
CA PHE I 233 -24.89 9.41 70.80
C PHE I 233 -24.17 9.78 69.50
N LEU I 234 -24.10 11.08 69.19
CA LEU I 234 -23.40 11.51 67.99
C LEU I 234 -21.94 11.12 68.02
N ALA I 235 -21.25 11.39 69.13
CA ALA I 235 -19.84 11.00 69.23
C ALA I 235 -19.69 9.49 69.11
N GLN I 236 -20.66 8.72 69.62
CA GLN I 236 -20.55 7.27 69.59
C GLN I 236 -20.63 6.74 68.16
N ARG I 237 -21.47 7.35 67.33
CA ARG I 237 -21.54 6.96 65.92
C ARG I 237 -20.19 7.09 65.24
N ILE I 238 -19.48 8.18 65.54
CA ILE I 238 -18.19 8.42 64.90
C ILE I 238 -17.14 7.43 65.43
N SER I 239 -17.18 7.15 66.73
CA SER I 239 -16.24 6.17 67.27
C SER I 239 -16.56 4.78 66.76
N SER I 240 -17.84 4.47 66.60
CA SER I 240 -18.22 3.15 66.09
C SER I 240 -17.72 2.97 64.66
N ILE I 241 -17.94 3.96 63.82
CA ILE I 241 -17.48 3.81 62.44
C ILE I 241 -15.95 3.87 62.36
N ASN I 242 -15.30 4.66 63.24
CA ASN I 242 -13.85 4.71 63.24
C ASN I 242 -13.25 3.39 63.72
N SER I 243 -13.89 2.75 64.70
CA SER I 243 -13.39 1.45 65.15
C SER I 243 -13.48 0.42 64.03
N ILE I 244 -14.51 0.53 63.19
CA ILE I 244 -14.67 -0.41 62.07
C ILE I 244 -13.68 -0.11 60.95
N SER I 245 -13.23 1.15 60.83
CA SER I 245 -12.26 1.48 59.79
C SER I 245 -10.97 0.68 59.95
N ALA I 246 -10.60 0.35 61.18
CA ALA I 246 -9.44 -0.51 61.38
C ALA I 246 -9.70 -1.93 60.90
N VAL I 247 -10.93 -2.42 61.08
CA VAL I 247 -11.28 -3.75 60.60
C VAL I 247 -11.23 -3.80 59.08
N CYS I 248 -11.68 -2.73 58.42
CA CYS I 248 -11.62 -2.67 56.97
C CYS I 248 -10.19 -2.73 56.47
N GLU I 249 -9.29 -1.96 57.10
CA GLU I 249 -7.90 -1.94 56.70
C GLU I 249 -7.26 -3.32 56.84
N ALA I 250 -7.66 -4.08 57.87
CA ALA I 250 -7.05 -5.37 58.14
C ALA I 250 -7.59 -6.48 57.26
N THR I 251 -8.73 -6.26 56.60
CA THR I 251 -9.39 -7.30 55.83
C THR I 251 -9.62 -6.94 54.37
N GLY I 252 -9.15 -5.78 53.91
CA GLY I 252 -9.29 -5.44 52.51
C GLY I 252 -10.64 -4.90 52.10
N ALA I 253 -11.47 -4.48 53.06
CA ALA I 253 -12.73 -3.82 52.76
C ALA I 253 -12.55 -2.31 52.81
N GLU I 254 -13.59 -1.59 52.38
CA GLU I 254 -13.60 -0.13 52.35
C GLU I 254 -14.64 0.40 53.33
N ILE I 255 -14.21 1.24 54.28
CA ILE I 255 -15.14 1.76 55.29
C ILE I 255 -16.21 2.64 54.66
N SER I 256 -15.93 3.25 53.50
CA SER I 256 -16.94 4.05 52.83
CA SER I 256 -16.95 4.05 52.82
C SER I 256 -18.11 3.18 52.37
N GLU I 257 -17.80 1.99 51.86
CA GLU I 257 -18.85 1.07 51.42
C GLU I 257 -19.61 0.50 52.61
N VAL I 258 -18.90 0.16 53.69
CA VAL I 258 -19.56 -0.37 54.87
C VAL I 258 -20.52 0.68 55.45
N ALA I 259 -20.03 1.91 55.63
CA ALA I 259 -20.89 2.97 56.16
C ALA I 259 -22.08 3.24 55.25
N HIS I 260 -21.86 3.24 53.94
CA HIS I 260 -22.95 3.42 52.99
C HIS I 260 -23.99 2.33 53.14
N ALA I 261 -23.55 1.07 53.25
CA ALA I 261 -24.49 -0.04 53.38
C ALA I 261 -25.20 -0.01 54.73
N VAL I 262 -24.46 0.30 55.80
CA VAL I 262 -25.06 0.37 57.14
C VAL I 262 -26.13 1.47 57.19
N GLY I 263 -25.84 2.62 56.58
CA GLY I 263 -26.72 3.78 56.67
C GLY I 263 -28.06 3.64 55.97
N TYR I 264 -28.24 2.61 55.14
CA TYR I 264 -29.51 2.40 54.48
C TYR I 264 -30.63 2.01 55.44
N ASP I 265 -30.28 1.50 56.62
CA ASP I 265 -31.28 1.16 57.62
C ASP I 265 -31.77 2.45 58.25
N THR I 266 -33.06 2.77 58.04
CA THR I 266 -33.61 4.00 58.61
C THR I 266 -33.62 3.96 60.13
N ARG I 267 -33.56 2.77 60.74
CA ARG I 267 -33.43 2.66 62.18
C ARG I 267 -32.05 3.10 62.65
N ILE I 268 -31.05 3.07 61.76
CA ILE I 268 -29.73 3.58 62.08
C ILE I 268 -29.54 5.00 61.57
N GLY I 269 -30.07 5.30 60.38
CA GLY I 269 -29.85 6.57 59.75
C GLY I 269 -28.52 6.63 59.02
N SER I 270 -28.44 7.43 57.96
CA SER I 270 -27.26 7.44 57.10
C SER I 270 -26.29 8.57 57.44
N LYS I 271 -26.64 9.46 58.35
CA LYS I 271 -25.79 10.59 58.65
C LYS I 271 -24.81 10.23 59.77
N PHE I 272 -23.75 11.04 59.88
CA PHE I 272 -22.75 10.90 60.95
C PHE I 272 -22.11 9.52 60.97
N LEU I 273 -21.81 9.00 59.78
CA LEU I 273 -21.08 7.75 59.65
C LEU I 273 -19.81 7.94 58.82
N GLN I 274 -19.30 9.16 58.79
CA GLN I 274 -18.10 9.48 58.03
C GLN I 274 -16.88 9.21 58.91
N ALA I 275 -16.10 8.21 58.54
CA ALA I 275 -14.87 7.93 59.26
C ALA I 275 -13.92 9.12 59.17
N SER I 276 -13.02 9.21 60.13
CA SER I 276 -12.13 10.36 60.22
C SER I 276 -10.97 10.02 61.13
N VAL I 277 -9.98 10.93 61.15
CA VAL I 277 -8.86 10.79 62.07
C VAL I 277 -9.32 10.87 63.52
N GLY I 278 -10.48 11.44 63.77
CA GLY I 278 -11.08 11.50 65.09
C GLY I 278 -11.87 12.78 65.22
N PHE I 279 -12.96 12.71 65.99
CA PHE I 279 -13.79 13.89 66.16
C PHE I 279 -13.09 14.90 67.06
N GLY I 280 -13.34 16.18 66.77
CA GLY I 280 -12.85 17.27 67.59
C GLY I 280 -14.00 18.19 67.96
N GLY I 281 -13.68 19.42 68.36
CA GLY I 281 -14.71 20.35 68.75
C GLY I 281 -14.81 20.49 70.25
N SER I 282 -15.36 21.62 70.68
CA SER I 282 -15.49 21.94 72.10
C SER I 282 -16.60 21.16 72.79
N CYS I 283 -17.36 20.34 72.06
CA CYS I 283 -18.54 19.70 72.62
C CYS I 283 -18.33 18.21 72.95
N PHE I 284 -17.98 17.40 71.94
CA PHE I 284 -18.14 15.95 72.07
C PHE I 284 -17.27 15.37 73.19
N GLN I 285 -15.96 15.62 73.16
CA GLN I 285 -15.09 15.06 74.18
C GLN I 285 -15.47 15.56 75.56
N LYS I 286 -15.68 16.88 75.67
CA LYS I 286 -16.13 17.46 76.92
C LYS I 286 -17.44 16.82 77.37
N ASP I 287 -18.33 16.53 76.42
CA ASP I 287 -19.65 16.00 76.77
C ASP I 287 -19.55 14.55 77.26
N VAL I 288 -18.86 13.70 76.52
CA VAL I 288 -18.75 12.30 76.93
C VAL I 288 -18.01 12.18 78.25
N LEU I 289 -16.92 12.93 78.42
CA LEU I 289 -16.20 12.90 79.69
C LEU I 289 -17.08 13.39 80.82
N SER I 290 -17.91 14.39 80.54
CA SER I 290 -18.87 14.88 81.53
C SER I 290 -19.89 13.80 81.86
N LEU I 291 -20.35 13.06 80.85
CA LEU I 291 -21.25 11.94 81.09
C LEU I 291 -20.57 10.84 81.90
N VAL I 292 -19.33 10.51 81.54
CA VAL I 292 -18.57 9.50 82.26
C VAL I 292 -18.44 9.89 83.74
N TYR I 293 -18.09 11.16 83.99
CA TYR I 293 -17.94 11.62 85.36
C TYR I 293 -19.28 11.64 86.10
N LEU I 294 -20.35 12.08 85.43
CA LEU I 294 -21.66 12.06 86.05
C LEU I 294 -22.03 10.64 86.49
N CYS I 295 -21.76 9.65 85.63
CA CYS I 295 -22.09 8.27 85.98
C CYS I 295 -21.24 7.76 87.14
N GLU I 296 -19.96 8.14 87.16
CA GLU I 296 -19.10 7.73 88.28
C GLU I 296 -19.62 8.26 89.60
N SER I 297 -20.10 9.51 89.61
CA SER I 297 -20.63 10.10 90.83
C SER I 297 -21.97 9.49 91.24
N LEU I 298 -22.67 8.83 90.31
CA LEU I 298 -23.93 8.15 90.61
C LEU I 298 -23.75 6.69 90.98
N ASN I 299 -22.51 6.25 91.20
CA ASN I 299 -22.21 4.84 91.47
C ASN I 299 -22.72 3.95 90.34
N LEU I 300 -22.44 4.37 89.11
CA LEU I 300 -22.74 3.59 87.91
C LEU I 300 -21.45 3.36 87.11
N PRO I 301 -20.49 2.60 87.68
CA PRO I 301 -19.20 2.46 86.98
C PRO I 301 -19.30 1.75 85.65
N GLN I 302 -20.19 0.78 85.50
CA GLN I 302 -20.28 0.12 84.19
C GLN I 302 -20.81 1.05 83.12
N VAL I 303 -21.71 1.97 83.48
CA VAL I 303 -22.17 2.94 82.48
C VAL I 303 -21.06 3.92 82.14
N ALA I 304 -20.28 4.31 83.15
CA ALA I 304 -19.10 5.13 82.92
C ALA I 304 -18.11 4.43 82.01
N ASP I 305 -17.84 3.15 82.27
CA ASP I 305 -16.91 2.40 81.43
C ASP I 305 -17.41 2.31 80.00
N TYR I 306 -18.72 2.14 79.82
CA TYR I 306 -19.29 2.00 78.48
C TYR I 306 -19.03 3.26 77.64
N TRP I 307 -19.37 4.43 78.18
CA TRP I 307 -19.23 5.67 77.41
C TRP I 307 -17.78 6.10 77.32
N GLN I 308 -16.93 5.70 78.28
CA GLN I 308 -15.50 5.98 78.18
C GLN I 308 -14.91 5.37 76.90
N GLY I 309 -15.46 4.25 76.44
CA GLY I 309 -14.96 3.63 75.23
C GLY I 309 -15.02 4.53 74.01
N VAL I 310 -16.00 5.44 73.99
CA VAL I 310 -16.09 6.39 72.88
C VAL I 310 -14.85 7.28 72.85
N ILE I 311 -14.37 7.70 74.03
CA ILE I 311 -13.17 8.53 74.06
C ILE I 311 -11.93 7.70 73.78
N ASN I 312 -11.84 6.50 74.36
CA ASN I 312 -10.68 5.64 74.13
C ASN I 312 -10.50 5.35 72.64
N ILE I 313 -11.60 5.07 71.94
CA ILE I 313 -11.51 4.80 70.51
C ILE I 313 -11.03 6.04 69.76
N ASN I 314 -11.53 7.22 70.15
CA ASN I 314 -11.11 8.44 69.47
C ASN I 314 -9.61 8.68 69.65
N ASN I 315 -9.13 8.56 70.90
CA ASN I 315 -7.70 8.74 71.15
C ASN I 315 -6.89 7.68 70.41
N TRP I 316 -7.38 6.45 70.39
CA TRP I 316 -6.70 5.36 69.69
C TRP I 316 -6.68 5.61 68.18
N GLN I 317 -7.75 6.19 67.64
CA GLN I 317 -7.81 6.49 66.22
C GLN I 317 -6.77 7.55 65.84
N ARG I 318 -6.64 8.60 66.66
CA ARG I 318 -5.63 9.61 66.42
C ARG I 318 -4.22 9.04 66.55
N ARG I 319 -3.98 8.28 67.62
CA ARG I 319 -2.63 7.78 67.90
C ARG I 319 -2.15 6.83 66.82
N ARG I 320 -3.02 5.94 66.34
CA ARG I 320 -2.60 4.98 65.31
C ARG I 320 -2.45 5.65 63.95
N PHE I 321 -3.20 6.72 63.68
CA PHE I 321 -3.02 7.44 62.42
C PHE I 321 -1.65 8.10 62.37
N ALA I 322 -1.26 8.79 63.43
CA ALA I 322 0.06 9.41 63.48
C ALA I 322 1.16 8.35 63.47
N ASP I 323 0.91 7.24 64.12
CA ASP I 323 1.87 6.18 64.16
C ASP I 323 2.13 5.62 62.79
N LYS I 324 1.08 5.43 62.03
CA LYS I 324 1.15 4.89 60.71
C LYS I 324 1.92 5.76 59.75
N ILE I 325 1.77 7.05 59.89
CA ILE I 325 2.47 7.96 59.03
C ILE I 325 3.95 7.80 59.22
N ILE I 326 4.38 7.69 60.44
CA ILE I 326 5.82 7.54 60.69
C ILE I 326 6.31 6.21 60.17
N ALA I 327 5.57 5.12 60.43
CA ALA I 327 5.99 3.81 59.96
C ALA I 327 6.03 3.73 58.43
N GLU I 328 5.03 4.31 57.76
CA GLU I 328 5.00 4.29 56.29
C GLU I 328 6.01 5.24 55.66
N LEU I 329 6.51 6.22 56.41
CA LEU I 329 7.62 7.04 55.93
C LEU I 329 8.95 6.45 56.37
N PHE I 330 9.06 5.13 56.27
CA PHE I 330 10.29 4.39 56.50
C PHE I 330 10.78 4.55 57.94
N ASN I 331 9.81 4.67 58.85
CA ASN I 331 10.00 4.72 60.30
C ASN I 331 10.80 5.93 60.77
N THR I 332 10.88 6.96 59.97
CA THR I 332 11.61 8.11 60.41
C THR I 332 11.02 9.35 59.82
N VAL I 333 10.94 10.38 60.63
CA VAL I 333 10.32 11.61 60.22
C VAL I 333 11.25 12.77 60.55
N THR I 334 12.28 12.44 61.27
CA THR I 334 13.33 13.39 61.67
C THR I 334 13.81 14.20 60.48
N ASP I 335 13.61 15.52 60.54
CA ASP I 335 14.06 16.49 59.54
C ASP I 335 13.35 16.35 58.21
N LYS I 336 12.29 15.56 58.12
CA LYS I 336 11.50 15.44 56.90
C LYS I 336 10.44 16.54 56.87
N LYS I 337 10.31 17.21 55.73
CA LYS I 337 9.25 18.19 55.56
C LYS I 337 7.94 17.46 55.26
N ILE I 338 6.92 17.72 56.07
CA ILE I 338 5.60 17.11 55.91
C ILE I 338 4.57 18.23 55.84
N ALA I 339 3.76 18.23 54.79
CA ALA I 339 2.70 19.21 54.62
C ALA I 339 1.43 18.76 55.33
N ILE I 340 0.80 19.67 56.05
CA ILE I 340 -0.45 19.42 56.75
C ILE I 340 -1.56 20.22 56.08
N PHE I 341 -2.56 19.53 55.56
CA PHE I 341 -3.73 20.15 54.94
C PHE I 341 -4.88 20.09 55.94
N GLY I 342 -5.14 21.22 56.60
CA GLY I 342 -6.26 21.33 57.52
C GLY I 342 -5.84 21.42 58.97
N PHE I 343 -6.44 22.35 59.72
CA PHE I 343 -6.11 22.50 61.13
C PHE I 343 -7.38 22.61 61.97
N ALA I 344 -8.43 23.20 61.40
CA ALA I 344 -9.69 23.32 62.12
C ALA I 344 -10.28 21.93 62.40
N PHE I 345 -11.15 21.87 63.41
CA PHE I 345 -11.71 20.57 63.78
C PHE I 345 -12.75 20.06 62.78
N LYS I 346 -13.22 20.91 61.88
CA LYS I 346 -14.08 20.53 60.77
C LYS I 346 -14.02 21.65 59.74
N LYS I 347 -14.67 21.44 58.60
CA LYS I 347 -14.57 22.44 57.54
C LYS I 347 -15.54 23.60 57.79
N ASN I 348 -15.26 24.72 57.12
CA ASN I 348 -16.12 25.90 57.12
C ASN I 348 -16.21 26.53 58.52
N THR I 349 -15.11 26.49 59.26
CA THR I 349 -14.98 27.20 60.52
C THR I 349 -13.50 27.46 60.76
N GLY I 350 -13.22 28.51 61.53
CA GLY I 350 -11.88 28.75 62.01
C GLY I 350 -11.59 28.19 63.38
N ASP I 351 -12.56 27.50 63.99
CA ASP I 351 -12.40 26.97 65.33
C ASP I 351 -11.46 25.78 65.34
N THR I 352 -10.52 25.78 66.29
CA THR I 352 -9.53 24.72 66.42
C THR I 352 -9.66 23.93 67.73
N ARG I 353 -10.71 24.17 68.50
CA ARG I 353 -10.82 23.56 69.81
C ARG I 353 -10.88 22.04 69.70
N GLU I 354 -9.95 21.37 70.38
CA GLU I 354 -9.85 19.91 70.42
C GLU I 354 -9.71 19.31 69.02
N SER I 355 -9.19 20.09 68.07
CA SER I 355 -9.00 19.59 66.72
C SER I 355 -8.03 18.41 66.72
N SER I 356 -8.37 17.38 65.95
CA SER I 356 -7.48 16.23 65.83
C SER I 356 -6.13 16.63 65.24
N ALA I 357 -6.07 17.73 64.50
CA ALA I 357 -4.80 18.17 63.93
C ALA I 357 -3.78 18.48 65.01
N ILE I 358 -4.23 18.97 66.17
CA ILE I 358 -3.32 19.32 67.25
C ILE I 358 -2.55 18.09 67.72
N HIS I 359 -3.26 17.00 68.00
CA HIS I 359 -2.59 15.79 68.48
C HIS I 359 -1.66 15.21 67.43
N VAL I 360 -2.10 15.18 66.16
CA VAL I 360 -1.28 14.59 65.11
C VAL I 360 -0.01 15.39 64.88
N ILE I 361 -0.14 16.72 64.82
CA ILE I 361 1.03 17.57 64.62
C ILE I 361 1.99 17.43 65.80
N LYS I 362 1.45 17.38 67.03
CA LYS I 362 2.30 17.23 68.21
C LYS I 362 3.10 15.93 68.15
N HIS I 363 2.45 14.83 67.77
CA HIS I 363 3.14 13.55 67.66
C HIS I 363 4.29 13.62 66.65
N LEU I 364 4.05 14.26 65.50
CA LEU I 364 5.12 14.38 64.50
C LEU I 364 6.22 15.32 64.98
N MET I 365 5.86 16.36 65.73
CA MET I 365 6.87 17.26 66.30
C MET I 365 7.77 16.52 67.28
N GLU I 366 7.19 15.64 68.10
CA GLU I 366 8.01 14.87 69.03
C GLU I 366 8.98 13.94 68.32
N GLU I 367 8.70 13.61 67.06
CA GLU I 367 9.64 12.85 66.24
C GLU I 367 10.50 13.75 65.37
N HIS I 368 10.49 15.05 65.63
CA HIS I 368 11.39 16.03 65.01
C HIS I 368 11.11 16.25 63.53
N ALA I 369 9.85 16.17 63.10
CA ALA I 369 9.48 16.54 61.74
C ALA I 369 9.36 18.05 61.60
N LYS I 370 9.62 18.53 60.39
CA LYS I 370 9.36 19.91 60.03
C LYS I 370 8.04 19.99 59.26
N LEU I 371 7.08 20.72 59.81
CA LEU I 371 5.71 20.72 59.30
C LEU I 371 5.37 22.07 58.68
N SER I 372 4.83 22.04 57.46
CA SER I 372 4.27 23.21 56.78
C SER I 372 2.75 23.05 56.81
N VAL I 373 2.07 23.94 57.53
CA VAL I 373 0.64 23.81 57.80
C VAL I 373 -0.12 24.86 56.99
N TYR I 374 -1.18 24.43 56.32
CA TYR I 374 -2.12 25.32 55.65
C TYR I 374 -3.54 24.98 56.06
N ASP I 375 -4.33 26.02 56.36
CA ASP I 375 -5.75 25.88 56.61
C ASP I 375 -6.43 27.12 56.06
N PRO I 376 -7.56 26.96 55.36
CA PRO I 376 -8.15 28.12 54.66
C PRO I 376 -8.62 29.24 55.59
N LYS I 377 -8.96 28.94 56.86
CA LYS I 377 -9.58 29.92 57.73
C LYS I 377 -8.94 30.07 59.11
N VAL I 378 -8.17 29.10 59.59
CA VAL I 378 -7.59 29.21 60.93
C VAL I 378 -6.52 30.30 60.96
N GLN I 379 -6.62 31.18 61.96
CA GLN I 379 -5.65 32.25 62.14
C GLN I 379 -4.26 31.70 62.43
N LYS I 380 -3.25 32.35 61.85
CA LYS I 380 -1.87 31.92 62.06
C LYS I 380 -1.50 31.97 63.54
N SER I 381 -1.84 33.08 64.22
CA SER I 381 -1.53 33.20 65.64
C SER I 381 -2.24 32.13 66.46
N GLN I 382 -3.47 31.76 66.06
CA GLN I 382 -4.20 30.71 66.76
C GLN I 382 -3.50 29.37 66.60
N MET I 383 -3.05 29.07 65.38
CA MET I 383 -2.35 27.83 65.11
C MET I 383 -1.08 27.70 65.94
N LEU I 384 -0.26 28.75 65.95
CA LEU I 384 0.99 28.70 66.70
C LEU I 384 0.73 28.61 68.20
N ASN I 385 -0.30 29.33 68.68
CA ASN I 385 -0.66 29.30 70.09
C ASN I 385 -1.16 27.93 70.50
N ASP I 386 -1.95 27.28 69.64
CA ASP I 386 -2.43 25.93 69.94
C ASP I 386 -1.27 24.96 70.07
N LEU I 387 -0.35 24.99 69.10
CA LEU I 387 0.77 24.06 69.11
C LEU I 387 1.74 24.36 70.24
N ALA I 388 1.95 25.64 70.57
CA ALA I 388 2.85 25.98 71.65
C ALA I 388 2.32 25.47 72.99
N SER I 389 1.01 25.44 73.15
CA SER I 389 0.40 25.05 74.41
C SER I 389 0.55 23.57 74.73
N VAL I 390 0.76 22.72 73.72
CA VAL I 390 0.96 21.28 73.94
C VAL I 390 2.44 20.90 73.91
N THR I 391 3.28 21.66 73.21
CA THR I 391 4.72 21.47 73.24
C THR I 391 5.58 22.54 73.92
N SER I 392 5.93 23.58 73.17
CA SER I 392 6.60 24.74 73.73
C SER I 392 6.73 25.74 72.60
N ALA I 393 6.88 27.02 72.97
CA ALA I 393 7.07 28.06 71.98
C ALA I 393 8.34 27.81 71.16
N GLN I 394 9.38 27.30 71.82
CA GLN I 394 10.64 27.03 71.13
C GLN I 394 10.50 25.89 70.13
N ASP I 395 9.78 24.82 70.51
CA ASP I 395 9.57 23.71 69.58
C ASP I 395 8.80 24.16 68.34
N VAL I 396 7.80 25.02 68.52
CA VAL I 396 7.02 25.51 67.38
C VAL I 396 7.91 26.34 66.47
N GLU I 397 8.84 27.11 67.06
CA GLU I 397 9.71 27.97 66.27
C GLU I 397 10.58 27.16 65.33
N ARG I 398 11.11 26.03 65.78
CA ARG I 398 12.00 25.26 64.91
C ARG I 398 11.26 24.36 63.93
N LEU I 399 10.05 23.91 64.27
CA LEU I 399 9.43 22.84 63.49
C LEU I 399 8.21 23.25 62.68
N ILE I 400 7.54 24.35 63.02
CA ILE I 400 6.27 24.70 62.39
C ILE I 400 6.47 25.93 61.51
N THR I 401 6.00 25.84 60.26
CA THR I 401 5.90 26.98 59.37
C THR I 401 4.48 27.03 58.83
N VAL I 402 3.89 28.21 58.80
CA VAL I 402 2.51 28.41 58.37
C VAL I 402 2.50 28.97 56.96
N GLU I 403 1.79 28.31 56.05
CA GLU I 403 1.69 28.71 54.66
C GLU I 403 0.30 29.25 54.38
N SER I 404 0.19 30.16 53.40
CA SER I 404 -1.10 30.73 53.03
C SER I 404 -1.74 30.08 51.81
N ASP I 405 -1.11 29.06 51.21
CA ASP I 405 -1.62 28.37 50.04
C ASP I 405 -1.09 26.95 50.13
N PRO I 406 -1.91 25.94 49.85
CA PRO I 406 -1.46 24.55 50.03
C PRO I 406 -0.28 24.17 49.15
N TYR I 407 -0.13 24.78 47.97
CA TYR I 407 0.98 24.42 47.09
C TYR I 407 2.32 24.81 47.68
N ALA I 408 2.39 25.94 48.40
CA ALA I 408 3.63 26.32 49.06
C ALA I 408 3.98 25.35 50.18
N ALA I 409 2.96 24.90 50.92
CA ALA I 409 3.19 23.92 51.98
C ALA I 409 3.68 22.60 51.39
N ALA I 410 3.14 22.21 50.24
CA ALA I 410 3.48 20.94 49.62
C ALA I 410 4.79 20.98 48.83
N ARG I 411 5.27 22.16 48.46
CA ARG I 411 6.49 22.29 47.68
C ARG I 411 7.67 21.73 48.46
N GLY I 412 8.36 20.75 47.89
CA GLY I 412 9.51 20.14 48.52
C GLY I 412 9.22 19.16 49.63
N ALA I 413 7.95 18.84 49.88
CA ALA I 413 7.59 17.97 50.99
C ALA I 413 7.78 16.50 50.65
N HIS I 414 8.03 15.70 51.69
CA HIS I 414 8.07 14.26 51.53
C HIS I 414 6.68 13.64 51.57
N ALA I 415 5.75 14.27 52.29
CA ALA I 415 4.42 13.69 52.47
C ALA I 415 3.39 14.79 52.66
N ILE I 416 2.14 14.45 52.32
CA ILE I 416 0.97 15.29 52.58
C ILE I 416 0.10 14.57 53.60
N VAL I 417 -0.42 15.31 54.58
CA VAL I 417 -1.34 14.75 55.56
C VAL I 417 -2.61 15.60 55.56
N VAL I 418 -3.73 14.99 55.20
CA VAL I 418 -5.03 15.66 55.18
C VAL I 418 -5.76 15.42 56.49
N LEU I 419 -6.06 16.51 57.21
CA LEU I 419 -6.68 16.41 58.52
C LEU I 419 -8.05 17.09 58.63
N THR I 420 -8.42 17.94 57.68
CA THR I 420 -9.72 18.60 57.69
C THR I 420 -10.34 18.55 56.30
N GLU I 421 -11.65 18.30 56.23
CA GLU I 421 -12.33 18.03 54.97
C GLU I 421 -12.67 19.30 54.17
N TRP I 422 -11.77 20.29 54.15
CA TRP I 422 -12.01 21.50 53.36
C TRP I 422 -12.20 21.16 51.89
N ASP I 423 -13.23 21.75 51.28
CA ASP I 423 -13.53 21.50 49.87
C ASP I 423 -12.36 21.84 48.97
N GLU I 424 -11.56 22.84 49.36
CA GLU I 424 -10.43 23.25 48.54
C GLU I 424 -9.42 22.12 48.33
N PHE I 425 -9.26 21.24 49.32
CA PHE I 425 -8.28 20.16 49.21
C PHE I 425 -8.71 19.11 48.19
N VAL I 426 -10.00 19.01 47.91
CA VAL I 426 -10.49 18.05 46.93
C VAL I 426 -10.05 18.45 45.52
N GLU I 427 -10.15 19.73 45.18
CA GLU I 427 -9.95 20.22 43.82
C GLU I 427 -8.53 20.71 43.51
N LEU I 428 -7.54 20.36 44.33
CA LEU I 428 -6.18 20.79 44.03
C LEU I 428 -5.61 20.02 42.84
N ASN I 429 -4.57 20.59 42.22
CA ASN I 429 -3.87 19.94 41.12
C ASN I 429 -2.78 19.05 41.72
N TYR I 430 -3.15 17.78 41.96
CA TYR I 430 -2.21 16.86 42.62
C TYR I 430 -1.14 16.32 41.69
N SER I 431 -1.31 16.47 40.38
CA SER I 431 -0.21 16.15 39.47
C SER I 431 0.91 17.17 39.63
N GLN I 432 0.55 18.46 39.67
CA GLN I 432 1.55 19.49 39.94
C GLN I 432 2.16 19.31 41.33
N ILE I 433 1.34 18.92 42.30
CA ILE I 433 1.85 18.67 43.65
C ILE I 433 2.85 17.52 43.66
N HIS I 434 2.52 16.43 42.96
CA HIS I 434 3.41 15.28 42.95
C HIS I 434 4.76 15.61 42.31
N ASN I 435 4.74 16.41 41.22
CA ASN I 435 5.99 16.75 40.54
C ASN I 435 6.89 17.62 41.42
N ASP I 436 6.32 18.45 42.28
CA ASP I 436 7.11 19.38 43.08
C ASP I 436 7.43 18.85 44.47
N MET I 437 7.03 17.62 44.79
CA MET I 437 7.42 17.00 46.05
C MET I 437 8.70 16.22 45.86
N GLN I 438 9.35 15.90 46.97
CA GLN I 438 10.44 14.93 46.94
C GLN I 438 9.88 13.53 46.71
N HIS I 439 10.73 12.67 46.16
CA HIS I 439 10.28 11.33 45.81
C HIS I 439 11.03 10.28 46.63
N PRO I 440 10.33 9.24 47.11
CA PRO I 440 8.91 9.03 46.84
C PRO I 440 7.99 9.97 47.63
N ALA I 441 6.87 10.34 47.01
CA ALA I 441 5.92 11.25 47.63
C ALA I 441 4.80 10.43 48.24
N ALA I 442 4.45 10.75 49.48
CA ALA I 442 3.39 10.06 50.20
C ALA I 442 2.24 11.01 50.48
N ILE I 443 1.04 10.45 50.62
CA ILE I 443 -0.12 11.25 50.97
C ILE I 443 -1.03 10.40 51.86
N PHE I 444 -1.49 11.00 52.96
CA PHE I 444 -2.27 10.31 53.99
C PHE I 444 -3.59 11.06 54.15
N ASP I 445 -4.69 10.42 53.79
CA ASP I 445 -6.00 11.05 53.85
C ASP I 445 -6.69 10.63 55.15
N GLY I 446 -6.70 11.54 56.12
CA GLY I 446 -7.39 11.31 57.37
C GLY I 446 -8.84 11.74 57.36
N ARG I 447 -9.36 12.14 56.19
CA ARG I 447 -10.74 12.58 56.05
C ARG I 447 -11.47 11.91 54.90
N LEU I 448 -10.79 11.07 54.11
CA LEU I 448 -11.41 10.27 53.06
C LEU I 448 -12.11 11.15 52.02
N ILE I 449 -11.47 12.24 51.62
CA ILE I 449 -12.06 13.14 50.63
C ILE I 449 -11.39 13.03 49.26
N LEU I 450 -10.23 12.37 49.15
CA LEU I 450 -9.48 12.30 47.91
C LEU I 450 -9.73 10.98 47.19
N ASP I 451 -9.50 11.01 45.88
CA ASP I 451 -9.67 9.85 45.01
C ASP I 451 -8.39 9.01 45.08
N GLN I 452 -8.47 7.87 45.77
CA GLN I 452 -7.30 7.01 45.95
C GLN I 452 -6.77 6.48 44.61
N LYS I 453 -7.67 6.06 43.73
CA LYS I 453 -7.23 5.52 42.44
C LYS I 453 -6.51 6.59 41.63
N ALA I 454 -6.98 7.84 41.69
CA ALA I 454 -6.32 8.90 40.95
C ALA I 454 -4.94 9.21 41.50
N LEU I 455 -4.80 9.28 42.83
CA LEU I 455 -3.49 9.54 43.43
C LEU I 455 -2.51 8.40 43.14
N ARG I 456 -3.01 7.17 43.11
CA ARG I 456 -2.16 6.03 42.81
C ARG I 456 -1.61 6.14 41.39
N GLU I 457 -2.46 6.55 40.44
CA GLU I 457 -2.03 6.67 39.05
C GLU I 457 -1.09 7.86 38.85
N ILE I 458 -1.20 8.89 39.68
CA ILE I 458 -0.26 10.00 39.58
C ILE I 458 1.14 9.58 40.04
N GLY I 459 1.21 8.62 40.96
CA GLY I 459 2.49 8.10 41.42
C GLY I 459 2.71 8.25 42.92
N PHE I 460 1.67 8.64 43.64
CA PHE I 460 1.78 8.77 45.09
C PHE I 460 1.84 7.40 45.77
N ARG I 461 2.58 7.33 46.87
CA ARG I 461 2.34 6.32 47.88
C ARG I 461 1.18 6.83 48.72
N THR I 462 -0.01 6.31 48.48
CA THR I 462 -1.23 6.89 49.00
C THR I 462 -1.84 6.00 50.06
N PHE I 463 -2.37 6.64 51.11
CA PHE I 463 -2.98 5.94 52.23
C PHE I 463 -4.23 6.72 52.65
N ALA I 464 -5.19 5.99 53.22
CA ALA I 464 -6.42 6.59 53.69
C ALA I 464 -6.98 5.74 54.82
N ILE I 465 -7.56 6.41 55.82
CA ILE I 465 -8.23 5.70 56.89
C ILE I 465 -9.35 4.85 56.32
N GLY I 466 -9.41 3.58 56.73
CA GLY I 466 -10.42 2.67 56.27
C GLY I 466 -10.12 1.98 54.97
N THR I 467 -8.94 2.21 54.38
CA THR I 467 -8.47 1.51 53.20
C THR I 467 -7.20 0.74 53.55
N SER I 468 -7.14 -0.51 53.14
CA SER I 468 -5.95 -1.33 53.36
C SER I 468 -4.73 -0.70 52.69
N PRO I 469 -3.59 -0.57 53.39
CA PRO I 469 -2.37 -0.05 52.75
C PRO I 469 -1.71 -1.13 51.90
N MET J 1 -15.73 -17.72 28.20
CA MET J 1 -16.11 -17.73 26.80
C MET J 1 -17.61 -17.65 26.68
N THR J 2 -18.30 -17.96 27.76
CA THR J 2 -19.73 -17.99 27.75
C THR J 2 -20.43 -17.00 28.60
N ASP J 3 -21.38 -16.32 28.00
CA ASP J 3 -22.20 -15.34 28.69
C ASP J 3 -23.57 -15.93 29.03
N GLN J 4 -24.28 -15.24 29.93
CA GLN J 4 -25.61 -15.65 30.38
C GLN J 4 -25.63 -17.13 30.81
N VAL J 5 -24.65 -17.54 31.55
CA VAL J 5 -24.60 -18.91 31.96
C VAL J 5 -25.79 -19.29 32.80
N PHE J 6 -26.24 -18.44 33.69
CA PHE J 6 -27.36 -18.82 34.53
C PHE J 6 -28.75 -18.66 33.97
N GLY J 7 -29.02 -17.62 33.23
CA GLY J 7 -30.34 -17.47 32.66
C GLY J 7 -31.36 -16.88 33.59
N LYS J 8 -32.54 -16.55 33.10
CA LYS J 8 -33.56 -15.98 33.95
C LYS J 8 -33.93 -17.02 34.96
N VAL J 9 -34.05 -16.61 36.21
CA VAL J 9 -34.40 -17.54 37.28
C VAL J 9 -35.91 -17.73 37.26
N SER J 10 -36.35 -19.00 37.22
CA SER J 10 -37.75 -19.33 37.37
C SER J 10 -38.02 -20.38 38.44
N LYS J 11 -36.99 -21.01 39.00
CA LYS J 11 -37.15 -22.03 40.04
C LYS J 11 -36.19 -21.74 41.18
N VAL J 12 -36.74 -21.39 42.33
CA VAL J 12 -35.97 -21.05 43.52
C VAL J 12 -36.20 -22.13 44.57
N VAL J 13 -35.11 -22.58 45.20
CA VAL J 13 -35.17 -23.50 46.32
C VAL J 13 -34.41 -22.88 47.50
N CYS J 14 -34.91 -23.14 48.71
CA CYS J 14 -34.24 -22.71 49.93
C CYS J 14 -34.13 -23.89 50.87
N VAL J 15 -32.90 -24.21 51.29
CA VAL J 15 -32.66 -25.22 52.32
C VAL J 15 -32.71 -24.51 53.66
N GLY J 16 -33.73 -24.85 54.46
CA GLY J 16 -33.95 -24.17 55.72
C GLY J 16 -35.32 -23.52 55.78
N ALA J 17 -36.22 -24.15 56.54
CA ALA J 17 -37.58 -23.64 56.65
C ALA J 17 -37.80 -22.99 58.01
N GLY J 18 -36.91 -22.10 58.40
CA GLY J 18 -36.99 -21.44 59.69
C GLY J 18 -37.55 -20.03 59.58
N TYR J 19 -37.22 -19.21 60.58
CA TYR J 19 -37.73 -17.85 60.61
C TYR J 19 -37.21 -17.00 59.45
N VAL J 20 -36.10 -17.36 58.85
CA VAL J 20 -35.59 -16.64 57.69
C VAL J 20 -36.08 -17.28 56.39
N GLY J 21 -35.84 -18.58 56.22
CA GLY J 21 -36.12 -19.21 54.94
C GLY J 21 -37.60 -19.22 54.59
N GLY J 22 -38.45 -19.57 55.56
CA GLY J 22 -39.87 -19.64 55.35
C GLY J 22 -40.47 -18.34 54.85
N PRO J 23 -40.43 -17.30 55.68
CA PRO J 23 -40.96 -16.00 55.26
C PRO J 23 -40.33 -15.43 54.00
N THR J 24 -39.01 -15.55 53.85
CA THR J 24 -38.35 -14.99 52.67
C THR J 24 -38.88 -15.62 51.40
N CYS J 25 -38.99 -16.95 51.38
CA CYS J 25 -39.52 -17.63 50.20
C CYS J 25 -40.99 -17.31 49.98
N ALA J 26 -41.76 -17.16 51.07
CA ALA J 26 -43.16 -16.80 50.96
C ALA J 26 -43.32 -15.46 50.24
N MET J 27 -42.45 -14.50 50.57
CA MET J 27 -42.55 -13.19 49.93
C MET J 27 -42.14 -13.26 48.46
N ILE J 28 -41.14 -14.10 48.15
CA ILE J 28 -40.73 -14.26 46.76
C ILE J 28 -41.91 -14.74 45.92
N ALA J 29 -42.58 -15.80 46.38
CA ALA J 29 -43.73 -16.31 45.65
C ALA J 29 -44.83 -15.27 45.55
N HIS J 30 -45.06 -14.52 46.62
CA HIS J 30 -46.13 -13.54 46.65
C HIS J 30 -45.90 -12.42 45.63
N LYS J 31 -44.63 -12.11 45.35
CA LYS J 31 -44.28 -11.01 44.47
C LYS J 31 -43.83 -11.44 43.08
N CYS J 32 -43.58 -12.74 42.88
CA CYS J 32 -43.07 -13.24 41.60
C CYS J 32 -43.96 -14.40 41.16
N PRO J 33 -45.09 -14.09 40.53
CA PRO J 33 -46.04 -15.16 40.15
C PRO J 33 -45.43 -16.19 39.22
N HIS J 34 -44.43 -15.82 38.43
CA HIS J 34 -43.84 -16.72 37.45
C HIS J 34 -42.66 -17.51 38.00
N ILE J 35 -42.41 -17.40 39.28
CA ILE J 35 -41.36 -18.16 39.90
C ILE J 35 -41.97 -19.16 40.84
N THR J 36 -41.40 -20.35 40.93
CA THR J 36 -41.92 -21.35 41.82
C THR J 36 -40.89 -21.51 42.87
N VAL J 37 -41.32 -21.48 44.11
CA VAL J 37 -40.45 -21.56 45.26
C VAL J 37 -40.69 -22.80 46.07
N THR J 38 -39.62 -23.50 46.39
CA THR J 38 -39.74 -24.70 47.15
C THR J 38 -38.88 -24.58 48.37
N VAL J 39 -39.46 -24.78 49.53
CA VAL J 39 -38.71 -24.69 50.75
C VAL J 39 -38.43 -26.08 51.25
N VAL J 40 -37.19 -26.34 51.63
CA VAL J 40 -36.82 -27.66 52.09
C VAL J 40 -36.18 -27.69 53.45
N ASP J 41 -36.32 -28.82 54.14
CA ASP J 41 -35.84 -28.90 55.50
C ASP J 41 -35.68 -30.37 55.87
N MET J 42 -34.67 -30.65 56.71
CA MET J 42 -34.49 -32.00 57.22
C MET J 42 -35.63 -32.42 58.14
N ASN J 43 -36.31 -31.46 58.76
CA ASN J 43 -37.34 -31.70 59.79
C ASN J 43 -38.67 -31.98 59.11
N THR J 44 -39.06 -33.26 59.07
CA THR J 44 -40.29 -33.63 58.38
C THR J 44 -41.54 -33.14 59.12
N ALA J 45 -41.50 -33.13 60.45
CA ALA J 45 -42.65 -32.62 61.21
C ALA J 45 -42.84 -31.13 60.97
N LYS J 46 -41.74 -30.38 60.84
CA LYS J 46 -41.84 -28.95 60.60
C LYS J 46 -42.34 -28.65 59.19
N ILE J 47 -41.91 -29.45 58.20
CA ILE J 47 -42.42 -29.28 56.84
C ILE J 47 -43.91 -29.56 56.77
N ALA J 48 -44.37 -30.59 57.49
CA ALA J 48 -45.80 -30.88 57.52
C ALA J 48 -46.58 -29.72 58.12
N GLU J 49 -46.00 -29.05 59.12
CA GLU J 49 -46.63 -27.89 59.74
C GLU J 49 -46.73 -26.72 58.77
N TRP J 50 -45.69 -26.49 57.95
CA TRP J 50 -45.78 -25.44 56.94
C TRP J 50 -46.91 -25.71 55.94
N ASN J 51 -47.28 -26.97 55.76
CA ASN J 51 -48.35 -27.38 54.85
C ASN J 51 -49.71 -27.45 55.52
N SER J 52 -49.80 -27.12 56.82
CA SER J 52 -51.03 -27.18 57.58
C SER J 52 -51.65 -25.78 57.74
N ASP J 53 -52.72 -25.71 58.53
CA ASP J 53 -53.38 -24.46 58.86
C ASP J 53 -52.82 -23.80 60.11
N LYS J 54 -51.85 -24.42 60.76
CA LYS J 54 -51.11 -23.83 61.88
C LYS J 54 -49.63 -23.83 61.49
N LEU J 55 -49.13 -22.69 61.04
CA LEU J 55 -47.74 -22.62 60.60
C LEU J 55 -46.81 -22.76 61.80
N PRO J 56 -45.60 -23.30 61.60
CA PRO J 56 -44.72 -23.59 62.73
C PRO J 56 -44.14 -22.35 63.41
N ILE J 57 -44.33 -21.17 62.83
CA ILE J 57 -43.90 -19.92 63.44
C ILE J 57 -45.05 -18.95 63.32
N TYR J 58 -45.06 -17.96 64.22
CA TYR J 58 -46.08 -16.91 64.18
C TYR J 58 -45.44 -15.62 63.71
N GLU J 59 -45.93 -15.10 62.58
CA GLU J 59 -45.53 -13.84 62.01
C GLU J 59 -46.81 -13.16 61.58
N PRO J 60 -47.04 -11.92 62.00
CA PRO J 60 -48.25 -11.21 61.56
C PRO J 60 -48.29 -11.11 60.05
N GLY J 61 -49.41 -11.51 59.46
CA GLY J 61 -49.60 -11.46 58.03
C GLY J 61 -49.03 -12.63 57.25
N LEU J 62 -48.32 -13.55 57.90
CA LEU J 62 -47.69 -14.65 57.18
C LEU J 62 -48.72 -15.66 56.70
N ASP J 63 -49.75 -15.94 57.52
CA ASP J 63 -50.77 -16.91 57.13
C ASP J 63 -51.43 -16.51 55.81
N GLU J 64 -51.81 -15.24 55.68
CA GLU J 64 -52.47 -14.79 54.45
C GLU J 64 -51.59 -14.99 53.23
N ILE J 65 -50.30 -14.66 53.34
CA ILE J 65 -49.39 -14.81 52.22
C ILE J 65 -49.16 -16.28 51.90
N VAL J 66 -48.95 -17.09 52.94
CA VAL J 66 -48.64 -18.50 52.72
C VAL J 66 -49.84 -19.24 52.14
N PHE J 67 -51.02 -19.04 52.74
CA PHE J 67 -52.22 -19.74 52.28
C PHE J 67 -52.57 -19.35 50.85
N ALA J 68 -52.25 -18.13 50.43
CA ALA J 68 -52.57 -17.69 49.07
C ALA J 68 -51.60 -18.25 48.04
N ALA J 69 -50.36 -18.57 48.43
CA ALA J 69 -49.35 -19.02 47.49
C ALA J 69 -49.07 -20.51 47.53
N ARG J 70 -49.34 -21.18 48.66
CA ARG J 70 -48.98 -22.58 48.81
C ARG J 70 -49.72 -23.46 47.80
N GLY J 71 -48.98 -24.35 47.16
CA GLY J 71 -49.53 -25.24 46.16
C GLY J 71 -49.64 -24.66 44.77
N ARG J 72 -49.45 -23.35 44.61
CA ARG J 72 -49.51 -22.68 43.32
C ARG J 72 -48.09 -22.47 42.82
N ASN J 73 -47.35 -21.55 43.46
CA ASN J 73 -45.94 -21.37 43.17
C ASN J 73 -45.08 -21.41 44.43
N LEU J 74 -45.67 -21.74 45.58
CA LEU J 74 -44.94 -21.91 46.84
C LEU J 74 -45.19 -23.32 47.34
N PHE J 75 -44.11 -24.05 47.63
CA PHE J 75 -44.20 -25.44 48.01
C PHE J 75 -43.25 -25.74 49.17
N PHE J 76 -43.67 -26.66 50.04
CA PHE J 76 -42.87 -27.10 51.18
C PHE J 76 -42.65 -28.61 51.05
N SER J 77 -41.38 -29.00 50.93
CA SER J 77 -40.99 -30.39 50.71
C SER J 77 -39.86 -30.77 51.66
N SER J 78 -39.71 -32.07 51.87
CA SER J 78 -38.57 -32.63 52.60
C SER J 78 -37.60 -33.35 51.67
N ASP J 79 -37.86 -33.35 50.36
CA ASP J 79 -37.00 -34.01 49.37
C ASP J 79 -35.93 -33.02 48.89
N ILE J 80 -34.85 -32.94 49.67
CA ILE J 80 -33.75 -32.01 49.41
C ILE J 80 -33.01 -32.36 48.12
N PRO J 81 -32.63 -33.63 47.88
CA PRO J 81 -31.91 -33.92 46.60
C PRO J 81 -32.71 -33.55 45.37
N LYS J 82 -34.02 -33.83 45.35
CA LYS J 82 -34.83 -33.46 44.20
C LYS J 82 -34.93 -31.95 44.02
N ALA J 83 -35.10 -31.21 45.11
CA ALA J 83 -35.23 -29.76 45.01
C ALA J 83 -33.96 -29.13 44.48
N ILE J 84 -32.80 -29.62 44.93
CA ILE J 84 -31.52 -29.08 44.50
C ILE J 84 -31.32 -29.30 43.00
N ALA J 85 -31.65 -30.50 42.52
CA ALA J 85 -31.36 -30.83 41.12
C ALA J 85 -32.17 -29.97 40.15
N GLU J 86 -33.40 -29.63 40.49
CA GLU J 86 -34.29 -28.92 39.59
C GLU J 86 -34.22 -27.41 39.75
N ALA J 87 -33.47 -26.92 40.73
CA ALA J 87 -33.47 -25.49 41.02
C ALA J 87 -32.57 -24.73 40.05
N ASP J 88 -32.93 -23.47 39.82
CA ASP J 88 -32.02 -22.53 39.17
C ASP J 88 -31.14 -21.84 40.19
N LEU J 89 -31.73 -21.48 41.34
CA LEU J 89 -31.07 -20.75 42.40
C LEU J 89 -31.42 -21.40 43.73
N ILE J 90 -30.43 -21.52 44.61
CA ILE J 90 -30.57 -22.24 45.86
C ILE J 90 -30.17 -21.32 47.00
N PHE J 91 -31.13 -20.98 47.87
CA PHE J 91 -30.83 -20.32 49.13
C PHE J 91 -30.42 -21.34 50.17
N ILE J 92 -29.45 -20.97 51.00
CA ILE J 92 -29.09 -21.73 52.20
C ILE J 92 -29.41 -20.86 53.40
N SER J 93 -30.28 -21.32 54.27
CA SER J 93 -30.68 -20.61 55.46
C SER J 93 -30.77 -21.59 56.60
N VAL J 94 -29.64 -21.94 57.16
CA VAL J 94 -29.60 -22.90 58.21
C VAL J 94 -28.88 -22.34 59.40
N ASN J 95 -28.98 -23.04 60.52
CA ASN J 95 -28.35 -22.61 61.74
C ASN J 95 -26.88 -22.70 61.70
N THR J 96 -26.25 -21.79 62.41
CA THR J 96 -24.83 -21.76 62.50
C THR J 96 -24.55 -21.57 63.95
N PRO J 97 -24.77 -22.69 64.74
CA PRO J 97 -24.53 -22.48 66.17
C PRO J 97 -23.08 -22.39 66.51
N THR J 98 -22.80 -21.93 67.72
CA THR J 98 -21.45 -21.74 68.19
C THR J 98 -20.66 -23.00 68.50
N ASP J 110 -20.53 -22.74 64.12
CA ASP J 110 -20.09 -24.00 63.59
C ASP J 110 -20.79 -24.08 62.27
N LEU J 111 -20.00 -24.18 61.22
CA LEU J 111 -20.52 -24.25 59.88
C LEU J 111 -20.74 -25.67 59.50
N LYS J 112 -20.91 -26.54 60.46
CA LYS J 112 -21.08 -27.93 60.09
C LYS J 112 -22.31 -28.14 59.20
N TYR J 113 -23.41 -27.44 59.49
CA TYR J 113 -24.63 -27.65 58.72
C TYR J 113 -24.53 -27.01 57.34
N VAL J 114 -23.95 -25.81 57.26
CA VAL J 114 -23.81 -25.17 55.96
C VAL J 114 -22.87 -25.97 55.06
N GLU J 115 -21.82 -26.56 55.64
CA GLU J 115 -20.88 -27.33 54.83
C GLU J 115 -21.51 -28.62 54.33
N SER J 116 -22.30 -29.28 55.16
CA SER J 116 -22.99 -30.50 54.72
C SER J 116 -23.98 -30.20 53.60
N VAL J 117 -24.69 -29.07 53.69
CA VAL J 117 -25.62 -28.69 52.63
C VAL J 117 -24.85 -28.39 51.33
N SER J 118 -23.69 -27.73 51.45
CA SER J 118 -22.87 -27.49 50.27
C SER J 118 -22.40 -28.79 49.65
N ARG J 119 -22.24 -29.82 50.46
CA ARG J 119 -21.91 -31.12 49.95
C ARG J 119 -23.06 -31.77 49.18
N THR J 120 -24.28 -31.69 49.71
CA THR J 120 -25.45 -32.21 49.00
C THR J 120 -25.71 -31.43 47.72
N ILE J 121 -25.48 -30.12 47.73
CA ILE J 121 -25.65 -29.34 46.49
C ILE J 121 -24.65 -29.82 45.44
N ALA J 122 -23.43 -30.03 45.83
CA ALA J 122 -22.39 -30.46 44.91
C ALA J 122 -22.76 -31.80 44.33
N GLN J 123 -23.33 -32.62 45.16
CA GLN J 123 -23.75 -33.92 44.78
C GLN J 123 -24.88 -34.06 43.78
N TYR J 124 -25.89 -33.23 43.88
CA TYR J 124 -27.12 -33.36 43.09
C TYR J 124 -27.45 -32.19 42.17
N ALA J 125 -26.63 -31.13 42.10
CA ALA J 125 -26.97 -29.99 41.25
C ALA J 125 -27.14 -30.42 39.79
N GLY J 126 -26.15 -31.12 39.23
CA GLY J 126 -26.26 -31.57 37.86
C GLY J 126 -26.28 -30.48 36.80
N GLY J 127 -25.83 -29.27 37.13
CA GLY J 127 -25.85 -28.17 36.19
C GLY J 127 -25.51 -26.86 36.88
N PRO J 128 -25.37 -25.79 36.10
CA PRO J 128 -25.03 -24.50 36.70
C PRO J 128 -26.12 -24.05 37.65
N LYS J 129 -25.70 -23.57 38.83
CA LYS J 129 -26.63 -23.10 39.84
C LYS J 129 -26.02 -21.90 40.56
N ILE J 130 -26.90 -21.05 41.04
CA ILE J 130 -26.53 -19.90 41.82
C ILE J 130 -26.96 -20.30 43.21
N VAL J 131 -25.99 -20.32 44.10
CA VAL J 131 -26.19 -20.71 45.47
C VAL J 131 -25.98 -19.50 46.33
N VAL J 132 -26.99 -19.20 47.14
CA VAL J 132 -26.97 -18.04 48.00
C VAL J 132 -27.04 -18.29 49.49
N GLU J 133 -26.10 -17.72 50.19
CA GLU J 133 -26.04 -17.84 51.61
C GLU J 133 -26.78 -16.68 52.21
N LYS J 134 -27.91 -16.96 52.84
CA LYS J 134 -28.75 -15.95 53.41
C LYS J 134 -28.96 -16.12 54.88
N SER J 135 -28.34 -15.28 55.69
CA SER J 135 -28.47 -15.36 57.14
C SER J 135 -28.29 -13.99 57.79
N THR J 136 -28.95 -13.83 58.94
CA THR J 136 -28.87 -12.63 59.74
C THR J 136 -27.50 -12.39 60.33
N VAL J 137 -26.75 -13.43 60.64
CA VAL J 137 -25.42 -13.24 61.18
C VAL J 137 -24.45 -14.08 60.40
N PRO J 138 -24.16 -13.61 59.14
CA PRO J 138 -23.26 -14.45 58.37
C PRO J 138 -21.84 -14.14 58.65
N VAL J 139 -21.08 -15.17 58.95
CA VAL J 139 -19.67 -15.01 59.18
C VAL J 139 -18.88 -16.09 58.44
N LYS J 140 -18.32 -15.70 57.30
CA LYS J 140 -17.52 -16.58 56.48
C LYS J 140 -18.25 -17.78 55.94
N ALA J 141 -19.55 -17.81 56.15
CA ALA J 141 -20.44 -18.87 55.71
C ALA J 141 -20.35 -19.06 54.20
N ALA J 142 -20.30 -17.94 53.47
CA ALA J 142 -20.22 -17.98 52.01
C ALA J 142 -18.84 -18.41 51.54
N GLU J 143 -17.79 -18.08 52.29
CA GLU J 143 -16.45 -18.51 51.90
C GLU J 143 -16.30 -20.02 52.02
N SER J 144 -16.95 -20.63 53.00
CA SER J 144 -16.88 -22.08 53.16
C SER J 144 -17.68 -22.81 52.09
N ILE J 145 -18.84 -22.27 51.70
CA ILE J 145 -19.61 -22.86 50.62
C ILE J 145 -18.80 -22.84 49.33
N GLY J 146 -18.21 -21.71 49.05
CA GLY J 146 -17.44 -21.55 47.86
C GLY J 146 -16.30 -22.51 47.81
N CYS J 147 -15.70 -22.77 48.95
CA CYS J 147 -14.59 -23.66 48.98
C CYS J 147 -14.97 -25.05 48.52
N ILE J 148 -16.12 -25.52 49.00
CA ILE J 148 -16.60 -26.85 48.62
C ILE J 148 -17.10 -26.87 47.19
N LEU J 149 -17.73 -25.82 46.72
CA LEU J 149 -18.19 -25.83 45.36
C LEU J 149 -17.16 -25.55 44.29
N ARG J 150 -15.95 -25.19 44.69
CA ARG J 150 -14.91 -24.90 43.73
C ARG J 150 -14.11 -26.15 43.43
N GLU J 151 -13.97 -27.02 44.42
CA GLU J 151 -13.24 -28.24 44.20
C GLU J 151 -14.13 -29.06 43.28
N ALA J 152 -15.40 -29.16 43.63
CA ALA J 152 -16.32 -29.91 42.81
C ALA J 152 -16.23 -29.42 41.39
N GLN J 153 -16.53 -28.15 41.20
CA GLN J 153 -16.46 -27.62 39.87
C GLN J 153 -15.10 -27.91 39.30
N LYS J 154 -14.17 -28.34 40.13
CA LYS J 154 -12.84 -28.65 39.65
C LYS J 154 -12.75 -30.13 39.53
N ASN J 155 -13.87 -30.62 39.01
CA ASN J 155 -14.19 -31.98 38.63
C ASN J 155 -15.47 -31.93 37.77
N ASN J 158 -19.50 -29.25 33.58
CA ASN J 158 -20.79 -28.63 33.76
C ASN J 158 -21.20 -28.31 35.20
N LEU J 159 -20.27 -27.86 36.01
CA LEU J 159 -20.63 -27.50 37.37
C LEU J 159 -20.28 -26.04 37.60
N LYS J 160 -20.91 -25.19 36.82
CA LYS J 160 -20.68 -23.78 36.96
C LYS J 160 -21.46 -23.31 38.18
N PHE J 161 -20.74 -23.01 39.24
CA PHE J 161 -21.31 -22.53 40.46
C PHE J 161 -20.85 -21.14 40.84
N GLN J 162 -21.77 -20.30 41.29
CA GLN J 162 -21.41 -18.99 41.80
C GLN J 162 -22.10 -18.81 43.13
N VAL J 163 -21.32 -18.56 44.18
CA VAL J 163 -21.84 -18.43 45.54
C VAL J 163 -22.00 -16.94 45.85
N LEU J 164 -23.19 -16.57 46.33
CA LEU J 164 -23.49 -15.19 46.67
C LEU J 164 -23.79 -15.06 48.15
N SER J 165 -23.53 -13.86 48.67
CA SER J 165 -23.86 -13.47 50.04
C SER J 165 -25.03 -12.48 49.98
N ASN J 166 -26.16 -12.87 50.56
CA ASN J 166 -27.38 -12.06 50.54
C ASN J 166 -27.95 -12.05 51.95
N PRO J 167 -27.38 -11.24 52.84
CA PRO J 167 -27.87 -11.20 54.22
C PRO J 167 -29.34 -10.77 54.27
N GLU J 168 -30.05 -11.29 55.26
CA GLU J 168 -31.46 -10.97 55.47
C GLU J 168 -31.59 -9.89 56.53
N PHE J 169 -32.41 -8.87 56.24
CA PHE J 169 -32.55 -7.73 57.12
C PHE J 169 -33.88 -7.70 57.88
N LEU J 170 -34.75 -8.68 57.64
CA LEU J 170 -36.03 -8.71 58.34
C LEU J 170 -35.82 -8.81 59.85
N ALA J 171 -36.71 -8.18 60.59
CA ALA J 171 -36.84 -8.36 62.03
C ALA J 171 -38.09 -9.17 62.31
N GLU J 172 -37.99 -10.13 63.23
CA GLU J 172 -39.13 -10.97 63.54
C GLU J 172 -40.24 -10.16 64.19
N GLY J 173 -41.48 -10.60 63.97
CA GLY J 173 -42.65 -9.86 64.38
C GLY J 173 -43.13 -8.86 63.36
N THR J 174 -42.22 -8.32 62.55
CA THR J 174 -42.55 -7.38 61.49
C THR J 174 -41.98 -7.85 60.15
N ALA J 175 -41.80 -9.16 60.01
CA ALA J 175 -41.08 -9.72 58.87
C ALA J 175 -41.77 -9.46 57.54
N MET J 176 -43.10 -9.60 57.49
CA MET J 176 -43.80 -9.47 56.22
C MET J 176 -43.72 -8.04 55.67
N LYS J 177 -43.85 -7.04 56.54
CA LYS J 177 -43.66 -5.66 56.10
C LYS J 177 -42.21 -5.40 55.70
N ASP J 178 -41.26 -5.95 56.45
CA ASP J 178 -39.85 -5.77 56.14
C ASP J 178 -39.48 -6.43 54.81
N LEU J 179 -40.01 -7.63 54.56
CA LEU J 179 -39.71 -8.31 53.31
C LEU J 179 -40.36 -7.62 52.12
N ALA J 180 -41.52 -7.00 52.34
CA ALA J 180 -42.27 -6.35 51.26
C ALA J 180 -41.73 -4.97 50.90
N ASN J 181 -41.18 -4.24 51.87
CA ASN J 181 -40.62 -2.90 51.65
C ASN J 181 -39.32 -2.76 52.41
N PRO J 182 -38.27 -3.50 52.01
CA PRO J 182 -37.01 -3.42 52.73
C PRO J 182 -36.30 -2.09 52.51
N ASP J 183 -35.64 -1.62 53.56
CA ASP J 183 -34.78 -0.45 53.45
C ASP J 183 -33.60 -0.72 52.52
N ARG J 184 -33.11 -1.95 52.48
CA ARG J 184 -31.95 -2.27 51.69
C ARG J 184 -31.93 -3.76 51.39
N VAL J 185 -31.40 -4.10 50.22
CA VAL J 185 -31.05 -5.47 49.87
C VAL J 185 -29.56 -5.48 49.56
N LEU J 186 -28.82 -6.33 50.25
CA LEU J 186 -27.37 -6.39 50.17
C LEU J 186 -26.98 -7.72 49.54
N ILE J 187 -26.24 -7.65 48.44
CA ILE J 187 -25.80 -8.84 47.71
C ILE J 187 -24.30 -8.74 47.47
N GLY J 188 -23.58 -9.78 47.86
CA GLY J 188 -22.14 -9.84 47.66
C GLY J 188 -21.77 -11.03 46.80
N GLY J 189 -20.79 -10.85 45.93
CA GLY J 189 -20.35 -11.93 45.06
C GLY J 189 -18.94 -11.72 44.58
N GLU J 190 -18.42 -12.75 43.94
CA GLU J 190 -17.06 -12.71 43.41
C GLU J 190 -16.97 -11.68 42.29
N SER J 191 -15.81 -11.04 42.18
CA SER J 191 -15.59 -10.00 41.17
C SER J 191 -15.00 -10.67 39.94
N SER J 192 -15.88 -11.20 39.10
CA SER J 192 -15.51 -11.93 37.89
C SER J 192 -16.71 -11.90 36.95
N PRO J 193 -16.51 -12.22 35.67
CA PRO J 193 -17.66 -12.26 34.73
C PRO J 193 -18.84 -13.08 35.24
N GLU J 194 -18.62 -14.34 35.62
CA GLU J 194 -19.72 -15.17 36.11
C GLU J 194 -20.28 -14.66 37.43
N GLY J 195 -19.43 -14.06 38.28
CA GLY J 195 -19.94 -13.52 39.53
C GLY J 195 -20.98 -12.43 39.32
N LEU J 196 -20.70 -11.49 38.41
CA LEU J 196 -21.70 -10.45 38.13
C LEU J 196 -22.93 -11.03 37.46
N GLN J 197 -22.79 -12.10 36.68
CA GLN J 197 -23.97 -12.72 36.09
C GLN J 197 -24.88 -13.26 37.18
N ALA J 198 -24.31 -13.90 38.20
CA ALA J 198 -25.11 -14.42 39.30
C ALA J 198 -25.77 -13.30 40.11
N VAL J 199 -25.01 -12.23 40.40
CA VAL J 199 -25.59 -11.10 41.14
C VAL J 199 -26.73 -10.48 40.37
N ALA J 200 -26.56 -10.30 39.06
CA ALA J 200 -27.61 -9.69 38.24
C ALA J 200 -28.89 -10.53 38.26
N GLU J 201 -28.75 -11.86 38.30
CA GLU J 201 -29.95 -12.70 38.28
C GLU J 201 -30.70 -12.66 39.60
N LEU J 202 -29.98 -12.49 40.72
CA LEU J 202 -30.66 -12.32 42.00
C LEU J 202 -31.28 -10.93 42.10
N VAL J 203 -30.59 -9.91 41.60
CA VAL J 203 -31.16 -8.58 41.54
C VAL J 203 -32.44 -8.57 40.71
N ARG J 204 -32.45 -9.33 39.61
CA ARG J 204 -33.64 -9.38 38.77
C ARG J 204 -34.83 -9.95 39.55
N ILE J 205 -34.59 -10.94 40.40
CA ILE J 205 -35.67 -11.46 41.23
C ILE J 205 -36.21 -10.36 42.13
N TYR J 206 -35.33 -9.66 42.84
CA TYR J 206 -35.76 -8.64 43.79
C TYR J 206 -36.39 -7.43 43.11
N GLU J 207 -35.99 -7.11 41.88
CA GLU J 207 -36.55 -5.94 41.22
C GLU J 207 -38.02 -6.10 40.88
N ASN J 208 -38.58 -7.31 41.08
CA ASN J 208 -40.01 -7.53 40.93
C ASN J 208 -40.84 -6.72 41.92
N TRP J 209 -40.26 -6.32 43.05
CA TRP J 209 -40.99 -5.52 44.02
C TRP J 209 -40.13 -4.57 44.83
N VAL J 210 -38.81 -4.58 44.66
CA VAL J 210 -37.91 -3.69 45.39
C VAL J 210 -37.30 -2.71 44.40
N PRO J 211 -37.36 -1.41 44.64
CA PRO J 211 -36.73 -0.46 43.71
C PRO J 211 -35.23 -0.66 43.62
N ARG J 212 -34.68 -0.36 42.45
CA ARG J 212 -33.25 -0.57 42.20
C ARG J 212 -32.40 0.25 43.16
N ASN J 213 -32.83 1.48 43.49
CA ASN J 213 -32.04 2.33 44.35
C ASN J 213 -31.92 1.81 45.78
N ARG J 214 -32.62 0.73 46.12
CA ARG J 214 -32.56 0.15 47.45
C ARG J 214 -31.73 -1.13 47.49
N ILE J 215 -31.14 -1.52 46.36
CA ILE J 215 -30.35 -2.75 46.23
C ILE J 215 -28.89 -2.38 46.15
N ILE J 216 -28.08 -2.93 47.07
CA ILE J 216 -26.64 -2.68 47.12
C ILE J 216 -25.90 -3.94 46.70
N THR J 217 -25.03 -3.82 45.70
CA THR J 217 -24.19 -4.92 45.24
C THR J 217 -22.72 -4.61 45.54
N THR J 218 -22.00 -5.61 46.03
CA THR J 218 -20.60 -5.45 46.42
C THR J 218 -19.94 -6.83 46.35
N ASN J 219 -18.72 -6.94 46.86
CA ASN J 219 -18.08 -8.25 46.91
C ASN J 219 -18.53 -9.02 48.17
N THR J 220 -18.14 -10.30 48.23
CA THR J 220 -18.65 -11.20 49.26
C THR J 220 -18.29 -10.73 50.66
N TRP J 221 -17.00 -10.48 50.92
CA TRP J 221 -16.59 -10.13 52.27
C TRP J 221 -17.18 -8.79 52.69
N SER J 222 -17.21 -7.83 51.77
CA SER J 222 -17.81 -6.53 52.07
C SER J 222 -19.28 -6.68 52.45
N SER J 223 -19.98 -7.59 51.77
CA SER J 223 -21.39 -7.82 52.08
C SER J 223 -21.57 -8.39 53.48
N GLU J 224 -20.74 -9.36 53.87
CA GLU J 224 -20.87 -9.96 55.19
C GLU J 224 -20.43 -9.01 56.30
N LEU J 225 -19.34 -8.26 56.08
CA LEU J 225 -18.86 -7.34 57.08
C LEU J 225 -19.87 -6.25 57.36
N SER J 226 -20.55 -5.77 56.32
CA SER J 226 -21.57 -4.73 56.50
C SER J 226 -22.73 -5.23 57.35
N LYS J 227 -23.20 -6.44 57.09
CA LYS J 227 -24.29 -7.00 57.89
C LYS J 227 -23.85 -7.17 59.34
N LEU J 228 -22.65 -7.72 59.53
CA LEU J 228 -22.11 -7.91 60.87
C LEU J 228 -22.03 -6.58 61.61
N VAL J 229 -21.63 -5.50 60.92
CA VAL J 229 -21.51 -4.19 61.56
C VAL J 229 -22.88 -3.54 61.76
N ALA J 230 -23.79 -3.69 60.80
CA ALA J 230 -25.11 -3.08 60.92
C ALA J 230 -25.85 -3.60 62.13
N ASN J 231 -25.85 -4.92 62.35
CA ASN J 231 -26.50 -5.49 63.52
C ASN J 231 -25.89 -4.93 64.81
N ALA J 232 -24.57 -4.80 64.86
CA ALA J 232 -23.92 -4.28 66.05
C ALA J 232 -24.31 -2.82 66.31
N PHE J 233 -24.46 -2.02 65.24
CA PHE J 233 -24.95 -0.66 65.41
C PHE J 233 -26.34 -0.65 66.03
N LEU J 234 -27.23 -1.52 65.54
CA LEU J 234 -28.57 -1.62 66.11
C LEU J 234 -28.50 -2.04 67.57
N ALA J 235 -27.71 -3.08 67.86
CA ALA J 235 -27.54 -3.53 69.22
C ALA J 235 -26.96 -2.45 70.11
N GLN J 236 -26.07 -1.61 69.56
CA GLN J 236 -25.43 -0.56 70.34
C GLN J 236 -26.44 0.51 70.75
N ARG J 237 -27.40 0.83 69.87
CA ARG J 237 -28.42 1.81 70.23
C ARG J 237 -29.18 1.40 71.48
N ILE J 238 -29.57 0.12 71.57
CA ILE J 238 -30.33 -0.36 72.70
C ILE J 238 -29.49 -0.30 73.98
N SER J 239 -28.24 -0.75 73.91
CA SER J 239 -27.38 -0.68 75.09
C SER J 239 -27.13 0.76 75.51
N SER J 240 -27.00 1.67 74.53
CA SER J 240 -26.79 3.07 74.86
C SER J 240 -28.00 3.66 75.58
N ILE J 241 -29.21 3.41 75.07
CA ILE J 241 -30.40 3.93 75.73
C ILE J 241 -30.64 3.20 77.04
N ASN J 242 -30.29 1.91 77.13
CA ASN J 242 -30.46 1.19 78.38
C ASN J 242 -29.50 1.70 79.45
N SER J 243 -28.29 2.07 79.06
CA SER J 243 -27.35 2.63 80.03
C SER J 243 -27.88 3.95 80.60
N ILE J 244 -28.55 4.73 79.76
CA ILE J 244 -29.09 6.01 80.22
C ILE J 244 -30.32 5.79 81.09
N SER J 245 -31.02 4.66 80.89
CA SER J 245 -32.19 4.38 81.72
C SER J 245 -31.82 4.29 83.21
N ALA J 246 -30.61 3.81 83.52
CA ALA J 246 -30.16 3.81 84.92
C ALA J 246 -29.86 5.21 85.41
N VAL J 247 -29.34 6.07 84.53
CA VAL J 247 -29.08 7.46 84.90
C VAL J 247 -30.40 8.18 85.20
N CYS J 248 -31.45 7.89 84.42
CA CYS J 248 -32.75 8.48 84.67
C CYS J 248 -33.28 8.05 86.04
N GLU J 249 -33.18 6.75 86.36
CA GLU J 249 -33.63 6.26 87.66
C GLU J 249 -32.90 6.96 88.80
N ALA J 250 -31.61 7.26 88.59
CA ALA J 250 -30.80 7.87 89.65
C ALA J 250 -31.01 9.37 89.80
N THR J 251 -31.58 10.04 88.79
CA THR J 251 -31.66 11.50 88.82
C THR J 251 -33.06 12.07 88.65
N GLY J 252 -34.10 11.24 88.59
CA GLY J 252 -35.46 11.74 88.48
C GLY J 252 -35.92 12.13 87.09
N ALA J 253 -35.22 11.74 86.05
CA ALA J 253 -35.67 11.95 84.68
C ALA J 253 -36.37 10.70 84.17
N GLU J 254 -37.01 10.83 83.01
CA GLU J 254 -37.75 9.75 82.40
C GLU J 254 -37.05 9.31 81.13
N ILE J 255 -36.72 8.02 81.04
CA ILE J 255 -35.98 7.56 79.87
C ILE J 255 -36.80 7.77 78.60
N SER J 256 -38.13 7.67 78.71
CA SER J 256 -38.98 7.88 77.54
CA SER J 256 -38.97 7.87 77.53
C SER J 256 -38.88 9.31 77.03
N GLU J 257 -38.83 10.28 77.97
CA GLU J 257 -38.73 11.68 77.57
C GLU J 257 -37.35 11.99 77.01
N VAL J 258 -36.30 11.41 77.60
CA VAL J 258 -34.94 11.59 77.11
C VAL J 258 -34.80 11.03 75.69
N ALA J 259 -35.25 9.78 75.50
CA ALA J 259 -35.18 9.17 74.18
C ALA J 259 -36.00 9.96 73.16
N HIS J 260 -37.17 10.45 73.58
CA HIS J 260 -37.99 11.28 72.70
C HIS J 260 -37.23 12.51 72.23
N ALA J 261 -36.55 13.20 73.15
CA ALA J 261 -35.79 14.39 72.78
C ALA J 261 -34.58 14.04 71.94
N VAL J 262 -33.88 12.95 72.28
CA VAL J 262 -32.71 12.53 71.51
C VAL J 262 -33.12 12.19 70.08
N GLY J 263 -34.24 11.49 69.90
CA GLY J 263 -34.66 11.00 68.60
C GLY J 263 -35.11 12.07 67.61
N TYR J 264 -35.35 13.31 68.06
CA TYR J 264 -35.75 14.34 67.11
C TYR J 264 -34.62 14.75 66.18
N ASP J 265 -33.39 14.45 66.56
CA ASP J 265 -32.21 14.69 65.72
C ASP J 265 -32.17 13.64 64.62
N THR J 266 -32.33 14.09 63.36
CA THR J 266 -32.31 13.16 62.23
C THR J 266 -30.94 12.54 62.02
N ARG J 267 -29.86 13.14 62.54
CA ARG J 267 -28.55 12.51 62.46
C ARG J 267 -28.45 11.29 63.37
N ILE J 268 -29.29 11.21 64.39
CA ILE J 268 -29.36 10.03 65.26
C ILE J 268 -30.50 9.12 64.85
N GLY J 269 -31.63 9.68 64.43
CA GLY J 269 -32.81 8.91 64.13
C GLY J 269 -33.62 8.61 65.38
N SER J 270 -34.93 8.46 65.24
CA SER J 270 -35.82 8.28 66.37
C SER J 270 -36.19 6.83 66.63
N LYS J 271 -35.79 5.91 65.76
CA LYS J 271 -36.12 4.51 65.93
C LYS J 271 -35.07 3.79 66.78
N PHE J 272 -35.46 2.64 67.31
CA PHE J 272 -34.57 1.78 68.10
C PHE J 272 -33.96 2.52 69.28
N LEU J 273 -34.79 3.31 69.96
CA LEU J 273 -34.38 4.01 71.18
C LEU J 273 -35.30 3.66 72.35
N GLN J 274 -35.81 2.43 72.40
CA GLN J 274 -36.72 2.01 73.45
C GLN J 274 -35.94 1.20 74.48
N ALA J 275 -35.83 1.74 75.69
CA ALA J 275 -35.20 0.99 76.77
C ALA J 275 -36.01 -0.26 77.07
N SER J 276 -35.33 -1.26 77.64
CA SER J 276 -35.94 -2.56 77.86
C SER J 276 -35.11 -3.32 78.87
N VAL J 277 -35.65 -4.45 79.32
CA VAL J 277 -34.92 -5.34 80.20
C VAL J 277 -33.66 -5.88 79.51
N GLY J 278 -33.62 -5.84 78.19
CA GLY J 278 -32.43 -6.22 77.44
C GLY J 278 -32.80 -6.86 76.13
N PHE J 279 -31.95 -6.64 75.12
CA PHE J 279 -32.25 -7.21 73.82
C PHE J 279 -32.00 -8.71 73.81
N GLY J 280 -32.82 -9.42 73.04
CA GLY J 280 -32.66 -10.84 72.85
C GLY J 280 -32.68 -11.16 71.37
N GLY J 281 -32.96 -12.41 71.04
CA GLY J 281 -33.00 -12.82 69.65
C GLY J 281 -31.76 -13.59 69.26
N SER J 282 -31.91 -14.38 68.21
CA SER J 282 -30.83 -15.22 67.70
C SER J 282 -29.79 -14.43 66.92
N CYS J 283 -29.90 -13.10 66.88
CA CYS J 283 -29.00 -12.27 66.09
C CYS J 283 -28.04 -11.44 66.94
N PHE J 284 -28.55 -10.51 67.74
CA PHE J 284 -27.73 -9.41 68.25
C PHE J 284 -26.53 -9.90 69.07
N GLN J 285 -26.77 -10.72 70.10
CA GLN J 285 -25.65 -11.18 70.93
C GLN J 285 -24.66 -12.01 70.12
N LYS J 286 -25.17 -12.96 69.32
CA LYS J 286 -24.30 -13.74 68.46
C LYS J 286 -23.49 -12.85 67.53
N ASP J 287 -24.11 -11.76 67.06
CA ASP J 287 -23.45 -10.88 66.10
C ASP J 287 -22.32 -10.10 66.76
N VAL J 288 -22.60 -9.46 67.90
CA VAL J 288 -21.59 -8.64 68.57
C VAL J 288 -20.42 -9.51 69.04
N LEU J 289 -20.72 -10.69 69.59
CA LEU J 289 -19.64 -11.57 70.02
C LEU J 289 -18.75 -11.97 68.85
N SER J 290 -19.35 -12.16 67.67
CA SER J 290 -18.58 -12.51 66.47
C SER J 290 -17.67 -11.36 66.05
N LEU J 291 -18.17 -10.13 66.14
CA LEU J 291 -17.32 -8.98 65.85
C LEU J 291 -16.18 -8.88 66.84
N VAL J 292 -16.47 -9.05 68.13
CA VAL J 292 -15.44 -9.02 69.16
C VAL J 292 -14.37 -10.08 68.86
N TYR J 293 -14.79 -11.29 68.52
CA TYR J 293 -13.85 -12.36 68.23
C TYR J 293 -13.05 -12.08 66.96
N LEU J 294 -13.73 -11.56 65.93
CA LEU J 294 -13.04 -11.18 64.70
C LEU J 294 -11.96 -10.14 64.98
N CYS J 295 -12.27 -9.16 65.84
CA CYS J 295 -11.30 -8.13 66.17
C CYS J 295 -10.11 -8.69 66.95
N GLU J 296 -10.35 -9.62 67.87
CA GLU J 296 -9.25 -10.24 68.58
C GLU J 296 -8.33 -10.98 67.62
N SER J 297 -8.90 -11.69 66.65
CA SER J 297 -8.09 -12.43 65.70
C SER J 297 -7.33 -11.52 64.75
N LEU J 298 -7.74 -10.26 64.60
CA LEU J 298 -7.03 -9.29 63.79
C LEU J 298 -6.03 -8.48 64.62
N ASN J 299 -5.83 -8.85 65.89
CA ASN J 299 -4.97 -8.12 66.81
C ASN J 299 -5.42 -6.66 66.92
N LEU J 300 -6.72 -6.47 67.12
CA LEU J 300 -7.31 -5.16 67.37
C LEU J 300 -8.02 -5.18 68.71
N PRO J 301 -7.28 -5.32 69.80
CA PRO J 301 -7.94 -5.44 71.12
C PRO J 301 -8.73 -4.21 71.54
N GLN J 302 -8.32 -2.99 71.14
CA GLN J 302 -9.11 -1.82 71.53
C GLN J 302 -10.48 -1.82 70.87
N VAL J 303 -10.58 -2.29 69.63
CA VAL J 303 -11.88 -2.39 69.00
C VAL J 303 -12.69 -3.54 69.61
N ALA J 304 -12.02 -4.63 69.96
CA ALA J 304 -12.70 -5.73 70.64
C ALA J 304 -13.32 -5.25 71.95
N ASP J 305 -12.55 -4.51 72.75
CA ASP J 305 -13.06 -3.99 74.01
C ASP J 305 -14.23 -3.05 73.80
N TYR J 306 -14.15 -2.21 72.76
CA TYR J 306 -15.19 -1.22 72.50
C TYR J 306 -16.55 -1.89 72.28
N TRP J 307 -16.60 -2.88 71.39
CA TRP J 307 -17.87 -3.52 71.07
C TRP J 307 -18.32 -4.49 72.14
N GLN J 308 -17.38 -5.08 72.88
CA GLN J 308 -17.76 -5.92 74.01
C GLN J 308 -18.62 -5.16 75.01
N GLY J 309 -18.44 -3.83 75.09
CA GLY J 309 -19.24 -3.03 75.99
C GLY J 309 -20.74 -3.12 75.74
N VAL J 310 -21.12 -3.36 74.48
CA VAL J 310 -22.54 -3.53 74.16
C VAL J 310 -23.10 -4.76 74.87
N ILE J 311 -22.32 -5.84 74.93
CA ILE J 311 -22.77 -7.06 75.62
C ILE J 311 -22.76 -6.84 77.13
N ASN J 312 -21.71 -6.23 77.66
CA ASN J 312 -21.60 -6.01 79.09
C ASN J 312 -22.80 -5.23 79.63
N ILE J 313 -23.22 -4.18 78.91
CA ILE J 313 -24.36 -3.38 79.35
C ILE J 313 -25.64 -4.21 79.31
N ASN J 314 -25.85 -5.00 78.25
CA ASN J 314 -27.07 -5.80 78.14
C ASN J 314 -27.20 -6.79 79.29
N ASN J 315 -26.11 -7.53 79.57
CA ASN J 315 -26.12 -8.44 80.71
C ASN J 315 -26.30 -7.68 82.02
N TRP J 316 -25.71 -6.50 82.12
CA TRP J 316 -25.89 -5.69 83.33
C TRP J 316 -27.32 -5.20 83.48
N GLN J 317 -27.98 -4.85 82.36
CA GLN J 317 -29.35 -4.37 82.44
C GLN J 317 -30.28 -5.47 82.94
N ARG J 318 -30.10 -6.69 82.44
CA ARG J 318 -30.91 -7.82 82.89
C ARG J 318 -30.72 -8.08 84.38
N ARG J 319 -29.45 -8.11 84.82
CA ARG J 319 -29.15 -8.49 86.20
C ARG J 319 -29.69 -7.46 87.19
N ARG J 320 -29.59 -6.17 86.87
CA ARG J 320 -30.04 -5.14 87.80
C ARG J 320 -31.56 -5.05 87.85
N PHE J 321 -32.24 -5.40 86.76
CA PHE J 321 -33.70 -5.43 86.78
C PHE J 321 -34.19 -6.54 87.72
N ALA J 322 -33.63 -7.74 87.59
CA ALA J 322 -33.99 -8.83 88.49
C ALA J 322 -33.57 -8.53 89.92
N ASP J 323 -32.42 -7.87 90.09
CA ASP J 323 -31.96 -7.51 91.43
C ASP J 323 -32.90 -6.49 92.07
N LYS J 324 -33.42 -5.55 91.27
CA LYS J 324 -34.32 -4.53 91.80
C LYS J 324 -35.64 -5.15 92.23
N ILE J 325 -36.13 -6.15 91.49
CA ILE J 325 -37.32 -6.88 91.91
C ILE J 325 -37.10 -7.50 93.29
N ILE J 326 -35.97 -8.18 93.46
CA ILE J 326 -35.68 -8.86 94.71
C ILE J 326 -35.48 -7.86 95.85
N ALA J 327 -34.74 -6.78 95.58
CA ALA J 327 -34.49 -5.78 96.61
C ALA J 327 -35.79 -5.10 97.03
N GLU J 328 -36.67 -4.82 96.07
CA GLU J 328 -37.92 -4.15 96.39
C GLU J 328 -38.88 -5.06 97.14
N LEU J 329 -38.67 -6.37 97.08
CA LEU J 329 -39.42 -7.33 97.90
C LEU J 329 -38.64 -7.72 99.15
N PHE J 330 -37.94 -6.77 99.77
CA PHE J 330 -37.28 -6.98 101.06
C PHE J 330 -36.26 -8.11 101.01
N ASN J 331 -35.62 -8.26 99.85
CA ASN J 331 -34.53 -9.20 99.63
C ASN J 331 -34.96 -10.66 99.79
N THR J 332 -36.25 -10.93 99.75
CA THR J 332 -36.75 -12.30 99.86
C THR J 332 -37.95 -12.49 98.93
N VAL J 333 -37.86 -13.50 98.09
CA VAL J 333 -38.95 -13.95 97.23
C VAL J 333 -39.12 -15.44 97.42
N THR J 334 -38.46 -15.99 98.44
CA THR J 334 -38.64 -17.39 98.83
C THR J 334 -40.11 -17.78 98.89
N ASP J 335 -40.50 -18.69 97.99
CA ASP J 335 -41.81 -19.32 97.94
C ASP J 335 -42.92 -18.32 97.63
N LYS J 336 -42.58 -17.11 97.19
CA LYS J 336 -43.56 -16.12 96.77
C LYS J 336 -43.96 -16.38 95.33
N LYS J 337 -45.27 -16.37 95.05
CA LYS J 337 -45.76 -16.52 93.69
C LYS J 337 -45.59 -15.20 92.93
N ILE J 338 -44.88 -15.26 91.80
CA ILE J 338 -44.66 -14.09 90.95
C ILE J 338 -45.10 -14.43 89.53
N ALA J 339 -45.98 -13.60 88.98
CA ALA J 339 -46.48 -13.78 87.62
C ALA J 339 -45.55 -13.14 86.61
N ILE J 340 -45.29 -13.85 85.52
CA ILE J 340 -44.45 -13.38 84.43
C ILE J 340 -45.36 -13.08 83.26
N PHE J 341 -45.37 -11.83 82.82
CA PHE J 341 -46.11 -11.43 81.61
C PHE J 341 -45.11 -11.32 80.48
N GLY J 342 -45.04 -12.36 79.65
CA GLY J 342 -44.20 -12.33 78.47
C GLY J 342 -43.00 -13.27 78.59
N PHE J 343 -42.73 -14.01 77.53
CA PHE J 343 -41.58 -14.91 77.49
C PHE J 343 -40.79 -14.74 76.20
N ALA J 344 -41.46 -14.38 75.11
CA ALA J 344 -40.78 -14.16 73.84
C ALA J 344 -39.81 -12.97 73.93
N PHE J 345 -38.81 -12.97 73.04
CA PHE J 345 -37.78 -11.93 73.08
C PHE J 345 -38.29 -10.59 72.57
N LYS J 346 -39.45 -10.57 71.90
CA LYS J 346 -40.14 -9.35 71.50
C LYS J 346 -41.58 -9.74 71.18
N LYS J 347 -42.40 -8.74 70.86
CA LYS J 347 -43.81 -9.03 70.65
C LYS J 347 -44.06 -9.57 69.23
N ASN J 348 -45.23 -10.21 69.07
CA ASN J 348 -45.70 -10.70 67.78
C ASN J 348 -44.78 -11.77 67.20
N THR J 349 -44.21 -12.59 68.09
CA THR J 349 -43.44 -13.77 67.71
C THR J 349 -43.50 -14.77 68.85
N GLY J 350 -43.35 -16.05 68.51
CA GLY J 350 -43.17 -17.12 69.46
C GLY J 350 -41.73 -17.49 69.72
N ASP J 351 -40.78 -16.79 69.10
CA ASP J 351 -39.36 -17.12 69.22
C ASP J 351 -38.84 -16.71 70.59
N THR J 352 -38.10 -17.62 71.24
CA THR J 352 -37.57 -17.39 72.58
C THR J 352 -36.05 -17.36 72.62
N ARG J 353 -35.38 -17.39 71.47
CA ARG J 353 -33.92 -17.48 71.45
C ARG J 353 -33.28 -16.25 72.07
N GLU J 354 -32.45 -16.48 73.09
CA GLU J 354 -31.72 -15.46 73.85
C GLU J 354 -32.65 -14.43 74.49
N SER J 355 -33.91 -14.82 74.72
CA SER J 355 -34.87 -13.90 75.35
C SER J 355 -34.41 -13.54 76.75
N SER J 356 -34.57 -12.25 77.10
CA SER J 356 -34.22 -11.81 78.45
C SER J 356 -35.04 -12.54 79.51
N ALA J 357 -36.22 -13.04 79.14
CA ALA J 357 -37.07 -13.73 80.10
C ALA J 357 -36.39 -14.98 80.66
N ILE J 358 -35.55 -15.64 79.87
CA ILE J 358 -34.86 -16.83 80.37
C ILE J 358 -33.95 -16.46 81.53
N HIS J 359 -33.21 -15.35 81.39
CA HIS J 359 -32.24 -14.97 82.42
C HIS J 359 -32.93 -14.37 83.65
N VAL J 360 -33.98 -13.58 83.45
CA VAL J 360 -34.70 -13.02 84.58
C VAL J 360 -35.43 -14.11 85.36
N ILE J 361 -36.10 -15.03 84.66
CA ILE J 361 -36.78 -16.12 85.35
C ILE J 361 -35.77 -17.02 86.05
N LYS J 362 -34.65 -17.32 85.40
CA LYS J 362 -33.61 -18.12 86.05
C LYS J 362 -33.11 -17.44 87.30
N HIS J 363 -32.89 -16.12 87.24
CA HIS J 363 -32.41 -15.37 88.38
C HIS J 363 -33.39 -15.48 89.55
N LEU J 364 -34.70 -15.35 89.27
CA LEU J 364 -35.70 -15.47 90.32
C LEU J 364 -35.83 -16.92 90.81
N MET J 365 -35.63 -17.89 89.93
CA MET J 365 -35.67 -19.29 90.37
C MET J 365 -34.60 -19.56 91.41
N GLU J 366 -33.41 -18.97 91.23
CA GLU J 366 -32.34 -19.15 92.20
C GLU J 366 -32.70 -18.58 93.56
N GLU J 367 -33.70 -17.71 93.62
CA GLU J 367 -34.24 -17.19 94.86
C GLU J 367 -35.45 -17.99 95.35
N HIS J 368 -35.73 -19.13 94.72
CA HIS J 368 -36.80 -20.05 95.14
C HIS J 368 -38.18 -19.41 95.01
N ALA J 369 -38.35 -18.56 94.02
CA ALA J 369 -39.66 -18.01 93.71
C ALA J 369 -40.53 -19.01 92.95
N LYS J 370 -41.84 -18.88 93.12
CA LYS J 370 -42.82 -19.65 92.38
C LYS J 370 -43.28 -18.78 91.22
N LEU J 371 -43.02 -19.22 89.99
CA LEU J 371 -43.24 -18.39 88.82
C LEU J 371 -44.37 -18.93 87.97
N SER J 372 -45.33 -18.06 87.66
CA SER J 372 -46.41 -18.32 86.72
C SER J 372 -46.18 -17.50 85.47
N VAL J 373 -45.95 -18.16 84.35
CA VAL J 373 -45.58 -17.53 83.10
C VAL J 373 -46.77 -17.57 82.15
N TYR J 374 -47.06 -16.43 81.53
CA TYR J 374 -48.03 -16.37 80.45
C TYR J 374 -47.41 -15.66 79.26
N ASP J 375 -47.59 -16.22 78.06
CA ASP J 375 -47.21 -15.53 76.85
C ASP J 375 -48.22 -15.90 75.76
N PRO J 376 -48.68 -14.92 74.98
CA PRO J 376 -49.74 -15.21 74.00
C PRO J 376 -49.35 -16.20 72.92
N LYS J 377 -48.07 -16.38 72.61
CA LYS J 377 -47.70 -17.17 71.45
C LYS J 377 -46.64 -18.24 71.71
N VAL J 378 -45.86 -18.13 72.78
CA VAL J 378 -44.80 -19.10 73.03
C VAL J 378 -45.40 -20.44 73.43
N GLN J 379 -44.93 -21.52 72.82
CA GLN J 379 -45.38 -22.86 73.19
C GLN J 379 -44.96 -23.18 74.61
N LYS J 380 -45.85 -23.86 75.35
CA LYS J 380 -45.53 -24.24 76.72
C LYS J 380 -44.29 -25.14 76.76
N SER J 381 -44.24 -26.13 75.87
CA SER J 381 -43.09 -27.02 75.83
C SER J 381 -41.81 -26.26 75.54
N GLN J 382 -41.89 -25.19 74.75
CA GLN J 382 -40.68 -24.42 74.43
C GLN J 382 -40.10 -23.72 75.65
N MET J 383 -40.94 -23.02 76.43
CA MET J 383 -40.41 -22.34 77.61
C MET J 383 -39.84 -23.33 78.61
N LEU J 384 -40.53 -24.45 78.85
CA LEU J 384 -40.04 -25.40 79.84
C LEU J 384 -38.68 -25.97 79.45
N ASN J 385 -38.48 -26.25 78.16
CA ASN J 385 -37.17 -26.72 77.71
C ASN J 385 -36.12 -25.62 77.86
N ASP J 386 -36.48 -24.37 77.54
CA ASP J 386 -35.53 -23.27 77.68
C ASP J 386 -35.09 -23.08 79.12
N LEU J 387 -36.05 -23.07 80.04
CA LEU J 387 -35.72 -22.85 81.45
C LEU J 387 -34.97 -24.05 82.03
N ALA J 388 -35.36 -25.26 81.64
CA ALA J 388 -34.66 -26.45 82.11
C ALA J 388 -33.23 -26.48 81.58
N SER J 389 -33.00 -25.92 80.39
CA SER J 389 -31.67 -25.95 79.78
C SER J 389 -30.68 -25.04 80.48
N VAL J 390 -31.14 -24.03 81.21
CA VAL J 390 -30.25 -23.17 81.98
C VAL J 390 -30.22 -23.61 83.46
N THR J 391 -31.26 -24.27 83.94
CA THR J 391 -31.30 -24.71 85.33
C THR J 391 -31.29 -26.22 85.54
N SER J 392 -32.46 -26.85 85.56
CA SER J 392 -32.58 -28.29 85.43
C SER J 392 -34.05 -28.64 85.30
N ALA J 393 -34.31 -29.84 84.78
CA ALA J 393 -35.69 -30.30 84.64
C ALA J 393 -36.36 -30.33 86.00
N GLN J 394 -35.61 -30.65 87.05
CA GLN J 394 -36.14 -30.72 88.40
C GLN J 394 -36.56 -29.34 88.90
N ASP J 395 -35.71 -28.33 88.67
CA ASP J 395 -36.05 -26.98 89.10
C ASP J 395 -37.31 -26.46 88.42
N VAL J 396 -37.45 -26.74 87.12
CA VAL J 396 -38.64 -26.31 86.39
C VAL J 396 -39.87 -27.02 86.93
N GLU J 397 -39.71 -28.30 87.27
CA GLU J 397 -40.82 -29.09 87.81
C GLU J 397 -41.33 -28.51 89.12
N ARG J 398 -40.41 -28.04 89.98
CA ARG J 398 -40.81 -27.55 91.30
C ARG J 398 -41.27 -26.09 91.30
N LEU J 399 -40.75 -25.25 90.41
CA LEU J 399 -40.91 -23.80 90.53
C LEU J 399 -41.75 -23.14 89.44
N ILE J 400 -41.92 -23.77 88.29
CA ILE J 400 -42.51 -23.11 87.12
C ILE J 400 -43.90 -23.67 86.86
N THR J 401 -44.86 -22.77 86.69
CA THR J 401 -46.21 -23.11 86.24
C THR J 401 -46.54 -22.26 85.03
N VAL J 402 -47.07 -22.88 83.98
CA VAL J 402 -47.41 -22.19 82.74
C VAL J 402 -48.94 -22.05 82.66
N GLU J 403 -49.39 -20.81 82.50
CA GLU J 403 -50.81 -20.49 82.41
C GLU J 403 -51.15 -20.06 80.99
N SER J 404 -52.39 -20.30 80.58
CA SER J 404 -52.85 -19.92 79.24
C SER J 404 -53.62 -18.60 79.21
N ASP J 405 -53.75 -17.90 80.33
CA ASP J 405 -54.47 -16.63 80.43
C ASP J 405 -53.76 -15.85 81.52
N PRO J 406 -53.45 -14.57 81.29
CA PRO J 406 -52.67 -13.81 82.29
C PRO J 406 -53.36 -13.66 83.63
N TYR J 407 -54.70 -13.67 83.67
CA TYR J 407 -55.39 -13.53 84.94
C TYR J 407 -55.13 -14.73 85.86
N ALA J 408 -54.97 -15.93 85.29
CA ALA J 408 -54.63 -17.08 86.11
C ALA J 408 -53.21 -16.97 86.66
N ALA J 409 -52.29 -16.44 85.87
CA ALA J 409 -50.93 -16.24 86.36
C ALA J 409 -50.90 -15.20 87.49
N ALA J 410 -51.70 -14.14 87.36
CA ALA J 410 -51.68 -13.08 88.36
C ALA J 410 -52.48 -13.40 89.60
N ARG J 411 -53.40 -14.36 89.53
CA ARG J 411 -54.22 -14.69 90.68
C ARG J 411 -53.36 -15.23 91.82
N GLY J 412 -53.43 -14.57 92.98
CA GLY J 412 -52.66 -14.97 94.13
C GLY J 412 -51.20 -14.59 94.13
N ALA J 413 -50.75 -13.80 93.15
CA ALA J 413 -49.35 -13.44 93.04
C ALA J 413 -48.99 -12.26 93.94
N HIS J 414 -47.71 -12.22 94.36
CA HIS J 414 -47.18 -11.07 95.08
C HIS J 414 -46.72 -9.95 94.15
N ALA J 415 -46.29 -10.29 92.94
CA ALA J 415 -45.73 -9.29 92.04
C ALA J 415 -46.01 -9.67 90.60
N ILE J 416 -46.07 -8.65 89.74
CA ILE J 416 -46.13 -8.82 88.29
C ILE J 416 -44.85 -8.26 87.70
N VAL J 417 -44.26 -9.01 86.77
CA VAL J 417 -43.09 -8.54 86.05
C VAL J 417 -43.37 -8.72 84.55
N VAL J 418 -43.36 -7.61 83.82
CA VAL J 418 -43.61 -7.61 82.38
C VAL J 418 -42.27 -7.68 81.66
N LEU J 419 -42.11 -8.70 80.81
CA LEU J 419 -40.85 -8.94 80.12
C LEU J 419 -40.96 -8.86 78.60
N THR J 420 -42.16 -8.89 78.04
CA THR J 420 -42.36 -8.77 76.60
C THR J 420 -43.48 -7.76 76.35
N GLU J 421 -43.28 -6.89 75.36
CA GLU J 421 -44.17 -5.76 75.15
C GLU J 421 -45.46 -6.11 74.40
N TRP J 422 -46.01 -7.28 74.68
CA TRP J 422 -47.23 -7.73 74.03
C TRP J 422 -48.35 -6.69 74.18
N ASP J 423 -49.16 -6.37 73.21
CA ASP J 423 -50.23 -5.37 73.45
C ASP J 423 -51.38 -5.67 74.45
N GLU J 424 -51.75 -6.94 74.51
CA GLU J 424 -52.83 -7.34 75.36
C GLU J 424 -52.54 -7.02 76.80
N PHE J 425 -51.27 -6.92 77.15
CA PHE J 425 -50.89 -6.58 78.49
C PHE J 425 -51.36 -5.19 78.78
N VAL J 426 -51.30 -4.34 77.79
CA VAL J 426 -51.76 -3.00 77.93
C VAL J 426 -53.26 -2.94 78.13
N GLU J 427 -53.99 -3.85 77.51
CA GLU J 427 -55.47 -3.80 77.68
C GLU J 427 -56.22 -4.51 78.89
N LEU J 428 -55.49 -5.11 79.82
CA LEU J 428 -55.96 -5.96 80.87
C LEU J 428 -56.67 -5.20 81.93
N ASN J 429 -57.48 -5.88 82.70
CA ASN J 429 -58.20 -5.22 83.76
C ASN J 429 -57.29 -5.23 84.96
N TYR J 430 -56.59 -4.14 85.18
CA TYR J 430 -55.67 -4.08 86.28
C TYR J 430 -56.29 -3.85 87.62
N SER J 431 -57.54 -3.47 87.65
CA SER J 431 -58.20 -3.27 88.90
C SER J 431 -58.61 -4.61 89.39
N GLN J 432 -58.97 -5.47 88.48
CA GLN J 432 -59.37 -6.81 88.85
C GLN J 432 -58.13 -7.56 89.29
N ILE J 433 -57.04 -7.39 88.57
CA ILE J 433 -55.76 -8.03 88.86
C ILE J 433 -55.27 -7.63 90.24
N HIS J 434 -55.36 -6.33 90.56
CA HIS J 434 -54.91 -5.88 91.87
C HIS J 434 -55.73 -6.49 92.99
N ASN J 435 -57.04 -6.66 92.77
CA ASN J 435 -57.90 -7.22 93.82
C ASN J 435 -57.57 -8.68 94.10
N ASP J 436 -57.19 -9.40 93.09
CA ASP J 436 -56.91 -10.80 93.22
C ASP J 436 -55.48 -11.20 93.52
N MET J 437 -54.59 -10.23 93.64
CA MET J 437 -53.20 -10.48 94.01
C MET J 437 -53.04 -10.47 95.53
N GLN J 438 -51.88 -10.92 95.99
CA GLN J 438 -51.53 -10.72 97.38
C GLN J 438 -51.31 -9.24 97.63
N HIS J 439 -51.55 -8.81 98.87
CA HIS J 439 -51.43 -7.40 99.17
C HIS J 439 -50.36 -7.15 100.23
N PRO J 440 -49.47 -6.15 100.04
CA PRO J 440 -49.48 -5.24 98.88
C PRO J 440 -48.97 -5.90 97.60
N ALA J 441 -49.48 -5.44 96.46
CA ALA J 441 -49.13 -5.98 95.15
C ALA J 441 -48.08 -5.09 94.48
N ALA J 442 -47.06 -5.71 93.92
CA ALA J 442 -45.99 -5.00 93.22
C ALA J 442 -46.05 -5.33 91.74
N ILE J 443 -45.60 -4.39 90.91
CA ILE J 443 -45.55 -4.62 89.47
C ILE J 443 -44.31 -3.93 88.90
N PHE J 444 -43.59 -4.64 88.05
CA PHE J 444 -42.32 -4.19 87.50
C PHE J 444 -42.41 -4.25 85.98
N ASP J 445 -42.35 -3.08 85.34
CA ASP J 445 -42.50 -3.00 83.89
C ASP J 445 -41.11 -2.95 83.27
N GLY J 446 -40.68 -4.07 82.69
CA GLY J 446 -39.43 -4.10 81.97
C GLY J 446 -39.54 -3.71 80.52
N ARG J 447 -40.71 -3.25 80.07
CA ARG J 447 -40.93 -2.87 78.68
C ARG J 447 -41.57 -1.50 78.53
N LEU J 448 -41.90 -0.82 79.63
CA LEU J 448 -42.37 0.57 79.59
C LEU J 448 -43.66 0.73 78.78
N ILE J 449 -44.58 -0.22 78.91
CA ILE J 449 -45.84 -0.16 78.17
C ILE J 449 -47.03 0.19 79.05
N LEU J 450 -46.88 0.16 80.37
CA LEU J 450 -48.01 0.37 81.25
C LEU J 450 -48.05 1.80 81.77
N ASP J 451 -49.24 2.24 82.16
CA ASP J 451 -49.47 3.57 82.69
C ASP J 451 -49.10 3.57 84.17
N GLN J 452 -47.95 4.16 84.51
CA GLN J 452 -47.50 4.16 85.90
C GLN J 452 -48.48 4.90 86.80
N LYS J 453 -48.99 6.05 86.34
CA LYS J 453 -49.95 6.81 87.15
C LYS J 453 -51.21 6.01 87.41
N ALA J 454 -51.68 5.27 86.40
CA ALA J 454 -52.89 4.47 86.57
C ALA J 454 -52.67 3.32 87.56
N LEU J 455 -51.52 2.63 87.46
CA LEU J 455 -51.24 1.53 88.38
C LEU J 455 -51.14 2.01 89.81
N ARG J 456 -50.53 3.18 90.03
CA ARG J 456 -50.43 3.71 91.39
C ARG J 456 -51.79 4.03 91.99
N GLU J 457 -52.68 4.66 91.23
CA GLU J 457 -53.97 4.99 91.81
C GLU J 457 -54.82 3.74 92.03
N ILE J 458 -54.56 2.67 91.27
CA ILE J 458 -55.24 1.42 91.56
C ILE J 458 -54.78 0.88 92.92
N GLY J 459 -53.55 1.16 93.31
CA GLY J 459 -53.00 0.73 94.59
C GLY J 459 -51.77 -0.13 94.46
N PHE J 460 -51.21 -0.22 93.25
CA PHE J 460 -49.99 -0.97 93.03
C PHE J 460 -48.77 -0.23 93.59
N ARG J 461 -47.80 -1.01 94.06
CA ARG J 461 -46.41 -0.58 94.13
C ARG J 461 -45.82 -0.79 92.74
N THR J 462 -45.67 0.28 91.96
CA THR J 462 -45.36 0.15 90.55
C THR J 462 -43.95 0.65 90.27
N PHE J 463 -43.25 -0.09 89.40
CA PHE J 463 -41.87 0.20 89.04
C PHE J 463 -41.72 0.01 87.54
N ALA J 464 -40.77 0.75 86.96
CA ALA J 464 -40.52 0.65 85.52
C ALA J 464 -39.07 1.01 85.24
N ILE J 465 -38.47 0.32 84.27
CA ILE J 465 -37.12 0.66 83.83
C ILE J 465 -37.11 2.09 83.32
N GLY J 466 -36.15 2.88 83.78
CA GLY J 466 -36.03 4.26 83.36
C GLY J 466 -36.88 5.25 84.14
N THR J 467 -37.61 4.79 85.16
CA THR J 467 -38.35 5.67 86.07
C THR J 467 -37.80 5.51 87.48
N SER J 468 -37.47 6.64 88.11
CA SER J 468 -37.03 6.61 89.49
C SER J 468 -38.12 6.06 90.39
N PRO J 469 -37.80 5.13 91.31
CA PRO J 469 -38.83 4.58 92.20
C PRO J 469 -39.26 5.52 93.32
N LYS K 8 58.82 -12.52 -30.80
CA LYS K 8 57.94 -11.36 -30.85
C LYS K 8 58.65 -10.17 -31.47
N VAL K 9 58.02 -9.57 -32.47
CA VAL K 9 58.61 -8.42 -33.15
C VAL K 9 58.33 -7.15 -32.34
N SER K 10 59.40 -6.41 -32.03
CA SER K 10 59.31 -5.09 -31.43
C SER K 10 60.09 -4.02 -32.18
N LYS K 11 60.91 -4.39 -33.16
CA LYS K 11 61.70 -3.45 -33.94
C LYS K 11 61.47 -3.76 -35.41
N VAL K 12 60.78 -2.85 -36.11
CA VAL K 12 60.41 -3.01 -37.50
C VAL K 12 61.17 -2.00 -38.34
N VAL K 13 61.70 -2.46 -39.47
CA VAL K 13 62.33 -1.60 -40.46
C VAL K 13 61.64 -1.82 -41.79
N CYS K 14 61.53 -0.75 -42.58
CA CYS K 14 61.03 -0.85 -43.94
C CYS K 14 61.99 -0.14 -44.88
N VAL K 15 62.43 -0.86 -45.91
CA VAL K 15 63.23 -0.28 -46.97
C VAL K 15 62.27 0.24 -48.04
N GLY K 16 62.25 1.55 -48.22
CA GLY K 16 61.33 2.17 -49.15
C GLY K 16 60.40 3.17 -48.48
N ALA K 17 60.68 4.46 -48.67
CA ALA K 17 59.87 5.50 -48.05
C ALA K 17 58.97 6.16 -49.08
N GLY K 18 58.25 5.38 -49.86
CA GLY K 18 57.37 5.88 -50.90
C GLY K 18 55.91 5.84 -50.50
N TYR K 19 55.04 5.81 -51.52
CA TYR K 19 53.60 5.79 -51.29
C TYR K 19 53.15 4.52 -50.59
N VAL K 20 53.93 3.44 -50.69
CA VAL K 20 53.60 2.20 -50.00
C VAL K 20 54.29 2.19 -48.64
N GLY K 21 55.62 2.33 -48.63
CA GLY K 21 56.37 2.17 -47.40
C GLY K 21 56.04 3.21 -46.35
N GLY K 22 55.95 4.47 -46.76
CA GLY K 22 55.68 5.55 -45.84
C GLY K 22 54.38 5.38 -45.06
N PRO K 23 53.24 5.41 -45.75
CA PRO K 23 51.96 5.23 -45.04
C PRO K 23 51.87 3.93 -44.23
N THR K 24 52.36 2.82 -44.78
CA THR K 24 52.28 1.55 -44.07
C THR K 24 52.98 1.62 -42.72
N CYS K 25 54.19 2.17 -42.70
CA CYS K 25 54.93 2.28 -41.45
C CYS K 25 54.25 3.26 -40.50
N ALA K 26 53.68 4.34 -41.04
CA ALA K 26 52.97 5.28 -40.19
C ALA K 26 51.82 4.59 -39.46
N MET K 27 51.08 3.72 -40.16
CA MET K 27 49.94 3.08 -39.52
C MET K 27 50.39 2.05 -38.48
N ILE K 28 51.46 1.31 -38.75
CA ILE K 28 51.98 0.37 -37.76
C ILE K 28 52.41 1.10 -36.51
N ALA K 29 53.19 2.17 -36.65
CA ALA K 29 53.61 2.97 -35.51
C ALA K 29 52.40 3.55 -34.80
N HIS K 30 51.41 4.02 -35.57
CA HIS K 30 50.22 4.65 -35.00
C HIS K 30 49.40 3.65 -34.20
N LYS K 31 49.42 2.37 -34.58
CA LYS K 31 48.59 1.36 -33.96
C LYS K 31 49.32 0.40 -33.01
N CYS K 32 50.65 0.43 -32.98
CA CYS K 32 51.44 -0.49 -32.15
C CYS K 32 52.41 0.33 -31.33
N PRO K 33 51.97 0.81 -30.16
CA PRO K 33 52.84 1.70 -29.36
C PRO K 33 54.16 1.09 -28.95
N HIS K 34 54.24 -0.23 -28.76
CA HIS K 34 55.45 -0.87 -28.27
C HIS K 34 56.39 -1.33 -29.38
N ILE K 35 56.08 -1.02 -30.63
CA ILE K 35 56.94 -1.39 -31.76
C ILE K 35 57.63 -0.12 -32.25
N THR K 36 58.94 -0.20 -32.45
CA THR K 36 59.66 0.88 -33.10
C THR K 36 59.75 0.62 -34.60
N VAL K 37 59.31 1.61 -35.39
CA VAL K 37 59.28 1.53 -36.84
C VAL K 37 60.29 2.53 -37.39
N THR K 38 61.25 2.02 -38.16
CA THR K 38 62.26 2.84 -38.81
C THR K 38 62.13 2.69 -40.31
N VAL K 39 61.98 3.82 -41.00
CA VAL K 39 61.86 3.85 -42.45
C VAL K 39 63.18 4.33 -43.03
N VAL K 40 63.72 3.58 -44.00
CA VAL K 40 64.99 3.90 -44.65
C VAL K 40 64.75 3.99 -46.15
N ASP K 41 65.69 4.64 -46.84
CA ASP K 41 65.55 4.87 -48.27
C ASP K 41 66.89 5.30 -48.83
N MET K 42 67.15 4.91 -50.09
CA MET K 42 68.37 5.34 -50.76
C MET K 42 68.37 6.84 -51.04
N ASN K 43 67.20 7.46 -51.13
CA ASN K 43 67.06 8.89 -51.42
C ASN K 43 67.11 9.62 -50.08
N THR K 44 68.27 10.22 -49.76
CA THR K 44 68.40 10.90 -48.49
C THR K 44 67.58 12.19 -48.44
N ALA K 45 67.43 12.86 -49.58
CA ALA K 45 66.59 14.05 -49.63
C ALA K 45 65.14 13.70 -49.32
N LYS K 46 64.69 12.53 -49.74
CA LYS K 46 63.33 12.11 -49.43
C LYS K 46 63.17 11.83 -47.94
N ILE K 47 64.20 11.22 -47.32
CA ILE K 47 64.17 10.99 -45.87
C ILE K 47 64.12 12.31 -45.11
N ALA K 48 64.88 13.31 -45.56
CA ALA K 48 64.85 14.61 -44.90
C ALA K 48 63.47 15.24 -44.95
N GLU K 49 62.76 15.04 -46.06
CA GLU K 49 61.40 15.59 -46.17
C GLU K 49 60.45 14.87 -45.23
N TRP K 50 60.61 13.55 -45.09
CA TRP K 50 59.81 12.81 -44.13
C TRP K 50 60.05 13.29 -42.70
N ASN K 51 61.25 13.83 -42.43
CA ASN K 51 61.57 14.36 -41.11
C ASN K 51 61.29 15.85 -41.00
N SER K 52 60.81 16.48 -42.06
CA SER K 52 60.52 17.91 -42.05
C SER K 52 59.01 18.12 -41.89
N ASP K 53 58.57 19.37 -41.99
CA ASP K 53 57.16 19.70 -41.86
C ASP K 53 56.40 19.63 -43.18
N LYS K 54 57.07 19.29 -44.28
CA LYS K 54 56.43 19.10 -45.57
C LYS K 54 56.72 17.68 -46.05
N LEU K 55 55.78 16.77 -45.85
CA LEU K 55 56.01 15.38 -46.24
C LEU K 55 56.13 15.25 -47.75
N PRO K 56 56.92 14.28 -48.23
CA PRO K 56 57.19 14.19 -49.67
C PRO K 56 55.99 13.74 -50.49
N ILE K 57 54.89 13.32 -49.85
CA ILE K 57 53.66 12.94 -50.54
C ILE K 57 52.49 13.57 -49.80
N TYR K 58 51.37 13.72 -50.50
CA TYR K 58 50.13 14.20 -49.90
C TYR K 58 49.16 13.02 -49.78
N GLU K 59 48.77 12.72 -48.54
CA GLU K 59 47.76 11.72 -48.22
C GLU K 59 46.88 12.32 -47.13
N PRO K 60 45.56 12.33 -47.31
CA PRO K 60 44.68 12.83 -46.25
C PRO K 60 44.92 12.03 -44.97
N GLY K 61 45.14 12.75 -43.87
CA GLY K 61 45.37 12.14 -42.58
C GLY K 61 46.79 11.70 -42.32
N LEU K 62 47.67 11.73 -43.34
CA LEU K 62 49.03 11.24 -43.13
C LEU K 62 49.85 12.19 -42.27
N ASP K 63 49.72 13.51 -42.49
CA ASP K 63 50.49 14.47 -41.69
C ASP K 63 50.17 14.35 -40.19
N GLU K 64 48.88 14.30 -39.83
CA GLU K 64 48.54 14.21 -38.40
C GLU K 64 49.13 12.94 -37.79
N ILE K 65 49.02 11.82 -38.50
CA ILE K 65 49.51 10.56 -37.95
C ILE K 65 51.03 10.58 -37.79
N VAL K 66 51.73 11.04 -38.82
CA VAL K 66 53.20 11.01 -38.79
C VAL K 66 53.74 12.00 -37.75
N PHE K 67 53.21 13.23 -37.74
CA PHE K 67 53.69 14.22 -36.78
C PHE K 67 53.47 13.75 -35.34
N ALA K 68 52.43 12.96 -35.11
CA ALA K 68 52.15 12.46 -33.77
C ALA K 68 53.04 11.29 -33.38
N ALA K 69 53.57 10.54 -34.35
CA ALA K 69 54.39 9.37 -34.04
C ALA K 69 55.88 9.63 -34.21
N ARG K 70 56.27 10.56 -35.07
CA ARG K 70 57.68 10.73 -35.40
C ARG K 70 58.47 11.18 -34.18
N GLY K 71 59.60 10.50 -33.93
CA GLY K 71 60.43 10.78 -32.77
C GLY K 71 60.12 9.95 -31.54
N ARG K 72 58.99 9.25 -31.52
CA ARG K 72 58.63 8.39 -30.40
C ARG K 72 58.91 6.93 -30.76
N ASN K 73 58.10 6.39 -31.66
CA ASN K 73 58.29 5.03 -32.17
C ASN K 73 58.32 4.98 -33.69
N LEU K 74 58.30 6.13 -34.36
CA LEU K 74 58.39 6.20 -35.81
C LEU K 74 59.62 7.04 -36.17
N PHE K 75 60.50 6.49 -36.99
CA PHE K 75 61.75 7.15 -37.33
C PHE K 75 62.02 6.98 -38.82
N PHE K 76 62.64 8.02 -39.39
CA PHE K 76 63.08 8.02 -40.78
C PHE K 76 64.58 8.25 -40.77
N SER K 77 65.33 7.26 -41.24
CA SER K 77 66.78 7.30 -41.15
C SER K 77 67.42 7.03 -42.49
N SER K 78 68.67 7.49 -42.62
CA SER K 78 69.51 7.19 -43.77
C SER K 78 70.61 6.19 -43.46
N ASP K 79 70.70 5.71 -42.22
CA ASP K 79 71.69 4.70 -41.83
C ASP K 79 71.07 3.32 -42.02
N ILE K 80 71.11 2.84 -43.26
CA ILE K 80 70.51 1.57 -43.65
C ILE K 80 71.19 0.39 -42.97
N PRO K 81 72.54 0.30 -42.94
CA PRO K 81 73.16 -0.85 -42.25
C PRO K 81 72.77 -0.96 -40.78
N LYS K 82 72.75 0.17 -40.06
CA LYS K 82 72.37 0.13 -38.65
C LYS K 82 70.91 -0.29 -38.48
N ALA K 83 70.03 0.20 -39.35
CA ALA K 83 68.61 -0.13 -39.23
C ALA K 83 68.37 -1.61 -39.49
N ILE K 84 69.02 -2.17 -40.51
CA ILE K 84 68.86 -3.59 -40.81
C ILE K 84 69.37 -4.44 -39.65
N ALA K 85 70.51 -4.05 -39.07
CA ALA K 85 71.11 -4.86 -38.01
C ALA K 85 70.23 -4.94 -36.78
N GLU K 86 69.50 -3.87 -36.46
CA GLU K 86 68.71 -3.83 -35.23
C GLU K 86 67.29 -4.37 -35.39
N ALA K 87 66.84 -4.67 -36.61
CA ALA K 87 65.45 -5.03 -36.81
C ALA K 87 65.17 -6.49 -36.48
N ASP K 88 63.92 -6.74 -36.07
CA ASP K 88 63.36 -8.09 -36.01
C ASP K 88 62.73 -8.48 -37.35
N LEU K 89 62.05 -7.54 -37.98
CA LEU K 89 61.34 -7.77 -39.22
C LEU K 89 61.63 -6.62 -40.18
N ILE K 90 61.84 -6.94 -41.45
CA ILE K 90 62.26 -5.97 -42.44
C ILE K 90 61.29 -6.05 -43.62
N PHE K 91 60.54 -4.99 -43.84
CA PHE K 91 59.75 -4.86 -45.06
C PHE K 91 60.63 -4.37 -46.19
N ILE K 92 60.38 -4.90 -47.39
CA ILE K 92 60.95 -4.38 -48.62
C ILE K 92 59.81 -3.81 -49.46
N SER K 93 59.85 -2.49 -49.70
CA SER K 93 58.83 -1.79 -50.48
C SER K 93 59.54 -0.82 -51.43
N VAL K 94 60.18 -1.37 -52.46
CA VAL K 94 60.94 -0.56 -53.40
C VAL K 94 60.33 -0.63 -54.79
N ASN K 95 60.90 0.12 -55.74
CA ASN K 95 60.40 0.12 -57.11
C ASN K 95 60.78 -1.18 -57.81
N THR K 96 59.92 -1.61 -58.71
CA THR K 96 60.22 -2.66 -59.69
C THR K 96 59.86 -2.12 -61.06
N PRO K 97 60.63 -1.15 -61.57
CA PRO K 97 60.23 -0.47 -62.81
C PRO K 97 60.15 -1.43 -63.99
N THR K 98 59.23 -1.13 -64.86
CA THR K 98 58.98 -1.94 -66.02
C THR K 98 60.21 -1.98 -66.88
N LYS K 99 60.54 -3.15 -67.38
CA LYS K 99 61.70 -3.29 -68.21
C LYS K 99 61.55 -2.52 -69.47
N MET K 100 62.57 -1.78 -69.82
CA MET K 100 62.51 -0.97 -71.00
C MET K 100 63.28 -1.52 -72.18
N TYR K 101 63.72 -2.74 -72.08
CA TYR K 101 64.49 -3.35 -73.12
C TYR K 101 64.46 -4.81 -72.84
N GLY K 102 64.93 -5.58 -73.79
CA GLY K 102 65.03 -6.99 -73.64
C GLY K 102 63.79 -7.81 -73.50
N ARG K 103 63.94 -8.90 -72.78
CA ARG K 103 62.86 -9.82 -72.58
C ARG K 103 61.71 -9.24 -71.80
N GLY K 104 60.52 -9.40 -72.33
CA GLY K 104 59.32 -8.88 -71.73
C GLY K 104 59.37 -7.38 -71.67
N LYS K 105 59.99 -6.75 -72.64
CA LYS K 105 60.07 -5.31 -72.64
C LYS K 105 58.71 -4.64 -72.72
N GLY K 106 58.54 -3.64 -71.89
CA GLY K 106 57.34 -2.87 -71.79
C GLY K 106 56.29 -3.53 -70.97
N MET K 107 56.54 -4.74 -70.52
CA MET K 107 55.57 -5.43 -69.72
C MET K 107 55.99 -6.02 -68.39
N ALA K 108 57.21 -6.49 -68.34
CA ALA K 108 57.73 -7.21 -67.19
C ALA K 108 58.45 -6.29 -66.22
N PRO K 109 58.36 -6.56 -64.92
CA PRO K 109 59.09 -5.74 -63.95
C PRO K 109 60.56 -6.12 -63.88
N ASP K 110 61.39 -5.12 -63.57
CA ASP K 110 62.82 -5.32 -63.35
C ASP K 110 63.04 -5.39 -61.84
N LEU K 111 63.48 -6.56 -61.36
CA LEU K 111 63.63 -6.82 -59.94
C LEU K 111 65.00 -6.40 -59.40
N LYS K 112 65.73 -5.56 -60.14
CA LYS K 112 67.10 -5.24 -59.77
C LYS K 112 67.19 -4.64 -58.37
N TYR K 113 66.23 -3.77 -58.02
CA TYR K 113 66.27 -3.13 -56.71
C TYR K 113 65.88 -4.11 -55.60
N VAL K 114 64.90 -4.97 -55.86
CA VAL K 114 64.52 -5.97 -54.86
C VAL K 114 65.70 -6.88 -54.55
N GLU K 115 66.48 -7.22 -55.58
CA GLU K 115 67.64 -8.07 -55.38
C GLU K 115 68.77 -7.33 -54.69
N SER K 116 69.01 -6.07 -55.07
CA SER K 116 70.08 -5.31 -54.42
C SER K 116 69.78 -5.09 -52.94
N VAL K 117 68.51 -4.80 -52.61
CA VAL K 117 68.15 -4.65 -51.20
C VAL K 117 68.30 -5.97 -50.46
N SER K 118 67.95 -7.08 -51.11
CA SER K 118 68.11 -8.39 -50.48
C SER K 118 69.58 -8.67 -50.18
N ARG K 119 70.49 -8.23 -51.05
CA ARG K 119 71.92 -8.39 -50.79
C ARG K 119 72.37 -7.54 -49.61
N THR K 120 71.86 -6.32 -49.49
CA THR K 120 72.22 -5.48 -48.35
C THR K 120 71.71 -6.08 -47.04
N ILE K 121 70.52 -6.68 -47.08
CA ILE K 121 70.00 -7.35 -45.88
C ILE K 121 70.92 -8.50 -45.50
N ALA K 122 71.34 -9.30 -46.48
CA ALA K 122 72.25 -10.40 -46.22
C ALA K 122 73.58 -9.91 -45.66
N GLN K 123 74.04 -8.72 -46.09
CA GLN K 123 75.33 -8.21 -45.65
C GLN K 123 75.29 -7.73 -44.21
N TYR K 124 74.18 -7.13 -43.78
CA TYR K 124 74.15 -6.44 -42.50
C TYR K 124 73.17 -7.02 -41.49
N ALA K 125 72.45 -8.10 -41.82
CA ALA K 125 71.50 -8.66 -40.88
C ALA K 125 72.17 -9.05 -39.56
N GLY K 126 73.24 -9.83 -39.64
CA GLY K 126 73.96 -10.25 -38.44
C GLY K 126 73.17 -11.12 -37.50
N GLY K 127 72.06 -11.70 -37.97
CA GLY K 127 71.21 -12.52 -37.13
C GLY K 127 69.92 -12.84 -37.82
N PRO K 128 69.09 -13.69 -37.19
CA PRO K 128 67.83 -14.09 -37.83
C PRO K 128 66.91 -12.90 -38.06
N LYS K 129 66.27 -12.88 -39.23
CA LYS K 129 65.37 -11.81 -39.62
C LYS K 129 64.17 -12.39 -40.36
N ILE K 130 63.02 -11.77 -40.15
CA ILE K 130 61.85 -11.99 -41.00
C ILE K 130 61.87 -10.88 -42.04
N VAL K 131 61.89 -11.26 -43.31
CA VAL K 131 61.91 -10.30 -44.41
C VAL K 131 60.61 -10.42 -45.19
N VAL K 132 59.91 -9.31 -45.34
CA VAL K 132 58.57 -9.26 -45.91
C VAL K 132 58.58 -8.32 -47.10
N GLU K 133 58.18 -8.84 -48.25
CA GLU K 133 58.07 -8.05 -49.46
C GLU K 133 56.68 -7.48 -49.46
N LYS K 134 56.59 -6.17 -49.59
CA LYS K 134 55.30 -5.47 -49.59
C LYS K 134 55.26 -4.49 -50.75
N SER K 135 54.46 -4.81 -51.76
CA SER K 135 54.25 -3.92 -52.89
C SER K 135 52.84 -4.13 -53.40
N THR K 136 52.44 -3.31 -54.36
CA THR K 136 51.11 -3.43 -54.95
C THR K 136 51.07 -4.36 -56.15
N VAL K 137 52.19 -4.59 -56.83
CA VAL K 137 52.26 -5.56 -57.91
C VAL K 137 53.40 -6.55 -57.68
N PRO K 138 53.26 -7.50 -56.77
CA PRO K 138 54.30 -8.52 -56.59
C PRO K 138 54.11 -9.63 -57.61
N VAL K 139 55.16 -9.90 -58.38
CA VAL K 139 55.18 -11.05 -59.28
C VAL K 139 56.58 -11.63 -59.21
N LYS K 140 56.74 -12.72 -58.49
CA LYS K 140 58.01 -13.42 -58.30
C LYS K 140 59.04 -12.57 -57.56
N ALA K 141 58.61 -11.46 -56.94
CA ALA K 141 59.54 -10.64 -56.16
C ALA K 141 60.00 -11.36 -54.91
N ALA K 142 59.08 -12.04 -54.22
CA ALA K 142 59.46 -12.76 -53.01
C ALA K 142 60.36 -13.95 -53.32
N GLU K 143 60.20 -14.57 -54.49
CA GLU K 143 61.04 -15.70 -54.84
C GLU K 143 62.49 -15.27 -55.09
N SER K 144 62.71 -14.08 -55.64
CA SER K 144 64.06 -13.59 -55.85
C SER K 144 64.70 -13.18 -54.53
N ILE K 145 63.90 -12.57 -53.64
CA ILE K 145 64.40 -12.30 -52.29
C ILE K 145 64.77 -13.60 -51.61
N GLY K 146 63.87 -14.58 -51.64
CA GLY K 146 64.13 -15.83 -50.98
C GLY K 146 65.34 -16.55 -51.57
N CYS K 147 65.52 -16.44 -52.89
CA CYS K 147 66.65 -17.07 -53.54
C CYS K 147 67.98 -16.51 -53.01
N ILE K 148 68.06 -15.18 -52.83
CA ILE K 148 69.29 -14.56 -52.34
C ILE K 148 69.53 -14.89 -50.88
N LEU K 149 68.48 -14.83 -50.06
CA LEU K 149 68.66 -15.00 -48.63
C LEU K 149 68.91 -16.44 -48.23
N ARG K 150 68.39 -17.41 -48.99
CA ARG K 150 68.68 -18.81 -48.68
C ARG K 150 70.16 -19.13 -48.89
N GLU K 151 70.77 -18.56 -49.90
CA GLU K 151 72.15 -18.84 -50.08
C GLU K 151 72.90 -18.29 -48.91
N ALA K 152 72.53 -17.12 -48.46
CA ALA K 152 73.21 -16.50 -47.34
C ALA K 152 73.09 -17.32 -46.07
N GLN K 153 71.93 -17.88 -45.81
CA GLN K 153 71.75 -18.67 -44.64
C GLN K 153 72.61 -19.88 -44.78
N LYS K 154 72.61 -20.44 -45.96
CA LYS K 154 73.37 -21.63 -46.22
C LYS K 154 74.84 -21.39 -46.02
N ASN K 155 75.33 -20.24 -46.43
CA ASN K 155 76.72 -19.90 -46.27
C ASN K 155 77.10 -19.41 -44.91
N ASN K 156 76.13 -19.10 -44.08
CA ASN K 156 76.38 -18.65 -42.73
C ASN K 156 75.12 -18.96 -42.01
N GLU K 157 75.07 -20.03 -41.25
CA GLU K 157 73.83 -20.43 -40.60
C GLU K 157 73.45 -19.61 -39.40
N ASN K 158 74.29 -18.65 -39.08
CA ASN K 158 74.05 -17.74 -38.00
C ASN K 158 72.77 -17.01 -38.33
N LEU K 159 72.54 -16.78 -39.61
CA LEU K 159 71.37 -16.02 -40.05
C LEU K 159 70.25 -16.84 -40.63
N LYS K 160 69.20 -17.04 -39.87
CA LYS K 160 68.08 -17.80 -40.36
C LYS K 160 67.02 -16.83 -40.84
N PHE K 161 66.67 -16.96 -42.10
CA PHE K 161 65.76 -16.05 -42.71
C PHE K 161 64.49 -16.71 -43.16
N GLN K 162 63.38 -16.02 -42.99
CA GLN K 162 62.12 -16.51 -43.52
C GLN K 162 61.50 -15.37 -44.31
N VAL K 163 61.24 -15.60 -45.60
CA VAL K 163 60.74 -14.57 -46.50
C VAL K 163 59.23 -14.71 -46.58
N LEU K 164 58.52 -13.60 -46.37
CA LEU K 164 57.07 -13.59 -46.44
C LEU K 164 56.60 -12.66 -47.55
N SER K 165 55.40 -12.94 -48.05
CA SER K 165 54.73 -12.10 -49.03
C SER K 165 53.56 -11.43 -48.34
N ASN K 166 53.54 -10.10 -48.35
CA ASN K 166 52.50 -9.32 -47.69
C ASN K 166 52.11 -8.17 -48.62
N PRO K 167 51.32 -8.46 -49.65
CA PRO K 167 50.94 -7.41 -50.61
C PRO K 167 50.18 -6.29 -49.93
N GLU K 168 50.33 -5.08 -50.47
CA GLU K 168 49.64 -3.91 -49.95
C GLU K 168 48.40 -3.65 -50.78
N PHE K 169 47.26 -3.46 -50.10
CA PHE K 169 45.97 -3.26 -50.75
C PHE K 169 45.48 -1.81 -50.68
N LEU K 170 46.21 -0.91 -50.03
CA LEU K 170 45.75 0.47 -49.95
C LEU K 170 45.61 1.07 -51.34
N ALA K 171 44.63 1.97 -51.47
CA ALA K 171 44.51 2.84 -52.63
C ALA K 171 44.92 4.24 -52.22
N GLU K 172 45.70 4.89 -53.06
CA GLU K 172 46.17 6.24 -52.74
C GLU K 172 45.00 7.21 -52.72
N GLY K 173 45.14 8.25 -51.89
CA GLY K 173 44.06 9.17 -51.60
C GLY K 173 43.19 8.75 -50.42
N THR K 174 43.10 7.45 -50.17
CA THR K 174 42.37 6.89 -49.05
C THR K 174 43.26 5.95 -48.25
N ALA K 175 44.57 6.20 -48.26
CA ALA K 175 45.53 5.24 -47.72
C ALA K 175 45.35 5.05 -46.22
N MET K 176 45.19 6.13 -45.48
CA MET K 176 45.14 6.02 -44.02
C MET K 176 43.85 5.32 -43.57
N LYS K 177 42.74 5.62 -44.24
CA LYS K 177 41.50 4.90 -43.96
C LYS K 177 41.61 3.42 -44.33
N ASP K 178 42.21 3.13 -45.48
CA ASP K 178 42.35 1.73 -45.90
C ASP K 178 43.30 0.98 -44.97
N LEU K 179 44.38 1.62 -44.55
CA LEU K 179 45.34 0.96 -43.67
C LEU K 179 44.74 0.68 -42.30
N ALA K 180 43.80 1.52 -41.85
CA ALA K 180 43.23 1.36 -40.53
C ALA K 180 42.14 0.29 -40.50
N ASN K 181 41.40 0.12 -41.60
CA ASN K 181 40.30 -0.85 -41.65
C ASN K 181 40.32 -1.58 -42.98
N PRO K 182 41.33 -2.44 -43.18
CA PRO K 182 41.41 -3.18 -44.45
C PRO K 182 40.32 -4.24 -44.56
N ASP K 183 39.85 -4.45 -45.79
CA ASP K 183 38.94 -5.57 -46.03
C ASP K 183 39.64 -6.90 -45.77
N ARG K 184 40.92 -6.97 -46.08
CA ARG K 184 41.70 -8.15 -45.85
C ARG K 184 43.17 -7.87 -45.73
N VAL K 185 43.87 -8.74 -45.04
CA VAL K 185 45.32 -8.70 -44.96
C VAL K 185 45.80 -10.04 -45.50
N LEU K 186 46.68 -10.00 -46.50
CA LEU K 186 47.11 -11.20 -47.20
C LEU K 186 48.57 -11.45 -46.87
N ILE K 187 48.85 -12.60 -46.27
CA ILE K 187 50.21 -12.96 -45.87
C ILE K 187 50.49 -14.35 -46.40
N GLY K 188 51.55 -14.50 -47.17
CA GLY K 188 51.96 -15.78 -47.72
C GLY K 188 53.36 -16.13 -47.24
N GLY K 189 53.57 -17.42 -46.94
CA GLY K 189 54.88 -17.85 -46.48
C GLY K 189 55.11 -19.32 -46.68
N GLU K 190 56.36 -19.72 -46.44
CA GLU K 190 56.74 -21.11 -46.64
C GLU K 190 56.08 -22.00 -45.60
N SER K 191 55.71 -23.21 -46.02
CA SER K 191 54.96 -24.15 -45.17
C SER K 191 55.96 -25.04 -44.45
N SER K 192 56.45 -24.56 -43.32
CA SER K 192 57.46 -25.26 -42.53
C SER K 192 57.37 -24.74 -41.11
N PRO K 193 57.98 -25.43 -40.15
CA PRO K 193 58.00 -24.90 -38.78
C PRO K 193 58.45 -23.44 -38.71
N GLU K 194 59.60 -23.12 -39.29
CA GLU K 194 60.09 -21.74 -39.24
C GLU K 194 59.18 -20.81 -40.04
N GLY K 195 58.70 -21.29 -41.19
CA GLY K 195 57.83 -20.48 -42.02
C GLY K 195 56.51 -20.13 -41.35
N LEU K 196 55.87 -21.11 -40.72
CA LEU K 196 54.60 -20.85 -40.06
C LEU K 196 54.78 -19.90 -38.87
N GLN K 197 55.90 -20.04 -38.15
CA GLN K 197 56.17 -19.15 -37.04
C GLN K 197 56.36 -17.70 -37.50
N ALA K 198 57.06 -17.50 -38.62
CA ALA K 198 57.28 -16.15 -39.12
C ALA K 198 55.97 -15.50 -39.52
N VAL K 199 55.08 -16.26 -40.17
CA VAL K 199 53.76 -15.74 -40.52
C VAL K 199 53.00 -15.37 -39.25
N ALA K 200 53.09 -16.22 -38.22
CA ALA K 200 52.36 -15.95 -36.98
C ALA K 200 52.80 -14.64 -36.34
N GLU K 201 54.09 -14.30 -36.40
CA GLU K 201 54.53 -13.05 -35.80
C GLU K 201 54.12 -11.83 -36.63
N LEU K 202 53.98 -11.97 -37.95
CA LEU K 202 53.45 -10.87 -38.71
C LEU K 202 51.95 -10.73 -38.49
N VAL K 203 51.24 -11.85 -38.39
CA VAL K 203 49.83 -11.83 -38.01
C VAL K 203 49.67 -11.15 -36.65
N ARG K 204 50.60 -11.42 -35.74
CA ARG K 204 50.57 -10.82 -34.40
C ARG K 204 50.61 -9.30 -34.46
N ILE K 205 51.41 -8.75 -35.39
CA ILE K 205 51.47 -7.29 -35.54
C ILE K 205 50.11 -6.74 -35.95
N TYR K 206 49.54 -7.30 -37.03
CA TYR K 206 48.29 -6.77 -37.57
C TYR K 206 47.13 -6.97 -36.60
N GLU K 207 47.17 -8.01 -35.76
CA GLU K 207 46.07 -8.24 -34.84
C GLU K 207 45.93 -7.15 -33.79
N ASN K 208 46.90 -6.22 -33.71
CA ASN K 208 46.76 -5.07 -32.82
C ASN K 208 45.62 -4.15 -33.22
N TRP K 209 45.19 -4.18 -34.49
CA TRP K 209 44.09 -3.33 -34.92
C TRP K 209 43.24 -3.94 -36.03
N VAL K 210 43.58 -5.11 -36.53
CA VAL K 210 42.84 -5.78 -37.59
C VAL K 210 42.19 -7.04 -37.01
N PRO K 211 40.89 -7.24 -37.19
CA PRO K 211 40.26 -8.46 -36.66
C PRO K 211 40.82 -9.72 -37.28
N ARG K 212 40.78 -10.81 -36.52
CA ARG K 212 41.33 -12.08 -36.98
C ARG K 212 40.66 -12.61 -38.20
N ASN K 213 39.35 -12.45 -38.28
CA ASN K 213 38.61 -12.98 -39.41
C ASN K 213 38.94 -12.27 -40.72
N ARG K 214 39.77 -11.23 -40.71
CA ARG K 214 40.16 -10.53 -41.92
C ARG K 214 41.59 -10.80 -42.37
N ILE K 215 42.32 -11.68 -41.68
CA ILE K 215 43.71 -11.98 -42.03
C ILE K 215 43.74 -13.35 -42.70
N ILE K 216 44.25 -13.40 -43.93
CA ILE K 216 44.33 -14.62 -44.73
C ILE K 216 45.79 -15.03 -44.84
N THR K 217 46.07 -16.28 -44.47
CA THR K 217 47.41 -16.85 -44.61
C THR K 217 47.41 -17.95 -45.66
N THR K 218 48.44 -17.99 -46.47
CA THR K 218 48.59 -18.96 -47.55
C THR K 218 50.08 -19.11 -47.84
N ASN K 219 50.42 -19.80 -48.92
CA ASN K 219 51.82 -19.89 -49.32
C ASN K 219 52.25 -18.64 -50.09
N THR K 220 53.55 -18.57 -50.38
CA THR K 220 54.14 -17.37 -50.95
C THR K 220 53.52 -17.02 -52.31
N TRP K 221 53.52 -17.98 -53.24
CA TRP K 221 53.07 -17.69 -54.59
C TRP K 221 51.58 -17.38 -54.65
N SER K 222 50.76 -18.11 -53.89
CA SER K 222 49.33 -17.83 -53.88
C SER K 222 49.07 -16.40 -53.44
N SER K 223 49.86 -15.91 -52.47
CA SER K 223 49.71 -14.54 -52.01
C SER K 223 49.97 -13.55 -53.14
N GLU K 224 51.02 -13.77 -53.93
CA GLU K 224 51.34 -12.85 -55.01
C GLU K 224 50.36 -12.96 -56.17
N LEU K 225 50.00 -14.20 -56.56
CA LEU K 225 49.07 -14.37 -57.68
C LEU K 225 47.69 -13.80 -57.35
N SER K 226 47.23 -13.95 -56.10
CA SER K 226 45.95 -13.37 -55.72
C SER K 226 45.97 -11.85 -55.87
N LYS K 227 47.07 -11.21 -55.44
CA LYS K 227 47.19 -9.77 -55.62
C LYS K 227 47.20 -9.40 -57.08
N LEU K 228 48.01 -10.11 -57.89
CA LEU K 228 48.06 -9.83 -59.32
C LEU K 228 46.69 -9.96 -59.96
N VAL K 229 45.91 -10.97 -59.56
CA VAL K 229 44.60 -11.16 -60.14
C VAL K 229 43.59 -10.15 -59.58
N ALA K 230 43.67 -9.85 -58.28
CA ALA K 230 42.73 -8.91 -57.68
C ALA K 230 42.81 -7.55 -58.35
N ASN K 231 44.04 -7.06 -58.57
CA ASN K 231 44.23 -5.80 -59.29
C ASN K 231 43.61 -5.88 -60.68
N ALA K 232 43.78 -7.01 -61.37
CA ALA K 232 43.25 -7.12 -62.72
C ALA K 232 41.73 -7.08 -62.74
N PHE K 233 41.08 -7.70 -61.75
CA PHE K 233 39.62 -7.63 -61.67
C PHE K 233 39.14 -6.19 -61.50
N LEU K 234 39.80 -5.42 -60.63
CA LEU K 234 39.43 -4.03 -60.43
C LEU K 234 39.59 -3.22 -61.71
N ALA K 235 40.73 -3.37 -62.38
CA ALA K 235 40.95 -2.65 -63.64
C ALA K 235 39.93 -3.05 -64.68
N GLN K 236 39.51 -4.32 -64.68
CA GLN K 236 38.55 -4.79 -65.68
C GLN K 236 37.17 -4.16 -65.47
N ARG K 237 36.77 -3.97 -64.21
CA ARG K 237 35.50 -3.30 -63.96
C ARG K 237 35.48 -1.92 -64.59
N ILE K 238 36.60 -1.20 -64.50
CA ILE K 238 36.68 0.15 -65.04
CA ILE K 238 36.67 0.15 -65.05
C ILE K 238 36.62 0.12 -66.57
N SER K 239 37.38 -0.80 -67.19
CA SER K 239 37.34 -0.89 -68.64
C SER K 239 35.99 -1.38 -69.13
N SER K 240 35.35 -2.28 -68.38
CA SER K 240 34.02 -2.74 -68.79
C SER K 240 33.01 -1.59 -68.78
N ILE K 241 32.99 -0.80 -67.70
CA ILE K 241 32.06 0.31 -67.65
C ILE K 241 32.45 1.39 -68.65
N ASN K 242 33.77 1.58 -68.88
CA ASN K 242 34.19 2.58 -69.85
C ASN K 242 33.83 2.17 -71.27
N SER K 243 33.91 0.88 -71.58
CA SER K 243 33.50 0.43 -72.90
C SER K 243 32.00 0.63 -73.12
N ILE K 244 31.20 0.46 -72.06
CA ILE K 244 29.77 0.67 -72.20
C ILE K 244 29.42 2.16 -72.29
N SER K 245 30.27 3.03 -71.74
CA SER K 245 30.01 4.46 -71.83
C SER K 245 29.94 4.92 -73.29
N ALA K 246 30.72 4.27 -74.17
CA ALA K 246 30.64 4.58 -75.59
C ALA K 246 29.32 4.10 -76.19
N VAL K 247 28.81 2.97 -75.71
CA VAL K 247 27.50 2.48 -76.17
C VAL K 247 26.39 3.43 -75.74
N CYS K 248 26.49 3.97 -74.52
CA CYS K 248 25.51 4.94 -74.06
C CYS K 248 25.53 6.20 -74.90
N GLU K 249 26.74 6.71 -75.21
CA GLU K 249 26.84 7.91 -76.03
C GLU K 249 26.17 7.72 -77.38
N ALA K 250 26.27 6.51 -77.95
CA ALA K 250 25.75 6.25 -79.28
C ALA K 250 24.26 6.01 -79.31
N THR K 251 23.62 5.71 -78.17
CA THR K 251 22.21 5.33 -78.17
C THR K 251 21.35 6.20 -77.26
N GLY K 252 21.90 7.24 -76.65
CA GLY K 252 21.10 8.14 -75.83
C GLY K 252 20.82 7.67 -74.42
N ALA K 253 21.56 6.70 -73.91
CA ALA K 253 21.47 6.31 -72.51
C ALA K 253 22.56 7.02 -71.71
N GLU K 254 22.48 6.88 -70.39
CA GLU K 254 23.42 7.51 -69.47
C GLU K 254 24.21 6.43 -68.77
N ILE K 255 25.55 6.49 -68.87
CA ILE K 255 26.37 5.44 -68.26
C ILE K 255 26.21 5.46 -66.75
N SER K 256 25.90 6.64 -66.16
CA SER K 256 25.65 6.70 -64.74
CA SER K 256 25.64 6.71 -64.73
C SER K 256 24.41 5.90 -64.36
N GLU K 257 23.37 5.95 -65.20
CA GLU K 257 22.15 5.20 -64.92
C GLU K 257 22.35 3.71 -65.16
N VAL K 258 23.06 3.34 -66.22
CA VAL K 258 23.36 1.93 -66.47
C VAL K 258 24.17 1.36 -65.32
N ALA K 259 25.22 2.07 -64.90
CA ALA K 259 26.06 1.59 -63.81
C ALA K 259 25.25 1.44 -62.53
N HIS K 260 24.37 2.40 -62.26
CA HIS K 260 23.52 2.32 -61.08
C HIS K 260 22.67 1.07 -61.10
N ALA K 261 22.03 0.77 -62.24
CA ALA K 261 21.19 -0.41 -62.31
C ALA K 261 22.02 -1.69 -62.20
N VAL K 262 23.19 -1.72 -62.86
CA VAL K 262 24.07 -2.88 -62.81
C VAL K 262 24.53 -3.16 -61.39
N GLY K 263 24.89 -2.11 -60.64
CA GLY K 263 25.46 -2.27 -59.31
C GLY K 263 24.51 -2.78 -58.25
N TYR K 264 23.20 -2.77 -58.52
CA TYR K 264 22.25 -3.29 -57.55
C TYR K 264 22.35 -4.80 -57.39
N ASP K 265 22.95 -5.49 -58.35
CA ASP K 265 23.18 -6.93 -58.23
C ASP K 265 24.35 -7.16 -57.28
N THR K 266 24.08 -7.77 -56.12
CA THR K 266 25.17 -8.04 -55.18
C THR K 266 26.20 -9.01 -55.74
N ARG K 267 25.83 -9.80 -56.76
CA ARG K 267 26.81 -10.65 -57.43
C ARG K 267 27.81 -9.84 -58.23
N ILE K 268 27.45 -8.60 -58.60
CA ILE K 268 28.35 -7.70 -59.30
C ILE K 268 29.02 -6.73 -58.35
N GLY K 269 28.29 -6.26 -57.33
CA GLY K 269 28.78 -5.23 -56.45
C GLY K 269 28.57 -3.88 -57.09
N SER K 270 28.38 -2.84 -56.29
CA SER K 270 28.08 -1.52 -56.81
C SER K 270 29.29 -0.60 -56.88
N LYS K 271 30.42 -1.01 -56.33
CA LYS K 271 31.59 -0.15 -56.31
C LYS K 271 32.43 -0.35 -57.57
N PHE K 272 33.28 0.64 -57.85
CA PHE K 272 34.22 0.61 -58.96
C PHE K 272 33.52 0.44 -60.31
N LEU K 273 32.41 1.15 -60.48
CA LEU K 273 31.69 1.20 -61.74
C LEU K 273 31.56 2.64 -62.23
N GLN K 274 32.51 3.49 -61.83
CA GLN K 274 32.51 4.89 -62.24
C GLN K 274 33.27 5.05 -63.55
N ALA K 275 32.57 5.41 -64.61
CA ALA K 275 33.21 5.68 -65.88
C ALA K 275 34.17 6.87 -65.74
N SER K 276 35.17 6.91 -66.62
CA SER K 276 36.23 7.90 -66.52
C SER K 276 36.98 7.99 -67.85
N VAL K 277 37.82 9.03 -67.96
CA VAL K 277 38.70 9.20 -69.10
C VAL K 277 39.68 8.03 -69.23
N GLY K 278 39.91 7.29 -68.15
CA GLY K 278 40.72 6.09 -68.16
C GLY K 278 41.46 5.99 -66.84
N PHE K 279 41.68 4.75 -66.39
CA PHE K 279 42.36 4.57 -65.12
C PHE K 279 43.85 4.87 -65.24
N GLY K 280 44.42 5.38 -64.15
CA GLY K 280 45.84 5.64 -64.05
C GLY K 280 46.39 5.01 -62.79
N GLY K 281 47.55 5.46 -62.34
CA GLY K 281 48.18 4.90 -61.15
C GLY K 281 49.31 3.97 -61.51
N SER K 282 50.23 3.80 -60.55
CA SER K 282 51.37 2.92 -60.76
C SER K 282 51.00 1.45 -60.71
N CYS K 283 49.75 1.12 -60.39
CA CYS K 283 49.37 -0.26 -60.14
C CYS K 283 48.73 -0.94 -61.35
N PHE K 284 47.60 -0.39 -61.83
CA PHE K 284 46.71 -1.18 -62.69
C PHE K 284 47.37 -1.54 -64.02
N GLN K 285 47.85 -0.54 -64.77
CA GLN K 285 48.43 -0.84 -66.07
C GLN K 285 49.64 -1.76 -65.93
N LYS K 286 50.53 -1.44 -64.99
CA LYS K 286 51.69 -2.27 -64.72
C LYS K 286 51.27 -3.70 -64.35
N ASP K 287 50.17 -3.83 -63.60
CA ASP K 287 49.71 -5.14 -63.16
C ASP K 287 49.15 -5.97 -64.32
N VAL K 288 48.24 -5.38 -65.11
CA VAL K 288 47.63 -6.13 -66.20
C VAL K 288 48.69 -6.55 -67.22
N LEU K 289 49.60 -5.64 -67.54
CA LEU K 289 50.67 -5.99 -68.47
C LEU K 289 51.54 -7.12 -67.91
N SER K 290 51.76 -7.14 -66.60
CA SER K 290 52.53 -8.24 -66.00
C SER K 290 51.78 -9.56 -66.11
N LEU K 291 50.46 -9.54 -65.88
CA LEU K 291 49.67 -10.75 -66.04
C LEU K 291 49.70 -11.22 -67.49
N VAL K 292 49.55 -10.29 -68.43
CA VAL K 292 49.62 -10.65 -69.85
C VAL K 292 50.95 -11.31 -70.17
N TYR K 293 52.06 -10.72 -69.67
CA TYR K 293 53.37 -11.29 -69.96
C TYR K 293 53.56 -12.65 -69.29
N LEU K 294 53.11 -12.78 -68.04
CA LEU K 294 53.20 -14.06 -67.37
C LEU K 294 52.48 -15.15 -68.15
N CYS K 295 51.28 -14.84 -68.66
CA CYS K 295 50.53 -15.83 -69.41
C CYS K 295 51.23 -16.20 -70.71
N GLU K 296 51.82 -15.21 -71.38
CA GLU K 296 52.58 -15.50 -72.59
C GLU K 296 53.75 -16.43 -72.31
N SER K 297 54.46 -16.21 -71.20
CA SER K 297 55.58 -17.06 -70.85
C SER K 297 55.12 -18.44 -70.39
N LEU K 298 53.86 -18.59 -70.00
CA LEU K 298 53.27 -19.87 -69.63
C LEU K 298 52.59 -20.58 -70.80
N ASN K 299 52.77 -20.07 -72.02
CA ASN K 299 52.10 -20.62 -73.21
C ASN K 299 50.58 -20.62 -73.05
N LEU K 300 50.03 -19.48 -72.66
CA LEU K 300 48.59 -19.35 -72.54
C LEU K 300 48.24 -18.10 -73.32
N PRO K 301 48.41 -18.21 -74.70
CA PRO K 301 48.15 -16.98 -75.45
C PRO K 301 46.74 -16.46 -75.40
N GLN K 302 45.77 -17.33 -75.26
CA GLN K 302 44.39 -16.93 -75.17
C GLN K 302 44.11 -16.13 -73.92
N VAL K 303 44.67 -16.52 -72.79
CA VAL K 303 44.50 -15.78 -71.57
C VAL K 303 45.18 -14.44 -71.71
N ALA K 304 46.33 -14.42 -72.33
CA ALA K 304 47.03 -13.15 -72.56
C ALA K 304 46.16 -12.20 -73.37
N ASP K 305 45.56 -12.69 -74.45
CA ASP K 305 44.68 -11.86 -75.28
C ASP K 305 43.50 -11.34 -74.49
N TYR K 306 42.92 -12.18 -73.62
CA TYR K 306 41.75 -11.77 -72.84
C TYR K 306 42.07 -10.57 -71.96
N TRP K 307 43.14 -10.65 -71.18
CA TRP K 307 43.45 -9.58 -70.24
C TRP K 307 44.02 -8.36 -70.95
N GLN K 308 44.67 -8.54 -72.09
CA GLN K 308 45.13 -7.39 -72.87
C GLN K 308 43.97 -6.47 -73.24
N GLY K 309 42.76 -7.03 -73.39
CA GLY K 309 41.60 -6.22 -73.72
C GLY K 309 41.33 -5.13 -72.70
N VAL K 310 41.68 -5.37 -71.43
CA VAL K 310 41.52 -4.33 -70.41
C VAL K 310 42.42 -3.14 -70.73
N ILE K 311 43.65 -3.40 -71.20
CA ILE K 311 44.55 -2.33 -71.57
C ILE K 311 44.11 -1.66 -72.87
N ASN K 312 43.73 -2.46 -73.88
CA ASN K 312 43.31 -1.87 -75.15
C ASN K 312 42.16 -0.89 -74.96
N ILE K 313 41.16 -1.26 -74.14
CA ILE K 313 40.01 -0.40 -73.90
C ILE K 313 40.44 0.88 -73.20
N ASN K 314 41.36 0.77 -72.24
CA ASN K 314 41.80 1.96 -71.51
C ASN K 314 42.48 2.96 -72.44
N ASN K 315 43.41 2.47 -73.28
CA ASN K 315 44.09 3.34 -74.24
C ASN K 315 43.08 3.92 -75.25
N TRP K 316 42.13 3.09 -75.67
CA TRP K 316 41.11 3.54 -76.62
C TRP K 316 40.22 4.61 -76.00
N GLN K 317 39.92 4.49 -74.71
CA GLN K 317 39.10 5.48 -74.03
C GLN K 317 39.81 6.83 -73.96
N ARG K 318 41.11 6.83 -73.64
CA ARG K 318 41.87 8.07 -73.61
C ARG K 318 41.97 8.68 -75.01
N ARG K 319 42.35 7.87 -75.99
CA ARG K 319 42.53 8.36 -77.35
C ARG K 319 41.24 8.98 -77.89
N ARG K 320 40.11 8.29 -77.72
CA ARG K 320 38.87 8.81 -78.28
C ARG K 320 38.36 10.04 -77.53
N PHE K 321 38.66 10.14 -76.23
CA PHE K 321 38.29 11.35 -75.50
C PHE K 321 39.08 12.55 -76.01
N ALA K 322 40.39 12.38 -76.20
CA ALA K 322 41.19 13.46 -76.75
C ALA K 322 40.77 13.78 -78.18
N ASP K 323 40.45 12.75 -78.98
CA ASP K 323 40.00 12.98 -80.34
C ASP K 323 38.67 13.72 -80.38
N LYS K 324 37.77 13.40 -79.43
CA LYS K 324 36.45 14.01 -79.42
C LYS K 324 36.55 15.49 -79.04
N ILE K 325 37.46 15.84 -78.14
CA ILE K 325 37.68 17.24 -77.78
C ILE K 325 38.02 18.06 -79.02
N ILE K 326 38.97 17.58 -79.84
CA ILE K 326 39.38 18.36 -81.00
C ILE K 326 38.25 18.48 -82.01
N ALA K 327 37.54 17.38 -82.26
CA ALA K 327 36.45 17.42 -83.24
C ALA K 327 35.34 18.35 -82.77
N GLU K 328 35.01 18.32 -81.47
CA GLU K 328 33.93 19.15 -80.96
C GLU K 328 34.29 20.63 -80.93
N LEU K 329 35.58 20.96 -80.95
CA LEU K 329 36.01 22.34 -81.04
C LEU K 329 36.21 22.76 -82.49
N PHE K 330 35.24 22.36 -83.31
CA PHE K 330 35.18 22.76 -84.71
C PHE K 330 36.36 22.20 -85.49
N ASN K 331 36.78 21.02 -85.06
CA ASN K 331 37.76 20.14 -85.69
C ASN K 331 39.15 20.76 -85.75
N THR K 332 39.40 21.83 -85.00
CA THR K 332 40.72 22.43 -84.94
C THR K 332 40.94 22.98 -83.55
N VAL K 333 42.09 22.66 -82.97
CA VAL K 333 42.42 23.25 -81.68
C VAL K 333 43.81 23.85 -81.74
N THR K 334 44.38 23.86 -82.93
CA THR K 334 45.64 24.55 -83.13
C THR K 334 45.49 25.91 -82.51
N ASP K 335 46.21 26.11 -81.41
CA ASP K 335 46.23 27.43 -80.84
C ASP K 335 44.96 27.80 -80.07
N LYS K 336 44.05 26.87 -79.75
CA LYS K 336 42.95 27.27 -78.88
C LYS K 336 43.45 27.15 -77.46
N LYS K 337 43.19 28.17 -76.64
CA LYS K 337 43.56 28.08 -75.24
C LYS K 337 42.55 27.19 -74.57
N ILE K 338 43.05 26.13 -73.92
CA ILE K 338 42.22 25.14 -73.26
C ILE K 338 42.64 25.05 -71.81
N ALA K 339 41.67 25.15 -70.90
CA ALA K 339 41.92 24.98 -69.48
C ALA K 339 41.81 23.50 -69.13
N ILE K 340 42.77 23.00 -68.37
CA ILE K 340 42.77 21.62 -67.89
C ILE K 340 42.50 21.64 -66.40
N PHE K 341 41.42 21.00 -65.97
CA PHE K 341 41.08 20.87 -64.56
C PHE K 341 41.50 19.46 -64.12
N GLY K 342 42.63 19.37 -63.44
CA GLY K 342 43.05 18.11 -62.86
C GLY K 342 44.22 17.49 -63.58
N PHE K 343 45.20 17.00 -62.80
CA PHE K 343 46.38 16.37 -63.38
C PHE K 343 46.73 15.07 -62.67
N ALA K 344 46.43 14.98 -61.38
CA ALA K 344 46.70 13.75 -60.65
C ALA K 344 45.87 12.61 -61.22
N PHE K 345 46.34 11.37 -61.00
CA PHE K 345 45.63 10.25 -61.59
C PHE K 345 44.32 9.96 -60.89
N LYS K 346 44.10 10.53 -59.71
CA LYS K 346 42.83 10.46 -59.01
C LYS K 346 42.79 11.58 -57.99
N LYS K 347 41.67 11.73 -57.30
CA LYS K 347 41.54 12.85 -56.38
C LYS K 347 42.23 12.55 -55.05
N ASN K 348 42.55 13.62 -54.32
CA ASN K 348 43.13 13.57 -52.98
C ASN K 348 44.51 12.91 -52.98
N THR K 349 45.28 13.15 -54.04
CA THR K 349 46.68 12.73 -54.10
C THR K 349 47.44 13.65 -55.04
N GLY K 350 48.74 13.76 -54.82
CA GLY K 350 49.64 14.41 -55.74
C GLY K 350 50.33 13.46 -56.71
N ASP K 351 50.04 12.16 -56.62
CA ASP K 351 50.71 11.20 -57.48
C ASP K 351 50.18 11.33 -58.90
N THR K 352 51.10 11.42 -59.86
CA THR K 352 50.75 11.59 -61.26
C THR K 352 51.15 10.39 -62.11
N ARG K 353 51.60 9.30 -61.49
CA ARG K 353 52.11 8.16 -62.24
C ARG K 353 51.01 7.56 -63.11
N GLU K 354 51.27 7.48 -64.41
CA GLU K 354 50.34 6.94 -65.42
C GLU K 354 49.02 7.70 -65.47
N SER K 355 49.01 8.97 -65.06
CA SER K 355 47.78 9.75 -65.08
C SER K 355 47.25 9.90 -66.50
N SER K 356 45.93 9.75 -66.64
CA SER K 356 45.30 9.94 -67.94
C SER K 356 45.49 11.35 -68.46
N ALA K 357 45.69 12.32 -67.56
CA ALA K 357 45.90 13.70 -67.98
C ALA K 357 47.16 13.84 -68.82
N ILE K 358 48.18 13.02 -68.56
CA ILE K 358 49.42 13.10 -69.31
C ILE K 358 49.17 12.82 -70.78
N HIS K 359 48.35 11.80 -71.08
CA HIS K 359 48.15 11.41 -72.47
C HIS K 359 47.21 12.36 -73.19
N VAL K 360 46.17 12.84 -72.49
CA VAL K 360 45.25 13.78 -73.12
C VAL K 360 45.95 15.10 -73.40
N ILE K 361 46.73 15.61 -72.44
CA ILE K 361 47.45 16.86 -72.66
C ILE K 361 48.47 16.70 -73.79
N LYS K 362 49.14 15.56 -73.84
CA LYS K 362 50.11 15.32 -74.91
C LYS K 362 49.46 15.38 -76.29
N HIS K 363 48.30 14.72 -76.44
CA HIS K 363 47.60 14.77 -77.73
C HIS K 363 47.23 16.19 -78.11
N LEU K 364 46.75 16.96 -77.14
CA LEU K 364 46.39 18.35 -77.44
C LEU K 364 47.63 19.18 -77.73
N MET K 365 48.75 18.87 -77.08
CA MET K 365 50.00 19.56 -77.39
C MET K 365 50.45 19.26 -78.82
N GLU K 366 50.34 18.00 -79.24
CA GLU K 366 50.75 17.65 -80.60
C GLU K 366 49.88 18.29 -81.65
N GLU K 367 48.68 18.73 -81.29
CA GLU K 367 47.83 19.50 -82.17
C GLU K 367 48.01 21.00 -81.97
N HIS K 368 49.04 21.39 -81.22
CA HIS K 368 49.45 22.78 -81.04
C HIS K 368 48.43 23.60 -80.26
N ALA K 369 47.74 22.97 -79.30
CA ALA K 369 46.88 23.70 -78.39
C ALA K 369 47.70 24.37 -77.29
N LYS K 370 47.19 25.50 -76.79
CA LYS K 370 47.78 26.18 -75.65
C LYS K 370 47.00 25.80 -74.40
N LEU K 371 47.67 25.16 -73.44
CA LEU K 371 47.01 24.54 -72.30
C LEU K 371 47.37 25.27 -71.00
N SER K 372 46.34 25.63 -70.24
CA SER K 372 46.49 26.16 -68.89
C SER K 372 45.99 25.07 -67.94
N VAL K 373 46.88 24.53 -67.12
CA VAL K 373 46.60 23.37 -66.30
C VAL K 373 46.50 23.81 -64.83
N TYR K 374 45.48 23.34 -64.14
CA TYR K 374 45.35 23.53 -62.71
C TYR K 374 45.09 22.19 -62.02
N ASP K 375 45.80 21.96 -60.92
CA ASP K 375 45.57 20.81 -60.06
C ASP K 375 45.79 21.23 -58.62
N PRO K 376 44.89 20.85 -57.70
CA PRO K 376 44.97 21.36 -56.33
C PRO K 376 46.22 20.92 -55.56
N LYS K 377 46.84 19.80 -55.93
CA LYS K 377 47.91 19.23 -55.11
C LYS K 377 49.18 18.86 -55.88
N VAL K 378 49.13 18.66 -57.19
CA VAL K 378 50.31 18.25 -57.93
C VAL K 378 51.32 19.39 -57.99
N GLN K 379 52.57 19.08 -57.69
CA GLN K 379 53.63 20.07 -57.73
C GLN K 379 53.86 20.57 -59.16
N LYS K 380 54.14 21.87 -59.28
CA LYS K 380 54.36 22.48 -60.59
C LYS K 380 55.52 21.82 -61.32
N SER K 381 56.64 21.61 -60.63
CA SER K 381 57.79 20.95 -61.26
C SER K 381 57.44 19.54 -61.70
N GLN K 382 56.55 18.87 -60.98
CA GLN K 382 56.17 17.51 -61.35
C GLN K 382 55.40 17.49 -62.67
N MET K 383 54.44 18.40 -62.85
CA MET K 383 53.70 18.44 -64.10
C MET K 383 54.63 18.72 -65.28
N LEU K 384 55.51 19.72 -65.13
CA LEU K 384 56.35 20.12 -66.25
C LEU K 384 57.31 18.99 -66.65
N ASN K 385 57.88 18.28 -65.68
CA ASN K 385 58.75 17.16 -66.01
C ASN K 385 57.96 16.01 -66.65
N ASP K 386 56.76 15.75 -66.17
CA ASP K 386 55.95 14.68 -66.76
C ASP K 386 55.67 14.95 -68.23
N LEU K 387 55.25 16.18 -68.54
CA LEU K 387 54.91 16.50 -69.92
C LEU K 387 56.15 16.54 -70.81
N ALA K 388 57.27 17.04 -70.28
CA ALA K 388 58.51 17.08 -71.04
C ALA K 388 59.00 15.68 -71.36
N SER K 389 58.75 14.73 -70.48
CA SER K 389 59.21 13.36 -70.67
C SER K 389 58.46 12.65 -71.79
N VAL K 390 57.24 13.09 -72.12
CA VAL K 390 56.49 12.50 -73.21
C VAL K 390 56.68 13.30 -74.49
N THR K 391 56.77 14.63 -74.39
CA THR K 391 57.13 15.45 -75.54
C THR K 391 58.53 16.02 -75.73
N SER K 392 58.80 17.17 -75.11
CA SER K 392 60.13 17.76 -75.12
C SER K 392 60.09 18.99 -74.22
N ALA K 393 61.28 19.39 -73.77
CA ALA K 393 61.39 20.58 -72.92
C ALA K 393 60.90 21.83 -73.65
N GLN K 394 61.18 21.93 -74.96
CA GLN K 394 60.74 23.10 -75.73
C GLN K 394 59.23 23.12 -75.91
N ASP K 395 58.62 21.97 -76.17
CA ASP K 395 57.17 21.94 -76.35
C ASP K 395 56.44 22.42 -75.10
N VAL K 396 56.94 22.02 -73.92
CA VAL K 396 56.29 22.43 -72.68
C VAL K 396 56.43 23.95 -72.49
N GLU K 397 57.58 24.51 -72.86
CA GLU K 397 57.80 25.94 -72.66
C GLU K 397 56.81 26.79 -73.45
N ARG K 398 56.55 26.42 -74.71
CA ARG K 398 55.66 27.22 -75.53
C ARG K 398 54.18 26.93 -75.29
N LEU K 399 53.83 25.73 -74.85
CA LEU K 399 52.42 25.36 -74.86
C LEU K 399 51.78 25.23 -73.48
N ILE K 400 52.56 25.06 -72.43
CA ILE K 400 52.01 24.72 -71.11
C ILE K 400 52.16 25.92 -70.18
N THR K 401 51.07 26.26 -69.50
CA THR K 401 51.07 27.23 -68.40
C THR K 401 50.42 26.56 -67.21
N VAL K 402 51.05 26.69 -66.05
CA VAL K 402 50.57 26.09 -64.82
C VAL K 402 49.95 27.18 -63.97
N GLU K 403 48.71 26.98 -63.55
CA GLU K 403 47.98 27.94 -62.75
C GLU K 403 47.79 27.38 -61.33
N SER K 404 47.71 28.29 -60.36
CA SER K 404 47.44 27.93 -58.99
C SER K 404 45.97 28.14 -58.62
N ASP K 405 45.15 28.54 -59.58
CA ASP K 405 43.79 28.89 -59.33
C ASP K 405 42.98 28.48 -60.55
N PRO K 406 41.86 27.77 -60.38
CA PRO K 406 41.10 27.32 -61.56
C PRO K 406 40.51 28.45 -62.38
N TYR K 407 40.15 29.57 -61.76
CA TYR K 407 39.55 30.69 -62.49
C TYR K 407 40.56 31.33 -63.44
N ALA K 408 41.83 31.39 -63.05
CA ALA K 408 42.85 31.93 -63.93
C ALA K 408 43.07 31.04 -65.15
N ALA K 409 43.00 29.72 -64.95
CA ALA K 409 43.15 28.80 -66.07
C ALA K 409 42.00 28.94 -67.06
N ALA K 410 40.77 29.13 -66.55
CA ALA K 410 39.60 29.19 -67.42
C ALA K 410 39.35 30.56 -68.03
N ARG K 411 39.88 31.64 -67.45
CA ARG K 411 39.67 32.97 -68.03
C ARG K 411 40.32 33.07 -69.39
N GLY K 412 39.52 33.43 -70.40
CA GLY K 412 39.98 33.53 -71.77
C GLY K 412 40.13 32.23 -72.51
N ALA K 413 39.69 31.12 -71.93
CA ALA K 413 39.81 29.82 -72.56
C ALA K 413 38.63 29.58 -73.50
N HIS K 414 38.86 28.76 -74.53
CA HIS K 414 37.77 28.31 -75.36
C HIS K 414 37.05 27.11 -74.76
N ALA K 415 37.77 26.28 -74.01
CA ALA K 415 37.20 25.05 -73.50
C ALA K 415 37.84 24.70 -72.15
N ILE K 416 37.06 23.99 -71.33
CA ILE K 416 37.52 23.39 -70.09
C ILE K 416 37.45 21.87 -70.23
N VAL K 417 38.48 21.18 -69.73
CA VAL K 417 38.53 19.72 -69.73
C VAL K 417 38.77 19.24 -68.31
N VAL K 418 37.82 18.47 -67.79
CA VAL K 418 37.95 17.91 -66.44
C VAL K 418 38.53 16.50 -66.55
N LEU K 419 39.68 16.29 -65.92
CA LEU K 419 40.40 15.03 -66.00
C LEU K 419 40.58 14.35 -64.64
N THR K 420 40.41 15.07 -63.54
CA THR K 420 40.54 14.50 -62.20
C THR K 420 39.36 14.95 -61.35
N GLU K 421 38.81 14.01 -60.58
CA GLU K 421 37.53 14.23 -59.90
C GLU K 421 37.66 15.01 -58.58
N TRP K 422 38.53 16.02 -58.53
CA TRP K 422 38.66 16.83 -57.33
C TRP K 422 37.32 17.46 -56.95
N ASP K 423 36.98 17.36 -55.66
CA ASP K 423 35.71 17.92 -55.19
C ASP K 423 35.63 19.41 -55.46
N GLU K 424 36.79 20.09 -55.49
CA GLU K 424 36.81 21.53 -55.71
C GLU K 424 36.18 21.91 -57.05
N PHE K 425 36.28 21.03 -58.06
CA PHE K 425 35.74 21.35 -59.37
C PHE K 425 34.22 21.37 -59.38
N VAL K 426 33.58 20.64 -58.46
CA VAL K 426 32.13 20.67 -58.36
C VAL K 426 31.64 22.03 -57.87
N GLU K 427 32.16 22.48 -56.73
CA GLU K 427 31.74 23.71 -56.07
C GLU K 427 32.20 25.04 -56.80
N LEU K 428 32.74 25.07 -58.02
CA LEU K 428 33.14 26.32 -58.67
C LEU K 428 31.93 27.09 -59.22
N ASN K 429 32.13 28.39 -59.44
CA ASN K 429 31.11 29.27 -60.02
C ASN K 429 31.24 29.21 -61.54
N TYR K 430 30.46 28.33 -62.16
CA TYR K 430 30.53 28.14 -63.59
C TYR K 430 29.80 29.23 -64.38
N SER K 431 28.95 30.03 -63.75
CA SER K 431 28.43 31.21 -64.45
C SER K 431 29.53 32.23 -64.66
N GLN K 432 30.31 32.50 -63.61
CA GLN K 432 31.45 33.41 -63.72
C GLN K 432 32.50 32.88 -64.70
N ILE K 433 32.76 31.57 -64.67
CA ILE K 433 33.71 30.99 -65.61
C ILE K 433 33.22 31.16 -67.04
N HIS K 434 31.94 30.92 -67.28
CA HIS K 434 31.39 31.04 -68.62
C HIS K 434 31.50 32.48 -69.13
N ASN K 435 31.33 33.46 -68.25
CA ASN K 435 31.39 34.85 -68.67
C ASN K 435 32.78 35.26 -69.12
N ASP K 436 33.82 34.68 -68.52
CA ASP K 436 35.19 35.08 -68.79
C ASP K 436 35.89 34.18 -69.79
N MET K 437 35.18 33.20 -70.36
CA MET K 437 35.77 32.39 -71.42
C MET K 437 35.48 33.05 -72.77
N GLN K 438 36.25 32.65 -73.78
CA GLN K 438 35.88 33.01 -75.13
C GLN K 438 34.64 32.22 -75.57
N HIS K 439 33.90 32.78 -76.51
CA HIS K 439 32.66 32.18 -76.94
C HIS K 439 32.72 31.76 -78.41
N PRO K 440 32.19 30.58 -78.76
CA PRO K 440 31.49 29.71 -77.80
C PRO K 440 32.42 28.99 -76.84
N ALA K 441 31.94 28.77 -75.62
CA ALA K 441 32.70 28.10 -74.58
C ALA K 441 32.24 26.66 -74.48
N ALA K 442 33.19 25.75 -74.46
CA ALA K 442 32.90 24.33 -74.34
C ALA K 442 33.46 23.79 -73.04
N ILE K 443 32.85 22.73 -72.53
CA ILE K 443 33.35 22.09 -71.33
C ILE K 443 33.14 20.59 -71.49
N PHE K 444 34.18 19.83 -71.14
CA PHE K 444 34.24 18.38 -71.34
C PHE K 444 34.50 17.73 -69.99
N ASP K 445 33.54 16.95 -69.52
CA ASP K 445 33.65 16.29 -68.22
C ASP K 445 34.10 14.85 -68.45
N GLY K 446 35.38 14.59 -68.21
CA GLY K 446 35.95 13.26 -68.28
C GLY K 446 35.88 12.49 -66.97
N ARG K 447 35.21 13.05 -65.96
CA ARG K 447 35.08 12.41 -64.66
C ARG K 447 33.63 12.36 -64.17
N LEU K 448 32.68 12.92 -64.91
CA LEU K 448 31.25 12.79 -64.62
C LEU K 448 30.89 13.33 -63.23
N ILE K 449 31.50 14.46 -62.85
CA ILE K 449 31.23 15.07 -61.56
C ILE K 449 30.37 16.33 -61.68
N LEU K 450 30.17 16.87 -62.88
CA LEU K 450 29.47 18.13 -63.03
C LEU K 450 28.02 17.90 -63.41
N ASP K 451 27.20 18.90 -63.11
CA ASP K 451 25.77 18.85 -63.41
C ASP K 451 25.59 19.28 -64.86
N GLN K 452 25.30 18.33 -65.74
CA GLN K 452 25.15 18.65 -67.16
C GLN K 452 23.98 19.61 -67.38
N LYS K 453 22.86 19.38 -66.70
CA LYS K 453 21.70 20.23 -66.90
C LYS K 453 22.00 21.67 -66.49
N ALA K 454 22.76 21.86 -65.41
CA ALA K 454 23.13 23.20 -65.00
C ALA K 454 24.09 23.85 -66.01
N LEU K 455 25.05 23.08 -66.53
CA LEU K 455 25.98 23.62 -67.51
C LEU K 455 25.25 24.05 -68.78
N ARG K 456 24.25 23.31 -69.17
CA ARG K 456 23.47 23.63 -70.33
C ARG K 456 22.71 24.91 -70.15
N GLU K 457 22.13 25.11 -68.99
CA GLU K 457 21.34 26.30 -68.74
C GLU K 457 22.22 27.54 -68.67
N ILE K 458 23.48 27.40 -68.25
CA ILE K 458 24.40 28.52 -68.25
C ILE K 458 24.78 28.90 -69.69
N GLY K 459 24.80 27.92 -70.60
CA GLY K 459 25.08 28.21 -71.99
C GLY K 459 26.30 27.53 -72.58
N PHE K 460 26.88 26.59 -71.82
CA PHE K 460 28.05 25.87 -72.30
C PHE K 460 27.68 24.93 -73.44
N ARG K 461 28.60 24.76 -74.39
CA ARG K 461 28.61 23.58 -75.23
C ARG K 461 29.23 22.48 -74.38
N THR K 462 28.40 21.63 -73.77
CA THR K 462 28.86 20.74 -72.72
C THR K 462 28.83 19.29 -73.18
N PHE K 463 29.86 18.55 -72.83
CA PHE K 463 30.00 17.16 -73.18
C PHE K 463 30.53 16.37 -71.99
N ALA K 464 30.18 15.11 -71.91
CA ALA K 464 30.61 14.26 -70.83
C ALA K 464 30.70 12.86 -71.29
N ILE K 465 31.66 12.12 -70.73
CA ILE K 465 31.83 10.73 -71.10
C ILE K 465 30.60 9.93 -70.69
N GLY K 466 29.95 9.18 -71.52
CA GLY K 466 28.75 8.48 -71.18
C GLY K 466 27.43 9.16 -71.41
N THR K 467 27.44 10.28 -72.09
CA THR K 467 26.23 11.00 -72.41
C THR K 467 26.31 11.35 -73.88
N SER K 468 25.16 11.40 -74.53
CA SER K 468 25.11 11.73 -75.95
C SER K 468 25.69 13.11 -76.22
N PRO K 469 26.47 13.23 -77.36
CA PRO K 469 27.00 14.58 -77.59
C PRO K 469 25.90 15.60 -77.81
N ASP K 470 24.87 15.23 -78.55
CA ASP K 470 23.74 16.12 -78.82
C ASP K 470 22.45 15.55 -78.25
N GLN K 471 21.72 16.39 -77.52
CA GLN K 471 20.46 15.99 -76.92
C GLN K 471 19.33 15.98 -77.95
N GLY L 7 -6.10 2.48 -63.85
CA GLY L 7 -6.44 2.17 -62.48
C GLY L 7 -5.66 0.98 -61.92
N LYS L 8 -5.86 0.70 -60.64
CA LYS L 8 -5.15 -0.37 -59.94
C LYS L 8 -5.35 -1.71 -60.64
N VAL L 9 -4.25 -2.43 -60.84
CA VAL L 9 -4.27 -3.71 -61.51
C VAL L 9 -4.80 -4.79 -60.56
N SER L 10 -5.79 -5.54 -61.03
CA SER L 10 -6.27 -6.71 -60.32
C SER L 10 -6.31 -7.97 -61.18
N LYS L 11 -6.05 -7.87 -62.48
CA LYS L 11 -6.10 -9.01 -63.39
C LYS L 11 -4.82 -9.00 -64.24
N VAL L 12 -3.98 -10.00 -64.02
CA VAL L 12 -2.68 -10.12 -64.70
C VAL L 12 -2.72 -11.33 -65.63
N VAL L 13 -2.22 -11.15 -66.85
CA VAL L 13 -2.04 -12.25 -67.79
C VAL L 13 -0.59 -12.26 -68.23
N CYS L 14 -0.06 -13.46 -68.47
CA CYS L 14 1.28 -13.61 -69.04
C CYS L 14 1.23 -14.55 -70.22
N VAL L 15 1.65 -14.05 -71.38
CA VAL L 15 1.78 -14.86 -72.58
C VAL L 15 3.18 -15.47 -72.57
N GLY L 16 3.25 -16.79 -72.42
CA GLY L 16 4.51 -17.48 -72.29
C GLY L 16 4.62 -18.19 -70.95
N ALA L 17 4.45 -19.51 -70.96
CA ALA L 17 4.48 -20.29 -69.74
C ALA L 17 5.76 -21.09 -69.64
N GLY L 18 6.90 -20.44 -69.82
CA GLY L 18 8.19 -21.09 -69.80
C GLY L 18 8.91 -20.90 -68.47
N TYR L 19 10.24 -20.99 -68.52
CA TYR L 19 11.05 -20.86 -67.30
C TYR L 19 10.95 -19.46 -66.69
N VAL L 20 10.59 -18.45 -67.47
CA VAL L 20 10.41 -17.10 -66.96
C VAL L 20 8.96 -16.86 -66.54
N GLY L 21 8.03 -17.04 -67.48
CA GLY L 21 6.65 -16.62 -67.25
C GLY L 21 5.98 -17.39 -66.13
N GLY L 22 6.13 -18.71 -66.12
CA GLY L 22 5.53 -19.54 -65.10
C GLY L 22 5.93 -19.15 -63.70
N PRO L 23 7.23 -19.26 -63.38
CA PRO L 23 7.70 -18.88 -62.04
C PRO L 23 7.35 -17.46 -61.62
N THR L 24 7.51 -16.47 -62.50
CA THR L 24 7.21 -15.09 -62.14
C THR L 24 5.75 -14.93 -61.75
N CYS L 25 4.84 -15.48 -62.57
CA CYS L 25 3.42 -15.38 -62.28
C CYS L 25 3.06 -16.17 -61.03
N ALA L 26 3.71 -17.31 -60.82
CA ALA L 26 3.48 -18.06 -59.59
C ALA L 26 3.79 -17.20 -58.37
N MET L 27 4.88 -16.42 -58.43
CA MET L 27 5.26 -15.56 -57.31
C MET L 27 4.30 -14.40 -57.16
N ILE L 28 3.83 -13.82 -58.27
CA ILE L 28 2.84 -12.74 -58.19
C ILE L 28 1.58 -13.24 -57.49
N ALA L 29 1.07 -14.40 -57.92
CA ALA L 29 -0.12 -14.97 -57.29
C ALA L 29 0.14 -15.29 -55.81
N HIS L 30 1.34 -15.79 -55.50
CA HIS L 30 1.67 -16.15 -54.13
C HIS L 30 1.70 -14.93 -53.22
N LYS L 31 2.05 -13.76 -53.75
CA LYS L 31 2.24 -12.57 -52.93
C LYS L 31 1.12 -11.54 -53.03
N CYS L 32 0.18 -11.70 -53.96
CA CYS L 32 -0.87 -10.71 -54.18
C CYS L 32 -2.22 -11.41 -54.15
N PRO L 33 -2.81 -11.59 -52.96
CA PRO L 33 -4.07 -12.35 -52.87
C PRO L 33 -5.21 -11.77 -53.67
N HIS L 34 -5.26 -10.45 -53.87
CA HIS L 34 -6.37 -9.81 -54.56
C HIS L 34 -6.17 -9.69 -56.05
N ILE L 35 -5.08 -10.24 -56.59
CA ILE L 35 -4.80 -10.20 -58.01
C ILE L 35 -5.02 -11.59 -58.59
N THR L 36 -5.77 -11.65 -59.70
CA THR L 36 -5.93 -12.88 -60.44
C THR L 36 -4.88 -12.95 -61.53
N VAL L 37 -4.10 -14.03 -61.54
CA VAL L 37 -3.02 -14.21 -62.51
C VAL L 37 -3.35 -15.43 -63.39
N THR L 38 -3.45 -15.20 -64.70
CA THR L 38 -3.70 -16.26 -65.67
C THR L 38 -2.51 -16.34 -66.61
N VAL L 39 -1.93 -17.54 -66.72
CA VAL L 39 -0.79 -17.79 -67.60
C VAL L 39 -1.28 -18.54 -68.83
N VAL L 40 -0.89 -18.04 -70.01
CA VAL L 40 -1.33 -18.64 -71.26
C VAL L 40 -0.09 -19.00 -72.09
N ASP L 41 -0.31 -19.88 -73.07
CA ASP L 41 0.78 -20.39 -73.89
C ASP L 41 0.19 -21.03 -75.14
N MET L 42 0.93 -20.92 -76.25
CA MET L 42 0.49 -21.56 -77.49
C MET L 42 0.51 -23.08 -77.37
N ASN L 43 1.34 -23.63 -76.48
CA ASN L 43 1.51 -25.07 -76.35
C ASN L 43 0.43 -25.59 -75.42
N THR L 44 -0.58 -26.22 -75.99
CA THR L 44 -1.70 -26.72 -75.19
C THR L 44 -1.27 -27.87 -74.29
N ALA L 45 -0.34 -28.71 -74.76
CA ALA L 45 0.15 -29.80 -73.92
C ALA L 45 0.93 -29.29 -72.72
N LYS L 46 1.71 -28.22 -72.88
CA LYS L 46 2.44 -27.69 -71.73
C LYS L 46 1.49 -27.02 -70.74
N ILE L 47 0.45 -26.34 -71.23
CA ILE L 47 -0.54 -25.79 -70.31
C ILE L 47 -1.18 -26.93 -69.52
N ALA L 48 -1.42 -28.07 -70.17
CA ALA L 48 -1.96 -29.22 -69.44
C ALA L 48 -1.00 -29.68 -68.35
N GLU L 49 0.30 -29.62 -68.61
CA GLU L 49 1.28 -30.03 -67.60
C GLU L 49 1.30 -29.05 -66.42
N TRP L 50 1.17 -27.75 -66.71
CA TRP L 50 1.10 -26.77 -65.64
C TRP L 50 -0.10 -27.01 -64.73
N ASN L 51 -1.15 -27.64 -65.28
CA ASN L 51 -2.36 -27.95 -64.53
C ASN L 51 -2.34 -29.34 -63.91
N SER L 52 -1.28 -30.12 -64.11
CA SER L 52 -1.17 -31.46 -63.56
C SER L 52 -0.31 -31.45 -62.31
N ASP L 53 0.00 -32.63 -61.78
CA ASP L 53 0.85 -32.75 -60.61
C ASP L 53 2.33 -32.86 -60.97
N LYS L 54 2.66 -32.85 -62.26
CA LYS L 54 4.04 -32.87 -62.74
C LYS L 54 4.24 -31.61 -63.57
N LEU L 55 4.83 -30.59 -62.95
CA LEU L 55 5.03 -29.33 -63.65
C LEU L 55 6.06 -29.50 -64.77
N PRO L 56 5.95 -28.71 -65.83
CA PRO L 56 6.82 -28.92 -67.01
C PRO L 56 8.28 -28.54 -66.78
N ILE L 57 8.61 -27.92 -65.64
CA ILE L 57 9.98 -27.58 -65.29
C ILE L 57 10.21 -27.96 -63.84
N TYR L 58 11.49 -28.16 -63.50
CA TYR L 58 11.87 -28.42 -62.12
C TYR L 58 12.55 -27.18 -61.54
N GLU L 59 11.93 -26.62 -60.50
CA GLU L 59 12.46 -25.50 -59.76
C GLU L 59 12.21 -25.82 -58.29
N PRO L 60 13.24 -25.75 -57.44
CA PRO L 60 13.01 -25.97 -56.01
C PRO L 60 11.98 -24.97 -55.48
N GLY L 61 10.99 -25.47 -54.78
CA GLY L 61 9.95 -24.65 -54.20
C GLY L 61 8.84 -24.24 -55.14
N LEU L 62 8.96 -24.52 -56.44
CA LEU L 62 7.93 -24.09 -57.38
C LEU L 62 6.65 -24.90 -57.20
N ASP L 63 6.76 -26.21 -56.96
CA ASP L 63 5.59 -27.07 -56.81
C ASP L 63 4.70 -26.57 -55.67
N GLU L 64 5.29 -26.27 -54.52
CA GLU L 64 4.50 -25.79 -53.39
C GLU L 64 3.77 -24.50 -53.72
N ILE L 65 4.46 -23.56 -54.37
CA ILE L 65 3.85 -22.27 -54.66
C ILE L 65 2.68 -22.44 -55.62
N VAL L 66 2.89 -23.22 -56.68
CA VAL L 66 1.86 -23.37 -57.71
C VAL L 66 0.68 -24.17 -57.15
N PHE L 67 0.95 -25.30 -56.48
CA PHE L 67 -0.12 -26.13 -55.96
C PHE L 67 -0.96 -25.40 -54.92
N ALA L 68 -0.36 -24.48 -54.17
CA ALA L 68 -1.11 -23.74 -53.16
C ALA L 68 -1.93 -22.60 -53.76
N ALA L 69 -1.51 -22.06 -54.91
CA ALA L 69 -2.19 -20.93 -55.51
C ALA L 69 -3.05 -21.30 -56.72
N ARG L 70 -2.75 -22.43 -57.38
CA ARG L 70 -3.51 -22.82 -58.56
C ARG L 70 -4.95 -23.13 -58.17
N GLY L 71 -5.89 -22.50 -58.85
CA GLY L 71 -7.30 -22.68 -58.61
C GLY L 71 -7.95 -21.61 -57.76
N ARG L 72 -7.14 -20.78 -57.09
CA ARG L 72 -7.67 -19.65 -56.33
C ARG L 72 -7.44 -18.35 -57.09
N ASN L 73 -6.19 -17.91 -57.20
CA ASN L 73 -5.85 -16.73 -57.97
C ASN L 73 -4.73 -16.96 -58.99
N LEU L 74 -4.32 -18.21 -59.21
CA LEU L 74 -3.35 -18.55 -60.24
C LEU L 74 -4.00 -19.54 -61.20
N PHE L 75 -3.96 -19.24 -62.50
CA PHE L 75 -4.62 -20.05 -63.52
C PHE L 75 -3.71 -20.23 -64.72
N PHE L 76 -3.82 -21.41 -65.34
CA PHE L 76 -3.11 -21.75 -66.58
C PHE L 76 -4.15 -22.11 -67.62
N SER L 77 -4.20 -21.34 -68.71
CA SER L 77 -5.25 -21.49 -69.71
C SER L 77 -4.66 -21.58 -71.11
N SER L 78 -5.44 -22.17 -72.01
CA SER L 78 -5.14 -22.17 -73.44
C SER L 78 -6.05 -21.23 -74.21
N ASP L 79 -6.96 -20.53 -73.54
CA ASP L 79 -7.84 -19.56 -74.20
C ASP L 79 -7.15 -18.19 -74.14
N ILE L 80 -6.26 -17.96 -75.10
CA ILE L 80 -5.48 -16.74 -75.15
C ILE L 80 -6.38 -15.53 -75.40
N PRO L 81 -7.29 -15.54 -76.39
CA PRO L 81 -8.15 -14.35 -76.58
C PRO L 81 -8.95 -13.96 -75.35
N LYS L 82 -9.54 -14.95 -74.66
CA LYS L 82 -10.33 -14.61 -73.48
C LYS L 82 -9.45 -14.01 -72.39
N ALA L 83 -8.22 -14.53 -72.22
CA ALA L 83 -7.33 -14.00 -71.20
C ALA L 83 -6.91 -12.57 -71.51
N ILE L 84 -6.62 -12.28 -72.78
CA ILE L 84 -6.19 -10.94 -73.16
C ILE L 84 -7.29 -9.91 -72.91
N ALA L 85 -8.53 -10.25 -73.30
CA ALA L 85 -9.62 -9.28 -73.22
C ALA L 85 -9.93 -8.89 -71.78
N GLU L 86 -9.72 -9.80 -70.82
CA GLU L 86 -10.10 -9.58 -69.44
C GLU L 86 -8.98 -8.97 -68.59
N ALA L 87 -7.77 -8.86 -69.12
CA ALA L 87 -6.61 -8.47 -68.33
C ALA L 87 -6.52 -6.95 -68.15
N ASP L 88 -5.91 -6.54 -67.03
CA ASP L 88 -5.46 -5.16 -66.88
C ASP L 88 -4.05 -4.97 -67.38
N LEU L 89 -3.18 -5.95 -67.12
CA LEU L 89 -1.77 -5.91 -67.46
C LEU L 89 -1.38 -7.25 -68.06
N ILE L 90 -0.57 -7.21 -69.11
CA ILE L 90 -0.22 -8.41 -69.86
C ILE L 90 1.30 -8.49 -69.96
N PHE L 91 1.89 -9.51 -69.34
CA PHE L 91 3.30 -9.81 -69.56
C PHE L 91 3.45 -10.59 -70.86
N ILE L 92 4.50 -10.27 -71.61
CA ILE L 92 4.93 -11.07 -72.76
C ILE L 92 6.28 -11.65 -72.41
N SER L 93 6.36 -12.99 -72.33
CA SER L 93 7.59 -13.71 -71.96
C SER L 93 7.76 -14.92 -72.88
N VAL L 94 8.08 -14.65 -74.15
CA VAL L 94 8.21 -15.70 -75.16
C VAL L 94 9.65 -15.80 -75.66
N ASN L 95 9.90 -16.75 -76.57
CA ASN L 95 11.24 -16.96 -77.10
C ASN L 95 11.64 -15.82 -78.02
N THR L 96 12.94 -15.55 -78.06
CA THR L 96 13.56 -14.70 -79.08
C THR L 96 14.75 -15.43 -79.67
N PRO L 97 14.50 -16.50 -80.44
CA PRO L 97 15.60 -17.32 -80.94
C PRO L 97 16.52 -16.54 -81.86
N THR L 98 17.78 -16.89 -81.86
CA THR L 98 18.75 -16.23 -82.70
C THR L 98 18.42 -16.44 -84.14
N LYS L 99 18.53 -15.40 -84.93
CA LYS L 99 18.25 -15.51 -86.33
C LYS L 99 19.19 -16.45 -87.05
N MET L 100 18.70 -17.06 -88.12
CA MET L 100 19.51 -17.99 -88.87
C MET L 100 19.77 -17.49 -90.26
N TYR L 101 19.38 -16.26 -90.55
CA TYR L 101 19.56 -15.73 -91.87
C TYR L 101 19.62 -14.22 -91.82
N GLY L 102 20.09 -13.61 -92.90
CA GLY L 102 20.13 -12.17 -92.96
C GLY L 102 21.23 -11.67 -92.09
N ARG L 103 21.28 -10.36 -91.91
CA ARG L 103 22.32 -9.81 -91.09
C ARG L 103 22.03 -10.30 -89.69
N GLY L 104 23.03 -10.31 -88.85
CA GLY L 104 22.82 -10.72 -87.47
C GLY L 104 22.59 -12.19 -87.31
N LYS L 105 22.86 -12.97 -88.34
CA LYS L 105 22.65 -14.38 -88.22
C LYS L 105 23.55 -14.86 -87.14
N GLY L 106 23.01 -15.61 -86.21
CA GLY L 106 23.78 -16.16 -85.14
C GLY L 106 24.08 -15.17 -84.07
N MET L 107 23.65 -13.93 -84.23
CA MET L 107 23.91 -12.94 -83.22
C MET L 107 22.69 -12.15 -82.81
N ALA L 108 21.85 -11.85 -83.78
CA ALA L 108 20.64 -11.08 -83.55
C ALA L 108 19.41 -11.93 -83.34
N PRO L 109 18.69 -11.62 -82.19
CA PRO L 109 17.48 -12.43 -82.00
C PRO L 109 16.33 -12.04 -82.87
N ASP L 110 15.49 -13.02 -83.18
CA ASP L 110 14.31 -12.84 -84.00
C ASP L 110 13.12 -12.53 -83.15
N LEU L 111 12.47 -11.42 -83.45
CA LEU L 111 11.32 -10.91 -82.73
C LEU L 111 9.99 -11.42 -83.29
N LYS L 112 10.01 -12.49 -84.09
CA LYS L 112 8.79 -12.94 -84.77
C LYS L 112 7.69 -13.31 -83.79
N TYR L 113 8.05 -13.97 -82.69
CA TYR L 113 7.05 -14.40 -81.72
C TYR L 113 6.54 -13.23 -80.87
N VAL L 114 7.43 -12.32 -80.50
CA VAL L 114 7.02 -11.14 -79.72
C VAL L 114 6.07 -10.29 -80.55
N GLU L 115 6.33 -10.19 -81.84
CA GLU L 115 5.46 -9.42 -82.73
C GLU L 115 4.12 -10.11 -82.92
N SER L 116 4.12 -11.44 -83.01
CA SER L 116 2.88 -12.19 -83.15
C SER L 116 1.99 -12.01 -81.92
N VAL L 117 2.58 -12.03 -80.73
CA VAL L 117 1.80 -11.82 -79.51
C VAL L 117 1.24 -10.40 -79.47
N SER L 118 2.03 -9.42 -79.90
CA SER L 118 1.57 -8.04 -79.91
C SER L 118 0.35 -7.87 -80.81
N ARG L 119 0.34 -8.55 -81.95
CA ARG L 119 -0.82 -8.45 -82.84
C ARG L 119 -2.04 -9.09 -82.20
N THR L 120 -1.87 -10.26 -81.58
CA THR L 120 -2.98 -10.91 -80.89
C THR L 120 -3.51 -10.03 -79.76
N ILE L 121 -2.63 -9.33 -79.05
CA ILE L 121 -3.09 -8.41 -78.01
C ILE L 121 -3.91 -7.29 -78.63
N ALA L 122 -3.44 -6.73 -79.74
CA ALA L 122 -4.21 -5.69 -80.43
C ALA L 122 -5.55 -6.22 -80.90
N GLN L 123 -5.63 -7.50 -81.25
CA GLN L 123 -6.87 -8.06 -81.78
C GLN L 123 -7.91 -8.23 -80.67
N TYR L 124 -7.48 -8.58 -79.47
CA TYR L 124 -8.43 -8.97 -78.42
C TYR L 124 -8.41 -8.09 -77.17
N ALA L 125 -7.58 -7.06 -77.10
CA ALA L 125 -7.54 -6.22 -75.91
C ALA L 125 -8.91 -5.63 -75.62
N GLY L 126 -9.52 -4.98 -76.61
CA GLY L 126 -10.83 -4.38 -76.46
C GLY L 126 -10.89 -3.23 -75.47
N GLY L 127 -9.74 -2.66 -75.10
CA GLY L 127 -9.69 -1.60 -74.12
C GLY L 127 -8.26 -1.34 -73.70
N PRO L 128 -8.06 -0.31 -72.87
CA PRO L 128 -6.69 0.04 -72.46
C PRO L 128 -6.04 -1.10 -71.69
N LYS L 129 -4.75 -1.32 -71.98
CA LYS L 129 -3.96 -2.37 -71.34
C LYS L 129 -2.55 -1.86 -71.10
N ILE L 130 -1.93 -2.34 -70.03
CA ILE L 130 -0.50 -2.19 -69.82
C ILE L 130 0.17 -3.46 -70.33
N VAL L 131 1.10 -3.32 -71.26
CA VAL L 131 1.81 -4.47 -71.82
C VAL L 131 3.26 -4.40 -71.40
N VAL L 132 3.76 -5.47 -70.80
CA VAL L 132 5.06 -5.50 -70.16
C VAL L 132 5.90 -6.61 -70.79
N GLU L 133 7.03 -6.22 -71.38
CA GLU L 133 8.00 -7.15 -71.92
C GLU L 133 8.92 -7.60 -70.80
N LYS L 134 8.94 -8.91 -70.54
CA LYS L 134 9.72 -9.49 -69.43
C LYS L 134 10.53 -10.68 -69.95
N SER L 135 11.84 -10.50 -70.09
CA SER L 135 12.71 -11.60 -70.48
C SER L 135 14.08 -11.39 -69.84
N THR L 136 14.97 -12.37 -70.03
CA THR L 136 16.30 -12.25 -69.48
C THR L 136 17.28 -11.58 -70.43
N VAL L 137 17.01 -11.60 -71.74
CA VAL L 137 17.80 -10.87 -72.72
C VAL L 137 16.89 -10.02 -73.59
N PRO L 138 16.39 -8.89 -73.08
CA PRO L 138 15.56 -8.01 -73.92
C PRO L 138 16.47 -7.10 -74.73
N VAL L 139 16.27 -7.08 -76.05
CA VAL L 139 16.99 -6.13 -76.87
C VAL L 139 16.05 -5.56 -77.91
N LYS L 140 15.56 -4.35 -77.64
CA LYS L 140 14.65 -3.61 -78.51
C LYS L 140 13.33 -4.34 -78.76
N ALA L 141 13.03 -5.38 -77.97
CA ALA L 141 11.76 -6.07 -78.09
C ALA L 141 10.60 -5.17 -77.65
N ALA L 142 10.81 -4.36 -76.61
CA ALA L 142 9.76 -3.47 -76.15
C ALA L 142 9.46 -2.40 -77.19
N GLU L 143 10.46 -1.98 -77.95
CA GLU L 143 10.24 -1.02 -79.03
C GLU L 143 9.43 -1.65 -80.16
N SER L 144 9.62 -2.95 -80.39
CA SER L 144 8.86 -3.62 -81.45
C SER L 144 7.40 -3.82 -81.03
N ILE L 145 7.17 -4.11 -79.75
CA ILE L 145 5.81 -4.18 -79.21
C ILE L 145 5.11 -2.84 -79.37
N GLY L 146 5.81 -1.75 -79.02
CA GLY L 146 5.20 -0.43 -79.08
C GLY L 146 4.81 0.01 -80.49
N CYS L 147 5.63 -0.36 -81.49
CA CYS L 147 5.28 -0.01 -82.86
CA CYS L 147 5.20 0.03 -82.82
C CYS L 147 3.97 -0.66 -83.27
N ILE L 148 3.78 -1.93 -82.92
CA ILE L 148 2.55 -2.63 -83.30
C ILE L 148 1.36 -2.07 -82.55
N LEU L 149 1.51 -1.82 -81.25
CA LEU L 149 0.37 -1.37 -80.47
C LEU L 149 0.05 0.10 -80.72
N ARG L 150 1.04 0.92 -81.07
CA ARG L 150 0.72 2.29 -81.46
C ARG L 150 -0.09 2.32 -82.75
N GLU L 151 0.19 1.41 -83.68
CA GLU L 151 -0.58 1.36 -84.92
C GLU L 151 -2.02 0.96 -84.65
N ALA L 152 -2.24 0.03 -83.72
CA ALA L 152 -3.60 -0.35 -83.35
C ALA L 152 -4.34 0.82 -82.70
N GLN L 153 -3.66 1.55 -81.83
CA GLN L 153 -4.24 2.70 -81.16
C GLN L 153 -4.55 3.82 -82.13
N LYS L 154 -3.81 3.92 -83.23
CA LYS L 154 -4.01 5.04 -84.13
C LYS L 154 -5.33 4.93 -84.89
N ASN L 155 -5.78 3.71 -85.19
CA ASN L 155 -7.08 3.50 -85.84
C ASN L 155 -8.16 3.09 -84.85
N ASN L 156 -7.94 3.30 -83.56
CA ASN L 156 -8.90 2.88 -82.53
C ASN L 156 -8.47 3.48 -81.22
N GLU L 157 -8.95 4.68 -80.94
CA GLU L 157 -8.46 5.36 -79.77
C GLU L 157 -9.04 4.79 -78.46
N ASN L 158 -9.97 3.82 -78.56
CA ASN L 158 -10.38 3.07 -77.38
C ASN L 158 -9.25 2.20 -76.85
N LEU L 159 -8.28 1.93 -77.68
CA LEU L 159 -7.16 1.14 -77.27
C LEU L 159 -5.99 1.97 -76.92
N LYS L 160 -5.79 2.23 -75.63
CA LYS L 160 -4.64 2.99 -75.22
C LYS L 160 -3.69 2.03 -74.56
N PHE L 161 -2.54 1.84 -75.17
CA PHE L 161 -1.57 0.93 -74.62
C PHE L 161 -0.40 1.69 -74.10
N GLN L 162 0.25 1.13 -73.11
CA GLN L 162 1.44 1.68 -72.56
C GLN L 162 2.30 0.48 -72.48
N VAL L 163 3.47 0.52 -73.08
CA VAL L 163 4.38 -0.61 -73.09
C VAL L 163 5.55 -0.42 -72.17
N LEU L 164 5.78 -1.40 -71.32
CA LEU L 164 6.83 -1.35 -70.35
C LEU L 164 7.90 -2.39 -70.55
N SER L 165 9.05 -2.12 -69.97
CA SER L 165 10.14 -3.05 -69.99
C SER L 165 10.38 -3.48 -68.58
N ASN L 166 10.22 -4.75 -68.31
CA ASN L 166 10.42 -5.32 -66.98
C ASN L 166 11.24 -6.56 -67.07
N PRO L 167 12.55 -6.38 -67.26
CA PRO L 167 13.47 -7.52 -67.36
C PRO L 167 13.40 -8.41 -66.12
N GLU L 168 13.98 -9.61 -66.21
CA GLU L 168 13.98 -10.55 -65.10
C GLU L 168 15.40 -10.89 -64.67
N PHE L 169 15.69 -10.71 -63.39
CA PHE L 169 17.01 -11.01 -62.85
C PHE L 169 16.99 -12.23 -61.93
N LEU L 170 16.25 -13.25 -62.37
CA LEU L 170 16.15 -14.49 -61.65
C LEU L 170 16.98 -15.54 -62.33
N ALA L 171 17.69 -16.32 -61.57
CA ALA L 171 18.50 -17.36 -62.12
C ALA L 171 17.83 -18.66 -61.86
N GLU L 172 17.83 -19.52 -62.85
CA GLU L 172 17.20 -20.82 -62.72
C GLU L 172 17.90 -21.65 -61.66
N GLY L 173 17.13 -22.53 -61.02
CA GLY L 173 17.59 -23.29 -59.87
C GLY L 173 17.39 -22.59 -58.53
N THR L 174 17.42 -21.26 -58.53
CA THR L 174 17.15 -20.46 -57.33
C THR L 174 16.07 -19.44 -57.61
N ALA L 175 15.18 -19.74 -58.57
CA ALA L 175 14.26 -18.75 -59.10
C ALA L 175 13.28 -18.26 -58.01
N MET L 176 12.77 -19.18 -57.19
CA MET L 176 11.76 -18.80 -56.20
C MET L 176 12.34 -17.91 -55.11
N LYS L 177 13.57 -18.20 -54.65
CA LYS L 177 14.20 -17.31 -53.69
C LYS L 177 14.52 -15.96 -54.31
N ASP L 178 14.96 -15.96 -55.57
CA ASP L 178 15.28 -14.70 -56.23
C ASP L 178 14.03 -13.87 -56.46
N LEU L 179 12.92 -14.51 -56.86
CA LEU L 179 11.68 -13.77 -57.08
C LEU L 179 11.10 -13.23 -55.79
N ALA L 180 11.35 -13.91 -54.67
CA ALA L 180 10.78 -13.48 -53.39
C ALA L 180 11.56 -12.32 -52.77
N ASN L 181 12.88 -12.26 -52.98
CA ASN L 181 13.73 -11.18 -52.47
C ASN L 181 14.74 -10.80 -53.53
N PRO L 182 14.29 -10.16 -54.62
CA PRO L 182 15.23 -9.76 -55.66
C PRO L 182 16.13 -8.63 -55.20
N ASP L 183 17.37 -8.64 -55.72
CA ASP L 183 18.29 -7.52 -55.49
C ASP L 183 17.75 -6.23 -56.10
N ARG L 184 17.01 -6.35 -57.19
CA ARG L 184 16.50 -5.17 -57.87
C ARG L 184 15.31 -5.58 -58.74
N VAL L 185 14.37 -4.62 -58.93
CA VAL L 185 13.30 -4.72 -59.91
C VAL L 185 13.48 -3.55 -60.87
N LEU L 186 13.63 -3.84 -62.16
CA LEU L 186 13.96 -2.85 -63.18
C LEU L 186 12.76 -2.67 -64.11
N ILE L 187 12.26 -1.44 -64.19
CA ILE L 187 11.08 -1.12 -65.00
C ILE L 187 11.36 0.11 -65.85
N GLY L 188 11.13 -0.01 -67.15
CA GLY L 188 11.31 1.10 -68.08
C GLY L 188 10.01 1.44 -68.79
N GLY L 189 9.76 2.72 -68.99
CA GLY L 189 8.58 3.15 -69.72
C GLY L 189 8.81 4.52 -70.31
N GLU L 190 7.88 4.93 -71.17
CA GLU L 190 8.01 6.22 -71.80
C GLU L 190 7.83 7.33 -70.78
N SER L 191 8.52 8.44 -70.99
CA SER L 191 8.49 9.57 -70.06
C SER L 191 7.36 10.50 -70.51
N SER L 192 6.16 10.19 -70.03
CA SER L 192 4.96 10.94 -70.36
C SER L 192 3.96 10.71 -69.24
N PRO L 193 2.91 11.53 -69.15
CA PRO L 193 1.91 11.31 -68.10
C PRO L 193 1.36 9.89 -68.04
N GLU L 194 0.83 9.39 -69.16
CA GLU L 194 0.28 8.04 -69.16
C GLU L 194 1.37 6.99 -68.98
N GLY L 195 2.57 7.23 -69.52
CA GLY L 195 3.66 6.29 -69.33
C GLY L 195 4.07 6.15 -67.88
N LEU L 196 4.14 7.28 -67.16
CA LEU L 196 4.49 7.25 -65.74
C LEU L 196 3.41 6.59 -64.89
N GLN L 197 2.13 6.78 -65.23
CA GLN L 197 1.08 6.09 -64.48
C GLN L 197 1.14 4.58 -64.70
N ALA L 198 1.45 4.14 -65.89
CA ALA L 198 1.54 2.73 -66.18
C ALA L 198 2.65 2.11 -65.39
N VAL L 199 3.75 2.81 -65.32
CA VAL L 199 4.88 2.34 -64.59
C VAL L 199 4.49 2.23 -63.12
N ALA L 200 3.78 3.20 -62.60
CA ALA L 200 3.40 3.19 -61.22
C ALA L 200 2.49 2.05 -60.82
N GLU L 201 1.64 1.61 -61.71
CA GLU L 201 0.77 0.50 -61.42
C GLU L 201 1.57 -0.81 -61.34
N LEU L 202 2.69 -0.89 -62.02
CA LEU L 202 3.52 -2.07 -61.98
C LEU L 202 4.41 -2.02 -60.77
N VAL L 203 4.76 -0.83 -60.35
CA VAL L 203 5.57 -0.65 -59.20
C VAL L 203 4.68 -0.99 -58.04
N ARG L 204 3.42 -0.63 -58.13
CA ARG L 204 2.50 -0.89 -57.07
C ARG L 204 2.29 -2.34 -56.83
N ILE L 205 2.40 -3.15 -57.86
CA ILE L 205 2.24 -4.57 -57.71
C ILE L 205 3.43 -5.16 -56.99
N TYR L 206 4.61 -4.85 -57.47
CA TYR L 206 5.82 -5.39 -56.85
C TYR L 206 5.97 -4.93 -55.40
N GLU L 207 5.43 -3.75 -55.07
CA GLU L 207 5.56 -3.25 -53.70
C GLU L 207 4.79 -4.09 -52.69
N ASN L 208 3.96 -5.04 -53.15
CA ASN L 208 3.32 -5.98 -52.24
C ASN L 208 4.34 -6.87 -51.53
N TRP L 209 5.54 -7.03 -52.09
CA TRP L 209 6.55 -7.83 -51.40
C TRP L 209 7.98 -7.36 -51.63
N VAL L 210 8.21 -6.34 -52.44
CA VAL L 210 9.53 -5.83 -52.74
C VAL L 210 9.65 -4.42 -52.16
N PRO L 211 10.70 -4.13 -51.38
CA PRO L 211 10.86 -2.77 -50.86
C PRO L 211 11.05 -1.76 -51.98
N ARG L 212 10.56 -0.54 -51.76
CA ARG L 212 10.64 0.48 -52.81
C ARG L 212 12.08 0.81 -53.17
N ASN L 213 12.99 0.83 -52.19
CA ASN L 213 14.38 1.18 -52.46
C ASN L 213 15.08 0.16 -53.34
N ARG L 214 14.41 -0.94 -53.70
CA ARG L 214 14.96 -1.95 -54.58
C ARG L 214 14.36 -1.90 -55.98
N ILE L 215 13.46 -0.95 -56.26
CA ILE L 215 12.80 -0.83 -57.55
C ILE L 215 13.40 0.35 -58.29
N ILE L 216 13.89 0.11 -59.51
CA ILE L 216 14.48 1.12 -60.35
C ILE L 216 13.55 1.39 -61.52
N THR L 217 13.19 2.66 -61.72
CA THR L 217 12.36 3.09 -62.84
C THR L 217 13.18 3.97 -63.76
N THR L 218 13.02 3.76 -65.06
CA THR L 218 13.79 4.51 -66.04
C THR L 218 13.01 4.50 -67.36
N ASN L 219 13.65 4.95 -68.43
CA ASN L 219 13.02 4.85 -69.74
C ASN L 219 13.24 3.45 -70.33
N THR L 220 12.56 3.19 -71.44
CA THR L 220 12.52 1.84 -72.00
C THR L 220 13.91 1.36 -72.41
N TRP L 221 14.62 2.15 -73.22
CA TRP L 221 15.91 1.70 -73.72
C TRP L 221 16.93 1.55 -72.60
N SER L 222 16.95 2.50 -71.65
CA SER L 222 17.88 2.41 -70.54
C SER L 222 17.67 1.12 -69.75
N SER L 223 16.42 0.71 -69.58
CA SER L 223 16.14 -0.54 -68.90
C SER L 223 16.72 -1.73 -69.65
N GLU L 224 16.57 -1.74 -70.97
CA GLU L 224 17.04 -2.88 -71.76
C GLU L 224 18.56 -2.91 -71.82
N LEU L 225 19.19 -1.74 -72.01
CA LEU L 225 20.65 -1.70 -72.05
C LEU L 225 21.25 -2.11 -70.71
N SER L 226 20.63 -1.71 -69.61
CA SER L 226 21.15 -2.09 -68.29
C SER L 226 21.13 -3.61 -68.11
N LYS L 227 20.02 -4.26 -68.50
CA LYS L 227 19.94 -5.70 -68.39
C LYS L 227 20.98 -6.37 -69.28
N LEU L 228 21.10 -5.90 -70.52
CA LEU L 228 22.08 -6.44 -71.44
C LEU L 228 23.49 -6.32 -70.87
N VAL L 229 23.80 -5.20 -70.22
CA VAL L 229 25.13 -4.99 -69.66
C VAL L 229 25.32 -5.80 -68.38
N ALA L 230 24.30 -5.87 -67.54
CA ALA L 230 24.41 -6.61 -66.28
C ALA L 230 24.70 -8.08 -66.52
N ASN L 231 23.98 -8.71 -67.47
CA ASN L 231 24.28 -10.09 -67.81
C ASN L 231 25.72 -10.25 -68.27
N ALA L 232 26.22 -9.32 -69.10
CA ALA L 232 27.58 -9.45 -69.60
C ALA L 232 28.60 -9.35 -68.47
N PHE L 233 28.35 -8.47 -67.49
CA PHE L 233 29.23 -8.40 -66.32
C PHE L 233 29.29 -9.72 -65.58
N LEU L 234 28.13 -10.37 -65.39
CA LEU L 234 28.11 -11.67 -64.75
C LEU L 234 28.92 -12.68 -65.54
N ALA L 235 28.69 -12.74 -66.86
CA ALA L 235 29.44 -13.67 -67.71
C ALA L 235 30.93 -13.38 -67.66
N GLN L 236 31.31 -12.10 -67.54
CA GLN L 236 32.72 -11.75 -67.54
C GLN L 236 33.42 -12.22 -66.27
N ARG L 237 32.73 -12.14 -65.12
CA ARG L 237 33.33 -12.64 -63.88
C ARG L 237 33.67 -14.11 -64.00
N ILE L 238 32.81 -14.88 -64.67
CA ILE L 238 33.04 -16.31 -64.80
C ILE L 238 34.21 -16.57 -65.72
N SER L 239 34.27 -15.88 -66.86
CA SER L 239 35.38 -16.07 -67.78
C SER L 239 36.70 -15.59 -67.18
N SER L 240 36.66 -14.51 -66.39
CA SER L 240 37.88 -14.02 -65.76
C SER L 240 38.45 -15.03 -64.79
N ILE L 241 37.60 -15.60 -63.93
CA ILE L 241 38.09 -16.60 -62.99
C ILE L 241 38.48 -17.89 -63.71
N ASN L 242 37.81 -18.20 -64.82
CA ASN L 242 38.16 -19.40 -65.57
C ASN L 242 39.50 -19.24 -66.27
N SER L 243 39.78 -18.05 -66.79
CA SER L 243 41.07 -17.80 -67.40
C SER L 243 42.19 -17.93 -66.37
N ILE L 244 41.93 -17.50 -65.14
CA ILE L 244 42.94 -17.62 -64.09
C ILE L 244 43.08 -19.06 -63.63
N SER L 245 42.02 -19.87 -63.78
CA SER L 245 42.12 -21.27 -63.39
C SER L 245 43.22 -21.98 -64.16
N ALA L 246 43.45 -21.59 -65.41
CA ALA L 246 44.57 -22.15 -66.17
C ALA L 246 45.91 -21.68 -65.62
N VAL L 247 45.97 -20.42 -65.18
CA VAL L 247 47.21 -19.90 -64.60
C VAL L 247 47.55 -20.65 -63.33
N CYS L 248 46.53 -20.96 -62.52
CA CYS L 248 46.77 -21.74 -61.31
C CYS L 248 47.32 -23.12 -61.66
N GLU L 249 46.71 -23.78 -62.64
CA GLU L 249 47.17 -25.10 -63.05
C GLU L 249 48.61 -25.06 -63.52
N ALA L 250 49.01 -23.96 -64.18
CA ALA L 250 50.34 -23.87 -64.73
C ALA L 250 51.41 -23.51 -63.70
N THR L 251 51.01 -23.00 -62.54
CA THR L 251 51.96 -22.51 -61.54
C THR L 251 51.79 -23.14 -60.16
N GLY L 252 50.91 -24.13 -60.03
CA GLY L 252 50.77 -24.83 -58.76
C GLY L 252 49.94 -24.11 -57.72
N ALA L 253 49.15 -23.12 -58.11
CA ALA L 253 48.23 -22.47 -57.19
C ALA L 253 46.84 -23.11 -57.33
N GLU L 254 45.95 -22.74 -56.42
CA GLU L 254 44.60 -23.27 -56.38
C GLU L 254 43.62 -22.15 -56.72
N ILE L 255 42.78 -22.37 -57.73
CA ILE L 255 41.86 -21.32 -58.15
C ILE L 255 40.88 -20.99 -57.03
N SER L 256 40.47 -22.00 -56.25
CA SER L 256 39.55 -21.75 -55.15
CA SER L 256 39.55 -21.75 -55.15
C SER L 256 40.18 -20.83 -54.11
N GLU L 257 41.49 -20.97 -53.88
CA GLU L 257 42.16 -20.09 -52.92
C GLU L 257 42.36 -18.70 -53.48
N VAL L 258 42.72 -18.60 -54.76
CA VAL L 258 42.83 -17.30 -55.41
C VAL L 258 41.49 -16.58 -55.38
N ALA L 259 40.43 -17.28 -55.79
CA ALA L 259 39.09 -16.68 -55.79
C ALA L 259 38.66 -16.27 -54.39
N HIS L 260 38.96 -17.11 -53.40
CA HIS L 260 38.64 -16.76 -52.01
C HIS L 260 39.33 -15.48 -51.59
N ALA L 261 40.63 -15.35 -51.89
CA ALA L 261 41.36 -14.15 -51.49
C ALA L 261 40.87 -12.92 -52.26
N VAL L 262 40.61 -13.08 -53.56
CA VAL L 262 40.14 -11.95 -54.36
C VAL L 262 38.81 -11.42 -53.84
N GLY L 263 37.90 -12.32 -53.46
CA GLY L 263 36.54 -11.94 -53.10
C GLY L 263 36.42 -11.16 -51.81
N TYR L 264 37.46 -11.12 -50.98
CA TYR L 264 37.40 -10.35 -49.75
C TYR L 264 37.37 -8.86 -50.01
N ASP L 265 37.76 -8.42 -51.20
CA ASP L 265 37.66 -7.03 -51.59
C ASP L 265 36.19 -6.74 -51.92
N THR L 266 35.54 -5.92 -51.09
CA THR L 266 34.15 -5.57 -51.33
C THR L 266 33.96 -4.80 -52.62
N ARG L 267 35.02 -4.20 -53.17
CA ARG L 267 34.93 -3.55 -54.47
C ARG L 267 34.81 -4.56 -55.60
N ILE L 268 35.28 -5.78 -55.40
CA ILE L 268 35.19 -6.85 -56.40
C ILE L 268 33.99 -7.73 -56.09
N GLY L 269 33.70 -7.93 -54.82
CA GLY L 269 32.64 -8.84 -54.41
C GLY L 269 33.10 -10.28 -54.39
N SER L 270 32.48 -11.10 -53.55
CA SER L 270 32.91 -12.48 -53.36
C SER L 270 32.10 -13.49 -54.16
N LYS L 271 31.00 -13.08 -54.77
CA LYS L 271 30.12 -13.99 -55.50
C LYS L 271 30.53 -14.12 -56.96
N PHE L 272 30.02 -15.17 -57.60
CA PHE L 272 30.24 -15.42 -59.02
C PHE L 272 31.71 -15.47 -59.38
N LEU L 273 32.50 -16.11 -58.51
CA LEU L 273 33.91 -16.35 -58.76
C LEU L 273 34.23 -17.85 -58.65
N GLN L 274 33.26 -18.68 -59.00
CA GLN L 274 33.41 -20.14 -58.97
C GLN L 274 33.80 -20.61 -60.36
N ALA L 275 35.05 -21.05 -60.52
CA ALA L 275 35.50 -21.60 -61.78
C ALA L 275 34.65 -22.82 -62.16
N SER L 276 34.63 -23.12 -63.45
CA SER L 276 33.78 -24.17 -63.98
C SER L 276 34.30 -24.58 -65.36
N VAL L 277 33.75 -25.67 -65.88
CA VAL L 277 34.04 -26.09 -67.24
C VAL L 277 33.55 -25.05 -68.25
N GLY L 278 32.64 -24.19 -67.84
CA GLY L 278 32.16 -23.09 -68.67
C GLY L 278 30.70 -22.79 -68.38
N PHE L 279 30.33 -21.52 -68.50
CA PHE L 279 28.95 -21.16 -68.21
C PHE L 279 28.03 -21.61 -69.34
N GLY L 280 26.80 -21.96 -68.96
CA GLY L 280 25.75 -22.32 -69.91
C GLY L 280 24.49 -21.52 -69.64
N GLY L 281 23.35 -21.98 -70.15
CA GLY L 281 22.11 -21.27 -69.97
C GLY L 281 21.71 -20.47 -71.20
N SER L 282 20.40 -20.18 -71.29
CA SER L 282 19.86 -19.45 -72.43
C SER L 282 20.18 -17.96 -72.39
N CYS L 283 20.79 -17.47 -71.30
CA CYS L 283 21.02 -16.05 -71.14
C CYS L 283 22.40 -15.61 -71.61
N PHE L 284 23.47 -16.14 -71.00
CA PHE L 284 24.77 -15.46 -71.04
C PHE L 284 25.36 -15.39 -72.44
N GLN L 285 25.49 -16.52 -73.14
CA GLN L 285 26.10 -16.49 -74.47
C GLN L 285 25.26 -15.66 -75.43
N LYS L 286 23.94 -15.88 -75.44
CA LYS L 286 23.05 -15.07 -76.25
C LYS L 286 23.19 -13.59 -75.91
N ASP L 287 23.37 -13.26 -74.64
CA ASP L 287 23.43 -11.87 -74.22
C ASP L 287 24.71 -11.20 -74.69
N VAL L 288 25.86 -11.84 -74.44
CA VAL L 288 27.14 -11.26 -74.84
C VAL L 288 27.21 -11.15 -76.35
N LEU L 289 26.78 -12.20 -77.06
CA LEU L 289 26.78 -12.13 -78.53
C LEU L 289 25.86 -11.02 -79.02
N SER L 290 24.74 -10.80 -78.32
CA SER L 290 23.84 -9.72 -78.67
C SER L 290 24.50 -8.36 -78.46
N LEU L 291 25.24 -8.21 -77.34
CA LEU L 291 25.97 -6.98 -77.07
C LEU L 291 27.07 -6.75 -78.10
N VAL L 292 27.80 -7.81 -78.46
CA VAL L 292 28.83 -7.71 -79.49
C VAL L 292 28.23 -7.21 -80.80
N TYR L 293 27.08 -7.76 -81.18
CA TYR L 293 26.43 -7.36 -82.42
C TYR L 293 25.98 -5.92 -82.37
N LEU L 294 25.43 -5.49 -81.23
CA LEU L 294 25.04 -4.10 -81.05
C LEU L 294 26.24 -3.16 -81.25
N CYS L 295 27.39 -3.54 -80.72
CA CYS L 295 28.58 -2.70 -80.85
C CYS L 295 29.06 -2.62 -82.30
N GLU L 296 29.01 -3.72 -83.03
CA GLU L 296 29.38 -3.69 -84.43
C GLU L 296 28.44 -2.77 -85.22
N SER L 297 27.15 -2.80 -84.91
CA SER L 297 26.19 -1.95 -85.60
C SER L 297 26.36 -0.49 -85.22
N LEU L 298 27.00 -0.19 -84.10
CA LEU L 298 27.29 1.17 -83.70
C LEU L 298 28.68 1.61 -84.16
N ASN L 299 29.34 0.79 -84.98
CA ASN L 299 30.70 1.01 -85.45
C ASN L 299 31.65 1.22 -84.26
N LEU L 300 31.53 0.32 -83.29
CA LEU L 300 32.42 0.28 -82.13
C LEU L 300 33.11 -1.08 -82.09
N PRO L 301 33.97 -1.37 -83.08
CA PRO L 301 34.55 -2.72 -83.14
C PRO L 301 35.45 -3.03 -81.95
N GLN L 302 36.09 -2.03 -81.39
CA GLN L 302 36.94 -2.17 -80.24
C GLN L 302 36.16 -2.63 -79.03
N VAL L 303 34.95 -2.13 -78.85
CA VAL L 303 34.10 -2.57 -77.76
C VAL L 303 33.55 -3.97 -78.05
N ALA L 304 33.24 -4.25 -79.32
CA ALA L 304 32.81 -5.58 -79.71
C ALA L 304 33.91 -6.61 -79.41
N ASP L 305 35.15 -6.29 -79.78
CA ASP L 305 36.26 -7.20 -79.52
C ASP L 305 36.44 -7.47 -78.03
N TYR L 306 36.29 -6.43 -77.20
CA TYR L 306 36.48 -6.59 -75.76
C TYR L 306 35.50 -7.60 -75.20
N TRP L 307 34.20 -7.44 -75.49
CA TRP L 307 33.20 -8.34 -74.92
C TRP L 307 33.22 -9.71 -75.59
N GLN L 308 33.66 -9.79 -76.85
CA GLN L 308 33.81 -11.08 -77.50
C GLN L 308 34.76 -11.99 -76.72
N GLY L 309 35.74 -11.39 -76.02
CA GLY L 309 36.66 -12.19 -75.23
C GLY L 309 35.99 -13.05 -74.17
N VAL L 310 34.85 -12.60 -73.63
CA VAL L 310 34.15 -13.41 -72.65
C VAL L 310 33.69 -14.72 -73.26
N ILE L 311 33.23 -14.69 -74.51
CA ILE L 311 32.83 -15.92 -75.20
C ILE L 311 34.05 -16.74 -75.56
N ASN L 312 35.11 -16.09 -76.06
CA ASN L 312 36.31 -16.82 -76.45
C ASN L 312 36.88 -17.63 -75.28
N ILE L 313 36.94 -17.04 -74.09
CA ILE L 313 37.47 -17.76 -72.95
C ILE L 313 36.57 -18.94 -72.61
N ASN L 314 35.26 -18.74 -72.70
CA ASN L 314 34.31 -19.81 -72.36
C ASN L 314 34.49 -21.02 -73.29
N ASN L 315 34.56 -20.76 -74.60
CA ASN L 315 34.79 -21.86 -75.53
C ASN L 315 36.15 -22.52 -75.29
N TRP L 316 37.15 -21.70 -74.97
CA TRP L 316 38.49 -22.21 -74.71
C TRP L 316 38.51 -23.07 -73.44
N GLN L 317 37.73 -22.70 -72.43
CA GLN L 317 37.70 -23.50 -71.20
C GLN L 317 37.09 -24.88 -71.46
N ARG L 318 36.01 -24.92 -72.25
CA ARG L 318 35.39 -26.20 -72.60
C ARG L 318 36.35 -27.06 -73.41
N ARG L 319 36.99 -26.46 -74.40
CA ARG L 319 37.84 -27.23 -75.31
C ARG L 319 39.07 -27.76 -74.60
N ARG L 320 39.67 -26.96 -73.70
CA ARG L 320 40.86 -27.41 -73.00
C ARG L 320 40.55 -28.43 -71.91
N PHE L 321 39.35 -28.38 -71.33
CA PHE L 321 38.96 -29.40 -70.36
C PHE L 321 38.81 -30.76 -71.03
N ALA L 322 38.09 -30.80 -72.15
CA ALA L 322 37.93 -32.06 -72.86
C ALA L 322 39.27 -32.55 -73.41
N ASP L 323 40.14 -31.64 -73.83
CA ASP L 323 41.46 -32.03 -74.33
C ASP L 323 42.32 -32.63 -73.22
N LYS L 324 42.22 -32.09 -71.99
CA LYS L 324 43.05 -32.61 -70.91
C LYS L 324 42.65 -34.02 -70.53
N ILE L 325 41.36 -34.34 -70.62
CA ILE L 325 40.90 -35.70 -70.41
C ILE L 325 41.59 -36.65 -71.37
N ILE L 326 41.65 -36.27 -72.66
CA ILE L 326 42.18 -37.17 -73.68
C ILE L 326 43.69 -37.37 -73.47
N ALA L 327 44.42 -36.28 -73.22
CA ALA L 327 45.86 -36.38 -73.05
C ALA L 327 46.22 -37.20 -71.82
N GLU L 328 45.47 -37.02 -70.73
CA GLU L 328 45.75 -37.77 -69.51
C GLU L 328 45.40 -39.24 -69.65
N LEU L 329 44.55 -39.59 -70.60
CA LEU L 329 44.27 -41.00 -70.92
C LEU L 329 45.13 -41.47 -72.08
N PHE L 330 46.38 -41.02 -72.15
CA PHE L 330 47.35 -41.49 -73.16
C PHE L 330 46.86 -41.27 -74.58
N ASN L 331 46.12 -40.18 -74.79
CA ASN L 331 45.69 -39.72 -76.11
C ASN L 331 44.75 -40.70 -76.82
N THR L 332 44.11 -41.62 -76.09
CA THR L 332 43.15 -42.52 -76.71
C THR L 332 42.02 -42.83 -75.73
N VAL L 333 40.78 -42.67 -76.19
CA VAL L 333 39.61 -43.07 -75.43
C VAL L 333 38.71 -43.93 -76.32
N THR L 334 39.22 -44.32 -77.49
CA THR L 334 38.50 -45.24 -78.37
C THR L 334 37.96 -46.44 -77.60
N ASP L 335 36.64 -46.58 -77.60
CA ASP L 335 35.93 -47.71 -77.01
C ASP L 335 36.05 -47.75 -75.50
N LYS L 336 36.57 -46.71 -74.87
CA LYS L 336 36.65 -46.62 -73.43
C LYS L 336 35.33 -46.07 -72.89
N LYS L 337 34.80 -46.73 -71.86
CA LYS L 337 33.59 -46.24 -71.21
C LYS L 337 33.93 -45.08 -70.28
N ILE L 338 33.24 -43.97 -70.45
CA ILE L 338 33.43 -42.77 -69.63
C ILE L 338 32.09 -42.37 -69.04
N ALA L 339 32.03 -42.24 -67.72
CA ALA L 339 30.82 -41.83 -67.03
C ALA L 339 30.76 -40.31 -66.96
N ILE L 340 29.58 -39.76 -67.25
CA ILE L 340 29.35 -38.32 -67.20
C ILE L 340 28.39 -38.05 -66.05
N PHE L 341 28.84 -37.27 -65.07
CA PHE L 341 28.01 -36.86 -63.93
C PHE L 341 27.52 -35.44 -64.19
N GLY L 342 26.30 -35.31 -64.67
CA GLY L 342 25.69 -34.01 -64.88
C GLY L 342 25.53 -33.66 -66.34
N PHE L 343 24.36 -33.14 -66.70
CA PHE L 343 24.08 -32.74 -68.07
C PHE L 343 23.42 -31.37 -68.10
N ALA L 344 22.69 -31.02 -67.05
CA ALA L 344 22.09 -29.70 -66.99
C ALA L 344 23.17 -28.61 -66.94
N PHE L 345 22.80 -27.41 -67.36
CA PHE L 345 23.79 -26.32 -67.42
C PHE L 345 24.15 -25.80 -66.04
N LYS L 346 23.39 -26.15 -65.01
CA LYS L 346 23.71 -25.87 -63.63
C LYS L 346 22.85 -26.79 -62.77
N LYS L 347 23.06 -26.75 -61.46
CA LYS L 347 22.35 -27.67 -60.60
C LYS L 347 20.94 -27.16 -60.30
N ASN L 348 20.09 -28.09 -59.86
CA ASN L 348 18.73 -27.80 -59.40
C ASN L 348 17.86 -27.24 -60.52
N THR L 349 18.08 -27.73 -61.73
CA THR L 349 17.23 -27.44 -62.89
C THR L 349 17.36 -28.60 -63.87
N GLY L 350 16.32 -28.78 -64.68
CA GLY L 350 16.36 -29.69 -65.80
C GLY L 350 16.72 -29.04 -67.11
N ASP L 351 16.97 -27.74 -67.09
CA ASP L 351 17.28 -27.00 -68.31
C ASP L 351 18.67 -27.38 -68.83
N THR L 352 18.76 -27.66 -70.13
CA THR L 352 20.02 -28.05 -70.75
C THR L 352 20.52 -27.04 -71.79
N ARG L 353 19.87 -25.89 -71.92
CA ARG L 353 20.20 -24.95 -72.99
C ARG L 353 21.62 -24.43 -72.84
N GLU L 354 22.44 -24.65 -73.87
CA GLU L 354 23.85 -24.23 -73.92
C GLU L 354 24.68 -24.83 -72.79
N SER L 355 24.25 -25.99 -72.28
CA SER L 355 25.01 -26.66 -71.24
C SER L 355 26.41 -27.01 -71.73
N SER L 356 27.40 -26.79 -70.88
CA SER L 356 28.76 -27.18 -71.25
C SER L 356 28.87 -28.68 -71.50
N ALA L 357 27.98 -29.47 -70.89
CA ALA L 357 28.02 -30.93 -71.07
C ALA L 357 27.82 -31.33 -72.53
N ILE L 358 27.03 -30.56 -73.28
CA ILE L 358 26.79 -30.89 -74.68
C ILE L 358 28.09 -30.86 -75.47
N HIS L 359 28.91 -29.84 -75.25
CA HIS L 359 30.11 -29.67 -76.06
C HIS L 359 31.25 -30.58 -75.62
N VAL L 360 31.34 -30.90 -74.33
CA VAL L 360 32.36 -31.83 -73.87
C VAL L 360 32.03 -33.25 -74.31
N ILE L 361 30.76 -33.65 -74.16
CA ILE L 361 30.37 -34.99 -74.57
C ILE L 361 30.54 -35.16 -76.07
N LYS L 362 30.19 -34.13 -76.85
CA LYS L 362 30.41 -34.17 -78.29
C LYS L 362 31.89 -34.32 -78.61
N HIS L 363 32.74 -33.59 -77.89
CA HIS L 363 34.18 -33.69 -78.08
C HIS L 363 34.67 -35.11 -77.80
N LEU L 364 34.15 -35.73 -76.73
CA LEU L 364 34.53 -37.11 -76.41
C LEU L 364 33.96 -38.10 -77.42
N MET L 365 32.76 -37.84 -77.95
CA MET L 365 32.21 -38.71 -78.97
C MET L 365 33.09 -38.74 -80.21
N GLU L 366 33.62 -37.60 -80.61
CA GLU L 366 34.49 -37.53 -81.78
C GLU L 366 35.77 -38.33 -81.58
N GLU L 367 36.10 -38.66 -80.33
CA GLU L 367 37.20 -39.56 -80.01
C GLU L 367 36.73 -41.00 -79.85
N HIS L 368 35.46 -41.26 -80.20
CA HIS L 368 34.88 -42.61 -80.21
C HIS L 368 34.82 -43.23 -78.82
N ALA L 369 34.64 -42.39 -77.80
CA ALA L 369 34.36 -42.91 -76.47
C ALA L 369 32.90 -43.30 -76.37
N LYS L 370 32.62 -44.27 -75.50
CA LYS L 370 31.26 -44.63 -75.15
C LYS L 370 30.93 -43.96 -73.82
N LEU L 371 29.92 -43.09 -73.84
CA LEU L 371 29.61 -42.23 -72.71
C LEU L 371 28.32 -42.69 -72.06
N SER L 372 28.36 -42.90 -70.75
CA SER L 372 27.19 -43.20 -69.95
C SER L 372 26.91 -41.97 -69.09
N VAL L 373 25.78 -41.32 -69.36
CA VAL L 373 25.46 -40.02 -68.76
C VAL L 373 24.36 -40.22 -67.72
N TYR L 374 24.54 -39.62 -66.55
CA TYR L 374 23.51 -39.56 -65.53
C TYR L 374 23.33 -38.12 -65.08
N ASP L 375 22.07 -37.71 -64.95
CA ASP L 375 21.70 -36.41 -64.41
C ASP L 375 20.43 -36.56 -63.58
N PRO L 376 20.37 -35.96 -62.38
CA PRO L 376 19.23 -36.21 -61.49
C PRO L 376 17.89 -35.71 -62.01
N LYS L 377 17.86 -34.73 -62.92
CA LYS L 377 16.60 -34.10 -63.31
C LYS L 377 16.39 -34.00 -64.81
N VAL L 378 17.44 -34.03 -65.63
CA VAL L 378 17.28 -33.84 -67.07
C VAL L 378 16.59 -35.06 -67.66
N GLN L 379 15.56 -34.81 -68.49
CA GLN L 379 14.84 -35.89 -69.17
C GLN L 379 15.77 -36.61 -70.14
N LYS L 380 15.61 -37.94 -70.22
CA LYS L 380 16.43 -38.74 -71.13
C LYS L 380 16.25 -38.31 -72.58
N SER L 381 14.99 -38.14 -73.00
CA SER L 381 14.74 -37.72 -74.37
C SER L 381 15.36 -36.36 -74.66
N GLN L 382 15.45 -35.50 -73.65
CA GLN L 382 16.06 -34.19 -73.86
C GLN L 382 17.56 -34.32 -74.13
N MET L 383 18.25 -35.16 -73.37
CA MET L 383 19.68 -35.36 -73.59
C MET L 383 19.95 -35.90 -74.99
N LEU L 384 19.19 -36.92 -75.39
CA LEU L 384 19.42 -37.55 -76.69
C LEU L 384 19.16 -36.57 -77.83
N ASN L 385 18.13 -35.73 -77.71
CA ASN L 385 17.88 -34.72 -78.73
C ASN L 385 18.99 -33.67 -78.76
N ASP L 386 19.50 -33.27 -77.59
CA ASP L 386 20.57 -32.28 -77.54
C ASP L 386 21.83 -32.79 -78.22
N LEU L 387 22.25 -34.01 -77.88
CA LEU L 387 23.46 -34.56 -78.46
C LEU L 387 23.28 -34.88 -79.93
N ALA L 388 22.09 -35.35 -80.32
CA ALA L 388 21.86 -35.67 -81.72
C ALA L 388 21.91 -34.42 -82.59
N SER L 389 21.46 -33.28 -82.07
CA SER L 389 21.42 -32.06 -82.85
C SER L 389 22.81 -31.47 -83.11
N VAL L 390 23.82 -31.83 -82.30
CA VAL L 390 25.16 -31.36 -82.56
C VAL L 390 25.90 -32.45 -83.36
N THR L 391 25.66 -33.71 -83.13
CA THR L 391 26.29 -34.74 -83.91
C THR L 391 25.46 -35.52 -84.94
N SER L 392 24.67 -36.49 -84.49
CA SER L 392 23.73 -37.16 -85.33
C SER L 392 22.94 -38.11 -84.47
N ALA L 393 21.81 -38.60 -84.99
CA ALA L 393 21.03 -39.57 -84.23
C ALA L 393 21.77 -40.90 -84.24
N GLN L 394 22.50 -41.19 -85.33
CA GLN L 394 23.26 -42.42 -85.41
C GLN L 394 24.41 -42.45 -84.42
N ASP L 395 25.14 -41.33 -84.31
CA ASP L 395 26.26 -41.25 -83.36
C ASP L 395 25.79 -41.41 -81.92
N VAL L 396 24.64 -40.80 -81.57
CA VAL L 396 24.13 -40.95 -80.22
C VAL L 396 23.72 -42.39 -79.95
N GLU L 397 23.11 -43.04 -80.95
CA GLU L 397 22.65 -44.41 -80.77
C GLU L 397 23.84 -45.33 -80.50
N ARG L 398 24.96 -45.08 -81.17
CA ARG L 398 26.15 -45.92 -81.06
C ARG L 398 26.97 -45.62 -79.81
N LEU L 399 26.98 -44.36 -79.35
CA LEU L 399 27.94 -43.96 -78.33
C LEU L 399 27.35 -43.56 -76.99
N ILE L 400 26.07 -43.20 -76.92
CA ILE L 400 25.48 -42.63 -75.72
C ILE L 400 24.58 -43.65 -75.06
N THR L 401 24.75 -43.83 -73.75
CA THR L 401 23.85 -44.58 -72.90
C THR L 401 23.41 -43.68 -71.76
N VAL L 402 22.11 -43.63 -71.50
CA VAL L 402 21.56 -42.80 -70.44
C VAL L 402 21.17 -43.69 -69.28
N GLU L 403 21.71 -43.40 -68.10
CA GLU L 403 21.43 -44.15 -66.90
C GLU L 403 20.61 -43.30 -65.93
N SER L 404 19.79 -43.97 -65.13
CA SER L 404 18.99 -43.32 -64.10
C SER L 404 19.65 -43.43 -62.72
N ASP L 405 20.86 -43.95 -62.66
CA ASP L 405 21.59 -44.23 -61.44
C ASP L 405 23.06 -43.95 -61.73
N PRO L 406 23.72 -43.12 -60.91
CA PRO L 406 25.13 -42.81 -61.20
C PRO L 406 26.06 -44.01 -61.04
N TYR L 407 25.74 -44.95 -60.14
CA TYR L 407 26.59 -46.12 -60.00
C TYR L 407 26.54 -47.00 -61.24
N ALA L 408 25.39 -47.04 -61.92
CA ALA L 408 25.30 -47.79 -63.17
C ALA L 408 26.14 -47.14 -64.26
N ALA L 409 26.16 -45.81 -64.31
CA ALA L 409 27.00 -45.12 -65.28
C ALA L 409 28.49 -45.33 -64.99
N ALA L 410 28.86 -45.36 -63.71
CA ALA L 410 30.27 -45.50 -63.33
C ALA L 410 30.78 -46.94 -63.35
N ARG L 411 29.89 -47.93 -63.29
CA ARG L 411 30.30 -49.32 -63.27
C ARG L 411 31.06 -49.68 -64.54
N GLY L 412 32.30 -50.16 -64.36
CA GLY L 412 33.12 -50.55 -65.48
C GLY L 412 33.76 -49.41 -66.25
N ALA L 413 33.65 -48.17 -65.76
CA ALA L 413 34.14 -47.03 -66.50
C ALA L 413 35.63 -46.83 -66.33
N HIS L 414 36.26 -46.24 -67.35
CA HIS L 414 37.66 -45.85 -67.26
C HIS L 414 37.83 -44.52 -66.56
N ALA L 415 36.85 -43.63 -66.69
CA ALA L 415 36.95 -42.30 -66.13
C ALA L 415 35.57 -41.78 -65.77
N ILE L 416 35.54 -40.88 -64.80
CA ILE L 416 34.34 -40.12 -64.46
C ILE L 416 34.61 -38.65 -64.76
N VAL L 417 33.63 -38.00 -65.38
CA VAL L 417 33.71 -36.57 -65.69
C VAL L 417 32.48 -35.90 -65.11
N VAL L 418 32.68 -35.01 -64.13
CA VAL L 418 31.59 -34.28 -63.51
C VAL L 418 31.47 -32.91 -64.18
N LEU L 419 30.27 -32.61 -64.69
CA LEU L 419 30.04 -31.40 -65.47
C LEU L 419 29.01 -30.47 -64.85
N THR L 420 28.22 -30.93 -63.88
CA THR L 420 27.21 -30.12 -63.21
C THR L 420 27.31 -30.33 -61.71
N GLU L 421 27.22 -29.23 -60.96
CA GLU L 421 27.54 -29.23 -59.52
C GLU L 421 26.42 -29.76 -58.62
N TRP L 422 25.72 -30.81 -59.04
CA TRP L 422 24.63 -31.39 -58.23
C TRP L 422 25.14 -31.82 -56.86
N ASP L 423 24.39 -31.47 -55.81
CA ASP L 423 24.77 -31.83 -54.46
C ASP L 423 24.85 -33.34 -54.26
N GLU L 424 24.06 -34.10 -55.03
CA GLU L 424 24.07 -35.55 -54.90
C GLU L 424 25.44 -36.14 -55.18
N PHE L 425 26.22 -35.51 -56.06
CA PHE L 425 27.53 -36.05 -56.43
C PHE L 425 28.53 -35.96 -55.29
N VAL L 426 28.34 -35.00 -54.37
CA VAL L 426 29.25 -34.86 -53.25
C VAL L 426 29.10 -36.03 -52.28
N GLU L 427 27.92 -36.64 -52.21
CA GLU L 427 27.63 -37.66 -51.22
C GLU L 427 27.63 -39.08 -51.78
N LEU L 428 28.14 -39.30 -53.00
CA LEU L 428 28.18 -40.66 -53.51
C LEU L 428 29.30 -41.44 -52.81
N ASN L 429 29.18 -42.76 -52.87
CA ASN L 429 30.16 -43.69 -52.28
C ASN L 429 31.27 -43.94 -53.31
N TYR L 430 32.32 -43.11 -53.24
CA TYR L 430 33.41 -43.17 -54.23
C TYR L 430 34.38 -44.31 -53.99
N SER L 431 34.37 -44.95 -52.81
CA SER L 431 35.11 -46.19 -52.64
C SER L 431 34.47 -47.32 -53.43
N GLN L 432 33.15 -47.47 -53.30
CA GLN L 432 32.45 -48.46 -54.10
C GLN L 432 32.59 -48.17 -55.58
N ILE L 433 32.54 -46.88 -55.95
CA ILE L 433 32.74 -46.51 -57.35
C ILE L 433 34.14 -46.90 -57.81
N HIS L 434 35.15 -46.60 -57.00
CA HIS L 434 36.52 -46.91 -57.40
C HIS L 434 36.72 -48.40 -57.57
N ASN L 435 36.12 -49.22 -56.70
CA ASN L 435 36.31 -50.66 -56.78
C ASN L 435 35.69 -51.24 -58.06
N ASP L 436 34.59 -50.65 -58.54
CA ASP L 436 33.87 -51.18 -59.68
C ASP L 436 34.27 -50.53 -61.00
N MET L 437 35.24 -49.64 -60.99
CA MET L 437 35.78 -49.06 -62.22
C MET L 437 36.96 -49.89 -62.73
N GLN L 438 37.36 -49.61 -63.96
CA GLN L 438 38.62 -50.12 -64.48
C GLN L 438 39.78 -49.48 -63.74
N HIS L 439 40.92 -50.12 -63.70
CA HIS L 439 42.03 -49.49 -63.01
C HIS L 439 43.18 -49.45 -63.96
N PRO L 440 43.92 -48.36 -63.93
CA PRO L 440 43.66 -47.25 -63.00
C PRO L 440 42.41 -46.45 -63.35
N ALA L 441 41.75 -45.92 -62.33
CA ALA L 441 40.52 -45.15 -62.49
C ALA L 441 40.85 -43.66 -62.42
N ALA L 442 40.33 -42.90 -63.38
CA ALA L 442 40.54 -41.46 -63.44
C ALA L 442 39.21 -40.74 -63.22
N ILE L 443 39.29 -39.52 -62.68
CA ILE L 443 38.11 -38.71 -62.42
C ILE L 443 38.46 -37.25 -62.66
N PHE L 444 37.61 -36.55 -63.40
CA PHE L 444 37.88 -35.18 -63.83
C PHE L 444 36.75 -34.29 -63.31
N ASP L 445 37.09 -33.38 -62.41
CA ASP L 445 36.13 -32.50 -61.75
C ASP L 445 36.12 -31.16 -62.46
N GLY L 446 35.08 -30.93 -63.27
CA GLY L 446 34.82 -29.68 -63.93
C GLY L 446 33.98 -28.71 -63.14
N ARG L 447 33.66 -29.03 -61.89
CA ARG L 447 32.85 -28.14 -61.06
C ARG L 447 33.45 -27.89 -59.68
N LEU L 448 34.59 -28.51 -59.36
CA LEU L 448 35.32 -28.24 -58.12
C LEU L 448 34.47 -28.49 -56.88
N ILE L 449 33.71 -29.58 -56.90
CA ILE L 449 32.86 -29.94 -55.77
C ILE L 449 33.40 -31.10 -54.97
N LEU L 450 34.38 -31.84 -55.48
CA LEU L 450 34.88 -33.03 -54.81
C LEU L 450 36.17 -32.74 -54.05
N ASP L 451 36.43 -33.58 -53.06
CA ASP L 451 37.63 -33.50 -52.24
C ASP L 451 38.76 -34.21 -53.00
N GLN L 452 39.70 -33.44 -53.54
CA GLN L 452 40.80 -34.06 -54.28
C GLN L 452 41.63 -34.95 -53.36
N LYS L 453 41.91 -34.50 -52.15
CA LYS L 453 42.71 -35.28 -51.21
C LYS L 453 42.07 -36.62 -50.89
N ALA L 454 40.75 -36.64 -50.72
CA ALA L 454 40.06 -37.90 -50.43
C ALA L 454 40.12 -38.85 -51.63
N LEU L 455 39.88 -38.32 -52.84
CA LEU L 455 39.94 -39.14 -54.04
C LEU L 455 41.35 -39.69 -54.28
N ARG L 456 42.36 -38.86 -53.99
CA ARG L 456 43.75 -39.30 -54.17
C ARG L 456 44.07 -40.47 -53.24
N GLU L 457 43.61 -40.38 -51.99
CA GLU L 457 43.85 -41.43 -51.01
C GLU L 457 43.04 -42.69 -51.32
N ILE L 458 41.89 -42.54 -51.99
CA ILE L 458 41.15 -43.72 -52.41
C ILE L 458 41.89 -44.47 -53.50
N GLY L 459 42.68 -43.75 -54.31
CA GLY L 459 43.48 -44.40 -55.33
C GLY L 459 43.18 -43.92 -56.73
N PHE L 460 42.38 -42.85 -56.85
CA PHE L 460 42.08 -42.26 -58.14
C PHE L 460 43.27 -41.50 -58.71
N ARG L 461 43.38 -41.51 -60.04
CA ARG L 461 44.10 -40.46 -60.73
C ARG L 461 43.12 -39.31 -60.91
N THR L 462 43.23 -38.30 -60.05
CA THR L 462 42.20 -37.27 -59.93
C THR L 462 42.72 -35.93 -60.45
N PHE L 463 41.84 -35.21 -61.15
CA PHE L 463 42.15 -33.93 -61.77
C PHE L 463 40.98 -32.98 -61.55
N ALA L 464 41.28 -31.69 -61.51
CA ALA L 464 40.25 -30.68 -61.32
C ALA L 464 40.71 -29.39 -61.96
N ILE L 465 39.76 -28.65 -62.54
CA ILE L 465 40.05 -27.33 -63.08
C ILE L 465 40.58 -26.44 -61.97
N GLY L 466 41.68 -25.75 -62.24
CA GLY L 466 42.28 -24.86 -61.28
C GLY L 466 43.23 -25.51 -60.30
N THR L 467 43.48 -26.81 -60.42
CA THR L 467 44.49 -27.51 -59.64
C THR L 467 45.55 -28.03 -60.58
N SER L 468 46.81 -27.74 -60.27
CA SER L 468 47.89 -28.23 -61.11
C SER L 468 47.88 -29.76 -61.17
N PRO L 469 47.97 -30.37 -62.32
CA PRO L 469 47.99 -31.82 -62.31
C PRO L 469 49.41 -32.39 -62.21
#